data_8BDA
#
_entry.id   8BDA
#
loop_
_entity.id
_entity.type
_entity.pdbx_description
1 polymer 'Intraflagellar transport protein 121'
2 polymer 'Intraflagellar transport protein 139'
3 polymer 'Intraflagellar transport particle protein 140'
4 polymer 'Intraflagellar transport protein 144'
5 polymer 'Intraflagellar transport protein 122 homolog'
#
loop_
_entity_poly.entity_id
_entity_poly.type
_entity_poly.pdbx_seq_one_letter_code
_entity_poly.pdbx_strand_id
1 'polypeptide(L)'
;MFIYLSKKIAIPNNVKLRCISWNTDQGWIACGGESGLLKVLRLDGTTSKDVKGKKEGGAPGGNLSLNQTLEGHNGAVICV
CWNNAFQKLTTSDEFGLIIVWMLHKGMWFEEMINNRNKSVVKDMKWTSNGEKICIVYEDGAVIVGSVDGNRLWGKELGMD
LALVEWSPDGRLLLFATPGGECHVYDGNGNGVAKVPLYCNEGYAGASKIIGVEWYDGVEGYAEPNCPVLAICLDNGRMQL
MRYESDDNAVCIDTGIKPVKVKWNMNGTILAVAGFQMSSAVADGRELWMVQFYNHNGEHLRTLRVPGGGISGISWEGNGL
RLALSVDSYVYFANVRPDYKWGYFCNTLVYAFNRPDRSEHCVMFWDTKNNDKYPKYVRKLVAIQAFGDFCVLATKGENPG
EHILILCNAIGSPVDSKYIEVEPKYLAITNYHVIAANDEVVYVWQFRTSFSKVLSTDINAVKRKDVREKMFSVDDSNPAL
SDRSPESFRNMTTQTTDPIACVTACDSVLMIGRASGVVNRYSLPHLTLDAQHVLRCRPQMLALNCNLSKMSIIDINGVLT
FFDLTAKAPGGGANTMGEHLSFERKDAWDMRWADDNPELFAMMEKTRMYIFRGLDPEEPVTSSAYLCSFHDLEITAAFLD
DIMQQPDQPDLEFMVMYETRSLRDTRELLKSASVDDAYAFVDSNSHPRLWRNLAEHALEQLDFTTADKAFVRCADYQGIQ
FVKHLGKLDDKAKQRAEVAVYFKRFDEAEQLYMRMDRPDLAIDMRMRLGDWFKVERLIRESSGDDAQLLNAHNKIGQYYS
DRHKWGKAAQYYAQAKNSEMLVECFYALEDFVALGRLMDALPDGSPLLANIGEKFQSVGLCNEGVTAFLKAGDTKRAIDC
CVLLNQWDQAVQLAQAHNFPQIEQLLAKYANHLLEKEKVMDAIELYRKANHSMEAARLLQDLAKKCADQKVHPLRVKKLY
VLAALEIEKFKKRTLDMAGPDKTAATLLGTGGTATMAATAAQTLAGLMTLESAVSGEAGVDSAWRGAEAYHFWLLAHRQL
YAGNVDLAMRTALHLREYEDLLDPVEIYSFLALAAFYNQFFGQCSKAFIKLESMPSIPNDKRESFADLAMSIFLKHPPAD
PRALRETREKKAPGGGAMAGNSLDALLEDLGGGREQVCVASGRIVRDGNVVRCKVCKHLSITHELHGAAVCPLCHAALPV
SGGGAPGRGMSAKGGAMAQMYGAY
;
C
2 'polypeptide(L)'
;MADRVLALVHYYAREGYFRHVQTVCNEVLKKRPGDGVLTFWRAYGLLMEGNTADAMRDLSSIQGNSDLELAVAAAQLLGH
ESAKVPDHDAIIDLQAKLEIEERTASDQPCLHLASFYLYTKSKERARGLVERVLRNQPDMVPAQVLLGWIIISQQQDDEY
DMLFDESELDDALSHFEQAVEHDHNDLQALLGKAKIMELKKQLGPCLDVLTEINVRFGWFVPALVEKTRMLMMLGDWEQV
TETLQRVLAADQQNIMAQAWNCMISLTREGNNKQAAKQLQDLFSSMNRQEPKNAELFFRVARPFGRLACSDPTLLGITYL
MADRAAQLRPEMAAYVVEAAAQKLMMDETTNATERFTQALQLDELNLEANAGALEAQIMAGELEEAAGQIMFLEDMFTNA
AAAGGGKRKGRGTGDMDDDPDMADPSLGTSSDNPTLLYLKGLLAWKQGMPSEGLGLLERSIAALFSAAADFHGPSLELYA
ALNPARITAVVRLLLQSIGGEPRAPTEAPSPLISKVTRALDLLNKQAPALQESALLHARALYLNGNLDGALRKAGEILRM
NPEESSAHLLICSVYVAQDKPELAVSALDQAVSSNFAIRETPLYHVVQAKVLVANNKLDDAKRVLESAMNLPGVRTALTV
QQRARLGRKVVEPTLHERATVYLLLADVLARQSKIPDAPEAKKYIQDAIREFEGTSEEVRVTVADCELAIARGDVEGALK
KLRRIPKESPHYVKARMAMADIYLRHRKDKAAYIKCYMDLVDHTPDYDSYCMLGEAFMQIQEPEKAVRAFESALEFSPKD
VDLITRCARALVTSHDYQRAIDYYTKAIANARGGAQHALQLELGNLLVRLRQYPAATAAINKALERNRDGLPATENLQLD
VEAWSMLAKVHKGKLEMEGYSQAQSRALELQKQLLLKLRGELPEAVALQRERTAAICFDLAEQSKRARQFDRAMELYMEA
LRHHDTHVPSMLAVAKLHLANGDTDACQAQCVTLLKHDPDNEEASIMLAELMFHKEHYDTAIYHFQQLLERSPNHYGALA
QLILLLRRAGRLEDVPRYFALAEAGSPKAVMDPGYHYCKGIYNRYINNPREALKELNLARKDTRWGSQAILHMVEIYLNP
DNDAVWEEKENADTPESRQAVATARSLLKQVRGADTTTQRYRVLESYAIMAGKDKNEIEASLNVLLDLANQDPNNVPVLL
AMATGFMMLKQTPKARNQLKRVQKIQYKPDEAEEFERSWLLLADIHIQGGKYDLAQDLCQKCLKYNKSCAKAWEIMGQIM
EREQAYKDAADHYENAWKHENQASAQVGFKLAFNYLKARRYVEAVDVCHKVIKAFPDYPKIRKEILEKARMGLKP
;
E
3 'polypeptide(L)'
;MEIYYTTKISGRAGVIAGWSKAPGYPSLLAVALSPNAVGIYNEEGRPLDPNNEANIKNVRGTECAKIAWHPLLPLLAIGW
KDGAISFWNAEERKLEEDSKIHRNTISSMTWTASGDRLITGDENGRISMWKTDRLMRPIHVVAYDEPGAVIRHTVVGLPE
EMPDTNSQVVVAFYVADAQERAVVKWCNDQGYSGVVVEMSEGVHTLVHYPERDQLLVVGSSCTLNVLTRDEQLGTWVTAS
KMKFATGTGEAATGLQVAWAGNHTLASASEKDNVVRMYNFDTEDNYVLNLEQDSGLVSRVVCLAYDDRYNLLAVGTTDGR
VMMYKFNQPNLNLEPVLDFAKCWEMQPAFFVGNRALAMEWGPFPRLMVVACNDAINVCRKTMLSYKFRDGVAIMQVAVDR
VVLENLEVEPQRPPGRLQLQDMQLLGLDLSKGLLLVWDGERAEVYKVTETNDIMPASQFETTSRCMAINNDSVYRAAENK
VEVVNMAGTVKQTLMFDDNHGSPTSMDVARDYLAVVTSANIVRILKVAGREAKPHAGPAPLCPPELKDWKVMAMRANGNG
NLVAALVVGPEPARAVRLVVWCGETNTHHVHDFTPEGRQPVQLMFDTVEPKLLVVQCTPVFTEANVDERPHGDAAHVVDC
AIIFVDPDKGILLQEYQPIHTGGATACIGSCAPHLLTNKKSMVQPAPGSGAFQPFTSNVSKAIMTSFQGMQDSDDKTRRA
LLDFSFNLATGNMDEAFRSVKAIKNPAVWENMAHMCIRNKRLDVAEHCLSNMEHARGARALREAKSIEEADARVATVAVH
LGMIEDAKKLYIACERYDLLNQLYRACGQWDKALEVAEKNDRIHLKSTHYAYGQFMERQGDMEGARKHYEAAGCGLVEVP
RMLFEAEKFTELQNYIQANDSRELILWWGKYLESLGEYAKALDCYRKAGDSLSMVRIHCFQRDWKAAEDEVTNSADNAAS
FHLARQYEASGRIPEAIRYYTLAKRYSHGVRLAKTHELDSDLMNLALKSTPAVMIDTADYLFAKGQHEKAATLYMKGGKL
SKAVEMCFQAQLFDVLQHITDDMTPEKSDPNLYNKCAEFFMGFGHNDKAVKMLIAAQQYGRALELCVEHDVSITEEMADS
MTPDKNAAVSADERNNVICRIAKVAKRQGNFQLAAKKYTQAGDKVKAMKALLRGGDAEKIIFFAGVSRQKDIYLMAANYL
QTLNWHSDPELMKHIISFYTKAAAWESLASFYEACAQIEVDEYRDYEKALQAMREAAKYVAKSKNDDRDARVGVINDRIA
VAEQFVAARQLIGSNPQEALRVCDELLRAIPPNSQDLEAGIRIGDVYALMVEYWYEARNPNEAYKAIEAMRRRGIILSPY
LDTRMVEDIYRSLGVALDMAEERRGPANLGLRESDAGAFVEEEVADEDD
;
G
4 'polypeptide(L)'
;MKKLFGVGPDLLGDGKVLFEWSPKGNFLAAAGSKRKVNIFDRNGRLYDEVHFPPAEYPNPDGRACAAAQMQWDPAGEQLA
ILPAGNTHVFIWLAGNKEVQKIESEFKTQEFSCMAWSRNGMYLGVATVKGNVMMYNARERKKTPLVGKHTKKIVAAAWNK
DNIMALAGQDKTVTLTDGVTGDTIKTFHLKDVPMDLCVSDKKEDGYSRREENTYSLNINRKTLYIMQCTAEGDRPLELAF
LDTYGPIMKHSWFGDGYILLGYKNGYVAVVSSHSREISEEVHSGKYLDTLTDVTYCASLGRVAMAGANCVRVLDANADYN
EIKGDAVDLDANQAIEKVGWTKDGQVLTVGTHNGYMHSFLASLPMVYDFHGTRVLYLTSLLEMTLLDVSRRQTVARIELE
NEPAFCGLGPSHAAVGMNNQAAFYSLGEKVGKVVQRREYLGTITAIKLNETQAAVLTGGHVVVHPISVEAGHAPDELDVV
IPGPGQPANITCVALTPTFVITGSRTGTLSYYLSPDVTPVNEFRHDDGGIVRLFPQATGARLVFEDDKGALHLFNPVNDH
VVAVPYTGRAETVMWDTSDTNVMVIGDGTALHSFLYVPVSLTGPQVQDLGKQAVPATHTPLTVCNGVVGCRLKSGAMDNV
TLESHKMLQPGDAVARAAPAKRFAAALKLYKLRDAVECAKQLRQVESWRTLALAALDVLDIDTAINAYREIGDASMVLSL
ERVRQHEDRNLLSAHIMVLLEKDYGQAQELFLRSSVPRAALEMRMDLKHWTDALKLAEQLDPDAIATICKEHGAMLEMTG
EYSNAKSHYQQALDALAVSVGPAQPDLEAACKAGIARTTLQLGDLRQGRQLAMQLNSQTLFKECALILEGLQQLTEAAEM
YERAGQFERAASIYIQTKNFAAAAPLMARISSSKLQLQFAKAKEAEGRWQEAAAAYEAAGDMDAVVRLCLERLSQPQRAY
AIVRKTQSVEAANQLSRFCLQSQDFGGAVEFLLMAGQMDQAFDIAMGHNEMDTFARIVAASAKPVDYQRIAQYYESRGEY
DKAADMWSKCDQAPRAVQLYLKVGTNPALEKAVQVVEQTRSHQLGVLVLDYVNEEKDGTTRDEFRFKLNIAMGQFAEAAR
DALEMARFEQEEGNYRVAHDKLFGTVKQLEALNTKPPGELLRALMLLHSYTLVKSLIAINDHTTAARMLVRVARNISKFP
KHIVPILTSTVIECHRANLKKTAFEYASMLMRPEYRDQVAVKYKKKIELMVRKPEKDPEELEEPLADCPFCNMPGPETEL
QCISCQNILPFDLATGKRMVLSDWAECPGCKFPASASQFIRIISAEGRCPMCNDPVDLAHVRKVQDPLTKIKQQQAQQTN
ASGGGAS
;
I
5 'polypeptide(L)'
;MRTVVAWQETPPEKDGVRNVCYDLCFKPDGSQVVAGIGNRVLVYDAADGDLLHALKGHKDSIYCVAYAQNGKRFASGGAD
KTVIIWTSKAEGILKYTHNDAIQCLSYNPVTQQLASATGSDVGLWSPEQKSVAKHKVASRICSISWTADGAYLALGCFDG
VISIRDKGGSEKHRIETGPSPVWSICWNPVETNVLCAGCFDGVLKFYMMSGQQKSKDRELAFDPLCVSYFSSGEYITVSG
TDKTVHLYTRDGTYLTKIADRDSWVWAVRPRPKHNFVAVGTEGGGIAMFQLIFSTVHGLYQDRYAYRDQMTDVIIQHLIT
EQKVRIKCKDYVKKIAVYKDKLAVQLQNKVVIYELANADDFDMHYQSATKIQQKLDCNLLVVTSHHVILCQEKKLQLYNF
DGVKEREWVLDSVIRYIKVVGGPPRREGLLVGLKSGAILKIFVDNPFPIPLIKHTASVRCLDLSASRNKLAVVDENAKVL
VYNLITKELVFEESNANSVAWNSEFEDMFCYSGNGMLSIKTGDFPLHQQKLQGFVVGFKGSKIFCLHYVSMQTIDVPQSA
SMYRYLERKDFESAYRVACLGVTEADWKQLALEALQALNLEVARKAFIRIRDVRFVELVNRTEAGRKAGTSEQLLLAEIM
AFQGRYQEAARLFTQAGAVDRAMEMFSDLRQFDEAKKWAEEFAASGRGDQRSVQELINRQAEWSEEVKNYDAAAEMYIKA
KKYDRAIAILAKHQWWDKLIGVVRQLDKTDARCLGMCAGHFRRAPHFAYAKETLLKMDDTKGLITLYVEAEKWDDAFLLL
HAHPECRQDVYLPYAKWLSNQDRFDEARLAYQEGGFPSLATRILEQLCANAVVETRYADAAFYYYQLAMEALKSIKNPPS
NMAPSDRSALERFTELYDRAEVYYAYEVVHKSVHSPFRTTHPDTLFNASRFLLMRLLPPREVPLGVSVVNVVYVLAKQAV
EAGAFKLARFAYNKLQTLVLPAAWQAEVDLASVVIRSKPFSDKEDLLPVCWRCSTTNPLLNTQGDYCINCGAPFIRSFVT
FEHLPVVEFELEPGVDDEEAGRLLGEDAGMEAARRERKAERQAKAAEVGGNMLRLDQNEIDRMDDAFAAQMMVPNTTIRV
DRAMLRRLKTAEVMVRTWPNPVIPKQYFRVMDQEVPLCCGPCGHFFEQDEFEMAALERGTAPFSRTTVRGEGLAPGEDAE
DEGAGGNKLGGPLGSARGPIGGASKARMSVPFQQGRPLV
;
L
#
# COMPACT_ATOMS: atom_id res chain seq x y z
N MET A 1 7.56 -1.85 29.55
CA MET A 1 7.13 -2.05 30.92
C MET A 1 6.43 -3.40 31.07
N PHE A 2 7.14 -4.38 31.60
CA PHE A 2 6.58 -5.70 31.83
C PHE A 2 7.37 -6.40 32.92
N ILE A 3 6.69 -7.26 33.67
CA ILE A 3 7.32 -8.11 34.67
C ILE A 3 6.84 -9.54 34.49
N TYR A 4 7.77 -10.49 34.63
CA TYR A 4 7.48 -11.92 34.57
C TYR A 4 8.30 -12.62 35.63
N LEU A 5 7.78 -13.75 36.11
CA LEU A 5 8.50 -14.56 37.08
C LEU A 5 9.67 -15.24 36.38
N SER A 6 10.86 -14.66 36.53
CA SER A 6 12.02 -15.12 35.76
C SER A 6 12.61 -16.39 36.35
N LYS A 7 13.10 -16.31 37.58
CA LYS A 7 13.81 -17.43 38.19
C LYS A 7 13.51 -17.48 39.68
N LYS A 8 13.31 -18.69 40.18
CA LYS A 8 13.17 -18.96 41.60
C LYS A 8 14.38 -19.78 42.05
N ILE A 9 15.07 -19.30 43.07
CA ILE A 9 16.26 -19.96 43.58
C ILE A 9 15.84 -20.93 44.67
N ALA A 10 16.33 -22.18 44.58
CA ALA A 10 15.99 -23.20 45.56
C ALA A 10 16.60 -22.83 46.90
N ILE A 11 15.77 -22.34 47.81
CA ILE A 11 16.24 -21.88 49.11
C ILE A 11 16.42 -23.09 50.02
N PRO A 12 17.57 -23.25 50.68
CA PRO A 12 17.71 -24.30 51.69
C PRO A 12 16.73 -24.11 52.82
N ASN A 13 16.24 -25.25 53.34
CA ASN A 13 15.39 -25.38 54.52
C ASN A 13 13.96 -24.88 54.29
N ASN A 14 13.70 -24.26 53.14
CA ASN A 14 12.37 -23.83 52.69
C ASN A 14 11.65 -22.99 53.74
N VAL A 15 12.36 -21.98 54.23
CA VAL A 15 11.89 -21.15 55.33
C VAL A 15 11.03 -20.02 54.77
N LYS A 16 9.88 -19.79 55.40
CA LYS A 16 9.14 -18.56 55.17
C LYS A 16 10.01 -17.35 55.51
N LEU A 17 10.08 -16.41 54.58
CA LEU A 17 10.93 -15.24 54.74
C LEU A 17 10.06 -14.09 55.24
N ARG A 18 10.38 -13.58 56.43
CA ARG A 18 9.52 -12.60 57.08
C ARG A 18 9.55 -11.25 56.36
N CYS A 19 10.71 -10.84 55.86
CA CYS A 19 10.80 -9.68 54.98
C CYS A 19 12.10 -9.81 54.20
N ILE A 20 12.09 -9.27 52.98
CA ILE A 20 13.25 -9.34 52.11
C ILE A 20 13.71 -7.93 51.77
N SER A 21 15.02 -7.82 51.49
CA SER A 21 15.60 -6.56 51.03
C SER A 21 16.90 -6.88 50.30
N TRP A 22 17.05 -6.30 49.11
CA TRP A 22 18.19 -6.53 48.25
C TRP A 22 19.41 -5.75 48.71
N ASN A 23 20.57 -6.40 48.68
CA ASN A 23 21.83 -5.72 48.95
C ASN A 23 22.13 -4.80 47.77
N THR A 24 21.91 -3.50 47.96
CA THR A 24 22.09 -2.53 46.88
C THR A 24 23.55 -2.30 46.53
N ASP A 25 24.49 -2.80 47.32
CA ASP A 25 25.91 -2.59 47.07
C ASP A 25 26.52 -3.74 46.27
N GLN A 26 26.44 -4.95 46.82
CA GLN A 26 27.09 -6.11 46.21
C GLN A 26 26.13 -7.11 45.59
N GLY A 27 24.83 -6.96 45.80
CA GLY A 27 23.88 -7.94 45.31
C GLY A 27 23.74 -9.17 46.18
N TRP A 28 24.46 -9.24 47.30
CA TRP A 28 24.38 -10.37 48.23
C TRP A 28 23.11 -10.20 49.07
N ILE A 29 21.97 -10.50 48.44
CA ILE A 29 20.68 -10.27 49.08
C ILE A 29 20.49 -11.26 50.23
N ALA A 30 20.22 -10.73 51.42
CA ALA A 30 19.96 -11.53 52.60
C ALA A 30 18.45 -11.53 52.84
N CYS A 31 17.79 -12.60 52.42
CA CYS A 31 16.36 -12.74 52.71
C CYS A 31 16.20 -12.98 54.21
N GLY A 32 15.30 -12.24 54.82
CA GLY A 32 15.09 -12.42 56.25
C GLY A 32 14.04 -13.48 56.52
N GLY A 33 14.50 -14.70 56.76
CA GLY A 33 13.59 -15.76 57.11
C GLY A 33 13.10 -15.64 58.53
N GLU A 34 12.01 -16.33 58.82
CA GLU A 34 11.54 -16.37 60.19
C GLU A 34 12.46 -17.25 61.03
N SER A 35 12.27 -17.17 62.36
CA SER A 35 13.07 -17.89 63.34
C SER A 35 14.57 -17.58 63.20
N GLY A 36 14.89 -16.31 62.95
CA GLY A 36 16.27 -15.87 62.94
C GLY A 36 17.02 -16.12 61.65
N LEU A 37 16.37 -16.61 60.61
CA LEU A 37 17.07 -16.92 59.37
C LEU A 37 17.38 -15.64 58.60
N LEU A 38 18.65 -15.48 58.24
CA LEU A 38 19.10 -14.42 57.32
C LEU A 38 19.97 -15.10 56.27
N LYS A 39 19.34 -15.66 55.26
CA LYS A 39 20.05 -16.41 54.23
C LYS A 39 20.47 -15.46 53.12
N VAL A 40 21.78 -15.35 52.89
CA VAL A 40 22.33 -14.37 51.96
C VAL A 40 22.44 -15.05 50.60
N LEU A 41 21.42 -14.87 49.78
CA LEU A 41 21.51 -15.25 48.37
C LEU A 41 22.49 -14.33 47.65
N ARG A 42 23.05 -14.84 46.55
CA ARG A 42 24.00 -14.08 45.76
C ARG A 42 23.59 -14.11 44.30
N LEU A 43 23.08 -12.98 43.81
CA LEU A 43 22.96 -12.73 42.38
C LEU A 43 23.71 -11.44 42.06
N ASP A 44 24.58 -11.50 41.05
CA ASP A 44 25.26 -10.31 40.60
C ASP A 44 24.31 -9.45 39.78
N GLY A 45 24.73 -8.21 39.54
CA GLY A 45 23.93 -7.28 38.76
C GLY A 45 23.82 -7.71 37.31
N THR A 46 22.64 -8.15 36.90
CA THR A 46 22.38 -8.65 35.56
C THR A 46 21.51 -7.67 34.81
N THR A 47 22.00 -7.16 33.68
CA THR A 47 21.30 -6.21 32.85
C THR A 47 21.06 -6.81 31.46
N SER A 48 20.59 -5.99 30.53
CA SER A 48 20.42 -6.42 29.16
C SER A 48 21.75 -6.59 28.43
N LYS A 49 22.85 -6.08 28.99
CA LYS A 49 24.17 -6.36 28.44
C LYS A 49 24.56 -7.82 28.61
N ASP A 50 23.97 -8.51 29.59
CA ASP A 50 24.07 -9.97 29.61
C ASP A 50 23.36 -10.57 28.41
N VAL A 51 22.18 -10.04 28.06
CA VAL A 51 21.43 -10.53 26.91
C VAL A 51 22.17 -10.23 25.62
N LYS A 52 23.02 -9.19 25.62
CA LYS A 52 23.94 -9.00 24.49
C LYS A 52 24.85 -10.21 24.29
N GLY A 53 25.22 -10.88 25.38
CA GLY A 53 25.99 -12.11 25.28
C GLY A 53 25.13 -13.35 25.46
N LYS A 54 23.82 -13.15 25.71
CA LYS A 54 22.88 -14.25 25.89
C LYS A 54 21.82 -14.26 24.80
N LYS A 55 22.24 -14.06 23.55
CA LYS A 55 21.32 -14.15 22.43
C LYS A 55 20.91 -15.60 22.19
N GLU A 56 19.69 -15.76 21.68
CA GLU A 56 19.11 -17.07 21.34
C GLU A 56 19.03 -17.99 22.56
N GLY A 57 18.24 -17.57 23.54
CA GLY A 57 17.97 -18.40 24.70
C GLY A 57 18.46 -17.88 26.03
N GLY A 58 18.48 -16.55 26.21
CA GLY A 58 19.00 -15.94 27.42
C GLY A 58 17.95 -15.11 28.14
N ALA A 59 18.34 -14.67 29.34
CA ALA A 59 17.50 -13.84 30.20
C ALA A 59 18.41 -13.15 31.21
N PRO A 60 18.13 -11.90 31.59
CA PRO A 60 18.98 -11.24 32.59
C PRO A 60 18.76 -11.79 34.00
N GLY A 61 19.72 -12.59 34.47
CA GLY A 61 19.62 -13.19 35.78
C GLY A 61 20.82 -14.06 36.04
N GLY A 62 20.87 -14.59 37.27
CA GLY A 62 21.99 -15.43 37.66
C GLY A 62 21.56 -16.83 38.05
N ASN A 63 22.17 -17.38 39.08
CA ASN A 63 21.88 -18.72 39.56
C ASN A 63 22.24 -18.79 41.04
N LEU A 64 21.97 -19.94 41.65
CA LEU A 64 22.32 -20.15 43.05
C LEU A 64 23.84 -20.34 43.16
N SER A 65 24.57 -19.24 43.19
CA SER A 65 26.02 -19.29 43.36
C SER A 65 26.41 -19.44 44.82
N LEU A 66 25.68 -18.79 45.72
CA LEU A 66 25.97 -18.87 47.15
C LEU A 66 24.70 -18.54 47.91
N ASN A 67 24.49 -19.26 49.02
CA ASN A 67 23.38 -18.95 49.93
C ASN A 67 23.86 -19.29 51.33
N GLN A 68 24.36 -18.29 52.05
CA GLN A 68 24.97 -18.49 53.36
C GLN A 68 23.96 -18.26 54.46
N THR A 69 23.81 -19.26 55.33
CA THR A 69 22.92 -19.14 56.48
C THR A 69 23.62 -18.37 57.60
N LEU A 70 22.92 -17.42 58.18
CA LEU A 70 23.48 -16.54 59.20
C LEU A 70 22.85 -16.84 60.55
N GLU A 71 23.67 -16.80 61.60
CA GLU A 71 23.26 -17.14 62.96
C GLU A 71 23.43 -15.92 63.87
N GLY A 72 22.42 -15.06 63.87
CA GLY A 72 22.45 -13.87 64.71
C GLY A 72 21.20 -13.62 65.53
N HIS A 73 20.08 -14.21 65.16
CA HIS A 73 18.80 -13.91 65.80
C HIS A 73 18.01 -15.20 66.02
N ASN A 74 17.00 -15.11 66.87
CA ASN A 74 16.15 -16.24 67.23
C ASN A 74 14.70 -16.08 66.80
N GLY A 75 14.13 -14.89 66.94
CA GLY A 75 12.77 -14.66 66.50
C GLY A 75 12.70 -14.43 65.00
N ALA A 76 11.47 -14.30 64.51
CA ALA A 76 11.27 -13.99 63.10
C ALA A 76 11.83 -12.63 62.77
N VAL A 77 12.57 -12.54 61.66
CA VAL A 77 13.33 -11.34 61.34
C VAL A 77 12.38 -10.42 60.58
N ILE A 78 11.57 -9.68 61.33
CA ILE A 78 10.66 -8.69 60.76
C ILE A 78 11.41 -7.45 60.30
N CYS A 79 12.67 -7.31 60.69
CA CYS A 79 13.47 -6.14 60.33
C CYS A 79 14.72 -6.60 59.58
N VAL A 80 14.76 -6.37 58.28
CA VAL A 80 15.97 -6.56 57.50
C VAL A 80 16.23 -5.26 56.74
N CYS A 81 17.39 -4.65 57.00
CA CYS A 81 17.74 -3.40 56.36
C CYS A 81 19.18 -3.47 55.85
N TRP A 82 19.43 -2.77 54.76
CA TRP A 82 20.71 -2.80 54.09
C TRP A 82 21.40 -1.44 54.21
N ASN A 83 22.62 -1.46 54.72
CA ASN A 83 23.47 -0.27 54.68
C ASN A 83 23.96 -0.09 53.26
N ASN A 84 23.62 1.04 52.64
CA ASN A 84 23.91 1.28 51.23
C ASN A 84 25.33 1.81 51.00
N ALA A 85 26.11 2.01 52.06
CA ALA A 85 27.48 2.47 51.92
C ALA A 85 28.50 1.51 52.51
N PHE A 86 28.28 1.04 53.74
CA PHE A 86 29.26 0.24 54.46
C PHE A 86 29.00 -1.26 54.34
N GLN A 87 27.91 -1.67 53.67
CA GLN A 87 27.47 -3.06 53.60
C GLN A 87 27.28 -3.65 55.01
N LYS A 88 26.81 -2.82 55.93
CA LYS A 88 26.49 -3.25 57.28
C LYS A 88 25.09 -3.85 57.25
N LEU A 89 25.03 -5.13 56.88
CA LEU A 89 23.80 -5.90 56.99
C LEU A 89 23.37 -5.94 58.45
N THR A 90 22.23 -5.35 58.76
CA THR A 90 21.78 -5.27 60.14
C THR A 90 20.32 -5.68 60.22
N THR A 91 20.01 -6.51 61.20
CA THR A 91 18.67 -7.04 61.37
C THR A 91 18.31 -7.07 62.85
N SER A 92 17.02 -7.25 63.11
CA SER A 92 16.53 -7.49 64.46
C SER A 92 15.33 -8.41 64.40
N ASP A 93 15.11 -9.11 65.50
CA ASP A 93 13.97 -9.99 65.66
C ASP A 93 12.76 -9.17 66.14
N GLU A 94 11.71 -9.86 66.58
CA GLU A 94 10.60 -9.23 67.27
C GLU A 94 10.86 -9.06 68.76
N PHE A 95 12.12 -9.03 69.18
CA PHE A 95 12.48 -8.97 70.58
C PHE A 95 13.60 -7.98 70.87
N GLY A 96 14.42 -7.64 69.88
CA GLY A 96 15.31 -6.49 69.99
C GLY A 96 16.79 -6.81 70.03
N LEU A 97 17.20 -7.82 69.28
CA LEU A 97 18.61 -8.19 69.17
C LEU A 97 19.15 -7.69 67.84
N ILE A 98 20.11 -6.77 67.91
CA ILE A 98 20.56 -6.00 66.76
C ILE A 98 22.00 -6.41 66.46
N ILE A 99 22.24 -6.87 65.24
CA ILE A 99 23.56 -7.37 64.86
C ILE A 99 23.93 -6.84 63.49
N VAL A 100 25.11 -6.24 63.40
CA VAL A 100 25.66 -5.76 62.14
C VAL A 100 26.54 -6.85 61.56
N TRP A 101 26.33 -7.17 60.28
CA TRP A 101 27.06 -8.25 59.62
C TRP A 101 28.13 -7.67 58.71
N MET A 102 29.39 -7.94 59.04
CA MET A 102 30.51 -7.74 58.13
C MET A 102 30.62 -8.87 57.13
N LEU A 103 31.07 -8.52 55.92
CA LEU A 103 31.47 -9.51 54.92
C LEU A 103 32.86 -10.03 55.32
N HIS A 104 32.87 -10.86 56.34
CA HIS A 104 34.12 -11.39 56.89
C HIS A 104 34.60 -12.55 56.03
N LYS A 105 35.78 -12.38 55.42
CA LYS A 105 36.44 -13.29 54.48
C LYS A 105 35.48 -13.89 53.44
N GLY A 106 34.52 -13.08 52.98
CA GLY A 106 33.52 -13.50 52.02
C GLY A 106 32.21 -13.94 52.63
N MET A 107 32.19 -14.26 53.92
CA MET A 107 30.99 -14.68 54.61
C MET A 107 30.47 -13.54 55.48
N TRP A 108 29.18 -13.57 55.77
CA TRP A 108 28.55 -12.53 56.58
C TRP A 108 28.64 -12.93 58.05
N PHE A 109 29.46 -12.20 58.81
CA PHE A 109 29.72 -12.52 60.21
C PHE A 109 29.49 -11.29 61.08
N GLU A 110 29.27 -11.56 62.37
CA GLU A 110 28.83 -10.54 63.31
C GLU A 110 29.95 -9.55 63.62
N GLU A 111 29.59 -8.27 63.72
CA GLU A 111 30.48 -7.25 64.22
C GLU A 111 29.95 -6.57 65.47
N MET A 112 28.72 -6.07 65.42
CA MET A 112 28.16 -5.22 66.46
C MET A 112 26.99 -5.94 67.13
N ILE A 113 26.80 -5.69 68.42
CA ILE A 113 25.69 -6.25 69.18
C ILE A 113 25.06 -5.13 69.99
N ASN A 114 23.88 -4.67 69.57
CA ASN A 114 23.10 -3.67 70.30
C ASN A 114 21.94 -4.36 70.98
N ASN A 115 21.69 -4.01 72.24
CA ASN A 115 20.67 -4.70 73.02
C ASN A 115 20.00 -3.75 73.99
N ARG A 116 18.70 -3.55 73.82
CA ARG A 116 17.82 -3.01 74.84
C ARG A 116 16.81 -4.06 75.28
N ASN A 117 16.07 -4.63 74.33
CA ASN A 117 15.27 -5.84 74.50
C ASN A 117 14.22 -5.69 75.60
N LYS A 118 13.27 -4.79 75.36
CA LYS A 118 12.12 -4.65 76.24
C LYS A 118 10.78 -4.79 75.54
N SER A 119 10.72 -4.60 74.23
CA SER A 119 9.51 -4.87 73.47
C SER A 119 9.93 -5.26 72.05
N VAL A 120 8.98 -5.21 71.12
CA VAL A 120 9.16 -5.75 69.78
C VAL A 120 9.79 -4.68 68.89
N VAL A 121 10.98 -4.95 68.38
CA VAL A 121 11.52 -4.16 67.27
C VAL A 121 10.79 -4.64 66.02
N LYS A 122 9.76 -3.89 65.61
CA LYS A 122 8.90 -4.32 64.52
C LYS A 122 9.34 -3.78 63.17
N ASP A 123 9.83 -2.55 63.11
CA ASP A 123 10.42 -2.01 61.89
C ASP A 123 11.72 -1.30 62.24
N MET A 124 12.62 -1.28 61.27
CA MET A 124 14.01 -0.91 61.49
C MET A 124 14.71 -0.75 60.14
N LYS A 125 15.45 0.35 59.96
CA LYS A 125 15.95 0.69 58.64
C LYS A 125 17.27 1.41 58.77
N TRP A 126 18.09 1.32 57.72
CA TRP A 126 19.27 2.16 57.56
C TRP A 126 18.87 3.44 56.80
N THR A 127 19.77 4.42 56.81
CA THR A 127 19.51 5.68 56.11
C THR A 127 19.78 5.50 54.61
N SER A 128 19.86 6.64 53.90
CA SER A 128 20.14 6.61 52.47
C SER A 128 21.52 6.03 52.20
N ASN A 129 22.51 6.40 53.01
CA ASN A 129 23.82 5.77 52.95
C ASN A 129 23.94 4.60 53.93
N GLY A 130 23.36 4.74 55.12
CA GLY A 130 23.50 3.73 56.15
C GLY A 130 24.36 4.20 57.30
N GLU A 131 24.26 5.49 57.64
CA GLU A 131 25.00 6.04 58.76
C GLU A 131 24.24 5.97 60.07
N LYS A 132 22.91 6.04 60.02
CA LYS A 132 22.08 5.93 61.21
C LYS A 132 21.06 4.82 61.01
N ILE A 133 20.69 4.17 62.11
CA ILE A 133 19.76 3.05 62.03
C ILE A 133 18.63 3.27 63.04
N CYS A 134 17.41 2.99 62.61
CA CYS A 134 16.21 3.33 63.38
C CYS A 134 15.72 2.09 64.11
N ILE A 135 16.41 1.75 65.19
CA ILE A 135 15.99 0.63 66.04
C ILE A 135 14.84 1.13 66.91
N VAL A 136 13.61 0.83 66.51
CA VAL A 136 12.43 1.24 67.25
C VAL A 136 11.75 0.02 67.82
N TYR A 137 11.58 0.00 69.13
CA TYR A 137 10.88 -1.05 69.84
C TYR A 137 9.39 -0.76 69.86
N GLU A 138 8.61 -1.75 70.31
CA GLU A 138 7.15 -1.63 70.22
C GLU A 138 6.58 -0.65 71.24
N ASP A 139 7.33 -0.29 72.28
CA ASP A 139 6.88 0.68 73.26
C ASP A 139 7.24 2.11 72.88
N GLY A 140 7.49 2.36 71.58
CA GLY A 140 7.89 3.68 71.14
C GLY A 140 9.34 4.02 71.40
N ALA A 141 10.14 3.06 71.83
CA ALA A 141 11.55 3.31 72.17
C ALA A 141 12.34 3.48 70.88
N VAL A 142 12.55 4.74 70.50
CA VAL A 142 13.26 5.06 69.27
C VAL A 142 14.74 5.11 69.62
N ILE A 143 15.42 3.96 69.50
CA ILE A 143 16.87 3.92 69.57
C ILE A 143 17.38 4.22 68.17
N VAL A 144 17.71 5.49 67.91
CA VAL A 144 18.40 5.83 66.68
C VAL A 144 19.86 5.45 66.87
N GLY A 145 20.25 4.31 66.33
CA GLY A 145 21.62 3.86 66.41
C GLY A 145 22.46 4.44 65.30
N SER A 146 23.74 4.62 65.59
CA SER A 146 24.67 5.18 64.61
C SER A 146 25.16 4.08 63.68
N VAL A 147 26.23 4.37 62.92
CA VAL A 147 26.81 3.38 62.03
C VAL A 147 27.38 2.19 62.81
N ASP A 148 27.77 2.41 64.06
CA ASP A 148 28.10 1.31 64.97
C ASP A 148 26.95 0.98 65.90
N GLY A 149 25.75 1.50 65.60
CA GLY A 149 24.51 1.06 66.23
C GLY A 149 24.40 1.28 67.72
N ASN A 150 25.26 2.12 68.30
CA ASN A 150 25.15 2.43 69.72
C ASN A 150 23.93 3.32 69.96
N ARG A 151 23.40 3.24 71.18
CA ARG A 151 22.21 3.99 71.54
C ARG A 151 22.61 5.46 71.69
N LEU A 152 22.47 6.21 70.58
CA LEU A 152 22.71 7.65 70.64
C LEU A 152 21.67 8.35 71.50
N TRP A 153 20.39 8.06 71.26
CA TRP A 153 19.32 8.48 72.14
C TRP A 153 18.17 7.51 71.99
N GLY A 154 17.72 6.97 73.12
CA GLY A 154 16.53 6.14 73.11
C GLY A 154 15.40 6.82 73.84
N LYS A 155 14.42 7.32 73.09
CA LYS A 155 13.29 8.05 73.64
C LYS A 155 12.01 7.30 73.36
N GLU A 156 11.27 6.98 74.42
CA GLU A 156 9.96 6.36 74.29
C GLU A 156 8.91 7.47 74.14
N LEU A 157 8.11 7.38 73.09
CA LEU A 157 7.16 8.43 72.75
C LEU A 157 5.82 8.25 73.46
N GLY A 158 5.71 7.28 74.37
CA GLY A 158 4.48 7.07 75.09
C GLY A 158 3.37 6.43 74.29
N MET A 159 3.70 5.78 73.18
CA MET A 159 2.71 5.14 72.33
C MET A 159 3.35 3.97 71.61
N ASP A 160 2.49 3.06 71.16
CA ASP A 160 2.97 1.85 70.50
C ASP A 160 3.46 2.18 69.09
N LEU A 161 4.67 1.70 68.77
CA LEU A 161 5.28 1.94 67.47
C LEU A 161 5.54 0.61 66.78
N ALA A 162 5.13 0.51 65.52
CA ALA A 162 5.29 -0.69 64.73
C ALA A 162 6.02 -0.48 63.41
N LEU A 163 5.82 0.67 62.77
CA LEU A 163 6.45 0.93 61.48
C LEU A 163 7.20 2.24 61.52
N VAL A 164 8.50 2.19 61.22
CA VAL A 164 9.35 3.37 61.11
C VAL A 164 10.16 3.26 59.83
N GLU A 165 10.52 4.42 59.28
CA GLU A 165 11.21 4.45 57.99
C GLU A 165 12.03 5.73 57.92
N TRP A 166 13.27 5.61 57.45
CA TRP A 166 14.13 6.78 57.34
C TRP A 166 13.71 7.66 56.17
N SER A 167 13.63 8.96 56.43
CA SER A 167 13.50 9.93 55.38
C SER A 167 14.82 10.03 54.62
N PRO A 168 14.79 10.50 53.36
CA PRO A 168 16.05 10.68 52.63
C PRO A 168 17.05 11.60 53.33
N ASP A 169 16.58 12.67 53.98
CA ASP A 169 17.49 13.46 54.80
C ASP A 169 17.75 12.81 56.15
N GLY A 170 16.82 11.97 56.62
CA GLY A 170 17.03 11.19 57.82
C GLY A 170 17.08 11.96 59.13
N ARG A 171 16.22 12.96 59.29
CA ARG A 171 16.10 13.68 60.56
C ARG A 171 14.71 13.53 61.17
N LEU A 172 13.66 13.84 60.41
CA LEU A 172 12.29 13.71 60.91
C LEU A 172 11.79 12.32 60.52
N LEU A 173 11.89 11.38 61.45
CA LEU A 173 11.51 10.00 61.18
C LEU A 173 9.99 9.85 61.14
N LEU A 174 9.55 8.73 60.58
CA LEU A 174 8.13 8.46 60.35
C LEU A 174 7.68 7.45 61.40
N PHE A 175 7.25 7.96 62.55
CA PHE A 175 6.79 7.12 63.65
C PHE A 175 5.32 6.80 63.40
N ALA A 176 5.08 5.69 62.71
CA ALA A 176 3.74 5.32 62.28
C ALA A 176 3.08 4.41 63.31
N THR A 177 1.89 4.79 63.75
CA THR A 177 1.11 3.93 64.62
C THR A 177 0.59 2.72 63.85
N PRO A 178 0.48 1.57 64.51
CA PRO A 178 -0.20 0.43 63.87
C PRO A 178 -1.68 0.67 63.62
N GLY A 179 -2.30 1.63 64.30
CA GLY A 179 -3.72 1.88 64.14
C GLY A 179 -4.10 2.54 62.83
N GLY A 180 -3.18 3.25 62.19
CA GLY A 180 -3.47 3.88 60.93
C GLY A 180 -2.96 5.29 60.77
N GLU A 181 -2.22 5.77 61.76
CA GLU A 181 -1.67 7.12 61.75
C GLU A 181 -0.15 7.08 61.73
N CYS A 182 0.45 8.14 61.19
CA CYS A 182 1.90 8.27 61.15
C CYS A 182 2.28 9.61 61.76
N HIS A 183 3.19 9.58 62.73
CA HIS A 183 3.62 10.76 63.46
C HIS A 183 5.07 11.10 63.13
N VAL A 184 5.42 12.37 63.34
CA VAL A 184 6.76 12.88 63.10
C VAL A 184 7.24 13.53 64.39
N TYR A 185 8.37 13.04 64.92
CA TYR A 185 9.01 13.63 66.09
C TYR A 185 10.51 13.74 65.84
N ASP A 186 11.10 14.79 66.39
CA ASP A 186 12.52 15.05 66.22
C ASP A 186 13.31 14.31 67.29
N GLY A 187 14.62 14.56 67.35
CA GLY A 187 15.45 13.94 68.37
C GLY A 187 15.25 14.50 69.76
N ASN A 188 14.69 15.71 69.87
CA ASN A 188 14.43 16.31 71.17
C ASN A 188 13.18 15.77 71.83
N GLY A 189 12.35 15.01 71.11
CA GLY A 189 11.12 14.48 71.64
C GLY A 189 9.94 15.42 71.56
N ASN A 190 10.13 16.64 71.08
CA ASN A 190 9.04 17.59 70.96
C ASN A 190 8.11 17.20 69.81
N GLY A 191 6.82 17.45 69.99
CA GLY A 191 5.87 17.23 68.93
C GLY A 191 6.07 18.25 67.82
N VAL A 192 6.16 17.77 66.58
CA VAL A 192 6.43 18.63 65.42
C VAL A 192 5.20 18.72 64.51
N ALA A 193 4.79 17.60 63.92
CA ALA A 193 3.67 17.58 62.98
C ALA A 193 3.16 16.14 62.86
N LYS A 194 2.20 15.94 61.96
CA LYS A 194 1.64 14.62 61.69
C LYS A 194 1.59 14.40 60.19
N VAL A 195 1.81 13.16 59.77
CA VAL A 195 1.77 12.80 58.36
C VAL A 195 0.32 12.74 57.90
N PRO A 196 -0.02 13.34 56.76
CA PRO A 196 -1.39 13.22 56.23
C PRO A 196 -1.75 11.79 55.87
N LEU A 197 -3.04 11.54 55.79
CA LEU A 197 -3.56 10.19 55.67
C LEU A 197 -4.44 10.03 54.44
N TYR A 198 -3.93 10.43 53.28
CA TYR A 198 -4.68 10.26 52.04
C TYR A 198 -4.94 8.79 51.71
N CYS A 199 -4.12 7.88 52.23
CA CYS A 199 -4.48 6.47 52.18
C CYS A 199 -5.75 6.20 52.98
N ASN A 200 -5.87 6.82 54.15
CA ASN A 200 -7.09 6.74 54.93
C ASN A 200 -8.20 7.65 54.39
N GLU A 201 -7.89 8.52 53.43
CA GLU A 201 -8.89 9.36 52.81
C GLU A 201 -9.48 8.66 51.59
N GLY A 202 -10.79 8.78 51.43
CA GLY A 202 -11.51 8.01 50.43
C GLY A 202 -11.92 6.63 50.87
N TYR A 203 -11.50 6.21 52.07
CA TYR A 203 -11.86 4.91 52.63
C TYR A 203 -12.21 5.14 54.10
N ALA A 204 -13.45 4.86 54.46
CA ALA A 204 -13.90 5.09 55.83
C ALA A 204 -13.18 4.15 56.80
N GLY A 205 -12.74 4.72 57.91
CA GLY A 205 -12.03 3.95 58.92
C GLY A 205 -10.52 4.06 58.83
N ALA A 206 -9.86 4.16 59.98
CA ALA A 206 -8.41 4.24 60.03
C ALA A 206 -7.85 2.84 59.79
N SER A 207 -7.63 2.53 58.52
CA SER A 207 -7.12 1.22 58.14
C SER A 207 -5.67 1.07 58.58
N LYS A 208 -5.28 -0.17 58.87
CA LYS A 208 -3.97 -0.46 59.43
C LYS A 208 -2.87 -0.18 58.41
N ILE A 209 -1.80 0.48 58.87
CA ILE A 209 -0.63 0.67 58.03
C ILE A 209 0.10 -0.66 57.89
N ILE A 210 0.31 -1.10 56.65
CA ILE A 210 0.92 -2.39 56.41
C ILE A 210 2.44 -2.29 56.32
N GLY A 211 2.96 -1.13 55.94
CA GLY A 211 4.39 -0.94 55.80
C GLY A 211 4.69 0.46 55.31
N VAL A 212 5.63 1.13 55.95
CA VAL A 212 6.05 2.48 55.57
C VAL A 212 7.38 2.35 54.84
N GLU A 213 7.34 2.53 53.53
CA GLU A 213 8.55 2.43 52.71
C GLU A 213 8.78 3.75 51.99
N TRP A 214 9.99 4.29 52.17
CA TRP A 214 10.44 5.47 51.45
C TRP A 214 11.66 5.09 50.63
N TYR A 215 11.64 5.45 49.36
CA TYR A 215 12.86 5.34 48.56
C TYR A 215 13.86 6.36 49.09
N ASP A 216 14.92 5.86 49.72
CA ASP A 216 15.86 6.72 50.42
C ASP A 216 16.74 7.55 49.48
N GLY A 217 16.76 7.22 48.19
CA GLY A 217 17.58 7.96 47.25
C GLY A 217 18.93 7.31 47.02
N VAL A 218 18.92 6.00 46.79
CA VAL A 218 20.17 5.27 46.61
C VAL A 218 20.82 5.65 45.27
N GLU A 219 20.02 5.70 44.20
CA GLU A 219 20.52 6.08 42.88
C GLU A 219 19.80 7.30 42.33
N GLY A 220 19.11 8.06 43.18
CA GLY A 220 18.37 9.22 42.74
C GLY A 220 17.01 8.85 42.18
N TYR A 221 16.19 9.87 41.97
CA TYR A 221 14.83 9.66 41.49
C TYR A 221 14.83 9.41 39.98
N ALA A 222 13.69 8.96 39.47
CA ALA A 222 13.48 8.91 38.03
C ALA A 222 13.50 10.32 37.45
N GLU A 223 12.57 11.15 37.91
CA GLU A 223 12.55 12.59 37.73
C GLU A 223 12.49 13.23 39.11
N PRO A 224 13.10 14.41 39.29
CA PRO A 224 13.07 15.07 40.60
C PRO A 224 11.66 15.41 41.05
N ASN A 225 11.54 15.62 42.37
CA ASN A 225 10.28 15.86 43.10
C ASN A 225 9.15 14.94 42.65
N CYS A 226 9.49 13.64 42.48
CA CYS A 226 8.49 12.62 42.25
C CYS A 226 8.18 11.89 43.56
N PRO A 227 6.95 11.42 43.75
CA PRO A 227 6.62 10.76 45.02
C PRO A 227 7.32 9.41 45.14
N VAL A 228 8.06 9.24 46.23
CA VAL A 228 8.86 8.04 46.46
C VAL A 228 8.59 7.49 47.86
N LEU A 229 7.62 8.06 48.55
CA LEU A 229 7.20 7.57 49.86
C LEU A 229 5.80 7.00 49.74
N ALA A 230 5.62 5.77 50.23
CA ALA A 230 4.34 5.07 50.14
C ALA A 230 3.97 4.54 51.52
N ILE A 231 3.13 5.28 52.24
CA ILE A 231 2.48 4.76 53.43
C ILE A 231 1.21 4.08 52.95
N CYS A 232 1.27 2.77 52.78
CA CYS A 232 0.17 1.98 52.25
C CYS A 232 -0.65 1.37 53.36
N LEU A 233 -1.91 1.07 53.05
CA LEU A 233 -2.81 0.39 53.96
C LEU A 233 -3.37 -0.86 53.32
N ASP A 234 -4.02 -1.68 54.15
CA ASP A 234 -4.70 -2.90 53.72
C ASP A 234 -6.07 -2.62 53.14
N ASN A 235 -6.54 -1.37 53.20
CA ASN A 235 -7.89 -1.06 52.74
C ASN A 235 -8.02 -1.17 51.23
N GLY A 236 -6.98 -0.81 50.48
CA GLY A 236 -7.05 -0.71 49.04
C GLY A 236 -6.89 0.70 48.51
N ARG A 237 -6.71 1.68 49.38
CA ARG A 237 -6.42 3.04 48.98
C ARG A 237 -5.14 3.49 49.67
N MET A 238 -4.15 3.87 48.88
CA MET A 238 -2.84 4.17 49.43
C MET A 238 -2.25 5.39 48.73
N GLN A 239 -1.40 6.10 49.47
CA GLN A 239 -0.96 7.44 49.10
C GLN A 239 0.52 7.45 48.77
N LEU A 240 0.89 8.30 47.81
CA LEU A 240 2.27 8.44 47.35
C LEU A 240 2.78 9.83 47.66
N MET A 241 3.88 9.91 48.39
CA MET A 241 4.37 11.16 48.96
C MET A 241 5.76 11.50 48.44
N ARG A 242 5.95 12.76 48.08
CA ARG A 242 7.30 13.28 47.91
C ARG A 242 7.97 13.46 49.26
N TYR A 243 7.24 13.99 50.24
CA TYR A 243 7.71 14.19 51.60
C TYR A 243 6.61 13.76 52.56
N GLU A 244 6.96 13.63 53.83
CA GLU A 244 6.04 13.09 54.82
C GLU A 244 4.87 14.03 55.11
N SER A 245 4.91 15.28 54.65
CA SER A 245 3.80 16.22 54.81
C SER A 245 3.20 16.58 53.46
N ASP A 246 3.07 15.59 52.57
CA ASP A 246 2.56 15.82 51.23
C ASP A 246 1.05 15.92 51.24
N ASP A 247 0.52 17.06 50.81
CA ASP A 247 -0.92 17.24 50.64
C ASP A 247 -1.40 16.84 49.25
N ASN A 248 -0.49 16.53 48.34
CA ASN A 248 -0.83 15.96 47.04
C ASN A 248 -0.54 14.47 47.00
N ALA A 249 -0.77 13.80 48.12
CA ALA A 249 -0.52 12.36 48.20
C ALA A 249 -1.55 11.61 47.36
N VAL A 250 -1.07 10.92 46.33
CA VAL A 250 -1.95 10.31 45.33
C VAL A 250 -2.64 9.10 45.94
N CYS A 251 -3.91 9.27 46.32
CA CYS A 251 -4.70 8.17 46.85
C CYS A 251 -5.10 7.24 45.72
N ILE A 252 -4.29 6.23 45.46
CA ILE A 252 -4.57 5.28 44.38
C ILE A 252 -5.62 4.29 44.87
N ASP A 253 -6.70 4.15 44.12
CA ASP A 253 -7.74 3.18 44.45
C ASP A 253 -7.28 1.80 43.97
N THR A 254 -6.30 1.26 44.70
CA THR A 254 -5.77 -0.06 44.38
C THR A 254 -6.82 -1.13 44.63
N GLY A 255 -7.60 -0.98 45.69
CA GLY A 255 -8.65 -1.93 46.00
C GLY A 255 -8.18 -3.31 46.37
N ILE A 256 -7.04 -3.42 47.05
CA ILE A 256 -6.51 -4.72 47.43
C ILE A 256 -6.23 -4.79 48.92
N LYS A 257 -5.61 -5.88 49.35
CA LYS A 257 -5.33 -6.16 50.75
C LYS A 257 -3.83 -6.45 50.89
N PRO A 258 -2.98 -5.46 50.67
CA PRO A 258 -1.53 -5.72 50.63
C PRO A 258 -0.94 -5.82 52.03
N VAL A 259 0.32 -6.28 52.07
CA VAL A 259 1.05 -6.43 53.32
C VAL A 259 2.35 -5.63 53.26
N LYS A 260 2.92 -5.49 52.08
CA LYS A 260 4.23 -4.87 51.93
C LYS A 260 4.23 -3.87 50.79
N VAL A 261 5.25 -3.02 50.79
CA VAL A 261 5.47 -2.04 49.73
C VAL A 261 6.96 -1.75 49.66
N LYS A 262 7.47 -1.61 48.44
CA LYS A 262 8.89 -1.30 48.26
C LYS A 262 9.08 -0.55 46.96
N TRP A 263 9.72 0.61 47.04
CA TRP A 263 10.11 1.33 45.85
C TRP A 263 11.40 0.74 45.28
N ASN A 264 11.60 0.98 43.99
CA ASN A 264 12.86 0.58 43.41
C ASN A 264 13.97 1.54 43.80
N MET A 265 15.21 1.12 43.53
CA MET A 265 16.37 1.88 43.98
C MET A 265 16.72 3.03 43.04
N ASN A 266 15.92 3.28 42.01
CA ASN A 266 16.06 4.49 41.20
C ASN A 266 14.78 5.32 41.18
N GLY A 267 13.80 4.99 42.02
CA GLY A 267 12.63 5.84 42.18
C GLY A 267 11.69 5.90 41.01
N THR A 268 11.65 4.86 40.17
CA THR A 268 10.81 4.89 38.98
C THR A 268 9.45 4.22 39.19
N ILE A 269 9.43 3.05 39.84
CA ILE A 269 8.25 2.21 39.91
C ILE A 269 7.89 1.97 41.37
N LEU A 270 6.65 2.31 41.73
CA LEU A 270 6.06 1.84 42.99
C LEU A 270 5.71 0.37 42.88
N ALA A 271 6.02 -0.40 43.92
CA ALA A 271 5.60 -1.79 43.99
C ALA A 271 4.97 -2.05 45.35
N VAL A 272 3.72 -2.50 45.35
CA VAL A 272 2.97 -2.82 46.56
C VAL A 272 2.61 -4.29 46.49
N ALA A 273 2.96 -5.04 47.54
CA ALA A 273 2.78 -6.48 47.56
C ALA A 273 1.93 -6.91 48.75
N GLY A 274 1.29 -8.06 48.59
CA GLY A 274 0.50 -8.63 49.66
C GLY A 274 -0.51 -9.61 49.11
N PHE A 275 -1.23 -10.23 50.03
CA PHE A 275 -2.22 -11.23 49.67
C PHE A 275 -3.52 -10.57 49.25
N GLN A 276 -4.56 -11.37 49.07
CA GLN A 276 -5.88 -10.87 48.73
C GLN A 276 -6.91 -11.94 49.05
N MET A 277 -7.99 -11.54 49.73
CA MET A 277 -9.19 -12.34 49.72
C MET A 277 -9.73 -12.32 48.28
N SER A 278 -9.58 -13.44 47.60
CA SER A 278 -9.87 -13.48 46.17
C SER A 278 -11.38 -13.52 45.97
N SER A 279 -11.93 -12.42 45.42
CA SER A 279 -13.36 -12.35 45.16
C SER A 279 -13.80 -13.28 44.05
N ALA A 280 -12.86 -13.79 43.25
CA ALA A 280 -13.20 -14.74 42.19
C ALA A 280 -13.62 -16.09 42.76
N VAL A 281 -13.01 -16.50 43.87
CA VAL A 281 -13.30 -17.80 44.48
C VAL A 281 -14.08 -17.58 45.78
N ALA A 282 -14.86 -18.59 46.14
CA ALA A 282 -15.62 -18.51 47.39
C ALA A 282 -14.72 -18.72 48.60
N ASP A 283 -13.69 -19.56 48.48
CA ASP A 283 -12.81 -19.83 49.61
C ASP A 283 -11.90 -18.66 49.95
N GLY A 284 -11.68 -17.74 49.01
CA GLY A 284 -10.75 -16.65 49.23
C GLY A 284 -9.33 -17.15 49.29
N ARG A 285 -8.82 -17.64 48.16
CA ARG A 285 -7.45 -18.15 48.10
C ARG A 285 -6.47 -17.03 48.39
N GLU A 286 -5.51 -17.31 49.27
CA GLU A 286 -4.55 -16.31 49.73
C GLU A 286 -3.53 -16.09 48.62
N LEU A 287 -3.96 -15.38 47.59
CA LEU A 287 -3.13 -15.10 46.42
C LEU A 287 -2.29 -13.87 46.71
N TRP A 288 -1.01 -14.08 46.98
CA TRP A 288 -0.10 -12.97 47.22
C TRP A 288 0.38 -12.42 45.89
N MET A 289 0.14 -11.13 45.66
CA MET A 289 0.43 -10.48 44.39
C MET A 289 1.10 -9.14 44.66
N VAL A 290 1.86 -8.68 43.67
CA VAL A 290 2.58 -7.42 43.76
C VAL A 290 1.99 -6.47 42.74
N GLN A 291 1.41 -5.37 43.21
CA GLN A 291 0.99 -4.30 42.32
C GLN A 291 2.19 -3.48 41.87
N PHE A 292 1.97 -2.70 40.81
CA PHE A 292 3.03 -1.86 40.25
C PHE A 292 2.44 -0.54 39.78
N TYR A 293 2.95 0.54 40.33
CA TYR A 293 2.55 1.88 39.95
C TYR A 293 3.80 2.70 39.66
N ASN A 294 3.59 3.88 39.08
CA ASN A 294 4.69 4.80 38.84
C ASN A 294 5.11 5.47 40.15
N HIS A 295 6.06 6.39 40.05
CA HIS A 295 6.33 7.27 41.19
C HIS A 295 5.11 8.12 41.49
N ASN A 296 4.41 8.59 40.46
CA ASN A 296 3.15 9.31 40.67
C ASN A 296 2.05 8.35 41.11
N GLY A 297 1.94 7.20 40.44
CA GLY A 297 1.00 6.18 40.88
C GLY A 297 -0.02 5.69 39.86
N GLU A 298 0.30 5.81 38.58
CA GLU A 298 -0.55 5.23 37.55
C GLU A 298 -0.30 3.74 37.44
N HIS A 299 -1.35 2.99 37.08
CA HIS A 299 -1.29 1.53 37.04
C HIS A 299 -0.30 1.07 35.97
N LEU A 300 0.79 0.45 36.41
CA LEU A 300 1.85 0.02 35.51
C LEU A 300 1.74 -1.46 35.15
N ARG A 301 1.86 -2.34 36.14
CA ARG A 301 1.90 -3.78 35.93
C ARG A 301 1.27 -4.51 37.11
N THR A 302 1.26 -5.83 37.01
CA THR A 302 0.70 -6.71 38.02
C THR A 302 1.46 -8.02 37.99
N LEU A 303 1.88 -8.50 39.15
CA LEU A 303 2.64 -9.74 39.27
C LEU A 303 1.72 -10.85 39.75
N ARG A 304 1.75 -11.98 39.05
CA ARG A 304 0.96 -13.16 39.41
C ARG A 304 1.91 -14.20 39.99
N VAL A 305 1.81 -14.43 41.29
CA VAL A 305 2.66 -15.37 42.01
C VAL A 305 1.77 -16.36 42.75
N PRO A 306 1.89 -17.67 42.51
CA PRO A 306 1.05 -18.63 43.21
C PRO A 306 1.65 -19.08 44.54
N GLY A 307 2.63 -18.33 45.04
CA GLY A 307 3.31 -18.70 46.26
C GLY A 307 2.43 -18.59 47.48
N GLY A 308 2.89 -19.25 48.55
CA GLY A 308 2.13 -19.28 49.79
C GLY A 308 2.04 -17.91 50.46
N GLY A 309 3.11 -17.13 50.40
CA GLY A 309 3.09 -15.81 50.97
C GLY A 309 4.28 -14.95 50.63
N ILE A 310 4.03 -13.73 50.13
CA ILE A 310 5.11 -12.80 49.85
C ILE A 310 5.10 -11.70 50.89
N SER A 311 5.83 -11.90 51.99
CA SER A 311 5.88 -10.95 53.08
C SER A 311 6.98 -9.92 52.92
N GLY A 312 7.38 -9.65 51.68
CA GLY A 312 8.42 -8.68 51.40
C GLY A 312 8.84 -8.68 49.95
N ILE A 313 9.17 -7.50 49.43
CA ILE A 313 9.67 -7.34 48.07
C ILE A 313 10.82 -6.35 48.07
N SER A 314 11.68 -6.46 47.07
CA SER A 314 12.85 -5.61 46.97
C SER A 314 13.34 -5.60 45.53
N TRP A 315 13.94 -4.48 45.14
CA TRP A 315 14.34 -4.24 43.77
C TRP A 315 15.85 -4.25 43.63
N GLU A 316 16.29 -4.29 42.37
CA GLU A 316 17.69 -4.17 42.03
C GLU A 316 18.07 -2.69 42.11
N GLY A 317 19.37 -2.39 41.94
CA GLY A 317 19.83 -1.01 42.02
C GLY A 317 19.26 -0.12 40.94
N ASN A 318 19.11 -0.66 39.72
CA ASN A 318 18.51 0.08 38.62
C ASN A 318 17.06 -0.31 38.36
N GLY A 319 16.49 -1.17 39.19
CA GLY A 319 15.09 -1.55 39.05
C GLY A 319 14.82 -2.58 37.98
N LEU A 320 15.85 -3.22 37.43
CA LEU A 320 15.65 -4.24 36.40
C LEU A 320 15.13 -5.57 36.96
N ARG A 321 15.23 -5.79 38.27
CA ARG A 321 14.76 -7.03 38.88
C ARG A 321 13.99 -6.71 40.15
N LEU A 322 13.10 -7.62 40.52
CA LEU A 322 12.35 -7.52 41.77
C LEU A 322 12.44 -8.85 42.49
N ALA A 323 13.05 -8.84 43.68
CA ALA A 323 13.11 -10.02 44.52
C ALA A 323 11.90 -10.06 45.44
N LEU A 324 11.45 -11.28 45.73
CA LEU A 324 10.22 -11.48 46.49
C LEU A 324 10.48 -12.39 47.68
N SER A 325 9.80 -12.10 48.78
CA SER A 325 9.85 -12.92 50.00
C SER A 325 8.76 -13.99 49.98
N VAL A 326 8.75 -14.78 48.91
CA VAL A 326 7.80 -15.88 48.79
C VAL A 326 8.10 -16.94 49.84
N ASP A 327 7.04 -17.59 50.33
CA ASP A 327 7.19 -18.60 51.37
C ASP A 327 8.06 -19.77 50.91
N SER A 328 7.94 -20.16 49.64
CA SER A 328 8.72 -21.27 49.13
C SER A 328 10.14 -20.84 48.80
N TYR A 329 10.30 -19.96 47.83
CA TYR A 329 11.62 -19.57 47.35
C TYR A 329 11.79 -18.06 47.42
N VAL A 330 12.90 -17.56 46.91
CA VAL A 330 13.06 -16.14 46.63
C VAL A 330 12.76 -15.96 45.15
N TYR A 331 11.58 -15.42 44.85
CA TYR A 331 11.18 -15.26 43.46
C TYR A 331 11.86 -14.02 42.89
N PHE A 332 12.72 -14.22 41.90
CA PHE A 332 13.37 -13.12 41.21
C PHE A 332 12.63 -12.87 39.91
N ALA A 333 12.09 -11.66 39.76
CA ALA A 333 11.26 -11.30 38.61
C ALA A 333 11.90 -10.13 37.89
N ASN A 334 12.18 -10.31 36.60
CA ASN A 334 12.81 -9.27 35.80
C ASN A 334 11.81 -8.19 35.43
N VAL A 335 12.26 -6.93 35.49
CA VAL A 335 11.41 -5.77 35.26
C VAL A 335 12.02 -4.95 34.13
N ARG A 336 11.18 -4.53 33.18
CA ARG A 336 11.59 -3.55 32.19
C ARG A 336 11.17 -2.17 32.67
N PRO A 337 12.11 -1.29 33.01
CA PRO A 337 11.75 0.01 33.56
C PRO A 337 11.22 0.95 32.47
N ASP A 338 10.65 2.07 32.93
CA ASP A 338 9.98 3.01 32.05
C ASP A 338 10.96 4.02 31.46
N TYR A 339 11.07 4.01 30.13
CA TYR A 339 11.87 4.98 29.40
C TYR A 339 11.06 5.54 28.25
N LYS A 340 11.31 6.81 27.95
CA LYS A 340 10.74 7.47 26.77
C LYS A 340 11.75 7.31 25.64
N TRP A 341 11.38 6.56 24.60
CA TRP A 341 12.33 6.19 23.58
C TRP A 341 11.68 6.24 22.20
N GLY A 342 12.52 6.18 21.18
CA GLY A 342 12.07 6.10 19.81
C GLY A 342 13.20 5.66 18.91
N TYR A 343 12.83 5.05 17.78
CA TYR A 343 13.81 4.69 16.76
C TYR A 343 13.26 5.05 15.40
N PHE A 344 14.12 5.67 14.58
CA PHE A 344 13.76 6.11 13.23
C PHE A 344 15.04 6.46 12.50
N CYS A 345 15.13 6.02 11.23
CA CYS A 345 16.22 6.39 10.32
C CYS A 345 17.60 6.10 10.91
N ASN A 346 17.72 4.96 11.59
CA ASN A 346 18.92 4.56 12.34
C ASN A 346 19.34 5.65 13.34
N THR A 347 18.36 6.20 14.05
CA THR A 347 18.61 7.13 15.14
C THR A 347 17.81 6.65 16.33
N LEU A 348 18.50 6.19 17.36
CA LEU A 348 17.83 5.73 18.57
C LEU A 348 17.62 6.92 19.49
N VAL A 349 16.36 7.25 19.72
CA VAL A 349 15.98 8.33 20.61
C VAL A 349 15.68 7.71 21.96
N TYR A 350 16.13 8.37 23.03
CA TYR A 350 15.78 7.93 24.37
C TYR A 350 15.92 9.08 25.35
N ALA A 351 14.86 9.29 26.14
CA ALA A 351 14.83 10.36 27.13
C ALA A 351 15.23 9.78 28.48
N PHE A 352 16.53 9.53 28.62
CA PHE A 352 17.09 9.25 29.92
C PHE A 352 17.24 10.54 30.70
N ASN A 353 17.78 10.44 31.91
CA ASN A 353 18.10 11.61 32.71
C ASN A 353 19.53 11.50 33.22
N ARG A 354 20.36 12.48 32.89
CA ARG A 354 21.70 12.53 33.45
C ARG A 354 21.61 12.79 34.95
N PRO A 355 22.57 12.27 35.73
CA PRO A 355 22.56 12.58 37.16
C PRO A 355 23.23 13.91 37.49
N ASP A 356 22.94 14.93 36.69
CA ASP A 356 23.21 16.31 37.05
C ASP A 356 22.18 17.29 36.50
N ARG A 357 21.16 16.80 35.80
CA ARG A 357 20.14 17.64 35.18
C ARG A 357 18.78 17.00 35.35
N SER A 358 17.73 17.83 35.34
CA SER A 358 16.37 17.36 35.49
C SER A 358 15.59 17.34 34.20
N GLU A 359 16.02 18.08 33.18
CA GLU A 359 15.34 18.08 31.89
C GLU A 359 15.51 16.73 31.21
N HIS A 360 14.49 16.35 30.45
CA HIS A 360 14.51 15.09 29.72
C HIS A 360 15.55 15.18 28.61
N CYS A 361 16.68 14.51 28.79
CA CYS A 361 17.72 14.49 27.76
C CYS A 361 17.24 13.59 26.63
N VAL A 362 16.59 14.19 25.65
CA VAL A 362 16.02 13.43 24.54
C VAL A 362 17.18 13.11 23.60
N MET A 363 17.81 11.96 23.83
CA MET A 363 19.09 11.65 23.20
C MET A 363 18.81 11.17 21.78
N PHE A 364 18.83 12.10 20.83
CA PHE A 364 18.56 11.76 19.42
C PHE A 364 19.77 11.16 18.74
N TRP A 365 20.34 10.12 19.34
CA TRP A 365 21.63 9.60 18.92
C TRP A 365 21.46 8.72 17.68
N ASP A 366 22.22 9.03 16.63
CA ASP A 366 22.18 8.24 15.42
C ASP A 366 22.90 6.91 15.62
N THR A 367 22.30 5.85 15.08
CA THR A 367 22.91 4.53 15.09
C THR A 367 23.47 4.14 13.73
N LYS A 368 23.62 5.11 12.82
CA LYS A 368 24.19 4.83 11.51
C LYS A 368 25.71 4.94 11.53
N ASN A 369 26.24 5.95 12.23
CA ASN A 369 27.68 6.12 12.39
C ASN A 369 28.01 6.58 13.81
N ASN A 370 27.14 6.26 14.77
CA ASN A 370 27.28 6.64 16.17
C ASN A 370 27.39 8.16 16.34
N ASP A 371 26.39 8.87 15.81
CA ASP A 371 26.34 10.32 15.89
C ASP A 371 25.45 10.71 17.05
N LYS A 372 26.01 11.43 18.02
CA LYS A 372 25.37 11.71 19.29
C LYS A 372 24.62 13.03 19.24
N TYR A 373 23.39 13.04 19.76
CA TYR A 373 22.57 14.24 19.80
C TYR A 373 21.77 14.28 21.11
N PRO A 374 22.32 14.90 22.15
CA PRO A 374 21.57 15.07 23.41
C PRO A 374 20.65 16.29 23.39
N LYS A 375 19.50 16.14 22.75
CA LYS A 375 18.52 17.23 22.68
C LYS A 375 17.86 17.40 24.04
N TYR A 376 18.05 18.57 24.65
CA TYR A 376 17.44 18.87 25.94
C TYR A 376 16.15 19.61 25.69
N VAL A 377 15.03 18.88 25.77
CA VAL A 377 13.71 19.43 25.46
C VAL A 377 12.87 19.38 26.71
N ARG A 378 12.29 20.51 27.08
CA ARG A 378 11.54 20.65 28.31
C ARG A 378 10.16 20.01 28.19
N LYS A 379 9.62 19.60 29.34
CA LYS A 379 8.23 19.20 29.50
C LYS A 379 7.85 18.03 28.59
N LEU A 380 8.78 17.09 28.41
CA LEU A 380 8.54 15.95 27.55
C LEU A 380 7.69 14.90 28.26
N VAL A 381 6.69 14.39 27.57
CA VAL A 381 5.83 13.32 28.08
C VAL A 381 6.22 11.97 27.50
N ALA A 382 6.37 11.89 26.18
CA ALA A 382 6.65 10.62 25.51
C ALA A 382 7.35 10.91 24.19
N ILE A 383 7.92 9.85 23.60
CA ILE A 383 8.63 9.94 22.34
C ILE A 383 8.04 8.92 21.38
N GLN A 384 7.66 9.38 20.18
CA GLN A 384 7.25 8.50 19.10
C GLN A 384 8.12 8.80 17.88
N ALA A 385 8.80 7.77 17.38
CA ALA A 385 9.68 7.91 16.22
C ALA A 385 9.30 6.89 15.17
N PHE A 386 9.01 7.36 13.96
CA PHE A 386 8.63 6.49 12.85
C PHE A 386 8.84 7.25 11.54
N GLY A 387 9.53 6.63 10.60
CA GLY A 387 9.79 7.28 9.33
C GLY A 387 10.94 8.28 9.42
N ASP A 388 10.89 9.27 8.53
CA ASP A 388 11.94 10.28 8.46
C ASP A 388 11.87 11.29 9.59
N PHE A 389 10.79 11.32 10.37
CA PHE A 389 10.63 12.30 11.41
C PHE A 389 10.32 11.61 12.74
N CYS A 390 10.73 12.26 13.83
CA CYS A 390 10.34 11.87 15.17
C CYS A 390 9.70 13.06 15.86
N VAL A 391 8.60 12.81 16.57
CA VAL A 391 7.87 13.86 17.27
C VAL A 391 8.00 13.59 18.77
N LEU A 392 8.16 14.67 19.53
CA LEU A 392 8.34 14.59 20.97
C LEU A 392 7.08 15.13 21.64
N ALA A 393 6.47 14.32 22.51
CA ALA A 393 5.28 14.75 23.22
C ALA A 393 5.66 15.75 24.30
N THR A 394 5.73 17.03 23.93
CA THR A 394 6.16 18.08 24.82
C THR A 394 5.04 19.08 25.04
N LYS A 395 4.99 19.63 26.25
CA LYS A 395 4.12 20.76 26.51
C LYS A 395 4.76 22.03 25.97
N GLY A 396 4.04 23.14 26.04
CA GLY A 396 4.55 24.43 25.61
C GLY A 396 5.49 25.02 26.62
N GLU A 397 5.53 26.35 26.66
CA GLU A 397 6.17 27.03 27.78
C GLU A 397 5.32 27.00 29.03
N ASN A 398 4.07 26.56 28.92
CA ASN A 398 3.13 26.37 30.01
C ASN A 398 2.48 25.00 29.87
N PRO A 399 2.02 24.41 30.97
CA PRO A 399 1.25 23.17 30.87
C PRO A 399 -0.10 23.41 30.21
N GLY A 400 -0.67 22.32 29.69
CA GLY A 400 -1.91 22.40 28.94
C GLY A 400 -1.67 22.52 27.46
N GLU A 401 -1.07 23.62 27.03
CA GLU A 401 -0.62 23.72 25.65
C GLU A 401 0.53 22.76 25.40
N HIS A 402 0.60 22.24 24.18
CA HIS A 402 1.60 21.24 23.85
C HIS A 402 2.24 21.55 22.51
N ILE A 403 3.46 21.07 22.33
CA ILE A 403 4.22 21.26 21.12
C ILE A 403 4.49 19.89 20.51
N LEU A 404 4.12 19.73 19.24
CA LEU A 404 4.48 18.53 18.47
C LEU A 404 5.76 18.87 17.72
N ILE A 405 6.90 18.59 18.35
CA ILE A 405 8.19 18.99 17.81
C ILE A 405 8.60 17.97 16.75
N LEU A 406 8.40 18.32 15.49
CA LEU A 406 8.87 17.48 14.39
C LEU A 406 10.38 17.57 14.30
N CYS A 407 11.06 16.45 14.52
CA CYS A 407 12.50 16.39 14.50
C CYS A 407 12.98 15.53 13.34
N ASN A 408 14.05 15.96 12.68
CA ASN A 408 14.67 15.18 11.63
C ASN A 408 15.56 14.11 12.27
N ALA A 409 16.37 13.42 11.45
CA ALA A 409 17.21 12.33 11.94
C ALA A 409 18.23 12.79 12.96
N ILE A 410 18.69 14.04 12.88
CA ILE A 410 19.61 14.56 13.89
C ILE A 410 18.87 15.05 15.13
N GLY A 411 17.58 15.34 15.02
CA GLY A 411 16.79 15.78 16.15
C GLY A 411 16.50 17.26 16.23
N SER A 412 16.90 18.04 15.24
CA SER A 412 16.63 19.48 15.27
C SER A 412 15.15 19.74 14.98
N PRO A 413 14.56 20.74 15.62
CA PRO A 413 13.15 21.06 15.35
C PRO A 413 13.00 21.78 14.02
N VAL A 414 12.09 21.27 13.18
CA VAL A 414 11.80 21.90 11.90
C VAL A 414 10.34 22.29 11.75
N ASP A 415 9.43 21.67 12.50
CA ASP A 415 8.01 22.01 12.45
C ASP A 415 7.42 21.77 13.84
N SER A 416 6.50 22.64 14.25
CA SER A 416 5.96 22.57 15.59
C SER A 416 4.60 23.25 15.64
N LYS A 417 3.66 22.63 16.35
CA LYS A 417 2.33 23.19 16.55
C LYS A 417 2.09 23.41 18.03
N TYR A 418 1.72 24.64 18.38
CA TYR A 418 1.32 24.95 19.76
C TYR A 418 -0.15 24.56 19.91
N ILE A 419 -0.39 23.34 20.37
CA ILE A 419 -1.72 22.76 20.40
C ILE A 419 -2.15 22.53 21.84
N GLU A 420 -3.46 22.54 22.04
CA GLU A 420 -4.05 22.18 23.32
C GLU A 420 -4.20 20.67 23.49
N VAL A 421 -4.07 19.91 22.42
CA VAL A 421 -4.17 18.46 22.49
C VAL A 421 -2.89 17.91 23.09
N GLU A 422 -3.02 17.17 24.18
CA GLU A 422 -1.86 16.52 24.78
C GLU A 422 -1.58 15.22 24.04
N PRO A 423 -0.43 15.06 23.41
CA PRO A 423 -0.15 13.82 22.64
C PRO A 423 0.25 12.65 23.54
N LYS A 424 -0.74 12.17 24.31
CA LYS A 424 -0.52 10.98 25.13
C LYS A 424 -0.37 9.74 24.26
N TYR A 425 -1.29 9.55 23.32
CA TYR A 425 -1.28 8.43 22.38
C TYR A 425 -0.72 8.98 21.08
N LEU A 426 0.60 9.05 20.99
CA LEU A 426 1.28 9.74 19.92
C LEU A 426 1.71 8.76 18.84
N ALA A 427 1.40 9.10 17.58
CA ALA A 427 1.88 8.36 16.43
C ALA A 427 2.36 9.34 15.39
N ILE A 428 3.48 9.04 14.75
CA ILE A 428 4.07 9.90 13.75
C ILE A 428 4.22 9.12 12.46
N THR A 429 3.88 9.76 11.34
CA THR A 429 4.10 9.18 10.03
C THR A 429 5.04 10.12 9.26
N ASN A 430 5.23 9.83 7.98
CA ASN A 430 6.03 10.71 7.14
C ASN A 430 5.26 11.92 6.64
N TYR A 431 3.94 11.95 6.86
CA TYR A 431 3.13 13.09 6.50
C TYR A 431 2.23 13.59 7.62
N HIS A 432 2.08 12.83 8.71
CA HIS A 432 1.15 13.18 9.77
C HIS A 432 1.79 12.87 11.12
N VAL A 433 1.33 13.59 12.14
CA VAL A 433 1.64 13.28 13.53
C VAL A 433 0.32 13.18 14.27
N ILE A 434 0.05 12.02 14.84
CA ILE A 434 -1.26 11.74 15.43
C ILE A 434 -1.13 11.97 16.93
N ALA A 435 -1.38 13.20 17.35
CA ALA A 435 -1.63 13.47 18.76
C ALA A 435 -3.03 12.97 19.11
N ALA A 436 -3.23 12.62 20.37
CA ALA A 436 -4.51 12.08 20.78
C ALA A 436 -4.76 12.37 22.25
N ASN A 437 -5.89 13.01 22.53
CA ASN A 437 -6.39 13.16 23.89
C ASN A 437 -7.21 11.92 24.25
N ASP A 438 -7.99 11.99 25.33
CA ASP A 438 -8.84 10.87 25.70
C ASP A 438 -9.89 10.58 24.64
N GLU A 439 -10.36 11.61 23.93
CA GLU A 439 -11.23 11.42 22.78
C GLU A 439 -10.74 12.24 21.60
N VAL A 440 -10.08 13.36 21.87
CA VAL A 440 -9.67 14.30 20.82
C VAL A 440 -8.43 13.73 20.15
N VAL A 441 -8.61 13.11 18.99
CA VAL A 441 -7.49 12.59 18.21
C VAL A 441 -7.07 13.67 17.22
N TYR A 442 -5.84 14.13 17.33
CA TYR A 442 -5.32 15.20 16.48
C TYR A 442 -4.24 14.61 15.57
N VAL A 443 -4.63 14.23 14.36
CA VAL A 443 -3.67 14.05 13.29
C VAL A 443 -3.12 15.43 12.95
N TRP A 444 -1.80 15.60 13.10
CA TRP A 444 -1.14 16.81 12.63
C TRP A 444 -0.57 16.46 11.26
N GLN A 445 -1.38 16.68 10.23
CA GLN A 445 -0.89 16.53 8.88
C GLN A 445 0.03 17.71 8.56
N PHE A 446 1.32 17.54 8.80
CA PHE A 446 2.25 18.62 8.52
C PHE A 446 2.53 18.75 7.03
N ARG A 447 2.29 17.69 6.27
CA ARG A 447 2.47 17.68 4.82
C ARG A 447 1.39 16.79 4.23
N THR A 448 0.80 17.23 3.11
CA THR A 448 -0.23 16.41 2.48
C THR A 448 0.39 15.20 1.79
N SER A 449 -0.47 14.34 1.23
CA SER A 449 0.00 13.27 0.36
C SER A 449 0.59 13.82 -0.94
N PHE A 450 0.27 15.06 -1.29
CA PHE A 450 0.82 15.74 -2.46
C PHE A 450 1.50 17.02 -1.95
N SER A 451 2.73 16.89 -1.47
CA SER A 451 3.39 18.02 -0.82
C SER A 451 4.90 17.79 -0.82
N LYS A 452 5.64 18.87 -1.10
CA LYS A 452 7.10 18.85 -1.30
C LYS A 452 7.50 17.80 -2.33
N VAL A 453 6.69 17.69 -3.39
CA VAL A 453 6.96 16.81 -4.50
C VAL A 453 7.20 17.61 -5.78
N LEU A 454 6.24 18.46 -6.16
CA LEU A 454 6.37 19.31 -7.34
C LEU A 454 6.40 20.79 -6.97
N SER A 455 5.37 21.28 -6.29
CA SER A 455 5.21 22.70 -5.94
C SER A 455 5.34 23.61 -7.17
N THR A 456 4.68 23.21 -8.25
CA THR A 456 4.77 23.92 -9.52
C THR A 456 4.09 25.27 -9.50
N ASP A 457 3.11 25.47 -8.62
CA ASP A 457 2.38 26.71 -8.53
C ASP A 457 2.41 27.21 -7.10
N ILE A 458 2.26 28.53 -6.93
CA ILE A 458 2.35 29.12 -5.60
C ILE A 458 1.21 28.67 -4.70
N ASN A 459 0.07 28.29 -5.29
CA ASN A 459 -0.98 27.59 -4.54
C ASN A 459 -0.85 26.08 -4.75
N ALA A 460 0.29 25.56 -4.30
CA ALA A 460 0.52 24.12 -4.34
C ALA A 460 -0.34 23.39 -3.32
N VAL A 461 -0.18 23.75 -2.05
CA VAL A 461 -1.04 23.27 -0.97
C VAL A 461 -1.56 24.51 -0.26
N LYS A 462 -2.88 24.75 -0.35
CA LYS A 462 -3.45 25.97 0.21
C LYS A 462 -3.84 25.85 1.67
N ARG A 463 -3.79 24.65 2.24
CA ARG A 463 -4.18 24.44 3.64
C ARG A 463 -3.04 23.69 4.34
N LYS A 464 -2.21 24.44 5.08
CA LYS A 464 -1.13 23.83 5.85
C LYS A 464 -1.63 23.15 7.12
N ASP A 465 -2.58 23.76 7.80
CA ASP A 465 -3.07 23.25 9.07
C ASP A 465 -4.59 23.15 9.08
N VAL A 466 -5.16 22.82 7.92
CA VAL A 466 -6.56 22.41 7.83
C VAL A 466 -6.68 20.95 7.41
N ARG A 467 -5.69 20.41 6.69
CA ARG A 467 -5.52 18.97 6.53
C ARG A 467 -5.50 18.25 7.87
N GLU A 468 -4.89 18.86 8.88
CA GLU A 468 -4.93 18.34 10.24
C GLU A 468 -6.34 18.44 10.80
N LYS A 469 -6.70 17.48 11.65
CA LYS A 469 -7.99 17.51 12.32
C LYS A 469 -7.85 17.02 13.74
N MET A 470 -8.40 17.79 14.69
CA MET A 470 -8.56 17.32 16.07
C MET A 470 -9.89 16.58 16.21
N PHE A 471 -10.02 15.51 15.43
CA PHE A 471 -11.25 14.74 15.38
C PHE A 471 -11.36 13.84 16.60
N SER A 472 -12.36 12.98 16.58
CA SER A 472 -12.69 12.18 17.75
C SER A 472 -12.26 10.74 17.60
N VAL A 473 -12.21 10.05 18.74
CA VAL A 473 -12.15 8.59 18.76
C VAL A 473 -13.50 7.98 18.38
N ASP A 474 -14.56 8.80 18.32
CA ASP A 474 -15.90 8.34 17.96
C ASP A 474 -16.43 9.00 16.70
N ASP A 475 -15.66 9.88 16.06
CA ASP A 475 -16.12 10.48 14.80
C ASP A 475 -16.15 9.46 13.68
N SER A 476 -17.07 9.66 12.74
CA SER A 476 -17.31 8.70 11.67
C SER A 476 -16.94 9.21 10.28
N ASN A 477 -17.07 10.50 10.00
CA ASN A 477 -16.65 11.04 8.70
C ASN A 477 -16.44 12.54 8.77
N PRO A 478 -15.26 13.01 9.20
CA PRO A 478 -15.00 14.46 9.12
C PRO A 478 -14.45 14.88 7.77
N ALA A 479 -14.97 14.30 6.68
CA ALA A 479 -14.66 14.75 5.33
C ALA A 479 -15.89 14.62 4.43
N LEU A 480 -17.08 14.77 5.00
CA LEU A 480 -18.24 15.00 4.15
C LEU A 480 -18.16 16.35 3.49
N SER A 481 -17.71 17.36 4.23
CA SER A 481 -17.30 18.64 3.69
C SER A 481 -15.89 18.94 4.18
N ASP A 482 -15.42 20.16 3.97
CA ASP A 482 -14.09 20.56 4.41
C ASP A 482 -14.16 21.08 5.83
N ARG A 483 -13.35 20.51 6.72
CA ARG A 483 -13.44 20.78 8.14
C ARG A 483 -12.13 21.33 8.69
N SER A 484 -12.26 22.29 9.60
CA SER A 484 -11.13 22.80 10.36
C SER A 484 -10.68 21.72 11.37
N PRO A 485 -9.42 21.79 11.82
CA PRO A 485 -9.00 20.88 12.91
C PRO A 485 -9.81 21.03 14.18
N GLU A 486 -10.20 22.26 14.53
CA GLU A 486 -10.89 22.53 15.78
C GLU A 486 -12.40 22.24 15.69
N SER A 487 -12.82 21.44 14.72
CA SER A 487 -14.24 21.13 14.56
C SER A 487 -14.78 20.33 15.73
N PHE A 488 -14.01 19.36 16.22
CA PHE A 488 -14.43 18.54 17.34
C PHE A 488 -13.65 18.90 18.60
N ARG A 489 -14.36 19.06 19.70
CA ARG A 489 -13.75 18.87 21.01
C ARG A 489 -14.64 18.13 21.99
N ASN A 490 -15.94 17.95 21.72
CA ASN A 490 -16.84 17.26 22.63
C ASN A 490 -18.09 16.82 21.87
N MET A 491 -18.84 15.91 22.49
CA MET A 491 -20.18 15.54 22.06
C MET A 491 -21.22 16.24 22.92
N THR A 492 -22.49 15.89 22.70
CA THR A 492 -23.57 16.29 23.58
C THR A 492 -23.62 15.44 24.85
N THR A 493 -22.98 14.27 24.85
CA THR A 493 -22.86 13.43 26.03
C THR A 493 -21.41 12.97 26.18
N GLN A 494 -21.16 12.05 27.12
CA GLN A 494 -19.82 11.54 27.35
C GLN A 494 -19.40 10.61 26.21
N THR A 495 -18.08 10.48 26.05
CA THR A 495 -17.56 9.49 25.12
C THR A 495 -17.74 8.09 25.69
N THR A 496 -17.79 7.09 24.80
CA THR A 496 -18.07 5.74 25.25
C THR A 496 -16.88 5.12 25.97
N ASP A 497 -15.64 5.47 25.59
CA ASP A 497 -14.43 4.90 26.17
C ASP A 497 -13.20 5.69 25.75
N PRO A 498 -12.27 5.95 26.65
CA PRO A 498 -11.03 6.64 26.27
C PRO A 498 -10.06 5.72 25.53
N ILE A 499 -9.04 6.35 24.96
CA ILE A 499 -8.04 5.67 24.15
C ILE A 499 -7.00 5.02 25.05
N ALA A 500 -6.42 3.90 24.57
CA ALA A 500 -5.33 3.22 25.24
C ALA A 500 -3.98 3.49 24.58
N CYS A 501 -3.89 3.32 23.26
CA CYS A 501 -2.63 3.53 22.53
C CYS A 501 -2.94 3.70 21.05
N VAL A 502 -2.10 4.46 20.36
CA VAL A 502 -2.31 4.80 18.96
C VAL A 502 -1.04 4.49 18.17
N THR A 503 -1.18 3.69 17.11
CA THR A 503 -0.14 3.46 16.14
C THR A 503 -0.70 3.69 14.74
N ALA A 504 0.18 3.99 13.79
CA ALA A 504 -0.27 4.36 12.45
C ALA A 504 0.87 4.22 11.46
N CYS A 505 0.50 4.25 10.18
CA CYS A 505 1.43 4.35 9.06
C CYS A 505 0.98 5.53 8.18
N ASP A 506 1.68 5.71 7.05
CA ASP A 506 1.65 6.98 6.32
C ASP A 506 0.27 7.38 5.81
N SER A 507 -0.62 6.41 5.55
CA SER A 507 -1.95 6.74 5.05
C SER A 507 -3.02 5.98 5.81
N VAL A 508 -2.73 5.59 7.05
CA VAL A 508 -3.68 4.85 7.88
C VAL A 508 -3.53 5.36 9.31
N LEU A 509 -4.59 5.22 10.09
CA LEU A 509 -4.57 5.47 11.52
C LEU A 509 -5.29 4.31 12.19
N MET A 510 -4.81 3.89 13.36
CA MET A 510 -5.52 2.88 14.15
C MET A 510 -5.49 3.30 15.61
N ILE A 511 -6.66 3.60 16.15
CA ILE A 511 -6.80 4.24 17.46
C ILE A 511 -7.25 3.16 18.43
N GLY A 512 -6.27 2.51 19.07
CA GLY A 512 -6.58 1.48 20.05
C GLY A 512 -7.05 2.02 21.37
N ARG A 513 -8.33 1.80 21.70
CA ARG A 513 -8.91 2.31 22.92
C ARG A 513 -9.04 1.22 23.97
N ALA A 514 -9.37 1.64 25.19
CA ALA A 514 -9.38 0.72 26.33
C ALA A 514 -10.45 -0.35 26.18
N SER A 515 -11.63 0.00 25.70
CA SER A 515 -12.64 -1.02 25.43
C SER A 515 -12.35 -1.80 24.16
N GLY A 516 -11.35 -1.39 23.39
CA GLY A 516 -10.96 -2.07 22.17
C GLY A 516 -11.59 -1.52 20.92
N VAL A 517 -12.61 -0.67 21.04
CA VAL A 517 -13.33 -0.18 19.87
C VAL A 517 -12.45 0.81 19.12
N VAL A 518 -11.79 0.32 18.08
CA VAL A 518 -10.84 1.13 17.32
C VAL A 518 -11.57 1.83 16.19
N ASN A 519 -11.43 3.15 16.14
CA ASN A 519 -11.84 3.92 14.98
C ASN A 519 -10.61 4.14 14.11
N ARG A 520 -10.55 3.41 13.00
CA ARG A 520 -9.38 3.46 12.11
C ARG A 520 -9.60 4.50 11.02
N TYR A 521 -8.67 5.45 10.91
CA TYR A 521 -8.85 6.61 10.06
C TYR A 521 -7.91 6.59 8.86
N SER A 522 -8.39 7.14 7.74
CA SER A 522 -7.57 7.19 6.50
C SER A 522 -6.80 8.52 6.43
N LEU A 523 -6.00 8.71 5.38
CA LEU A 523 -5.25 9.98 5.20
C LEU A 523 -5.17 10.29 3.70
N PRO A 524 -5.19 11.56 3.26
CA PRO A 524 -5.49 12.70 4.14
C PRO A 524 -6.99 12.98 4.26
N HIS A 525 -7.81 12.09 3.68
CA HIS A 525 -9.29 12.25 3.79
C HIS A 525 -9.68 12.19 5.27
N LEU A 526 -8.78 11.69 6.12
CA LEU A 526 -9.04 11.56 7.54
C LEU A 526 -10.46 11.06 7.82
N THR A 527 -10.91 10.12 6.97
CA THR A 527 -12.20 9.47 7.13
C THR A 527 -12.03 8.16 7.87
N LEU A 528 -13.11 7.73 8.55
CA LEU A 528 -13.14 6.41 9.18
C LEU A 528 -13.18 5.33 8.11
N ASP A 529 -12.09 4.58 7.97
CA ASP A 529 -12.07 3.44 7.06
C ASP A 529 -12.85 2.26 7.63
N ALA A 530 -12.67 1.97 8.91
CA ALA A 530 -13.20 0.74 9.50
C ALA A 530 -13.20 0.88 11.01
N GLN A 531 -14.37 0.72 11.62
CA GLN A 531 -14.50 0.82 13.08
C GLN A 531 -14.18 -0.55 13.67
N HIS A 532 -12.92 -0.76 14.05
CA HIS A 532 -12.50 -2.03 14.62
C HIS A 532 -12.89 -2.11 16.09
N VAL A 533 -12.91 -3.35 16.60
CA VAL A 533 -13.08 -3.62 18.02
C VAL A 533 -12.04 -4.65 18.43
N LEU A 534 -11.18 -4.29 19.38
CA LEU A 534 -10.21 -5.23 19.91
C LEU A 534 -10.81 -5.95 21.11
N ARG A 535 -10.57 -7.26 21.17
CA ARG A 535 -11.18 -8.09 22.20
C ARG A 535 -10.44 -8.02 23.53
N CYS A 536 -9.31 -7.32 23.60
CA CYS A 536 -8.61 -7.10 24.85
C CYS A 536 -8.11 -5.67 24.91
N ARG A 537 -8.04 -5.13 26.12
CA ARG A 537 -7.60 -3.76 26.36
C ARG A 537 -6.10 -3.64 26.09
N PRO A 538 -5.68 -3.03 24.98
CA PRO A 538 -4.26 -3.09 24.61
C PRO A 538 -3.39 -2.17 25.46
N GLN A 539 -2.18 -2.66 25.74
CA GLN A 539 -1.13 -1.81 26.27
C GLN A 539 -0.22 -1.28 25.17
N MET A 540 -0.17 -1.94 24.02
CA MET A 540 0.54 -1.44 22.86
C MET A 540 -0.08 -2.07 21.62
N LEU A 541 0.04 -1.37 20.50
CA LEU A 541 -0.40 -1.88 19.22
C LEU A 541 0.70 -1.71 18.19
N ALA A 542 0.90 -2.75 17.38
CA ALA A 542 1.90 -2.72 16.32
C ALA A 542 1.28 -3.30 15.07
N LEU A 543 1.48 -2.62 13.95
CA LEU A 543 0.92 -3.00 12.66
C LEU A 543 1.95 -3.75 11.83
N ASN A 544 1.45 -4.64 10.97
CA ASN A 544 2.28 -5.42 10.09
C ASN A 544 2.77 -4.57 8.92
N CYS A 545 3.55 -5.20 8.03
CA CYS A 545 3.88 -4.56 6.77
C CYS A 545 2.63 -4.36 5.92
N ASN A 546 1.81 -5.40 5.80
CA ASN A 546 0.56 -5.35 5.06
C ASN A 546 -0.63 -5.07 5.96
N LEU A 547 -0.41 -4.95 7.28
CA LEU A 547 -1.41 -4.64 8.29
C LEU A 547 -2.54 -5.67 8.38
N SER A 548 -2.34 -6.86 7.81
CA SER A 548 -3.40 -7.88 7.89
C SER A 548 -3.47 -8.42 9.30
N LYS A 549 -2.42 -9.11 9.74
CA LYS A 549 -2.29 -9.50 11.12
C LYS A 549 -1.57 -8.38 11.86
N MET A 550 -2.27 -7.68 12.74
CA MET A 550 -1.57 -6.79 13.64
C MET A 550 -1.75 -7.32 15.06
N SER A 551 -0.84 -6.93 15.92
CA SER A 551 -0.76 -7.46 17.27
C SER A 551 -1.46 -6.57 18.28
N ILE A 552 -2.17 -7.21 19.20
CA ILE A 552 -2.77 -6.55 20.36
C ILE A 552 -2.22 -7.22 21.59
N ILE A 553 -1.33 -6.54 22.30
CA ILE A 553 -0.84 -7.02 23.59
C ILE A 553 -1.54 -6.21 24.66
N ASP A 554 -2.20 -6.92 25.57
CA ASP A 554 -3.11 -6.31 26.53
C ASP A 554 -2.39 -5.90 27.80
N ILE A 555 -3.17 -5.41 28.78
CA ILE A 555 -2.60 -4.89 30.03
C ILE A 555 -1.96 -5.97 30.87
N ASN A 556 -2.35 -7.23 30.70
CA ASN A 556 -1.66 -8.34 31.35
C ASN A 556 -0.50 -8.85 30.52
N GLY A 557 -0.32 -8.32 29.31
CA GLY A 557 0.82 -8.64 28.48
C GLY A 557 0.75 -9.99 27.80
N VAL A 558 -0.35 -10.26 27.09
CA VAL A 558 -0.52 -11.49 26.33
C VAL A 558 -0.76 -11.12 24.87
N LEU A 559 0.03 -11.70 23.98
CA LEU A 559 -0.07 -11.38 22.57
C LEU A 559 -1.37 -11.94 21.99
N THR A 560 -2.19 -11.05 21.45
CA THR A 560 -3.31 -11.45 20.61
C THR A 560 -3.22 -10.71 19.29
N PHE A 561 -3.52 -11.40 18.19
CA PHE A 561 -3.51 -10.75 16.91
C PHE A 561 -4.85 -10.11 16.57
N PHE A 562 -4.89 -9.55 15.36
CA PHE A 562 -6.06 -8.85 14.85
C PHE A 562 -5.97 -8.87 13.34
N ASP A 563 -6.75 -9.75 12.71
CA ASP A 563 -6.92 -9.71 11.27
C ASP A 563 -8.04 -8.73 10.96
N LEU A 564 -7.71 -7.66 10.24
CA LEU A 564 -8.56 -6.47 10.11
C LEU A 564 -9.84 -6.70 9.33
N THR A 565 -10.15 -7.93 8.92
CA THR A 565 -11.31 -8.20 8.07
C THR A 565 -12.34 -9.01 8.85
N ALA A 566 -13.30 -8.31 9.46
CA ALA A 566 -14.46 -8.94 10.07
C ALA A 566 -15.57 -7.91 10.17
N LYS A 567 -16.80 -8.41 10.32
CA LYS A 567 -18.00 -7.58 10.31
C LYS A 567 -18.62 -7.53 11.70
N ALA A 568 -19.31 -6.43 11.99
CA ALA A 568 -19.90 -6.21 13.30
C ALA A 568 -21.04 -7.19 13.56
N PRO A 569 -20.98 -7.97 14.64
CA PRO A 569 -22.09 -8.87 15.01
C PRO A 569 -23.13 -8.20 15.91
N GLY A 570 -23.60 -7.02 15.50
CA GLY A 570 -24.55 -6.29 16.30
C GLY A 570 -25.61 -5.57 15.48
N GLY A 571 -25.68 -5.90 14.19
CA GLY A 571 -26.61 -5.25 13.29
C GLY A 571 -26.12 -3.94 12.70
N GLY A 572 -24.91 -3.51 13.02
CA GLY A 572 -24.37 -2.27 12.49
C GLY A 572 -22.96 -2.41 11.96
N ALA A 573 -22.11 -1.44 12.25
CA ALA A 573 -20.72 -1.44 11.80
C ALA A 573 -19.79 -1.05 12.94
N ASN A 574 -20.14 -1.46 14.17
CA ASN A 574 -19.36 -1.09 15.34
C ASN A 574 -18.05 -1.87 15.43
N THR A 575 -18.03 -3.09 14.92
CA THR A 575 -16.88 -3.99 15.03
C THR A 575 -16.32 -4.28 13.65
N MET A 576 -15.03 -4.02 13.47
CA MET A 576 -14.28 -4.50 12.33
C MET A 576 -13.11 -5.33 12.86
N GLY A 577 -12.63 -6.26 12.04
CA GLY A 577 -11.46 -7.03 12.40
C GLY A 577 -11.75 -8.09 13.44
N GLU A 578 -10.84 -9.05 13.52
CA GLU A 578 -11.03 -10.17 14.43
C GLU A 578 -9.66 -10.68 14.89
N HIS A 579 -9.63 -11.22 16.10
CA HIS A 579 -8.41 -11.76 16.66
C HIS A 579 -8.01 -13.03 15.93
N LEU A 580 -6.86 -12.99 15.26
CA LEU A 580 -6.30 -14.23 14.73
C LEU A 580 -5.83 -15.11 15.89
N SER A 581 -6.05 -16.41 15.75
CA SER A 581 -5.82 -17.36 16.84
C SER A 581 -4.32 -17.54 17.04
N PHE A 582 -3.74 -16.61 17.80
CA PHE A 582 -2.33 -16.68 18.14
C PHE A 582 -2.14 -16.02 19.50
N GLU A 583 -1.84 -16.82 20.51
CA GLU A 583 -1.58 -16.29 21.85
C GLU A 583 -0.34 -16.96 22.43
N ARG A 584 0.50 -16.14 23.07
CA ARG A 584 1.75 -16.58 23.66
C ARG A 584 1.81 -16.13 25.11
N LYS A 585 2.54 -16.90 25.92
CA LYS A 585 2.55 -16.71 27.36
C LYS A 585 3.44 -15.53 27.71
N ASP A 586 2.83 -14.46 28.25
CA ASP A 586 3.51 -13.26 28.74
C ASP A 586 4.37 -12.62 27.64
N ALA A 587 3.68 -12.17 26.59
CA ALA A 587 4.31 -11.51 25.46
C ALA A 587 3.93 -10.03 25.50
N TRP A 588 4.95 -9.15 25.51
CA TRP A 588 4.75 -7.78 25.95
C TRP A 588 4.99 -6.70 24.91
N ASP A 589 5.78 -6.95 23.87
CA ASP A 589 5.96 -5.97 22.81
C ASP A 589 6.16 -6.72 21.50
N MET A 590 6.17 -5.98 20.39
CA MET A 590 6.20 -6.56 19.06
C MET A 590 7.13 -5.79 18.15
N ARG A 591 7.72 -6.50 17.20
CA ARG A 591 8.36 -5.88 16.04
C ARG A 591 7.87 -6.66 14.81
N TRP A 592 6.81 -6.16 14.17
CA TRP A 592 6.25 -6.86 13.03
C TRP A 592 7.21 -6.85 11.86
N ALA A 593 7.11 -7.88 11.03
CA ALA A 593 7.95 -7.98 9.85
C ALA A 593 7.57 -6.94 8.82
N ASP A 594 8.59 -6.38 8.17
CA ASP A 594 8.38 -5.48 7.05
C ASP A 594 8.59 -6.19 5.71
N ASP A 595 8.80 -7.51 5.73
CA ASP A 595 8.82 -8.30 4.51
C ASP A 595 7.66 -9.26 4.40
N ASN A 596 7.49 -10.17 5.37
CA ASN A 596 6.55 -11.26 5.26
C ASN A 596 5.38 -11.00 6.18
N PRO A 597 4.14 -11.02 5.67
CA PRO A 597 2.97 -10.72 6.52
C PRO A 597 2.80 -11.69 7.68
N GLU A 598 3.16 -12.95 7.48
CA GLU A 598 3.03 -13.95 8.52
C GLU A 598 4.16 -13.90 9.54
N LEU A 599 5.25 -13.19 9.24
CA LEU A 599 6.37 -13.11 10.16
C LEU A 599 6.18 -11.97 11.16
N PHE A 600 6.78 -12.14 12.33
CA PHE A 600 6.81 -11.09 13.34
C PHE A 600 7.92 -11.38 14.33
N ALA A 601 8.64 -10.34 14.72
CA ALA A 601 9.71 -10.44 15.71
C ALA A 601 9.14 -10.03 17.06
N MET A 602 8.38 -10.94 17.65
CA MET A 602 7.66 -10.68 18.90
C MET A 602 8.59 -10.68 20.11
N MET A 603 8.22 -9.90 21.12
CA MET A 603 8.77 -10.04 22.46
C MET A 603 7.93 -11.06 23.23
N GLU A 604 8.57 -12.13 23.68
CA GLU A 604 8.04 -12.87 24.82
C GLU A 604 8.81 -12.33 26.04
N LYS A 605 8.79 -13.04 27.18
CA LYS A 605 9.35 -12.62 28.47
C LYS A 605 10.73 -11.97 28.32
N THR A 606 11.70 -12.74 27.83
CA THR A 606 12.96 -12.20 27.36
C THR A 606 13.24 -12.78 25.98
N ARG A 607 12.82 -14.02 25.76
CA ARG A 607 13.02 -14.68 24.49
C ARG A 607 12.22 -13.99 23.40
N MET A 608 12.84 -13.86 22.24
CA MET A 608 12.23 -13.16 21.11
C MET A 608 11.93 -14.22 20.06
N TYR A 609 10.68 -14.70 20.06
CA TYR A 609 10.26 -15.68 19.08
C TYR A 609 10.14 -15.06 17.70
N ILE A 610 10.28 -15.90 16.69
CA ILE A 610 9.94 -15.56 15.31
C ILE A 610 8.98 -16.63 14.82
N PHE A 611 7.99 -16.25 14.04
CA PHE A 611 7.04 -17.21 13.49
C PHE A 611 6.85 -16.92 12.01
N ARG A 612 7.24 -17.86 11.16
CA ARG A 612 6.92 -17.76 9.72
C ARG A 612 5.50 -18.30 9.55
N GLY A 613 4.54 -17.50 10.03
CA GLY A 613 3.18 -17.97 10.18
C GLY A 613 2.75 -17.90 11.62
N LEU A 614 2.06 -18.94 12.08
CA LEU A 614 1.82 -19.13 13.51
C LEU A 614 2.61 -20.32 14.05
N ASP A 615 3.58 -20.83 13.27
CA ASP A 615 4.55 -21.85 13.66
C ASP A 615 5.93 -21.25 13.90
N PRO A 616 6.61 -21.67 14.96
CA PRO A 616 7.80 -20.93 15.41
C PRO A 616 9.01 -21.11 14.51
N GLU A 617 9.67 -19.99 14.23
CA GLU A 617 11.01 -19.96 13.70
C GLU A 617 11.98 -20.03 14.87
N GLU A 618 13.26 -19.70 14.65
CA GLU A 618 14.22 -19.73 15.75
C GLU A 618 13.86 -18.71 16.83
N PRO A 619 13.80 -19.13 18.09
CA PRO A 619 13.56 -18.20 19.22
C PRO A 619 14.79 -17.36 19.53
N VAL A 620 15.08 -16.44 18.62
CA VAL A 620 16.30 -15.63 18.68
C VAL A 620 16.13 -14.55 19.73
N THR A 621 16.60 -14.82 20.95
CA THR A 621 16.27 -13.99 22.11
C THR A 621 16.83 -12.58 21.97
N SER A 622 15.97 -11.59 22.18
CA SER A 622 16.32 -10.18 22.04
C SER A 622 15.55 -9.41 23.10
N SER A 623 16.18 -9.20 24.27
CA SER A 623 15.62 -8.26 25.23
C SER A 623 15.77 -6.82 24.77
N ALA A 624 16.62 -6.58 23.78
CA ALA A 624 16.71 -5.26 23.17
C ALA A 624 15.41 -4.89 22.49
N TYR A 625 14.98 -3.65 22.72
CA TYR A 625 13.80 -3.12 22.04
C TYR A 625 14.10 -2.99 20.55
N LEU A 626 13.46 -3.83 19.74
CA LEU A 626 13.87 -3.98 18.35
C LEU A 626 13.51 -2.74 17.53
N CYS A 627 14.18 -2.62 16.39
CA CYS A 627 14.02 -1.49 15.48
C CYS A 627 13.27 -1.86 14.21
N SER A 628 13.69 -2.94 13.55
CA SER A 628 13.08 -3.32 12.28
C SER A 628 13.22 -4.82 12.05
N PHE A 629 12.12 -5.44 11.65
CA PHE A 629 12.12 -6.81 11.13
C PHE A 629 11.79 -6.68 9.65
N HIS A 630 12.78 -6.97 8.80
CA HIS A 630 12.59 -6.86 7.35
C HIS A 630 13.63 -7.74 6.66
N ASP A 631 13.22 -8.31 5.52
CA ASP A 631 14.06 -9.20 4.71
C ASP A 631 14.59 -10.35 5.56
N LEU A 632 13.69 -10.94 6.36
CA LEU A 632 13.98 -12.07 7.24
C LEU A 632 15.04 -11.73 8.27
N GLU A 633 15.20 -10.44 8.58
CA GLU A 633 16.33 -9.93 9.37
C GLU A 633 15.81 -8.94 10.40
N ILE A 634 16.47 -8.88 11.55
CA ILE A 634 15.95 -8.20 12.73
C ILE A 634 17.00 -7.22 13.27
N THR A 635 16.59 -5.97 13.48
CA THR A 635 17.44 -4.92 14.03
C THR A 635 17.06 -4.68 15.50
N ALA A 636 18.06 -4.42 16.34
CA ALA A 636 17.86 -4.32 17.78
C ALA A 636 18.43 -3.01 18.32
N ALA A 637 17.90 -2.61 19.49
CA ALA A 637 18.39 -1.45 20.23
C ALA A 637 18.44 -1.83 21.70
N PHE A 638 19.65 -2.04 22.23
CA PHE A 638 19.84 -2.49 23.61
C PHE A 638 19.74 -1.29 24.56
N LEU A 639 18.51 -0.78 24.67
CA LEU A 639 18.27 0.51 25.33
C LEU A 639 18.68 0.50 26.80
N ASP A 640 18.48 -0.62 27.49
CA ASP A 640 18.89 -0.70 28.89
C ASP A 640 20.40 -0.55 29.03
N ASP A 641 21.16 -1.10 28.08
CA ASP A 641 22.59 -0.87 28.04
C ASP A 641 22.91 0.54 27.56
N ILE A 642 22.05 1.12 26.73
CA ILE A 642 22.20 2.51 26.32
C ILE A 642 21.59 3.46 27.35
N MET A 643 20.86 2.93 28.35
CA MET A 643 20.68 3.71 29.57
C MET A 643 21.99 3.80 30.35
N GLN A 644 22.78 2.72 30.32
CA GLN A 644 24.08 2.72 30.97
C GLN A 644 25.14 3.46 30.17
N GLN A 645 24.93 3.66 28.87
CA GLN A 645 25.81 4.49 28.04
C GLN A 645 24.96 5.49 27.26
N PRO A 646 24.33 6.45 27.95
CA PRO A 646 23.43 7.37 27.24
C PRO A 646 24.11 8.61 26.67
N ASP A 647 25.18 9.05 27.30
CA ASP A 647 26.02 10.11 26.77
C ASP A 647 27.16 9.56 25.92
N GLN A 648 27.43 8.26 26.02
CA GLN A 648 28.42 7.58 25.20
C GLN A 648 27.86 6.32 24.56
N PRO A 649 26.82 6.45 23.73
CA PRO A 649 26.24 5.26 23.09
C PRO A 649 27.12 4.82 21.93
N ASP A 650 26.81 3.63 21.41
CA ASP A 650 27.67 3.06 20.37
C ASP A 650 26.86 2.08 19.53
N LEU A 651 27.40 1.78 18.35
CA LEU A 651 26.79 0.84 17.42
C LEU A 651 26.90 -0.61 17.89
N GLU A 652 27.68 -0.86 18.94
CA GLU A 652 27.79 -2.21 19.49
C GLU A 652 26.46 -2.73 20.01
N PHE A 653 25.60 -1.84 20.52
CA PHE A 653 24.28 -2.23 20.97
C PHE A 653 23.31 -2.44 19.82
N MET A 654 23.59 -1.84 18.66
CA MET A 654 22.74 -2.01 17.48
C MET A 654 23.17 -3.26 16.71
N VAL A 655 22.91 -4.40 17.34
CA VAL A 655 23.21 -5.70 16.74
C VAL A 655 22.13 -6.03 15.72
N MET A 656 22.39 -7.03 14.88
CA MET A 656 21.49 -7.41 13.79
C MET A 656 21.09 -8.87 13.98
N TYR A 657 19.92 -9.09 14.57
CA TYR A 657 19.40 -10.43 14.72
C TYR A 657 18.85 -10.94 13.39
N GLU A 658 18.64 -12.25 13.31
CA GLU A 658 18.17 -12.85 12.08
C GLU A 658 17.24 -14.01 12.39
N THR A 659 16.41 -14.34 11.41
CA THR A 659 15.64 -15.56 11.41
C THR A 659 16.47 -16.70 10.86
N ARG A 660 16.08 -17.94 11.21
CA ARG A 660 16.75 -19.08 10.59
C ARG A 660 16.39 -19.20 9.12
N SER A 661 15.32 -18.55 8.69
CA SER A 661 15.02 -18.41 7.27
C SER A 661 16.17 -17.72 6.55
N LEU A 662 16.47 -16.48 6.95
CA LEU A 662 17.61 -15.78 6.38
C LEU A 662 18.91 -16.49 6.70
N ARG A 663 19.04 -17.00 7.92
CA ARG A 663 20.30 -17.61 8.34
C ARG A 663 20.66 -18.79 7.47
N ASP A 664 19.78 -19.79 7.37
CA ASP A 664 20.12 -20.95 6.56
C ASP A 664 20.12 -20.61 5.07
N THR A 665 19.23 -19.71 4.62
CA THR A 665 19.20 -19.35 3.21
C THR A 665 20.50 -18.71 2.77
N ARG A 666 20.85 -17.56 3.34
CA ARG A 666 22.10 -16.91 2.97
C ARG A 666 23.33 -17.72 3.39
N GLU A 667 23.19 -18.64 4.37
CA GLU A 667 24.29 -19.51 4.73
C GLU A 667 24.63 -20.45 3.58
N LEU A 668 23.62 -21.12 3.02
CA LEU A 668 23.89 -21.94 1.84
C LEU A 668 24.10 -21.11 0.58
N LEU A 669 23.69 -19.84 0.58
CA LEU A 669 24.06 -18.95 -0.52
C LEU A 669 25.56 -18.72 -0.54
N LYS A 670 26.12 -18.37 0.61
CA LYS A 670 27.55 -18.09 0.69
C LYS A 670 28.40 -19.34 0.67
N SER A 671 27.89 -20.45 1.22
CA SER A 671 28.66 -21.70 1.21
C SER A 671 28.54 -22.42 -0.12
N ALA A 672 27.33 -22.84 -0.48
CA ALA A 672 27.09 -23.49 -1.76
C ALA A 672 26.98 -22.45 -2.84
N SER A 673 27.67 -22.67 -3.96
CA SER A 673 27.66 -21.71 -5.05
C SER A 673 26.26 -21.57 -5.64
N VAL A 674 25.75 -22.61 -6.26
CA VAL A 674 24.43 -22.59 -6.89
C VAL A 674 23.67 -23.83 -6.47
N ASP A 675 24.38 -24.77 -5.83
CA ASP A 675 23.88 -26.11 -5.58
C ASP A 675 22.64 -26.12 -4.70
N ASP A 676 22.79 -25.72 -3.45
CA ASP A 676 21.63 -25.47 -2.60
C ASP A 676 21.09 -24.07 -2.77
N ALA A 677 21.86 -23.20 -3.43
CA ALA A 677 21.64 -21.76 -3.34
C ALA A 677 20.41 -21.31 -4.14
N TYR A 678 20.36 -21.70 -5.42
CA TYR A 678 19.47 -21.09 -6.39
C TYR A 678 18.01 -21.29 -6.04
N ALA A 679 17.61 -22.55 -5.80
CA ALA A 679 16.21 -22.83 -5.48
C ALA A 679 15.85 -22.33 -4.08
N PHE A 680 16.79 -22.38 -3.14
CA PHE A 680 16.50 -21.96 -1.78
C PHE A 680 16.39 -20.45 -1.64
N VAL A 681 16.85 -19.67 -2.61
CA VAL A 681 16.45 -18.26 -2.62
C VAL A 681 14.94 -18.15 -2.78
N ASP A 682 14.37 -18.90 -3.73
CA ASP A 682 12.94 -18.84 -3.93
C ASP A 682 12.18 -19.59 -2.85
N SER A 683 12.84 -20.50 -2.13
CA SER A 683 12.20 -21.18 -1.01
C SER A 683 11.92 -20.22 0.14
N ASN A 684 12.92 -19.46 0.55
CA ASN A 684 12.77 -18.42 1.56
C ASN A 684 12.88 -17.10 0.81
N SER A 685 11.73 -16.46 0.62
CA SER A 685 11.50 -15.47 -0.43
C SER A 685 12.15 -14.13 -0.14
N HIS A 686 11.64 -13.07 -0.80
CA HIS A 686 12.16 -11.71 -0.73
C HIS A 686 13.54 -11.66 -1.37
N PRO A 687 13.60 -11.49 -2.70
CA PRO A 687 14.83 -11.73 -3.48
C PRO A 687 15.99 -10.78 -3.20
N ARG A 688 15.95 -10.10 -2.04
CA ARG A 688 17.18 -9.65 -1.43
C ARG A 688 18.18 -10.79 -1.31
N LEU A 689 17.69 -12.01 -1.01
CA LEU A 689 18.55 -13.18 -1.08
C LEU A 689 18.99 -13.51 -2.50
N TRP A 690 18.22 -13.12 -3.53
CA TRP A 690 18.74 -13.26 -4.88
C TRP A 690 19.93 -12.34 -5.09
N ARG A 691 19.90 -11.15 -4.49
CA ARG A 691 21.09 -10.31 -4.50
C ARG A 691 22.21 -10.90 -3.65
N ASN A 692 21.87 -11.54 -2.53
CA ASN A 692 22.89 -12.19 -1.71
C ASN A 692 23.64 -13.23 -2.53
N LEU A 693 22.89 -14.11 -3.19
CA LEU A 693 23.49 -15.09 -4.09
C LEU A 693 24.20 -14.42 -5.26
N ALA A 694 23.63 -13.36 -5.81
CA ALA A 694 24.11 -12.81 -7.06
C ALA A 694 25.43 -12.05 -6.88
N GLU A 695 25.47 -11.07 -5.98
CA GLU A 695 26.77 -10.47 -5.66
C GLU A 695 27.68 -11.38 -4.86
N HIS A 696 27.19 -12.45 -4.23
CA HIS A 696 28.14 -13.38 -3.63
C HIS A 696 28.89 -14.15 -4.72
N ALA A 697 28.17 -14.67 -5.70
CA ALA A 697 28.80 -15.35 -6.82
C ALA A 697 29.50 -14.39 -7.77
N LEU A 698 29.15 -13.10 -7.71
CA LEU A 698 29.92 -12.07 -8.39
C LEU A 698 31.26 -11.84 -7.70
N GLU A 699 31.25 -11.80 -6.36
CA GLU A 699 32.49 -11.64 -5.62
C GLU A 699 33.37 -12.87 -5.71
N GLN A 700 32.76 -14.06 -5.67
CA GLN A 700 33.48 -15.31 -5.88
C GLN A 700 33.60 -15.65 -7.37
N LEU A 701 33.12 -14.76 -8.24
CA LEU A 701 33.38 -14.77 -9.68
C LEU A 701 32.75 -15.97 -10.38
N ASP A 702 31.59 -16.40 -9.89
CA ASP A 702 30.80 -17.44 -10.55
C ASP A 702 29.89 -16.75 -11.55
N PHE A 703 30.43 -16.45 -12.72
CA PHE A 703 29.74 -15.67 -13.74
C PHE A 703 28.64 -16.44 -14.46
N THR A 704 28.24 -17.59 -13.92
CA THR A 704 27.00 -18.26 -14.26
C THR A 704 26.03 -18.28 -13.09
N THR A 705 26.52 -18.60 -11.90
CA THR A 705 25.69 -18.50 -10.70
C THR A 705 25.32 -17.04 -10.42
N ALA A 706 26.29 -16.14 -10.51
CA ALA A 706 25.97 -14.72 -10.39
C ALA A 706 25.10 -14.27 -11.54
N ASP A 707 25.41 -14.73 -12.77
CA ASP A 707 24.63 -14.34 -13.93
C ASP A 707 23.18 -14.76 -13.78
N LYS A 708 22.94 -16.03 -13.47
CA LYS A 708 21.58 -16.53 -13.37
C LYS A 708 20.89 -16.12 -12.08
N ALA A 709 21.64 -15.73 -11.04
CA ALA A 709 21.02 -15.17 -9.86
C ALA A 709 20.62 -13.73 -10.07
N PHE A 710 21.35 -13.01 -10.92
CA PHE A 710 20.92 -11.71 -11.42
C PHE A 710 19.82 -11.85 -12.46
N VAL A 711 19.66 -13.04 -13.05
CA VAL A 711 18.53 -13.28 -13.95
C VAL A 711 17.23 -13.31 -13.17
N ARG A 712 17.22 -13.98 -12.01
CA ARG A 712 15.96 -14.18 -11.31
C ARG A 712 15.49 -12.94 -10.56
N CYS A 713 16.28 -11.88 -10.48
CA CYS A 713 15.86 -10.70 -9.76
C CYS A 713 16.39 -9.44 -10.47
N ALA A 714 16.22 -8.30 -9.82
CA ALA A 714 16.38 -7.00 -10.45
C ALA A 714 17.73 -6.39 -10.10
N ASP A 715 18.69 -6.48 -11.02
CA ASP A 715 19.93 -5.72 -10.89
C ASP A 715 20.65 -5.67 -12.22
N TYR A 716 20.90 -4.46 -12.71
CA TYR A 716 21.69 -4.25 -13.93
C TYR A 716 23.18 -4.05 -13.63
N GLN A 717 23.49 -3.21 -12.63
CA GLN A 717 24.89 -2.94 -12.33
C GLN A 717 25.60 -4.19 -11.83
N GLY A 718 24.89 -5.07 -11.13
CA GLY A 718 25.49 -6.31 -10.69
C GLY A 718 25.82 -7.24 -11.85
N ILE A 719 24.90 -7.40 -12.80
CA ILE A 719 25.19 -8.25 -13.95
C ILE A 719 26.23 -7.59 -14.86
N GLN A 720 26.28 -6.26 -14.86
CA GLN A 720 27.38 -5.56 -15.55
C GLN A 720 28.70 -5.86 -14.88
N PHE A 721 28.73 -5.93 -13.55
CA PHE A 721 29.94 -6.29 -12.84
C PHE A 721 30.32 -7.76 -13.09
N VAL A 722 29.31 -8.62 -13.27
CA VAL A 722 29.57 -10.00 -13.65
C VAL A 722 30.27 -10.06 -14.99
N LYS A 723 29.79 -9.28 -15.96
CA LYS A 723 30.47 -9.22 -17.24
C LYS A 723 31.78 -8.45 -17.17
N HIS A 724 31.96 -7.59 -16.15
CA HIS A 724 33.20 -6.86 -16.00
C HIS A 724 34.31 -7.76 -15.50
N LEU A 725 34.12 -8.36 -14.31
CA LEU A 725 35.10 -9.26 -13.74
C LEU A 725 35.27 -10.52 -14.58
N GLY A 726 34.27 -10.88 -15.40
CA GLY A 726 34.48 -11.92 -16.38
C GLY A 726 35.44 -11.54 -17.48
N LYS A 727 35.69 -10.23 -17.66
CA LYS A 727 36.61 -9.75 -18.67
C LYS A 727 37.68 -8.82 -18.10
N LEU A 728 37.64 -8.50 -16.82
CA LEU A 728 38.67 -7.66 -16.23
C LEU A 728 39.98 -8.44 -16.10
N ASP A 729 41.10 -7.72 -16.26
CA ASP A 729 42.36 -8.35 -16.60
C ASP A 729 42.97 -9.15 -15.44
N ASP A 730 43.32 -8.49 -14.35
CA ASP A 730 44.07 -9.10 -13.26
C ASP A 730 43.15 -9.35 -12.08
N LYS A 731 43.33 -10.50 -11.43
CA LYS A 731 42.50 -10.87 -10.29
C LYS A 731 42.71 -9.94 -9.11
N ALA A 732 43.97 -9.58 -8.84
CA ALA A 732 44.25 -8.53 -7.88
C ALA A 732 43.62 -7.22 -8.31
N LYS A 733 43.73 -6.90 -9.60
CA LYS A 733 43.03 -5.74 -10.12
C LYS A 733 41.52 -5.94 -10.11
N GLN A 734 41.05 -7.17 -10.26
CA GLN A 734 39.61 -7.41 -10.18
C GLN A 734 39.06 -7.06 -8.81
N ARG A 735 39.69 -7.59 -7.76
CA ARG A 735 39.23 -7.29 -6.41
C ARG A 735 39.52 -5.83 -6.03
N ALA A 736 40.61 -5.24 -6.53
CA ALA A 736 40.91 -3.86 -6.21
C ALA A 736 39.93 -2.90 -6.89
N GLU A 737 39.57 -3.17 -8.14
CA GLU A 737 38.57 -2.36 -8.81
C GLU A 737 37.19 -2.57 -8.20
N VAL A 738 36.88 -3.79 -7.76
CA VAL A 738 35.63 -4.01 -7.02
C VAL A 738 35.64 -3.20 -5.73
N ALA A 739 36.76 -3.18 -5.03
CA ALA A 739 36.87 -2.44 -3.77
C ALA A 739 36.73 -0.95 -3.98
N VAL A 740 37.34 -0.40 -5.05
CA VAL A 740 37.17 1.02 -5.31
C VAL A 740 35.75 1.31 -5.82
N TYR A 741 35.09 0.34 -6.45
CA TYR A 741 33.66 0.48 -6.74
C TYR A 741 32.84 0.46 -5.45
N PHE A 742 33.16 -0.48 -4.56
CA PHE A 742 32.33 -0.79 -3.40
C PHE A 742 32.79 -0.06 -2.15
N LYS A 743 33.42 1.10 -2.30
CA LYS A 743 33.87 2.02 -1.24
C LYS A 743 35.00 1.44 -0.40
N ARG A 744 35.42 0.19 -0.65
CA ARG A 744 36.47 -0.45 0.16
C ARG A 744 37.81 0.14 -0.23
N PHE A 745 38.08 1.34 0.30
CA PHE A 745 39.39 1.96 0.07
C PHE A 745 40.50 1.17 0.73
N ASP A 746 40.19 0.47 1.83
CA ASP A 746 41.17 -0.38 2.49
C ASP A 746 41.54 -1.57 1.61
N GLU A 747 40.55 -2.28 1.07
CA GLU A 747 40.85 -3.47 0.29
C GLU A 747 41.42 -3.12 -1.07
N ALA A 748 41.05 -1.95 -1.61
CA ALA A 748 41.69 -1.46 -2.82
C ALA A 748 43.15 -1.12 -2.53
N GLU A 749 43.40 -0.40 -1.44
CA GLU A 749 44.76 -0.13 -0.99
C GLU A 749 45.49 -1.41 -0.62
N GLN A 750 44.75 -2.43 -0.15
CA GLN A 750 45.33 -3.75 0.10
C GLN A 750 45.85 -4.40 -1.17
N LEU A 751 45.31 -4.03 -2.34
CA LEU A 751 45.81 -4.56 -3.60
C LEU A 751 46.46 -3.50 -4.46
N TYR A 752 46.81 -2.36 -3.87
CA TYR A 752 47.73 -1.42 -4.48
C TYR A 752 49.03 -1.44 -3.69
N MET A 753 50.12 -1.06 -4.35
CA MET A 753 51.51 -1.41 -4.01
C MET A 753 51.71 -2.93 -3.93
N ARG A 754 50.80 -3.72 -4.49
CA ARG A 754 50.93 -5.17 -4.59
C ARG A 754 50.95 -5.63 -6.04
N MET A 755 50.13 -5.02 -6.89
CA MET A 755 50.29 -5.03 -8.32
C MET A 755 51.00 -3.79 -8.82
N ASP A 756 51.74 -3.11 -7.94
CA ASP A 756 52.68 -2.04 -8.27
C ASP A 756 51.99 -0.83 -8.92
N ARG A 757 51.07 -0.23 -8.17
CA ARG A 757 50.53 1.08 -8.48
C ARG A 757 50.48 1.89 -7.20
N PRO A 758 51.61 2.46 -6.77
CA PRO A 758 51.60 3.27 -5.54
C PRO A 758 50.73 4.50 -5.63
N ASP A 759 50.65 5.10 -6.83
CA ASP A 759 49.88 6.33 -7.00
C ASP A 759 48.39 6.11 -6.82
N LEU A 760 47.88 4.89 -6.99
CA LEU A 760 46.43 4.74 -6.94
C LEU A 760 45.93 4.58 -5.50
N ALA A 761 46.69 3.89 -4.64
CA ALA A 761 46.41 3.97 -3.21
C ALA A 761 46.81 5.32 -2.62
N ILE A 762 47.78 5.99 -3.26
CA ILE A 762 48.00 7.39 -2.95
C ILE A 762 46.75 8.19 -3.25
N ASP A 763 46.00 7.82 -4.28
CA ASP A 763 44.72 8.46 -4.56
C ASP A 763 43.65 8.10 -3.51
N MET A 764 43.59 6.82 -3.11
CA MET A 764 42.64 6.42 -2.06
C MET A 764 42.87 7.14 -0.74
N ARG A 765 44.12 7.19 -0.26
CA ARG A 765 44.40 7.97 0.94
C ARG A 765 44.33 9.47 0.65
N MET A 766 44.61 9.84 -0.59
CA MET A 766 44.60 11.22 -1.04
C MET A 766 43.20 11.79 -0.97
N ARG A 767 42.21 11.01 -1.37
CA ARG A 767 40.83 11.37 -1.20
C ARG A 767 40.44 11.26 0.27
N LEU A 768 39.70 12.27 0.75
CA LEU A 768 39.13 12.40 2.10
C LEU A 768 40.21 12.60 3.17
N GLY A 769 39.86 13.32 4.24
CA GLY A 769 40.75 13.55 5.35
C GLY A 769 41.33 14.95 5.35
N ASP A 770 42.23 15.18 6.31
CA ASP A 770 42.99 16.42 6.33
C ASP A 770 43.90 16.48 5.11
N TRP A 771 44.14 17.70 4.63
CA TRP A 771 44.83 17.89 3.37
C TRP A 771 46.29 18.22 3.54
N PHE A 772 46.83 18.06 4.74
CA PHE A 772 48.28 18.16 4.91
C PHE A 772 48.97 16.92 4.36
N LYS A 773 48.64 15.74 4.90
CA LYS A 773 49.18 14.49 4.39
C LYS A 773 48.73 14.26 2.95
N VAL A 774 47.57 14.81 2.59
CA VAL A 774 47.13 14.80 1.19
C VAL A 774 47.98 15.74 0.35
N GLU A 775 48.50 16.82 0.93
CA GLU A 775 49.48 17.62 0.21
C GLU A 775 50.77 16.83 -0.02
N ARG A 776 51.23 16.09 1.00
CA ARG A 776 52.37 15.19 0.75
C ARG A 776 52.04 14.10 -0.26
N LEU A 777 50.80 13.62 -0.32
CA LEU A 777 50.44 12.66 -1.35
C LEU A 777 50.40 13.31 -2.73
N ILE A 778 50.03 14.59 -2.81
CA ILE A 778 50.07 15.34 -4.06
C ILE A 778 51.51 15.50 -4.54
N ARG A 779 52.39 15.94 -3.64
CA ARG A 779 53.76 16.24 -4.05
C ARG A 779 54.61 14.99 -4.24
N GLU A 780 54.35 13.92 -3.50
CA GLU A 780 55.15 12.70 -3.63
C GLU A 780 54.82 11.93 -4.90
N SER A 781 53.66 12.15 -5.48
CA SER A 781 53.25 11.47 -6.71
C SER A 781 52.06 12.22 -7.29
N SER A 782 52.11 12.50 -8.59
CA SER A 782 51.04 13.24 -9.25
C SER A 782 49.86 12.31 -9.45
N GLY A 783 49.07 12.15 -8.38
CA GLY A 783 47.85 11.36 -8.45
C GLY A 783 46.66 12.23 -8.77
N ASP A 784 45.74 12.37 -7.83
CA ASP A 784 44.62 13.31 -7.97
C ASP A 784 45.03 14.65 -7.38
N ASP A 785 46.05 15.24 -8.01
CA ASP A 785 46.65 16.46 -7.48
C ASP A 785 45.73 17.65 -7.61
N ALA A 786 45.06 17.80 -8.77
CA ALA A 786 44.21 18.96 -9.00
C ALA A 786 42.95 18.93 -8.16
N GLN A 787 42.26 17.78 -8.15
CA GLN A 787 41.04 17.64 -7.36
C GLN A 787 41.31 17.82 -5.87
N LEU A 788 42.45 17.35 -5.40
CA LEU A 788 42.68 17.47 -3.97
C LEU A 788 43.37 18.76 -3.59
N LEU A 789 44.00 19.46 -4.54
CA LEU A 789 44.31 20.87 -4.31
C LEU A 789 43.03 21.69 -4.20
N ASN A 790 42.03 21.36 -5.02
CA ASN A 790 40.70 21.95 -4.86
C ASN A 790 40.11 21.61 -3.50
N ALA A 791 40.32 20.39 -3.02
CA ALA A 791 39.86 20.02 -1.70
C ALA A 791 40.63 20.73 -0.59
N HIS A 792 41.94 20.95 -0.80
CA HIS A 792 42.73 21.81 0.07
C HIS A 792 42.07 23.17 0.20
N ASN A 793 41.72 23.76 -0.95
CA ASN A 793 40.99 25.02 -0.98
C ASN A 793 39.61 24.91 -0.33
N LYS A 794 38.95 23.75 -0.44
CA LYS A 794 37.59 23.58 0.07
C LYS A 794 37.58 23.57 1.60
N ILE A 795 38.45 22.77 2.21
CA ILE A 795 38.49 22.82 3.68
C ILE A 795 39.29 24.02 4.15
N GLY A 796 40.07 24.65 3.28
CA GLY A 796 40.61 25.96 3.61
C GLY A 796 39.52 27.01 3.77
N GLN A 797 38.60 27.07 2.81
CA GLN A 797 37.51 28.03 2.94
C GLN A 797 36.51 27.61 4.00
N TYR A 798 36.41 26.30 4.28
CA TYR A 798 35.58 25.85 5.40
C TYR A 798 36.17 26.27 6.74
N TYR A 799 37.49 26.15 6.90
CA TYR A 799 38.18 26.66 8.08
C TYR A 799 38.07 28.17 8.15
N SER A 800 38.16 28.84 6.99
CA SER A 800 37.92 30.25 6.91
C SER A 800 36.50 30.60 7.28
N ASP A 801 35.54 29.75 6.91
CA ASP A 801 34.15 29.93 7.30
C ASP A 801 33.92 29.59 8.77
N ARG A 802 34.91 29.05 9.47
CA ARG A 802 34.71 28.64 10.86
C ARG A 802 35.81 29.20 11.76
N HIS A 803 36.33 30.39 11.42
CA HIS A 803 37.31 31.12 12.24
C HIS A 803 38.58 30.30 12.50
N LYS A 804 38.99 29.52 11.50
CA LYS A 804 40.24 28.78 11.55
C LYS A 804 41.11 29.24 10.39
N TRP A 805 41.23 30.56 10.26
CA TRP A 805 41.88 31.19 9.11
C TRP A 805 43.35 30.81 9.00
N GLY A 806 43.98 30.38 10.10
CA GLY A 806 45.39 30.03 10.05
C GLY A 806 45.64 28.68 9.39
N LYS A 807 44.88 27.66 9.80
CA LYS A 807 44.97 26.36 9.13
C LYS A 807 44.55 26.49 7.68
N ALA A 808 43.56 27.34 7.42
CA ALA A 808 43.25 27.75 6.06
C ALA A 808 44.45 28.37 5.36
N ALA A 809 45.26 29.14 6.10
CA ALA A 809 46.40 29.81 5.49
C ALA A 809 47.47 28.80 5.07
N GLN A 810 47.75 27.79 5.90
CA GLN A 810 48.68 26.80 5.34
C GLN A 810 48.01 25.86 4.35
N TYR A 811 46.68 25.77 4.32
CA TYR A 811 46.04 25.11 3.18
C TYR A 811 46.28 25.86 1.88
N TYR A 812 46.15 27.19 1.90
CA TYR A 812 46.44 27.97 0.70
C TYR A 812 47.94 28.14 0.46
N ALA A 813 48.77 27.77 1.43
CA ALA A 813 50.16 27.49 1.12
C ALA A 813 50.29 26.14 0.40
N GLN A 814 49.53 25.14 0.84
CA GLN A 814 49.50 23.85 0.17
C GLN A 814 48.78 23.94 -1.17
N ALA A 815 47.62 24.58 -1.19
CA ALA A 815 46.93 24.92 -2.42
C ALA A 815 47.47 26.27 -2.93
N LYS A 816 46.75 26.92 -3.83
CA LYS A 816 47.10 28.27 -4.26
C LYS A 816 45.84 29.13 -4.25
N ASN A 817 45.73 30.01 -3.26
CA ASN A 817 44.62 30.96 -3.18
C ASN A 817 45.06 32.12 -2.31
N SER A 818 45.33 33.28 -2.93
CA SER A 818 45.95 34.39 -2.22
C SER A 818 44.98 35.47 -1.79
N GLU A 819 43.90 35.72 -2.55
CA GLU A 819 42.88 36.64 -2.06
C GLU A 819 42.12 36.03 -0.88
N MET A 820 41.96 34.72 -0.87
CA MET A 820 41.32 34.15 0.31
C MET A 820 42.30 34.07 1.46
N LEU A 821 43.62 34.11 1.18
CA LEU A 821 44.61 34.37 2.22
C LEU A 821 44.49 35.78 2.76
N VAL A 822 44.17 36.74 1.87
CA VAL A 822 43.86 38.10 2.31
C VAL A 822 42.69 38.09 3.27
N GLU A 823 41.66 37.31 2.95
CA GLU A 823 40.55 37.15 3.88
C GLU A 823 40.97 36.41 5.16
N CYS A 824 41.95 35.51 5.05
CA CYS A 824 42.44 34.76 6.21
C CYS A 824 43.11 35.69 7.21
N PHE A 825 43.97 36.58 6.73
CA PHE A 825 44.65 37.54 7.58
C PHE A 825 43.90 38.85 7.69
N TYR A 826 42.69 38.92 7.15
CA TYR A 826 41.86 40.12 7.19
C TYR A 826 40.94 40.12 8.41
N ALA A 827 40.29 38.99 8.68
CA ALA A 827 39.49 38.83 9.88
C ALA A 827 40.32 38.51 11.12
N LEU A 828 41.58 38.12 10.93
CA LEU A 828 42.49 37.86 12.04
C LEU A 828 43.29 39.09 12.43
N GLU A 829 42.96 40.26 11.84
CA GLU A 829 43.61 41.54 12.15
C GLU A 829 45.11 41.49 11.88
N ASP A 830 45.47 40.98 10.70
CA ASP A 830 46.84 40.81 10.26
C ASP A 830 47.05 41.46 8.90
N PHE A 831 46.67 42.74 8.79
CA PHE A 831 46.69 43.48 7.53
C PHE A 831 48.10 43.67 6.97
N VAL A 832 49.13 43.48 7.80
CA VAL A 832 50.50 43.43 7.30
C VAL A 832 50.66 42.27 6.32
N ALA A 833 50.02 41.14 6.62
CA ALA A 833 50.01 40.04 5.66
C ALA A 833 49.17 40.37 4.43
N LEU A 834 48.19 41.28 4.54
CA LEU A 834 47.48 41.74 3.34
C LEU A 834 48.42 42.53 2.43
N GLY A 835 49.21 43.43 3.04
CA GLY A 835 50.23 44.12 2.28
C GLY A 835 51.29 43.19 1.73
N ARG A 836 51.56 42.08 2.43
CA ARG A 836 52.38 41.01 1.86
C ARG A 836 51.71 40.41 0.63
N LEU A 837 50.40 40.19 0.72
CA LEU A 837 49.63 39.57 -0.35
C LEU A 837 49.27 40.54 -1.46
N MET A 838 49.77 41.79 -1.40
CA MET A 838 49.86 42.60 -2.61
C MET A 838 50.54 41.84 -3.74
N ASP A 839 51.69 41.24 -3.45
CA ASP A 839 52.52 40.64 -4.49
C ASP A 839 52.25 39.15 -4.68
N ALA A 840 51.75 38.46 -3.66
CA ALA A 840 51.32 37.08 -3.86
C ALA A 840 50.14 37.00 -4.81
N LEU A 841 49.21 37.95 -4.69
CA LEU A 841 48.22 38.16 -5.72
C LEU A 841 48.88 38.76 -6.96
N PRO A 842 48.31 38.53 -8.15
CA PRO A 842 48.85 39.16 -9.36
C PRO A 842 48.76 40.67 -9.28
N ASP A 843 49.92 41.32 -9.27
CA ASP A 843 49.97 42.77 -9.14
C ASP A 843 49.46 43.44 -10.42
N GLY A 844 49.04 44.69 -10.27
CA GLY A 844 48.41 45.41 -11.35
C GLY A 844 46.94 45.14 -11.50
N SER A 845 46.39 44.24 -10.71
CA SER A 845 44.99 43.84 -10.69
C SER A 845 44.24 44.62 -9.62
N PRO A 846 42.95 44.93 -9.84
CA PRO A 846 42.18 45.70 -8.86
C PRO A 846 41.86 44.93 -7.59
N LEU A 847 42.35 43.69 -7.48
CA LEU A 847 42.37 43.00 -6.20
C LEU A 847 43.14 43.81 -5.17
N LEU A 848 44.24 44.43 -5.60
CA LEU A 848 45.00 45.32 -4.72
C LEU A 848 44.20 46.57 -4.40
N ALA A 849 43.39 47.06 -5.34
CA ALA A 849 42.47 48.14 -5.02
C ALA A 849 41.40 47.69 -4.04
N ASN A 850 40.96 46.43 -4.14
CA ASN A 850 40.02 45.89 -3.17
C ASN A 850 40.63 45.85 -1.77
N ILE A 851 41.88 45.40 -1.66
CA ILE A 851 42.50 45.32 -0.35
C ILE A 851 42.83 46.71 0.16
N GLY A 852 43.14 47.65 -0.75
CA GLY A 852 43.28 49.04 -0.34
C GLY A 852 41.98 49.64 0.15
N GLU A 853 40.86 49.20 -0.42
CA GLU A 853 39.56 49.61 0.11
C GLU A 853 39.30 48.98 1.46
N LYS A 854 39.83 47.77 1.70
CA LYS A 854 39.80 47.21 3.04
C LYS A 854 40.62 48.06 4.01
N PHE A 855 41.79 48.50 3.57
CA PHE A 855 42.63 49.40 4.37
C PHE A 855 41.95 50.74 4.62
N GLN A 856 41.16 51.21 3.66
CA GLN A 856 40.32 52.38 3.87
C GLN A 856 39.22 52.07 4.88
N SER A 857 38.65 50.87 4.81
CA SER A 857 37.60 50.43 5.72
C SER A 857 38.10 50.25 7.14
N VAL A 858 39.41 50.08 7.34
CA VAL A 858 39.98 50.22 8.66
C VAL A 858 40.59 51.61 8.84
N GLY A 859 40.80 52.34 7.75
CA GLY A 859 41.31 53.69 7.84
C GLY A 859 42.82 53.81 7.73
N LEU A 860 43.48 52.85 7.08
CA LEU A 860 44.91 52.97 6.85
C LEU A 860 45.19 54.12 5.88
N CYS A 861 46.22 54.90 6.20
CA CYS A 861 46.41 56.20 5.55
C CYS A 861 46.96 56.05 4.13
N ASN A 862 48.15 55.48 3.99
CA ASN A 862 48.81 55.44 2.70
C ASN A 862 49.23 54.06 2.23
N GLU A 863 49.18 53.04 3.09
CA GLU A 863 49.40 51.68 2.62
C GLU A 863 48.19 51.21 1.81
N GLY A 864 46.99 51.66 2.18
CA GLY A 864 45.85 51.52 1.29
C GLY A 864 46.01 52.30 0.01
N VAL A 865 46.66 53.48 0.09
CA VAL A 865 46.91 54.29 -1.09
C VAL A 865 47.83 53.56 -2.07
N THR A 866 48.89 52.93 -1.56
CA THR A 866 49.77 52.19 -2.45
C THR A 866 49.17 50.86 -2.88
N ALA A 867 48.23 50.30 -2.11
CA ALA A 867 47.46 49.17 -2.63
C ALA A 867 46.57 49.60 -3.79
N PHE A 868 46.01 50.81 -3.69
CA PHE A 868 45.27 51.39 -4.80
C PHE A 868 46.16 51.62 -6.02
N LEU A 869 47.34 52.21 -5.79
CA LEU A 869 48.23 52.60 -6.88
C LEU A 869 48.90 51.41 -7.55
N LYS A 870 49.13 50.32 -6.79
CA LYS A 870 49.55 49.08 -7.41
C LYS A 870 48.50 48.55 -8.37
N ALA A 871 47.23 48.77 -8.05
CA ALA A 871 46.12 48.44 -8.93
C ALA A 871 45.77 49.59 -9.88
N GLY A 872 46.44 50.72 -9.75
CA GLY A 872 46.10 51.88 -10.56
C GLY A 872 44.89 52.65 -10.09
N ASP A 873 44.44 52.42 -8.86
CA ASP A 873 43.27 53.10 -8.31
C ASP A 873 43.67 54.46 -7.76
N THR A 874 44.08 55.34 -8.68
CA THR A 874 44.66 56.62 -8.29
C THR A 874 43.64 57.55 -7.64
N LYS A 875 42.39 57.49 -8.07
CA LYS A 875 41.36 58.33 -7.44
C LYS A 875 41.12 57.93 -5.99
N ARG A 876 41.05 56.63 -5.71
CA ARG A 876 40.89 56.20 -4.33
C ARG A 876 42.14 56.49 -3.51
N ALA A 877 43.31 56.42 -4.15
CA ALA A 877 44.54 56.82 -3.49
C ALA A 877 44.51 58.29 -3.08
N ILE A 878 44.02 59.15 -3.97
CA ILE A 878 43.90 60.58 -3.65
C ILE A 878 42.84 60.80 -2.59
N ASP A 879 41.74 60.05 -2.67
CA ASP A 879 40.67 60.19 -1.68
C ASP A 879 41.16 59.82 -0.29
N CYS A 880 41.95 58.75 -0.18
CA CYS A 880 42.52 58.39 1.11
C CYS A 880 43.64 59.34 1.53
N CYS A 881 44.36 59.94 0.58
CA CYS A 881 45.42 60.88 0.92
C CYS A 881 44.86 62.16 1.48
N VAL A 882 43.86 62.74 0.81
CA VAL A 882 43.24 63.97 1.29
C VAL A 882 42.22 63.69 2.38
N LEU A 883 41.85 62.42 2.58
CA LEU A 883 40.84 62.09 3.57
C LEU A 883 41.37 62.17 5.01
N LEU A 884 42.58 61.69 5.25
CA LEU A 884 43.01 61.34 6.60
C LEU A 884 44.08 62.27 7.17
N ASN A 885 44.08 63.54 6.74
CA ASN A 885 44.85 64.62 7.35
C ASN A 885 46.36 64.38 7.30
N GLN A 886 46.88 64.29 6.08
CA GLN A 886 48.32 64.33 5.78
C GLN A 886 48.58 65.40 4.73
N TRP A 887 48.14 66.62 5.05
CA TRP A 887 47.82 67.65 4.06
C TRP A 887 48.98 68.02 3.17
N ASP A 888 50.22 67.96 3.64
CA ASP A 888 51.33 68.17 2.73
C ASP A 888 51.42 67.03 1.72
N GLN A 889 51.37 65.78 2.20
CA GLN A 889 51.33 64.64 1.30
C GLN A 889 50.02 64.57 0.52
N ALA A 890 48.92 65.03 1.13
CA ALA A 890 47.66 65.11 0.40
C ALA A 890 47.77 66.05 -0.79
N VAL A 891 48.37 67.22 -0.58
CA VAL A 891 48.63 68.17 -1.66
C VAL A 891 49.51 67.53 -2.72
N GLN A 892 50.59 66.88 -2.29
CA GLN A 892 51.55 66.31 -3.23
C GLN A 892 50.92 65.21 -4.10
N LEU A 893 50.28 64.22 -3.47
CA LEU A 893 49.75 63.11 -4.25
C LEU A 893 48.47 63.47 -4.99
N ALA A 894 47.69 64.43 -4.48
CA ALA A 894 46.50 64.85 -5.20
C ALA A 894 46.84 65.73 -6.39
N GLN A 895 47.99 66.42 -6.36
CA GLN A 895 48.49 67.02 -7.58
C GLN A 895 49.29 66.04 -8.43
N ALA A 896 49.70 64.91 -7.86
CA ALA A 896 50.39 63.89 -8.65
C ALA A 896 49.42 63.14 -9.55
N HIS A 897 48.38 62.55 -8.98
CA HIS A 897 47.38 61.84 -9.77
C HIS A 897 46.17 62.72 -10.10
N ASN A 898 46.27 64.02 -9.87
CA ASN A 898 45.38 65.05 -10.41
C ASN A 898 43.92 64.93 -9.96
N PHE A 899 43.68 65.02 -8.65
CA PHE A 899 42.33 65.24 -8.12
C PHE A 899 42.46 66.16 -6.92
N PRO A 900 42.46 67.47 -7.16
CA PRO A 900 42.73 68.45 -6.08
C PRO A 900 41.53 68.81 -5.20
N GLN A 901 41.16 67.89 -4.31
CA GLN A 901 40.26 68.21 -3.21
C GLN A 901 41.03 68.62 -1.95
N ILE A 902 42.25 69.11 -2.16
CA ILE A 902 43.18 69.38 -1.07
C ILE A 902 42.69 70.49 -0.15
N GLU A 903 42.19 71.59 -0.70
CA GLU A 903 41.98 72.76 0.12
C GLU A 903 40.62 72.76 0.82
N GLN A 904 39.59 72.26 0.15
CA GLN A 904 38.28 72.15 0.78
C GLN A 904 38.30 71.19 1.95
N LEU A 905 38.79 69.97 1.73
CA LEU A 905 38.96 69.02 2.82
C LEU A 905 40.00 69.50 3.83
N LEU A 906 41.00 70.25 3.35
CA LEU A 906 42.04 70.77 4.22
C LEU A 906 41.47 71.72 5.26
N ALA A 907 40.69 72.70 4.80
CA ALA A 907 40.03 73.61 5.73
C ALA A 907 38.96 72.91 6.56
N LYS A 908 38.24 71.96 5.96
CA LYS A 908 37.19 71.25 6.68
C LYS A 908 37.76 70.47 7.86
N TYR A 909 38.80 69.69 7.62
CA TYR A 909 39.39 68.93 8.70
C TYR A 909 40.31 69.78 9.58
N ALA A 910 40.74 70.96 9.11
CA ALA A 910 41.35 71.92 10.03
C ALA A 910 40.34 72.39 11.06
N ASN A 911 39.14 72.73 10.61
CA ASN A 911 38.07 73.09 11.53
C ASN A 911 37.65 71.91 12.41
N HIS A 912 37.71 70.68 11.85
CA HIS A 912 37.36 69.51 12.64
C HIS A 912 38.39 69.24 13.72
N LEU A 913 39.68 69.42 13.41
CA LEU A 913 40.71 69.32 14.43
C LEU A 913 40.59 70.43 15.45
N LEU A 914 40.13 71.62 15.03
CA LEU A 914 39.74 72.64 15.99
C LEU A 914 38.58 72.18 16.84
N GLU A 915 37.62 71.47 16.22
CA GLU A 915 36.54 70.85 16.99
C GLU A 915 37.06 69.69 17.85
N LYS A 916 38.15 69.05 17.41
CA LYS A 916 38.77 67.98 18.19
C LYS A 916 39.91 68.50 19.05
N GLU A 917 39.77 69.73 19.56
CA GLU A 917 40.65 70.39 20.53
C GLU A 917 42.11 70.46 20.06
N LYS A 918 42.37 70.34 18.77
CA LYS A 918 43.72 70.41 18.21
C LYS A 918 43.80 71.65 17.32
N VAL A 919 44.13 72.79 17.94
CA VAL A 919 44.24 74.05 17.21
C VAL A 919 45.53 74.09 16.40
N MET A 920 46.63 73.59 16.98
CA MET A 920 47.95 73.68 16.36
C MET A 920 47.99 72.90 15.05
N ASP A 921 47.28 71.77 14.97
CA ASP A 921 47.23 71.01 13.73
C ASP A 921 46.56 71.81 12.61
N ALA A 922 45.48 72.52 12.93
CA ALA A 922 44.78 73.33 11.94
C ALA A 922 45.66 74.44 11.38
N ILE A 923 46.56 74.99 12.21
CA ILE A 923 47.46 76.03 11.74
C ILE A 923 48.58 75.42 10.90
N GLU A 924 49.22 74.37 11.42
CA GLU A 924 50.39 73.81 10.74
C GLU A 924 50.05 73.06 9.46
N LEU A 925 48.78 72.68 9.26
CA LEU A 925 48.42 72.04 8.01
C LEU A 925 48.39 72.99 6.83
N TYR A 926 48.46 74.30 7.06
CA TYR A 926 48.64 75.25 5.96
C TYR A 926 50.09 75.34 5.51
N ARG A 927 51.01 74.71 6.21
CA ARG A 927 52.42 74.68 5.83
C ARG A 927 52.59 73.66 4.70
N LYS A 928 52.17 74.07 3.51
CA LYS A 928 52.37 73.24 2.32
C LYS A 928 53.82 73.27 1.84
N ALA A 929 54.58 74.30 2.22
CA ALA A 929 56.03 74.31 1.99
C ALA A 929 56.77 73.72 3.19
N ASN A 930 56.56 74.31 4.37
CA ASN A 930 56.96 73.74 5.66
C ASN A 930 58.46 73.51 5.77
N HIS A 931 59.21 74.61 5.73
CA HIS A 931 60.62 74.55 6.09
C HIS A 931 60.79 74.84 7.58
N SER A 932 61.91 74.37 8.13
CA SER A 932 62.20 74.58 9.55
C SER A 932 62.34 76.06 9.86
N MET A 933 63.01 76.82 8.99
CA MET A 933 63.03 78.27 9.12
C MET A 933 61.63 78.84 8.96
N GLU A 934 60.85 78.33 8.00
CA GLU A 934 59.48 78.77 7.86
C GLU A 934 58.61 78.34 9.04
N ALA A 935 58.86 77.15 9.58
CA ALA A 935 58.11 76.72 10.76
C ALA A 935 58.38 77.63 11.95
N ALA A 936 59.66 77.94 12.19
CA ALA A 936 60.00 78.84 13.30
C ALA A 936 59.48 80.24 13.05
N ARG A 937 59.53 80.70 11.79
CA ARG A 937 59.00 82.02 11.46
C ARG A 937 57.50 82.09 11.68
N LEU A 938 56.76 81.05 11.27
CA LEU A 938 55.32 81.02 11.50
C LEU A 938 54.99 80.99 12.99
N LEU A 939 55.70 80.15 13.75
CA LEU A 939 55.45 80.05 15.18
C LEU A 939 55.78 81.37 15.88
N GLN A 940 56.87 82.03 15.48
CA GLN A 940 57.25 83.29 16.10
C GLN A 940 56.29 84.41 15.71
N ASP A 941 55.84 84.44 14.46
CA ASP A 941 54.89 85.47 14.03
C ASP A 941 53.56 85.32 14.75
N LEU A 942 53.08 84.08 14.87
CA LEU A 942 51.86 83.86 15.65
C LEU A 942 52.07 84.19 17.12
N ALA A 943 53.27 83.91 17.66
CA ALA A 943 53.59 84.29 19.03
C ALA A 943 53.54 85.81 19.21
N LYS A 944 54.07 86.55 18.24
CA LYS A 944 54.01 88.01 18.29
C LYS A 944 52.57 88.50 18.22
N LYS A 945 51.75 87.87 17.37
CA LYS A 945 50.35 88.25 17.24
C LYS A 945 49.60 88.07 18.55
N CYS A 946 49.68 86.86 19.14
CA CYS A 946 48.96 86.63 20.38
C CYS A 946 49.65 87.22 21.59
N ALA A 947 50.89 87.67 21.46
CA ALA A 947 51.55 88.46 22.49
C ALA A 947 51.03 89.89 22.50
N ASP A 948 50.84 90.46 21.30
CA ASP A 948 50.15 91.73 21.19
C ASP A 948 48.71 91.62 21.69
N GLN A 949 48.08 90.47 21.45
CA GLN A 949 46.76 90.21 22.04
C GLN A 949 46.86 90.04 23.55
N LYS A 950 47.80 89.19 24.00
CA LYS A 950 48.06 88.78 25.39
C LYS A 950 46.91 87.89 25.91
N VAL A 951 45.85 87.73 25.12
CA VAL A 951 44.76 86.84 25.46
C VAL A 951 45.15 85.41 25.13
N HIS A 952 44.45 84.44 25.75
CA HIS A 952 44.66 82.99 25.75
C HIS A 952 46.15 82.69 25.90
N PRO A 953 46.72 82.87 27.09
CA PRO A 953 48.17 82.75 27.26
C PRO A 953 48.73 81.37 26.99
N LEU A 954 47.89 80.33 26.90
CA LEU A 954 48.37 79.00 26.56
C LEU A 954 48.96 78.97 25.15
N ARG A 955 48.25 79.57 24.17
CA ARG A 955 48.79 79.66 22.82
C ARG A 955 50.01 80.56 22.78
N VAL A 956 50.02 81.63 23.59
CA VAL A 956 51.12 82.57 23.61
C VAL A 956 52.40 81.88 24.05
N LYS A 957 52.34 81.17 25.18
CA LYS A 957 53.52 80.46 25.68
C LYS A 957 53.88 79.27 24.80
N LYS A 958 52.90 78.60 24.19
CA LYS A 958 53.20 77.47 23.32
C LYS A 958 53.96 77.92 22.07
N LEU A 959 53.50 79.00 21.44
CA LEU A 959 54.21 79.53 20.29
C LEU A 959 55.56 80.10 20.70
N TYR A 960 55.65 80.73 21.88
CA TYR A 960 56.93 81.13 22.43
C TYR A 960 57.91 79.97 22.52
N VAL A 961 57.51 78.87 23.16
CA VAL A 961 58.47 77.81 23.41
C VAL A 961 58.84 77.10 22.12
N LEU A 962 57.87 76.90 21.21
CA LEU A 962 58.19 76.25 19.94
C LEU A 962 59.15 77.10 19.10
N ALA A 963 58.79 78.37 18.88
CA ALA A 963 59.62 79.24 18.06
C ALA A 963 60.97 79.51 18.72
N ALA A 964 60.98 79.64 20.05
CA ALA A 964 62.21 79.97 20.76
C ALA A 964 63.14 78.76 20.86
N LEU A 965 62.61 77.54 20.96
CA LEU A 965 63.46 76.36 20.92
C LEU A 965 64.03 76.15 19.52
N GLU A 966 63.22 76.39 18.48
CA GLU A 966 63.75 76.25 17.12
C GLU A 966 64.78 77.33 16.81
N ILE A 967 64.53 78.56 17.27
CA ILE A 967 65.49 79.64 17.12
C ILE A 967 66.72 79.41 18.01
N GLU A 968 66.54 78.77 19.16
CA GLU A 968 67.66 78.36 19.99
C GLU A 968 68.54 77.35 19.28
N LYS A 969 67.92 76.38 18.59
CA LYS A 969 68.69 75.45 17.77
C LYS A 969 69.37 76.17 16.61
N PHE A 970 68.70 77.18 16.04
CA PHE A 970 69.31 77.98 14.99
C PHE A 970 70.54 78.71 15.50
N LYS A 971 70.48 79.22 16.74
CA LYS A 971 71.65 79.88 17.31
C LYS A 971 72.72 78.89 17.74
N LYS A 972 72.33 77.69 18.18
CA LYS A 972 73.32 76.66 18.50
C LYS A 972 74.09 76.24 17.26
N ARG A 973 73.39 76.13 16.12
CA ARG A 973 74.08 75.92 14.85
C ARG A 973 74.76 77.19 14.35
N THR A 974 74.39 78.36 14.86
CA THR A 974 74.98 79.63 14.47
C THR A 974 76.11 80.06 15.40
N LEU A 975 75.80 80.23 16.69
CA LEU A 975 76.79 80.68 17.66
C LEU A 975 76.62 79.96 19.00
N SER A 1015 66.90 83.40 12.73
CA SER A 1015 67.59 82.85 13.89
C SER A 1015 67.29 83.68 15.14
N GLY A 1016 68.31 83.89 15.97
CA GLY A 1016 68.13 84.65 17.19
C GLY A 1016 69.31 85.53 17.55
N GLU A 1017 69.31 86.04 18.78
CA GLU A 1017 70.39 86.89 19.24
C GLU A 1017 71.66 86.06 19.49
N ALA A 1018 72.80 86.74 19.41
CA ALA A 1018 74.10 86.07 19.46
C ALA A 1018 74.34 85.46 20.83
N GLY A 1019 74.87 84.24 20.84
CA GLY A 1019 75.20 83.54 22.06
C GLY A 1019 74.16 82.50 22.42
N VAL A 1020 74.61 81.44 23.09
CA VAL A 1020 73.70 80.41 23.59
C VAL A 1020 72.82 80.99 24.69
N ASP A 1021 73.35 81.88 25.52
CA ASP A 1021 72.56 82.53 26.55
C ASP A 1021 71.46 83.42 25.95
N SER A 1022 71.62 83.85 24.70
CA SER A 1022 70.60 84.61 23.99
C SER A 1022 70.02 83.83 22.81
N ALA A 1023 70.05 82.50 22.91
CA ALA A 1023 69.58 81.66 21.81
C ALA A 1023 68.05 81.65 21.73
N TRP A 1024 67.38 81.25 22.80
CA TRP A 1024 65.92 81.21 22.83
C TRP A 1024 65.38 82.59 23.27
N ARG A 1025 65.65 83.58 22.43
CA ARG A 1025 65.41 84.97 22.81
C ARG A 1025 63.93 85.29 22.94
N GLY A 1026 63.03 84.49 22.37
CA GLY A 1026 61.61 84.68 22.61
C GLY A 1026 61.19 84.18 23.97
N ALA A 1027 61.61 82.97 24.32
CA ALA A 1027 61.35 82.45 25.66
C ALA A 1027 62.10 83.27 26.71
N GLU A 1028 63.33 83.69 26.41
CA GLU A 1028 64.04 84.60 27.30
C GLU A 1028 63.31 85.93 27.43
N ALA A 1029 62.73 86.41 26.33
CA ALA A 1029 61.99 87.66 26.33
C ALA A 1029 60.79 87.59 27.27
N TYR A 1030 59.99 86.53 27.16
CA TYR A 1030 58.85 86.45 28.06
C TYR A 1030 59.23 86.02 29.47
N HIS A 1031 60.36 85.31 29.65
CA HIS A 1031 60.84 85.06 31.00
C HIS A 1031 61.22 86.35 31.69
N PHE A 1032 61.91 87.24 30.97
CA PHE A 1032 62.24 88.55 31.53
C PHE A 1032 61.00 89.41 31.70
N TRP A 1033 59.98 89.22 30.85
CA TRP A 1033 58.76 90.01 30.98
C TRP A 1033 57.95 89.57 32.19
N LEU A 1034 57.80 88.27 32.39
CA LEU A 1034 57.14 87.77 33.59
C LEU A 1034 57.96 88.09 34.83
N LEU A 1035 59.28 88.15 34.69
CA LEU A 1035 60.15 88.64 35.76
C LEU A 1035 59.82 90.10 36.10
N ALA A 1036 59.63 90.93 35.07
CA ALA A 1036 59.24 92.32 35.28
C ALA A 1036 57.89 92.42 35.96
N HIS A 1037 56.92 91.63 35.50
CA HIS A 1037 55.58 91.64 36.08
C HIS A 1037 55.60 91.18 37.53
N ARG A 1038 56.38 90.14 37.85
CA ARG A 1038 56.46 89.69 39.23
C ARG A 1038 57.19 90.70 40.11
N GLN A 1039 58.29 91.28 39.61
CA GLN A 1039 59.09 92.19 40.41
C GLN A 1039 58.43 93.56 40.56
N LEU A 1040 57.41 93.86 39.75
CA LEU A 1040 56.71 95.12 39.93
C LEU A 1040 55.93 95.15 41.24
N TYR A 1041 55.56 93.98 41.77
CA TYR A 1041 54.74 93.92 42.97
C TYR A 1041 55.40 93.11 44.06
N ALA A 1042 56.70 92.85 43.94
CA ALA A 1042 57.47 92.12 44.93
C ALA A 1042 58.53 92.99 45.59
N GLY A 1043 58.41 94.31 45.45
CA GLY A 1043 59.41 95.22 45.99
C GLY A 1043 60.66 95.35 45.16
N ASN A 1044 60.68 94.83 43.94
CA ASN A 1044 61.86 94.89 43.08
C ASN A 1044 61.54 95.65 41.80
N VAL A 1045 60.88 96.80 41.95
CA VAL A 1045 60.42 97.57 40.79
C VAL A 1045 61.59 98.05 39.94
N ASP A 1046 62.75 98.32 40.56
CA ASP A 1046 63.91 98.76 39.79
C ASP A 1046 64.50 97.60 39.00
N LEU A 1047 64.52 96.41 39.58
CA LEU A 1047 64.96 95.24 38.83
C LEU A 1047 63.95 94.87 37.76
N ALA A 1048 62.66 95.17 37.99
CA ALA A 1048 61.67 95.08 36.93
C ALA A 1048 61.96 96.07 35.80
N MET A 1049 62.42 97.27 36.15
CA MET A 1049 62.83 98.24 35.14
C MET A 1049 64.02 97.74 34.34
N ARG A 1050 64.98 97.09 35.01
CA ARG A 1050 66.15 96.58 34.30
C ARG A 1050 65.79 95.41 33.40
N THR A 1051 64.95 94.50 33.88
CA THR A 1051 64.55 93.37 33.05
C THR A 1051 63.45 93.72 32.05
N ALA A 1052 62.91 94.94 32.11
CA ALA A 1052 62.12 95.49 31.01
C ALA A 1052 62.96 96.32 30.05
N LEU A 1053 64.09 96.88 30.52
CA LEU A 1053 65.12 97.35 29.61
C LEU A 1053 65.72 96.18 28.83
N HIS A 1054 65.68 94.98 29.40
CA HIS A 1054 65.94 93.77 28.63
C HIS A 1054 64.97 93.63 27.47
N LEU A 1055 63.70 93.95 27.69
CA LEU A 1055 62.71 93.93 26.61
C LEU A 1055 62.67 95.21 25.80
N ARG A 1056 63.48 96.20 26.14
CA ARG A 1056 63.67 97.32 25.21
C ARG A 1056 64.27 96.82 23.90
N GLU A 1057 65.03 95.72 23.94
CA GLU A 1057 65.34 94.97 22.74
C GLU A 1057 64.20 94.04 22.33
N TYR A 1058 63.53 93.43 23.31
CA TYR A 1058 62.48 92.45 23.06
C TYR A 1058 61.08 93.08 23.02
N GLU A 1059 60.97 94.35 22.66
CA GLU A 1059 59.67 94.97 22.51
C GLU A 1059 59.00 94.63 21.19
N ASP A 1060 59.73 94.00 20.26
CA ASP A 1060 59.16 93.67 18.97
C ASP A 1060 58.17 92.51 19.06
N LEU A 1061 58.53 91.46 19.79
CA LEU A 1061 57.66 90.28 19.83
C LEU A 1061 56.50 90.43 20.80
N LEU A 1062 56.62 91.25 21.83
CA LEU A 1062 55.50 91.57 22.69
C LEU A 1062 54.88 92.89 22.26
N ASP A 1063 53.91 93.35 23.02
CA ASP A 1063 53.29 94.64 22.73
C ASP A 1063 54.25 95.74 23.16
N PRO A 1064 54.78 96.55 22.22
CA PRO A 1064 55.74 97.60 22.62
C PRO A 1064 55.14 98.63 23.55
N VAL A 1065 53.84 98.93 23.39
CA VAL A 1065 53.16 99.87 24.28
C VAL A 1065 53.14 99.34 25.71
N GLU A 1066 53.03 98.02 25.87
CA GLU A 1066 52.99 97.43 27.21
C GLU A 1066 54.31 97.65 27.96
N ILE A 1067 55.44 97.35 27.31
CA ILE A 1067 56.74 97.56 27.95
C ILE A 1067 57.02 99.06 28.12
N TYR A 1068 56.62 99.87 27.12
CA TYR A 1068 56.82 101.32 27.23
C TYR A 1068 56.07 101.91 28.41
N SER A 1069 54.79 101.57 28.54
CA SER A 1069 54.01 102.09 29.67
C SER A 1069 54.48 101.50 30.99
N PHE A 1070 54.91 100.24 30.99
CA PHE A 1070 55.47 99.61 32.18
C PHE A 1070 56.67 100.40 32.70
N LEU A 1071 57.65 100.62 31.82
CA LEU A 1071 58.85 101.37 32.19
C LEU A 1071 58.53 102.82 32.55
N ALA A 1072 57.63 103.46 31.79
CA ALA A 1072 57.37 104.88 32.00
C ALA A 1072 56.58 105.13 33.28
N LEU A 1073 55.62 104.26 33.59
CA LEU A 1073 54.72 104.49 34.72
C LEU A 1073 55.09 103.64 35.92
N ALA A 1074 56.22 102.96 35.89
CA ALA A 1074 56.83 102.47 37.12
C ALA A 1074 58.29 102.86 37.22
N ALA A 1075 58.75 103.78 36.38
CA ALA A 1075 60.04 104.43 36.53
C ALA A 1075 59.93 105.89 36.89
N PHE A 1076 58.94 106.60 36.34
CA PHE A 1076 58.66 107.96 36.79
C PHE A 1076 58.18 107.96 38.24
N TYR A 1077 57.37 106.98 38.61
CA TYR A 1077 56.94 106.84 40.00
C TYR A 1077 58.03 106.29 40.90
N ASN A 1078 59.10 105.75 40.32
CA ASN A 1078 60.32 105.49 41.07
C ASN A 1078 61.19 106.73 41.21
N GLN A 1079 60.81 107.83 40.55
CA GLN A 1079 61.47 109.14 40.65
C GLN A 1079 62.95 109.08 40.25
N PHE A 1080 63.24 108.33 39.19
CA PHE A 1080 64.55 108.38 38.53
C PHE A 1080 64.48 109.52 37.53
N PHE A 1081 65.06 110.67 37.91
CA PHE A 1081 64.76 111.93 37.22
C PHE A 1081 65.21 111.92 35.76
N GLY A 1082 66.36 111.31 35.46
CA GLY A 1082 66.72 111.11 34.06
C GLY A 1082 65.76 110.17 33.37
N GLN A 1083 65.42 109.06 34.03
CA GLN A 1083 64.43 108.15 33.47
C GLN A 1083 63.03 108.76 33.53
N CYS A 1084 62.77 109.67 34.48
CA CYS A 1084 61.53 110.43 34.46
C CYS A 1084 61.44 111.30 33.21
N SER A 1085 62.54 111.97 32.87
CA SER A 1085 62.56 112.80 31.68
C SER A 1085 62.40 111.96 30.41
N LYS A 1086 63.08 110.81 30.34
CA LYS A 1086 62.94 109.94 29.19
C LYS A 1086 61.53 109.36 29.09
N ALA A 1087 60.95 108.99 30.24
CA ALA A 1087 59.59 108.48 30.27
C ALA A 1087 58.59 109.52 29.80
N PHE A 1088 58.77 110.77 30.21
CA PHE A 1088 57.90 111.84 29.74
C PHE A 1088 58.18 112.24 28.30
N ILE A 1089 59.40 112.04 27.81
CA ILE A 1089 59.66 112.17 26.38
C ILE A 1089 58.83 111.15 25.61
N LYS A 1090 58.83 109.91 26.09
CA LYS A 1090 58.02 108.86 25.47
C LYS A 1090 56.52 109.11 25.65
N LEU A 1091 56.14 109.72 26.77
CA LEU A 1091 54.75 110.02 27.10
C LEU A 1091 54.27 111.33 26.49
N GLU A 1092 55.14 112.06 25.79
CA GLU A 1092 54.71 113.20 24.99
C GLU A 1092 55.06 113.03 23.52
N SER A 1093 56.32 112.72 23.21
CA SER A 1093 56.73 112.50 21.83
C SER A 1093 56.35 111.09 21.38
N MET A 1094 56.09 110.97 20.07
CA MET A 1094 55.68 109.68 19.44
C MET A 1094 54.65 109.00 20.34
N PRO A 1095 53.37 109.42 20.37
CA PRO A 1095 52.46 108.84 21.37
C PRO A 1095 51.97 107.45 20.98
N SER A 1096 52.56 106.44 21.62
CA SER A 1096 52.04 105.08 21.62
C SER A 1096 51.20 104.82 22.87
N ILE A 1097 51.52 105.51 23.96
CA ILE A 1097 50.64 105.57 25.13
C ILE A 1097 49.31 106.18 24.70
N PRO A 1098 48.17 105.63 25.12
CA PRO A 1098 46.88 106.20 24.73
C PRO A 1098 46.74 107.65 25.16
N ASN A 1099 46.14 108.47 24.28
CA ASN A 1099 46.25 109.92 24.35
C ASN A 1099 45.64 110.52 25.60
N ASP A 1100 44.75 109.80 26.29
CA ASP A 1100 44.24 110.29 27.57
C ASP A 1100 45.35 110.30 28.62
N LYS A 1101 45.94 109.14 28.91
CA LYS A 1101 47.04 109.09 29.85
C LYS A 1101 48.31 109.68 29.25
N ARG A 1102 48.46 109.62 27.93
CA ARG A 1102 49.58 110.30 27.28
C ARG A 1102 49.52 111.80 27.54
N GLU A 1103 48.34 112.40 27.41
CA GLU A 1103 48.20 113.82 27.67
C GLU A 1103 48.21 114.13 29.17
N SER A 1104 47.75 113.21 30.02
CA SER A 1104 47.84 113.41 31.46
C SER A 1104 49.31 113.46 31.91
N PHE A 1105 50.12 112.52 31.44
CA PHE A 1105 51.54 112.57 31.75
C PHE A 1105 52.28 113.63 30.94
N ALA A 1106 51.69 114.10 29.84
CA ALA A 1106 52.20 115.31 29.20
C ALA A 1106 51.99 116.53 30.07
N ASP A 1107 50.82 116.62 30.72
CA ASP A 1107 50.56 117.68 31.68
C ASP A 1107 51.49 117.57 32.89
N LEU A 1108 51.74 116.34 33.34
CA LEU A 1108 52.70 116.14 34.41
C LEU A 1108 54.10 116.54 33.99
N ALA A 1109 54.48 116.26 32.74
CA ALA A 1109 55.75 116.72 32.20
C ALA A 1109 55.82 118.23 32.14
N MET A 1110 54.73 118.87 31.76
CA MET A 1110 54.63 120.32 31.78
C MET A 1110 54.57 120.88 33.20
N SER A 1111 54.32 120.02 34.20
CA SER A 1111 54.38 120.40 35.60
C SER A 1111 55.73 120.03 36.23
N ILE A 1112 56.20 118.80 35.99
CA ILE A 1112 57.46 118.35 36.57
C ILE A 1112 58.65 118.96 35.83
N PHE A 1113 58.75 118.70 34.53
CA PHE A 1113 59.86 119.20 33.74
C PHE A 1113 59.49 120.47 32.99
N MET B 1 2.73 174.39 13.43
CA MET B 1 3.80 173.42 13.26
C MET B 1 3.71 172.90 11.83
N ALA B 2 4.49 173.52 10.94
CA ALA B 2 4.38 173.33 9.49
C ALA B 2 4.96 172.00 9.00
N ASP B 3 5.38 171.12 9.91
CA ASP B 3 6.00 169.86 9.54
C ASP B 3 5.00 168.87 8.92
N ARG B 4 3.69 169.15 9.03
CA ARG B 4 2.67 168.29 8.47
C ARG B 4 2.67 168.32 6.95
N VAL B 5 2.99 169.46 6.34
CA VAL B 5 3.00 169.59 4.89
C VAL B 5 4.41 169.79 4.34
N LEU B 6 5.35 170.28 5.15
CA LEU B 6 6.70 170.53 4.66
C LEU B 6 7.52 169.25 4.63
N ALA B 7 7.39 168.40 5.65
CA ALA B 7 8.27 167.24 5.80
C ALA B 7 7.74 165.98 5.13
N LEU B 8 6.45 165.93 4.77
CA LEU B 8 5.93 164.75 4.10
C LEU B 8 6.50 164.61 2.70
N VAL B 9 6.58 165.72 1.97
CA VAL B 9 7.23 165.72 0.67
C VAL B 9 8.75 165.68 0.81
N HIS B 10 9.28 166.02 1.99
CA HIS B 10 10.70 166.36 2.08
C HIS B 10 11.60 165.13 1.95
N TYR B 11 11.16 163.99 2.46
CA TYR B 11 11.93 162.76 2.28
C TYR B 11 11.60 162.03 0.99
N TYR B 12 10.36 162.13 0.52
CA TYR B 12 9.90 161.33 -0.61
C TYR B 12 10.02 162.02 -1.96
N ALA B 13 10.40 163.31 -1.99
CA ALA B 13 10.54 163.98 -3.27
C ALA B 13 11.76 163.47 -4.03
N ARG B 14 12.78 163.03 -3.30
CA ARG B 14 13.87 162.28 -3.94
C ARG B 14 13.34 160.98 -4.52
N GLU B 15 12.42 160.33 -3.82
CA GLU B 15 11.75 159.16 -4.37
C GLU B 15 10.74 159.54 -5.43
N GLY B 16 10.25 160.78 -5.39
CA GLY B 16 9.23 161.23 -6.32
C GLY B 16 7.88 160.57 -6.12
N TYR B 17 7.49 160.34 -4.88
CA TYR B 17 6.11 159.95 -4.64
C TYR B 17 5.24 161.21 -4.58
N PHE B 18 3.97 161.04 -4.95
CA PHE B 18 3.05 162.17 -5.03
C PHE B 18 1.82 162.00 -4.16
N ARG B 19 1.48 160.78 -3.75
CA ARG B 19 0.21 160.53 -3.06
C ARG B 19 0.16 161.24 -1.72
N HIS B 20 1.24 161.14 -0.94
CA HIS B 20 1.37 161.91 0.29
C HIS B 20 1.34 163.41 0.00
N VAL B 21 1.89 163.84 -1.15
CA VAL B 21 1.87 165.24 -1.52
C VAL B 21 0.45 165.71 -1.76
N GLN B 22 -0.36 164.93 -2.48
CA GLN B 22 -1.76 165.29 -2.63
C GLN B 22 -2.50 165.31 -1.30
N THR B 23 -2.20 164.36 -0.40
CA THR B 23 -2.88 164.37 0.90
C THR B 23 -2.55 165.64 1.68
N VAL B 24 -1.28 166.00 1.77
CA VAL B 24 -0.92 167.17 2.56
C VAL B 24 -1.31 168.47 1.86
N CYS B 25 -1.27 168.52 0.52
CA CYS B 25 -1.65 169.73 -0.19
C CYS B 25 -3.15 169.95 -0.12
N ASN B 26 -3.94 168.88 -0.24
CA ASN B 26 -5.38 169.00 -0.03
C ASN B 26 -5.71 169.31 1.42
N GLU B 27 -4.89 168.82 2.36
CA GLU B 27 -5.09 169.15 3.76
C GLU B 27 -4.91 170.64 4.00
N VAL B 28 -3.78 171.21 3.56
CA VAL B 28 -3.57 172.64 3.76
C VAL B 28 -4.51 173.47 2.89
N LEU B 29 -4.96 172.96 1.76
CA LEU B 29 -5.94 173.67 0.94
C LEU B 29 -7.32 173.67 1.58
N LYS B 30 -7.67 172.63 2.32
CA LYS B 30 -8.93 172.63 3.06
C LYS B 30 -8.81 173.30 4.41
N LYS B 31 -7.59 173.60 4.88
CA LYS B 31 -7.45 174.49 6.03
C LYS B 31 -7.95 175.90 5.68
N ARG B 32 -7.59 176.40 4.50
CA ARG B 32 -7.99 177.74 4.06
C ARG B 32 -8.53 177.62 2.65
N PRO B 33 -9.84 177.78 2.45
CA PRO B 33 -10.40 177.60 1.10
C PRO B 33 -10.01 178.73 0.16
N GLY B 34 -9.12 178.43 -0.78
CA GLY B 34 -8.71 179.39 -1.78
C GLY B 34 -7.55 180.26 -1.33
N ASP B 35 -6.36 180.00 -1.85
CA ASP B 35 -5.19 180.82 -1.55
C ASP B 35 -4.13 180.57 -2.61
N GLY B 36 -3.34 181.61 -2.86
CA GLY B 36 -2.22 181.46 -3.77
C GLY B 36 -1.14 180.54 -3.25
N VAL B 37 -0.89 180.58 -1.94
CA VAL B 37 0.12 179.72 -1.34
C VAL B 37 -0.26 178.26 -1.49
N LEU B 38 -1.55 177.93 -1.33
CA LEU B 38 -2.00 176.55 -1.40
C LEU B 38 -2.09 176.08 -2.85
N THR B 39 -2.50 176.96 -3.76
CA THR B 39 -2.43 176.66 -5.18
C THR B 39 -0.98 176.45 -5.61
N PHE B 40 -0.03 177.12 -4.96
CA PHE B 40 1.36 176.90 -5.29
C PHE B 40 1.94 175.66 -4.60
N TRP B 41 1.37 175.24 -3.47
CA TRP B 41 1.61 173.88 -2.99
C TRP B 41 1.17 172.86 -4.03
N ARG B 42 0.00 173.08 -4.64
CA ARG B 42 -0.44 172.19 -5.71
C ARG B 42 0.49 172.28 -6.93
N ALA B 43 1.00 173.48 -7.22
CA ALA B 43 1.97 173.64 -8.30
C ALA B 43 3.25 172.87 -8.02
N TYR B 44 3.72 172.92 -6.78
CA TYR B 44 4.89 172.15 -6.38
C TYR B 44 4.62 170.66 -6.48
N GLY B 45 3.41 170.23 -6.12
CA GLY B 45 3.05 168.83 -6.25
C GLY B 45 3.03 168.36 -7.70
N LEU B 46 2.47 169.17 -8.60
CA LEU B 46 2.47 168.83 -10.01
C LEU B 46 3.83 169.03 -10.67
N LEU B 47 4.73 169.81 -10.05
CA LEU B 47 6.03 170.06 -10.66
C LEU B 47 6.93 168.85 -10.60
N MET B 48 6.71 167.94 -9.66
CA MET B 48 7.48 166.71 -9.57
C MET B 48 7.06 165.67 -10.61
N GLU B 49 5.97 165.92 -11.35
CA GLU B 49 5.63 165.06 -12.48
C GLU B 49 6.69 165.14 -13.57
N GLY B 50 7.32 166.30 -13.74
CA GLY B 50 8.33 166.47 -14.77
C GLY B 50 8.33 167.84 -15.40
N ASN B 51 7.23 168.59 -15.22
CA ASN B 51 7.10 169.92 -15.80
C ASN B 51 7.38 170.97 -14.73
N THR B 52 8.34 171.86 -15.02
CA THR B 52 8.77 172.87 -14.08
C THR B 52 8.09 174.22 -14.30
N ALA B 53 7.51 174.44 -15.47
CA ALA B 53 6.84 175.70 -15.78
C ALA B 53 5.35 175.67 -15.49
N ASP B 54 4.84 174.57 -14.91
CA ASP B 54 3.45 174.51 -14.46
C ASP B 54 3.17 175.54 -13.38
N ALA B 55 4.21 175.96 -12.66
CA ALA B 55 4.09 177.03 -11.68
C ALA B 55 3.65 178.34 -12.33
N MET B 56 4.00 178.55 -13.60
CA MET B 56 3.50 179.72 -14.32
C MET B 56 1.99 179.62 -14.55
N ARG B 57 1.50 178.44 -14.92
CA ARG B 57 0.06 178.28 -15.10
C ARG B 57 -0.70 178.26 -13.79
N ASP B 58 -0.04 177.96 -12.67
CA ASP B 58 -0.74 177.87 -11.39
C ASP B 58 -0.70 179.18 -10.61
N LEU B 59 0.47 179.78 -10.43
CA LEU B 59 0.57 180.97 -9.57
C LEU B 59 0.65 182.27 -10.34
N SER B 60 1.34 182.31 -11.48
CA SER B 60 1.49 183.57 -12.22
C SER B 60 0.16 184.11 -12.72
N SER B 61 -0.85 183.25 -12.85
CA SER B 61 -2.21 183.74 -13.09
C SER B 61 -2.79 184.41 -11.85
N ILE B 62 -2.40 183.97 -10.66
CA ILE B 62 -3.01 184.43 -9.41
C ILE B 62 -1.97 185.07 -8.49
N GLN B 63 -0.83 185.50 -9.02
CA GLN B 63 0.22 186.09 -8.20
C GLN B 63 -0.12 187.55 -7.89
N GLY B 64 0.83 188.26 -7.28
CA GLY B 64 0.63 189.64 -6.91
C GLY B 64 1.05 189.89 -5.48
N ASN B 65 0.77 188.93 -4.59
CA ASN B 65 1.33 188.98 -3.25
C ASN B 65 2.84 188.75 -3.31
N SER B 66 3.56 189.37 -2.37
CA SER B 66 5.01 189.15 -2.30
C SER B 66 5.35 187.69 -2.06
N ASP B 67 4.52 187.01 -1.25
CA ASP B 67 4.58 185.55 -1.14
C ASP B 67 4.47 184.90 -2.50
N LEU B 68 3.58 185.39 -3.35
CA LEU B 68 3.38 184.81 -4.67
C LEU B 68 4.26 185.45 -5.73
N GLU B 69 4.61 186.73 -5.60
CA GLU B 69 5.49 187.36 -6.58
C GLU B 69 6.91 186.81 -6.48
N LEU B 70 7.42 186.65 -5.27
CA LEU B 70 8.74 186.03 -5.09
C LEU B 70 8.74 184.60 -5.60
N ALA B 71 7.67 183.87 -5.32
CA ALA B 71 7.55 182.49 -5.76
C ALA B 71 7.47 182.39 -7.28
N VAL B 72 6.71 183.30 -7.92
CA VAL B 72 6.61 183.31 -9.37
C VAL B 72 7.93 183.73 -10.01
N ALA B 73 8.62 184.69 -9.40
CA ALA B 73 9.91 185.12 -9.93
C ALA B 73 10.92 183.96 -9.89
N ALA B 74 10.94 183.21 -8.79
CA ALA B 74 11.85 182.08 -8.71
C ALA B 74 11.41 180.91 -9.59
N ALA B 75 10.09 180.71 -9.73
CA ALA B 75 9.60 179.65 -10.60
C ALA B 75 9.87 179.95 -12.07
N GLN B 76 9.78 181.21 -12.47
CA GLN B 76 10.16 181.59 -13.82
C GLN B 76 11.67 181.69 -13.99
N LEU B 77 12.41 181.87 -12.90
CA LEU B 77 13.85 181.61 -12.92
C LEU B 77 14.12 180.19 -13.36
N LEU B 78 13.41 179.24 -12.75
CA LEU B 78 13.54 177.84 -13.16
C LEU B 78 13.04 177.62 -14.58
N GLY B 79 11.96 178.30 -14.96
CA GLY B 79 11.41 178.14 -16.29
C GLY B 79 12.35 178.63 -17.39
N HIS B 80 12.98 179.79 -17.18
CA HIS B 80 14.01 180.25 -18.11
C HIS B 80 15.27 179.40 -18.00
N GLU B 81 15.53 178.84 -16.81
CA GLU B 81 16.62 177.89 -16.66
C GLU B 81 16.34 176.60 -17.40
N SER B 82 15.07 176.20 -17.48
CA SER B 82 14.64 175.03 -18.23
C SER B 82 14.04 175.40 -19.59
N ALA B 83 14.30 176.61 -20.06
CA ALA B 83 13.73 177.07 -21.32
C ALA B 83 14.47 176.44 -22.51
N LYS B 84 13.85 176.58 -23.68
CA LYS B 84 14.39 176.02 -24.92
C LYS B 84 15.19 177.05 -25.71
N VAL B 85 14.72 178.29 -25.78
CA VAL B 85 15.44 179.36 -26.45
C VAL B 85 16.65 179.72 -25.60
N PRO B 86 17.75 180.21 -26.20
CA PRO B 86 18.90 180.62 -25.38
C PRO B 86 18.63 181.89 -24.60
N ASP B 87 18.42 181.76 -23.29
CA ASP B 87 18.14 182.89 -22.41
C ASP B 87 18.96 182.78 -21.13
N HIS B 88 20.26 182.49 -21.28
CA HIS B 88 21.14 182.39 -20.13
C HIS B 88 21.33 183.73 -19.43
N ASP B 89 21.29 184.81 -20.19
CA ASP B 89 21.29 186.15 -19.59
C ASP B 89 20.04 186.35 -18.73
N ALA B 90 18.90 185.85 -19.20
CA ALA B 90 17.69 185.88 -18.39
C ALA B 90 17.82 185.01 -17.15
N ILE B 91 18.52 183.88 -17.26
CA ILE B 91 18.76 183.02 -16.10
C ILE B 91 19.58 183.76 -15.05
N ILE B 92 20.65 184.44 -15.49
CA ILE B 92 21.50 185.19 -14.56
C ILE B 92 20.74 186.36 -13.94
N ASP B 93 19.94 187.06 -14.75
CA ASP B 93 19.16 188.18 -14.24
C ASP B 93 18.12 187.72 -13.22
N LEU B 94 17.44 186.62 -13.50
CA LEU B 94 16.47 186.07 -12.56
C LEU B 94 17.16 185.61 -11.28
N GLN B 95 18.34 185.00 -11.41
CA GLN B 95 19.10 184.57 -10.23
C GLN B 95 19.49 185.76 -9.37
N ALA B 96 19.94 186.85 -10.00
CA ALA B 96 20.30 188.05 -9.25
C ALA B 96 19.07 188.67 -8.57
N LYS B 97 17.95 188.76 -9.30
CA LYS B 97 16.78 189.38 -8.70
C LYS B 97 16.16 188.51 -7.61
N LEU B 98 16.35 187.18 -7.68
CA LEU B 98 15.91 186.33 -6.59
C LEU B 98 16.83 186.45 -5.38
N GLU B 99 18.14 186.47 -5.62
CA GLU B 99 19.11 186.62 -4.53
C GLU B 99 18.99 187.96 -3.83
N ILE B 100 18.52 189.00 -4.53
CA ILE B 100 18.27 190.28 -3.89
C ILE B 100 16.86 190.36 -3.28
N GLU B 101 15.87 189.73 -3.92
CA GLU B 101 14.49 189.80 -3.43
C GLU B 101 14.23 188.86 -2.26
N GLU B 102 15.05 187.82 -2.07
CA GLU B 102 14.91 186.98 -0.89
C GLU B 102 15.44 187.67 0.36
N ARG B 103 16.62 188.27 0.26
CA ARG B 103 17.18 188.99 1.39
C ARG B 103 16.49 190.33 1.56
N THR B 104 16.50 190.83 2.81
CA THR B 104 15.91 192.11 3.19
C THR B 104 14.44 192.20 2.79
N ALA B 105 13.72 191.10 2.95
CA ALA B 105 12.31 191.01 2.63
C ALA B 105 11.58 190.33 3.77
N SER B 106 10.28 190.13 3.59
CA SER B 106 9.47 189.45 4.59
C SER B 106 9.84 187.97 4.64
N ASP B 107 9.67 187.39 5.83
CA ASP B 107 9.99 185.97 6.03
C ASP B 107 8.98 185.05 5.38
N GLN B 108 7.74 185.50 5.19
CA GLN B 108 6.72 184.63 4.59
C GLN B 108 7.02 184.24 3.14
N PRO B 109 7.40 185.16 2.22
CA PRO B 109 7.77 184.69 0.87
C PRO B 109 8.96 183.76 0.84
N CYS B 110 9.96 183.99 1.70
CA CYS B 110 11.11 183.09 1.74
C CYS B 110 10.72 181.72 2.27
N LEU B 111 9.89 181.68 3.31
CA LEU B 111 9.43 180.40 3.85
C LEU B 111 8.58 179.65 2.84
N HIS B 112 7.70 180.36 2.13
CA HIS B 112 6.84 179.71 1.14
C HIS B 112 7.62 179.25 -0.08
N LEU B 113 8.65 180.00 -0.49
CA LEU B 113 9.51 179.53 -1.57
C LEU B 113 10.35 178.34 -1.13
N ALA B 114 10.85 178.33 0.10
CA ALA B 114 11.56 177.17 0.62
C ALA B 114 10.66 175.95 0.70
N SER B 115 9.39 176.15 1.04
CA SER B 115 8.41 175.08 0.94
C SER B 115 8.20 174.65 -0.51
N PHE B 116 8.28 175.60 -1.44
CA PHE B 116 8.19 175.28 -2.87
C PHE B 116 9.52 174.73 -3.39
N TYR B 117 10.59 175.51 -3.27
CA TYR B 117 11.93 175.03 -3.64
C TYR B 117 12.49 174.19 -2.49
N LEU B 118 11.82 173.07 -2.26
CA LEU B 118 12.19 172.10 -1.26
C LEU B 118 12.89 170.89 -1.85
N TYR B 119 12.66 170.62 -3.13
CA TYR B 119 13.33 169.57 -3.89
C TYR B 119 13.96 170.09 -5.17
N THR B 120 13.33 171.04 -5.83
CA THR B 120 13.77 171.52 -7.12
C THR B 120 14.61 172.79 -6.96
N LYS B 121 15.53 173.00 -7.89
CA LYS B 121 16.38 174.20 -7.99
C LYS B 121 17.22 174.39 -6.74
N SER B 122 18.17 173.46 -6.57
CA SER B 122 19.19 173.52 -5.52
C SER B 122 18.56 173.55 -4.13
N LYS B 123 17.97 172.41 -3.76
CA LYS B 123 17.16 172.25 -2.55
C LYS B 123 17.89 172.64 -1.25
N GLU B 124 19.20 172.90 -1.29
CA GLU B 124 19.84 173.60 -0.18
C GLU B 124 19.28 175.00 0.00
N ARG B 125 18.67 175.58 -1.05
CA ARG B 125 17.98 176.85 -0.93
C ARG B 125 16.83 176.80 0.06
N ALA B 126 16.24 175.61 0.29
CA ALA B 126 15.21 175.49 1.31
C ALA B 126 15.78 175.79 2.71
N ARG B 127 16.88 175.13 3.07
CA ARG B 127 17.53 175.40 4.35
C ARG B 127 18.07 176.82 4.40
N GLY B 128 18.62 177.30 3.29
CA GLY B 128 19.11 178.67 3.25
C GLY B 128 18.01 179.69 3.48
N LEU B 129 16.85 179.48 2.86
CA LEU B 129 15.75 180.43 2.97
C LEU B 129 15.11 180.37 4.35
N VAL B 130 14.96 179.18 4.92
CA VAL B 130 14.46 179.09 6.30
C VAL B 130 15.50 179.50 7.32
N GLU B 131 16.76 179.63 6.92
CA GLU B 131 17.76 180.21 7.80
C GLU B 131 17.76 181.73 7.73
N ARG B 132 17.64 182.30 6.52
CA ARG B 132 17.50 183.75 6.39
C ARG B 132 16.17 184.25 6.94
N VAL B 133 15.15 183.39 6.99
CA VAL B 133 13.96 183.70 7.78
C VAL B 133 14.32 183.83 9.25
N LEU B 134 15.14 182.90 9.76
CA LEU B 134 15.46 182.83 11.17
C LEU B 134 16.87 183.36 11.48
N ARG B 135 17.32 184.37 10.73
CA ARG B 135 18.54 185.07 11.14
C ARG B 135 18.28 186.00 12.32
N ASN B 136 17.07 186.57 12.39
CA ASN B 136 16.69 187.36 13.56
C ASN B 136 16.62 186.49 14.81
N GLN B 137 16.11 185.27 14.67
CA GLN B 137 16.02 184.30 15.77
C GLN B 137 16.66 182.99 15.33
N PRO B 138 17.98 182.84 15.52
CA PRO B 138 18.62 181.56 15.17
C PRO B 138 18.49 180.52 16.26
N ASP B 139 17.29 180.45 16.86
CA ASP B 139 16.96 179.43 17.84
C ASP B 139 15.55 178.91 17.64
N MET B 140 15.06 178.92 16.41
CA MET B 140 13.73 178.43 16.11
C MET B 140 13.84 177.06 15.44
N VAL B 141 12.86 176.19 15.72
CA VAL B 141 13.00 174.76 15.42
C VAL B 141 13.19 174.42 13.93
N PRO B 142 12.48 175.04 12.95
CA PRO B 142 12.47 174.42 11.61
C PRO B 142 13.83 174.39 10.91
N ALA B 143 14.55 175.52 10.87
CA ALA B 143 15.82 175.57 10.14
C ALA B 143 16.86 174.65 10.76
N GLN B 144 16.95 174.67 12.09
CA GLN B 144 17.97 173.85 12.77
C GLN B 144 17.65 172.37 12.65
N VAL B 145 16.38 171.99 12.83
CA VAL B 145 16.04 170.58 12.69
C VAL B 145 16.18 170.13 11.24
N LEU B 146 15.97 171.03 10.28
CA LEU B 146 16.11 170.63 8.88
C LEU B 146 17.57 170.43 8.52
N LEU B 147 18.45 171.32 8.98
CA LEU B 147 19.88 171.16 8.74
C LEU B 147 20.42 169.89 9.40
N GLY B 148 20.07 169.67 10.66
CA GLY B 148 20.50 168.46 11.33
C GLY B 148 19.93 167.20 10.71
N TRP B 149 18.66 167.26 10.29
CA TRP B 149 18.02 166.09 9.69
C TRP B 149 18.61 165.75 8.34
N ILE B 150 19.01 166.76 7.56
CA ILE B 150 19.70 166.50 6.31
C ILE B 150 21.07 165.89 6.56
N ILE B 151 21.83 166.47 7.49
CA ILE B 151 23.19 165.96 7.74
C ILE B 151 23.19 164.65 8.50
N ILE B 152 22.03 164.17 8.97
CA ILE B 152 21.95 162.79 9.46
C ILE B 152 21.30 161.84 8.47
N SER B 153 20.42 162.32 7.58
CA SER B 153 19.86 161.47 6.56
C SER B 153 20.88 161.13 5.50
N GLN B 154 21.85 162.01 5.26
CA GLN B 154 22.98 161.64 4.44
C GLN B 154 23.91 160.66 5.14
N GLN B 155 23.91 160.64 6.48
CA GLN B 155 24.70 159.68 7.22
C GLN B 155 24.08 158.28 7.19
N GLN B 156 22.76 158.21 7.35
CA GLN B 156 22.11 156.91 7.58
C GLN B 156 21.95 156.11 6.29
N ASP B 157 21.75 156.79 5.16
CA ASP B 157 21.58 156.11 3.88
C ASP B 157 22.95 155.83 3.25
N ASP B 158 22.94 155.37 2.00
CA ASP B 158 24.14 154.88 1.33
C ASP B 158 24.97 155.98 0.67
N GLU B 159 24.79 157.24 1.09
CA GLU B 159 25.65 158.30 0.57
C GLU B 159 26.97 158.36 1.32
N TYR B 160 26.91 158.48 2.65
CA TYR B 160 28.10 158.62 3.49
C TYR B 160 28.32 157.43 4.42
N ASP B 161 27.53 156.36 4.29
CA ASP B 161 27.69 155.21 5.17
C ASP B 161 28.62 154.16 4.59
N MET B 162 29.25 154.43 3.44
CA MET B 162 30.36 153.58 3.00
C MET B 162 31.51 153.65 4.00
N LEU B 163 31.82 154.86 4.48
CA LEU B 163 32.74 155.07 5.60
C LEU B 163 32.02 155.98 6.59
N PHE B 164 31.48 155.39 7.66
CA PHE B 164 30.63 156.13 8.60
C PHE B 164 31.49 156.95 9.54
N ASP B 165 31.21 158.25 9.64
CA ASP B 165 31.97 159.19 10.45
C ASP B 165 31.08 159.80 11.53
N GLU B 166 31.65 160.71 12.32
CA GLU B 166 30.99 161.19 13.53
C GLU B 166 31.04 162.71 13.71
N SER B 167 31.44 163.48 12.70
CA SER B 167 31.53 164.93 12.85
C SER B 167 30.16 165.59 12.65
N GLU B 168 29.60 165.44 11.45
CA GLU B 168 28.24 165.91 11.22
C GLU B 168 27.21 165.09 11.98
N LEU B 169 27.58 163.90 12.46
CA LEU B 169 26.77 163.22 13.46
C LEU B 169 26.61 164.08 14.70
N ASP B 170 27.71 164.66 15.19
CA ASP B 170 27.65 165.55 16.35
C ASP B 170 26.98 166.88 16.02
N ASP B 171 27.18 167.39 14.79
CA ASP B 171 26.46 168.59 14.38
C ASP B 171 24.95 168.36 14.37
N ALA B 172 24.52 167.21 13.84
CA ALA B 172 23.12 166.83 13.88
C ALA B 172 22.64 166.64 15.32
N LEU B 173 23.50 166.10 16.19
CA LEU B 173 23.15 165.98 17.60
C LEU B 173 22.86 167.35 18.21
N SER B 174 23.72 168.33 17.95
CA SER B 174 23.50 169.68 18.46
C SER B 174 22.22 170.28 17.90
N HIS B 175 21.99 170.12 16.59
CA HIS B 175 20.78 170.66 15.98
C HIS B 175 19.52 170.02 16.53
N PHE B 176 19.55 168.70 16.73
CA PHE B 176 18.38 167.99 17.25
C PHE B 176 18.12 168.33 18.70
N GLU B 177 19.18 168.47 19.50
CA GLU B 177 19.01 168.86 20.89
C GLU B 177 18.41 170.26 20.99
N GLN B 178 18.91 171.19 20.17
CA GLN B 178 18.31 172.53 20.12
C GLN B 178 16.86 172.47 19.68
N ALA B 179 16.56 171.64 18.67
CA ALA B 179 15.21 171.57 18.13
C ALA B 179 14.23 170.97 19.14
N VAL B 180 14.64 169.92 19.85
CA VAL B 180 13.74 169.31 20.83
C VAL B 180 13.63 170.19 22.07
N GLU B 181 14.65 171.02 22.34
CA GLU B 181 14.52 171.99 23.42
C GLU B 181 13.60 173.14 23.05
N HIS B 182 13.48 173.46 21.76
CA HIS B 182 12.49 174.45 21.33
C HIS B 182 11.08 173.95 21.60
N ASP B 183 10.82 172.67 21.30
CA ASP B 183 9.54 172.05 21.58
C ASP B 183 9.72 170.53 21.60
N HIS B 184 9.04 169.88 22.55
CA HIS B 184 9.04 168.43 22.60
C HIS B 184 8.10 167.81 21.58
N ASN B 185 7.28 168.61 20.91
CA ASN B 185 6.39 168.12 19.86
C ASN B 185 7.11 167.94 18.53
N ASP B 186 8.39 168.27 18.46
CA ASP B 186 9.16 168.08 17.24
C ASP B 186 9.31 166.60 16.92
N LEU B 187 9.33 166.29 15.62
CA LEU B 187 9.32 164.92 15.13
C LEU B 187 10.67 164.48 14.58
N GLN B 188 11.29 165.28 13.72
CA GLN B 188 12.51 164.87 13.06
C GLN B 188 13.71 164.89 13.99
N ALA B 189 13.71 165.79 14.98
CA ALA B 189 14.84 165.89 15.90
C ALA B 189 15.01 164.62 16.71
N LEU B 190 13.90 164.11 17.27
CA LEU B 190 13.96 162.91 18.10
C LEU B 190 14.30 161.68 17.28
N LEU B 191 13.75 161.57 16.07
CA LEU B 191 14.05 160.42 15.21
C LEU B 191 15.50 160.44 14.76
N GLY B 192 16.02 161.62 14.43
CA GLY B 192 17.42 161.73 14.07
C GLY B 192 18.33 161.44 15.25
N LYS B 193 17.94 161.87 16.45
CA LYS B 193 18.71 161.52 17.65
C LYS B 193 18.69 160.02 17.89
N ALA B 194 17.55 159.38 17.63
CA ALA B 194 17.44 157.93 17.77
C ALA B 194 18.36 157.21 16.79
N LYS B 195 18.42 157.67 15.53
CA LYS B 195 19.33 157.00 14.60
C LYS B 195 20.79 157.33 14.90
N ILE B 196 21.06 158.51 15.48
CA ILE B 196 22.41 158.83 15.94
C ILE B 196 22.85 157.84 17.00
N MET B 197 22.02 157.65 18.01
CA MET B 197 22.38 156.72 19.08
C MET B 197 22.20 155.26 18.68
N GLU B 198 21.55 154.99 17.54
CA GLU B 198 21.65 153.66 16.96
C GLU B 198 23.03 153.44 16.35
N LEU B 199 23.53 154.45 15.63
CA LEU B 199 24.78 154.33 14.89
C LEU B 199 26.01 154.23 15.80
N LYS B 200 25.90 154.66 17.06
CA LYS B 200 27.04 154.74 17.95
C LYS B 200 27.11 153.58 18.95
N LYS B 201 26.33 152.52 18.71
CA LYS B 201 26.37 151.28 19.51
C LYS B 201 25.89 151.48 20.95
N GLN B 202 24.70 152.07 21.10
CA GLN B 202 23.95 152.11 22.36
C GLN B 202 22.49 151.71 22.11
N LEU B 203 22.34 150.51 21.52
CA LEU B 203 21.06 150.00 21.03
C LEU B 203 19.95 150.02 22.09
N GLY B 204 20.30 149.86 23.36
CA GLY B 204 19.32 149.87 24.44
C GLY B 204 18.56 151.18 24.58
N PRO B 205 19.25 152.25 24.98
CA PRO B 205 18.59 153.56 25.02
C PRO B 205 18.09 154.04 23.67
N CYS B 206 18.71 153.57 22.58
CA CYS B 206 18.20 153.92 21.26
C CYS B 206 16.81 153.35 21.04
N LEU B 207 16.63 152.06 21.34
CA LEU B 207 15.30 151.46 21.24
C LEU B 207 14.34 152.06 22.26
N ASP B 208 14.87 152.48 23.42
CA ASP B 208 14.04 153.17 24.42
C ASP B 208 13.45 154.45 23.85
N VAL B 209 14.30 155.31 23.28
CA VAL B 209 13.77 156.56 22.71
C VAL B 209 12.97 156.29 21.43
N LEU B 210 13.29 155.21 20.70
CA LEU B 210 12.48 154.85 19.53
C LEU B 210 11.07 154.48 19.94
N THR B 211 10.92 153.73 21.03
CA THR B 211 9.59 153.45 21.57
C THR B 211 8.96 154.70 22.15
N GLU B 212 9.79 155.62 22.65
CA GLU B 212 9.27 156.88 23.21
C GLU B 212 8.64 157.75 22.14
N ILE B 213 9.25 157.82 20.95
CA ILE B 213 8.89 158.85 19.99
C ILE B 213 8.01 158.33 18.86
N ASN B 214 8.11 157.04 18.54
CA ASN B 214 7.35 156.50 17.42
C ASN B 214 5.87 156.32 17.75
N VAL B 215 5.49 156.46 19.03
CA VAL B 215 4.08 156.50 19.39
C VAL B 215 3.46 157.87 19.17
N ARG B 216 4.27 158.89 18.90
CA ARG B 216 3.78 160.23 18.64
C ARG B 216 3.39 160.45 17.19
N PHE B 217 3.69 159.49 16.30
CA PHE B 217 3.30 159.60 14.90
C PHE B 217 3.13 158.21 14.32
N GLY B 218 2.00 157.98 13.66
CA GLY B 218 1.77 156.73 12.94
C GLY B 218 1.36 156.97 11.51
N TRP B 219 0.85 158.16 11.23
CA TRP B 219 0.48 158.56 9.88
C TRP B 219 1.54 159.42 9.22
N PHE B 220 2.69 159.60 9.87
CA PHE B 220 3.84 160.28 9.29
C PHE B 220 4.64 159.24 8.51
N VAL B 221 4.25 159.05 7.25
CA VAL B 221 4.79 157.92 6.46
C VAL B 221 6.30 157.94 6.23
N PRO B 222 6.97 159.08 5.94
CA PRO B 222 8.42 158.97 5.67
C PRO B 222 9.23 158.65 6.93
N ALA B 223 8.86 159.20 8.09
CA ALA B 223 9.53 158.82 9.32
C ALA B 223 9.28 157.36 9.67
N LEU B 224 8.20 156.76 9.16
CA LEU B 224 7.99 155.33 9.31
C LEU B 224 8.87 154.52 8.38
N VAL B 225 9.08 154.97 7.14
CA VAL B 225 9.91 154.17 6.24
C VAL B 225 11.39 154.34 6.58
N GLU B 226 11.76 155.41 7.30
CA GLU B 226 13.15 155.61 7.69
C GLU B 226 13.63 154.64 8.76
N LYS B 227 12.74 153.84 9.34
CA LYS B 227 13.11 152.77 10.27
C LYS B 227 13.79 151.59 9.56
N THR B 228 14.11 151.71 8.28
CA THR B 228 14.64 150.57 7.52
C THR B 228 16.08 150.25 7.89
N ARG B 229 16.99 151.19 7.67
CA ARG B 229 18.41 150.96 7.84
C ARG B 229 18.94 151.49 9.17
N MET B 230 18.08 152.11 9.97
CA MET B 230 18.42 152.48 11.34
C MET B 230 17.84 151.51 12.37
N LEU B 231 17.19 150.44 11.92
CA LEU B 231 16.88 149.31 12.76
C LEU B 231 17.73 148.09 12.44
N MET B 232 18.57 148.18 11.42
CA MET B 232 19.35 147.05 10.95
C MET B 232 20.74 146.99 11.58
N MET B 233 21.02 147.86 12.56
CA MET B 233 22.19 147.72 13.40
C MET B 233 21.99 146.67 14.49
N LEU B 234 20.76 146.22 14.70
CA LEU B 234 20.46 145.31 15.80
C LEU B 234 20.92 143.89 15.50
N GLY B 235 20.91 143.50 14.23
CA GLY B 235 21.36 142.18 13.85
C GLY B 235 20.35 141.37 13.08
N ASP B 236 19.30 142.02 12.59
CA ASP B 236 18.21 141.34 11.91
C ASP B 236 17.55 142.31 10.94
N TRP B 237 16.71 141.76 10.06
CA TRP B 237 15.96 142.55 9.10
C TRP B 237 14.47 142.22 9.10
N GLU B 238 14.00 141.41 10.05
CA GLU B 238 12.57 141.16 10.16
C GLU B 238 11.82 142.39 10.69
N GLN B 239 12.44 143.13 11.61
CA GLN B 239 11.86 144.40 12.05
C GLN B 239 11.82 145.39 10.90
N VAL B 240 12.76 145.29 9.97
CA VAL B 240 12.69 146.09 8.75
C VAL B 240 11.48 145.69 7.91
N THR B 241 11.20 144.38 7.81
CA THR B 241 10.02 143.92 7.07
C THR B 241 8.75 144.46 7.70
N GLU B 242 8.64 144.41 9.04
CA GLU B 242 7.41 144.88 9.66
C GLU B 242 7.29 146.40 9.61
N THR B 243 8.41 147.13 9.66
CA THR B 243 8.29 148.58 9.56
C THR B 243 8.07 149.05 8.13
N LEU B 244 8.35 148.21 7.14
CA LEU B 244 7.90 148.53 5.78
C LEU B 244 6.45 148.13 5.56
N GLN B 245 6.00 147.05 6.21
CA GLN B 245 4.57 146.72 6.17
C GLN B 245 3.74 147.75 6.90
N ARG B 246 4.31 148.40 7.92
CA ARG B 246 3.65 149.54 8.56
C ARG B 246 3.41 150.67 7.57
N VAL B 247 4.42 150.95 6.74
CA VAL B 247 4.29 151.97 5.71
C VAL B 247 3.24 151.57 4.68
N LEU B 248 3.25 150.29 4.29
CA LEU B 248 2.24 149.80 3.36
C LEU B 248 0.83 149.89 3.94
N ALA B 249 0.68 149.65 5.23
CA ALA B 249 -0.60 149.87 5.91
C ALA B 249 -0.97 151.35 5.92
N ALA B 250 0.01 152.23 6.10
CA ALA B 250 -0.26 153.66 5.99
C ALA B 250 -0.70 154.03 4.58
N ASP B 251 0.02 153.56 3.57
CA ASP B 251 -0.32 153.79 2.17
C ASP B 251 0.47 152.82 1.30
N GLN B 252 -0.22 152.17 0.36
CA GLN B 252 0.43 151.24 -0.56
C GLN B 252 0.99 152.01 -1.76
N GLN B 253 1.98 152.85 -1.45
CA GLN B 253 2.60 153.67 -2.48
C GLN B 253 4.11 153.80 -2.37
N ASN B 254 4.73 153.22 -1.35
CA ASN B 254 6.15 153.40 -1.11
C ASN B 254 6.95 152.42 -1.94
N ILE B 255 7.72 152.94 -2.89
CA ILE B 255 8.65 152.12 -3.65
C ILE B 255 9.79 151.62 -2.78
N MET B 256 10.26 152.45 -1.85
CA MET B 256 11.35 152.04 -0.97
C MET B 256 10.94 150.91 -0.04
N ALA B 257 9.66 150.83 0.33
CA ALA B 257 9.21 149.68 1.11
C ALA B 257 9.43 148.38 0.35
N GLN B 258 8.93 148.32 -0.89
CA GLN B 258 9.11 147.13 -1.72
C GLN B 258 10.57 146.85 -2.00
N ALA B 259 11.33 147.90 -2.34
CA ALA B 259 12.72 147.74 -2.72
C ALA B 259 13.56 147.24 -1.55
N TRP B 260 13.44 147.88 -0.39
CA TRP B 260 14.22 147.49 0.78
C TRP B 260 13.80 146.14 1.31
N ASN B 261 12.50 145.81 1.29
CA ASN B 261 12.08 144.48 1.70
C ASN B 261 12.58 143.42 0.73
N CYS B 262 12.63 143.75 -0.57
CA CYS B 262 13.29 142.89 -1.54
C CYS B 262 14.76 142.70 -1.18
N MET B 263 15.47 143.79 -0.90
CA MET B 263 16.91 143.74 -0.66
C MET B 263 17.23 142.90 0.56
N ILE B 264 16.47 143.10 1.65
CA ILE B 264 16.69 142.33 2.85
C ILE B 264 16.16 140.91 2.74
N SER B 265 15.26 140.64 1.79
CA SER B 265 14.72 139.28 1.68
C SER B 265 15.75 138.31 1.14
N LEU B 266 16.69 138.79 0.33
CA LEU B 266 17.65 137.92 -0.35
C LEU B 266 18.93 137.70 0.44
N THR B 267 19.04 138.27 1.64
CA THR B 267 20.27 138.14 2.40
C THR B 267 20.39 136.76 3.04
N ARG B 268 19.41 136.38 3.86
CA ARG B 268 19.53 135.20 4.71
C ARG B 268 18.96 133.94 4.06
N GLU B 269 17.65 133.93 3.79
CA GLU B 269 17.02 132.75 3.23
C GLU B 269 17.14 132.68 1.72
N GLY B 270 17.62 133.73 1.07
CA GLY B 270 17.52 133.82 -0.37
C GLY B 270 16.10 133.87 -0.85
N ASN B 271 15.20 134.47 -0.07
CA ASN B 271 13.77 134.42 -0.34
C ASN B 271 13.44 135.43 -1.42
N ASN B 272 13.22 134.94 -2.64
CA ASN B 272 12.73 135.79 -3.71
C ASN B 272 11.23 136.01 -3.65
N LYS B 273 10.52 135.30 -2.77
CA LYS B 273 9.05 135.26 -2.80
C LYS B 273 8.47 136.63 -2.48
N GLN B 274 8.75 137.13 -1.27
CA GLN B 274 8.39 138.50 -0.93
C GLN B 274 9.08 139.49 -1.86
N ALA B 275 10.31 139.18 -2.30
CA ALA B 275 10.98 140.01 -3.29
C ALA B 275 10.23 140.03 -4.60
N ALA B 276 9.72 138.88 -5.05
CA ALA B 276 8.98 138.84 -6.32
C ALA B 276 7.68 139.62 -6.22
N LYS B 277 6.93 139.45 -5.12
CA LYS B 277 5.66 140.17 -5.02
C LYS B 277 5.88 141.66 -4.85
N GLN B 278 6.94 142.07 -4.13
CA GLN B 278 7.24 143.47 -3.99
C GLN B 278 7.72 144.06 -5.33
N LEU B 279 8.45 143.27 -6.11
CA LEU B 279 8.79 143.69 -7.47
C LEU B 279 7.55 143.88 -8.34
N GLN B 280 6.60 142.94 -8.24
CA GLN B 280 5.45 142.97 -9.14
C GLN B 280 4.50 144.12 -8.81
N ASP B 281 4.16 144.30 -7.53
CA ASP B 281 3.33 145.45 -7.22
C ASP B 281 4.15 146.75 -7.25
N LEU B 282 5.48 146.66 -7.22
CA LEU B 282 6.32 147.82 -7.48
C LEU B 282 6.16 148.30 -8.92
N PHE B 283 6.28 147.38 -9.88
CA PHE B 283 6.11 147.75 -11.28
C PHE B 283 4.66 148.13 -11.58
N SER B 284 3.71 147.60 -10.81
CA SER B 284 2.34 148.08 -10.91
C SER B 284 2.22 149.52 -10.40
N SER B 285 2.93 149.83 -9.31
CA SER B 285 2.91 151.19 -8.76
C SER B 285 3.68 152.18 -9.61
N MET B 286 4.57 151.70 -10.48
CA MET B 286 5.33 152.61 -11.34
C MET B 286 4.45 153.31 -12.38
N ASN B 287 3.23 152.81 -12.59
CA ASN B 287 2.37 153.38 -13.63
C ASN B 287 1.85 154.76 -13.26
N ARG B 288 1.34 154.92 -12.04
CA ARG B 288 0.74 156.18 -11.62
C ARG B 288 1.75 157.15 -11.00
N GLN B 289 3.01 156.76 -10.92
CA GLN B 289 4.11 157.66 -10.58
C GLN B 289 5.09 157.67 -11.75
N GLU B 290 6.24 158.30 -11.56
CA GLU B 290 7.21 158.37 -12.63
C GLU B 290 7.83 156.99 -12.89
N PRO B 291 7.69 156.45 -14.11
CA PRO B 291 8.19 155.09 -14.37
C PRO B 291 9.69 154.94 -14.26
N LYS B 292 10.44 156.04 -14.34
CA LYS B 292 11.88 156.01 -14.09
C LYS B 292 12.28 157.29 -13.37
N ASN B 293 13.07 157.14 -12.31
CA ASN B 293 13.58 158.29 -11.57
C ASN B 293 14.96 157.95 -11.05
N ALA B 294 15.84 158.95 -11.06
CA ALA B 294 17.25 158.75 -10.74
C ALA B 294 17.47 158.30 -9.31
N GLU B 295 17.20 159.18 -8.33
CA GLU B 295 17.47 158.88 -6.93
C GLU B 295 16.59 157.74 -6.44
N LEU B 296 15.35 157.69 -6.92
CA LEU B 296 14.43 156.62 -6.57
C LEU B 296 15.01 155.25 -6.93
N PHE B 297 15.44 155.09 -8.19
CA PHE B 297 15.92 153.79 -8.62
C PHE B 297 17.33 153.50 -8.13
N PHE B 298 18.11 154.53 -7.80
CA PHE B 298 19.38 154.28 -7.14
C PHE B 298 19.16 153.71 -5.74
N ARG B 299 18.24 154.31 -4.98
CA ARG B 299 17.95 153.83 -3.63
C ARG B 299 17.15 152.53 -3.61
N VAL B 300 16.68 152.05 -4.77
CA VAL B 300 16.01 150.75 -4.84
C VAL B 300 16.97 149.64 -4.43
N ALA B 301 18.20 149.68 -4.96
CA ALA B 301 19.09 148.54 -4.82
C ALA B 301 20.49 148.85 -4.34
N ARG B 302 20.98 150.11 -4.44
CA ARG B 302 22.40 150.40 -4.25
C ARG B 302 23.03 150.01 -2.91
N PRO B 303 22.32 149.94 -1.75
CA PRO B 303 22.99 149.38 -0.57
C PRO B 303 23.17 147.88 -0.64
N PHE B 304 22.37 147.18 -1.44
CA PHE B 304 22.52 145.75 -1.64
C PHE B 304 22.86 145.41 -3.07
N GLY B 305 22.85 146.38 -3.98
CA GLY B 305 23.41 146.30 -5.32
C GLY B 305 24.89 146.53 -5.36
N ARG B 306 25.52 146.74 -4.20
CA ARG B 306 26.96 146.63 -4.10
C ARG B 306 27.43 145.22 -4.43
N LEU B 307 26.59 144.23 -4.14
CA LEU B 307 26.92 142.82 -4.32
C LEU B 307 25.82 142.07 -5.04
N ALA B 308 26.24 141.08 -5.82
CA ALA B 308 25.39 139.96 -6.22
C ALA B 308 26.32 138.75 -6.25
N CYS B 309 26.45 138.08 -5.09
CA CYS B 309 27.39 136.99 -4.97
C CYS B 309 26.88 135.79 -4.18
N SER B 310 25.79 135.92 -3.43
CA SER B 310 25.34 134.83 -2.57
C SER B 310 24.52 133.81 -3.37
N ASP B 311 23.39 134.25 -3.88
CA ASP B 311 22.44 133.43 -4.63
C ASP B 311 22.06 134.16 -5.89
N PRO B 312 21.62 133.45 -6.94
CA PRO B 312 21.16 134.13 -8.16
C PRO B 312 19.90 134.96 -7.97
N THR B 313 19.24 134.87 -6.81
CA THR B 313 18.06 135.68 -6.51
C THR B 313 18.37 137.15 -6.34
N LEU B 314 19.65 137.53 -6.23
CA LEU B 314 20.04 138.91 -6.01
C LEU B 314 20.01 139.75 -7.29
N LEU B 315 19.83 139.13 -8.46
CA LEU B 315 20.06 139.85 -9.70
C LEU B 315 18.80 140.49 -10.26
N GLY B 316 17.68 139.76 -10.22
CA GLY B 316 16.45 140.10 -10.92
C GLY B 316 15.83 141.43 -10.53
N ILE B 317 16.23 141.99 -9.40
CA ILE B 317 15.87 143.36 -9.05
C ILE B 317 17.07 144.30 -9.15
N THR B 318 18.25 143.90 -8.66
CA THR B 318 19.38 144.81 -8.59
C THR B 318 19.84 145.23 -9.98
N TYR B 319 20.11 144.26 -10.86
CA TYR B 319 20.50 144.65 -12.21
C TYR B 319 19.32 145.15 -13.04
N LEU B 320 18.10 144.67 -12.78
CA LEU B 320 16.94 145.15 -13.52
C LEU B 320 16.76 146.66 -13.32
N MET B 321 16.73 147.10 -12.07
CA MET B 321 16.54 148.52 -11.86
C MET B 321 17.85 149.29 -11.87
N ALA B 322 18.99 148.58 -11.90
CA ALA B 322 20.24 149.20 -12.31
C ALA B 322 20.22 149.59 -13.78
N ASP B 323 19.63 148.74 -14.63
CA ASP B 323 19.39 149.13 -16.01
C ASP B 323 18.35 150.23 -16.10
N ARG B 324 17.28 150.13 -15.30
CA ARG B 324 16.26 151.17 -15.31
C ARG B 324 16.74 152.49 -14.72
N ALA B 325 17.89 152.50 -14.05
CA ALA B 325 18.49 153.69 -13.48
C ALA B 325 19.66 154.24 -14.28
N ALA B 326 20.54 153.37 -14.77
CA ALA B 326 21.75 153.76 -15.49
C ALA B 326 21.52 153.96 -16.98
N GLN B 327 20.67 153.13 -17.60
CA GLN B 327 20.24 153.43 -18.96
C GLN B 327 19.24 154.58 -18.99
N LEU B 328 18.60 154.86 -17.86
CA LEU B 328 17.96 156.15 -17.68
C LEU B 328 19.00 157.27 -17.71
N ARG B 329 19.99 157.19 -16.82
CA ARG B 329 21.10 158.14 -16.83
C ARG B 329 22.32 157.52 -16.16
N PRO B 330 23.45 157.44 -16.88
CA PRO B 330 24.66 156.79 -16.35
C PRO B 330 25.66 157.74 -15.69
N GLU B 331 25.26 158.98 -15.37
CA GLU B 331 26.23 160.02 -15.03
C GLU B 331 27.01 159.70 -13.76
N MET B 332 26.32 159.36 -12.68
CA MET B 332 27.00 159.14 -11.42
C MET B 332 27.67 157.77 -11.41
N ALA B 333 28.76 157.65 -10.66
CA ALA B 333 29.64 156.50 -10.78
C ALA B 333 29.36 155.41 -9.76
N ALA B 334 28.80 155.75 -8.59
CA ALA B 334 28.73 154.80 -7.49
C ALA B 334 27.86 153.59 -7.85
N TYR B 335 26.56 153.80 -8.06
CA TYR B 335 25.67 152.68 -8.29
C TYR B 335 25.88 152.05 -9.66
N VAL B 336 26.20 152.84 -10.69
CA VAL B 336 26.41 152.28 -12.01
C VAL B 336 27.64 151.39 -12.03
N VAL B 337 28.75 151.88 -11.47
CA VAL B 337 29.99 151.11 -11.42
C VAL B 337 29.83 149.89 -10.53
N GLU B 338 29.22 150.06 -9.35
CA GLU B 338 29.05 148.92 -8.45
C GLU B 338 27.98 147.96 -8.94
N ALA B 339 27.05 148.39 -9.78
CA ALA B 339 26.09 147.49 -10.39
C ALA B 339 26.73 146.69 -11.51
N ALA B 340 27.63 147.31 -12.28
CA ALA B 340 28.42 146.52 -13.21
C ALA B 340 29.38 145.59 -12.46
N ALA B 341 29.82 146.00 -11.27
CA ALA B 341 30.66 145.15 -10.45
C ALA B 341 29.89 143.93 -9.97
N GLN B 342 28.68 144.12 -9.45
CA GLN B 342 27.89 142.96 -9.06
C GLN B 342 27.44 142.15 -10.27
N LYS B 343 27.38 142.76 -11.46
CA LYS B 343 27.26 141.99 -12.69
C LYS B 343 28.55 141.22 -13.01
N LEU B 344 29.67 141.66 -12.46
CA LEU B 344 30.97 141.02 -12.66
C LEU B 344 31.27 139.91 -11.65
N MET B 345 30.62 139.91 -10.48
CA MET B 345 30.83 138.82 -9.53
C MET B 345 30.19 137.49 -9.94
N MET B 346 29.32 137.44 -10.95
CA MET B 346 29.10 136.18 -11.65
C MET B 346 29.78 136.16 -13.01
N ASP B 347 30.76 137.03 -13.22
CA ASP B 347 31.59 137.10 -14.43
C ASP B 347 30.78 137.34 -15.69
N GLU B 348 29.57 137.90 -15.53
CA GLU B 348 28.76 138.26 -16.72
C GLU B 348 29.27 139.61 -17.25
N THR B 349 30.39 139.60 -17.97
CA THR B 349 31.00 140.86 -18.46
C THR B 349 30.00 141.60 -19.37
N THR B 350 29.31 140.87 -20.25
CA THR B 350 28.35 141.51 -21.20
C THR B 350 27.78 142.79 -20.59
N ASN B 351 26.97 142.67 -19.54
CA ASN B 351 26.35 143.83 -18.90
C ASN B 351 27.35 144.61 -18.06
N ALA B 352 28.31 143.92 -17.46
CA ALA B 352 29.37 144.58 -16.72
C ALA B 352 30.16 145.52 -17.61
N THR B 353 30.60 145.04 -18.78
CA THR B 353 31.28 145.91 -19.72
C THR B 353 30.35 146.97 -20.29
N GLU B 354 29.06 146.68 -20.43
CA GLU B 354 28.11 147.68 -20.92
C GLU B 354 28.08 148.89 -20.00
N ARG B 355 27.85 148.65 -18.70
CA ARG B 355 27.79 149.78 -17.76
C ARG B 355 29.17 150.38 -17.52
N PHE B 356 30.21 149.56 -17.46
CA PHE B 356 31.56 150.09 -17.24
C PHE B 356 32.03 150.92 -18.44
N THR B 357 31.63 150.57 -19.66
CA THR B 357 32.02 151.34 -20.83
C THR B 357 31.12 152.55 -21.06
N GLN B 358 29.85 152.53 -20.61
CA GLN B 358 29.10 153.77 -20.65
C GLN B 358 29.66 154.75 -19.62
N ALA B 359 30.14 154.24 -18.47
CA ALA B 359 30.88 155.09 -17.54
C ALA B 359 32.18 155.58 -18.18
N LEU B 360 32.93 154.69 -18.82
CA LEU B 360 34.19 155.06 -19.47
C LEU B 360 33.99 156.08 -20.57
N GLN B 361 32.83 156.04 -21.24
CA GLN B 361 32.47 157.09 -22.18
C GLN B 361 32.11 158.38 -21.46
N LEU B 362 31.54 158.29 -20.26
CA LEU B 362 31.11 159.51 -19.58
C LEU B 362 32.18 160.01 -18.61
N ASP B 363 32.57 159.22 -17.62
CA ASP B 363 33.71 159.53 -16.76
C ASP B 363 34.78 158.47 -16.99
N GLU B 364 35.75 158.79 -17.84
CA GLU B 364 36.73 157.80 -18.31
C GLU B 364 37.67 157.37 -17.19
N LEU B 365 38.25 158.33 -16.48
CA LEU B 365 39.29 158.07 -15.50
C LEU B 365 38.76 158.42 -14.12
N ASN B 366 38.76 157.44 -13.21
CA ASN B 366 38.16 157.63 -11.91
C ASN B 366 38.69 156.58 -10.95
N LEU B 367 38.37 156.76 -9.67
CA LEU B 367 38.67 155.77 -8.64
C LEU B 367 37.94 154.46 -8.90
N GLU B 368 36.67 154.55 -9.32
CA GLU B 368 35.80 153.40 -9.46
C GLU B 368 35.55 153.00 -10.91
N ALA B 369 35.50 153.97 -11.82
CA ALA B 369 35.05 153.70 -13.19
C ALA B 369 36.07 152.88 -13.96
N ASN B 370 37.28 153.41 -14.13
CA ASN B 370 38.29 152.69 -14.91
C ASN B 370 38.77 151.45 -14.18
N ALA B 371 38.76 151.47 -12.84
CA ALA B 371 39.12 150.29 -12.07
C ALA B 371 38.14 149.15 -12.35
N GLY B 372 36.84 149.44 -12.27
CA GLY B 372 35.85 148.44 -12.61
C GLY B 372 35.88 148.03 -14.07
N ALA B 373 36.19 148.96 -14.97
CA ALA B 373 36.30 148.62 -16.39
C ALA B 373 37.43 147.65 -16.65
N LEU B 374 38.60 147.87 -16.03
CA LEU B 374 39.70 146.92 -16.17
C LEU B 374 39.39 145.60 -15.49
N GLU B 375 38.65 145.63 -14.38
CA GLU B 375 38.14 144.40 -13.78
C GLU B 375 37.27 143.63 -14.75
N ALA B 376 36.39 144.34 -15.46
CA ALA B 376 35.54 143.70 -16.45
C ALA B 376 36.36 143.11 -17.59
N GLN B 377 37.42 143.81 -17.99
CA GLN B 377 38.28 143.33 -19.06
C GLN B 377 39.03 142.07 -18.66
N ILE B 378 39.52 142.00 -17.41
CA ILE B 378 40.40 140.90 -17.04
C ILE B 378 39.66 139.59 -16.78
N MET B 379 38.34 139.55 -16.94
CA MET B 379 37.65 138.28 -17.18
C MET B 379 36.73 138.34 -18.39
N ALA B 380 36.97 139.25 -19.32
CA ALA B 380 36.25 139.22 -20.59
C ALA B 380 37.19 138.71 -21.68
N GLY B 381 38.13 137.85 -21.30
CA GLY B 381 39.16 137.37 -22.20
C GLY B 381 40.38 138.26 -22.30
N GLU B 382 40.32 139.48 -21.78
CA GLU B 382 41.45 140.40 -21.79
C GLU B 382 42.25 140.29 -20.50
N LEU B 383 42.82 139.11 -20.26
CA LEU B 383 43.60 138.87 -19.05
C LEU B 383 44.85 139.74 -19.01
N GLU B 384 45.52 139.87 -20.16
CA GLU B 384 46.77 140.62 -20.26
C GLU B 384 46.60 141.97 -20.94
N GLU B 385 45.39 142.31 -21.38
CA GLU B 385 45.16 143.53 -22.14
C GLU B 385 44.76 144.71 -21.28
N ALA B 386 44.61 144.52 -19.97
CA ALA B 386 44.26 145.61 -19.06
C ALA B 386 45.39 145.90 -18.08
N ALA B 387 46.63 145.68 -18.52
CA ALA B 387 47.82 145.94 -17.71
C ALA B 387 48.89 146.63 -18.55
N GLY B 388 48.47 147.59 -19.36
CA GLY B 388 49.38 148.31 -20.23
C GLY B 388 49.38 149.80 -20.00
N GLN B 389 48.59 150.26 -19.03
CA GLN B 389 48.51 151.68 -18.69
C GLN B 389 48.93 151.89 -17.25
N ILE B 390 50.05 151.26 -16.85
CA ILE B 390 50.42 151.22 -15.45
C ILE B 390 50.87 152.59 -14.96
N MET B 391 51.61 153.34 -15.79
CA MET B 391 52.20 154.60 -15.33
C MET B 391 51.12 155.66 -15.10
N PHE B 392 50.24 155.86 -16.07
CA PHE B 392 49.21 156.90 -15.94
C PHE B 392 48.20 156.55 -14.85
N LEU B 393 47.76 155.30 -14.81
CA LEU B 393 46.85 154.86 -13.75
C LEU B 393 47.50 154.98 -12.39
N GLU B 394 48.78 154.65 -12.28
CA GLU B 394 49.48 154.74 -11.00
C GLU B 394 49.60 156.18 -10.53
N ASP B 395 50.00 157.10 -11.42
CA ASP B 395 50.15 158.49 -10.99
C ASP B 395 48.80 159.12 -10.66
N MET B 396 47.75 158.79 -11.43
CA MET B 396 46.45 159.37 -11.12
C MET B 396 45.85 158.73 -9.88
N PHE B 397 46.13 157.45 -9.61
CA PHE B 397 45.67 156.82 -8.38
C PHE B 397 46.36 157.42 -7.16
N THR B 398 47.66 157.72 -7.27
CA THR B 398 48.34 158.42 -6.20
C THR B 398 47.79 159.84 -6.02
N ASN B 399 47.45 160.51 -7.12
CA ASN B 399 46.83 161.83 -7.02
C ASN B 399 45.47 161.76 -6.33
N ALA B 400 44.67 160.74 -6.65
CA ALA B 400 43.36 160.58 -6.04
C ALA B 400 43.47 160.21 -4.57
N ALA B 401 44.45 159.38 -4.20
CA ALA B 401 44.70 159.08 -2.80
C ALA B 401 45.30 160.27 -2.06
N ALA B 402 45.92 161.20 -2.77
CA ALA B 402 46.49 162.40 -2.17
C ALA B 402 45.56 163.61 -2.23
N ALA B 403 44.82 163.78 -3.33
CA ALA B 403 43.92 164.92 -3.47
C ALA B 403 42.56 164.48 -4.01
N PRO B 434 38.63 149.85 -2.05
CA PRO B 434 37.56 148.96 -2.49
C PRO B 434 37.76 148.45 -3.90
N THR B 435 37.27 149.22 -4.89
CA THR B 435 37.40 148.81 -6.28
C THR B 435 38.84 148.91 -6.78
N LEU B 436 39.61 149.88 -6.27
CA LEU B 436 41.01 150.00 -6.67
C LEU B 436 41.82 148.79 -6.22
N LEU B 437 41.69 148.42 -4.95
CA LEU B 437 42.52 147.35 -4.40
C LEU B 437 42.08 145.99 -4.93
N TYR B 438 40.76 145.80 -5.09
CA TYR B 438 40.26 144.59 -5.72
C TYR B 438 40.69 144.52 -7.18
N LEU B 439 40.73 145.67 -7.88
CA LEU B 439 41.30 145.73 -9.22
C LEU B 439 42.74 145.25 -9.23
N LYS B 440 43.57 145.78 -8.32
CA LYS B 440 44.99 145.45 -8.32
C LYS B 440 45.21 143.96 -8.03
N GLY B 441 44.51 143.42 -7.03
CA GLY B 441 44.65 142.01 -6.72
C GLY B 441 44.11 141.11 -7.81
N LEU B 442 42.96 141.48 -8.39
CA LEU B 442 42.37 140.71 -9.48
C LEU B 442 43.27 140.71 -10.70
N LEU B 443 43.83 141.87 -11.03
CA LEU B 443 44.73 141.99 -12.17
C LEU B 443 46.01 141.19 -11.94
N ALA B 444 46.52 141.20 -10.71
CA ALA B 444 47.68 140.37 -10.39
C ALA B 444 47.34 138.88 -10.46
N TRP B 445 46.10 138.51 -10.13
CA TRP B 445 45.73 137.11 -10.21
C TRP B 445 45.56 136.65 -11.65
N LYS B 446 44.99 137.49 -12.52
CA LYS B 446 44.68 137.07 -13.88
C LYS B 446 45.94 136.85 -14.71
N GLN B 447 47.05 137.49 -14.32
CA GLN B 447 48.30 137.34 -15.07
C GLN B 447 48.91 135.96 -14.87
N GLY B 448 48.66 135.30 -13.74
CA GLY B 448 49.15 133.96 -13.48
C GLY B 448 49.81 133.79 -12.12
N MET B 449 50.54 134.79 -11.68
CA MET B 449 51.21 134.65 -10.39
C MET B 449 50.19 134.83 -9.25
N PRO B 450 50.13 133.91 -8.30
CA PRO B 450 49.12 133.99 -7.24
C PRO B 450 49.45 135.00 -6.15
N SER B 451 50.71 135.03 -5.72
CA SER B 451 51.09 135.63 -4.44
C SER B 451 50.78 137.12 -4.38
N GLU B 452 51.07 137.86 -5.46
CA GLU B 452 50.68 139.27 -5.49
C GLU B 452 49.17 139.44 -5.51
N GLY B 453 48.47 138.58 -6.28
CA GLY B 453 47.02 138.58 -6.24
C GLY B 453 46.48 138.24 -4.87
N LEU B 454 47.10 137.24 -4.20
CA LEU B 454 46.75 136.91 -2.83
C LEU B 454 46.85 138.13 -1.92
N GLY B 455 48.02 138.78 -1.94
CA GLY B 455 48.26 139.89 -1.03
C GLY B 455 47.36 141.08 -1.28
N LEU B 456 47.22 141.49 -2.54
CA LEU B 456 46.43 142.68 -2.82
C LEU B 456 44.93 142.42 -2.71
N LEU B 457 44.48 141.19 -3.02
CA LEU B 457 43.07 140.87 -2.81
C LEU B 457 42.74 140.78 -1.32
N GLU B 458 43.67 140.26 -0.51
CA GLU B 458 43.48 140.29 0.94
C GLU B 458 43.52 141.72 1.48
N ARG B 459 44.33 142.58 0.88
CA ARG B 459 44.29 143.99 1.25
C ARG B 459 42.95 144.63 0.90
N SER B 460 42.39 144.27 -0.26
CA SER B 460 41.08 144.78 -0.65
C SER B 460 39.99 144.34 0.33
N ILE B 461 39.99 143.06 0.70
CA ILE B 461 38.98 142.60 1.63
C ILE B 461 39.21 143.17 3.02
N ALA B 462 40.48 143.43 3.39
CA ALA B 462 40.75 144.10 4.65
C ALA B 462 40.21 145.52 4.66
N ALA B 463 40.34 146.24 3.55
CA ALA B 463 39.77 147.58 3.45
C ALA B 463 38.25 147.54 3.52
N LEU B 464 37.64 146.56 2.86
CA LEU B 464 36.18 146.45 2.93
C LEU B 464 35.71 146.00 4.30
N PHE B 465 36.53 145.25 5.04
CA PHE B 465 36.21 144.92 6.42
C PHE B 465 36.36 146.13 7.33
N SER B 466 37.35 146.99 7.05
CA SER B 466 37.47 148.24 7.78
C SER B 466 36.26 149.13 7.54
N ALA B 467 35.77 149.17 6.30
CA ALA B 467 34.50 149.83 6.02
C ALA B 467 33.33 149.11 6.67
N ALA B 468 33.46 147.81 6.93
CA ALA B 468 32.41 147.05 7.59
C ALA B 468 32.36 147.29 9.10
N ALA B 469 33.49 147.65 9.71
CA ALA B 469 33.59 147.73 11.16
C ALA B 469 32.76 148.85 11.78
N ASP B 470 32.23 149.77 10.97
CA ASP B 470 31.40 150.85 11.49
C ASP B 470 29.99 150.41 11.86
N PHE B 471 29.63 149.16 11.57
CA PHE B 471 28.26 148.69 11.69
C PHE B 471 28.15 147.67 12.82
N HIS B 472 27.05 147.74 13.55
CA HIS B 472 26.84 146.87 14.69
C HIS B 472 26.31 145.49 14.31
N GLY B 473 25.97 145.26 13.05
CA GLY B 473 25.47 143.97 12.64
C GLY B 473 25.21 143.82 11.16
N PRO B 474 24.50 142.74 10.77
CA PRO B 474 24.18 142.53 9.36
C PRO B 474 23.19 143.58 8.87
N SER B 475 23.68 144.53 8.09
CA SER B 475 22.87 145.65 7.67
C SER B 475 22.94 145.82 6.16
N LEU B 476 21.90 146.46 5.63
CA LEU B 476 21.88 146.77 4.21
C LEU B 476 23.01 147.75 3.89
N GLU B 477 23.18 148.75 4.76
CA GLU B 477 24.30 149.68 4.67
C GLU B 477 25.62 148.97 4.91
N LEU B 478 25.62 147.95 5.78
CA LEU B 478 26.81 147.11 5.92
C LEU B 478 27.15 146.43 4.60
N TYR B 479 26.17 145.74 4.00
CA TYR B 479 26.39 145.06 2.72
C TYR B 479 26.83 146.02 1.62
N ALA B 480 26.45 147.29 1.73
CA ALA B 480 27.05 148.31 0.88
C ALA B 480 28.52 148.53 1.21
N ALA B 481 28.84 148.67 2.50
CA ALA B 481 30.20 149.05 2.88
C ALA B 481 31.08 147.85 3.19
N LEU B 482 30.54 146.78 3.77
CA LEU B 482 31.29 145.53 3.89
C LEU B 482 31.67 145.00 2.52
N ASN B 483 30.80 145.22 1.53
CA ASN B 483 30.98 144.84 0.14
C ASN B 483 31.36 143.37 0.01
N PRO B 484 30.43 142.45 0.28
CA PRO B 484 30.75 141.02 0.11
C PRO B 484 30.88 140.59 -1.34
N ALA B 485 30.61 141.49 -2.30
CA ALA B 485 30.88 141.23 -3.72
C ALA B 485 32.34 140.93 -3.96
N ARG B 486 33.18 141.94 -3.73
CA ARG B 486 34.61 141.79 -3.99
C ARG B 486 35.25 140.81 -3.01
N ILE B 487 34.78 140.78 -1.76
CA ILE B 487 35.33 139.84 -0.79
C ILE B 487 35.00 138.40 -1.18
N THR B 488 33.76 138.15 -1.61
CA THR B 488 33.37 136.84 -2.09
C THR B 488 34.12 136.48 -3.37
N ALA B 489 34.40 137.46 -4.22
CA ALA B 489 35.21 137.20 -5.41
C ALA B 489 36.62 136.78 -5.03
N VAL B 490 37.21 137.44 -4.03
CA VAL B 490 38.52 137.05 -3.52
C VAL B 490 38.47 135.64 -2.97
N VAL B 491 37.43 135.33 -2.20
CA VAL B 491 37.31 134.02 -1.56
C VAL B 491 37.20 132.92 -2.61
N ARG B 492 36.32 133.10 -3.59
CA ARG B 492 36.14 132.11 -4.64
C ARG B 492 37.35 132.03 -5.56
N LEU B 493 38.13 133.11 -5.67
CA LEU B 493 39.37 133.07 -6.42
C LEU B 493 40.50 132.43 -5.64
N LEU B 494 40.35 132.28 -4.32
CA LEU B 494 41.35 131.63 -3.51
C LEU B 494 40.99 130.20 -3.13
N LEU B 495 39.78 129.75 -3.49
CA LEU B 495 39.42 128.33 -3.27
C LEU B 495 40.04 127.49 -4.39
N GLN B 496 40.60 128.15 -5.42
CA GLN B 496 41.20 127.42 -6.54
C GLN B 496 42.56 126.81 -6.20
N SER B 497 43.21 127.23 -5.11
CA SER B 497 44.49 126.66 -4.74
C SER B 497 44.38 125.20 -4.33
N ILE B 498 43.18 124.75 -3.94
CA ILE B 498 42.95 123.39 -3.47
C ILE B 498 41.87 122.69 -4.30
N GLY B 499 40.71 123.34 -4.44
CA GLY B 499 39.63 122.80 -5.24
C GLY B 499 38.66 121.97 -4.44
N GLY B 500 38.29 120.80 -4.98
CA GLY B 500 37.45 119.86 -4.26
C GLY B 500 38.21 118.87 -3.41
N GLU B 501 39.53 119.02 -3.30
CA GLU B 501 40.37 118.10 -2.56
C GLU B 501 40.23 118.32 -1.05
N PRO B 502 40.38 117.25 -0.27
CA PRO B 502 40.62 117.43 1.17
C PRO B 502 41.96 118.09 1.40
N ARG B 503 42.06 118.86 2.49
CA ARG B 503 43.26 119.61 2.78
C ARG B 503 43.63 119.45 4.25
N ALA B 504 44.93 119.40 4.52
CA ALA B 504 45.45 119.28 5.88
C ALA B 504 46.57 120.29 6.10
N PRO B 505 46.59 120.96 7.26
CA PRO B 505 47.64 121.94 7.53
C PRO B 505 48.90 121.33 8.14
N THR B 506 48.77 120.12 8.71
CA THR B 506 49.94 119.39 9.18
C THR B 506 50.78 118.87 8.03
N GLU B 507 50.27 118.89 6.81
CA GLU B 507 51.04 118.69 5.59
C GLU B 507 51.77 119.98 5.26
N ALA B 508 52.27 120.09 4.03
CA ALA B 508 52.71 121.37 3.47
C ALA B 508 51.61 122.40 3.67
N PRO B 509 51.79 123.36 4.56
CA PRO B 509 50.66 124.20 4.98
C PRO B 509 50.45 125.38 4.04
N SER B 510 49.19 125.60 3.69
CA SER B 510 48.80 126.69 2.80
C SER B 510 48.17 127.80 3.64
N PRO B 511 48.88 128.92 3.86
CA PRO B 511 48.32 129.99 4.70
C PRO B 511 47.22 130.78 4.03
N LEU B 512 47.09 130.71 2.70
CA LEU B 512 46.09 131.53 2.01
C LEU B 512 44.67 131.11 2.35
N ILE B 513 44.42 129.80 2.44
CA ILE B 513 43.09 129.34 2.84
C ILE B 513 42.85 129.64 4.31
N SER B 514 43.90 129.72 5.13
CA SER B 514 43.74 130.20 6.50
C SER B 514 43.30 131.67 6.52
N LYS B 515 43.89 132.49 5.65
CA LYS B 515 43.46 133.88 5.54
C LYS B 515 42.02 133.99 5.07
N VAL B 516 41.62 133.14 4.12
CA VAL B 516 40.24 133.11 3.65
C VAL B 516 39.30 132.72 4.78
N THR B 517 39.69 131.73 5.58
CA THR B 517 38.87 131.31 6.72
C THR B 517 38.73 132.43 7.75
N ARG B 518 39.83 133.12 8.07
CA ARG B 518 39.77 134.24 9.01
C ARG B 518 38.89 135.36 8.48
N ALA B 519 39.03 135.69 7.19
CA ALA B 519 38.24 136.75 6.59
C ALA B 519 36.75 136.41 6.59
N LEU B 520 36.41 135.18 6.25
CA LEU B 520 35.00 134.80 6.23
C LEU B 520 34.43 134.68 7.64
N ASP B 521 35.25 134.34 8.62
CA ASP B 521 34.82 134.43 10.02
C ASP B 521 34.53 135.87 10.42
N LEU B 522 35.39 136.80 9.97
CA LEU B 522 35.17 138.21 10.24
C LEU B 522 33.89 138.71 9.57
N LEU B 523 33.61 138.23 8.36
CA LEU B 523 32.41 138.69 7.65
C LEU B 523 31.16 138.03 8.22
N ASN B 524 31.28 136.81 8.77
CA ASN B 524 30.20 136.22 9.55
C ASN B 524 29.95 137.01 10.83
N LYS B 525 31.01 137.51 11.46
CA LYS B 525 30.84 138.42 12.59
C LYS B 525 30.13 139.70 12.16
N GLN B 526 30.49 140.22 10.98
CA GLN B 526 29.80 141.37 10.43
C GLN B 526 28.34 141.04 10.09
N ALA B 527 28.11 139.86 9.52
CA ALA B 527 26.78 139.50 9.04
C ALA B 527 26.56 138.00 9.19
N PRO B 528 25.93 137.56 10.29
CA PRO B 528 25.43 136.18 10.34
C PRO B 528 24.01 136.09 9.76
N ALA B 529 23.78 136.81 8.67
CA ALA B 529 22.53 136.78 7.94
C ALA B 529 22.77 136.75 6.44
N LEU B 530 23.95 136.28 6.03
CA LEU B 530 24.31 136.12 4.63
C LEU B 530 24.60 134.65 4.38
N GLN B 531 23.96 134.08 3.36
CA GLN B 531 24.17 132.67 3.10
C GLN B 531 25.54 132.40 2.48
N GLU B 532 26.08 133.35 1.72
CA GLU B 532 27.42 133.15 1.16
C GLU B 532 28.50 133.28 2.21
N SER B 533 28.24 134.05 3.28
CA SER B 533 29.16 134.19 4.40
C SER B 533 29.44 132.83 4.99
N ALA B 534 28.41 132.21 5.54
CA ALA B 534 28.53 130.88 6.13
C ALA B 534 28.90 129.84 5.08
N LEU B 535 28.38 129.97 3.85
CA LEU B 535 28.61 128.99 2.80
C LEU B 535 30.08 128.89 2.43
N LEU B 536 30.66 130.00 1.96
CA LEU B 536 32.07 129.98 1.60
C LEU B 536 32.97 129.95 2.82
N HIS B 537 32.49 130.35 4.00
CA HIS B 537 33.27 130.16 5.21
C HIS B 537 33.49 128.68 5.48
N ALA B 538 32.41 127.90 5.46
CA ALA B 538 32.55 126.47 5.67
C ALA B 538 33.18 125.78 4.46
N ARG B 539 33.07 126.37 3.26
CA ARG B 539 33.79 125.84 2.10
C ARG B 539 35.29 125.99 2.28
N ALA B 540 35.74 127.14 2.79
CA ALA B 540 37.15 127.32 3.10
C ALA B 540 37.57 126.47 4.29
N LEU B 541 36.67 126.26 5.25
CA LEU B 541 36.95 125.35 6.36
C LEU B 541 37.18 123.93 5.85
N TYR B 542 36.38 123.51 4.86
CA TYR B 542 36.59 122.24 4.19
C TYR B 542 37.94 122.20 3.48
N LEU B 543 38.46 123.36 3.09
CA LEU B 543 39.79 123.48 2.49
C LEU B 543 40.86 123.95 3.48
N ASN B 544 40.52 124.15 4.75
CA ASN B 544 41.50 124.52 5.76
C ASN B 544 41.75 123.40 6.77
N GLY B 545 41.23 122.21 6.52
CA GLY B 545 41.37 121.12 7.47
C GLY B 545 40.39 121.15 8.60
N ASN B 546 39.43 122.07 8.60
CA ASN B 546 38.41 122.18 9.63
C ASN B 546 37.11 121.64 9.04
N LEU B 547 36.90 120.34 9.20
CA LEU B 547 35.86 119.65 8.46
C LEU B 547 34.53 119.64 9.21
N ASP B 548 34.56 119.27 10.49
CA ASP B 548 33.32 119.23 11.27
C ASP B 548 32.81 120.64 11.56
N GLY B 549 33.71 121.62 11.63
CA GLY B 549 33.25 123.01 11.68
C GLY B 549 32.53 123.41 10.40
N ALA B 550 33.00 122.90 9.26
CA ALA B 550 32.27 123.10 8.01
C ALA B 550 30.91 122.40 8.05
N LEU B 551 30.83 121.23 8.66
CA LEU B 551 29.54 120.55 8.84
C LEU B 551 28.58 121.39 9.67
N ARG B 552 29.07 121.92 10.79
CA ARG B 552 28.22 122.71 11.67
C ARG B 552 27.79 124.01 11.00
N LYS B 553 28.68 124.64 10.24
CA LYS B 553 28.30 125.87 9.55
C LYS B 553 27.35 125.58 8.39
N ALA B 554 27.46 124.41 7.76
CA ALA B 554 26.49 124.04 6.74
C ALA B 554 25.14 123.72 7.34
N GLY B 555 25.12 123.10 8.52
CA GLY B 555 23.86 122.94 9.25
C GLY B 555 23.27 124.27 9.66
N GLU B 556 24.14 125.23 10.02
CA GLU B 556 23.69 126.59 10.28
C GLU B 556 23.10 127.23 9.04
N ILE B 557 23.67 126.93 7.86
CA ILE B 557 23.09 127.40 6.60
C ILE B 557 21.70 126.83 6.42
N LEU B 558 21.58 125.51 6.53
CA LEU B 558 20.29 124.83 6.37
C LEU B 558 19.28 125.23 7.44
N ARG B 559 19.75 125.81 8.53
CA ARG B 559 18.85 126.50 9.45
C ARG B 559 18.46 127.87 8.92
N MET B 560 19.45 128.68 8.56
CA MET B 560 19.23 130.08 8.21
C MET B 560 18.65 130.24 6.80
N ASN B 561 19.02 129.36 5.86
CA ASN B 561 18.14 129.32 4.69
C ASN B 561 17.35 128.01 4.71
N PRO B 562 16.14 127.98 4.12
CA PRO B 562 15.33 126.74 4.19
C PRO B 562 15.99 125.54 3.56
N GLU B 563 16.73 125.74 2.47
CA GLU B 563 17.54 124.67 1.90
C GLU B 563 18.70 125.32 1.17
N GLU B 564 19.74 124.53 0.93
CA GLU B 564 20.90 125.01 0.19
C GLU B 564 21.62 123.81 -0.41
N SER B 565 21.61 123.73 -1.75
CA SER B 565 22.24 122.62 -2.44
C SER B 565 23.76 122.66 -2.27
N SER B 566 24.35 123.86 -2.27
CA SER B 566 25.78 123.96 -2.03
C SER B 566 26.14 123.59 -0.60
N ALA B 567 25.23 123.79 0.35
CA ALA B 567 25.47 123.30 1.70
C ALA B 567 25.53 121.78 1.74
N HIS B 568 24.65 121.11 1.00
CA HIS B 568 24.70 119.65 0.95
C HIS B 568 25.90 119.15 0.16
N LEU B 569 26.29 119.86 -0.90
CA LEU B 569 27.57 119.64 -1.56
C LEU B 569 28.70 119.70 -0.57
N LEU B 570 28.69 120.73 0.28
CA LEU B 570 29.76 120.89 1.30
C LEU B 570 29.69 119.75 2.31
N ILE B 571 28.49 119.36 2.73
CA ILE B 571 28.35 118.33 3.75
C ILE B 571 28.87 116.99 3.22
N CYS B 572 28.49 116.62 1.99
CA CYS B 572 29.00 115.38 1.41
C CYS B 572 30.49 115.50 1.09
N SER B 573 30.95 116.68 0.71
CA SER B 573 32.38 116.92 0.48
C SER B 573 33.18 116.71 1.75
N VAL B 574 32.69 117.24 2.86
CA VAL B 574 33.38 117.06 4.14
C VAL B 574 33.33 115.60 4.56
N TYR B 575 32.16 114.96 4.42
CA TYR B 575 32.01 113.56 4.78
C TYR B 575 32.98 112.66 4.03
N VAL B 576 33.10 112.85 2.72
CA VAL B 576 34.06 112.06 1.96
C VAL B 576 35.49 112.53 2.22
N ALA B 577 35.70 113.80 2.60
CA ALA B 577 37.00 114.24 3.07
C ALA B 577 37.30 113.74 4.48
N GLN B 578 36.27 113.54 5.29
CA GLN B 578 36.41 112.87 6.57
C GLN B 578 36.35 111.36 6.43
N ASP B 579 36.15 110.85 5.22
CA ASP B 579 36.03 109.42 4.91
C ASP B 579 34.87 108.80 5.69
N LYS B 580 33.66 109.30 5.42
CA LYS B 580 32.42 108.84 6.03
C LYS B 580 31.47 108.45 4.91
N PRO B 581 31.60 107.24 4.34
CA PRO B 581 31.00 106.93 3.04
C PRO B 581 29.47 106.94 2.99
N GLU B 582 28.82 106.27 3.94
CA GLU B 582 27.36 106.20 3.92
C GLU B 582 26.76 107.55 4.28
N LEU B 583 27.37 108.27 5.22
CA LEU B 583 26.96 109.66 5.44
C LEU B 583 27.22 110.51 4.21
N ALA B 584 28.33 110.25 3.51
CA ALA B 584 28.63 111.01 2.30
C ALA B 584 27.57 110.79 1.23
N VAL B 585 27.12 109.55 1.03
CA VAL B 585 26.08 109.32 0.04
C VAL B 585 24.73 109.77 0.55
N SER B 586 24.51 109.82 1.87
CA SER B 586 23.29 110.40 2.40
C SER B 586 23.22 111.90 2.10
N ALA B 587 24.32 112.62 2.34
CA ALA B 587 24.36 114.03 2.01
C ALA B 587 24.41 114.24 0.50
N LEU B 588 24.97 113.28 -0.24
CA LEU B 588 24.95 113.34 -1.69
C LEU B 588 23.53 113.25 -2.20
N ASP B 589 22.73 112.35 -1.63
CA ASP B 589 21.33 112.24 -1.98
C ASP B 589 20.53 113.42 -1.45
N GLN B 590 20.99 114.05 -0.37
CA GLN B 590 20.40 115.33 0.05
C GLN B 590 20.58 116.39 -1.03
N ALA B 591 21.80 116.48 -1.57
CA ALA B 591 22.05 117.41 -2.67
C ALA B 591 21.26 117.02 -3.92
N VAL B 592 21.16 115.71 -4.19
CA VAL B 592 20.40 115.21 -5.34
C VAL B 592 18.92 115.58 -5.20
N SER B 593 18.36 115.38 -4.01
CA SER B 593 16.98 115.78 -3.75
C SER B 593 16.81 117.29 -3.84
N SER B 594 17.84 118.05 -3.45
CA SER B 594 17.84 119.47 -3.75
C SER B 594 17.91 119.70 -5.26
N ASN B 595 18.86 119.06 -5.93
CA ASN B 595 18.98 119.11 -7.38
C ASN B 595 19.95 118.05 -7.87
N PHE B 596 19.53 117.25 -8.85
CA PHE B 596 20.48 116.41 -9.57
C PHE B 596 21.22 117.18 -10.67
N ALA B 597 20.79 118.41 -10.96
CA ALA B 597 21.43 119.24 -11.97
C ALA B 597 22.73 119.86 -11.46
N ILE B 598 23.05 119.74 -10.17
CA ILE B 598 24.33 120.21 -9.65
C ILE B 598 25.47 119.26 -10.01
N ARG B 599 25.16 118.12 -10.65
CA ARG B 599 26.18 117.13 -10.98
C ARG B 599 27.24 117.68 -11.92
N GLU B 600 26.84 118.48 -12.91
CA GLU B 600 27.77 118.98 -13.92
C GLU B 600 28.38 120.31 -13.47
N THR B 601 29.28 120.22 -12.50
CA THR B 601 30.18 121.31 -12.11
C THR B 601 31.36 120.65 -11.43
N PRO B 602 32.59 121.15 -11.65
CA PRO B 602 33.78 120.43 -11.17
C PRO B 602 33.84 120.22 -9.66
N LEU B 603 33.31 121.15 -8.86
CA LEU B 603 33.27 120.95 -7.42
C LEU B 603 32.38 119.77 -7.05
N TYR B 604 31.14 119.77 -7.54
CA TYR B 604 30.27 118.64 -7.27
C TYR B 604 30.66 117.41 -8.09
N HIS B 605 31.34 117.58 -9.23
CA HIS B 605 31.89 116.42 -9.93
C HIS B 605 32.89 115.70 -9.06
N VAL B 606 33.85 116.45 -8.48
CA VAL B 606 34.85 115.85 -7.61
C VAL B 606 34.19 115.22 -6.39
N VAL B 607 33.31 115.97 -5.72
CA VAL B 607 32.81 115.46 -4.46
C VAL B 607 31.82 114.31 -4.69
N GLN B 608 30.97 114.38 -5.71
CA GLN B 608 30.05 113.29 -6.00
C GLN B 608 30.79 112.06 -6.49
N ALA B 609 31.83 112.25 -7.32
CA ALA B 609 32.62 111.13 -7.80
C ALA B 609 33.29 110.40 -6.65
N LYS B 610 33.93 111.13 -5.74
CA LYS B 610 34.61 110.44 -4.65
C LYS B 610 33.66 109.98 -3.54
N VAL B 611 32.46 110.57 -3.43
CA VAL B 611 31.42 109.98 -2.59
C VAL B 611 30.98 108.63 -3.14
N LEU B 612 30.72 108.56 -4.45
CA LEU B 612 30.28 107.29 -5.01
C LEU B 612 31.41 106.28 -5.12
N VAL B 613 32.66 106.74 -5.10
CA VAL B 613 33.77 105.83 -4.82
C VAL B 613 33.68 105.32 -3.38
N ALA B 614 33.44 106.23 -2.43
CA ALA B 614 33.22 105.83 -1.05
C ALA B 614 31.94 105.02 -0.91
N ASN B 615 30.89 105.38 -1.64
CA ASN B 615 29.68 104.55 -1.70
C ASN B 615 29.91 103.25 -2.45
N ASN B 616 31.06 103.09 -3.13
CA ASN B 616 31.45 101.88 -3.85
C ASN B 616 30.48 101.54 -4.98
N LYS B 617 29.74 102.54 -5.44
CA LYS B 617 28.92 102.40 -6.64
C LYS B 617 29.82 102.75 -7.82
N LEU B 618 30.54 101.73 -8.31
CA LEU B 618 31.48 101.94 -9.42
C LEU B 618 30.75 102.39 -10.68
N ASP B 619 29.51 101.96 -10.86
CA ASP B 619 28.69 102.51 -11.94
C ASP B 619 28.44 104.00 -11.75
N ASP B 620 28.04 104.40 -10.54
CA ASP B 620 27.72 105.81 -10.29
C ASP B 620 28.99 106.67 -10.26
N ALA B 621 30.05 106.18 -9.61
CA ALA B 621 31.31 106.92 -9.58
C ALA B 621 31.91 107.03 -10.98
N LYS B 622 31.86 105.95 -11.76
CA LYS B 622 32.38 105.99 -13.11
C LYS B 622 31.53 106.88 -14.01
N ARG B 623 30.21 106.92 -13.81
CA ARG B 623 29.38 107.79 -14.63
C ARG B 623 29.61 109.26 -14.28
N VAL B 624 29.86 109.58 -13.00
CA VAL B 624 30.16 110.96 -12.64
C VAL B 624 31.52 111.37 -13.20
N LEU B 625 32.51 110.49 -13.08
CA LEU B 625 33.84 110.79 -13.63
C LEU B 625 33.81 110.87 -15.15
N GLU B 626 32.97 110.08 -15.82
CA GLU B 626 32.87 110.13 -17.27
C GLU B 626 32.13 111.38 -17.74
N SER B 627 31.09 111.80 -17.01
CA SER B 627 30.46 113.07 -17.32
C SER B 627 31.41 114.24 -17.07
N ALA B 628 32.35 114.07 -16.13
CA ALA B 628 33.44 115.04 -16.02
C ALA B 628 34.34 114.98 -17.26
N MET B 629 34.65 113.78 -17.74
CA MET B 629 35.55 113.63 -18.87
C MET B 629 34.85 113.85 -20.21
N ASN B 630 33.85 113.02 -20.53
CA ASN B 630 33.25 113.03 -21.86
C ASN B 630 32.50 114.32 -22.14
N LEU B 631 31.70 114.78 -21.19
CA LEU B 631 31.13 116.11 -21.32
C LEU B 631 32.18 117.15 -20.95
N PRO B 632 32.43 118.14 -21.79
CA PRO B 632 33.55 119.06 -21.55
C PRO B 632 33.35 119.92 -20.32
N GLY B 633 34.47 120.32 -19.72
CA GLY B 633 34.45 121.16 -18.53
C GLY B 633 35.50 120.75 -17.51
N VAL B 634 35.83 119.46 -17.47
CA VAL B 634 36.88 118.95 -16.60
C VAL B 634 38.03 118.37 -17.41
N ARG B 635 37.72 117.59 -18.45
CA ARG B 635 38.76 117.10 -19.36
C ARG B 635 39.41 118.26 -20.11
N THR B 636 38.61 119.23 -20.54
CA THR B 636 39.09 120.39 -21.29
C THR B 636 38.96 121.63 -20.42
N ALA B 637 40.02 122.43 -20.38
CA ALA B 637 40.00 123.69 -19.64
C ALA B 637 39.21 124.74 -20.43
N LEU B 638 38.13 125.24 -19.83
CA LEU B 638 37.27 126.19 -20.51
C LEU B 638 37.92 127.56 -20.61
N THR B 639 37.51 128.33 -21.62
CA THR B 639 38.10 129.62 -21.89
C THR B 639 37.43 130.71 -21.04
N VAL B 640 38.02 131.90 -21.08
CA VAL B 640 37.51 133.02 -20.29
C VAL B 640 36.30 133.66 -20.96
N GLN B 641 36.21 133.59 -22.29
CA GLN B 641 35.09 134.19 -23.00
C GLN B 641 33.76 133.51 -22.71
N GLN B 642 33.77 132.27 -22.21
CA GLN B 642 32.54 131.60 -21.82
C GLN B 642 31.89 132.24 -20.61
N ARG B 643 32.65 133.01 -19.81
CA ARG B 643 32.08 133.71 -18.66
C ARG B 643 31.05 134.75 -19.11
N ALA B 644 31.30 135.42 -20.23
CA ALA B 644 30.32 136.36 -20.76
C ALA B 644 29.05 135.65 -21.21
N ARG B 645 29.21 134.49 -21.86
CA ARG B 645 28.05 133.81 -22.44
C ARG B 645 27.19 133.13 -21.37
N LEU B 646 27.82 132.47 -20.40
CA LEU B 646 27.10 131.61 -19.49
C LEU B 646 26.82 132.23 -18.13
N GLY B 647 27.62 133.20 -17.70
CA GLY B 647 27.38 133.85 -16.41
C GLY B 647 27.96 133.02 -15.28
N ARG B 648 27.11 132.67 -14.32
CA ARG B 648 27.54 131.93 -13.13
C ARG B 648 27.47 130.42 -13.38
N LYS B 649 28.17 129.99 -14.42
CA LYS B 649 28.30 128.56 -14.69
C LYS B 649 29.74 128.13 -14.89
N VAL B 650 30.56 128.97 -15.51
CA VAL B 650 31.92 128.58 -15.90
C VAL B 650 32.93 129.52 -15.23
N VAL B 651 33.92 128.92 -14.57
CA VAL B 651 35.12 129.58 -14.10
C VAL B 651 36.27 128.72 -14.62
N GLU B 652 37.44 129.34 -14.78
CA GLU B 652 38.62 128.61 -15.25
C GLU B 652 38.93 127.46 -14.29
N PRO B 653 38.92 126.21 -14.76
CA PRO B 653 39.03 125.07 -13.84
C PRO B 653 40.44 124.98 -13.28
N THR B 654 40.55 125.02 -11.95
CA THR B 654 41.84 124.91 -11.30
C THR B 654 42.40 123.50 -11.51
N LEU B 655 43.72 123.44 -11.66
CA LEU B 655 44.36 122.23 -12.16
C LEU B 655 44.58 121.17 -11.08
N HIS B 656 44.60 121.57 -9.80
CA HIS B 656 44.53 120.59 -8.72
C HIS B 656 43.27 119.76 -8.85
N GLU B 657 42.14 120.41 -9.12
CA GLU B 657 40.86 119.74 -9.18
C GLU B 657 40.77 118.80 -10.38
N ARG B 658 41.20 119.27 -11.56
CA ARG B 658 41.17 118.44 -12.75
C ARG B 658 42.12 117.25 -12.63
N ALA B 659 43.32 117.48 -12.09
CA ALA B 659 44.24 116.37 -11.88
C ALA B 659 43.72 115.40 -10.84
N THR B 660 42.94 115.90 -9.87
CA THR B 660 42.28 115.02 -8.91
C THR B 660 41.23 114.15 -9.60
N VAL B 661 40.48 114.73 -10.54
CA VAL B 661 39.51 113.94 -11.30
C VAL B 661 40.22 112.86 -12.12
N TYR B 662 41.34 113.22 -12.75
CA TYR B 662 42.11 112.25 -13.52
C TYR B 662 42.67 111.14 -12.64
N LEU B 663 43.18 111.51 -11.45
CA LEU B 663 43.69 110.52 -10.50
C LEU B 663 42.58 109.59 -10.02
N LEU B 664 41.40 110.15 -9.74
CA LEU B 664 40.29 109.33 -9.26
C LEU B 664 39.82 108.36 -10.33
N LEU B 665 39.74 108.80 -11.59
CA LEU B 665 39.34 107.90 -12.66
C LEU B 665 40.40 106.83 -12.90
N ALA B 666 41.68 107.21 -12.78
CA ALA B 666 42.76 106.23 -12.86
C ALA B 666 42.64 105.18 -11.76
N ASP B 667 42.34 105.63 -10.54
CA ASP B 667 42.24 104.70 -9.42
C ASP B 667 41.04 103.77 -9.56
N VAL B 668 39.91 104.28 -10.06
CA VAL B 668 38.75 103.40 -10.19
C VAL B 668 38.91 102.43 -11.37
N LEU B 669 39.65 102.80 -12.41
CA LEU B 669 39.95 101.80 -13.43
C LEU B 669 41.03 100.80 -12.96
N ALA B 670 41.94 101.25 -12.10
CA ALA B 670 42.89 100.32 -11.49
C ALA B 670 42.15 99.31 -10.60
N ARG B 671 41.15 99.78 -9.86
CA ARG B 671 40.33 98.87 -9.06
C ARG B 671 39.43 98.01 -9.93
N GLN B 672 39.00 98.52 -11.08
CA GLN B 672 38.26 97.69 -12.03
C GLN B 672 39.13 96.61 -12.62
N SER B 673 40.44 96.83 -12.70
CA SER B 673 41.39 95.78 -13.06
C SER B 673 41.75 95.00 -11.80
N LYS B 674 42.78 94.15 -11.90
CA LYS B 674 43.20 93.31 -10.80
C LYS B 674 44.41 93.90 -10.08
N ILE B 675 45.50 94.10 -10.81
CA ILE B 675 46.65 94.88 -10.33
C ILE B 675 46.17 96.32 -10.25
N PRO B 676 46.69 97.15 -9.33
CA PRO B 676 46.35 98.58 -9.38
C PRO B 676 47.07 99.35 -10.47
N ASP B 677 47.13 98.77 -11.67
CA ASP B 677 47.60 99.44 -12.87
C ASP B 677 46.85 98.83 -14.05
N ALA B 678 45.72 99.43 -14.38
CA ALA B 678 45.03 99.13 -15.61
C ALA B 678 45.62 99.95 -16.74
N PRO B 679 45.42 99.52 -18.00
CA PRO B 679 45.79 100.41 -19.12
C PRO B 679 45.09 101.76 -19.07
N GLU B 680 43.82 101.78 -18.70
CA GLU B 680 43.13 103.06 -18.50
C GLU B 680 43.63 103.76 -17.24
N ALA B 681 44.00 102.99 -16.22
CA ALA B 681 44.57 103.59 -15.01
C ALA B 681 45.88 104.28 -15.31
N LYS B 682 46.79 103.60 -16.00
CA LYS B 682 48.04 104.23 -16.40
C LYS B 682 47.81 105.37 -17.37
N LYS B 683 46.81 105.26 -18.24
CA LYS B 683 46.49 106.32 -19.18
C LYS B 683 46.07 107.59 -18.44
N TYR B 684 45.17 107.46 -17.47
CA TYR B 684 44.72 108.63 -16.72
C TYR B 684 45.76 109.12 -15.73
N ILE B 685 46.64 108.25 -15.23
CA ILE B 685 47.77 108.71 -14.43
C ILE B 685 48.71 109.55 -15.27
N GLN B 686 49.03 109.09 -16.49
CA GLN B 686 49.86 109.87 -17.38
C GLN B 686 49.16 111.13 -17.87
N ASP B 687 47.82 111.13 -17.92
CA ASP B 687 47.10 112.35 -18.25
C ASP B 687 47.17 113.36 -17.10
N ALA B 688 46.99 112.89 -15.87
CA ALA B 688 47.18 113.72 -14.68
C ALA B 688 48.62 114.19 -14.55
N ILE B 689 49.56 113.50 -15.17
CA ILE B 689 50.91 114.00 -15.30
C ILE B 689 50.98 115.08 -16.37
N ARG B 690 50.54 114.75 -17.60
CA ARG B 690 50.87 115.55 -18.78
C ARG B 690 50.12 116.87 -18.80
N GLU B 691 48.83 116.86 -18.48
CA GLU B 691 48.06 118.11 -18.51
C GLU B 691 48.42 119.05 -17.37
N PHE B 692 49.24 118.61 -16.42
CA PHE B 692 49.53 119.32 -15.19
C PHE B 692 51.03 119.32 -14.91
N GLU B 693 51.82 119.69 -15.94
CA GLU B 693 53.27 119.74 -15.85
C GLU B 693 53.74 121.20 -15.88
N GLY B 694 54.48 121.59 -14.84
CA GLY B 694 55.22 122.84 -14.86
C GLY B 694 54.41 124.11 -14.66
N THR B 695 53.20 124.01 -14.13
CA THR B 695 52.39 125.19 -13.87
C THR B 695 52.23 125.42 -12.36
N SER B 696 51.40 126.39 -12.00
CA SER B 696 51.24 126.77 -10.60
C SER B 696 50.07 126.07 -9.92
N GLU B 697 49.04 125.69 -10.67
CA GLU B 697 47.84 125.08 -10.09
C GLU B 697 47.88 123.56 -10.16
N GLU B 698 49.02 122.98 -10.51
CA GLU B 698 49.14 121.54 -10.66
C GLU B 698 49.33 120.85 -9.32
N VAL B 699 49.00 119.56 -9.27
CA VAL B 699 49.37 118.70 -8.17
C VAL B 699 50.17 117.50 -8.62
N ARG B 700 50.24 117.23 -9.91
CA ARG B 700 50.88 116.00 -10.42
C ARG B 700 51.68 116.32 -11.68
N VAL B 701 52.96 116.66 -11.48
CA VAL B 701 53.91 116.49 -12.56
C VAL B 701 54.44 115.06 -12.54
N THR B 702 54.77 114.57 -11.36
CA THR B 702 55.18 113.18 -11.18
C THR B 702 54.45 112.49 -10.04
N VAL B 703 53.57 113.20 -9.32
CA VAL B 703 52.92 112.62 -8.16
C VAL B 703 51.86 111.60 -8.55
N ALA B 704 51.37 111.64 -9.79
CA ALA B 704 50.33 110.71 -10.23
C ALA B 704 50.86 109.27 -10.26
N ASP B 705 51.97 109.05 -10.96
CA ASP B 705 52.55 107.71 -10.92
C ASP B 705 53.36 107.47 -9.66
N CYS B 706 53.69 108.52 -8.89
CA CYS B 706 54.16 108.30 -7.53
C CYS B 706 53.11 107.55 -6.72
N GLU B 707 51.86 108.03 -6.75
CA GLU B 707 50.80 107.37 -6.00
C GLU B 707 50.37 106.06 -6.66
N LEU B 708 50.44 105.98 -7.99
CA LEU B 708 50.15 104.71 -8.65
C LEU B 708 51.17 103.64 -8.28
N ALA B 709 52.44 104.03 -8.17
CA ALA B 709 53.48 103.11 -7.72
C ALA B 709 53.41 102.85 -6.22
N ILE B 710 52.83 103.77 -5.45
CA ILE B 710 52.46 103.46 -4.07
C ILE B 710 51.46 102.32 -4.05
N ALA B 711 50.45 102.41 -4.91
CA ALA B 711 49.46 101.33 -5.03
C ALA B 711 50.12 100.03 -5.50
N ARG B 712 51.06 100.13 -6.44
CA ARG B 712 51.84 98.96 -6.85
C ARG B 712 52.89 98.56 -5.83
N GLY B 713 53.15 99.39 -4.82
CA GLY B 713 54.23 99.14 -3.90
C GLY B 713 55.60 99.54 -4.40
N ASP B 714 55.69 100.16 -5.58
CA ASP B 714 56.96 100.57 -6.16
C ASP B 714 57.32 101.93 -5.58
N VAL B 715 57.60 101.94 -4.28
CA VAL B 715 57.86 103.19 -3.57
C VAL B 715 59.18 103.82 -4.04
N GLU B 716 60.19 103.00 -4.37
CA GLU B 716 61.46 103.53 -4.86
C GLU B 716 61.35 104.08 -6.28
N GLY B 717 60.56 103.42 -7.14
CA GLY B 717 60.24 104.02 -8.42
C GLY B 717 59.44 105.29 -8.26
N ALA B 718 58.49 105.28 -7.31
CA ALA B 718 57.84 106.52 -6.92
C ALA B 718 58.83 107.51 -6.33
N LEU B 719 59.88 107.01 -5.68
CA LEU B 719 60.84 107.92 -5.05
C LEU B 719 61.67 108.65 -6.11
N LYS B 720 62.12 107.94 -7.14
CA LYS B 720 62.84 108.60 -8.24
C LYS B 720 61.91 109.43 -9.12
N LYS B 721 60.64 109.01 -9.25
CA LYS B 721 59.67 109.85 -9.91
C LYS B 721 59.51 111.17 -9.17
N LEU B 722 59.49 111.11 -7.84
CA LEU B 722 59.51 112.31 -7.04
C LEU B 722 60.81 113.08 -7.18
N ARG B 723 61.93 112.38 -7.40
CA ARG B 723 63.18 113.04 -7.72
C ARG B 723 63.10 113.86 -9.00
N ARG B 724 62.22 113.48 -9.93
CA ARG B 724 62.09 114.23 -11.18
C ARG B 724 61.62 115.67 -10.96
N ILE B 725 60.92 115.96 -9.85
CA ILE B 725 60.43 117.31 -9.60
C ILE B 725 61.22 118.00 -8.48
N PRO B 726 61.64 119.25 -8.69
CA PRO B 726 62.51 119.92 -7.71
C PRO B 726 61.79 120.76 -6.65
N LYS B 727 60.55 121.17 -6.90
CA LYS B 727 59.84 122.07 -6.01
C LYS B 727 58.38 121.65 -5.95
N GLU B 728 57.62 122.30 -5.06
CA GLU B 728 56.24 121.90 -4.82
C GLU B 728 55.36 122.77 -5.74
N SER B 729 55.81 122.99 -6.96
CA SER B 729 54.84 123.37 -7.98
C SER B 729 53.73 122.33 -8.12
N PRO B 730 53.99 120.98 -8.11
CA PRO B 730 52.87 120.05 -7.93
C PRO B 730 52.67 119.63 -6.48
N HIS B 731 52.91 118.35 -6.19
CA HIS B 731 52.83 117.80 -4.84
C HIS B 731 54.15 117.14 -4.47
N TYR B 732 55.25 117.88 -4.68
CA TYR B 732 56.57 117.39 -4.29
C TYR B 732 56.63 117.08 -2.81
N VAL B 733 56.29 118.06 -1.98
CA VAL B 733 56.38 117.93 -0.53
C VAL B 733 55.36 116.92 -0.01
N LYS B 734 54.17 116.89 -0.60
CA LYS B 734 53.14 115.97 -0.13
C LYS B 734 53.45 114.53 -0.52
N ALA B 735 53.99 114.30 -1.71
CA ALA B 735 54.45 112.95 -2.00
C ALA B 735 55.73 112.60 -1.24
N ARG B 736 56.50 113.62 -0.85
CA ARG B 736 57.64 113.39 0.04
C ARG B 736 57.19 112.78 1.34
N MET B 737 56.20 113.42 1.99
CA MET B 737 55.71 112.87 3.25
C MET B 737 54.96 111.56 3.02
N ALA B 738 54.35 111.39 1.84
CA ALA B 738 53.69 110.13 1.50
C ALA B 738 54.66 108.96 1.48
N MET B 739 55.63 108.98 0.54
CA MET B 739 56.61 107.90 0.50
C MET B 739 57.49 107.84 1.75
N ALA B 740 57.69 108.95 2.46
CA ALA B 740 58.49 108.90 3.68
C ALA B 740 57.76 108.17 4.80
N ASP B 741 56.47 108.44 4.99
CA ASP B 741 55.70 107.70 5.98
C ASP B 741 55.51 106.25 5.55
N ILE B 742 55.47 105.99 4.23
CA ILE B 742 55.45 104.61 3.75
C ILE B 742 56.74 103.90 4.14
N TYR B 743 57.88 104.59 3.98
CA TYR B 743 59.15 104.03 4.44
C TYR B 743 59.16 103.83 5.96
N LEU B 744 58.54 104.75 6.69
CA LEU B 744 58.56 104.71 8.15
C LEU B 744 57.75 103.54 8.69
N ARG B 745 56.54 103.34 8.17
CA ARG B 745 55.64 102.33 8.72
C ARG B 745 55.45 101.12 7.82
N HIS B 746 55.17 101.35 6.53
CA HIS B 746 55.01 100.23 5.60
C HIS B 746 56.32 99.50 5.39
N ARG B 747 57.44 100.22 5.35
CA ARG B 747 58.75 99.61 5.16
C ARG B 747 59.56 99.50 6.45
N LYS B 748 59.09 100.11 7.54
CA LYS B 748 59.77 100.10 8.84
C LYS B 748 61.20 100.63 8.74
N ASP B 749 61.38 101.72 7.99
CA ASP B 749 62.68 102.33 7.78
C ASP B 749 62.62 103.79 8.21
N LYS B 750 63.16 104.08 9.39
CA LYS B 750 63.28 105.48 9.81
C LYS B 750 64.36 106.20 9.00
N ALA B 751 65.38 105.47 8.55
CA ALA B 751 66.45 106.08 7.78
C ALA B 751 65.95 106.63 6.45
N ALA B 752 65.12 105.87 5.74
CA ALA B 752 64.53 106.39 4.51
C ALA B 752 63.48 107.46 4.81
N TYR B 753 62.84 107.36 5.98
CA TYR B 753 61.86 108.35 6.42
C TYR B 753 62.50 109.73 6.57
N ILE B 754 63.71 109.79 7.14
CA ILE B 754 64.42 111.06 7.23
C ILE B 754 65.15 111.38 5.92
N LYS B 755 65.52 110.35 5.14
CA LYS B 755 66.23 110.56 3.88
C LYS B 755 65.36 111.22 2.81
N CYS B 756 64.06 110.91 2.81
CA CYS B 756 63.15 111.59 1.89
C CYS B 756 63.16 113.09 2.13
N TYR B 757 63.17 113.51 3.39
CA TYR B 757 63.20 114.93 3.67
C TYR B 757 64.60 115.53 3.54
N MET B 758 65.65 114.72 3.74
CA MET B 758 67.00 115.09 3.27
C MET B 758 66.98 115.54 1.83
N ASP B 759 66.48 114.67 0.94
CA ASP B 759 66.49 115.04 -0.47
C ASP B 759 65.46 116.12 -0.79
N LEU B 760 64.39 116.22 0.00
CA LEU B 760 63.43 117.30 -0.21
C LEU B 760 64.06 118.66 0.10
N VAL B 761 64.71 118.80 1.26
CA VAL B 761 65.40 120.06 1.57
C VAL B 761 66.57 120.27 0.64
N ASP B 762 67.13 119.20 0.07
CA ASP B 762 68.15 119.35 -0.96
C ASP B 762 67.58 119.99 -2.21
N HIS B 763 66.41 119.54 -2.66
CA HIS B 763 65.83 120.06 -3.89
C HIS B 763 65.19 121.42 -3.66
N THR B 764 64.17 121.49 -2.81
CA THR B 764 63.57 122.75 -2.42
C THR B 764 63.69 122.96 -0.91
N PRO B 765 64.39 123.98 -0.45
CA PRO B 765 64.58 124.21 0.98
C PRO B 765 63.37 124.88 1.64
N ASP B 766 62.17 124.38 1.33
CA ASP B 766 60.95 125.00 1.79
C ASP B 766 60.78 124.76 3.29
N TYR B 767 59.92 125.58 3.91
CA TYR B 767 59.76 125.54 5.36
C TYR B 767 59.09 124.26 5.82
N ASP B 768 58.13 123.74 5.05
CA ASP B 768 57.53 122.45 5.34
C ASP B 768 58.54 121.30 5.24
N SER B 769 59.56 121.46 4.39
CA SER B 769 60.59 120.43 4.23
C SER B 769 61.43 120.29 5.49
N TYR B 770 61.94 121.39 6.02
CA TYR B 770 62.65 121.33 7.29
C TYR B 770 61.70 121.02 8.45
N CYS B 771 60.42 121.36 8.31
CA CYS B 771 59.43 120.90 9.29
C CYS B 771 59.37 119.38 9.33
N MET B 772 59.39 118.73 8.18
CA MET B 772 59.35 117.29 8.23
C MET B 772 60.70 116.67 8.56
N LEU B 773 61.79 117.41 8.36
CA LEU B 773 63.05 117.06 9.02
C LEU B 773 62.83 116.98 10.53
N GLY B 774 62.15 117.98 11.09
CA GLY B 774 61.81 117.95 12.50
C GLY B 774 60.89 116.80 12.87
N GLU B 775 59.93 116.47 12.01
CA GLU B 775 59.04 115.35 12.29
C GLU B 775 59.79 114.01 12.32
N ALA B 776 60.70 113.82 11.37
CA ALA B 776 61.48 112.58 11.36
C ALA B 776 62.48 112.55 12.51
N PHE B 777 62.97 113.71 12.95
CA PHE B 777 63.79 113.75 14.16
C PHE B 777 62.97 113.52 15.42
N MET B 778 61.69 113.88 15.38
CA MET B 778 60.77 113.50 16.43
C MET B 778 60.62 111.99 16.49
N GLN B 779 60.59 111.35 15.31
CA GLN B 779 60.43 109.90 15.24
C GLN B 779 61.66 109.15 15.78
N ILE B 780 62.84 109.75 15.70
CA ILE B 780 64.10 109.04 15.97
C ILE B 780 64.39 109.05 17.48
N GLN B 781 63.40 109.45 18.27
CA GLN B 781 63.50 109.56 19.74
C GLN B 781 64.58 110.55 20.15
N GLU B 782 64.73 111.61 19.36
CA GLU B 782 65.57 112.76 19.69
C GLU B 782 64.72 114.00 19.49
N PRO B 783 63.83 114.31 20.44
CA PRO B 783 62.94 115.48 20.27
C PRO B 783 63.67 116.81 20.27
N GLU B 784 64.89 116.86 20.80
CA GLU B 784 65.70 118.08 20.68
C GLU B 784 66.09 118.34 19.23
N LYS B 785 66.44 117.28 18.49
CA LYS B 785 66.69 117.42 17.06
C LYS B 785 65.43 117.86 16.32
N ALA B 786 64.28 117.35 16.77
CA ALA B 786 63.00 117.78 16.21
C ALA B 786 62.77 119.26 16.42
N VAL B 787 63.05 119.74 17.63
CA VAL B 787 63.01 121.17 17.91
C VAL B 787 63.91 121.92 16.96
N ARG B 788 65.18 121.53 16.89
CA ARG B 788 66.19 122.29 16.16
C ARG B 788 65.86 122.37 14.67
N ALA B 789 65.35 121.28 14.09
CA ALA B 789 64.88 121.35 12.71
C ALA B 789 63.59 122.16 12.59
N PHE B 790 62.77 122.25 13.64
CA PHE B 790 61.64 123.17 13.58
C PHE B 790 62.07 124.63 13.59
N GLU B 791 63.07 125.02 14.40
CA GLU B 791 63.56 126.40 14.23
C GLU B 791 64.28 126.59 12.90
N SER B 792 64.91 125.53 12.36
CA SER B 792 65.48 125.64 11.01
C SER B 792 64.38 125.94 9.99
N ALA B 793 63.24 125.25 10.10
CA ALA B 793 62.10 125.52 9.23
C ALA B 793 61.55 126.92 9.46
N LEU B 794 61.38 127.32 10.72
CA LEU B 794 60.77 128.60 11.04
C LEU B 794 61.62 129.76 10.56
N GLU B 795 62.93 129.71 10.81
CA GLU B 795 63.84 130.76 10.45
C GLU B 795 64.38 130.62 9.03
N PHE B 796 64.01 129.57 8.30
CA PHE B 796 64.11 129.66 6.85
C PHE B 796 63.16 130.73 6.33
N SER B 797 61.86 130.54 6.58
CA SER B 797 60.84 131.53 6.28
C SER B 797 59.60 131.22 7.11
N PRO B 798 59.15 132.14 7.97
CA PRO B 798 57.86 131.94 8.63
C PRO B 798 56.72 132.24 7.67
N LYS B 799 56.09 131.19 7.14
CA LYS B 799 54.99 131.36 6.22
C LYS B 799 53.64 131.00 6.82
N ASP B 800 53.64 130.31 7.96
CA ASP B 800 52.39 129.93 8.59
C ASP B 800 52.58 129.88 10.09
N VAL B 801 51.48 130.11 10.81
CA VAL B 801 51.45 129.92 12.26
C VAL B 801 51.57 128.44 12.61
N ASP B 802 51.23 127.55 11.66
CA ASP B 802 51.36 126.12 11.90
C ASP B 802 52.80 125.72 12.16
N LEU B 803 53.74 126.30 11.42
CA LEU B 803 55.15 125.90 11.56
C LEU B 803 55.71 126.33 12.91
N ILE B 804 55.50 127.59 13.28
CA ILE B 804 56.01 128.11 14.54
C ILE B 804 55.30 127.45 15.72
N THR B 805 54.02 127.16 15.59
CA THR B 805 53.32 126.46 16.68
C THR B 805 53.73 124.99 16.74
N ARG B 806 54.13 124.40 15.61
CA ARG B 806 54.72 123.07 15.63
C ARG B 806 56.06 123.08 16.34
N CYS B 807 56.84 124.14 16.12
CA CYS B 807 58.07 124.32 16.88
C CYS B 807 57.79 124.43 18.37
N ALA B 808 56.76 125.20 18.73
CA ALA B 808 56.36 125.33 20.12
C ALA B 808 55.90 124.00 20.69
N ARG B 809 55.21 123.18 19.90
CA ARG B 809 54.76 121.88 20.38
C ARG B 809 55.92 120.92 20.57
N ALA B 810 56.94 120.98 19.70
CA ALA B 810 58.13 120.17 19.94
C ALA B 810 58.88 120.63 21.19
N LEU B 811 58.90 121.94 21.42
CA LEU B 811 59.39 122.49 22.69
C LEU B 811 58.55 122.03 23.88
N VAL B 812 57.26 121.79 23.66
CA VAL B 812 56.43 121.25 24.74
C VAL B 812 56.79 119.80 25.03
N THR B 813 56.91 118.99 23.98
CA THR B 813 57.25 117.59 24.20
C THR B 813 58.72 117.38 24.52
N SER B 814 59.58 118.38 24.32
CA SER B 814 60.98 118.31 24.74
C SER B 814 61.21 119.00 26.08
N HIS B 815 60.13 119.35 26.79
CA HIS B 815 60.17 119.94 28.13
C HIS B 815 60.91 121.28 28.16
N ASP B 816 60.82 122.05 27.08
CA ASP B 816 61.40 123.39 27.02
C ASP B 816 60.27 124.35 26.67
N TYR B 817 59.52 124.77 27.68
CA TYR B 817 58.29 125.54 27.44
C TYR B 817 58.53 127.03 27.29
N GLN B 818 59.74 127.52 27.62
CA GLN B 818 59.98 128.95 27.55
C GLN B 818 59.94 129.44 26.12
N ARG B 819 60.71 128.81 25.23
CA ARG B 819 60.63 129.16 23.82
C ARG B 819 59.34 128.68 23.18
N ALA B 820 58.69 127.65 23.74
CA ALA B 820 57.38 127.24 23.27
C ALA B 820 56.37 128.37 23.39
N ILE B 821 56.28 128.95 24.59
CA ILE B 821 55.35 130.06 24.79
C ILE B 821 55.87 131.35 24.20
N ASP B 822 57.18 131.47 23.98
CA ASP B 822 57.70 132.59 23.20
C ASP B 822 57.21 132.52 21.76
N TYR B 823 57.22 131.32 21.18
CA TYR B 823 56.64 131.11 19.86
C TYR B 823 55.13 131.25 19.88
N TYR B 824 54.49 130.95 21.00
CA TYR B 824 53.06 131.26 21.14
C TYR B 824 52.83 132.76 21.20
N THR B 825 53.79 133.51 21.77
CA THR B 825 53.79 134.96 21.68
C THR B 825 54.57 135.47 20.47
N LYS B 826 55.02 134.57 19.61
CA LYS B 826 55.48 134.95 18.28
C LYS B 826 54.54 134.46 17.18
N ALA B 827 53.72 133.45 17.47
CA ALA B 827 52.57 133.10 16.63
C ALA B 827 51.36 133.75 17.29
N ILE B 828 51.23 135.06 17.08
CA ILE B 828 50.17 135.82 17.73
C ILE B 828 48.83 135.42 17.15
N ALA B 829 48.63 135.68 15.86
CA ALA B 829 47.48 135.22 15.11
C ALA B 829 47.89 135.21 13.64
N ASN B 830 47.29 134.30 12.88
CA ASN B 830 47.66 134.18 11.47
C ASN B 830 47.11 135.33 10.66
N ALA B 831 45.96 135.88 11.06
CA ALA B 831 45.38 137.05 10.43
C ALA B 831 44.68 137.87 11.52
N ARG B 832 43.86 138.82 11.09
CA ARG B 832 43.14 139.66 12.03
C ARG B 832 41.94 138.89 12.62
N GLY B 833 41.32 139.49 13.62
CA GLY B 833 40.22 138.86 14.33
C GLY B 833 40.29 139.09 15.83
N GLY B 834 41.31 139.83 16.27
CA GLY B 834 41.48 140.11 17.68
C GLY B 834 42.72 139.45 18.25
N ALA B 835 43.79 140.22 18.40
CA ALA B 835 45.05 139.69 18.91
C ALA B 835 45.21 139.88 20.41
N GLN B 836 44.56 140.91 20.98
CA GLN B 836 44.70 141.16 22.41
C GLN B 836 43.99 140.13 23.26
N HIS B 837 43.03 139.39 22.70
CA HIS B 837 42.46 138.26 23.42
C HIS B 837 43.52 137.20 23.69
N ALA B 838 44.29 136.84 22.66
CA ALA B 838 45.44 135.97 22.86
C ALA B 838 46.46 136.61 23.77
N LEU B 839 46.95 137.80 23.40
CA LEU B 839 47.96 138.54 24.14
C LEU B 839 47.57 138.91 25.56
N GLN B 840 46.34 138.65 25.99
CA GLN B 840 45.97 138.87 27.37
C GLN B 840 45.57 137.57 28.08
N LEU B 841 44.54 136.87 27.60
CA LEU B 841 44.14 135.64 28.28
C LEU B 841 45.15 134.52 28.04
N GLU B 842 45.54 134.30 26.78
CA GLU B 842 46.50 133.25 26.49
C GLU B 842 47.86 133.60 27.08
N LEU B 843 48.23 134.88 27.07
CA LEU B 843 49.48 135.30 27.69
C LEU B 843 49.45 135.07 29.19
N GLY B 844 48.33 135.35 29.85
CA GLY B 844 48.20 135.03 31.26
C GLY B 844 48.25 133.55 31.53
N ASN B 845 47.71 132.74 30.60
CA ASN B 845 47.86 131.30 30.71
C ASN B 845 49.32 130.87 30.62
N LEU B 846 50.08 131.49 29.72
CA LEU B 846 51.51 131.20 29.63
C LEU B 846 52.24 131.63 30.90
N LEU B 847 51.84 132.76 31.48
CA LEU B 847 52.42 133.20 32.74
C LEU B 847 52.06 132.25 33.88
N VAL B 848 50.87 131.64 33.82
CA VAL B 848 50.55 130.56 34.75
C VAL B 848 51.47 129.37 34.51
N ARG B 849 51.72 129.05 33.24
CA ARG B 849 52.64 127.96 32.90
C ARG B 849 54.07 128.27 33.36
N LEU B 850 54.52 129.51 33.22
CA LEU B 850 55.83 129.92 33.71
C LEU B 850 55.79 130.40 35.15
N ARG B 851 54.64 130.32 35.81
CA ARG B 851 54.46 130.68 37.23
C ARG B 851 54.81 132.15 37.47
N GLN B 852 54.01 133.04 36.86
CA GLN B 852 53.97 134.47 37.21
C GLN B 852 52.51 134.80 37.44
N TYR B 853 52.03 134.57 38.66
CA TYR B 853 50.63 134.76 38.97
C TYR B 853 50.22 136.23 39.14
N PRO B 854 51.06 137.14 39.70
CA PRO B 854 50.72 138.56 39.54
C PRO B 854 50.66 139.03 38.09
N ALA B 855 51.59 138.57 37.25
CA ALA B 855 51.52 138.88 35.83
C ALA B 855 50.32 138.19 35.19
N ALA B 856 49.97 137.00 35.67
CA ALA B 856 48.73 136.37 35.22
C ALA B 856 47.51 137.21 35.57
N THR B 857 47.49 137.77 36.79
CA THR B 857 46.36 138.62 37.17
C THR B 857 46.29 139.85 36.30
N ALA B 858 47.43 140.47 36.00
CA ALA B 858 47.45 141.63 35.11
C ALA B 858 46.92 141.28 33.74
N ALA B 859 47.48 140.23 33.12
CA ALA B 859 47.12 139.87 31.75
C ALA B 859 45.67 139.38 31.65
N ILE B 860 45.20 138.65 32.65
CA ILE B 860 43.88 138.03 32.58
C ILE B 860 42.79 138.99 33.04
N ASN B 861 43.06 139.83 34.04
CA ASN B 861 42.13 140.88 34.38
C ASN B 861 42.04 141.93 33.30
N LYS B 862 43.10 142.13 32.51
CA LYS B 862 42.99 142.93 31.30
C LYS B 862 42.25 142.18 30.20
N ALA B 863 42.38 140.85 30.17
CA ALA B 863 41.73 140.03 29.15
C ALA B 863 40.22 140.15 29.23
N LEU B 864 39.67 140.22 30.43
CA LEU B 864 38.24 140.24 30.66
C LEU B 864 37.62 141.62 30.44
N GLU B 865 38.28 142.49 29.69
CA GLU B 865 37.67 143.62 29.01
C GLU B 865 38.11 143.50 27.55
N ARG B 866 37.35 142.72 26.78
CA ARG B 866 37.64 142.45 25.38
C ARG B 866 36.42 142.83 24.54
N ASN B 867 36.55 142.73 23.21
CA ASN B 867 35.46 143.08 22.31
C ASN B 867 35.76 142.52 20.92
N ARG B 868 34.72 142.49 20.08
CA ARG B 868 34.83 142.01 18.70
C ARG B 868 34.27 143.05 17.73
N ASP B 869 34.13 142.64 16.48
CA ASP B 869 33.61 143.46 15.39
C ASP B 869 32.28 142.90 14.90
N GLY B 870 31.62 143.69 14.05
CA GLY B 870 30.31 143.32 13.54
C GLY B 870 29.26 143.29 14.64
N LEU B 871 28.63 142.14 14.85
CA LEU B 871 27.89 141.88 16.08
C LEU B 871 28.85 141.30 17.11
N PRO B 872 29.28 142.06 18.12
CA PRO B 872 29.94 141.41 19.25
C PRO B 872 28.88 140.80 20.13
N ALA B 873 28.72 139.48 20.06
CA ALA B 873 27.72 138.84 20.89
C ALA B 873 28.30 138.62 22.29
N THR B 874 27.46 138.07 23.17
CA THR B 874 27.80 138.03 24.58
C THR B 874 28.87 137.01 24.94
N GLU B 875 29.47 136.29 23.98
CA GLU B 875 30.65 135.48 24.31
C GLU B 875 31.81 136.34 24.79
N ASN B 876 31.83 137.62 24.40
CA ASN B 876 32.68 138.59 25.08
C ASN B 876 32.46 138.54 26.58
N LEU B 877 31.20 138.61 27.01
CA LEU B 877 30.94 138.65 28.44
C LEU B 877 31.19 137.29 29.10
N GLN B 878 30.87 136.18 28.42
CA GLN B 878 31.20 134.89 29.03
C GLN B 878 32.71 134.66 29.12
N LEU B 879 33.49 135.17 28.17
CA LEU B 879 34.94 135.08 28.33
C LEU B 879 35.45 136.04 29.39
N ASP B 880 34.75 137.17 29.62
CA ASP B 880 35.07 137.98 30.78
C ASP B 880 34.80 137.20 32.07
N VAL B 881 33.69 136.46 32.11
CA VAL B 881 33.36 135.64 33.26
C VAL B 881 34.41 134.56 33.47
N GLU B 882 34.83 133.91 32.38
CA GLU B 882 35.79 132.82 32.48
C GLU B 882 37.17 133.32 32.84
N ALA B 883 37.59 134.44 32.24
CA ALA B 883 38.84 135.08 32.64
C ALA B 883 38.79 135.47 34.11
N TRP B 884 37.65 135.95 34.59
CA TRP B 884 37.54 136.24 36.01
C TRP B 884 37.58 134.97 36.86
N SER B 885 37.00 133.88 36.36
CA SER B 885 36.93 132.65 37.14
C SER B 885 38.31 132.01 37.29
N MET B 886 39.05 131.88 36.19
CA MET B 886 40.39 131.36 36.35
C MET B 886 41.38 132.44 36.77
N LEU B 887 40.97 133.70 36.74
CA LEU B 887 41.66 134.75 37.48
C LEU B 887 41.56 134.51 38.97
N ALA B 888 40.37 134.11 39.44
CA ALA B 888 40.20 133.68 40.81
C ALA B 888 41.04 132.44 41.09
N LYS B 889 41.14 131.55 40.11
CA LYS B 889 42.03 130.39 40.27
C LYS B 889 43.48 130.83 40.43
N VAL B 890 43.88 131.87 39.71
CA VAL B 890 45.22 132.44 39.87
C VAL B 890 45.37 133.05 41.27
N HIS B 891 44.31 133.73 41.74
CA HIS B 891 44.31 134.28 43.09
C HIS B 891 44.46 133.18 44.14
N LYS B 892 43.80 132.04 43.92
CA LYS B 892 43.98 130.87 44.76
C LYS B 892 45.41 130.37 44.69
N GLY B 893 46.00 130.38 43.49
CA GLY B 893 47.40 130.10 43.33
C GLY B 893 48.31 131.17 43.90
N LYS B 894 47.80 132.38 44.12
CA LYS B 894 48.53 133.41 44.86
C LYS B 894 48.37 133.26 46.36
N LEU B 895 47.79 132.16 46.83
CA LEU B 895 47.55 131.81 48.23
C LEU B 895 46.52 132.74 48.87
N GLU B 896 45.95 133.68 48.12
CA GLU B 896 44.95 134.60 48.65
C GLU B 896 43.65 133.85 48.89
N MET B 897 43.50 133.28 50.08
CA MET B 897 42.30 132.49 50.38
C MET B 897 41.06 133.37 50.46
N GLU B 898 41.14 134.47 51.19
CA GLU B 898 40.07 135.47 51.11
C GLU B 898 40.07 136.17 49.77
N GLY B 899 41.24 136.35 49.16
CA GLY B 899 41.29 136.80 47.77
C GLY B 899 40.59 135.83 46.84
N TYR B 900 40.76 134.52 47.09
CA TYR B 900 39.98 133.54 46.35
C TYR B 900 38.50 133.69 46.62
N SER B 901 38.13 133.94 47.88
CA SER B 901 36.72 134.09 48.22
C SER B 901 36.10 135.26 47.46
N GLN B 902 36.77 136.41 47.44
CA GLN B 902 36.21 137.57 46.77
C GLN B 902 36.24 137.41 45.25
N ALA B 903 37.34 136.90 44.67
CA ALA B 903 37.43 136.82 43.23
C ALA B 903 36.54 135.72 42.67
N GLN B 904 36.51 134.56 43.32
CA GLN B 904 35.61 133.49 42.92
C GLN B 904 34.17 133.78 43.29
N SER B 905 33.91 134.66 44.26
CA SER B 905 32.52 135.08 44.50
C SER B 905 32.05 136.06 43.43
N ARG B 906 32.94 136.91 42.95
CA ARG B 906 32.55 137.73 41.82
C ARG B 906 32.43 136.90 40.54
N ALA B 907 33.25 135.86 40.40
CA ALA B 907 33.01 134.90 39.32
C ALA B 907 31.69 134.16 39.52
N LEU B 908 31.33 133.91 40.77
CA LEU B 908 30.03 133.32 41.11
C LEU B 908 28.89 134.21 40.68
N GLU B 909 29.00 135.52 40.91
CA GLU B 909 27.90 136.40 40.54
C GLU B 909 27.88 136.66 39.03
N LEU B 910 29.04 136.68 38.37
CA LEU B 910 29.04 136.68 36.91
C LEU B 910 28.44 135.40 36.33
N GLN B 911 28.67 134.25 36.94
CA GLN B 911 27.98 133.04 36.48
C GLN B 911 26.56 132.95 36.99
N LYS B 912 26.16 133.80 37.92
CA LYS B 912 24.74 133.97 38.22
C LYS B 912 24.05 134.80 37.15
N GLN B 913 24.75 135.80 36.61
CA GLN B 913 24.29 136.44 35.39
C GLN B 913 24.17 135.40 34.27
N LEU B 914 25.23 134.61 34.08
CA LEU B 914 25.21 133.54 33.08
C LEU B 914 24.17 132.46 33.41
N LEU B 915 23.81 132.31 34.68
CA LEU B 915 22.69 131.46 35.08
C LEU B 915 21.37 132.01 34.56
N LEU B 916 21.33 133.29 34.20
CA LEU B 916 20.15 133.89 33.61
C LEU B 916 20.37 134.44 32.22
N LYS B 917 21.60 134.85 31.87
CA LYS B 917 21.87 135.38 30.54
C LYS B 917 22.51 134.38 29.59
N LEU B 918 23.13 133.32 30.09
CA LEU B 918 23.58 132.22 29.25
C LEU B 918 22.62 131.05 29.46
N ARG B 919 21.50 131.10 28.74
CA ARG B 919 20.49 130.05 28.81
C ARG B 919 20.27 129.46 27.43
N GLY B 920 20.27 130.31 26.41
CA GLY B 920 20.06 129.89 25.03
C GLY B 920 21.36 129.86 24.24
N GLU B 921 21.28 130.21 22.95
CA GLU B 921 22.40 130.30 22.01
C GLU B 921 23.30 129.05 22.11
N LEU B 922 22.76 127.94 21.55
CA LEU B 922 23.06 126.54 21.87
C LEU B 922 22.56 126.28 23.29
N PRO B 923 21.24 126.09 23.45
CA PRO B 923 20.59 126.29 24.74
C PRO B 923 20.82 125.21 25.79
N GLU B 924 21.83 124.36 25.62
CA GLU B 924 22.28 123.50 26.70
C GLU B 924 22.89 124.30 27.86
N ALA B 925 23.14 125.59 27.66
CA ALA B 925 23.58 126.46 28.74
C ALA B 925 22.58 126.56 29.87
N VAL B 926 21.29 126.23 29.63
CA VAL B 926 20.29 126.29 30.69
C VAL B 926 20.63 125.30 31.80
N ALA B 927 21.31 124.21 31.46
CA ALA B 927 21.86 123.31 32.46
C ALA B 927 23.33 123.59 32.74
N LEU B 928 24.09 123.98 31.71
CA LEU B 928 25.52 124.19 31.88
C LEU B 928 25.83 125.30 32.88
N GLN B 929 25.19 126.45 32.75
CA GLN B 929 25.57 127.56 33.62
C GLN B 929 25.02 127.41 35.02
N ARG B 930 23.86 126.76 35.18
CA ARG B 930 23.40 126.44 36.52
C ARG B 930 24.20 125.33 37.16
N GLU B 931 24.93 124.54 36.35
CA GLU B 931 25.98 123.69 36.91
C GLU B 931 27.21 124.52 37.27
N ARG B 932 27.53 125.52 36.45
CA ARG B 932 28.80 126.24 36.61
C ARG B 932 28.78 127.15 37.83
N THR B 933 27.69 127.90 38.01
CA THR B 933 27.59 128.74 39.20
C THR B 933 27.43 127.88 40.45
N ALA B 934 26.80 126.71 40.32
CA ALA B 934 26.77 125.76 41.42
C ALA B 934 28.18 125.29 41.77
N ALA B 935 29.00 125.00 40.76
CA ALA B 935 30.35 124.50 41.02
C ALA B 935 31.27 125.59 41.54
N ILE B 936 31.07 126.83 41.13
CA ILE B 936 31.87 127.92 41.69
C ILE B 936 31.44 128.27 43.11
N CYS B 937 30.15 128.22 43.44
CA CYS B 937 29.82 128.31 44.85
C CYS B 937 30.21 127.06 45.61
N PHE B 938 30.39 125.92 44.93
CA PHE B 938 31.01 124.76 45.56
C PHE B 938 32.46 125.05 45.91
N ASP B 939 33.21 125.63 44.97
CA ASP B 939 34.61 125.93 45.23
C ASP B 939 34.77 127.03 46.26
N LEU B 940 33.80 127.95 46.33
CA LEU B 940 33.82 128.95 47.39
C LEU B 940 33.42 128.37 48.74
N ALA B 941 32.50 127.39 48.74
CA ALA B 941 32.23 126.62 49.96
C ALA B 941 33.45 125.84 50.39
N GLU B 942 34.20 125.30 49.43
CA GLU B 942 35.47 124.65 49.72
C GLU B 942 36.49 125.64 50.26
N GLN B 943 36.49 126.86 49.75
CA GLN B 943 37.34 127.91 50.30
C GLN B 943 36.92 128.28 51.72
N SER B 944 35.61 128.26 51.98
CA SER B 944 35.10 128.44 53.33
C SER B 944 35.52 127.29 54.24
N LYS B 945 35.59 126.07 53.70
CA LYS B 945 36.21 124.98 54.44
C LYS B 945 37.68 125.26 54.70
N ARG B 946 38.37 125.81 53.70
CA ARG B 946 39.73 126.31 53.89
C ARG B 946 39.77 127.56 54.74
N ALA B 947 38.66 128.29 54.83
CA ALA B 947 38.48 129.35 55.81
C ALA B 947 37.86 128.84 57.11
N ARG B 948 37.65 127.52 57.21
CA ARG B 948 37.16 126.84 58.41
C ARG B 948 35.76 127.31 58.80
N GLN B 949 34.83 127.15 57.87
CA GLN B 949 33.42 127.41 58.16
C GLN B 949 32.57 126.53 57.25
N PHE B 950 32.06 125.43 57.81
CA PHE B 950 31.16 124.55 57.09
C PHE B 950 29.74 125.09 57.02
N ASP B 951 29.39 126.04 57.89
CA ASP B 951 28.09 126.68 57.77
C ASP B 951 28.02 127.60 56.57
N ARG B 952 29.13 128.25 56.22
CA ARG B 952 29.21 128.88 54.91
C ARG B 952 29.23 127.85 53.80
N ALA B 953 29.88 126.70 54.04
CA ALA B 953 29.77 125.61 53.09
C ALA B 953 28.33 125.10 53.03
N MET B 954 27.62 125.07 54.16
CA MET B 954 26.19 124.76 54.16
C MET B 954 25.40 125.73 53.28
N GLU B 955 25.65 127.03 53.46
CA GLU B 955 24.92 128.03 52.69
C GLU B 955 25.23 127.93 51.20
N LEU B 956 26.49 127.72 50.84
CA LEU B 956 26.80 127.64 49.43
C LEU B 956 26.45 126.28 48.83
N TYR B 957 26.23 125.25 49.67
CA TYR B 957 25.66 124.01 49.17
C TYR B 957 24.17 124.15 48.90
N MET B 958 23.45 124.85 49.79
CA MET B 958 22.12 125.36 49.46
C MET B 958 22.13 126.13 48.16
N GLU B 959 23.13 126.99 47.98
CA GLU B 959 23.20 127.86 46.81
C GLU B 959 23.44 127.05 45.53
N ALA B 960 24.27 125.99 45.62
CA ALA B 960 24.43 125.06 44.51
C ALA B 960 23.15 124.27 44.24
N LEU B 961 22.42 123.91 45.29
CA LEU B 961 21.13 123.25 45.12
C LEU B 961 20.14 124.13 44.38
N ARG B 962 20.14 125.43 44.71
CA ARG B 962 19.20 126.35 44.09
C ARG B 962 19.66 126.81 42.71
N HIS B 963 20.96 126.72 42.43
CA HIS B 963 21.42 126.90 41.06
C HIS B 963 20.91 125.78 40.18
N HIS B 964 21.26 124.55 40.51
CA HIS B 964 20.79 123.36 39.81
C HIS B 964 20.16 122.42 40.82
N ASP B 965 18.87 122.15 40.65
CA ASP B 965 18.20 121.17 41.50
C ASP B 965 18.67 119.76 41.19
N THR B 966 18.82 119.44 39.90
CA THR B 966 19.22 118.12 39.44
C THR B 966 20.68 117.82 39.77
N HIS B 967 21.42 118.80 40.27
CA HIS B 967 22.83 118.70 40.59
C HIS B 967 23.06 117.60 41.62
N VAL B 968 23.60 116.48 41.16
CA VAL B 968 23.82 115.27 41.97
C VAL B 968 24.82 115.51 43.10
N PRO B 969 26.03 116.07 42.88
CA PRO B 969 26.90 116.34 44.03
C PRO B 969 26.40 117.47 44.90
N SER B 970 25.44 118.28 44.44
CA SER B 970 24.77 119.18 45.37
C SER B 970 23.91 118.41 46.36
N MET B 971 23.22 117.37 45.89
CA MET B 971 22.51 116.49 46.80
C MET B 971 23.47 115.83 47.78
N LEU B 972 24.61 115.35 47.26
CA LEU B 972 25.66 114.79 48.12
C LEU B 972 26.15 115.80 49.16
N ALA B 973 26.42 117.04 48.74
CA ALA B 973 27.04 118.01 49.63
C ALA B 973 26.08 118.49 50.70
N VAL B 974 24.83 118.80 50.32
CA VAL B 974 23.85 119.19 51.32
C VAL B 974 23.53 118.03 52.24
N ALA B 975 23.53 116.79 51.73
CA ALA B 975 23.28 115.62 52.58
C ALA B 975 24.42 115.40 53.56
N LYS B 976 25.67 115.55 53.11
CA LYS B 976 26.80 115.26 53.98
C LYS B 976 26.98 116.33 55.04
N LEU B 977 26.74 117.61 54.72
CA LEU B 977 26.83 118.60 55.78
C LEU B 977 25.49 118.82 56.51
N HIS B 978 24.43 118.10 56.13
CA HIS B 978 23.32 117.94 57.04
C HIS B 978 23.56 116.79 58.01
N LEU B 979 24.22 115.72 57.54
CA LEU B 979 24.63 114.64 58.44
C LEU B 979 25.73 115.10 59.38
N ALA B 980 26.53 116.09 58.98
CA ALA B 980 27.44 116.76 59.91
C ALA B 980 26.65 117.47 60.99
N ASN B 981 25.53 118.10 60.62
CA ASN B 981 24.57 118.60 61.60
C ASN B 981 23.74 117.49 62.23
N GLY B 982 23.78 116.28 61.68
CA GLY B 982 23.06 115.16 62.24
C GLY B 982 21.69 114.95 61.64
N ASP B 983 21.61 114.93 60.30
CA ASP B 983 20.34 114.82 59.59
C ASP B 983 20.42 113.66 58.59
N THR B 984 20.08 112.46 59.06
CA THR B 984 19.90 111.34 58.15
C THR B 984 18.65 111.53 57.29
N ASP B 985 17.62 112.15 57.86
CA ASP B 985 16.38 112.42 57.12
C ASP B 985 16.61 113.39 55.96
N ALA B 986 17.49 114.37 56.14
CA ALA B 986 17.82 115.26 55.03
C ALA B 986 18.55 114.51 53.92
N CYS B 987 19.41 113.56 54.30
CA CYS B 987 20.06 112.71 53.30
C CYS B 987 19.05 111.84 52.56
N GLN B 988 18.03 111.34 53.27
CA GLN B 988 16.99 110.57 52.63
C GLN B 988 16.14 111.46 51.71
N ALA B 989 15.94 112.72 52.10
CA ALA B 989 15.25 113.67 51.23
C ALA B 989 16.07 113.94 49.97
N GLN B 990 17.39 114.04 50.11
CA GLN B 990 18.25 114.16 48.93
C GLN B 990 18.20 112.91 48.06
N CYS B 991 18.08 111.74 48.70
CA CYS B 991 17.88 110.50 47.94
C CYS B 991 16.59 110.55 47.16
N VAL B 992 15.52 111.07 47.77
CA VAL B 992 14.24 111.17 47.10
C VAL B 992 14.31 112.13 45.93
N THR B 993 14.92 113.30 46.14
CA THR B 993 15.07 114.27 45.06
C THR B 993 15.92 113.72 43.94
N LEU B 994 17.00 112.98 44.27
CA LEU B 994 17.82 112.38 43.23
C LEU B 994 17.08 111.26 42.51
N LEU B 995 16.29 110.48 43.24
CA LEU B 995 15.46 109.45 42.62
C LEU B 995 14.47 110.06 41.64
N LYS B 996 13.99 111.27 41.94
CA LYS B 996 13.25 112.03 40.94
C LYS B 996 14.15 112.48 39.80
N HIS B 997 15.39 112.87 40.11
CA HIS B 997 16.32 113.34 39.08
C HIS B 997 16.80 112.19 38.21
N ASP B 998 17.16 111.05 38.82
CA ASP B 998 17.46 109.85 38.08
C ASP B 998 17.09 108.61 38.89
N PRO B 999 16.37 107.65 38.30
CA PRO B 999 15.80 106.55 39.08
C PRO B 999 16.81 105.50 39.52
N ASP B 1000 17.75 105.15 38.65
CA ASP B 1000 18.75 104.14 38.97
C ASP B 1000 20.12 104.80 38.87
N ASN B 1001 20.53 105.45 39.95
CA ASN B 1001 21.88 105.97 40.12
C ASN B 1001 22.58 105.12 41.16
N GLU B 1002 23.92 105.12 41.10
CA GLU B 1002 24.69 104.46 42.15
C GLU B 1002 24.42 105.11 43.51
N GLU B 1003 24.39 106.45 43.55
CA GLU B 1003 23.93 107.14 44.75
C GLU B 1003 22.50 106.75 45.09
N ALA B 1004 21.57 106.90 44.14
CA ALA B 1004 20.16 106.72 44.43
C ALA B 1004 19.86 105.30 44.88
N SER B 1005 20.28 104.31 44.08
CA SER B 1005 19.99 102.92 44.41
C SER B 1005 20.77 102.45 45.64
N ILE B 1006 22.09 102.71 45.65
CA ILE B 1006 22.95 102.19 46.73
C ILE B 1006 22.57 102.82 48.07
N MET B 1007 22.40 104.14 48.10
CA MET B 1007 22.12 104.80 49.36
C MET B 1007 20.64 104.77 49.71
N LEU B 1008 19.74 104.52 48.75
CA LEU B 1008 18.39 104.14 49.12
C LEU B 1008 18.41 102.78 49.81
N ALA B 1009 19.21 101.84 49.29
CA ALA B 1009 19.34 100.52 49.87
C ALA B 1009 19.87 100.57 51.29
N GLU B 1010 20.89 101.41 51.51
CA GLU B 1010 21.39 101.54 52.87
C GLU B 1010 20.46 102.34 53.76
N LEU B 1011 19.64 103.25 53.21
CA LEU B 1011 18.77 103.98 54.12
C LEU B 1011 17.59 103.14 54.59
N MET B 1012 17.10 102.18 53.80
CA MET B 1012 16.15 101.30 54.50
C MET B 1012 16.87 100.18 55.24
N PHE B 1013 18.11 99.87 54.88
CA PHE B 1013 18.96 99.00 55.73
C PHE B 1013 19.19 99.60 57.11
N HIS B 1014 19.10 100.94 57.24
CA HIS B 1014 19.24 101.63 58.51
C HIS B 1014 18.23 101.16 59.56
N LYS B 1015 17.10 100.61 59.13
CA LYS B 1015 16.13 99.99 60.03
C LYS B 1015 16.14 98.47 59.87
N GLU B 1016 17.32 97.91 59.62
CA GLU B 1016 17.57 96.47 59.47
C GLU B 1016 16.70 95.86 58.35
N HIS B 1017 16.94 96.35 57.13
CA HIS B 1017 16.39 95.78 55.91
C HIS B 1017 17.52 95.48 54.94
N TYR B 1018 18.51 94.72 55.44
CA TYR B 1018 19.80 94.56 54.79
C TYR B 1018 19.73 93.86 53.45
N ASP B 1019 18.59 93.23 53.12
CA ASP B 1019 18.50 92.51 51.85
C ASP B 1019 18.66 93.44 50.65
N THR B 1020 18.03 94.62 50.70
CA THR B 1020 18.19 95.57 49.59
C THR B 1020 19.61 96.13 49.56
N ALA B 1021 20.21 96.33 50.73
CA ALA B 1021 21.59 96.84 50.78
C ALA B 1021 22.57 95.85 50.18
N ILE B 1022 22.49 94.58 50.60
CA ILE B 1022 23.39 93.57 50.06
C ILE B 1022 23.06 93.30 48.59
N TYR B 1023 21.79 93.46 48.18
CA TYR B 1023 21.45 93.29 46.77
C TYR B 1023 22.05 94.39 45.91
N HIS B 1024 21.98 95.64 46.36
CA HIS B 1024 22.55 96.70 45.56
C HIS B 1024 24.07 96.66 45.59
N PHE B 1025 24.66 96.23 46.70
CA PHE B 1025 26.12 96.12 46.73
C PHE B 1025 26.63 94.89 45.99
N GLN B 1026 25.82 93.82 45.90
CA GLN B 1026 26.19 92.70 45.04
C GLN B 1026 25.99 93.04 43.58
N GLN B 1027 25.03 93.92 43.27
CA GLN B 1027 24.98 94.54 41.95
C GLN B 1027 26.23 95.36 41.70
N LEU B 1028 26.73 96.06 42.74
CA LEU B 1028 27.92 96.87 42.61
C LEU B 1028 29.16 96.01 42.34
N LEU B 1029 29.32 94.90 43.05
CA LEU B 1029 30.44 94.01 42.80
C LEU B 1029 30.20 93.04 41.65
N GLU B 1030 29.01 93.04 41.06
CA GLU B 1030 28.84 92.45 39.75
C GLU B 1030 29.28 93.41 38.64
N ARG B 1031 28.89 94.68 38.78
CA ARG B 1031 29.34 95.70 37.84
C ARG B 1031 30.83 95.98 38.00
N SER B 1032 31.31 96.08 39.24
CA SER B 1032 32.71 96.33 39.54
C SER B 1032 33.25 95.16 40.35
N PRO B 1033 33.88 94.18 39.70
CA PRO B 1033 34.13 92.89 40.40
C PRO B 1033 35.09 93.00 41.58
N ASN B 1034 36.24 93.62 41.40
CA ASN B 1034 37.22 93.75 42.48
C ASN B 1034 37.40 95.21 42.88
N HIS B 1035 36.30 95.95 42.96
CA HIS B 1035 36.34 97.28 43.56
C HIS B 1035 36.57 97.11 45.06
N TYR B 1036 37.81 97.38 45.48
CA TYR B 1036 38.27 96.95 46.80
C TYR B 1036 37.52 97.65 47.92
N GLY B 1037 37.19 98.93 47.75
CA GLY B 1037 36.32 99.58 48.70
C GLY B 1037 34.93 98.97 48.72
N ALA B 1038 34.35 98.76 47.54
CA ALA B 1038 33.06 98.09 47.45
C ALA B 1038 33.16 96.62 47.84
N LEU B 1039 34.30 95.98 47.57
CA LEU B 1039 34.51 94.61 48.01
C LEU B 1039 34.48 94.53 49.53
N ALA B 1040 35.25 95.39 50.20
CA ALA B 1040 35.25 95.44 51.66
C ALA B 1040 33.87 95.75 52.20
N GLN B 1041 33.17 96.71 51.57
CA GLN B 1041 31.85 97.10 52.04
C GLN B 1041 30.85 95.97 51.94
N LEU B 1042 30.77 95.30 50.79
CA LEU B 1042 29.80 94.22 50.65
C LEU B 1042 30.15 93.02 51.53
N ILE B 1043 31.44 92.71 51.67
CA ILE B 1043 31.80 91.55 52.49
C ILE B 1043 31.50 91.82 53.96
N LEU B 1044 31.80 93.02 54.45
CA LEU B 1044 31.44 93.32 55.84
C LEU B 1044 29.93 93.44 56.01
N LEU B 1045 29.22 93.93 54.99
CA LEU B 1045 27.78 94.07 55.08
C LEU B 1045 27.08 92.73 55.10
N LEU B 1046 27.48 91.82 54.20
CA LEU B 1046 26.96 90.46 54.18
C LEU B 1046 27.31 89.72 55.46
N ARG B 1047 28.54 89.89 55.93
CA ARG B 1047 28.94 89.29 57.20
C ARG B 1047 28.06 89.81 58.34
N ARG B 1048 27.78 91.10 58.34
CA ARG B 1048 26.86 91.70 59.31
C ARG B 1048 25.40 91.55 58.89
N ALA B 1049 25.13 90.96 57.73
CA ALA B 1049 23.79 90.52 57.37
C ALA B 1049 23.52 89.10 57.80
N GLY B 1050 24.46 88.48 58.51
CA GLY B 1050 24.37 87.06 58.81
C GLY B 1050 24.50 86.19 57.58
N ARG B 1051 25.36 86.59 56.64
CA ARG B 1051 25.53 85.87 55.39
C ARG B 1051 27.01 85.71 55.08
N LEU B 1052 27.45 84.47 54.90
CA LEU B 1052 28.79 84.18 54.43
C LEU B 1052 28.77 83.37 53.13
N GLU B 1053 27.65 83.40 52.41
CA GLU B 1053 27.42 82.55 51.25
C GLU B 1053 27.81 83.21 49.93
N ASP B 1054 27.32 84.42 49.66
CA ASP B 1054 27.75 85.17 48.49
C ASP B 1054 28.98 86.02 48.76
N VAL B 1055 29.57 85.90 49.95
CA VAL B 1055 30.87 86.47 50.26
C VAL B 1055 31.96 85.87 49.38
N PRO B 1056 32.23 84.54 49.39
CA PRO B 1056 33.27 84.05 48.48
C PRO B 1056 32.83 84.02 47.03
N ARG B 1057 31.52 84.09 46.76
CA ARG B 1057 31.05 84.23 45.39
C ARG B 1057 31.55 85.53 44.76
N TYR B 1058 31.49 86.63 45.51
CA TYR B 1058 32.00 87.89 44.98
C TYR B 1058 33.50 88.03 45.15
N PHE B 1059 34.12 87.25 46.05
CA PHE B 1059 35.57 87.12 45.99
C PHE B 1059 36.02 86.45 44.70
N ALA B 1060 35.30 85.40 44.28
CA ALA B 1060 35.64 84.72 43.04
C ALA B 1060 35.29 85.56 41.82
N LEU B 1061 34.16 86.28 41.87
CA LEU B 1061 33.81 87.18 40.79
C LEU B 1061 34.78 88.33 40.67
N ALA B 1062 35.37 88.74 41.80
CA ALA B 1062 36.44 89.75 41.77
C ALA B 1062 37.64 89.27 40.97
N GLU B 1063 37.86 87.94 40.93
CA GLU B 1063 38.97 87.36 40.19
C GLU B 1063 38.49 86.47 39.04
N ALA B 1064 37.23 86.58 38.65
CA ALA B 1064 36.70 85.74 37.57
C ALA B 1064 37.20 86.21 36.22
N GLY B 1065 36.85 87.43 35.82
CA GLY B 1065 37.31 87.97 34.56
C GLY B 1065 38.75 88.46 34.59
N SER B 1066 39.29 88.76 35.76
CA SER B 1066 40.63 89.30 35.90
C SER B 1066 41.54 88.27 36.57
N PRO B 1067 42.48 87.63 35.85
CA PRO B 1067 43.41 86.67 36.45
C PRO B 1067 44.64 87.32 37.08
N LYS B 1068 44.44 88.48 37.72
CA LYS B 1068 45.52 89.15 38.45
C LYS B 1068 44.97 89.71 39.76
N ALA B 1069 43.81 89.24 40.21
CA ALA B 1069 43.08 89.90 41.28
C ALA B 1069 43.33 89.32 42.67
N VAL B 1070 43.76 88.06 42.77
CA VAL B 1070 44.01 87.48 44.09
C VAL B 1070 45.25 88.11 44.75
N MET B 1071 46.14 88.70 43.95
CA MET B 1071 47.34 89.35 44.45
C MET B 1071 47.15 90.85 44.65
N ASP B 1072 45.95 91.37 44.43
CA ASP B 1072 45.63 92.78 44.60
C ASP B 1072 45.53 93.14 46.08
N PRO B 1073 45.93 94.36 46.45
CA PRO B 1073 46.01 94.70 47.89
C PRO B 1073 44.66 94.81 48.58
N GLY B 1074 43.69 95.44 47.94
CA GLY B 1074 42.36 95.50 48.54
C GLY B 1074 41.69 94.15 48.57
N TYR B 1075 41.90 93.34 47.53
CA TYR B 1075 41.43 91.97 47.57
C TYR B 1075 42.16 91.18 48.65
N HIS B 1076 43.45 91.45 48.84
CA HIS B 1076 44.21 90.83 49.92
C HIS B 1076 43.59 91.16 51.27
N TYR B 1077 43.33 92.46 51.51
CA TYR B 1077 42.74 92.90 52.77
C TYR B 1077 41.35 92.34 52.97
N CYS B 1078 40.54 92.31 51.91
CA CYS B 1078 39.15 91.90 52.04
C CYS B 1078 39.04 90.39 52.22
N LYS B 1079 39.82 89.62 51.45
CA LYS B 1079 39.89 88.17 51.68
C LYS B 1079 40.49 87.87 53.06
N GLY B 1080 41.40 88.71 53.53
CA GLY B 1080 41.92 88.54 54.87
C GLY B 1080 40.85 88.70 55.93
N ILE B 1081 40.14 89.82 55.92
CA ILE B 1081 39.07 90.03 56.90
C ILE B 1081 37.95 89.01 56.72
N TYR B 1082 37.77 88.47 55.51
CA TYR B 1082 36.88 87.33 55.32
C TYR B 1082 37.38 86.11 56.08
N ASN B 1083 38.68 85.85 56.07
CA ASN B 1083 39.19 84.72 56.84
C ASN B 1083 39.19 85.02 58.34
N ARG B 1084 39.33 86.29 58.73
CA ARG B 1084 39.08 86.69 60.12
C ARG B 1084 37.64 86.42 60.54
N TYR B 1085 36.69 86.52 59.60
CA TYR B 1085 35.29 86.25 59.93
C TYR B 1085 35.06 84.82 60.39
N ILE B 1086 35.79 83.86 59.79
CA ILE B 1086 35.63 82.41 60.15
C ILE B 1086 36.75 82.02 61.12
N ASN B 1087 37.59 82.98 61.51
CA ASN B 1087 38.70 82.75 62.45
C ASN B 1087 39.82 81.91 61.82
N ASN B 1088 40.39 82.43 60.73
CA ASN B 1088 41.54 81.81 60.06
C ASN B 1088 42.61 82.87 59.87
N PRO B 1089 43.39 83.17 60.91
CA PRO B 1089 44.35 84.27 60.83
C PRO B 1089 45.61 83.96 60.03
N ARG B 1090 45.92 82.68 59.75
CA ARG B 1090 47.15 82.34 59.06
C ARG B 1090 47.09 82.75 57.60
N GLU B 1091 46.11 82.22 56.86
CA GLU B 1091 45.95 82.59 55.45
C GLU B 1091 45.60 84.06 55.31
N ALA B 1092 44.81 84.59 56.25
CA ALA B 1092 44.45 86.01 56.22
C ALA B 1092 45.68 86.90 56.39
N LEU B 1093 46.57 86.54 57.32
CA LEU B 1093 47.79 87.32 57.51
C LEU B 1093 48.73 87.17 56.33
N LYS B 1094 48.77 85.99 55.71
CA LYS B 1094 49.57 85.83 54.49
C LYS B 1094 49.04 86.70 53.36
N GLU B 1095 47.71 86.81 53.24
CA GLU B 1095 47.11 87.73 52.28
C GLU B 1095 47.49 89.18 52.61
N LEU B 1096 47.33 89.57 53.88
CA LEU B 1096 47.55 90.95 54.28
C LEU B 1096 49.01 91.37 54.19
N ASN B 1097 49.95 90.42 54.31
CA ASN B 1097 51.36 90.76 54.19
C ASN B 1097 51.75 91.10 52.76
N LEU B 1098 50.98 90.67 51.77
CA LEU B 1098 51.20 91.03 50.38
C LEU B 1098 50.31 92.19 49.95
N ALA B 1099 49.53 92.75 50.86
CA ALA B 1099 48.72 93.93 50.60
C ALA B 1099 49.51 95.22 50.72
N ARG B 1100 50.81 95.14 51.00
CA ARG B 1100 51.66 96.33 51.17
C ARG B 1100 52.15 96.83 49.81
N LYS B 1101 51.17 97.21 48.99
CA LYS B 1101 51.44 97.77 47.67
C LYS B 1101 50.49 98.90 47.32
N ASP B 1102 49.56 99.26 48.20
CA ASP B 1102 48.67 100.39 47.99
C ASP B 1102 48.59 101.21 49.26
N THR B 1103 48.35 102.51 49.09
CA THR B 1103 48.40 103.46 50.19
C THR B 1103 47.11 103.56 51.00
N ARG B 1104 46.00 103.00 50.51
CA ARG B 1104 44.74 103.06 51.24
C ARG B 1104 44.20 101.68 51.58
N TRP B 1105 44.12 100.78 50.60
CA TRP B 1105 43.70 99.42 50.89
C TRP B 1105 44.78 98.67 51.67
N GLY B 1106 46.05 98.93 51.36
CA GLY B 1106 47.12 98.49 52.22
C GLY B 1106 47.08 99.16 53.58
N SER B 1107 46.61 100.40 53.64
CA SER B 1107 46.50 101.11 54.91
C SER B 1107 45.48 100.44 55.82
N GLN B 1108 44.29 100.13 55.29
CA GLN B 1108 43.30 99.43 56.10
C GLN B 1108 43.70 97.98 56.35
N ALA B 1109 44.48 97.38 55.45
CA ALA B 1109 45.05 96.07 55.73
C ALA B 1109 45.98 96.13 56.94
N ILE B 1110 46.87 97.11 56.99
CA ILE B 1110 47.80 97.23 58.12
C ILE B 1110 47.05 97.60 59.39
N LEU B 1111 46.05 98.48 59.28
CA LEU B 1111 45.15 98.74 60.40
C LEU B 1111 44.48 97.45 60.88
N HIS B 1112 44.19 96.53 59.97
CA HIS B 1112 43.59 95.28 60.41
C HIS B 1112 44.60 94.33 61.04
N MET B 1113 45.85 94.27 60.53
CA MET B 1113 46.81 93.41 61.22
C MET B 1113 47.23 93.96 62.57
N VAL B 1114 46.98 95.24 62.85
CA VAL B 1114 47.17 95.72 64.21
C VAL B 1114 45.88 95.74 65.01
N GLU B 1115 44.71 95.69 64.35
CA GLU B 1115 43.44 95.55 65.04
C GLU B 1115 43.22 94.14 65.55
N ILE B 1116 43.78 93.14 64.88
CA ILE B 1116 43.59 91.75 65.31
C ILE B 1116 44.32 91.43 66.61
N TYR B 1117 45.19 92.32 67.10
CA TYR B 1117 45.87 92.08 68.36
C TYR B 1117 44.93 92.08 69.55
N LEU B 1118 43.78 92.78 69.46
CA LEU B 1118 42.78 92.72 70.52
C LEU B 1118 41.35 92.55 70.05
N ASN B 1119 41.08 92.47 68.74
CA ASN B 1119 39.69 92.35 68.30
C ASN B 1119 39.59 91.70 66.92
N PRO B 1120 39.73 90.37 66.81
CA PRO B 1120 39.51 89.72 65.52
C PRO B 1120 38.06 89.77 65.03
N ASP B 1121 37.13 89.23 65.81
CA ASP B 1121 35.70 89.34 65.54
C ASP B 1121 34.95 90.00 66.67
N ASN B 1122 35.04 89.46 67.88
CA ASN B 1122 34.39 89.99 69.07
C ASN B 1122 35.02 89.35 70.31
N ASP B 1123 35.00 90.09 71.41
CA ASP B 1123 35.61 89.65 72.67
C ASP B 1123 34.68 90.05 73.82
N ALA B 1124 33.78 89.13 74.19
CA ALA B 1124 32.91 89.29 75.35
C ALA B 1124 32.93 87.97 76.12
N VAL B 1125 33.93 87.82 77.00
CA VAL B 1125 34.17 86.55 77.68
C VAL B 1125 34.26 86.73 79.19
N TRP B 1126 33.55 87.73 79.72
CA TRP B 1126 33.55 87.99 81.16
C TRP B 1126 32.37 87.33 81.86
N GLU B 1127 31.99 86.14 81.38
CA GLU B 1127 30.97 85.30 81.99
C GLU B 1127 31.40 84.90 83.41
N GLU B 1128 30.42 84.47 84.21
CA GLU B 1128 30.75 83.81 85.47
C GLU B 1128 31.55 82.56 85.18
N LYS B 1129 32.52 82.27 86.07
CA LYS B 1129 33.56 81.25 85.87
C LYS B 1129 34.38 81.52 84.62
N GLU B 1130 34.56 82.80 84.28
CA GLU B 1130 35.35 83.23 83.14
C GLU B 1130 35.97 84.59 83.43
N ASN B 1131 37.13 84.85 82.82
CA ASN B 1131 37.81 86.13 82.96
C ASN B 1131 38.75 86.28 81.77
N ALA B 1132 39.23 87.52 81.57
CA ALA B 1132 40.07 87.83 80.41
C ALA B 1132 41.17 88.79 80.81
N ASP B 1133 42.42 88.35 80.62
CA ASP B 1133 43.61 89.18 80.77
C ASP B 1133 44.75 88.48 80.06
N THR B 1134 45.67 89.27 79.49
CA THR B 1134 46.74 88.75 78.65
C THR B 1134 48.11 89.25 79.11
N PRO B 1135 48.62 88.75 80.24
CA PRO B 1135 49.93 89.19 80.74
C PRO B 1135 51.09 88.84 79.81
N GLU B 1136 50.90 87.89 78.88
CA GLU B 1136 51.90 87.57 77.88
C GLU B 1136 52.06 88.66 76.83
N SER B 1137 51.17 89.65 76.80
CA SER B 1137 51.15 90.64 75.73
C SER B 1137 52.18 91.76 75.91
N ARG B 1138 53.21 91.55 76.74
CA ARG B 1138 54.32 92.49 76.82
C ARG B 1138 55.12 92.53 75.52
N GLN B 1139 55.04 91.48 74.71
CA GLN B 1139 55.56 91.53 73.35
C GLN B 1139 54.49 91.90 72.33
N ALA B 1140 53.21 91.65 72.65
CA ALA B 1140 52.14 92.06 71.75
C ALA B 1140 52.02 93.58 71.70
N VAL B 1141 52.26 94.27 72.81
CA VAL B 1141 52.33 95.72 72.79
C VAL B 1141 53.50 96.20 71.94
N ALA B 1142 54.64 95.49 72.01
CA ALA B 1142 55.82 95.89 71.24
C ALA B 1142 55.55 95.75 69.74
N THR B 1143 55.05 94.59 69.31
CA THR B 1143 54.73 94.41 67.91
C THR B 1143 53.54 95.25 67.48
N ALA B 1144 52.63 95.57 68.39
CA ALA B 1144 51.49 96.43 68.06
C ALA B 1144 51.96 97.85 67.79
N ARG B 1145 52.88 98.37 68.61
CA ARG B 1145 53.42 99.69 68.36
C ARG B 1145 54.36 99.70 67.16
N SER B 1146 55.00 98.56 66.87
CA SER B 1146 55.89 98.50 65.71
C SER B 1146 55.10 98.51 64.41
N LEU B 1147 54.23 97.51 64.22
CA LEU B 1147 53.39 97.42 63.03
C LEU B 1147 52.29 98.47 63.01
N LEU B 1148 52.11 99.10 64.29
CA LEU B 1148 51.10 100.19 64.39
C LEU B 1148 51.50 101.31 63.43
N LYS B 1149 52.60 101.88 63.58
CA LYS B 1149 53.05 103.08 62.87
C LYS B 1149 53.23 102.83 61.38
N GLN B 1150 53.17 101.58 60.94
CA GLN B 1150 53.33 101.23 59.53
C GLN B 1150 52.05 101.41 58.73
N VAL B 1151 50.99 101.96 59.33
CA VAL B 1151 49.76 102.22 58.59
C VAL B 1151 50.03 103.27 57.51
N ARG B 1152 49.42 103.08 56.34
CA ARG B 1152 49.67 103.92 55.19
C ARG B 1152 48.60 104.99 55.08
N GLY B 1153 48.72 105.82 54.04
CA GLY B 1153 47.73 106.85 53.77
C GLY B 1153 47.61 107.84 54.91
N ALA B 1154 46.38 108.11 55.32
CA ALA B 1154 46.09 108.92 56.50
C ALA B 1154 45.42 108.01 57.52
N ASP B 1155 46.25 107.25 58.24
CA ASP B 1155 45.76 106.37 59.29
C ASP B 1155 46.66 106.37 60.51
N THR B 1156 47.66 107.24 60.56
CA THR B 1156 48.59 107.29 61.68
C THR B 1156 48.05 108.04 62.88
N THR B 1157 46.87 108.65 62.77
CA THR B 1157 46.17 109.20 63.93
C THR B 1157 44.69 109.28 63.57
N THR B 1158 43.92 108.28 64.03
CA THR B 1158 42.47 108.33 64.01
C THR B 1158 41.99 108.00 65.42
N GLN B 1159 40.68 108.14 65.65
CA GLN B 1159 40.12 107.66 66.90
C GLN B 1159 40.28 106.16 67.03
N ARG B 1160 40.02 105.43 65.94
CA ARG B 1160 40.30 103.99 65.92
C ARG B 1160 41.78 103.71 66.10
N TYR B 1161 42.63 104.50 65.44
CA TYR B 1161 44.06 104.24 65.53
C TYR B 1161 44.62 104.58 66.91
N ARG B 1162 44.20 105.71 67.49
CA ARG B 1162 44.69 106.05 68.82
C ARG B 1162 44.10 105.14 69.89
N VAL B 1163 42.86 104.69 69.71
CA VAL B 1163 42.30 103.68 70.60
C VAL B 1163 43.01 102.35 70.41
N LEU B 1164 43.53 102.06 69.23
CA LEU B 1164 44.37 100.89 69.03
C LEU B 1164 45.75 101.05 69.66
N GLU B 1165 46.27 102.27 69.66
CA GLU B 1165 47.49 102.57 70.40
C GLU B 1165 47.28 102.31 71.88
N SER B 1166 46.18 102.80 72.44
CA SER B 1166 45.82 102.48 73.81
C SER B 1166 45.42 101.02 74.00
N TYR B 1167 45.03 100.33 72.93
CA TYR B 1167 44.84 98.88 72.98
C TYR B 1167 46.15 98.18 73.28
N ALA B 1168 47.21 98.58 72.57
CA ALA B 1168 48.54 98.13 72.94
C ALA B 1168 48.89 98.57 74.36
N ILE B 1169 48.45 99.77 74.76
CA ILE B 1169 48.83 100.27 76.08
C ILE B 1169 48.24 99.43 77.20
N MET B 1170 46.96 99.03 77.12
CA MET B 1170 46.53 98.17 78.23
C MET B 1170 47.01 96.74 77.98
N ALA B 1171 47.37 96.42 76.73
CA ALA B 1171 48.06 95.16 76.44
C ALA B 1171 49.46 95.12 77.02
N GLY B 1172 49.98 96.25 77.51
CA GLY B 1172 51.14 96.20 78.39
C GLY B 1172 50.87 95.34 79.61
N LYS B 1173 49.65 95.41 80.15
CA LYS B 1173 49.09 94.43 81.09
C LYS B 1173 49.84 94.38 82.42
N ASP B 1174 50.00 95.55 83.03
CA ASP B 1174 50.34 95.67 84.44
C ASP B 1174 49.23 96.51 85.09
N LYS B 1175 48.93 96.22 86.36
CA LYS B 1175 47.73 96.76 86.99
C LYS B 1175 47.75 98.29 87.05
N ASN B 1176 48.86 98.86 87.53
CA ASN B 1176 49.02 100.31 87.47
C ASN B 1176 49.13 100.79 86.02
N GLU B 1177 49.77 100.01 85.16
CA GLU B 1177 49.85 100.36 83.75
C GLU B 1177 48.49 100.20 83.07
N ILE B 1178 47.67 99.26 83.52
CA ILE B 1178 46.29 99.15 83.02
C ILE B 1178 45.48 100.36 83.46
N GLU B 1179 45.70 100.83 84.69
CA GLU B 1179 45.05 102.06 85.14
C GLU B 1179 45.49 103.27 84.31
N ALA B 1180 46.78 103.35 84.00
CA ALA B 1180 47.28 104.42 83.15
C ALA B 1180 46.68 104.35 81.74
N SER B 1181 46.58 103.13 81.19
CA SER B 1181 45.94 102.93 79.91
C SER B 1181 44.48 103.34 79.95
N LEU B 1182 43.80 103.01 81.05
CA LEU B 1182 42.40 103.38 81.23
C LEU B 1182 42.23 104.89 81.29
N ASN B 1183 43.18 105.59 81.93
CA ASN B 1183 43.11 107.04 81.98
C ASN B 1183 43.37 107.66 80.59
N VAL B 1184 44.36 107.13 79.87
CA VAL B 1184 44.65 107.60 78.52
C VAL B 1184 43.46 107.35 77.60
N LEU B 1185 42.82 106.20 77.80
CA LEU B 1185 41.59 105.87 77.02
C LEU B 1185 40.46 106.79 77.47
N LEU B 1186 40.43 107.16 78.76
CA LEU B 1186 39.38 108.03 79.25
C LEU B 1186 39.53 109.43 78.68
N ASP B 1187 40.76 109.80 78.32
CA ASP B 1187 40.95 110.96 77.47
C ASP B 1187 40.48 110.70 76.04
N LEU B 1188 40.27 109.44 75.67
CA LEU B 1188 39.80 109.06 74.34
C LEU B 1188 38.34 108.64 74.33
N ALA B 1189 37.89 107.92 75.37
CA ALA B 1189 36.52 107.43 75.39
C ALA B 1189 35.52 108.54 75.70
N ASN B 1190 35.93 109.52 76.50
CA ASN B 1190 35.07 110.67 76.76
C ASN B 1190 34.96 111.60 75.57
N GLN B 1191 35.86 111.48 74.59
CA GLN B 1191 35.68 112.19 73.33
C GLN B 1191 34.42 111.72 72.61
N ASP B 1192 34.18 110.40 72.58
CA ASP B 1192 33.01 109.82 71.92
C ASP B 1192 32.34 108.85 72.87
N PRO B 1193 31.56 109.35 73.84
CA PRO B 1193 30.87 108.44 74.76
C PRO B 1193 29.60 107.85 74.18
N ASN B 1194 29.67 107.42 72.91
CA ASN B 1194 28.64 106.63 72.29
C ASN B 1194 29.22 105.59 71.34
N ASN B 1195 30.53 105.56 71.14
CA ASN B 1195 31.18 104.63 70.23
C ASN B 1195 31.52 103.34 70.95
N VAL B 1196 31.58 102.26 70.18
CA VAL B 1196 31.74 100.92 70.76
C VAL B 1196 33.18 100.64 71.20
N PRO B 1197 34.24 100.85 70.39
CA PRO B 1197 35.58 100.45 70.88
C PRO B 1197 36.07 101.25 72.07
N VAL B 1198 35.74 102.54 72.16
CA VAL B 1198 36.27 103.38 73.23
C VAL B 1198 35.71 102.94 74.59
N LEU B 1199 34.40 102.78 74.67
CA LEU B 1199 33.73 102.40 75.90
C LEU B 1199 33.80 100.91 76.12
N LEU B 1200 34.05 100.17 75.05
CA LEU B 1200 34.41 98.75 75.14
C LEU B 1200 35.75 98.57 75.84
N ALA B 1201 36.72 99.45 75.53
CA ALA B 1201 38.00 99.39 76.21
C ALA B 1201 37.90 99.91 77.65
N MET B 1202 37.06 100.93 77.86
CA MET B 1202 36.56 101.21 79.22
C MET B 1202 36.10 99.95 79.93
N ALA B 1203 35.23 99.17 79.28
CA ALA B 1203 34.67 97.98 79.92
C ALA B 1203 35.74 96.95 80.22
N THR B 1204 36.65 96.71 79.28
CA THR B 1204 37.72 95.73 79.49
C THR B 1204 38.64 96.16 80.62
N GLY B 1205 39.00 97.45 80.66
CA GLY B 1205 39.81 97.95 81.75
C GLY B 1205 39.11 97.89 83.09
N PHE B 1206 37.81 98.19 83.10
CA PHE B 1206 37.04 98.20 84.33
C PHE B 1206 36.73 96.79 84.84
N MET B 1207 36.75 95.79 83.97
CA MET B 1207 36.52 94.42 84.39
C MET B 1207 37.79 93.63 84.69
N MET B 1208 38.93 93.97 84.07
CA MET B 1208 40.14 93.35 84.59
C MET B 1208 40.66 94.05 85.83
N LEU B 1209 40.03 95.17 86.22
CA LEU B 1209 40.22 95.77 87.53
C LEU B 1209 39.00 95.60 88.43
N LYS B 1210 37.99 94.88 87.96
CA LYS B 1210 36.81 94.33 88.66
C LYS B 1210 35.70 95.35 88.91
N GLN B 1211 35.87 96.63 88.57
CA GLN B 1211 34.76 97.57 88.70
C GLN B 1211 33.76 97.34 87.56
N THR B 1212 32.95 96.30 87.73
CA THR B 1212 31.97 95.88 86.72
C THR B 1212 30.73 96.78 86.58
N PRO B 1213 30.22 97.47 87.63
CA PRO B 1213 29.18 98.47 87.35
C PRO B 1213 29.65 99.61 86.46
N LYS B 1214 30.93 100.01 86.57
CA LYS B 1214 31.45 101.02 85.66
C LYS B 1214 31.48 100.50 84.22
N ALA B 1215 31.86 99.24 84.03
CA ALA B 1215 31.79 98.63 82.71
C ALA B 1215 30.36 98.56 82.21
N ARG B 1216 29.41 98.26 83.11
CA ARG B 1216 27.99 98.27 82.74
C ARG B 1216 27.57 99.64 82.25
N ASN B 1217 27.96 100.70 82.96
CA ASN B 1217 27.62 102.06 82.53
C ASN B 1217 28.23 102.39 81.18
N GLN B 1218 29.50 102.01 80.98
CA GLN B 1218 30.18 102.33 79.74
C GLN B 1218 29.58 101.57 78.56
N LEU B 1219 29.14 100.34 78.77
CA LEU B 1219 28.48 99.60 77.70
C LEU B 1219 27.02 99.97 77.53
N LYS B 1220 26.37 100.54 78.54
CA LYS B 1220 25.05 101.11 78.32
C LYS B 1220 25.14 102.40 77.51
N ARG B 1221 26.19 103.18 77.71
CA ARG B 1221 26.40 104.35 76.85
C ARG B 1221 27.15 104.00 75.57
N VAL B 1222 27.54 102.73 75.38
CA VAL B 1222 27.84 102.25 74.03
C VAL B 1222 26.61 102.37 73.15
N GLN B 1223 25.48 101.83 73.63
CA GLN B 1223 24.23 101.84 72.89
C GLN B 1223 23.37 103.06 73.20
N LYS B 1224 23.99 104.12 73.74
CA LYS B 1224 23.28 105.38 73.92
C LYS B 1224 22.89 105.98 72.57
N ILE B 1225 23.69 105.74 71.54
CA ILE B 1225 23.31 106.12 70.18
C ILE B 1225 22.14 105.24 69.75
N GLN B 1226 21.29 105.79 68.87
CA GLN B 1226 20.14 105.06 68.38
C GLN B 1226 20.56 103.93 67.44
N TYR B 1227 19.58 103.12 67.04
CA TYR B 1227 19.87 101.92 66.27
C TYR B 1227 20.26 102.25 64.84
N LYS B 1228 21.57 102.36 64.60
CA LYS B 1228 22.14 102.51 63.27
C LYS B 1228 23.03 101.30 63.03
N PRO B 1229 22.74 100.44 62.04
CA PRO B 1229 23.55 99.22 61.88
C PRO B 1229 24.87 99.46 61.14
N ASP B 1230 25.82 100.07 61.83
CA ASP B 1230 27.17 100.28 61.29
C ASP B 1230 28.25 99.52 62.06
N GLU B 1231 28.02 99.20 63.33
CA GLU B 1231 28.91 98.35 64.11
C GLU B 1231 28.12 97.20 64.71
N ALA B 1232 27.37 96.51 63.85
CA ALA B 1232 26.42 95.49 64.29
C ALA B 1232 27.13 94.33 65.00
N GLU B 1233 28.27 93.89 64.47
CA GLU B 1233 29.07 92.90 65.19
C GLU B 1233 29.62 93.48 66.50
N GLU B 1234 30.06 94.74 66.47
CA GLU B 1234 30.51 95.39 67.69
C GLU B 1234 29.35 95.68 68.65
N PHE B 1235 28.16 95.96 68.10
CA PHE B 1235 26.97 96.05 68.95
C PHE B 1235 26.69 94.72 69.64
N GLU B 1236 26.84 93.61 68.91
CA GLU B 1236 26.66 92.29 69.52
C GLU B 1236 27.72 92.05 70.59
N ARG B 1237 28.95 92.47 70.34
CA ARG B 1237 30.00 92.31 71.35
C ARG B 1237 29.68 93.07 72.62
N SER B 1238 29.22 94.32 72.49
CA SER B 1238 28.83 95.10 73.67
C SER B 1238 27.60 94.52 74.35
N TRP B 1239 26.65 93.98 73.57
CA TRP B 1239 25.45 93.38 74.15
C TRP B 1239 25.80 92.15 74.98
N LEU B 1240 26.65 91.28 74.43
CA LEU B 1240 27.13 90.13 75.21
C LEU B 1240 28.03 90.54 76.37
N LEU B 1241 28.71 91.68 76.27
CA LEU B 1241 29.50 92.13 77.42
C LEU B 1241 28.60 92.57 78.57
N LEU B 1242 27.56 93.34 78.26
CA LEU B 1242 26.52 93.64 79.25
C LEU B 1242 25.89 92.35 79.76
N ALA B 1243 25.70 91.39 78.86
CA ALA B 1243 25.06 90.11 79.22
C ALA B 1243 25.90 89.31 80.21
N ASP B 1244 27.22 89.27 80.01
CA ASP B 1244 28.04 88.50 80.94
C ASP B 1244 28.25 89.24 82.26
N ILE B 1245 28.25 90.57 82.25
CA ILE B 1245 28.23 91.27 83.54
C ILE B 1245 26.90 91.02 84.25
N HIS B 1246 25.81 90.88 83.50
CA HIS B 1246 24.53 90.49 84.11
C HIS B 1246 24.57 89.07 84.65
N ILE B 1247 25.31 88.18 83.98
CA ILE B 1247 25.56 86.84 84.51
C ILE B 1247 26.29 86.94 85.86
N GLN B 1248 27.30 87.80 85.91
CA GLN B 1248 27.99 88.08 87.17
C GLN B 1248 27.04 88.67 88.21
N GLY B 1249 25.99 89.37 87.75
CA GLY B 1249 24.97 89.83 88.67
C GLY B 1249 24.17 88.69 89.28
N GLY B 1250 23.83 87.68 88.48
CA GLY B 1250 23.14 86.52 88.99
C GLY B 1250 22.09 85.92 88.08
N LYS B 1251 21.60 86.70 87.12
CA LYS B 1251 20.57 86.23 86.21
C LYS B 1251 21.21 85.63 84.97
N TYR B 1252 20.61 84.54 84.46
CA TYR B 1252 21.20 83.75 83.39
C TYR B 1252 20.57 84.00 82.02
N ASP B 1253 19.25 83.84 81.92
CA ASP B 1253 18.57 83.69 80.63
C ASP B 1253 18.67 84.95 79.77
N LEU B 1254 18.90 86.11 80.38
CA LEU B 1254 19.10 87.35 79.61
C LEU B 1254 20.30 87.23 78.70
N ALA B 1255 21.40 86.69 79.22
CA ALA B 1255 22.57 86.48 78.39
C ALA B 1255 22.36 85.38 77.38
N GLN B 1256 21.48 84.42 77.68
CA GLN B 1256 21.15 83.40 76.69
C GLN B 1256 20.47 84.01 75.48
N ASP B 1257 19.49 84.88 75.69
CA ASP B 1257 18.82 85.49 74.54
C ASP B 1257 19.71 86.52 73.86
N LEU B 1258 20.61 87.20 74.60
CA LEU B 1258 21.53 88.11 73.93
C LEU B 1258 22.57 87.35 73.10
N CYS B 1259 23.00 86.18 73.56
CA CYS B 1259 23.90 85.36 72.76
C CYS B 1259 23.18 84.74 71.57
N GLN B 1260 21.88 84.46 71.71
CA GLN B 1260 21.08 84.06 70.54
C GLN B 1260 20.99 85.21 69.54
N LYS B 1261 20.85 86.44 70.04
CA LYS B 1261 20.86 87.62 69.19
C LYS B 1261 22.21 87.81 68.51
N CYS B 1262 23.28 87.35 69.15
CA CYS B 1262 24.61 87.39 68.53
C CYS B 1262 24.68 86.62 67.23
N LEU B 1263 23.82 85.61 67.04
CA LEU B 1263 23.81 84.85 65.80
C LEU B 1263 23.29 85.65 64.61
N LYS B 1264 22.74 86.84 64.84
CA LYS B 1264 22.12 87.60 63.76
C LYS B 1264 23.15 88.26 62.84
N TYR B 1265 24.11 88.97 63.41
CA TYR B 1265 25.04 89.78 62.61
C TYR B 1265 26.37 89.09 62.37
N ASN B 1266 26.51 87.82 62.76
CA ASN B 1266 27.59 86.96 62.29
C ASN B 1266 27.19 85.52 62.55
N LYS B 1267 27.53 84.66 61.59
CA LYS B 1267 27.21 83.25 61.68
C LYS B 1267 28.32 82.43 62.31
N SER B 1268 29.40 83.08 62.73
CA SER B 1268 30.52 82.42 63.42
C SER B 1268 30.73 83.16 64.74
N CYS B 1269 29.96 82.76 65.76
CA CYS B 1269 30.11 83.30 67.11
C CYS B 1269 30.33 82.11 68.04
N ALA B 1270 31.58 81.66 68.10
CA ALA B 1270 31.91 80.49 68.90
C ALA B 1270 31.87 80.80 70.39
N LYS B 1271 32.40 81.96 70.79
CA LYS B 1271 32.37 82.37 72.18
C LYS B 1271 30.93 82.54 72.66
N ALA B 1272 30.09 83.16 71.82
CA ALA B 1272 28.67 83.26 72.13
C ALA B 1272 28.05 81.88 72.26
N TRP B 1273 28.44 80.95 71.38
CA TRP B 1273 27.88 79.61 71.39
C TRP B 1273 28.18 78.89 72.69
N GLU B 1274 29.43 78.91 73.11
CA GLU B 1274 29.82 78.31 74.39
C GLU B 1274 29.09 79.00 75.54
N ILE B 1275 28.90 80.32 75.44
CA ILE B 1275 28.34 81.05 76.57
C ILE B 1275 26.86 80.72 76.75
N MET B 1276 26.10 80.84 75.62
CA MET B 1276 24.66 80.48 75.64
C MET B 1276 24.52 79.04 76.11
N GLY B 1277 25.37 78.15 75.64
CA GLY B 1277 25.35 76.75 76.03
C GLY B 1277 25.48 76.57 77.53
N GLN B 1278 26.44 77.27 78.13
CA GLN B 1278 26.57 77.24 79.59
C GLN B 1278 25.31 77.77 80.26
N ILE B 1279 24.69 78.79 79.66
CA ILE B 1279 23.53 79.40 80.28
C ILE B 1279 22.34 78.44 80.29
N MET B 1280 22.07 77.83 79.13
CA MET B 1280 20.97 76.82 79.06
C MET B 1280 21.32 75.66 79.99
N GLU B 1281 22.60 75.30 80.10
CA GLU B 1281 22.98 74.29 81.07
C GLU B 1281 22.48 74.66 82.46
N ARG B 1282 22.57 75.96 82.80
CA ARG B 1282 21.99 76.40 84.07
C ARG B 1282 20.47 76.21 84.09
N GLU B 1283 19.78 76.53 82.99
CA GLU B 1283 18.35 76.22 82.87
C GLU B 1283 18.11 74.88 82.18
N GLN B 1284 18.76 73.84 82.70
CA GLN B 1284 18.41 72.41 82.54
C GLN B 1284 18.28 71.93 81.09
N ALA B 1285 18.77 72.69 80.10
CA ALA B 1285 18.74 72.27 78.71
C ALA B 1285 20.15 71.97 78.25
N TYR B 1286 20.43 70.71 77.94
CA TYR B 1286 21.81 70.27 77.77
C TYR B 1286 22.16 69.82 76.37
N LYS B 1287 21.24 69.17 75.65
CA LYS B 1287 21.56 68.73 74.29
C LYS B 1287 21.74 69.91 73.35
N ASP B 1288 20.87 70.93 73.48
CA ASP B 1288 21.07 72.16 72.72
C ASP B 1288 22.35 72.88 73.15
N ALA B 1289 22.69 72.79 74.44
CA ALA B 1289 23.94 73.37 74.91
C ALA B 1289 25.14 72.67 74.27
N ALA B 1290 25.09 71.35 74.16
CA ALA B 1290 26.15 70.60 73.50
C ALA B 1290 26.21 70.90 72.01
N ASP B 1291 25.06 71.11 71.37
CA ASP B 1291 25.06 71.53 69.97
C ASP B 1291 25.72 72.89 69.81
N HIS B 1292 25.46 73.81 70.74
CA HIS B 1292 26.15 75.10 70.73
C HIS B 1292 27.64 74.93 70.96
N TYR B 1293 28.02 74.01 71.86
CA TYR B 1293 29.43 73.77 72.14
C TYR B 1293 30.16 73.21 70.93
N GLU B 1294 29.54 72.29 70.22
CA GLU B 1294 30.18 71.73 69.04
C GLU B 1294 30.17 72.71 67.87
N ASN B 1295 29.18 73.59 67.78
CA ASN B 1295 29.26 74.70 66.85
C ASN B 1295 30.42 75.63 67.20
N ALA B 1296 30.60 75.89 68.49
CA ALA B 1296 31.74 76.69 68.96
C ALA B 1296 33.05 76.03 68.59
N TRP B 1297 33.14 74.71 68.78
CA TRP B 1297 34.32 73.96 68.39
C TRP B 1297 34.57 74.05 66.89
N LYS B 1298 33.49 74.02 66.11
CA LYS B 1298 33.61 74.22 64.66
C LYS B 1298 34.18 75.61 64.35
N HIS B 1299 33.84 76.62 65.15
CA HIS B 1299 34.35 77.96 64.91
C HIS B 1299 35.37 78.41 65.97
N GLU B 1300 35.98 77.46 66.69
CA GLU B 1300 37.16 77.73 67.50
C GLU B 1300 38.41 77.07 66.92
N ASN B 1301 38.33 76.61 65.67
CA ASN B 1301 39.44 75.99 64.94
C ASN B 1301 39.97 74.76 65.69
N GLN B 1302 39.09 73.77 65.83
CA GLN B 1302 39.39 72.48 66.46
C GLN B 1302 39.89 72.66 67.90
N ALA B 1303 39.06 73.31 68.70
CA ALA B 1303 39.37 73.60 70.11
C ALA B 1303 38.16 73.26 70.96
N SER B 1304 38.10 72.03 71.45
CA SER B 1304 37.07 71.64 72.41
C SER B 1304 37.67 70.57 73.33
N ALA B 1305 38.24 71.02 74.44
CA ALA B 1305 38.69 70.13 75.50
C ALA B 1305 37.86 70.33 76.77
N GLN B 1306 37.85 71.55 77.31
CA GLN B 1306 36.86 71.91 78.31
C GLN B 1306 35.50 72.14 77.66
N VAL B 1307 35.48 72.81 76.50
CA VAL B 1307 34.30 72.80 75.66
C VAL B 1307 33.94 71.38 75.28
N GLY B 1308 34.95 70.56 74.97
CA GLY B 1308 34.72 69.14 74.76
C GLY B 1308 34.26 68.42 76.01
N PHE B 1309 34.76 68.84 77.18
CA PHE B 1309 34.30 68.26 78.44
C PHE B 1309 32.81 68.46 78.64
N LYS B 1310 32.34 69.70 78.53
CA LYS B 1310 30.92 69.96 78.70
C LYS B 1310 30.10 69.45 77.53
N LEU B 1311 30.69 69.36 76.34
CA LEU B 1311 30.12 68.62 75.22
C LEU B 1311 29.75 67.20 75.62
N ALA B 1312 30.75 66.40 76.01
CA ALA B 1312 30.50 65.01 76.37
C ALA B 1312 29.65 64.89 77.63
N PHE B 1313 29.74 65.87 78.53
CA PHE B 1313 28.92 65.89 79.73
C PHE B 1313 27.44 66.04 79.40
N ASN B 1314 27.12 66.92 78.45
CA ASN B 1314 25.73 67.05 78.02
C ASN B 1314 25.30 65.91 77.11
N TYR B 1315 26.24 65.35 76.35
CA TYR B 1315 25.93 64.17 75.53
C TYR B 1315 25.73 62.93 76.38
N LEU B 1316 26.18 62.94 77.62
CA LEU B 1316 26.11 61.76 78.47
C LEU B 1316 24.85 61.73 79.33
N LYS B 1317 24.47 62.87 79.91
CA LYS B 1317 23.42 62.90 80.93
C LYS B 1317 22.02 62.63 80.37
N ALA B 1318 21.83 62.70 79.06
CA ALA B 1318 20.53 62.39 78.48
C ALA B 1318 20.29 60.91 78.32
N ARG B 1319 21.31 60.08 78.59
CA ARG B 1319 21.24 58.62 78.55
C ARG B 1319 20.82 58.11 77.17
N ARG B 1320 21.23 58.82 76.12
CA ARG B 1320 21.04 58.38 74.75
C ARG B 1320 22.26 57.54 74.39
N TYR B 1321 22.08 56.22 74.45
CA TYR B 1321 23.21 55.31 74.68
C TYR B 1321 24.18 55.26 73.51
N VAL B 1322 23.66 55.20 72.27
CA VAL B 1322 24.56 55.16 71.12
C VAL B 1322 25.21 56.52 70.89
N GLU B 1323 24.62 57.59 71.43
CA GLU B 1323 25.17 58.92 71.24
C GLU B 1323 26.42 59.09 72.12
N ALA B 1324 26.87 60.35 72.21
CA ALA B 1324 28.13 60.73 72.84
C ALA B 1324 29.35 60.10 72.17
N VAL B 1325 29.21 59.57 70.96
CA VAL B 1325 30.36 59.16 70.17
C VAL B 1325 30.53 60.01 68.91
N ASP B 1326 29.47 60.68 68.45
CA ASP B 1326 29.69 61.79 67.53
C ASP B 1326 30.52 62.88 68.20
N VAL B 1327 30.27 63.12 69.48
CA VAL B 1327 31.08 64.10 70.19
C VAL B 1327 32.47 63.55 70.45
N CYS B 1328 32.61 62.22 70.57
CA CYS B 1328 33.93 61.60 70.56
C CYS B 1328 34.70 61.97 69.31
N HIS B 1329 34.08 61.81 68.14
CA HIS B 1329 34.72 62.18 66.89
C HIS B 1329 35.00 63.68 66.84
N LYS B 1330 34.06 64.49 67.34
CA LYS B 1330 34.21 65.94 67.32
C LYS B 1330 35.38 66.40 68.18
N VAL B 1331 35.54 65.81 69.37
CA VAL B 1331 36.61 66.25 70.26
C VAL B 1331 37.96 65.62 69.91
N ILE B 1332 37.98 64.47 69.23
CA ILE B 1332 39.26 63.99 68.73
C ILE B 1332 39.66 64.72 67.46
N LYS B 1333 38.71 65.32 66.74
CA LYS B 1333 39.08 66.29 65.72
C LYS B 1333 39.55 67.59 66.35
N ALA B 1334 38.96 67.98 67.49
CA ALA B 1334 39.48 69.09 68.27
C ALA B 1334 40.89 68.78 68.77
N PHE B 1335 41.01 67.77 69.62
CA PHE B 1335 42.29 67.38 70.19
C PHE B 1335 42.40 65.87 70.15
N PRO B 1336 43.37 65.32 69.42
CA PRO B 1336 43.59 63.86 69.47
C PRO B 1336 44.01 63.37 70.85
N ASP B 1337 44.53 64.24 71.70
CA ASP B 1337 44.85 63.92 73.09
C ASP B 1337 43.77 64.40 74.06
N TYR B 1338 42.51 64.30 73.64
CA TYR B 1338 41.39 64.69 74.51
C TYR B 1338 41.30 63.71 75.67
N PRO B 1339 41.40 64.19 76.92
CA PRO B 1339 41.61 63.25 78.04
C PRO B 1339 40.34 62.62 78.59
N LYS B 1340 39.15 63.12 78.23
CA LYS B 1340 37.90 62.59 78.75
C LYS B 1340 37.24 61.65 77.75
N ILE B 1341 38.07 60.88 77.03
CA ILE B 1341 37.65 60.11 75.87
C ILE B 1341 37.32 58.69 76.29
N ARG B 1342 37.24 58.42 77.61
CA ARG B 1342 36.77 57.12 78.08
C ARG B 1342 35.89 57.18 79.32
N LYS B 1343 35.41 58.36 79.73
CA LYS B 1343 34.59 58.38 80.94
C LYS B 1343 33.20 58.96 80.74
N GLU B 1344 33.06 60.05 79.98
CA GLU B 1344 31.74 60.59 79.67
C GLU B 1344 31.17 60.03 78.39
N ILE B 1345 31.96 59.24 77.66
CA ILE B 1345 31.53 58.69 76.39
C ILE B 1345 31.58 57.17 76.34
N LEU B 1346 32.42 56.52 77.14
CA LEU B 1346 32.42 55.07 77.25
C LEU B 1346 31.41 54.56 78.25
N GLU B 1347 30.71 55.46 78.93
CA GLU B 1347 29.41 55.16 79.52
C GLU B 1347 28.31 55.19 78.46
N LYS B 1348 28.67 55.58 77.23
CA LYS B 1348 27.80 55.50 76.07
C LYS B 1348 28.38 54.62 74.97
N ALA B 1349 29.68 54.77 74.67
CA ALA B 1349 30.35 53.81 73.81
C ALA B 1349 30.51 52.49 74.57
N ARG B 1350 30.06 51.40 73.93
CA ARG B 1350 30.00 50.03 74.43
C ARG B 1350 28.89 49.87 75.48
N MET B 1351 28.36 50.98 75.98
CA MET B 1351 27.10 51.01 76.70
C MET B 1351 26.03 51.58 75.78
N GLY B 1352 25.75 50.84 74.72
CA GLY B 1352 24.89 51.29 73.67
C GLY B 1352 25.19 50.54 72.39
N LEU B 1353 25.20 51.27 71.27
CA LEU B 1353 25.42 50.72 69.93
C LEU B 1353 24.38 49.63 69.65
N LYS B 1354 23.14 50.12 69.43
CA LYS B 1354 21.87 49.39 69.45
C LYS B 1354 21.65 48.83 70.84
N PRO B 1355 21.34 49.68 71.83
CA PRO B 1355 21.29 49.32 73.25
C PRO B 1355 20.03 48.57 73.60
N MET C 1 -0.21 -98.96 -12.65
CA MET C 1 0.55 -97.85 -12.07
C MET C 1 2.05 -98.06 -12.16
N GLU C 2 2.78 -97.19 -11.47
CA GLU C 2 4.24 -97.22 -11.40
C GLU C 2 4.61 -97.18 -9.92
N ILE C 3 4.84 -98.35 -9.33
CA ILE C 3 4.90 -98.52 -7.89
C ILE C 3 6.37 -98.57 -7.46
N TYR C 4 6.67 -97.87 -6.35
CA TYR C 4 7.99 -97.86 -5.74
C TYR C 4 8.48 -99.28 -5.46
N TYR C 5 9.78 -99.49 -5.64
CA TYR C 5 10.40 -100.77 -5.32
C TYR C 5 11.31 -100.59 -4.11
N THR C 6 11.04 -101.36 -3.05
CA THR C 6 11.83 -101.32 -1.83
C THR C 6 13.00 -102.28 -1.98
N THR C 7 14.03 -101.84 -2.68
CA THR C 7 15.23 -102.66 -2.89
C THR C 7 16.40 -101.99 -2.19
N LYS C 8 17.18 -102.79 -1.46
CA LYS C 8 18.10 -102.29 -0.45
C LYS C 8 19.55 -102.65 -0.80
N ILE C 9 20.42 -101.64 -0.75
CA ILE C 9 21.85 -101.89 -0.85
C ILE C 9 22.32 -102.62 0.39
N SER C 10 23.05 -103.71 0.20
CA SER C 10 23.53 -104.54 1.29
C SER C 10 24.86 -105.15 0.88
N GLY C 11 25.26 -106.22 1.56
CA GLY C 11 26.53 -106.87 1.33
C GLY C 11 27.62 -106.38 2.25
N ARG C 12 27.99 -105.11 2.13
CA ARG C 12 28.97 -104.48 3.02
C ARG C 12 28.53 -103.08 3.40
N ALA C 13 27.25 -102.76 3.18
CA ALA C 13 26.76 -101.39 3.29
C ALA C 13 26.85 -100.86 4.72
N GLY C 14 27.23 -99.60 4.84
CA GLY C 14 27.31 -98.95 6.13
C GLY C 14 26.15 -98.01 6.39
N VAL C 15 26.47 -96.74 6.68
CA VAL C 15 25.47 -95.74 7.02
C VAL C 15 25.53 -94.55 6.06
N ILE C 16 26.71 -93.96 5.90
CA ILE C 16 26.85 -92.74 5.11
C ILE C 16 26.76 -93.09 3.64
N ALA C 17 25.81 -92.47 2.94
CA ALA C 17 25.56 -92.72 1.54
C ALA C 17 25.88 -91.47 0.72
N GLY C 18 26.54 -91.67 -0.42
CA GLY C 18 26.90 -90.55 -1.26
C GLY C 18 26.37 -90.65 -2.67
N TRP C 19 25.42 -89.77 -3.02
CA TRP C 19 24.87 -89.71 -4.35
C TRP C 19 25.69 -88.81 -5.24
N SER C 20 25.77 -89.17 -6.52
CA SER C 20 26.24 -88.22 -7.51
C SER C 20 25.12 -87.21 -7.74
N LYS C 21 25.09 -86.18 -6.89
CA LYS C 21 23.93 -85.29 -6.78
C LYS C 21 23.72 -84.42 -8.00
N ALA C 22 24.73 -84.27 -8.85
CA ALA C 22 24.53 -83.53 -10.08
C ALA C 22 23.71 -84.36 -11.07
N PRO C 23 22.60 -83.83 -11.57
CA PRO C 23 21.79 -84.59 -12.53
C PRO C 23 22.50 -84.79 -13.86
N GLY C 24 22.12 -85.86 -14.55
CA GLY C 24 22.71 -86.19 -15.82
C GLY C 24 23.97 -87.02 -15.76
N TYR C 25 24.42 -87.38 -14.56
CA TYR C 25 25.59 -88.23 -14.34
C TYR C 25 25.17 -89.65 -13.99
N PRO C 26 26.07 -90.63 -14.11
CA PRO C 26 25.75 -91.95 -13.54
C PRO C 26 25.72 -91.85 -12.04
N SER C 27 24.51 -91.88 -11.49
CA SER C 27 24.26 -91.52 -10.10
C SER C 27 24.66 -92.71 -9.24
N LEU C 28 25.97 -92.83 -9.00
CA LEU C 28 26.52 -93.96 -8.26
C LEU C 28 26.44 -93.67 -6.77
N LEU C 29 25.63 -94.44 -6.05
CA LEU C 29 25.46 -94.22 -4.63
C LEU C 29 26.66 -94.80 -3.89
N ALA C 30 27.64 -93.94 -3.62
CA ALA C 30 28.76 -94.33 -2.78
C ALA C 30 28.25 -94.63 -1.39
N VAL C 31 28.78 -95.70 -0.79
CA VAL C 31 28.31 -96.20 0.50
C VAL C 31 29.52 -96.40 1.38
N ALA C 32 29.54 -95.72 2.53
CA ALA C 32 30.65 -95.82 3.46
C ALA C 32 30.63 -97.20 4.09
N LEU C 33 31.38 -98.14 3.51
CA LEU C 33 31.36 -99.52 3.96
C LEU C 33 32.03 -99.66 5.32
N SER C 34 31.51 -100.61 6.11
CA SER C 34 32.16 -100.93 7.39
C SER C 34 33.57 -101.49 7.24
N PRO C 35 33.88 -102.46 6.33
CA PRO C 35 35.31 -102.87 6.23
C PRO C 35 36.18 -101.87 5.47
N ASN C 36 36.34 -100.69 6.07
CA ASN C 36 37.18 -99.56 5.69
C ASN C 36 37.19 -99.22 4.21
N ALA C 37 36.05 -99.39 3.54
CA ALA C 37 35.92 -99.07 2.13
C ALA C 37 34.75 -98.13 1.93
N VAL C 38 34.64 -97.59 0.71
CA VAL C 38 33.48 -96.81 0.31
C VAL C 38 32.87 -97.50 -0.90
N GLY C 39 31.65 -98.01 -0.73
CA GLY C 39 31.02 -98.81 -1.76
C GLY C 39 30.37 -98.01 -2.86
N ILE C 40 31.05 -97.90 -3.99
CA ILE C 40 30.52 -97.12 -5.11
C ILE C 40 29.45 -97.97 -5.77
N TYR C 41 28.22 -97.80 -5.32
CA TYR C 41 27.15 -98.73 -5.63
C TYR C 41 26.14 -98.11 -6.58
N ASN C 42 25.40 -98.97 -7.27
CA ASN C 42 24.50 -98.53 -8.33
C ASN C 42 23.20 -98.03 -7.73
N GLU C 43 22.20 -97.84 -8.60
CA GLU C 43 20.96 -97.18 -8.22
C GLU C 43 19.76 -98.10 -8.31
N GLU C 44 19.97 -99.41 -8.50
CA GLU C 44 18.89 -100.37 -8.55
C GLU C 44 18.64 -101.01 -7.18
N GLY C 45 19.30 -100.49 -6.14
CA GLY C 45 19.26 -101.14 -4.85
C GLY C 45 20.20 -102.31 -4.72
N ARG C 46 21.25 -102.35 -5.52
CA ARG C 46 22.22 -103.42 -5.53
C ARG C 46 23.62 -102.83 -5.47
N PRO C 47 24.60 -103.58 -4.97
CA PRO C 47 25.98 -103.12 -5.06
C PRO C 47 26.50 -103.18 -6.49
N LEU C 48 27.01 -102.04 -6.98
CA LEU C 48 27.58 -101.99 -8.32
C LEU C 48 28.81 -102.86 -8.42
N ASP C 49 29.67 -102.82 -7.41
CA ASP C 49 30.90 -103.62 -7.37
C ASP C 49 30.90 -104.37 -6.03
N PRO C 50 30.19 -105.49 -5.94
CA PRO C 50 30.11 -106.22 -4.66
C PRO C 50 31.45 -106.76 -4.19
N ASN C 51 32.42 -106.95 -5.09
CA ASN C 51 33.77 -107.32 -4.68
C ASN C 51 34.43 -106.21 -3.86
N ASN C 52 34.04 -104.97 -4.13
CA ASN C 52 34.50 -103.79 -3.41
C ASN C 52 36.02 -103.61 -3.51
N GLU C 53 36.47 -103.49 -4.75
CA GLU C 53 37.83 -103.06 -5.07
C GLU C 53 37.87 -101.78 -5.87
N ALA C 54 37.03 -101.67 -6.91
CA ALA C 54 36.71 -100.35 -7.46
C ALA C 54 36.01 -99.48 -6.42
N ASN C 55 35.20 -100.09 -5.55
CA ASN C 55 34.87 -99.50 -4.27
C ASN C 55 36.10 -99.57 -3.39
N ILE C 56 36.57 -98.42 -2.94
CA ILE C 56 37.98 -98.24 -2.59
C ILE C 56 38.12 -98.44 -1.10
N LYS C 57 38.89 -99.44 -0.70
CA LYS C 57 39.34 -99.49 0.68
C LYS C 57 40.25 -98.32 0.96
N ASN C 58 40.21 -97.83 2.20
CA ASN C 58 40.98 -96.67 2.58
C ASN C 58 42.47 -96.97 2.45
N VAL C 59 43.22 -95.99 1.94
CA VAL C 59 44.67 -96.14 1.83
C VAL C 59 45.29 -96.26 3.21
N ARG C 60 44.78 -95.52 4.18
CA ARG C 60 45.23 -95.62 5.56
C ARG C 60 44.38 -96.57 6.39
N GLY C 61 43.40 -97.23 5.79
CA GLY C 61 42.64 -98.27 6.47
C GLY C 61 41.80 -97.85 7.66
N THR C 62 41.08 -96.74 7.55
CA THR C 62 40.16 -96.28 8.60
C THR C 62 38.73 -96.30 8.08
N GLU C 63 37.79 -96.11 9.01
CA GLU C 63 36.38 -96.04 8.68
C GLU C 63 36.06 -94.68 8.06
N CYS C 64 35.11 -94.65 7.13
CA CYS C 64 34.76 -93.38 6.51
C CYS C 64 33.87 -92.53 7.43
N ALA C 65 33.97 -91.21 7.27
CA ALA C 65 33.09 -90.25 7.94
C ALA C 65 32.17 -89.49 6.99
N LYS C 66 32.72 -88.93 5.91
CA LYS C 66 31.94 -88.15 4.95
C LYS C 66 32.34 -88.55 3.53
N ILE C 67 31.33 -88.76 2.69
CA ILE C 67 31.52 -88.94 1.27
C ILE C 67 30.59 -87.98 0.53
N ALA C 68 31.17 -87.19 -0.38
CA ALA C 68 30.41 -86.23 -1.15
C ALA C 68 30.94 -86.20 -2.57
N TRP C 69 30.03 -86.22 -3.54
CA TRP C 69 30.40 -86.27 -4.94
C TRP C 69 30.55 -84.86 -5.52
N HIS C 70 31.36 -84.78 -6.58
CA HIS C 70 31.66 -83.50 -7.21
C HIS C 70 30.39 -82.90 -7.82
N PRO C 71 30.16 -81.59 -7.65
CA PRO C 71 29.00 -80.97 -8.29
C PRO C 71 29.09 -80.90 -9.80
N LEU C 72 30.29 -81.04 -10.37
CA LEU C 72 30.49 -80.95 -11.81
C LEU C 72 31.22 -82.16 -12.38
N LEU C 73 31.32 -83.25 -11.63
CA LEU C 73 32.10 -84.40 -12.03
C LEU C 73 31.60 -85.61 -11.25
N PRO C 74 31.90 -86.83 -11.70
CA PRO C 74 31.73 -87.98 -10.80
C PRO C 74 32.96 -88.20 -9.93
N LEU C 75 33.50 -87.11 -9.39
CA LEU C 75 34.57 -87.17 -8.40
C LEU C 75 33.98 -87.26 -7.01
N LEU C 76 34.37 -88.28 -6.27
CA LEU C 76 33.89 -88.48 -4.91
C LEU C 76 34.99 -88.12 -3.94
N ALA C 77 34.73 -87.11 -3.11
CA ALA C 77 35.64 -86.76 -2.03
C ALA C 77 35.27 -87.59 -0.81
N ILE C 78 36.20 -88.40 -0.33
CA ILE C 78 36.00 -89.26 0.82
C ILE C 78 36.78 -88.66 1.99
N GLY C 79 36.06 -88.29 3.04
CA GLY C 79 36.69 -87.88 4.27
C GLY C 79 36.71 -89.05 5.23
N TRP C 80 37.86 -89.71 5.34
CA TRP C 80 37.94 -90.85 6.21
C TRP C 80 38.16 -90.34 7.63
N LYS C 81 38.06 -91.21 8.63
CA LYS C 81 38.21 -90.76 10.01
C LYS C 81 39.67 -90.73 10.46
N ASP C 82 40.53 -90.14 9.63
CA ASP C 82 41.90 -89.86 10.02
C ASP C 82 42.45 -88.58 9.42
N GLY C 83 41.64 -87.77 8.73
CA GLY C 83 42.14 -86.71 7.89
C GLY C 83 42.45 -87.12 6.47
N ALA C 84 42.17 -88.37 6.11
CA ALA C 84 42.46 -88.87 4.77
C ALA C 84 41.43 -88.33 3.80
N ILE C 85 41.78 -87.26 3.10
CA ILE C 85 40.91 -86.67 2.09
C ILE C 85 41.17 -87.43 0.80
N SER C 86 40.21 -88.23 0.37
CA SER C 86 40.40 -89.13 -0.76
C SER C 86 39.55 -88.66 -1.92
N PHE C 87 40.21 -88.18 -2.97
CA PHE C 87 39.55 -87.81 -4.21
C PHE C 87 39.49 -89.04 -5.08
N TRP C 88 38.28 -89.50 -5.39
CA TRP C 88 38.11 -90.64 -6.28
C TRP C 88 37.11 -90.30 -7.36
N ASN C 89 37.45 -90.61 -8.60
CA ASN C 89 36.62 -90.31 -9.76
C ASN C 89 35.99 -91.59 -10.28
N ALA C 90 34.71 -91.54 -10.61
CA ALA C 90 34.05 -92.70 -11.18
C ALA C 90 34.47 -92.93 -12.62
N GLU C 91 34.81 -91.88 -13.35
CA GLU C 91 35.29 -92.03 -14.71
C GLU C 91 36.74 -92.49 -14.77
N GLU C 92 37.51 -92.27 -13.70
CA GLU C 92 38.92 -92.63 -13.68
C GLU C 92 39.23 -93.86 -12.85
N ARG C 93 38.39 -94.18 -11.85
CA ARG C 93 38.63 -95.27 -10.89
C ARG C 93 39.98 -95.11 -10.20
N LYS C 94 40.36 -93.87 -9.93
CA LYS C 94 41.61 -93.54 -9.26
C LYS C 94 41.27 -92.82 -7.97
N LEU C 95 41.71 -93.38 -6.85
CA LEU C 95 41.58 -92.69 -5.57
C LEU C 95 42.97 -92.20 -5.15
N GLU C 96 43.09 -90.89 -4.97
CA GLU C 96 44.34 -90.25 -4.59
C GLU C 96 44.13 -89.58 -3.25
N GLU C 97 44.97 -89.93 -2.28
CA GLU C 97 44.77 -89.59 -0.88
C GLU C 97 45.91 -88.72 -0.40
N ASP C 98 45.58 -87.57 0.18
CA ASP C 98 46.56 -86.66 0.76
C ASP C 98 46.16 -86.33 2.18
N SER C 99 47.11 -86.45 3.11
CA SER C 99 46.86 -86.25 4.54
C SER C 99 47.97 -85.42 5.16
N LYS C 100 48.46 -84.43 4.41
CA LYS C 100 49.56 -83.60 4.90
C LYS C 100 49.10 -82.67 6.02
N ILE C 101 48.08 -81.86 5.74
CA ILE C 101 47.62 -80.88 6.72
C ILE C 101 46.56 -81.49 7.64
N HIS C 102 45.58 -82.16 7.08
CA HIS C 102 44.48 -82.72 7.87
C HIS C 102 44.93 -84.04 8.48
N ARG C 103 44.76 -84.14 9.80
CA ARG C 103 45.23 -85.29 10.58
C ARG C 103 44.20 -85.85 11.54
N ASN C 104 43.18 -85.09 11.91
CA ASN C 104 42.09 -85.60 12.74
C ASN C 104 40.93 -86.04 11.84
N THR C 105 39.95 -86.69 12.45
CA THR C 105 38.79 -87.21 11.73
C THR C 105 38.06 -86.08 11.00
N ILE C 106 37.82 -86.29 9.70
CA ILE C 106 37.21 -85.28 8.85
C ILE C 106 35.79 -85.01 9.33
N SER C 107 35.56 -83.81 9.84
CA SER C 107 34.26 -83.41 10.39
C SER C 107 33.42 -82.67 9.35
N SER C 108 33.95 -81.59 8.80
CA SER C 108 33.25 -80.78 7.81
C SER C 108 33.89 -81.01 6.44
N MET C 109 33.09 -81.51 5.50
CA MET C 109 33.51 -81.61 4.10
C MET C 109 32.34 -81.24 3.21
N THR C 110 32.39 -80.02 2.64
CA THR C 110 31.39 -79.54 1.70
C THR C 110 32.09 -79.16 0.41
N TRP C 111 31.51 -79.60 -0.71
CA TRP C 111 32.05 -79.27 -2.02
C TRP C 111 31.75 -77.81 -2.35
N THR C 112 32.66 -77.19 -3.10
CA THR C 112 32.46 -75.81 -3.54
C THR C 112 31.49 -75.77 -4.71
N ALA C 113 31.24 -74.55 -5.21
CA ALA C 113 30.29 -74.39 -6.31
C ALA C 113 30.84 -74.97 -7.60
N SER C 114 32.08 -74.64 -7.96
CA SER C 114 32.70 -75.13 -9.17
C SER C 114 33.51 -76.40 -8.95
N GLY C 115 33.64 -76.85 -7.71
CA GLY C 115 34.49 -77.98 -7.41
C GLY C 115 35.96 -77.73 -7.65
N ASP C 116 36.41 -76.48 -7.48
CA ASP C 116 37.82 -76.16 -7.56
C ASP C 116 38.54 -76.28 -6.23
N ARG C 117 37.81 -76.17 -5.13
CA ARG C 117 38.36 -76.41 -3.81
C ARG C 117 37.49 -77.43 -3.08
N LEU C 118 37.74 -77.62 -1.79
CA LEU C 118 36.88 -78.46 -0.95
C LEU C 118 37.03 -77.98 0.48
N ILE C 119 35.92 -77.51 1.06
CA ILE C 119 35.95 -76.99 2.42
C ILE C 119 36.14 -78.18 3.35
N THR C 120 37.37 -78.40 3.79
CA THR C 120 37.67 -79.54 4.65
C THR C 120 37.95 -79.07 6.07
N GLY C 121 37.60 -79.92 7.02
CA GLY C 121 37.75 -79.59 8.42
C GLY C 121 37.81 -80.86 9.25
N ASP C 122 38.16 -80.67 10.52
CA ASP C 122 38.24 -81.76 11.47
C ASP C 122 37.79 -81.24 12.83
N GLU C 123 38.01 -82.03 13.87
CA GLU C 123 37.58 -81.66 15.20
C GLU C 123 38.56 -80.72 15.90
N ASN C 124 39.70 -80.42 15.28
CA ASN C 124 40.65 -79.47 15.84
C ASN C 124 40.25 -78.02 15.59
N GLY C 125 39.19 -77.79 14.83
CA GLY C 125 38.88 -76.46 14.34
C GLY C 125 39.66 -76.07 13.11
N ARG C 126 40.53 -76.95 12.62
CA ARG C 126 41.33 -76.69 11.42
C ARG C 126 40.41 -76.82 10.22
N ILE C 127 39.86 -75.69 9.78
CA ILE C 127 39.13 -75.65 8.53
C ILE C 127 40.09 -75.24 7.42
N SER C 128 40.07 -75.99 6.33
CA SER C 128 41.07 -75.84 5.28
C SER C 128 40.43 -76.14 3.94
N MET C 129 40.31 -75.13 3.09
CA MET C 129 39.78 -75.30 1.74
C MET C 129 40.90 -75.85 0.87
N TRP C 130 41.04 -77.17 0.90
CA TRP C 130 41.97 -77.85 0.01
C TRP C 130 41.50 -77.73 -1.43
N LYS C 131 42.40 -77.36 -2.33
CA LYS C 131 42.01 -77.18 -3.71
C LYS C 131 41.74 -78.51 -4.38
N THR C 132 40.87 -78.48 -5.38
CA THR C 132 40.54 -79.62 -6.20
C THR C 132 40.94 -79.33 -7.64
N ASP C 133 41.74 -80.22 -8.21
CA ASP C 133 42.23 -80.03 -9.56
C ASP C 133 41.64 -81.09 -10.48
N ARG C 134 41.69 -80.82 -11.77
CA ARG C 134 41.53 -81.86 -12.77
C ARG C 134 42.77 -82.74 -12.87
N LEU C 135 43.86 -82.32 -12.23
CA LEU C 135 45.04 -83.14 -12.00
C LEU C 135 44.82 -84.11 -10.84
N MET C 136 43.64 -84.05 -10.21
CA MET C 136 43.05 -85.15 -9.46
C MET C 136 43.85 -85.42 -8.17
N ARG C 137 44.08 -84.38 -7.38
CA ARG C 137 44.77 -84.46 -6.10
C ARG C 137 44.17 -83.47 -5.11
N PRO C 138 43.91 -83.87 -3.87
CA PRO C 138 43.50 -82.91 -2.84
C PRO C 138 44.72 -82.20 -2.24
N ILE C 139 44.88 -80.93 -2.59
CA ILE C 139 46.05 -80.16 -2.19
C ILE C 139 45.59 -79.03 -1.28
N HIS C 140 46.17 -78.97 -0.08
CA HIS C 140 45.83 -77.94 0.89
C HIS C 140 46.28 -76.58 0.40
N VAL C 141 45.45 -75.56 0.61
CA VAL C 141 45.75 -74.18 0.25
C VAL C 141 45.88 -73.30 1.48
N VAL C 142 44.80 -73.16 2.25
CA VAL C 142 44.75 -72.20 3.34
C VAL C 142 44.43 -72.94 4.63
N ALA C 143 44.89 -72.38 5.75
CA ALA C 143 44.77 -73.01 7.05
C ALA C 143 44.15 -72.03 8.03
N TYR C 144 43.11 -72.47 8.74
CA TYR C 144 42.48 -71.67 9.78
C TYR C 144 42.25 -72.56 11.00
N ASP C 145 42.90 -72.23 12.11
CA ASP C 145 42.74 -73.00 13.34
C ASP C 145 41.62 -72.40 14.18
N GLU C 146 40.74 -73.26 14.69
CA GLU C 146 39.72 -72.87 15.66
C GLU C 146 39.82 -73.81 16.86
N PRO C 147 40.85 -73.64 17.69
CA PRO C 147 41.08 -74.59 18.78
C PRO C 147 40.00 -74.49 19.85
N GLY C 148 39.67 -75.63 20.44
CA GLY C 148 38.57 -75.72 21.37
C GLY C 148 37.21 -75.74 20.71
N ALA C 149 37.14 -75.60 19.39
CA ALA C 149 35.90 -75.56 18.65
C ALA C 149 35.96 -76.59 17.53
N VAL C 150 34.79 -77.12 17.18
CA VAL C 150 34.67 -78.12 16.13
C VAL C 150 33.95 -77.48 14.95
N ILE C 151 34.46 -77.74 13.75
CA ILE C 151 33.80 -77.27 12.54
C ILE C 151 32.65 -78.20 12.24
N ARG C 152 31.48 -77.91 12.83
CA ARG C 152 30.33 -78.79 12.74
C ARG C 152 29.39 -78.37 11.61
N HIS C 153 28.85 -77.16 11.69
CA HIS C 153 27.95 -76.64 10.69
C HIS C 153 28.71 -75.67 9.79
N THR C 154 28.70 -75.93 8.49
CA THR C 154 29.43 -75.12 7.51
C THR C 154 28.58 -75.05 6.25
N VAL C 155 27.89 -73.93 6.06
CA VAL C 155 26.98 -73.75 4.93
C VAL C 155 27.65 -72.84 3.91
N VAL C 156 27.21 -72.95 2.67
CA VAL C 156 27.60 -72.04 1.60
C VAL C 156 26.41 -71.15 1.32
N GLY C 157 26.40 -69.96 1.91
CA GLY C 157 25.31 -69.02 1.72
C GLY C 157 25.63 -67.96 0.70
N LEU C 158 26.01 -66.76 1.18
CA LEU C 158 26.43 -65.69 0.30
C LEU C 158 27.94 -65.76 0.10
N PRO C 159 28.43 -66.06 -1.10
CA PRO C 159 29.87 -65.98 -1.33
C PRO C 159 30.31 -64.52 -1.38
N GLU C 160 31.03 -64.09 -0.36
CA GLU C 160 31.44 -62.69 -0.28
C GLU C 160 32.47 -62.36 -1.34
N GLU C 161 32.23 -61.26 -2.05
CA GLU C 161 33.11 -60.82 -3.13
C GLU C 161 34.12 -59.86 -2.53
N MET C 162 35.33 -60.39 -2.28
CA MET C 162 36.40 -59.60 -1.73
C MET C 162 36.89 -58.59 -2.78
N PRO C 163 37.43 -57.46 -2.35
CA PRO C 163 37.99 -56.51 -3.32
C PRO C 163 39.42 -56.84 -3.74
N ASP C 164 39.88 -58.06 -3.45
CA ASP C 164 41.22 -58.46 -3.85
C ASP C 164 41.37 -58.50 -5.37
N THR C 165 40.47 -59.23 -6.04
CA THR C 165 40.36 -59.17 -7.49
C THR C 165 38.90 -59.28 -7.94
N ASN C 166 37.95 -59.04 -7.02
CA ASN C 166 36.52 -59.21 -7.24
C ASN C 166 36.19 -60.62 -7.73
N SER C 167 36.89 -61.61 -7.17
CA SER C 167 36.66 -62.99 -7.52
C SER C 167 35.54 -63.58 -6.68
N GLN C 168 34.69 -64.39 -7.32
CA GLN C 168 33.60 -65.05 -6.61
C GLN C 168 34.19 -66.21 -5.83
N VAL C 169 34.52 -65.94 -4.56
CA VAL C 169 35.15 -66.92 -3.69
C VAL C 169 34.09 -67.52 -2.78
N VAL C 170 34.06 -68.85 -2.71
CA VAL C 170 33.23 -69.52 -1.72
C VAL C 170 33.72 -69.15 -0.33
N VAL C 171 32.81 -68.64 0.49
CA VAL C 171 33.14 -68.19 1.84
C VAL C 171 32.34 -69.07 2.79
N ALA C 172 33.03 -69.98 3.46
CA ALA C 172 32.39 -71.01 4.26
C ALA C 172 31.93 -70.43 5.58
N PHE C 173 30.61 -70.39 5.80
CA PHE C 173 30.04 -69.93 7.06
C PHE C 173 30.12 -71.09 8.05
N TYR C 174 31.31 -71.31 8.59
CA TYR C 174 31.52 -72.39 9.54
C TYR C 174 31.26 -71.90 10.96
N VAL C 175 30.72 -72.79 11.77
CA VAL C 175 30.46 -72.49 13.17
C VAL C 175 31.64 -72.99 13.99
N ALA C 176 32.34 -72.07 14.65
CA ALA C 176 33.35 -72.44 15.64
C ALA C 176 32.63 -72.76 16.94
N ASP C 177 31.89 -73.88 16.90
CA ASP C 177 30.98 -74.27 17.97
C ASP C 177 31.80 -74.89 19.10
N ALA C 178 32.39 -74.02 19.92
CA ALA C 178 33.21 -74.44 21.04
C ALA C 178 32.29 -74.79 22.21
N GLN C 179 31.74 -76.02 22.14
CA GLN C 179 30.87 -76.59 23.16
C GLN C 179 29.62 -75.70 23.37
N GLU C 180 28.82 -75.66 22.30
CA GLU C 180 27.58 -74.89 22.14
C GLU C 180 27.81 -73.39 22.08
N ARG C 181 29.04 -72.91 22.17
CA ARG C 181 29.37 -71.50 21.92
C ARG C 181 29.44 -71.35 20.40
N ALA C 182 28.29 -71.09 19.80
CA ALA C 182 28.16 -71.10 18.34
C ALA C 182 28.78 -69.82 17.78
N VAL C 183 30.10 -69.86 17.62
CA VAL C 183 30.81 -68.79 16.96
C VAL C 183 30.78 -69.07 15.47
N VAL C 184 29.69 -68.68 14.82
CA VAL C 184 29.61 -68.86 13.38
C VAL C 184 30.55 -67.86 12.73
N LYS C 185 31.44 -68.36 11.86
CA LYS C 185 32.46 -67.54 11.25
C LYS C 185 32.50 -67.80 9.76
N TRP C 186 32.96 -66.81 9.00
CA TRP C 186 33.08 -66.93 7.56
C TRP C 186 34.56 -66.92 7.16
N CYS C 187 35.00 -67.97 6.47
CA CYS C 187 36.37 -68.11 6.04
C CYS C 187 36.42 -68.20 4.52
N ASN C 188 37.45 -67.59 3.95
CA ASN C 188 37.68 -67.64 2.52
C ASN C 188 38.96 -68.41 2.23
N ASP C 189 39.07 -68.93 1.00
CA ASP C 189 40.15 -69.85 0.69
C ASP C 189 41.51 -69.18 0.55
N GLN C 190 41.61 -67.86 0.73
CA GLN C 190 42.87 -67.16 0.52
C GLN C 190 43.60 -66.86 1.82
N GLY C 191 43.01 -66.04 2.70
CA GLY C 191 43.73 -65.70 3.91
C GLY C 191 42.99 -65.36 5.19
N TYR C 192 41.67 -65.50 5.24
CA TYR C 192 40.92 -64.84 6.31
C TYR C 192 39.78 -65.71 6.83
N SER C 193 39.46 -65.51 8.11
CA SER C 193 38.27 -66.06 8.75
C SER C 193 37.60 -64.97 9.56
N GLY C 194 36.60 -64.31 8.95
CA GLY C 194 35.81 -63.35 9.67
C GLY C 194 34.67 -64.01 10.42
N VAL C 195 34.14 -63.30 11.40
CA VAL C 195 33.08 -63.84 12.27
C VAL C 195 31.74 -63.49 11.66
N VAL C 196 30.90 -64.50 11.43
CA VAL C 196 29.54 -64.27 10.99
C VAL C 196 28.72 -63.66 12.12
N VAL C 197 28.68 -64.35 13.26
CA VAL C 197 27.81 -63.96 14.37
C VAL C 197 28.35 -64.64 15.62
N GLU C 198 27.95 -64.13 16.79
CA GLU C 198 28.27 -64.73 18.07
C GLU C 198 26.95 -64.98 18.82
N MET C 199 26.32 -66.13 18.58
CA MET C 199 25.19 -66.51 19.40
C MET C 199 25.66 -67.39 20.56
N SER C 200 25.06 -67.17 21.72
CA SER C 200 25.31 -68.03 22.87
C SER C 200 24.74 -69.43 22.64
N GLU C 201 23.54 -69.51 22.07
CA GLU C 201 22.92 -70.81 21.80
C GLU C 201 23.60 -71.48 20.63
N GLY C 202 23.78 -72.80 20.75
CA GLY C 202 24.42 -73.55 19.69
C GLY C 202 23.56 -73.68 18.46
N VAL C 203 24.23 -73.92 17.33
CA VAL C 203 23.53 -74.05 16.05
C VAL C 203 22.86 -75.42 16.01
N HIS C 204 21.53 -75.43 16.08
CA HIS C 204 20.80 -76.69 15.89
C HIS C 204 20.92 -77.19 14.47
N THR C 205 20.67 -76.31 13.49
CA THR C 205 20.95 -76.59 12.10
C THR C 205 21.19 -75.27 11.38
N LEU C 206 22.12 -75.29 10.43
CA LEU C 206 22.57 -74.06 9.76
C LEU C 206 21.84 -73.96 8.43
N VAL C 207 20.58 -73.57 8.50
CA VAL C 207 19.74 -73.35 7.33
C VAL C 207 20.00 -71.94 6.82
N HIS C 208 19.90 -71.74 5.51
CA HIS C 208 20.08 -70.42 4.92
C HIS C 208 18.96 -70.17 3.91
N TYR C 209 18.24 -69.06 4.10
CA TYR C 209 17.19 -68.65 3.19
C TYR C 209 17.78 -67.71 2.15
N PRO C 210 17.88 -68.11 0.88
CA PRO C 210 18.55 -67.27 -0.11
C PRO C 210 17.65 -66.24 -0.77
N GLU C 211 16.33 -66.39 -0.68
CA GLU C 211 15.43 -65.46 -1.36
C GLU C 211 15.43 -64.09 -0.68
N ARG C 212 15.48 -64.08 0.65
CA ARG C 212 15.56 -62.83 1.40
C ARG C 212 16.84 -62.73 2.23
N ASP C 213 17.85 -63.54 1.88
CA ASP C 213 19.20 -63.49 2.47
C ASP C 213 19.15 -63.67 3.99
N GLN C 214 18.54 -64.78 4.41
CA GLN C 214 18.35 -65.09 5.82
C GLN C 214 19.09 -66.37 6.16
N LEU C 215 20.21 -66.25 6.86
CA LEU C 215 20.86 -67.45 7.37
C LEU C 215 20.01 -68.01 8.49
N LEU C 216 19.10 -68.92 8.16
CA LEU C 216 18.03 -69.35 9.07
C LEU C 216 18.56 -70.33 10.10
N VAL C 217 19.48 -69.83 10.94
CA VAL C 217 20.04 -70.65 12.01
C VAL C 217 18.97 -70.94 13.03
N VAL C 218 18.97 -72.17 13.55
CA VAL C 218 18.15 -72.55 14.69
C VAL C 218 19.07 -72.65 15.88
N GLY C 219 18.78 -71.86 16.92
CA GLY C 219 19.45 -72.05 18.17
C GLY C 219 18.94 -73.29 18.86
N SER C 220 19.63 -73.70 19.92
CA SER C 220 19.20 -74.89 20.65
C SER C 220 18.09 -74.56 21.65
N SER C 221 17.07 -73.85 21.17
CA SER C 221 15.84 -73.58 21.91
C SER C 221 14.65 -73.50 20.98
N CYS C 222 14.74 -74.13 19.81
CA CYS C 222 13.76 -74.01 18.72
C CYS C 222 13.54 -72.57 18.29
N THR C 223 14.58 -71.74 18.39
CA THR C 223 14.50 -70.33 18.02
C THR C 223 15.12 -70.18 16.64
N LEU C 224 14.30 -69.83 15.66
CA LEU C 224 14.81 -69.56 14.32
C LEU C 224 15.57 -68.24 14.33
N ASN C 225 16.88 -68.32 14.51
CA ASN C 225 17.72 -67.12 14.47
C ASN C 225 17.80 -66.68 13.03
N VAL C 226 16.92 -65.77 12.63
CA VAL C 226 16.89 -65.32 11.25
C VAL C 226 18.04 -64.36 11.07
N LEU C 227 19.19 -64.89 10.69
CA LEU C 227 20.39 -64.09 10.50
C LEU C 227 20.39 -63.57 9.08
N THR C 228 20.29 -62.25 8.94
CA THR C 228 20.38 -61.61 7.64
C THR C 228 21.65 -60.78 7.60
N ARG C 229 22.35 -60.81 6.47
CA ARG C 229 23.48 -59.91 6.28
C ARG C 229 22.89 -58.52 6.09
N ASP C 230 22.65 -57.84 7.21
CA ASP C 230 21.77 -56.69 7.23
C ASP C 230 22.38 -55.50 6.51
N GLU C 231 21.52 -54.68 5.92
CA GLU C 231 21.93 -53.43 5.31
C GLU C 231 22.37 -52.40 6.34
N GLN C 232 22.08 -52.64 7.61
CA GLN C 232 22.48 -51.74 8.69
C GLN C 232 23.69 -52.25 9.47
N LEU C 233 24.05 -53.52 9.34
CA LEU C 233 25.17 -54.05 10.10
C LEU C 233 26.21 -54.76 9.25
N GLY C 234 25.78 -55.48 8.21
CA GLY C 234 26.74 -56.05 7.27
C GLY C 234 26.88 -57.55 7.29
N THR C 235 26.87 -58.15 8.48
CA THR C 235 27.02 -59.59 8.63
C THR C 235 25.70 -60.20 9.10
N TRP C 236 25.67 -61.54 9.14
CA TRP C 236 24.46 -62.28 9.49
C TRP C 236 24.21 -62.17 10.99
N VAL C 237 23.66 -61.04 11.40
CA VAL C 237 23.23 -60.85 12.77
C VAL C 237 21.76 -61.24 12.88
N THR C 238 21.33 -61.53 14.10
CA THR C 238 19.96 -61.99 14.32
C THR C 238 18.97 -60.85 14.11
N ALA C 239 18.45 -60.72 12.89
CA ALA C 239 17.45 -59.69 12.61
C ALA C 239 16.15 -59.98 13.33
N SER C 240 15.70 -61.23 13.29
CA SER C 240 14.51 -61.65 14.01
C SER C 240 14.74 -63.05 14.55
N LYS C 241 13.99 -63.39 15.59
CA LYS C 241 14.15 -64.68 16.26
C LYS C 241 12.79 -65.08 16.83
N MET C 242 12.06 -65.94 16.12
CA MET C 242 10.79 -66.44 16.60
C MET C 242 10.85 -67.94 16.82
N LYS C 243 10.03 -68.40 17.76
CA LYS C 243 9.99 -69.82 18.10
C LYS C 243 9.32 -70.62 16.99
N PHE C 244 9.86 -71.80 16.71
CA PHE C 244 9.18 -72.73 15.82
C PHE C 244 7.89 -73.23 16.45
N ALA C 245 6.87 -73.40 15.62
CA ALA C 245 5.61 -73.95 16.08
C ALA C 245 5.63 -75.47 16.21
N THR C 246 6.71 -76.12 15.77
CA THR C 246 6.90 -77.55 15.94
C THR C 246 7.81 -77.79 17.14
N GLY C 247 7.25 -78.37 18.20
CA GLY C 247 7.97 -78.51 19.44
C GLY C 247 8.29 -77.17 20.05
N THR C 248 7.26 -76.43 20.45
CA THR C 248 7.44 -75.08 20.97
C THR C 248 8.18 -75.11 22.29
N GLY C 249 9.20 -74.27 22.42
CA GLY C 249 10.02 -74.26 23.61
C GLY C 249 11.33 -75.00 23.42
N GLU C 250 11.83 -75.63 24.48
CA GLU C 250 13.08 -76.38 24.41
C GLU C 250 12.77 -77.77 23.86
N ALA C 251 12.72 -77.87 22.53
CA ALA C 251 12.52 -79.15 21.86
C ALA C 251 13.41 -79.28 20.63
N ALA C 252 14.57 -78.62 20.65
CA ALA C 252 15.49 -78.66 19.52
C ALA C 252 16.03 -80.06 19.28
N THR C 253 16.15 -80.86 20.34
CA THR C 253 16.48 -82.27 20.21
C THR C 253 15.30 -82.99 19.56
N GLY C 254 15.46 -83.37 18.30
CA GLY C 254 14.39 -83.94 17.52
C GLY C 254 13.72 -82.96 16.58
N LEU C 255 13.98 -81.67 16.73
CA LEU C 255 13.46 -80.68 15.79
C LEU C 255 14.08 -80.88 14.42
N GLN C 256 13.25 -80.75 13.37
CA GLN C 256 13.67 -81.00 12.00
C GLN C 256 13.42 -79.74 11.18
N VAL C 257 14.45 -78.91 11.03
CA VAL C 257 14.32 -77.74 10.17
C VAL C 257 15.07 -78.01 8.88
N ALA C 258 14.37 -78.57 7.90
CA ALA C 258 14.86 -78.73 6.55
C ALA C 258 14.23 -77.63 5.70
N TRP C 259 14.36 -77.75 4.39
CA TRP C 259 13.70 -76.80 3.51
C TRP C 259 12.36 -77.34 3.04
N ALA C 260 11.55 -76.43 2.50
CA ALA C 260 10.18 -76.77 2.12
C ALA C 260 9.75 -76.09 0.83
N GLY C 261 10.63 -75.39 0.15
CA GLY C 261 10.30 -74.79 -1.13
C GLY C 261 11.07 -73.51 -1.32
N ASN C 262 10.67 -72.79 -2.38
CA ASN C 262 11.29 -71.50 -2.68
C ASN C 262 11.01 -70.49 -1.58
N HIS C 263 9.76 -70.44 -1.12
CA HIS C 263 9.33 -69.53 -0.07
C HIS C 263 8.54 -70.28 0.98
N THR C 264 9.09 -71.41 1.42
CA THR C 264 8.49 -72.24 2.45
C THR C 264 9.61 -72.92 3.22
N LEU C 265 9.55 -72.85 4.54
CA LEU C 265 10.58 -73.43 5.40
C LEU C 265 9.98 -74.60 6.17
N ALA C 266 10.71 -75.72 6.19
CA ALA C 266 10.21 -76.92 6.84
C ALA C 266 10.52 -76.92 8.32
N SER C 267 9.57 -77.40 9.12
CA SER C 267 9.75 -77.54 10.55
C SER C 267 8.94 -78.74 11.03
N ALA C 268 9.55 -79.60 11.83
CA ALA C 268 8.87 -80.73 12.44
C ALA C 268 9.70 -81.23 13.61
N SER C 269 9.12 -82.16 14.35
CA SER C 269 9.75 -82.66 15.57
C SER C 269 9.45 -84.14 15.72
N GLU C 270 10.25 -84.79 16.56
CA GLU C 270 10.07 -86.21 16.88
C GLU C 270 8.97 -86.46 17.89
N LYS C 271 8.38 -85.40 18.44
CA LYS C 271 7.17 -85.52 19.24
C LYS C 271 5.92 -85.06 18.50
N ASP C 272 6.06 -84.69 17.23
CA ASP C 272 4.97 -84.13 16.45
C ASP C 272 4.65 -85.04 15.27
N ASN C 273 3.40 -85.47 15.19
CA ASN C 273 2.85 -86.05 13.97
C ASN C 273 2.38 -84.98 13.01
N VAL C 274 2.34 -83.72 13.44
CA VAL C 274 2.00 -82.58 12.61
C VAL C 274 3.29 -81.95 12.12
N VAL C 275 3.31 -81.58 10.84
CA VAL C 275 4.56 -81.23 10.15
C VAL C 275 4.33 -79.83 9.59
N ARG C 276 4.69 -78.81 10.34
CA ARG C 276 4.29 -77.44 10.03
C ARG C 276 5.33 -76.75 9.15
N MET C 277 4.86 -76.16 8.05
CA MET C 277 5.74 -75.56 7.06
C MET C 277 5.72 -74.04 7.24
N TYR C 278 6.87 -73.47 7.58
CA TYR C 278 7.00 -72.02 7.75
C TYR C 278 7.07 -71.41 6.37
N ASN C 279 5.89 -71.20 5.78
CA ASN C 279 5.76 -70.75 4.40
C ASN C 279 6.15 -69.28 4.32
N PHE C 280 7.35 -69.01 3.80
CA PHE C 280 7.82 -67.63 3.68
C PHE C 280 7.11 -66.85 2.57
N ASP C 281 6.29 -67.52 1.75
CA ASP C 281 5.59 -66.83 0.67
C ASP C 281 4.61 -65.80 1.20
N THR C 282 3.76 -66.20 2.14
CA THR C 282 2.81 -65.28 2.77
C THR C 282 2.81 -65.44 4.29
N GLU C 283 3.92 -65.89 4.87
CA GLU C 283 4.12 -66.03 6.32
C GLU C 283 3.05 -66.94 6.93
N ASP C 284 3.10 -68.20 6.52
CA ASP C 284 2.12 -69.20 6.92
C ASP C 284 2.78 -70.30 7.74
N ASN C 285 2.01 -70.83 8.69
CA ASN C 285 2.33 -72.06 9.40
C ASN C 285 1.08 -72.94 9.37
N TYR C 286 1.28 -74.21 9.03
CA TYR C 286 0.17 -75.10 8.73
C TYR C 286 0.60 -76.55 8.87
N VAL C 287 -0.19 -77.30 9.65
CA VAL C 287 0.19 -78.63 10.07
C VAL C 287 0.03 -79.63 8.91
N LEU C 288 0.73 -80.76 9.05
CA LEU C 288 0.63 -81.88 8.11
C LEU C 288 0.61 -83.15 8.94
N ASN C 289 -0.55 -83.77 9.07
CA ASN C 289 -0.75 -84.84 10.04
C ASN C 289 -0.05 -86.12 9.62
N LEU C 290 0.37 -86.90 10.62
CA LEU C 290 0.91 -88.23 10.44
C LEU C 290 0.02 -89.23 11.17
N GLU C 291 0.47 -90.48 11.23
CA GLU C 291 -0.35 -91.59 11.69
C GLU C 291 0.26 -92.26 12.91
N GLN C 292 -0.57 -93.07 13.58
CA GLN C 292 -0.15 -93.95 14.65
C GLN C 292 -0.62 -95.35 14.33
N ASP C 293 0.24 -96.35 14.55
CA ASP C 293 -0.05 -97.74 14.17
C ASP C 293 0.09 -98.65 15.40
N SER C 294 -0.99 -98.73 16.18
CA SER C 294 -1.08 -99.62 17.34
C SER C 294 0.07 -99.39 18.33
N GLY C 295 0.41 -98.12 18.54
CA GLY C 295 1.52 -97.74 19.37
C GLY C 295 2.79 -97.38 18.60
N LEU C 296 2.87 -97.78 17.34
CA LEU C 296 4.00 -97.40 16.47
C LEU C 296 3.68 -96.03 15.88
N VAL C 297 3.81 -95.00 16.72
CA VAL C 297 3.45 -93.65 16.32
C VAL C 297 4.50 -93.12 15.34
N SER C 298 4.03 -92.60 14.21
CA SER C 298 4.91 -92.03 13.18
C SER C 298 5.07 -90.55 13.49
N ARG C 299 6.22 -90.20 14.08
CA ARG C 299 6.58 -88.82 14.35
C ARG C 299 7.89 -88.51 13.65
N VAL C 300 8.04 -87.25 13.24
CA VAL C 300 9.04 -86.88 12.25
C VAL C 300 10.43 -86.97 12.86
N VAL C 301 11.22 -87.93 12.39
CA VAL C 301 12.58 -88.09 12.84
C VAL C 301 13.55 -87.24 12.00
N CYS C 302 13.40 -87.30 10.69
CA CYS C 302 14.27 -86.54 9.79
C CYS C 302 13.44 -85.89 8.70
N LEU C 303 13.60 -84.58 8.54
CA LEU C 303 13.17 -83.90 7.33
C LEU C 303 14.38 -83.60 6.46
N ALA C 304 14.23 -83.88 5.16
CA ALA C 304 15.19 -83.43 4.17
C ALA C 304 14.41 -83.05 2.92
N TYR C 305 14.95 -82.09 2.18
CA TYR C 305 14.27 -81.54 1.02
C TYR C 305 15.06 -81.82 -0.23
N ASP C 306 14.36 -82.27 -1.28
CA ASP C 306 14.91 -82.28 -2.63
C ASP C 306 14.69 -80.88 -3.20
N ASP C 307 15.55 -79.95 -2.78
CA ASP C 307 15.43 -78.56 -3.22
C ASP C 307 15.68 -78.43 -4.73
N ARG C 308 16.29 -79.43 -5.34
CA ARG C 308 16.39 -79.47 -6.80
C ARG C 308 15.02 -79.64 -7.44
N TYR C 309 14.12 -80.40 -6.79
CA TYR C 309 12.84 -80.71 -7.41
C TYR C 309 11.65 -80.65 -6.45
N ASN C 310 11.81 -80.06 -5.27
CA ASN C 310 10.70 -79.68 -4.37
C ASN C 310 9.90 -80.89 -3.88
N LEU C 311 10.57 -81.77 -3.15
CA LEU C 311 9.91 -82.80 -2.36
C LEU C 311 10.57 -82.93 -1.01
N LEU C 312 9.74 -83.12 0.03
CA LEU C 312 10.19 -83.17 1.41
C LEU C 312 10.13 -84.60 1.93
N ALA C 313 11.25 -85.10 2.43
CA ALA C 313 11.33 -86.41 3.05
C ALA C 313 10.91 -86.29 4.51
N VAL C 314 10.00 -87.17 4.93
CA VAL C 314 9.51 -87.17 6.30
C VAL C 314 9.80 -88.55 6.88
N GLY C 315 10.96 -88.68 7.51
CA GLY C 315 11.29 -89.93 8.19
C GLY C 315 10.60 -89.99 9.55
N THR C 316 10.12 -91.18 9.88
CA THR C 316 9.30 -91.37 11.07
C THR C 316 9.92 -92.40 12.00
N THR C 317 9.38 -92.44 13.24
CA THR C 317 9.90 -93.35 14.24
C THR C 317 9.59 -94.80 13.90
N ASP C 318 8.46 -95.06 13.23
CA ASP C 318 8.11 -96.43 12.88
C ASP C 318 9.04 -96.98 11.81
N GLY C 319 9.56 -96.13 10.94
CA GLY C 319 10.52 -96.55 9.94
C GLY C 319 10.20 -96.08 8.55
N ARG C 320 8.91 -95.85 8.28
CA ARG C 320 8.50 -95.41 6.96
C ARG C 320 8.91 -93.96 6.72
N VAL C 321 9.15 -93.63 5.46
CA VAL C 321 9.44 -92.26 5.04
C VAL C 321 8.47 -91.94 3.92
N MET C 322 7.30 -91.39 4.28
CA MET C 322 6.37 -90.89 3.28
C MET C 322 6.78 -89.50 2.82
N MET C 323 6.18 -89.06 1.72
CA MET C 323 6.63 -87.87 1.03
C MET C 323 5.55 -86.81 0.99
N TYR C 324 6.01 -85.56 0.95
CA TYR C 324 5.14 -84.39 0.98
C TYR C 324 5.35 -83.61 -0.31
N LYS C 325 4.28 -83.43 -1.08
CA LYS C 325 4.34 -82.74 -2.36
C LYS C 325 4.09 -81.26 -2.12
N PHE C 326 5.15 -80.47 -2.15
CA PHE C 326 5.03 -79.02 -2.00
C PHE C 326 4.43 -78.45 -3.27
N ASN C 327 3.13 -78.16 -3.25
CA ASN C 327 2.52 -77.38 -4.30
C ASN C 327 3.13 -75.98 -4.31
N GLN C 328 3.24 -75.41 -5.50
CA GLN C 328 3.96 -74.17 -5.70
C GLN C 328 3.28 -73.02 -4.95
N PRO C 329 4.02 -71.95 -4.62
CA PRO C 329 3.38 -70.74 -4.11
C PRO C 329 2.31 -70.28 -5.07
N ASN C 330 1.06 -70.36 -4.61
CA ASN C 330 -0.07 -70.51 -5.54
C ASN C 330 -0.36 -69.24 -6.31
N LEU C 331 0.39 -69.02 -7.38
CA LEU C 331 0.10 -67.99 -8.37
C LEU C 331 -0.47 -68.58 -9.66
N ASN C 332 -0.63 -69.89 -9.73
CA ASN C 332 -1.19 -70.56 -10.90
C ASN C 332 -2.63 -70.99 -10.66
N LEU C 333 -2.88 -71.76 -9.60
CA LEU C 333 -4.22 -72.18 -9.22
C LEU C 333 -4.41 -71.98 -7.74
N GLU C 334 -5.63 -71.61 -7.34
CA GLU C 334 -6.12 -71.46 -5.96
C GLU C 334 -5.12 -70.75 -5.04
N PRO C 335 -4.97 -69.42 -5.19
CA PRO C 335 -4.09 -68.66 -4.30
C PRO C 335 -4.57 -68.71 -2.86
N VAL C 336 -3.80 -69.39 -2.00
CA VAL C 336 -4.28 -69.78 -0.69
C VAL C 336 -3.24 -69.42 0.36
N LEU C 337 -3.70 -69.18 1.57
CA LEU C 337 -2.82 -69.01 2.72
C LEU C 337 -2.47 -70.35 3.37
N ASP C 338 -3.39 -71.32 3.33
CA ASP C 338 -3.19 -72.62 3.94
C ASP C 338 -2.80 -73.61 2.86
N PHE C 339 -1.52 -73.98 2.85
CA PHE C 339 -1.03 -74.97 1.91
C PHE C 339 -1.05 -76.39 2.49
N ALA C 340 -1.74 -76.59 3.62
CA ALA C 340 -1.78 -77.92 4.24
C ALA C 340 -2.46 -78.93 3.32
N LYS C 341 -3.58 -78.56 2.71
CA LYS C 341 -4.16 -79.40 1.69
C LYS C 341 -3.40 -79.33 0.38
N CYS C 342 -2.71 -78.21 0.11
CA CYS C 342 -1.87 -78.12 -1.08
C CYS C 342 -0.64 -79.00 -0.94
N TRP C 343 -0.13 -79.15 0.27
CA TRP C 343 0.98 -80.07 0.52
C TRP C 343 0.45 -81.49 0.45
N GLU C 344 0.35 -82.02 -0.77
CA GLU C 344 -0.38 -83.25 -1.03
C GLU C 344 0.33 -84.46 -0.43
N MET C 345 -0.46 -85.38 0.12
CA MET C 345 0.07 -86.65 0.59
C MET C 345 0.51 -87.50 -0.61
N GLN C 346 1.72 -88.03 -0.53
CA GLN C 346 2.31 -88.86 -1.57
C GLN C 346 2.27 -90.33 -1.15
N PRO C 347 2.36 -91.26 -2.11
CA PRO C 347 2.38 -92.69 -1.76
C PRO C 347 3.57 -93.03 -0.88
N ALA C 348 3.27 -93.49 0.34
CA ALA C 348 4.29 -93.85 1.31
C ALA C 348 5.03 -95.10 0.87
N PHE C 349 6.27 -95.22 1.34
CA PHE C 349 7.04 -96.42 1.12
C PHE C 349 7.84 -96.74 2.38
N PHE C 350 8.07 -98.03 2.59
CA PHE C 350 8.76 -98.53 3.76
C PHE C 350 10.20 -98.82 3.35
N VAL C 351 11.07 -97.84 3.56
CA VAL C 351 12.49 -98.04 3.27
C VAL C 351 13.11 -99.01 4.25
N GLY C 352 12.51 -99.20 5.43
CA GLY C 352 13.08 -100.05 6.45
C GLY C 352 13.09 -99.39 7.80
N ASN C 353 14.27 -99.15 8.35
CA ASN C 353 14.40 -98.66 9.71
C ASN C 353 14.12 -97.15 9.76
N ARG C 354 14.28 -96.57 10.94
CA ARG C 354 14.08 -95.15 11.17
C ARG C 354 15.08 -94.34 10.35
N ALA C 355 14.62 -93.21 9.81
CA ALA C 355 15.45 -92.39 8.92
C ALA C 355 16.39 -91.55 9.77
N LEU C 356 17.64 -92.03 9.92
CA LEU C 356 18.66 -91.30 10.65
C LEU C 356 19.52 -90.46 9.72
N ALA C 357 20.23 -91.09 8.79
CA ALA C 357 20.98 -90.39 7.77
C ALA C 357 20.16 -90.35 6.48
N MET C 358 20.25 -89.22 5.79
CA MET C 358 19.35 -88.95 4.68
C MET C 358 20.10 -88.18 3.60
N GLU C 359 19.83 -88.52 2.34
CA GLU C 359 20.47 -87.86 1.23
C GLU C 359 19.60 -87.99 -0.01
N TRP C 360 19.04 -86.87 -0.46
CA TRP C 360 18.24 -86.86 -1.68
C TRP C 360 19.15 -86.97 -2.90
N GLY C 361 18.68 -87.70 -3.89
CA GLY C 361 19.44 -87.90 -5.11
C GLY C 361 19.27 -86.75 -6.08
N PRO C 362 19.89 -86.87 -7.26
CA PRO C 362 19.78 -85.81 -8.27
C PRO C 362 18.37 -85.62 -8.82
N PHE C 363 17.52 -86.64 -8.72
CA PHE C 363 16.16 -86.61 -9.22
C PHE C 363 15.21 -87.03 -8.11
N PRO C 364 13.95 -86.56 -8.14
CA PRO C 364 13.02 -86.95 -7.07
C PRO C 364 12.34 -88.28 -7.34
N ARG C 365 13.10 -89.24 -7.87
CA ARG C 365 12.65 -90.61 -8.01
C ARG C 365 13.77 -91.52 -7.53
N LEU C 366 15.00 -91.06 -7.72
CA LEU C 366 16.20 -91.80 -7.34
C LEU C 366 16.85 -91.09 -6.17
N MET C 367 17.04 -91.82 -5.08
CA MET C 367 17.25 -91.21 -3.77
C MET C 367 17.58 -92.33 -2.78
N VAL C 368 18.19 -91.95 -1.66
CA VAL C 368 18.49 -92.89 -0.59
C VAL C 368 17.96 -92.33 0.73
N VAL C 369 17.29 -93.18 1.49
CA VAL C 369 17.04 -92.93 2.90
C VAL C 369 18.08 -93.77 3.63
N ALA C 370 19.25 -93.18 3.87
CA ALA C 370 20.42 -93.93 4.33
C ALA C 370 20.23 -94.31 5.80
N CYS C 371 19.31 -95.24 6.03
CA CYS C 371 19.08 -95.74 7.37
C CYS C 371 20.20 -96.69 7.79
N ASN C 372 20.19 -97.05 9.07
CA ASN C 372 21.24 -97.89 9.63
C ASN C 372 21.12 -99.34 9.20
N ASP C 373 19.91 -99.82 8.89
CA ASP C 373 19.74 -101.21 8.48
C ASP C 373 20.39 -101.47 7.12
N ALA C 374 20.12 -100.61 6.16
CA ALA C 374 20.64 -100.75 4.81
C ALA C 374 20.63 -99.38 4.15
N ILE C 375 21.39 -99.27 3.06
CA ILE C 375 21.45 -98.04 2.28
C ILE C 375 20.26 -98.09 1.35
N ASN C 376 19.13 -97.56 1.82
CA ASN C 376 17.82 -97.80 1.23
C ASN C 376 17.69 -97.00 -0.06
N VAL C 377 18.01 -97.63 -1.18
CA VAL C 377 17.82 -97.00 -2.48
C VAL C 377 16.33 -96.80 -2.72
N CYS C 378 15.95 -95.55 -2.99
CA CYS C 378 14.58 -95.22 -3.34
C CYS C 378 14.48 -95.07 -4.84
N ARG C 379 13.61 -95.85 -5.46
CA ARG C 379 13.47 -95.86 -6.91
C ARG C 379 12.09 -96.39 -7.26
N LYS C 380 11.71 -96.20 -8.52
CA LYS C 380 10.42 -96.62 -9.03
C LYS C 380 10.63 -97.58 -10.21
N THR C 381 9.78 -98.59 -10.29
CA THR C 381 9.82 -99.56 -11.39
C THR C 381 8.41 -99.71 -11.94
N MET C 382 8.29 -99.70 -13.27
CA MET C 382 7.00 -99.65 -13.92
C MET C 382 6.26 -100.97 -13.83
N LEU C 383 4.93 -100.89 -13.91
CA LEU C 383 4.04 -102.05 -13.94
C LEU C 383 3.08 -101.87 -15.10
N SER C 384 3.23 -102.69 -16.14
CA SER C 384 2.49 -102.47 -17.37
C SER C 384 1.03 -102.87 -17.23
N TYR C 385 0.15 -102.06 -17.82
CA TYR C 385 -1.27 -102.32 -17.90
C TYR C 385 -1.63 -102.53 -19.36
N LYS C 386 -2.12 -103.72 -19.71
CA LYS C 386 -2.37 -104.03 -21.11
C LYS C 386 -3.42 -105.12 -21.26
N PHE C 387 -4.37 -104.91 -22.15
CA PHE C 387 -5.30 -105.94 -22.59
C PHE C 387 -4.70 -106.55 -23.85
N ARG C 388 -4.10 -107.73 -23.70
CA ARG C 388 -3.39 -108.38 -24.80
C ARG C 388 -3.89 -109.81 -24.96
N ASP C 389 -4.16 -110.19 -26.22
CA ASP C 389 -4.56 -111.54 -26.60
C ASP C 389 -5.83 -112.00 -25.89
N GLY C 390 -6.74 -111.08 -25.61
CA GLY C 390 -7.95 -111.40 -24.87
C GLY C 390 -7.77 -111.51 -23.38
N VAL C 391 -6.54 -111.45 -22.88
CA VAL C 391 -6.25 -111.49 -21.46
C VAL C 391 -5.86 -110.08 -21.02
N ALA C 392 -6.71 -109.44 -20.23
CA ALA C 392 -6.46 -108.09 -19.77
C ALA C 392 -5.59 -108.16 -18.52
N ILE C 393 -4.31 -108.39 -18.75
CA ILE C 393 -3.33 -108.56 -17.69
C ILE C 393 -2.96 -107.19 -17.12
N MET C 394 -2.96 -107.08 -15.80
CA MET C 394 -2.52 -105.87 -15.14
C MET C 394 -1.60 -106.25 -13.98
N GLN C 395 -0.72 -105.32 -13.62
CA GLN C 395 0.21 -105.52 -12.52
C GLN C 395 -0.05 -104.43 -11.49
N VAL C 396 -0.74 -104.77 -10.41
CA VAL C 396 -1.18 -103.78 -9.43
C VAL C 396 -0.22 -103.67 -8.25
N ALA C 397 0.91 -104.37 -8.30
CA ALA C 397 1.88 -104.31 -7.21
C ALA C 397 3.26 -104.66 -7.76
N VAL C 398 4.25 -104.67 -6.85
CA VAL C 398 5.63 -104.98 -7.22
C VAL C 398 5.73 -106.38 -7.82
N ASP C 399 5.06 -107.34 -7.20
CA ASP C 399 5.07 -108.72 -7.66
C ASP C 399 3.70 -109.22 -8.12
N ARG C 400 2.62 -108.63 -7.63
CA ARG C 400 1.28 -109.09 -8.00
C ARG C 400 0.98 -108.67 -9.43
N VAL C 401 0.81 -109.65 -10.31
CA VAL C 401 0.42 -109.43 -11.70
C VAL C 401 -0.95 -110.07 -11.87
N VAL C 402 -1.98 -109.23 -11.99
CA VAL C 402 -3.36 -109.72 -12.06
C VAL C 402 -3.60 -110.07 -13.52
N LEU C 403 -3.24 -111.30 -13.88
CA LEU C 403 -3.29 -111.77 -15.27
C LEU C 403 -4.71 -112.25 -15.55
N GLU C 404 -5.63 -111.30 -15.65
CA GLU C 404 -7.04 -111.62 -15.79
C GLU C 404 -7.39 -111.85 -17.25
N ASN C 405 -7.70 -113.11 -17.57
CA ASN C 405 -8.42 -113.38 -18.81
C ASN C 405 -9.86 -112.88 -18.66
N LEU C 406 -10.34 -112.19 -19.69
CA LEU C 406 -11.67 -111.60 -19.63
C LEU C 406 -12.78 -112.65 -19.63
N GLU C 407 -12.47 -113.88 -20.03
CA GLU C 407 -13.45 -114.95 -20.12
C GLU C 407 -13.46 -115.85 -18.89
N VAL C 408 -12.78 -115.44 -17.81
CA VAL C 408 -12.79 -116.20 -16.58
C VAL C 408 -14.18 -116.11 -15.93
N GLU C 409 -14.72 -117.26 -15.55
CA GLU C 409 -15.99 -117.31 -14.84
C GLU C 409 -15.87 -116.58 -13.51
N PRO C 410 -16.93 -115.90 -13.06
CA PRO C 410 -16.90 -115.30 -11.72
C PRO C 410 -16.67 -116.31 -10.60
N GLN C 411 -17.13 -117.55 -10.75
CA GLN C 411 -16.81 -118.57 -9.78
C GLN C 411 -15.42 -119.16 -9.98
N ARG C 412 -14.76 -118.85 -11.10
CA ARG C 412 -13.40 -119.25 -11.39
C ARG C 412 -12.42 -118.17 -10.92
N PRO C 413 -11.26 -118.56 -10.39
CA PRO C 413 -10.33 -117.57 -9.85
C PRO C 413 -9.79 -116.66 -10.94
N PRO C 414 -9.57 -115.39 -10.64
CA PRO C 414 -8.94 -114.49 -11.63
C PRO C 414 -7.43 -114.64 -11.65
N GLY C 415 -6.76 -113.77 -12.40
CA GLY C 415 -5.31 -113.80 -12.48
C GLY C 415 -4.61 -113.49 -11.18
N ARG C 416 -3.95 -114.49 -10.60
CA ARG C 416 -3.16 -114.33 -9.39
C ARG C 416 -1.75 -114.82 -9.68
N LEU C 417 -0.77 -113.94 -9.51
CA LEU C 417 0.62 -114.29 -9.77
C LEU C 417 1.54 -113.37 -8.99
N GLN C 418 2.54 -113.95 -8.32
CA GLN C 418 3.59 -113.19 -7.69
C GLN C 418 4.92 -113.42 -8.40
N LEU C 419 5.71 -112.36 -8.50
CA LEU C 419 7.05 -112.40 -9.05
C LEU C 419 8.05 -112.48 -7.90
N GLN C 420 9.23 -113.03 -8.17
CA GLN C 420 10.25 -113.16 -7.13
C GLN C 420 11.10 -111.88 -7.07
N ASP C 421 10.43 -110.79 -6.70
CA ASP C 421 11.00 -109.44 -6.65
C ASP C 421 11.62 -109.07 -7.99
N MET C 422 10.77 -109.02 -9.00
CA MET C 422 11.20 -108.78 -10.36
C MET C 422 11.24 -107.27 -10.62
N GLN C 423 12.42 -106.75 -10.92
CA GLN C 423 12.59 -105.35 -11.30
C GLN C 423 12.05 -105.15 -12.71
N LEU C 424 10.73 -105.33 -12.84
CA LEU C 424 10.10 -105.62 -14.12
C LEU C 424 10.22 -104.43 -15.05
N LEU C 425 11.10 -104.56 -16.04
CA LEU C 425 11.24 -103.59 -17.11
C LEU C 425 10.26 -103.88 -18.25
N GLY C 426 9.35 -104.80 -18.04
CA GLY C 426 8.36 -105.18 -19.04
C GLY C 426 7.95 -106.62 -18.84
N LEU C 427 6.73 -106.92 -19.26
CA LEU C 427 6.22 -108.28 -19.25
C LEU C 427 5.59 -108.58 -20.60
N ASP C 428 5.73 -109.82 -21.04
CA ASP C 428 5.19 -110.26 -22.34
C ASP C 428 4.39 -111.54 -22.12
N LEU C 429 3.07 -111.43 -22.24
CA LEU C 429 2.16 -112.56 -22.08
C LEU C 429 1.58 -112.93 -23.44
N SER C 430 1.66 -114.22 -23.78
CA SER C 430 1.08 -114.72 -25.03
C SER C 430 0.21 -115.93 -24.71
N LYS C 431 -1.03 -115.66 -24.28
CA LYS C 431 -2.10 -116.65 -24.07
C LYS C 431 -1.64 -117.86 -23.25
N GLY C 432 -1.00 -117.57 -22.12
CA GLY C 432 -0.53 -118.62 -21.24
C GLY C 432 0.97 -118.69 -21.05
N LEU C 433 1.75 -117.80 -21.66
CA LEU C 433 3.19 -117.74 -21.44
C LEU C 433 3.54 -116.29 -21.12
N LEU C 434 3.40 -115.90 -19.86
CA LEU C 434 3.80 -114.56 -19.43
C LEU C 434 5.28 -114.59 -19.09
N LEU C 435 6.07 -113.89 -19.89
CA LEU C 435 7.48 -113.71 -19.60
C LEU C 435 7.67 -112.33 -18.98
N VAL C 436 8.26 -112.29 -17.80
CA VAL C 436 8.66 -111.04 -17.16
C VAL C 436 10.18 -111.02 -17.13
N TRP C 437 10.75 -109.83 -17.19
CA TRP C 437 12.20 -109.68 -17.16
C TRP C 437 12.57 -108.47 -16.32
N ASP C 438 13.72 -108.55 -15.65
CA ASP C 438 14.18 -107.46 -14.81
C ASP C 438 15.50 -106.85 -15.26
N GLY C 439 16.31 -107.59 -16.00
CA GLY C 439 17.66 -107.17 -16.33
C GLY C 439 18.73 -108.09 -15.78
N GLU C 440 18.38 -109.07 -14.95
CA GLU C 440 19.30 -110.11 -14.54
C GLU C 440 18.71 -111.52 -14.63
N ARG C 441 17.39 -111.66 -14.77
CA ARG C 441 16.74 -112.95 -14.98
C ARG C 441 15.44 -112.66 -15.70
N ALA C 442 14.85 -113.73 -16.24
CA ALA C 442 13.60 -113.57 -16.99
C ALA C 442 12.86 -114.89 -16.97
N GLU C 443 11.68 -114.91 -16.37
CA GLU C 443 10.90 -116.13 -16.22
C GLU C 443 9.63 -116.07 -17.04
N VAL C 444 9.32 -117.17 -17.72
CA VAL C 444 8.09 -117.30 -18.49
C VAL C 444 7.09 -118.07 -17.64
N TYR C 445 5.88 -117.51 -17.51
CA TYR C 445 4.87 -118.03 -16.60
C TYR C 445 3.80 -118.79 -17.37
N LYS C 446 3.61 -120.06 -17.02
CA LYS C 446 2.52 -120.84 -17.58
C LYS C 446 1.20 -120.40 -16.95
N VAL C 447 0.18 -120.20 -17.78
CA VAL C 447 -1.15 -119.80 -17.32
C VAL C 447 -2.17 -120.80 -17.85
N THR C 448 -3.10 -121.21 -16.98
CA THR C 448 -4.22 -122.02 -17.39
C THR C 448 -5.39 -121.12 -17.80
N GLU C 449 -6.47 -121.72 -18.29
CA GLU C 449 -7.67 -120.97 -18.61
C GLU C 449 -8.38 -120.45 -17.36
N THR C 450 -8.09 -121.03 -16.20
CA THR C 450 -8.59 -120.55 -14.93
C THR C 450 -7.72 -119.45 -14.35
N ASN C 451 -6.75 -118.95 -15.14
CA ASN C 451 -5.74 -117.99 -14.70
C ASN C 451 -5.01 -118.49 -13.46
N ASP C 452 -4.41 -119.66 -13.60
CA ASP C 452 -3.50 -120.21 -12.60
C ASP C 452 -2.10 -120.01 -13.18
N ILE C 453 -1.38 -119.03 -12.66
CA ILE C 453 -0.15 -118.54 -13.28
C ILE C 453 1.02 -119.07 -12.45
N MET C 454 1.86 -119.90 -13.07
CA MET C 454 3.06 -120.42 -12.46
C MET C 454 4.19 -120.39 -13.49
N PRO C 455 5.44 -120.25 -13.05
CA PRO C 455 6.55 -120.15 -14.02
C PRO C 455 6.80 -121.44 -14.77
N ALA C 456 6.54 -121.41 -16.08
CA ALA C 456 6.89 -122.54 -16.93
C ALA C 456 8.40 -122.69 -17.07
N SER C 457 9.10 -121.57 -17.31
CA SER C 457 10.54 -121.59 -17.46
C SER C 457 11.09 -120.25 -17.01
N GLN C 458 12.37 -120.26 -16.63
CA GLN C 458 13.07 -119.02 -16.30
C GLN C 458 14.44 -119.04 -16.95
N PHE C 459 14.96 -117.85 -17.23
CA PHE C 459 16.27 -117.74 -17.83
C PHE C 459 16.89 -116.40 -17.47
N GLU C 460 18.22 -116.36 -17.53
CA GLU C 460 18.95 -115.12 -17.31
C GLU C 460 18.76 -114.19 -18.50
N THR C 461 19.12 -112.93 -18.30
CA THR C 461 19.11 -111.95 -19.37
C THR C 461 20.54 -111.54 -19.71
N THR C 462 20.91 -111.68 -20.97
CA THR C 462 22.11 -111.00 -21.45
C THR C 462 21.87 -109.54 -21.73
N SER C 463 20.61 -109.10 -21.68
CA SER C 463 20.24 -107.70 -21.84
C SER C 463 18.89 -107.49 -21.19
N ARG C 464 18.67 -106.25 -20.73
CA ARG C 464 17.63 -105.98 -19.74
C ARG C 464 16.23 -106.26 -20.29
N CYS C 465 15.89 -105.67 -21.43
CA CYS C 465 14.56 -105.84 -22.01
C CYS C 465 14.57 -106.97 -23.03
N MET C 466 13.37 -107.37 -23.43
CA MET C 466 13.18 -108.48 -24.37
C MET C 466 11.73 -108.52 -24.83
N ALA C 467 11.44 -109.46 -25.73
CA ALA C 467 10.09 -109.64 -26.28
C ALA C 467 10.00 -111.01 -26.93
N ILE C 468 8.93 -111.74 -26.66
CA ILE C 468 8.87 -113.17 -26.97
C ILE C 468 8.05 -113.41 -28.24
N ASN C 469 8.58 -114.26 -29.11
CA ASN C 469 7.81 -114.80 -30.25
C ASN C 469 7.23 -116.16 -29.87
N ASN C 470 6.60 -116.19 -28.69
CA ASN C 470 5.81 -117.28 -28.13
C ASN C 470 6.62 -118.53 -27.77
N ASP C 471 7.86 -118.65 -28.27
CA ASP C 471 8.79 -119.64 -27.76
C ASP C 471 10.21 -119.10 -27.75
N SER C 472 10.43 -118.02 -28.49
CA SER C 472 11.79 -117.55 -28.79
C SER C 472 11.80 -116.03 -28.65
N VAL C 473 12.50 -115.56 -27.62
CA VAL C 473 12.37 -114.20 -27.10
C VAL C 473 13.39 -113.30 -27.77
N TYR C 474 12.91 -112.31 -28.53
CA TYR C 474 13.76 -111.23 -29.03
C TYR C 474 14.25 -110.42 -27.84
N ARG C 475 15.52 -110.55 -27.48
CA ARG C 475 16.04 -109.78 -26.37
C ARG C 475 16.62 -108.47 -26.84
N ALA C 476 16.52 -107.44 -26.00
CA ALA C 476 17.04 -106.12 -26.31
C ALA C 476 18.56 -106.05 -26.18
N ALA C 477 19.26 -106.86 -26.97
CA ALA C 477 20.71 -106.99 -26.82
C ALA C 477 21.40 -105.66 -27.11
N GLU C 478 22.58 -105.50 -26.53
CA GLU C 478 23.28 -104.22 -26.59
C GLU C 478 23.81 -103.91 -27.99
N ASN C 479 23.78 -104.87 -28.91
CA ASN C 479 24.22 -104.65 -30.27
C ASN C 479 23.31 -105.26 -31.32
N LYS C 480 22.25 -105.95 -30.92
CA LYS C 480 21.44 -106.72 -31.86
C LYS C 480 20.11 -107.07 -31.17
N VAL C 481 19.35 -107.92 -31.83
CA VAL C 481 18.13 -108.50 -31.26
C VAL C 481 18.45 -109.95 -30.94
N GLU C 482 18.81 -110.23 -29.69
CA GLU C 482 19.09 -111.59 -29.27
C GLU C 482 17.77 -112.34 -29.22
N VAL C 483 17.49 -113.15 -30.24
CA VAL C 483 16.25 -113.90 -30.20
C VAL C 483 16.51 -115.14 -29.35
N VAL C 484 16.38 -114.98 -28.04
CA VAL C 484 16.74 -116.05 -27.12
C VAL C 484 15.55 -116.99 -26.95
N ASN C 485 15.83 -118.25 -26.66
CA ASN C 485 14.78 -119.26 -26.69
C ASN C 485 14.02 -119.26 -25.37
N MET C 486 13.23 -120.31 -25.14
CA MET C 486 12.57 -120.52 -23.85
C MET C 486 13.56 -120.60 -22.70
N ALA C 487 14.76 -121.12 -22.96
CA ALA C 487 15.81 -121.23 -21.96
C ALA C 487 16.78 -120.06 -22.01
N GLY C 488 16.51 -119.05 -22.82
CA GLY C 488 17.35 -117.87 -22.88
C GLY C 488 18.56 -117.98 -23.78
N THR C 489 18.65 -119.00 -24.61
CA THR C 489 19.74 -119.14 -25.57
C THR C 489 19.28 -118.63 -26.93
N VAL C 490 20.19 -117.94 -27.62
CA VAL C 490 19.85 -117.13 -28.78
C VAL C 490 19.50 -118.02 -29.97
N LYS C 491 18.19 -118.21 -30.20
CA LYS C 491 17.74 -119.07 -31.29
C LYS C 491 17.99 -118.42 -32.65
N GLN C 492 17.61 -117.16 -32.80
CA GLN C 492 17.69 -116.44 -34.06
C GLN C 492 18.48 -115.15 -33.79
N THR C 493 18.98 -114.53 -34.84
CA THR C 493 19.71 -113.28 -34.68
C THR C 493 19.15 -112.22 -35.61
N LEU C 494 18.70 -111.11 -35.04
CA LEU C 494 18.27 -109.95 -35.80
C LEU C 494 19.17 -108.79 -35.36
N MET C 495 19.57 -107.97 -36.32
CA MET C 495 20.67 -107.04 -36.11
C MET C 495 20.20 -105.60 -36.26
N PHE C 496 20.65 -104.76 -35.33
CA PHE C 496 20.58 -103.30 -35.45
C PHE C 496 21.93 -102.74 -35.07
N ASP C 497 22.56 -102.02 -36.00
CA ASP C 497 23.91 -101.51 -35.78
C ASP C 497 23.89 -100.34 -34.82
N ASP C 498 25.07 -99.75 -34.60
CA ASP C 498 25.20 -98.61 -33.71
C ASP C 498 24.60 -97.34 -34.30
N ASN C 499 24.43 -97.29 -35.62
CA ASN C 499 23.62 -96.22 -36.21
C ASN C 499 22.19 -96.31 -35.72
N HIS C 500 21.65 -97.53 -35.65
CA HIS C 500 20.41 -97.73 -34.91
C HIS C 500 20.66 -97.62 -33.41
N GLY C 501 21.76 -98.20 -32.94
CA GLY C 501 22.03 -98.29 -31.52
C GLY C 501 21.65 -99.64 -30.96
N SER C 502 21.70 -99.72 -29.64
CA SER C 502 21.27 -100.94 -28.97
C SER C 502 19.76 -101.08 -29.10
N PRO C 503 19.27 -102.22 -29.56
CA PRO C 503 17.81 -102.41 -29.71
C PRO C 503 17.07 -102.47 -28.39
N THR C 504 17.12 -101.39 -27.60
CA THR C 504 16.69 -101.44 -26.20
C THR C 504 15.18 -101.64 -26.07
N SER C 505 14.40 -101.03 -26.94
CA SER C 505 12.95 -101.15 -26.87
C SER C 505 12.48 -102.32 -27.72
N MET C 506 11.86 -103.30 -27.06
CA MET C 506 11.41 -104.53 -27.71
C MET C 506 9.90 -104.64 -27.60
N ASP C 507 9.26 -104.98 -28.71
CA ASP C 507 7.83 -105.25 -28.71
C ASP C 507 7.47 -106.02 -29.97
N VAL C 508 6.74 -107.11 -29.80
CA VAL C 508 6.08 -107.77 -30.91
C VAL C 508 4.65 -107.24 -30.96
N ALA C 509 4.30 -106.57 -32.05
CA ALA C 509 2.94 -106.02 -32.17
C ALA C 509 1.98 -107.06 -32.74
N ARG C 510 2.02 -108.25 -32.15
CA ARG C 510 1.12 -109.40 -32.29
C ARG C 510 1.13 -110.03 -33.69
N ASP C 511 1.75 -109.34 -34.65
CA ASP C 511 2.20 -109.96 -35.88
C ASP C 511 3.52 -109.35 -36.35
N TYR C 512 4.04 -108.35 -35.64
CA TYR C 512 5.15 -107.53 -36.12
C TYR C 512 6.03 -107.15 -34.94
N LEU C 513 7.21 -107.76 -34.85
CA LEU C 513 8.18 -107.37 -33.84
C LEU C 513 8.72 -105.98 -34.15
N ALA C 514 8.34 -104.99 -33.33
CA ALA C 514 8.83 -103.64 -33.48
C ALA C 514 10.03 -103.44 -32.56
N VAL C 515 11.13 -102.99 -33.13
CA VAL C 515 12.40 -102.89 -32.41
C VAL C 515 12.85 -101.43 -32.49
N VAL C 516 12.42 -100.61 -31.54
CA VAL C 516 12.98 -99.28 -31.39
C VAL C 516 14.33 -99.40 -30.70
N THR C 517 15.35 -98.84 -31.32
CA THR C 517 16.70 -99.00 -30.82
C THR C 517 17.07 -97.82 -29.92
N SER C 518 18.36 -97.73 -29.57
CA SER C 518 18.83 -96.65 -28.69
C SER C 518 18.66 -95.29 -29.34
N ALA C 519 19.00 -95.17 -30.63
CA ALA C 519 18.73 -93.97 -31.40
C ALA C 519 17.35 -93.99 -32.03
N ASN C 520 16.46 -94.85 -31.54
CA ASN C 520 15.07 -94.97 -31.98
C ASN C 520 14.93 -95.32 -33.45
N ILE C 521 15.99 -95.81 -34.09
CA ILE C 521 15.90 -96.22 -35.50
C ILE C 521 15.22 -97.58 -35.51
N VAL C 522 13.94 -97.60 -35.83
CA VAL C 522 13.09 -98.76 -35.65
C VAL C 522 12.86 -99.47 -36.97
N ARG C 523 13.22 -100.75 -37.01
CA ARG C 523 12.79 -101.68 -38.05
C ARG C 523 11.89 -102.72 -37.41
N ILE C 524 10.76 -102.98 -38.03
CA ILE C 524 9.71 -103.80 -37.44
C ILE C 524 9.62 -105.12 -38.19
N LEU C 525 9.49 -106.21 -37.44
CA LEU C 525 9.71 -107.55 -37.97
C LEU C 525 8.42 -108.37 -37.92
N LYS C 526 7.85 -108.63 -39.10
CA LYS C 526 6.66 -109.46 -39.24
C LYS C 526 6.95 -110.88 -38.78
N VAL C 527 5.94 -111.52 -38.16
CA VAL C 527 6.08 -112.90 -37.70
C VAL C 527 4.90 -113.74 -38.17
N ALA C 528 4.25 -113.33 -39.28
CA ALA C 528 3.07 -114.04 -39.76
C ALA C 528 3.38 -115.41 -40.35
N GLY C 529 4.65 -115.74 -40.57
CA GLY C 529 5.01 -117.07 -41.01
C GLY C 529 5.26 -117.96 -39.81
N ARG C 530 6.50 -118.43 -39.65
CA ARG C 530 6.86 -119.21 -38.48
C ARG C 530 7.85 -118.50 -37.55
N GLU C 531 8.64 -117.56 -38.05
CA GLU C 531 9.59 -116.81 -37.24
C GLU C 531 9.57 -115.35 -37.69
N ALA C 532 10.56 -114.59 -37.22
CA ALA C 532 10.64 -113.17 -37.52
C ALA C 532 11.10 -112.92 -38.95
N LYS C 533 10.62 -111.82 -39.53
CA LYS C 533 11.06 -111.33 -40.83
C LYS C 533 10.72 -109.84 -40.88
N PRO C 534 11.68 -108.99 -41.23
CA PRO C 534 11.43 -107.53 -41.17
C PRO C 534 10.31 -107.08 -42.09
N HIS C 535 9.49 -106.17 -41.58
CA HIS C 535 8.35 -105.62 -42.31
C HIS C 535 8.49 -104.13 -42.58
N ALA C 536 8.66 -103.32 -41.55
CA ALA C 536 8.88 -101.89 -41.69
C ALA C 536 10.38 -101.63 -41.58
N GLY C 537 10.91 -100.83 -42.51
CA GLY C 537 12.33 -100.61 -42.60
C GLY C 537 12.89 -99.81 -41.44
N PRO C 538 14.20 -99.91 -41.22
CA PRO C 538 14.84 -99.17 -40.11
C PRO C 538 14.80 -97.67 -40.36
N ALA C 539 14.23 -96.94 -39.40
CA ALA C 539 14.00 -95.51 -39.55
C ALA C 539 13.77 -94.94 -38.16
N PRO C 540 14.14 -93.67 -37.94
CA PRO C 540 14.02 -93.09 -36.59
C PRO C 540 12.57 -93.05 -36.13
N LEU C 541 12.33 -93.55 -34.92
CA LEU C 541 11.01 -93.51 -34.31
C LEU C 541 10.54 -92.09 -34.06
N CYS C 542 11.47 -91.20 -33.77
CA CYS C 542 11.13 -89.85 -33.37
C CYS C 542 11.94 -88.85 -34.19
N PRO C 543 11.42 -87.64 -34.39
CA PRO C 543 12.12 -86.68 -35.24
C PRO C 543 13.23 -86.00 -34.45
N PRO C 544 14.19 -85.37 -35.15
CA PRO C 544 15.26 -84.66 -34.43
C PRO C 544 14.76 -83.54 -33.52
N GLU C 545 13.65 -82.87 -33.86
CA GLU C 545 13.11 -81.87 -32.96
C GLU C 545 12.41 -82.49 -31.75
N LEU C 546 12.17 -83.80 -31.76
CA LEU C 546 11.58 -84.49 -30.62
C LEU C 546 12.38 -85.72 -30.21
N LYS C 547 13.54 -85.98 -30.83
CA LYS C 547 14.46 -86.96 -30.27
C LYS C 547 15.24 -86.38 -29.09
N ASP C 548 15.53 -85.07 -29.13
CA ASP C 548 16.05 -84.40 -27.95
C ASP C 548 15.04 -84.43 -26.82
N TRP C 549 13.76 -84.30 -27.14
CA TRP C 549 12.71 -84.66 -26.21
C TRP C 549 12.83 -86.14 -25.91
N LYS C 550 12.79 -86.49 -24.63
CA LYS C 550 13.19 -87.84 -24.22
C LYS C 550 12.18 -88.86 -24.70
N VAL C 551 12.66 -89.85 -25.46
CA VAL C 551 11.79 -90.90 -25.97
C VAL C 551 11.70 -92.01 -24.95
N MET C 552 10.47 -92.39 -24.58
CA MET C 552 10.28 -93.44 -23.58
C MET C 552 10.06 -94.83 -24.17
N ALA C 553 8.94 -95.03 -24.85
CA ALA C 553 8.63 -96.40 -25.35
C ALA C 553 8.02 -96.32 -26.76
N MET C 554 7.38 -97.41 -27.19
CA MET C 554 6.79 -97.44 -28.56
C MET C 554 5.46 -98.19 -28.52
N ARG C 555 4.43 -97.66 -29.19
CA ARG C 555 3.12 -98.35 -29.28
C ARG C 555 2.91 -98.68 -30.76
N ALA C 556 3.47 -99.80 -31.22
CA ALA C 556 3.39 -100.13 -32.64
C ALA C 556 2.00 -100.63 -32.98
N ASN C 557 1.49 -100.23 -34.13
CA ASN C 557 0.14 -100.56 -34.54
C ASN C 557 0.02 -102.04 -34.90
N GLY C 558 -1.19 -102.43 -35.33
CA GLY C 558 -1.43 -103.80 -35.73
C GLY C 558 -0.64 -104.22 -36.95
N ASN C 559 -0.43 -103.30 -37.89
CA ASN C 559 0.42 -103.58 -39.04
C ASN C 559 1.90 -103.49 -38.71
N GLY C 560 2.25 -103.01 -37.53
CA GLY C 560 3.66 -102.84 -37.20
C GLY C 560 4.36 -101.86 -38.10
N ASN C 561 3.74 -100.72 -38.37
CA ASN C 561 4.46 -99.60 -38.95
C ASN C 561 4.13 -98.28 -38.26
N LEU C 562 2.85 -98.08 -37.93
CA LEU C 562 2.37 -96.83 -37.32
C LEU C 562 2.64 -96.89 -35.82
N VAL C 563 3.82 -96.46 -35.41
CA VAL C 563 4.28 -96.65 -34.05
C VAL C 563 4.09 -95.36 -33.25
N ALA C 564 3.10 -95.37 -32.37
CA ALA C 564 2.95 -94.30 -31.39
C ALA C 564 4.08 -94.35 -30.39
N ALA C 565 4.60 -93.18 -30.02
CA ALA C 565 5.69 -93.10 -29.07
C ALA C 565 5.71 -91.70 -28.46
N LEU C 566 5.49 -91.62 -27.15
CA LEU C 566 5.55 -90.34 -26.47
C LEU C 566 6.99 -89.84 -26.43
N VAL C 567 7.15 -88.52 -26.51
CA VAL C 567 8.39 -87.86 -26.13
C VAL C 567 8.06 -86.83 -25.05
N VAL C 568 8.57 -87.07 -23.87
CA VAL C 568 8.50 -86.04 -22.83
C VAL C 568 9.54 -84.99 -23.16
N GLY C 569 9.32 -83.77 -22.71
CA GLY C 569 10.27 -82.71 -22.92
C GLY C 569 11.55 -82.98 -22.17
N PRO C 570 12.59 -82.22 -22.47
CA PRO C 570 13.87 -82.41 -21.76
C PRO C 570 13.81 -82.01 -20.29
N GLU C 571 14.95 -82.09 -19.61
CA GLU C 571 15.02 -81.69 -18.21
C GLU C 571 14.48 -80.28 -17.91
N PRO C 572 14.74 -79.24 -18.73
CA PRO C 572 14.07 -77.96 -18.46
C PRO C 572 12.59 -77.94 -18.82
N ALA C 573 12.10 -78.87 -19.66
CA ALA C 573 10.73 -78.80 -20.13
C ALA C 573 9.85 -79.90 -19.54
N ARG C 574 10.19 -81.17 -19.76
CA ARG C 574 9.45 -82.33 -19.25
C ARG C 574 7.98 -82.30 -19.65
N ALA C 575 7.71 -81.87 -20.88
CA ALA C 575 6.35 -81.83 -21.43
C ALA C 575 6.20 -82.97 -22.42
N VAL C 576 5.12 -83.74 -22.28
CA VAL C 576 4.93 -84.94 -23.10
C VAL C 576 4.36 -84.54 -24.46
N ARG C 577 5.10 -84.83 -25.52
CA ARG C 577 4.58 -84.83 -26.87
C ARG C 577 4.53 -86.27 -27.37
N LEU C 578 3.59 -86.55 -28.25
CA LEU C 578 3.47 -87.87 -28.85
C LEU C 578 4.05 -87.86 -30.24
N VAL C 579 4.92 -88.81 -30.53
CA VAL C 579 5.45 -89.03 -31.86
C VAL C 579 4.91 -90.37 -32.32
N VAL C 580 3.82 -90.35 -33.08
CA VAL C 580 3.33 -91.56 -33.73
C VAL C 580 4.20 -91.74 -34.97
N TRP C 581 5.19 -92.61 -34.88
CA TRP C 581 6.05 -92.88 -36.03
C TRP C 581 5.25 -93.65 -37.04
N CYS C 582 4.73 -92.95 -38.04
CA CYS C 582 4.00 -93.59 -39.13
C CYS C 582 5.02 -94.24 -40.04
N GLY C 583 5.25 -95.54 -39.84
CA GLY C 583 6.14 -96.30 -40.70
C GLY C 583 5.59 -96.58 -42.08
N GLU C 584 4.32 -96.25 -42.31
CA GLU C 584 3.78 -96.26 -43.65
C GLU C 584 4.51 -95.27 -44.55
N THR C 585 4.80 -94.08 -44.02
CA THR C 585 5.44 -93.02 -44.77
C THR C 585 6.76 -92.55 -44.19
N ASN C 586 7.23 -93.17 -43.09
CA ASN C 586 8.45 -92.78 -42.39
C ASN C 586 8.41 -91.31 -41.97
N THR C 587 7.31 -90.91 -41.33
CA THR C 587 7.17 -89.57 -40.80
C THR C 587 7.03 -89.64 -39.28
N HIS C 588 6.97 -88.47 -38.67
CA HIS C 588 6.96 -88.33 -37.22
C HIS C 588 5.82 -87.41 -36.81
N HIS C 589 4.80 -87.98 -36.20
CA HIS C 589 3.63 -87.22 -35.82
C HIS C 589 3.90 -86.39 -34.56
N VAL C 590 3.00 -85.44 -34.29
CA VAL C 590 3.20 -84.46 -33.23
C VAL C 590 1.90 -84.29 -32.45
N HIS C 591 1.98 -84.46 -31.12
CA HIS C 591 0.86 -84.08 -30.25
C HIS C 591 1.43 -83.79 -28.86
N ASP C 592 1.65 -82.51 -28.57
CA ASP C 592 2.11 -82.13 -27.24
C ASP C 592 0.95 -82.21 -26.26
N PHE C 593 0.75 -83.39 -25.65
CA PHE C 593 -0.34 -83.56 -24.70
C PHE C 593 -0.28 -82.61 -23.51
N THR C 594 0.93 -82.30 -23.04
CA THR C 594 1.04 -81.54 -21.80
C THR C 594 0.36 -80.16 -21.87
N PRO C 595 0.50 -79.36 -22.93
CA PRO C 595 -0.44 -78.24 -23.08
C PRO C 595 -1.82 -78.66 -23.59
N GLU C 596 -1.97 -79.85 -24.17
CA GLU C 596 -3.22 -80.24 -24.80
C GLU C 596 -4.16 -81.00 -23.86
N GLY C 597 -3.81 -81.11 -22.58
CA GLY C 597 -4.78 -81.63 -21.64
C GLY C 597 -4.29 -82.61 -20.60
N ARG C 598 -3.28 -83.42 -20.90
CA ARG C 598 -2.83 -84.44 -19.96
C ARG C 598 -1.36 -84.73 -20.15
N GLN C 599 -0.83 -85.60 -19.31
CA GLN C 599 0.39 -86.33 -19.64
C GLN C 599 0.03 -87.80 -19.64
N PRO C 600 -0.13 -88.41 -20.80
CA PRO C 600 -0.59 -89.80 -20.88
C PRO C 600 0.39 -90.78 -20.25
N VAL C 601 -0.17 -91.83 -19.68
CA VAL C 601 0.59 -92.84 -18.95
C VAL C 601 0.70 -94.14 -19.75
N GLN C 602 -0.43 -94.66 -20.22
CA GLN C 602 -0.44 -95.79 -21.14
C GLN C 602 -0.87 -95.34 -22.54
N LEU C 603 -0.17 -95.85 -23.55
CA LEU C 603 -0.54 -95.68 -24.96
C LEU C 603 -1.01 -97.01 -25.51
N MET C 604 -2.17 -97.00 -26.17
CA MET C 604 -2.57 -98.14 -26.98
C MET C 604 -3.55 -97.71 -28.05
N PHE C 605 -3.43 -98.34 -29.22
CA PHE C 605 -4.42 -98.16 -30.28
C PHE C 605 -5.64 -99.02 -29.98
N ASP C 606 -6.80 -98.58 -30.46
CA ASP C 606 -8.02 -99.34 -30.26
C ASP C 606 -7.94 -100.69 -30.97
N THR C 607 -8.41 -101.73 -30.30
CA THR C 607 -8.25 -103.09 -30.78
C THR C 607 -9.10 -103.39 -32.01
N VAL C 608 -10.03 -102.52 -32.38
CA VAL C 608 -10.89 -102.75 -33.53
C VAL C 608 -10.44 -101.93 -34.74
N GLU C 609 -10.15 -100.64 -34.54
CA GLU C 609 -9.57 -99.82 -35.59
C GLU C 609 -8.18 -99.37 -35.17
N PRO C 610 -7.13 -99.76 -35.91
CA PRO C 610 -5.76 -99.45 -35.48
C PRO C 610 -5.34 -98.01 -35.72
N LYS C 611 -6.24 -97.16 -36.22
CA LYS C 611 -5.97 -95.74 -36.28
C LYS C 611 -6.55 -94.98 -35.10
N LEU C 612 -7.55 -95.55 -34.43
CA LEU C 612 -8.05 -95.00 -33.17
C LEU C 612 -7.02 -95.28 -32.09
N LEU C 613 -6.15 -94.32 -31.85
CA LEU C 613 -5.18 -94.39 -30.76
C LEU C 613 -5.91 -93.96 -29.50
N VAL C 614 -6.38 -94.94 -28.72
CA VAL C 614 -7.06 -94.65 -27.47
C VAL C 614 -5.98 -94.29 -26.46
N VAL C 615 -5.72 -92.99 -26.30
CA VAL C 615 -4.63 -92.53 -25.46
C VAL C 615 -5.17 -92.41 -24.03
N GLN C 616 -4.83 -93.39 -23.20
CA GLN C 616 -5.05 -93.27 -21.77
C GLN C 616 -4.30 -92.06 -21.24
N CYS C 617 -4.97 -91.24 -20.43
CA CYS C 617 -4.42 -89.92 -20.12
C CYS C 617 -4.81 -89.52 -18.70
N THR C 618 -3.83 -89.56 -17.79
CA THR C 618 -3.98 -88.89 -16.50
C THR C 618 -3.48 -87.46 -16.62
N PRO C 619 -4.17 -86.48 -16.05
CA PRO C 619 -3.64 -85.11 -16.09
C PRO C 619 -2.45 -84.91 -15.17
N VAL C 620 -1.27 -84.91 -15.80
CA VAL C 620 -0.02 -84.48 -15.20
C VAL C 620 0.52 -83.40 -16.13
N PHE C 621 1.20 -82.42 -15.56
CA PHE C 621 1.64 -81.28 -16.35
C PHE C 621 2.98 -80.78 -15.86
N THR C 622 3.53 -79.85 -16.63
CA THR C 622 4.61 -78.99 -16.19
C THR C 622 4.00 -77.82 -15.41
N GLU C 623 4.79 -76.81 -15.10
CA GLU C 623 4.24 -75.64 -14.40
C GLU C 623 3.75 -74.59 -15.38
N ALA C 624 3.01 -75.03 -16.40
CA ALA C 624 2.38 -74.08 -17.31
C ALA C 624 1.02 -74.54 -17.83
N ASN C 625 0.50 -75.68 -17.37
CA ASN C 625 -0.63 -76.34 -18.02
C ASN C 625 -1.68 -76.78 -16.99
N VAL C 626 -2.05 -75.86 -16.11
CA VAL C 626 -2.92 -76.17 -14.97
C VAL C 626 -4.37 -76.11 -15.46
N ASP C 627 -4.55 -75.89 -16.77
CA ASP C 627 -5.87 -75.64 -17.34
C ASP C 627 -6.82 -76.82 -17.18
N GLU C 628 -6.39 -78.02 -17.56
CA GLU C 628 -7.29 -79.16 -17.56
C GLU C 628 -7.52 -79.71 -16.15
N ARG C 629 -6.50 -79.68 -15.31
CA ARG C 629 -6.56 -80.34 -14.01
C ARG C 629 -7.60 -79.68 -13.11
N PRO C 630 -8.25 -80.47 -12.25
CA PRO C 630 -9.07 -79.88 -11.18
C PRO C 630 -8.20 -79.36 -10.04
N HIS C 631 -8.85 -78.93 -8.96
CA HIS C 631 -8.15 -78.25 -7.88
C HIS C 631 -7.22 -79.20 -7.12
N GLY C 632 -6.00 -78.70 -6.86
CA GLY C 632 -5.06 -79.29 -5.91
C GLY C 632 -4.77 -80.77 -6.03
N ASP C 633 -5.20 -81.53 -5.02
CA ASP C 633 -4.90 -82.96 -4.96
C ASP C 633 -5.73 -83.76 -5.95
N ALA C 634 -6.88 -83.24 -6.37
CA ALA C 634 -7.75 -83.92 -7.33
C ALA C 634 -7.41 -83.57 -8.76
N ALA C 635 -6.15 -83.21 -9.03
CA ALA C 635 -5.69 -82.71 -10.32
C ALA C 635 -5.71 -83.77 -11.42
N HIS C 636 -6.19 -84.98 -11.17
CA HIS C 636 -6.23 -86.03 -12.17
C HIS C 636 -7.69 -86.32 -12.53
N VAL C 637 -8.21 -85.56 -13.50
CA VAL C 637 -9.44 -85.93 -14.18
C VAL C 637 -9.05 -86.86 -15.33
N VAL C 638 -8.88 -88.13 -15.00
CA VAL C 638 -8.24 -89.10 -15.88
C VAL C 638 -9.19 -89.46 -17.00
N ASP C 639 -8.99 -88.83 -18.17
CA ASP C 639 -9.85 -88.99 -19.32
C ASP C 639 -9.05 -89.42 -20.53
N CYS C 640 -9.49 -90.50 -21.19
CA CYS C 640 -8.79 -91.02 -22.37
C CYS C 640 -8.84 -90.01 -23.50
N ALA C 641 -7.67 -89.69 -24.05
CA ALA C 641 -7.64 -88.95 -25.31
C ALA C 641 -8.00 -89.95 -26.40
N ILE C 642 -9.29 -90.15 -26.58
CA ILE C 642 -9.80 -90.98 -27.68
C ILE C 642 -9.43 -90.25 -28.98
N ILE C 643 -8.52 -90.85 -29.73
CA ILE C 643 -7.83 -90.16 -30.81
C ILE C 643 -7.75 -91.10 -32.00
N PHE C 644 -8.28 -90.66 -33.14
CA PHE C 644 -7.98 -91.33 -34.40
C PHE C 644 -6.73 -90.68 -34.98
N VAL C 645 -5.59 -91.33 -34.82
CA VAL C 645 -4.36 -90.78 -35.38
C VAL C 645 -4.40 -90.91 -36.89
N ASP C 646 -4.41 -89.78 -37.58
CA ASP C 646 -4.25 -89.82 -39.02
C ASP C 646 -2.79 -90.13 -39.36
N PRO C 647 -2.53 -91.01 -40.32
CA PRO C 647 -1.15 -91.33 -40.69
C PRO C 647 -0.42 -90.22 -41.42
N ASP C 648 -1.08 -89.11 -41.73
CA ASP C 648 -0.47 -88.03 -42.51
C ASP C 648 -0.30 -86.76 -41.71
N LYS C 649 -1.38 -86.22 -41.13
CA LYS C 649 -1.38 -84.91 -40.51
C LYS C 649 -1.10 -84.96 -39.00
N GLY C 650 -0.52 -86.06 -38.53
CA GLY C 650 -0.17 -86.17 -37.13
C GLY C 650 -1.27 -86.80 -36.30
N ILE C 651 -1.19 -86.56 -35.00
CA ILE C 651 -2.24 -86.99 -34.09
C ILE C 651 -3.40 -86.01 -34.17
N LEU C 652 -4.60 -86.52 -34.47
CA LEU C 652 -5.80 -85.71 -34.50
C LEU C 652 -6.82 -86.32 -33.56
N LEU C 653 -7.42 -85.49 -32.71
CA LEU C 653 -8.11 -85.93 -31.52
C LEU C 653 -9.62 -85.98 -31.74
N GLN C 654 -10.27 -86.96 -31.11
CA GLN C 654 -11.73 -87.08 -31.20
C GLN C 654 -12.43 -86.62 -29.92
N GLU C 655 -12.08 -87.21 -28.77
CA GLU C 655 -12.78 -86.86 -27.53
C GLU C 655 -11.94 -87.23 -26.33
N TYR C 656 -12.32 -86.67 -25.19
CA TYR C 656 -11.75 -86.95 -23.87
C TYR C 656 -12.72 -87.82 -23.08
N GLN C 657 -12.46 -89.13 -23.08
CA GLN C 657 -13.35 -90.10 -22.44
C GLN C 657 -12.82 -90.49 -21.07
N PRO C 658 -13.58 -90.28 -20.00
CA PRO C 658 -13.06 -90.58 -18.66
C PRO C 658 -12.79 -92.06 -18.43
N ILE C 659 -11.70 -92.32 -17.71
CA ILE C 659 -11.42 -93.66 -17.22
C ILE C 659 -12.18 -93.92 -15.92
N HIS C 660 -12.64 -92.87 -15.24
CA HIS C 660 -13.09 -92.93 -13.85
C HIS C 660 -14.37 -93.76 -13.79
N THR C 661 -14.18 -95.08 -13.85
CA THR C 661 -15.25 -96.08 -13.88
C THR C 661 -14.91 -97.09 -12.78
N GLY C 662 -15.38 -96.82 -11.57
CA GLY C 662 -15.08 -97.67 -10.44
C GLY C 662 -13.71 -97.44 -9.86
N GLY C 663 -13.38 -96.18 -9.59
CA GLY C 663 -12.06 -95.82 -9.10
C GLY C 663 -10.95 -96.14 -10.08
N ALA C 664 -11.21 -95.99 -11.37
CA ALA C 664 -10.28 -96.38 -12.41
C ALA C 664 -9.52 -95.16 -12.90
N THR C 665 -8.19 -95.25 -12.89
CA THR C 665 -7.33 -94.17 -13.35
C THR C 665 -6.38 -94.63 -14.45
N ALA C 666 -6.60 -95.81 -15.03
CA ALA C 666 -5.76 -96.30 -16.10
C ALA C 666 -6.60 -97.11 -17.08
N CYS C 667 -6.42 -96.83 -18.36
CA CYS C 667 -7.07 -97.59 -19.42
C CYS C 667 -6.12 -98.69 -19.88
N ILE C 668 -6.53 -99.95 -19.70
CA ILE C 668 -5.66 -101.08 -20.03
C ILE C 668 -6.01 -101.70 -21.37
N GLY C 669 -7.09 -101.27 -22.01
CA GLY C 669 -7.48 -101.83 -23.28
C GLY C 669 -8.70 -101.12 -23.82
N SER C 670 -9.14 -101.57 -24.99
CA SER C 670 -10.35 -101.02 -25.59
C SER C 670 -10.97 -102.10 -26.47
N CYS C 671 -12.08 -102.67 -26.00
CA CYS C 671 -12.83 -103.65 -26.78
C CYS C 671 -13.61 -102.91 -27.86
N ALA C 672 -14.51 -103.62 -28.53
CA ALA C 672 -15.36 -102.92 -29.48
C ALA C 672 -16.31 -101.97 -28.75
N PRO C 673 -17.28 -102.41 -27.94
CA PRO C 673 -18.30 -101.46 -27.48
C PRO C 673 -17.80 -100.48 -26.44
N HIS C 674 -16.70 -100.78 -25.74
CA HIS C 674 -16.24 -99.95 -24.64
C HIS C 674 -14.72 -99.83 -24.71
N LEU C 675 -14.15 -99.20 -23.69
CA LEU C 675 -12.71 -99.20 -23.45
C LEU C 675 -12.43 -100.01 -22.20
N LEU C 676 -11.55 -101.00 -22.32
CA LEU C 676 -11.18 -101.84 -21.18
C LEU C 676 -10.21 -101.06 -20.30
N THR C 677 -10.74 -100.39 -19.29
CA THR C 677 -9.92 -99.68 -18.32
C THR C 677 -9.65 -100.59 -17.13
N ASN C 678 -8.87 -100.11 -16.18
CA ASN C 678 -8.56 -100.92 -15.01
C ASN C 678 -9.67 -100.79 -13.98
N LYS C 679 -9.42 -101.31 -12.78
CA LYS C 679 -10.29 -101.12 -11.63
C LYS C 679 -9.47 -101.45 -10.39
N LYS C 680 -10.10 -101.30 -9.23
CA LYS C 680 -9.48 -101.77 -8.00
C LYS C 680 -9.41 -103.29 -8.01
N SER C 681 -8.26 -103.83 -7.58
CA SER C 681 -8.03 -105.27 -7.59
C SER C 681 -8.28 -105.81 -6.19
N MET C 682 -9.37 -106.57 -6.04
CA MET C 682 -9.77 -107.12 -4.76
C MET C 682 -10.56 -108.40 -5.00
N VAL C 683 -11.05 -109.00 -3.92
CA VAL C 683 -11.81 -110.24 -3.98
C VAL C 683 -13.22 -109.98 -3.46
N GLN C 684 -14.21 -110.22 -4.30
CA GLN C 684 -15.60 -109.93 -3.94
C GLN C 684 -16.08 -110.91 -2.88
N PRO C 685 -16.76 -110.43 -1.84
CA PRO C 685 -17.41 -111.35 -0.90
C PRO C 685 -18.55 -112.09 -1.58
N ALA C 686 -18.76 -113.34 -1.15
CA ALA C 686 -19.88 -114.11 -1.66
C ALA C 686 -21.19 -113.49 -1.20
N PRO C 687 -22.21 -113.45 -2.04
CA PRO C 687 -23.47 -112.80 -1.65
C PRO C 687 -24.21 -113.61 -0.60
N GLY C 688 -24.68 -112.92 0.44
CA GLY C 688 -25.43 -113.55 1.49
C GLY C 688 -24.63 -114.39 2.47
N SER C 689 -23.30 -114.31 2.42
CA SER C 689 -22.46 -115.12 3.28
C SER C 689 -21.13 -114.41 3.48
N GLY C 690 -20.38 -114.89 4.47
CA GLY C 690 -19.05 -114.37 4.74
C GLY C 690 -17.96 -114.89 3.84
N ALA C 691 -18.30 -115.79 2.92
CA ALA C 691 -17.32 -116.32 1.97
C ALA C 691 -16.98 -115.25 0.93
N PHE C 692 -15.96 -115.56 0.13
CA PHE C 692 -15.48 -114.65 -0.89
C PHE C 692 -15.57 -115.31 -2.25
N GLN C 693 -16.40 -114.75 -3.12
CA GLN C 693 -16.42 -115.19 -4.50
C GLN C 693 -15.15 -114.73 -5.21
N PRO C 694 -14.68 -115.49 -6.20
CA PRO C 694 -13.60 -114.97 -7.05
C PRO C 694 -14.09 -113.78 -7.85
N PHE C 695 -13.18 -112.86 -8.14
CA PHE C 695 -13.55 -111.66 -8.87
C PHE C 695 -13.90 -111.99 -10.30
N THR C 696 -14.88 -111.27 -10.86
CA THR C 696 -15.22 -111.45 -12.25
C THR C 696 -14.09 -110.95 -13.16
N SER C 697 -13.80 -109.66 -13.08
CA SER C 697 -12.72 -109.05 -13.83
C SER C 697 -12.48 -107.66 -13.26
N ASN C 698 -11.21 -107.34 -12.99
CA ASN C 698 -10.80 -106.02 -12.52
C ASN C 698 -10.68 -105.02 -13.65
N VAL C 699 -11.37 -105.29 -14.75
CA VAL C 699 -11.22 -104.56 -16.00
C VAL C 699 -12.54 -103.85 -16.27
N SER C 700 -12.58 -102.54 -16.01
CA SER C 700 -13.80 -101.78 -16.21
C SER C 700 -13.92 -101.39 -17.67
N LYS C 701 -15.02 -101.80 -18.30
CA LYS C 701 -15.28 -101.52 -19.71
C LYS C 701 -15.86 -100.13 -19.82
N ALA C 702 -14.98 -99.15 -20.04
CA ALA C 702 -15.41 -97.75 -20.13
C ALA C 702 -16.13 -97.52 -21.45
N ILE C 703 -17.43 -97.27 -21.37
CA ILE C 703 -18.27 -97.02 -22.53
C ILE C 703 -17.79 -95.76 -23.25
N MET C 704 -17.68 -95.87 -24.58
CA MET C 704 -17.13 -94.80 -25.40
C MET C 704 -18.27 -93.98 -26.00
N THR C 705 -18.09 -92.65 -26.00
CA THR C 705 -19.22 -91.74 -25.91
C THR C 705 -19.57 -91.08 -27.25
N SER C 706 -18.57 -90.82 -28.10
CA SER C 706 -18.90 -90.28 -29.42
C SER C 706 -19.50 -91.37 -30.31
N PHE C 707 -19.53 -92.61 -29.80
CA PHE C 707 -19.97 -93.76 -30.58
C PHE C 707 -21.36 -94.16 -30.07
N GLN C 708 -22.38 -93.41 -30.50
CA GLN C 708 -23.74 -93.56 -29.99
C GLN C 708 -24.61 -94.36 -30.95
N GLY C 709 -25.30 -95.37 -30.42
CA GLY C 709 -25.92 -96.34 -31.30
C GLY C 709 -24.94 -97.33 -31.85
N MET C 710 -23.75 -97.40 -31.26
CA MET C 710 -22.68 -98.31 -31.60
C MET C 710 -22.81 -99.70 -31.01
N GLN C 711 -23.04 -99.76 -29.72
CA GLN C 711 -22.80 -100.92 -28.87
C GLN C 711 -24.00 -101.83 -28.76
N ASP C 712 -25.19 -101.24 -28.63
CA ASP C 712 -26.43 -101.99 -28.73
C ASP C 712 -26.66 -102.54 -30.13
N SER C 713 -25.95 -102.02 -31.13
CA SER C 713 -26.23 -102.33 -32.52
C SER C 713 -25.27 -103.38 -33.05
N ASP C 714 -25.33 -103.62 -34.35
CA ASP C 714 -24.58 -104.68 -34.98
C ASP C 714 -23.14 -104.24 -35.20
N ASP C 715 -22.40 -105.01 -36.00
CA ASP C 715 -21.01 -104.70 -36.28
C ASP C 715 -20.82 -104.00 -37.61
N LYS C 716 -21.86 -103.88 -38.43
CA LYS C 716 -21.84 -102.88 -39.48
C LYS C 716 -21.78 -101.48 -38.90
N THR C 717 -22.37 -101.31 -37.71
CA THR C 717 -22.22 -100.08 -36.97
C THR C 717 -20.76 -99.83 -36.65
N ARG C 718 -20.06 -100.88 -36.20
CA ARG C 718 -18.67 -100.76 -35.78
C ARG C 718 -17.81 -100.23 -36.91
N ARG C 719 -17.85 -100.91 -38.07
CA ARG C 719 -17.10 -100.46 -39.24
C ARG C 719 -17.54 -99.06 -39.65
N ALA C 720 -18.85 -98.88 -39.85
CA ALA C 720 -19.37 -97.66 -40.46
C ALA C 720 -19.03 -96.43 -39.65
N LEU C 721 -19.19 -96.53 -38.34
CA LEU C 721 -19.15 -95.36 -37.50
C LEU C 721 -17.89 -95.24 -36.68
N LEU C 722 -17.11 -96.30 -36.52
CA LEU C 722 -15.70 -96.13 -36.24
C LEU C 722 -15.01 -95.45 -37.41
N ASP C 723 -15.42 -95.79 -38.64
CA ASP C 723 -14.92 -95.09 -39.82
C ASP C 723 -15.36 -93.64 -39.83
N PHE C 724 -16.62 -93.39 -39.50
CA PHE C 724 -17.08 -92.01 -39.37
C PHE C 724 -16.33 -91.27 -38.28
N SER C 725 -16.03 -91.90 -37.16
CA SER C 725 -15.29 -91.20 -36.12
C SER C 725 -13.82 -91.01 -36.48
N PHE C 726 -13.29 -91.85 -37.36
CA PHE C 726 -12.03 -91.54 -38.01
C PHE C 726 -12.17 -90.29 -38.86
N ASN C 727 -13.29 -90.17 -39.58
CA ASN C 727 -13.61 -88.93 -40.28
C ASN C 727 -13.90 -87.78 -39.32
N LEU C 728 -14.16 -88.08 -38.05
CA LEU C 728 -14.36 -87.04 -37.05
C LEU C 728 -13.04 -86.46 -36.59
N ALA C 729 -12.18 -87.31 -36.02
CA ALA C 729 -10.93 -86.82 -35.46
C ALA C 729 -9.99 -86.33 -36.57
N THR C 730 -9.80 -87.15 -37.60
CA THR C 730 -8.91 -86.76 -38.69
C THR C 730 -9.61 -85.83 -39.67
N GLY C 731 -10.72 -86.28 -40.26
CA GLY C 731 -11.42 -85.52 -41.26
C GLY C 731 -11.32 -86.15 -42.63
N ASN C 732 -12.36 -86.88 -43.01
CA ASN C 732 -12.39 -87.61 -44.28
C ASN C 732 -13.84 -87.80 -44.69
N MET C 733 -14.04 -88.32 -45.89
CA MET C 733 -15.37 -88.60 -46.42
C MET C 733 -15.47 -89.96 -47.08
N ASP C 734 -14.35 -90.62 -47.37
CA ASP C 734 -14.38 -91.83 -48.17
C ASP C 734 -15.01 -92.99 -47.41
N GLU C 735 -14.69 -93.13 -46.13
CA GLU C 735 -14.93 -94.38 -45.41
C GLU C 735 -16.41 -94.65 -45.17
N ALA C 736 -17.09 -93.80 -44.40
CA ALA C 736 -18.45 -94.11 -44.00
C ALA C 736 -19.47 -93.93 -45.11
N PHE C 737 -19.13 -93.19 -46.16
CA PHE C 737 -20.06 -92.90 -47.26
C PHE C 737 -19.56 -93.39 -48.62
N ARG C 738 -18.40 -92.93 -49.06
CA ARG C 738 -17.98 -93.15 -50.45
C ARG C 738 -17.48 -94.58 -50.67
N SER C 739 -16.77 -95.12 -49.68
CA SER C 739 -16.28 -96.50 -49.75
C SER C 739 -17.41 -97.52 -49.72
N VAL C 740 -18.59 -97.15 -49.21
CA VAL C 740 -19.70 -98.08 -49.18
C VAL C 740 -20.72 -97.82 -50.27
N LYS C 741 -20.74 -96.62 -50.86
CA LYS C 741 -21.54 -96.43 -52.08
C LYS C 741 -20.86 -97.08 -53.27
N ALA C 742 -19.63 -96.69 -53.54
CA ALA C 742 -19.00 -96.89 -54.84
C ALA C 742 -18.29 -98.22 -54.96
N ILE C 743 -18.91 -99.33 -54.55
CA ILE C 743 -18.26 -100.64 -54.63
C ILE C 743 -19.16 -101.74 -55.17
N LYS C 744 -20.45 -101.47 -55.44
CA LYS C 744 -21.44 -102.48 -55.80
C LYS C 744 -21.52 -103.54 -54.69
N ASN C 745 -22.03 -103.09 -53.55
CA ASN C 745 -22.21 -103.93 -52.36
C ASN C 745 -23.66 -104.30 -52.02
N PRO C 746 -24.17 -105.41 -52.56
CA PRO C 746 -25.59 -105.76 -52.40
C PRO C 746 -25.94 -106.27 -51.02
N ALA C 747 -26.66 -105.44 -50.26
CA ALA C 747 -27.27 -105.84 -48.99
C ALA C 747 -28.30 -104.78 -48.62
N VAL C 748 -28.86 -104.90 -47.41
CA VAL C 748 -29.56 -103.82 -46.72
C VAL C 748 -29.02 -103.89 -45.29
N TRP C 749 -28.07 -103.03 -44.97
CA TRP C 749 -27.41 -103.07 -43.67
C TRP C 749 -28.31 -102.53 -42.58
N GLU C 750 -28.00 -102.95 -41.35
CA GLU C 750 -28.70 -102.44 -40.18
C GLU C 750 -28.25 -101.03 -39.82
N ASN C 751 -26.96 -100.75 -39.95
CA ASN C 751 -26.41 -99.41 -39.71
C ASN C 751 -25.36 -99.13 -40.78
N MET C 752 -25.92 -98.62 -41.98
CA MET C 752 -24.98 -98.17 -43.06
C MET C 752 -24.01 -97.27 -42.31
N ALA C 753 -24.43 -96.17 -41.84
CA ALA C 753 -23.72 -95.29 -40.92
C ALA C 753 -24.82 -94.46 -40.24
N HIS C 754 -24.73 -94.19 -38.95
CA HIS C 754 -25.79 -93.38 -38.35
C HIS C 754 -25.34 -92.32 -37.34
N MET C 755 -24.13 -92.34 -36.78
CA MET C 755 -23.73 -91.17 -36.02
C MET C 755 -23.14 -90.07 -36.89
N CYS C 756 -23.19 -90.24 -38.20
CA CYS C 756 -22.52 -89.40 -39.18
C CYS C 756 -22.96 -87.93 -39.16
N ILE C 757 -23.93 -87.54 -38.34
CA ILE C 757 -24.35 -86.16 -38.23
C ILE C 757 -23.30 -85.27 -37.58
N ARG C 758 -22.31 -85.82 -36.89
CA ARG C 758 -21.29 -84.96 -36.32
C ARG C 758 -20.34 -84.43 -37.39
N ASN C 759 -20.38 -84.99 -38.60
CA ASN C 759 -19.83 -84.35 -39.79
C ASN C 759 -20.96 -83.84 -40.69
N LYS C 760 -22.13 -83.59 -40.10
CA LYS C 760 -23.29 -82.98 -40.75
C LYS C 760 -23.78 -83.77 -41.96
N ARG C 761 -24.25 -85.00 -41.69
CA ARG C 761 -24.99 -85.75 -42.69
C ARG C 761 -25.96 -86.69 -41.97
N LEU C 762 -27.23 -86.64 -42.39
CA LEU C 762 -28.33 -87.35 -41.72
C LEU C 762 -28.94 -88.45 -42.58
N ASP C 763 -28.90 -88.33 -43.92
CA ASP C 763 -29.55 -89.27 -44.81
C ASP C 763 -29.01 -90.70 -44.70
N VAL C 764 -27.78 -90.86 -44.21
CA VAL C 764 -27.27 -92.21 -43.98
C VAL C 764 -27.93 -92.85 -42.75
N ALA C 765 -28.47 -92.04 -41.83
CA ALA C 765 -29.33 -92.52 -40.75
C ALA C 765 -30.81 -92.30 -41.05
N GLU C 766 -31.15 -91.90 -42.28
CA GLU C 766 -32.54 -91.69 -42.67
C GLU C 766 -33.03 -92.68 -43.70
N HIS C 767 -32.15 -93.22 -44.55
CA HIS C 767 -32.56 -94.28 -45.47
C HIS C 767 -32.12 -95.67 -45.01
N CYS C 768 -31.01 -95.76 -44.27
CA CYS C 768 -30.71 -97.01 -43.60
C CYS C 768 -31.64 -97.23 -42.43
N LEU C 769 -31.85 -96.19 -41.62
CA LEU C 769 -32.68 -96.34 -40.43
C LEU C 769 -34.12 -95.91 -40.70
N SER C 770 -34.33 -94.62 -40.99
CA SER C 770 -35.68 -94.04 -40.94
C SER C 770 -36.57 -94.46 -42.12
N ASN C 771 -36.08 -95.32 -43.02
CA ASN C 771 -36.99 -96.05 -43.88
C ASN C 771 -37.84 -97.00 -43.05
N MET C 772 -37.29 -97.49 -41.93
CA MET C 772 -38.05 -98.24 -40.94
C MET C 772 -37.73 -97.83 -39.50
N GLU C 773 -36.91 -96.79 -39.31
CA GLU C 773 -36.58 -96.20 -38.00
C GLU C 773 -35.97 -97.25 -37.06
N HIS C 774 -34.78 -97.72 -37.46
CA HIS C 774 -34.10 -98.77 -36.72
C HIS C 774 -33.62 -98.25 -35.35
N ALA C 775 -33.77 -99.10 -34.34
CA ALA C 775 -33.69 -98.66 -32.94
C ALA C 775 -32.29 -98.70 -32.35
N ARG C 776 -31.43 -99.61 -32.79
CA ARG C 776 -30.12 -99.73 -32.16
C ARG C 776 -29.12 -98.69 -32.68
N GLY C 777 -29.48 -97.92 -33.69
CA GLY C 777 -28.72 -96.75 -34.09
C GLY C 777 -29.57 -95.50 -33.91
N ALA C 778 -30.73 -95.68 -33.26
CA ALA C 778 -31.66 -94.57 -33.09
C ALA C 778 -31.18 -93.54 -32.10
N ARG C 779 -30.20 -93.87 -31.25
CA ARG C 779 -29.59 -92.85 -30.39
C ARG C 779 -28.96 -91.75 -31.21
N ALA C 780 -28.10 -92.12 -32.15
CA ALA C 780 -27.49 -91.14 -33.04
C ALA C 780 -28.42 -90.72 -34.17
N LEU C 781 -29.51 -91.45 -34.41
CA LEU C 781 -30.53 -90.93 -35.32
C LEU C 781 -31.29 -89.76 -34.69
N ARG C 782 -31.68 -89.90 -33.42
CA ARG C 782 -32.37 -88.81 -32.73
C ARG C 782 -31.43 -87.64 -32.47
N GLU C 783 -30.15 -87.92 -32.20
CA GLU C 783 -29.14 -86.87 -32.30
C GLU C 783 -29.08 -86.29 -33.70
N ALA C 784 -29.28 -87.15 -34.71
CA ALA C 784 -28.93 -86.81 -36.08
C ALA C 784 -29.97 -85.94 -36.77
N LYS C 785 -31.20 -85.91 -36.26
CA LYS C 785 -32.20 -85.04 -36.85
C LYS C 785 -32.09 -83.61 -36.34
N SER C 786 -31.15 -83.34 -35.43
CA SER C 786 -31.04 -82.04 -34.80
C SER C 786 -29.62 -81.53 -34.69
N ILE C 787 -28.61 -82.34 -34.99
CA ILE C 787 -27.27 -81.85 -35.33
C ILE C 787 -27.17 -81.63 -36.84
N GLU C 788 -28.31 -81.56 -37.51
CA GLU C 788 -28.39 -80.95 -38.84
C GLU C 788 -28.73 -79.47 -38.74
N GLU C 789 -28.83 -78.94 -37.53
CA GLU C 789 -29.45 -77.64 -37.26
C GLU C 789 -28.62 -76.51 -37.87
N ALA C 790 -29.19 -75.84 -38.86
CA ALA C 790 -28.56 -74.67 -39.46
C ALA C 790 -29.57 -73.58 -39.77
N ASP C 791 -30.79 -73.67 -39.22
CA ASP C 791 -31.91 -72.78 -39.53
C ASP C 791 -32.18 -72.72 -41.03
N ALA C 792 -32.25 -73.91 -41.64
CA ALA C 792 -32.53 -74.04 -43.07
C ALA C 792 -33.58 -75.13 -43.28
N ARG C 793 -34.68 -75.03 -42.50
CA ARG C 793 -35.79 -75.98 -42.33
C ARG C 793 -35.32 -77.17 -41.49
N VAL C 794 -34.00 -77.25 -41.27
CA VAL C 794 -33.43 -78.22 -40.36
C VAL C 794 -33.58 -77.81 -38.91
N ALA C 795 -33.99 -76.57 -38.65
CA ALA C 795 -34.41 -76.18 -37.31
C ALA C 795 -35.72 -76.84 -36.92
N THR C 796 -36.68 -76.87 -37.85
CA THR C 796 -37.97 -77.46 -37.56
C THR C 796 -37.87 -78.96 -37.37
N VAL C 797 -37.12 -79.64 -38.23
CA VAL C 797 -36.84 -81.05 -38.01
C VAL C 797 -35.98 -81.21 -36.76
N ALA C 798 -35.11 -80.24 -36.50
CA ALA C 798 -34.24 -80.22 -35.33
C ALA C 798 -35.00 -79.97 -34.04
N VAL C 799 -36.28 -79.61 -34.12
CA VAL C 799 -37.15 -79.50 -32.95
C VAL C 799 -38.40 -80.30 -33.24
N HIS C 800 -38.41 -81.58 -32.88
CA HIS C 800 -39.62 -82.38 -33.02
C HIS C 800 -40.11 -82.96 -31.71
N LEU C 801 -39.31 -83.73 -30.99
CA LEU C 801 -39.75 -84.33 -29.72
C LEU C 801 -38.54 -84.78 -28.92
N GLY C 802 -38.31 -84.15 -27.77
CA GLY C 802 -37.19 -84.51 -26.92
C GLY C 802 -35.83 -84.24 -27.52
N MET C 803 -35.78 -83.41 -28.56
CA MET C 803 -34.58 -83.32 -29.39
C MET C 803 -34.28 -81.90 -29.85
N ILE C 804 -34.86 -80.90 -29.18
CA ILE C 804 -34.49 -79.51 -29.39
C ILE C 804 -33.11 -79.19 -28.85
N GLU C 805 -32.57 -80.04 -27.97
CA GLU C 805 -31.29 -79.74 -27.35
C GLU C 805 -30.15 -79.78 -28.35
N ASP C 806 -30.20 -80.68 -29.31
CA ASP C 806 -29.17 -80.71 -30.34
C ASP C 806 -29.34 -79.55 -31.33
N ALA C 807 -30.59 -79.14 -31.56
CA ALA C 807 -30.84 -77.88 -32.25
C ALA C 807 -30.17 -76.73 -31.52
N LYS C 808 -30.20 -76.76 -30.19
CA LYS C 808 -29.53 -75.73 -29.41
C LYS C 808 -28.02 -75.85 -29.46
N LYS C 809 -27.52 -77.08 -29.55
CA LYS C 809 -26.08 -77.28 -29.69
C LYS C 809 -25.58 -76.66 -30.98
N LEU C 810 -26.33 -76.82 -32.06
CA LEU C 810 -25.90 -76.11 -33.26
C LEU C 810 -26.40 -74.66 -33.31
N TYR C 811 -27.32 -74.27 -32.42
CA TYR C 811 -27.57 -72.85 -32.23
C TYR C 811 -26.32 -72.18 -31.68
N ILE C 812 -25.65 -72.85 -30.74
CA ILE C 812 -24.32 -72.44 -30.31
C ILE C 812 -23.35 -72.49 -31.48
N ALA C 813 -23.40 -73.60 -32.24
CA ALA C 813 -22.42 -73.77 -33.32
C ALA C 813 -22.67 -72.85 -34.50
N CYS C 814 -23.93 -72.60 -34.86
CA CYS C 814 -24.25 -71.68 -35.94
C CYS C 814 -24.50 -70.26 -35.44
N GLU C 815 -23.82 -69.89 -34.34
CA GLU C 815 -23.73 -68.51 -33.83
C GLU C 815 -25.10 -67.88 -33.61
N ARG C 816 -26.04 -68.64 -33.06
CA ARG C 816 -27.36 -68.11 -32.74
C ARG C 816 -27.79 -68.59 -31.36
N TYR C 817 -26.90 -68.40 -30.36
CA TYR C 817 -27.21 -68.87 -29.01
C TYR C 817 -28.31 -68.07 -28.32
N ASP C 818 -28.82 -67.01 -28.93
CA ASP C 818 -30.11 -66.50 -28.48
C ASP C 818 -31.20 -67.55 -28.71
N LEU C 819 -31.05 -68.36 -29.76
CA LEU C 819 -31.98 -69.46 -29.97
C LEU C 819 -31.70 -70.63 -29.03
N LEU C 820 -30.42 -70.87 -28.69
CA LEU C 820 -30.08 -71.65 -27.50
C LEU C 820 -30.90 -71.23 -26.30
N ASN C 821 -30.92 -69.92 -26.03
CA ASN C 821 -31.70 -69.42 -24.90
C ASN C 821 -33.17 -69.71 -25.07
N GLN C 822 -33.80 -69.11 -26.09
CA GLN C 822 -35.25 -69.12 -26.22
C GLN C 822 -35.81 -70.50 -26.58
N LEU C 823 -34.98 -71.46 -26.94
CA LEU C 823 -35.43 -72.83 -27.10
C LEU C 823 -34.95 -73.76 -26.00
N TYR C 824 -34.01 -73.30 -25.16
CA TYR C 824 -33.80 -73.94 -23.87
C TYR C 824 -34.92 -73.59 -22.91
N ARG C 825 -35.67 -72.54 -23.23
CA ARG C 825 -36.86 -72.22 -22.46
C ARG C 825 -37.93 -73.28 -22.70
N ALA C 826 -37.80 -74.02 -23.80
CA ALA C 826 -38.76 -75.05 -24.17
C ALA C 826 -38.61 -76.33 -23.35
N CYS C 827 -37.46 -76.54 -22.72
CA CYS C 827 -37.19 -77.77 -22.00
C CYS C 827 -37.80 -77.80 -20.62
N GLY C 828 -38.79 -76.94 -20.35
CA GLY C 828 -39.38 -76.85 -19.03
C GLY C 828 -38.79 -75.77 -18.16
N GLN C 829 -38.20 -74.73 -18.74
CA GLN C 829 -37.65 -73.61 -17.98
C GLN C 829 -38.56 -72.38 -18.03
N TRP C 830 -39.87 -72.58 -18.21
CA TRP C 830 -40.81 -71.50 -18.45
C TRP C 830 -41.14 -70.68 -17.22
N ASP C 831 -40.42 -70.87 -16.12
CA ASP C 831 -40.57 -70.04 -14.93
C ASP C 831 -39.53 -68.92 -14.88
N LYS C 832 -38.26 -69.25 -15.07
CA LYS C 832 -37.20 -68.26 -15.24
C LYS C 832 -36.96 -67.93 -16.71
N ALA C 833 -37.83 -68.45 -17.58
CA ALA C 833 -37.85 -68.00 -18.97
C ALA C 833 -38.21 -66.54 -19.09
N LEU C 834 -38.84 -65.97 -18.06
CA LEU C 834 -39.10 -64.53 -18.03
C LEU C 834 -37.79 -63.74 -18.10
N GLU C 835 -36.86 -64.03 -17.21
CA GLU C 835 -35.60 -63.29 -17.19
C GLU C 835 -34.65 -63.73 -18.30
N VAL C 836 -34.66 -65.01 -18.69
CA VAL C 836 -33.83 -65.38 -19.84
C VAL C 836 -34.41 -64.78 -21.11
N ALA C 837 -35.72 -64.58 -21.16
CA ALA C 837 -36.33 -63.86 -22.26
C ALA C 837 -35.88 -62.41 -22.28
N GLU C 838 -35.86 -61.77 -21.11
CA GLU C 838 -35.24 -60.44 -20.98
C GLU C 838 -33.81 -60.44 -21.53
N LYS C 839 -33.05 -61.49 -21.22
CA LYS C 839 -31.72 -61.64 -21.80
C LYS C 839 -31.78 -61.75 -23.32
N ASN C 840 -32.84 -62.36 -23.85
CA ASN C 840 -33.00 -62.44 -25.31
C ASN C 840 -33.57 -61.15 -25.87
N ASP C 841 -34.81 -60.83 -25.53
CA ASP C 841 -35.49 -59.63 -26.01
C ASP C 841 -36.51 -59.20 -24.98
N ARG C 842 -36.68 -57.90 -24.79
CA ARG C 842 -37.78 -57.52 -23.92
C ARG C 842 -39.13 -57.69 -24.61
N ILE C 843 -39.13 -57.77 -25.94
CA ILE C 843 -40.27 -58.36 -26.65
C ILE C 843 -40.42 -59.82 -26.29
N HIS C 844 -39.31 -60.56 -26.22
CA HIS C 844 -39.38 -61.93 -25.74
C HIS C 844 -39.73 -61.98 -24.25
N LEU C 845 -39.29 -60.96 -23.48
CA LEU C 845 -39.75 -60.82 -22.10
C LEU C 845 -41.26 -60.77 -22.03
N LYS C 846 -41.88 -59.93 -22.85
CA LYS C 846 -43.32 -59.82 -22.78
C LYS C 846 -44.02 -61.03 -23.39
N SER C 847 -43.41 -61.68 -24.37
CA SER C 847 -43.97 -62.93 -24.89
C SER C 847 -44.00 -63.99 -23.80
N THR C 848 -42.90 -64.12 -23.05
CA THR C 848 -42.82 -65.12 -22.01
C THR C 848 -43.69 -64.78 -20.81
N HIS C 849 -43.74 -63.50 -20.41
CA HIS C 849 -44.63 -63.13 -19.32
C HIS C 849 -46.10 -63.27 -19.69
N TYR C 850 -46.49 -62.92 -20.92
CA TYR C 850 -47.90 -63.07 -21.26
C TYR C 850 -48.27 -64.54 -21.36
N ALA C 851 -47.40 -65.35 -21.98
CA ALA C 851 -47.62 -66.79 -22.02
C ALA C 851 -47.63 -67.40 -20.63
N TYR C 852 -46.82 -66.86 -19.72
CA TYR C 852 -46.73 -67.42 -18.37
C TYR C 852 -47.91 -66.97 -17.52
N GLY C 853 -48.36 -65.72 -17.70
CA GLY C 853 -49.57 -65.26 -17.06
C GLY C 853 -50.78 -66.05 -17.50
N GLN C 854 -50.87 -66.30 -18.80
CA GLN C 854 -51.93 -67.17 -19.30
C GLN C 854 -51.68 -68.63 -18.93
N PHE C 855 -50.44 -68.98 -18.57
CA PHE C 855 -50.12 -70.33 -18.13
C PHE C 855 -50.70 -70.61 -16.75
N MET C 856 -50.58 -69.67 -15.81
CA MET C 856 -51.31 -69.95 -14.57
C MET C 856 -52.73 -69.42 -14.58
N GLU C 857 -53.13 -68.61 -15.57
CA GLU C 857 -54.56 -68.41 -15.80
C GLU C 857 -55.22 -69.70 -16.25
N ARG C 858 -54.51 -70.45 -17.10
CA ARG C 858 -54.97 -71.74 -17.58
C ARG C 858 -55.02 -72.76 -16.44
N GLN C 859 -54.03 -72.72 -15.55
CA GLN C 859 -54.06 -73.59 -14.37
C GLN C 859 -55.17 -73.18 -13.42
N GLY C 860 -55.52 -71.90 -13.39
CA GLY C 860 -56.64 -71.42 -12.59
C GLY C 860 -56.34 -70.18 -11.79
N ASP C 861 -55.05 -69.87 -11.63
CA ASP C 861 -54.64 -68.73 -10.82
C ASP C 861 -55.03 -67.43 -11.50
N MET C 862 -55.59 -66.51 -10.72
CA MET C 862 -56.13 -65.26 -11.23
C MET C 862 -55.15 -64.10 -11.05
N GLU C 863 -54.73 -63.86 -9.81
CA GLU C 863 -53.88 -62.69 -9.53
C GLU C 863 -52.48 -62.86 -10.10
N GLY C 864 -51.91 -64.05 -9.97
CA GLY C 864 -50.62 -64.30 -10.62
C GLY C 864 -50.69 -64.26 -12.13
N ALA C 865 -51.85 -64.62 -12.69
CA ALA C 865 -52.09 -64.37 -14.11
C ALA C 865 -52.07 -62.88 -14.40
N ARG C 866 -52.69 -62.08 -13.54
CA ARG C 866 -52.65 -60.63 -13.69
C ARG C 866 -51.23 -60.10 -13.69
N LYS C 867 -50.41 -60.56 -12.74
CA LYS C 867 -49.08 -59.99 -12.58
C LYS C 867 -48.18 -60.28 -13.75
N HIS C 868 -48.17 -61.51 -14.24
CA HIS C 868 -47.33 -61.84 -15.38
C HIS C 868 -47.93 -61.39 -16.69
N TYR C 869 -49.25 -61.26 -16.77
CA TYR C 869 -49.83 -60.42 -17.82
C TYR C 869 -49.26 -59.01 -17.71
N GLU C 870 -49.36 -58.41 -16.52
CA GLU C 870 -48.84 -57.06 -16.32
C GLU C 870 -47.33 -56.99 -16.51
N ALA C 871 -46.60 -58.05 -16.15
CA ALA C 871 -45.17 -58.07 -16.39
C ALA C 871 -44.83 -58.25 -17.87
N ALA C 872 -45.80 -58.66 -18.68
CA ALA C 872 -45.66 -58.58 -20.13
C ALA C 872 -46.02 -57.19 -20.60
N GLY C 873 -45.12 -56.55 -21.36
CA GLY C 873 -45.31 -55.20 -21.84
C GLY C 873 -46.55 -55.01 -22.70
N CYS C 874 -46.94 -56.02 -23.49
CA CYS C 874 -48.22 -55.95 -24.17
C CYS C 874 -49.27 -56.83 -23.50
N GLY C 875 -48.87 -57.71 -22.59
CA GLY C 875 -49.85 -58.20 -21.65
C GLY C 875 -50.33 -57.13 -20.69
N LEU C 876 -49.50 -56.10 -20.46
CA LEU C 876 -49.86 -54.99 -19.58
C LEU C 876 -50.90 -54.08 -20.21
N VAL C 877 -51.06 -54.12 -21.54
CA VAL C 877 -51.97 -53.16 -22.16
C VAL C 877 -53.43 -53.56 -22.05
N GLU C 878 -53.71 -54.73 -21.47
CA GLU C 878 -55.10 -55.15 -21.25
C GLU C 878 -55.51 -55.12 -19.79
N VAL C 879 -54.61 -55.44 -18.87
CA VAL C 879 -55.02 -55.78 -17.52
C VAL C 879 -55.31 -54.53 -16.69
N PRO C 880 -54.43 -53.52 -16.56
CA PRO C 880 -54.86 -52.29 -15.84
C PRO C 880 -55.95 -51.53 -16.57
N ARG C 881 -56.13 -51.79 -17.87
CA ARG C 881 -56.99 -50.96 -18.70
C ARG C 881 -58.44 -51.01 -18.24
N MET C 882 -59.00 -52.20 -18.04
CA MET C 882 -60.45 -52.29 -17.93
C MET C 882 -60.91 -52.45 -16.48
N LEU C 883 -60.49 -53.51 -15.80
CA LEU C 883 -60.73 -53.58 -14.36
C LEU C 883 -59.67 -54.30 -13.54
N PHE C 884 -58.57 -54.78 -14.13
CA PHE C 884 -57.58 -55.69 -13.54
C PHE C 884 -58.11 -57.08 -13.23
N GLU C 885 -59.33 -57.42 -13.63
CA GLU C 885 -59.94 -58.62 -13.04
C GLU C 885 -60.75 -59.43 -14.05
N ALA C 886 -60.29 -59.50 -15.31
CA ALA C 886 -61.13 -60.16 -16.30
C ALA C 886 -60.44 -61.04 -17.32
N GLU C 887 -59.12 -61.24 -17.27
CA GLU C 887 -58.45 -62.03 -18.30
C GLU C 887 -58.95 -63.47 -18.28
N LYS C 888 -59.41 -63.92 -17.12
CA LYS C 888 -60.19 -65.13 -17.07
C LYS C 888 -61.62 -64.90 -17.56
N PHE C 889 -62.20 -63.75 -17.20
CA PHE C 889 -63.62 -63.52 -17.42
C PHE C 889 -63.94 -62.95 -18.80
N THR C 890 -63.05 -62.11 -19.35
CA THR C 890 -63.17 -61.75 -20.75
C THR C 890 -62.97 -62.99 -21.62
N GLU C 891 -62.14 -63.92 -21.15
CA GLU C 891 -62.02 -65.21 -21.82
C GLU C 891 -63.32 -66.01 -21.74
N LEU C 892 -64.12 -65.77 -20.70
CA LEU C 892 -65.34 -66.55 -20.49
C LEU C 892 -66.46 -66.20 -21.47
N GLN C 893 -66.62 -64.92 -21.81
CA GLN C 893 -67.70 -64.48 -22.69
C GLN C 893 -67.50 -64.90 -24.15
N ASN C 894 -66.33 -65.43 -24.48
CA ASN C 894 -66.03 -65.74 -25.87
C ASN C 894 -66.83 -66.95 -26.35
N TYR C 895 -66.99 -67.95 -25.48
CA TYR C 895 -67.81 -69.10 -25.81
C TYR C 895 -69.29 -68.72 -25.90
N ILE C 896 -69.71 -67.75 -25.10
CA ILE C 896 -71.05 -67.20 -25.20
C ILE C 896 -71.25 -66.56 -26.57
N GLN C 897 -70.26 -65.82 -27.03
CA GLN C 897 -70.27 -65.26 -28.37
C GLN C 897 -70.16 -66.38 -29.42
N ALA C 898 -70.42 -66.00 -30.68
CA ALA C 898 -70.53 -66.82 -31.89
C ALA C 898 -71.74 -67.73 -31.90
N ASN C 899 -72.54 -67.76 -30.83
CA ASN C 899 -73.81 -68.47 -30.82
C ASN C 899 -74.97 -67.48 -30.82
N ASP C 900 -74.77 -66.31 -31.43
CA ASP C 900 -75.81 -65.29 -31.59
C ASP C 900 -76.35 -64.85 -30.23
N SER C 901 -75.45 -64.42 -29.34
CA SER C 901 -75.78 -64.20 -27.94
C SER C 901 -74.79 -63.23 -27.32
N ARG C 902 -75.27 -62.45 -26.33
CA ARG C 902 -74.46 -61.39 -25.71
C ARG C 902 -74.66 -61.33 -24.19
N GLU C 903 -75.00 -62.46 -23.56
CA GLU C 903 -75.44 -62.36 -22.17
C GLU C 903 -74.30 -62.24 -21.16
N LEU C 904 -73.21 -62.97 -21.34
CA LEU C 904 -72.11 -62.86 -20.39
C LEU C 904 -71.39 -61.53 -20.50
N ILE C 905 -71.40 -60.92 -21.69
CA ILE C 905 -70.86 -59.57 -21.84
C ILE C 905 -71.69 -58.58 -21.01
N LEU C 906 -73.02 -58.70 -21.07
CA LEU C 906 -73.88 -57.84 -20.25
C LEU C 906 -73.68 -58.09 -18.76
N TRP C 907 -73.56 -59.35 -18.36
CA TRP C 907 -73.32 -59.66 -16.96
C TRP C 907 -72.00 -59.08 -16.48
N TRP C 908 -70.95 -59.20 -17.28
CA TRP C 908 -69.67 -58.63 -16.90
C TRP C 908 -69.77 -57.12 -16.80
N GLY C 909 -70.45 -56.48 -17.77
CA GLY C 909 -70.66 -55.05 -17.68
C GLY C 909 -71.39 -54.63 -16.42
N LYS C 910 -72.37 -55.43 -16.00
CA LYS C 910 -73.12 -55.11 -14.79
C LYS C 910 -72.37 -55.46 -13.51
N TYR C 911 -71.35 -56.34 -13.59
CA TYR C 911 -70.75 -56.88 -12.37
C TYR C 911 -70.01 -55.80 -11.58
N LEU C 912 -69.13 -55.05 -12.24
CA LEU C 912 -68.43 -53.93 -11.63
C LEU C 912 -68.63 -52.68 -12.48
N GLU C 913 -69.89 -52.39 -12.79
CA GLU C 913 -70.24 -51.26 -13.65
C GLU C 913 -69.79 -49.94 -13.06
N SER C 914 -70.15 -49.67 -11.81
CA SER C 914 -69.85 -48.40 -11.17
C SER C 914 -69.11 -48.67 -9.86
N LEU C 915 -67.79 -48.87 -9.98
CA LEU C 915 -66.90 -48.93 -8.83
C LEU C 915 -65.60 -48.20 -9.12
N GLY C 916 -65.67 -47.13 -9.90
CA GLY C 916 -64.49 -46.59 -10.53
C GLY C 916 -64.04 -47.39 -11.72
N GLU C 917 -64.82 -48.38 -12.13
CA GLU C 917 -64.51 -49.26 -13.26
C GLU C 917 -65.60 -49.09 -14.31
N TYR C 918 -65.95 -47.84 -14.60
CA TYR C 918 -66.98 -47.55 -15.59
C TYR C 918 -66.52 -47.93 -16.99
N ALA C 919 -65.22 -47.87 -17.25
CA ALA C 919 -64.67 -48.31 -18.53
C ALA C 919 -64.95 -49.79 -18.76
N LYS C 920 -64.98 -50.59 -17.69
CA LYS C 920 -65.35 -52.00 -17.81
C LYS C 920 -66.77 -52.16 -18.37
N ALA C 921 -67.72 -51.45 -17.78
CA ALA C 921 -69.10 -51.59 -18.26
C ALA C 921 -69.28 -50.97 -19.64
N LEU C 922 -68.64 -49.82 -19.91
CA LEU C 922 -68.64 -49.27 -21.27
C LEU C 922 -68.08 -50.24 -22.30
N ASP C 923 -67.05 -51.01 -21.93
CA ASP C 923 -66.54 -52.05 -22.82
C ASP C 923 -67.55 -53.17 -23.00
N CYS C 924 -68.14 -53.64 -21.90
CA CYS C 924 -68.97 -54.83 -21.92
C CYS C 924 -70.45 -54.51 -22.11
N TYR C 925 -70.77 -53.33 -22.64
CA TYR C 925 -72.14 -52.96 -22.97
C TYR C 925 -72.33 -52.67 -24.45
N ARG C 926 -71.42 -51.90 -25.05
CA ARG C 926 -71.56 -51.55 -26.46
C ARG C 926 -71.38 -52.78 -27.35
N LYS C 927 -70.44 -53.65 -27.00
CA LYS C 927 -70.34 -54.95 -27.65
C LYS C 927 -71.56 -55.80 -27.34
N ALA C 928 -72.09 -55.69 -26.13
CA ALA C 928 -73.31 -56.39 -25.74
C ALA C 928 -74.57 -55.72 -26.27
N GLY C 929 -74.48 -54.47 -26.70
CA GLY C 929 -75.59 -53.77 -27.30
C GLY C 929 -76.47 -52.96 -26.36
N ASP C 930 -76.19 -52.97 -25.05
CA ASP C 930 -77.02 -52.25 -24.08
C ASP C 930 -76.10 -51.35 -23.24
N SER C 931 -75.81 -50.17 -23.76
CA SER C 931 -75.08 -49.14 -23.02
C SER C 931 -76.02 -48.08 -22.46
N LEU C 932 -77.33 -48.37 -22.44
CA LEU C 932 -78.30 -47.42 -21.92
C LEU C 932 -78.08 -47.16 -20.44
N SER C 933 -77.75 -48.20 -19.66
CA SER C 933 -77.64 -48.06 -18.21
C SER C 933 -76.54 -47.08 -17.82
N MET C 934 -75.42 -47.09 -18.54
CA MET C 934 -74.42 -46.07 -18.26
C MET C 934 -74.86 -44.68 -18.70
N VAL C 935 -75.79 -44.58 -19.65
CA VAL C 935 -76.34 -43.26 -19.92
C VAL C 935 -77.20 -42.80 -18.74
N ARG C 936 -78.05 -43.70 -18.21
CA ARG C 936 -78.82 -43.40 -17.01
C ARG C 936 -77.93 -43.03 -15.83
N ILE C 937 -76.75 -43.63 -15.72
CA ILE C 937 -75.90 -43.36 -14.57
C ILE C 937 -75.03 -42.13 -14.78
N HIS C 938 -74.30 -42.05 -15.90
CA HIS C 938 -73.33 -40.99 -16.12
C HIS C 938 -73.71 -40.03 -17.23
N CYS C 939 -74.41 -40.47 -18.26
CA CYS C 939 -74.78 -39.54 -19.33
C CYS C 939 -76.14 -38.90 -19.10
N PHE C 940 -76.83 -39.24 -18.01
CA PHE C 940 -77.82 -38.32 -17.47
C PHE C 940 -77.17 -37.13 -16.77
N GLN C 941 -75.87 -37.24 -16.47
CA GLN C 941 -75.13 -36.18 -15.80
C GLN C 941 -74.54 -35.18 -16.79
N ARG C 942 -75.22 -35.00 -17.92
CA ARG C 942 -74.87 -34.04 -18.96
C ARG C 942 -73.52 -34.37 -19.58
N ASP C 943 -73.32 -35.65 -19.88
CA ASP C 943 -72.24 -36.05 -20.77
C ASP C 943 -72.63 -35.63 -22.17
N TRP C 944 -72.40 -34.35 -22.48
CA TRP C 944 -73.02 -33.69 -23.62
C TRP C 944 -72.66 -34.37 -24.93
N LYS C 945 -71.40 -34.74 -25.09
CA LYS C 945 -70.93 -35.44 -26.27
C LYS C 945 -70.60 -36.88 -25.89
N ALA C 946 -70.40 -37.71 -26.91
CA ALA C 946 -69.91 -39.07 -26.72
C ALA C 946 -68.82 -39.37 -27.76
N ALA C 947 -67.86 -38.44 -27.87
CA ALA C 947 -66.61 -38.61 -28.61
C ALA C 947 -66.85 -38.89 -30.11
N GLU C 948 -67.39 -37.87 -30.77
CA GLU C 948 -67.55 -37.91 -32.22
C GLU C 948 -66.19 -37.93 -32.91
N ASP C 949 -66.10 -38.68 -34.01
CA ASP C 949 -64.82 -39.00 -34.64
C ASP C 949 -64.79 -38.54 -36.11
N GLU C 950 -63.71 -38.91 -36.79
CA GLU C 950 -63.45 -38.51 -38.18
C GLU C 950 -62.66 -39.62 -38.86
N VAL C 951 -62.04 -39.26 -40.00
CA VAL C 951 -61.40 -40.25 -40.87
C VAL C 951 -60.21 -40.90 -40.16
N THR C 952 -60.19 -42.24 -40.18
CA THR C 952 -59.05 -43.02 -39.70
C THR C 952 -58.36 -43.75 -40.84
N ASN C 953 -59.09 -44.57 -41.59
CA ASN C 953 -58.59 -45.18 -42.81
C ASN C 953 -59.25 -44.57 -44.05
N SER C 954 -60.57 -44.61 -44.11
CA SER C 954 -61.32 -43.84 -45.09
C SER C 954 -62.35 -42.92 -44.44
N ALA C 955 -63.05 -43.41 -43.42
CA ALA C 955 -63.90 -42.62 -42.52
C ALA C 955 -64.34 -43.50 -41.37
N ASP C 956 -64.43 -42.89 -40.18
CA ASP C 956 -64.99 -43.54 -39.01
C ASP C 956 -65.66 -42.49 -38.16
N ASN C 957 -66.61 -42.91 -37.32
CA ASN C 957 -67.36 -41.95 -36.53
C ASN C 957 -67.97 -42.63 -35.31
N ALA C 958 -68.26 -41.79 -34.30
CA ALA C 958 -69.04 -42.16 -33.13
C ALA C 958 -69.97 -41.00 -32.81
N ALA C 959 -70.88 -41.21 -31.86
CA ALA C 959 -71.91 -40.21 -31.65
C ALA C 959 -72.43 -40.21 -30.22
N SER C 960 -72.90 -39.04 -29.80
CA SER C 960 -73.85 -38.86 -28.72
C SER C 960 -75.28 -39.21 -29.11
N PHE C 961 -75.47 -39.86 -30.26
CA PHE C 961 -76.81 -40.20 -30.68
C PHE C 961 -77.39 -41.36 -29.88
N HIS C 962 -76.55 -42.27 -29.37
CA HIS C 962 -77.06 -43.28 -28.43
C HIS C 962 -77.73 -42.59 -27.25
N LEU C 963 -77.02 -41.64 -26.65
CA LEU C 963 -77.58 -40.73 -25.66
C LEU C 963 -78.84 -40.05 -26.18
N ALA C 964 -78.80 -39.55 -27.43
CA ALA C 964 -79.93 -38.81 -27.99
C ALA C 964 -81.17 -39.69 -28.11
N ARG C 965 -81.14 -40.71 -28.98
CA ARG C 965 -82.29 -41.58 -29.19
C ARG C 965 -82.74 -42.26 -27.90
N GLN C 966 -81.82 -42.50 -26.97
CA GLN C 966 -82.20 -42.98 -25.66
C GLN C 966 -83.07 -41.96 -24.94
N TYR C 967 -82.68 -40.69 -25.01
CA TYR C 967 -83.48 -39.62 -24.42
C TYR C 967 -84.80 -39.47 -25.13
N GLU C 968 -84.77 -39.56 -26.46
CA GLU C 968 -85.96 -39.39 -27.29
C GLU C 968 -86.96 -40.51 -27.05
N ALA C 969 -86.48 -41.73 -26.83
CA ALA C 969 -87.37 -42.82 -26.46
C ALA C 969 -87.81 -42.71 -25.00
N SER C 970 -86.91 -42.26 -24.12
CA SER C 970 -87.21 -42.13 -22.70
C SER C 970 -87.63 -40.70 -22.34
N GLY C 971 -88.24 -39.98 -23.27
CA GLY C 971 -88.90 -38.74 -22.93
C GLY C 971 -88.16 -37.46 -23.30
N ARG C 972 -86.84 -37.44 -23.11
CA ARG C 972 -86.08 -36.20 -23.29
C ARG C 972 -85.78 -36.00 -24.78
N ILE C 973 -86.85 -35.86 -25.55
CA ILE C 973 -86.77 -35.68 -26.99
C ILE C 973 -86.03 -34.39 -27.37
N PRO C 974 -86.37 -33.19 -26.85
CA PRO C 974 -85.56 -32.02 -27.23
C PRO C 974 -84.12 -32.10 -26.79
N GLU C 975 -83.86 -32.81 -25.69
CA GLU C 975 -82.49 -33.11 -25.32
C GLU C 975 -81.82 -33.95 -26.39
N ALA C 976 -82.54 -34.93 -26.93
CA ALA C 976 -82.02 -35.69 -28.07
C ALA C 976 -81.74 -34.80 -29.25
N ILE C 977 -82.63 -33.83 -29.51
CA ILE C 977 -82.45 -32.97 -30.68
C ILE C 977 -81.18 -32.15 -30.51
N ARG C 978 -80.98 -31.55 -29.34
CA ARG C 978 -79.73 -30.85 -29.07
C ARG C 978 -78.55 -31.79 -29.16
N TYR C 979 -78.72 -33.03 -28.68
CA TYR C 979 -77.65 -34.01 -28.77
C TYR C 979 -77.34 -34.40 -30.21
N TYR C 980 -78.23 -34.10 -31.15
CA TYR C 980 -77.85 -34.26 -32.56
C TYR C 980 -76.76 -33.30 -32.95
N THR C 981 -76.86 -32.04 -32.51
CA THR C 981 -75.72 -31.13 -32.61
C THR C 981 -74.55 -31.65 -31.80
N LEU C 982 -74.84 -32.14 -30.62
CA LEU C 982 -73.84 -32.66 -29.70
C LEU C 982 -73.40 -34.07 -30.04
N ALA C 983 -74.01 -34.69 -31.06
CA ALA C 983 -73.42 -35.79 -31.78
C ALA C 983 -73.00 -35.39 -33.19
N LYS C 984 -73.14 -34.10 -33.54
CA LYS C 984 -72.86 -33.58 -34.88
C LYS C 984 -73.63 -34.36 -35.95
N ARG C 985 -74.90 -34.64 -35.65
CA ARG C 985 -75.71 -35.50 -36.50
C ARG C 985 -76.10 -34.77 -37.77
N TYR C 986 -75.33 -34.98 -38.84
CA TYR C 986 -75.74 -34.46 -40.13
C TYR C 986 -76.96 -35.18 -40.70
N SER C 987 -77.41 -36.26 -40.05
CA SER C 987 -78.62 -36.96 -40.44
C SER C 987 -79.76 -36.76 -39.45
N HIS C 988 -79.52 -37.00 -38.16
CA HIS C 988 -80.60 -36.82 -37.18
C HIS C 988 -80.81 -35.35 -36.84
N GLY C 989 -79.74 -34.55 -36.86
CA GLY C 989 -79.94 -33.12 -36.93
C GLY C 989 -80.57 -32.64 -38.21
N VAL C 990 -80.63 -33.48 -39.23
CA VAL C 990 -81.51 -33.24 -40.36
C VAL C 990 -82.85 -33.93 -40.12
N ARG C 991 -82.85 -35.26 -40.01
CA ARG C 991 -84.13 -35.97 -40.05
C ARG C 991 -84.88 -35.88 -38.72
N LEU C 992 -84.26 -36.30 -37.63
CA LEU C 992 -84.97 -36.30 -36.36
C LEU C 992 -84.95 -34.92 -35.69
N ALA C 993 -84.20 -33.97 -36.23
CA ALA C 993 -84.39 -32.56 -35.94
C ALA C 993 -85.28 -31.87 -36.97
N LYS C 994 -85.78 -32.63 -37.95
CA LYS C 994 -86.88 -32.21 -38.78
C LYS C 994 -88.21 -32.70 -38.24
N THR C 995 -88.22 -33.89 -37.64
CA THR C 995 -89.40 -34.36 -36.90
C THR C 995 -89.70 -33.44 -35.73
N HIS C 996 -88.70 -33.19 -34.90
CA HIS C 996 -88.79 -32.22 -33.81
C HIS C 996 -87.88 -31.07 -34.22
N GLU C 997 -88.46 -30.03 -34.79
CA GLU C 997 -87.71 -28.99 -35.48
C GLU C 997 -86.91 -28.18 -34.48
N LEU C 998 -85.58 -28.30 -34.55
CA LEU C 998 -84.67 -27.43 -33.84
C LEU C 998 -83.62 -26.98 -34.85
N ASP C 999 -83.73 -25.72 -35.28
CA ASP C 999 -82.84 -25.20 -36.31
C ASP C 999 -81.42 -24.95 -35.80
N SER C 1000 -81.24 -24.83 -34.48
CA SER C 1000 -79.91 -24.89 -33.89
C SER C 1000 -79.26 -26.25 -34.12
N ASP C 1001 -80.07 -27.25 -34.46
CA ASP C 1001 -79.61 -28.55 -34.90
C ASP C 1001 -79.84 -28.77 -36.38
N LEU C 1002 -80.97 -28.28 -36.91
CA LEU C 1002 -81.21 -28.42 -38.34
C LEU C 1002 -80.16 -27.67 -39.16
N MET C 1003 -80.16 -26.34 -39.09
CA MET C 1003 -79.24 -25.56 -39.91
C MET C 1003 -77.77 -25.77 -39.54
N ASN C 1004 -77.47 -25.95 -38.26
CA ASN C 1004 -76.10 -26.27 -37.87
C ASN C 1004 -75.67 -27.62 -38.45
N LEU C 1005 -76.62 -28.54 -38.61
CA LEU C 1005 -76.33 -29.81 -39.26
C LEU C 1005 -76.92 -29.89 -40.66
N ALA C 1006 -77.27 -28.74 -41.24
CA ALA C 1006 -77.63 -28.67 -42.65
C ALA C 1006 -76.88 -27.57 -43.38
N LEU C 1007 -76.04 -26.79 -42.70
CA LEU C 1007 -75.19 -25.83 -43.40
C LEU C 1007 -74.20 -26.55 -44.32
N LYS C 1008 -73.54 -27.58 -43.78
CA LYS C 1008 -72.61 -28.38 -44.61
C LYS C 1008 -72.90 -29.87 -44.35
N SER C 1009 -73.96 -30.41 -44.97
CA SER C 1009 -74.34 -31.83 -44.75
C SER C 1009 -74.36 -32.57 -46.08
N THR C 1010 -74.26 -33.90 -46.03
CA THR C 1010 -74.17 -34.74 -47.26
C THR C 1010 -75.38 -34.46 -48.17
N PRO C 1011 -75.23 -34.50 -49.51
CA PRO C 1011 -76.33 -34.18 -50.42
C PRO C 1011 -77.61 -34.96 -50.06
N ALA C 1012 -77.45 -36.20 -49.59
CA ALA C 1012 -78.62 -37.03 -49.22
C ALA C 1012 -79.46 -36.29 -48.18
N VAL C 1013 -78.83 -35.78 -47.12
CA VAL C 1013 -79.55 -35.00 -46.07
C VAL C 1013 -79.61 -33.54 -46.54
N MET C 1014 -78.65 -33.12 -47.38
CA MET C 1014 -78.66 -31.74 -47.92
C MET C 1014 -80.01 -31.53 -48.59
N ILE C 1015 -80.34 -32.36 -49.58
CA ILE C 1015 -81.65 -32.28 -50.21
C ILE C 1015 -82.76 -32.55 -49.21
N ASP C 1016 -82.53 -33.45 -48.23
CA ASP C 1016 -83.59 -33.82 -47.30
C ASP C 1016 -83.99 -32.68 -46.39
N THR C 1017 -83.10 -31.72 -46.17
CA THR C 1017 -83.54 -30.47 -45.57
C THR C 1017 -83.95 -29.46 -46.64
N ALA C 1018 -83.43 -29.61 -47.87
CA ALA C 1018 -83.93 -28.78 -48.96
C ALA C 1018 -85.39 -29.10 -49.27
N ASP C 1019 -85.71 -30.38 -49.48
CA ASP C 1019 -87.11 -30.74 -49.76
C ASP C 1019 -88.00 -30.56 -48.55
N TYR C 1020 -87.43 -30.68 -47.35
CA TYR C 1020 -88.15 -30.32 -46.14
C TYR C 1020 -88.48 -28.83 -46.14
N LEU C 1021 -87.56 -28.00 -46.64
CA LEU C 1021 -87.74 -26.55 -46.60
C LEU C 1021 -87.84 -26.00 -48.02
N PHE C 1022 -89.04 -26.10 -48.59
CA PHE C 1022 -89.56 -25.30 -49.68
C PHE C 1022 -90.87 -24.63 -49.32
N ALA C 1023 -91.77 -25.33 -48.65
CA ALA C 1023 -93.14 -24.88 -48.46
C ALA C 1023 -93.27 -23.79 -47.41
N LYS C 1024 -92.23 -23.53 -46.64
CA LYS C 1024 -92.26 -22.45 -45.66
C LYS C 1024 -91.94 -21.09 -46.27
N GLY C 1025 -91.85 -21.00 -47.60
CA GLY C 1025 -91.40 -19.78 -48.24
C GLY C 1025 -89.94 -19.54 -47.98
N GLN C 1026 -89.14 -20.60 -48.09
CA GLN C 1026 -87.72 -20.57 -47.74
C GLN C 1026 -86.89 -20.91 -48.97
N HIS C 1027 -86.61 -19.88 -49.78
CA HIS C 1027 -85.69 -20.08 -50.93
C HIS C 1027 -84.26 -20.07 -50.35
N GLU C 1028 -84.04 -19.25 -49.32
CA GLU C 1028 -82.72 -19.23 -48.66
C GLU C 1028 -82.44 -20.64 -48.13
N LYS C 1029 -83.34 -21.17 -47.29
CA LYS C 1029 -83.17 -22.53 -46.72
C LYS C 1029 -82.91 -23.50 -47.88
N ALA C 1030 -83.74 -23.46 -48.92
CA ALA C 1030 -83.58 -24.37 -50.04
C ALA C 1030 -82.24 -24.17 -50.74
N ALA C 1031 -81.80 -22.91 -50.88
CA ALA C 1031 -80.49 -22.63 -51.44
C ALA C 1031 -79.38 -23.00 -50.47
N THR C 1032 -79.64 -22.76 -49.17
CA THR C 1032 -78.66 -23.14 -48.13
C THR C 1032 -78.68 -24.67 -47.99
N LEU C 1033 -79.65 -25.33 -48.63
CA LEU C 1033 -79.71 -26.81 -48.60
C LEU C 1033 -79.51 -27.34 -50.03
N TYR C 1034 -79.20 -26.46 -50.97
CA TYR C 1034 -78.89 -26.89 -52.36
C TYR C 1034 -77.52 -26.33 -52.72
N MET C 1035 -76.54 -26.55 -51.85
CA MET C 1035 -75.19 -26.06 -52.10
C MET C 1035 -74.30 -27.19 -52.58
N LYS C 1036 -74.52 -28.39 -52.06
CA LYS C 1036 -74.02 -29.63 -52.65
C LYS C 1036 -75.17 -30.54 -53.06
N GLY C 1037 -76.40 -30.02 -53.04
CA GLY C 1037 -77.60 -30.77 -53.32
C GLY C 1037 -77.97 -30.92 -54.77
N GLY C 1038 -77.14 -30.43 -55.69
CA GLY C 1038 -77.38 -30.61 -57.10
C GLY C 1038 -77.98 -29.38 -57.76
N LYS C 1039 -78.96 -28.76 -57.10
CA LYS C 1039 -79.49 -27.48 -57.57
C LYS C 1039 -78.43 -26.42 -57.29
N LEU C 1040 -77.78 -25.95 -58.35
CA LEU C 1040 -76.75 -24.94 -58.21
C LEU C 1040 -77.02 -23.70 -59.06
N SER C 1041 -77.26 -23.87 -60.35
CA SER C 1041 -77.53 -22.72 -61.21
C SER C 1041 -78.93 -22.18 -60.98
N LYS C 1042 -79.91 -23.07 -60.84
CA LYS C 1042 -81.21 -22.67 -60.33
C LYS C 1042 -81.06 -22.10 -58.93
N ALA C 1043 -80.13 -22.65 -58.15
CA ALA C 1043 -79.86 -22.10 -56.83
C ALA C 1043 -79.17 -20.74 -56.91
N VAL C 1044 -78.46 -20.47 -58.00
CA VAL C 1044 -78.05 -19.10 -58.27
C VAL C 1044 -79.28 -18.23 -58.51
N GLU C 1045 -80.22 -18.74 -59.31
CA GLU C 1045 -81.42 -17.98 -59.60
C GLU C 1045 -82.26 -17.73 -58.35
N MET C 1046 -82.38 -18.77 -57.50
CA MET C 1046 -83.19 -18.63 -56.27
C MET C 1046 -82.44 -17.74 -55.29
N CYS C 1047 -81.10 -17.84 -55.26
CA CYS C 1047 -80.31 -16.92 -54.40
C CYS C 1047 -80.52 -15.50 -54.92
N PHE C 1048 -80.79 -15.35 -56.22
CA PHE C 1048 -81.06 -14.02 -56.76
C PHE C 1048 -82.43 -13.53 -56.29
N GLN C 1049 -83.36 -14.46 -56.03
CA GLN C 1049 -84.62 -14.11 -55.41
C GLN C 1049 -84.44 -13.75 -53.94
N ALA C 1050 -83.67 -14.57 -53.22
CA ALA C 1050 -83.52 -14.43 -51.78
C ALA C 1050 -82.33 -13.54 -51.38
N GLN C 1051 -81.62 -12.98 -52.35
CA GLN C 1051 -80.48 -12.08 -52.14
C GLN C 1051 -79.40 -12.73 -51.28
N LEU C 1052 -79.14 -14.02 -51.54
CA LEU C 1052 -78.07 -14.75 -50.86
C LEU C 1052 -76.82 -14.72 -51.73
N PHE C 1053 -75.68 -14.42 -51.12
CA PHE C 1053 -74.41 -14.49 -51.80
C PHE C 1053 -73.36 -15.30 -51.05
N ASP C 1054 -73.42 -15.36 -49.71
CA ASP C 1054 -72.60 -16.31 -48.97
C ASP C 1054 -73.16 -17.72 -49.09
N VAL C 1055 -74.48 -17.86 -48.98
CA VAL C 1055 -75.13 -19.11 -49.35
C VAL C 1055 -74.86 -19.40 -50.82
N LEU C 1056 -74.92 -18.37 -51.65
CA LEU C 1056 -74.56 -18.55 -53.05
C LEU C 1056 -73.06 -18.75 -53.21
N GLN C 1057 -72.25 -18.25 -52.27
CA GLN C 1057 -70.83 -18.58 -52.28
C GLN C 1057 -70.62 -20.07 -52.12
N HIS C 1058 -71.32 -20.70 -51.17
CA HIS C 1058 -71.12 -22.12 -51.02
C HIS C 1058 -71.91 -22.94 -52.06
N ILE C 1059 -72.86 -22.33 -52.75
CA ILE C 1059 -73.47 -22.95 -53.93
C ILE C 1059 -72.50 -23.00 -55.09
N THR C 1060 -71.94 -21.83 -55.42
CA THR C 1060 -70.94 -21.67 -56.45
C THR C 1060 -69.54 -22.03 -55.97
N ASP C 1061 -69.44 -22.69 -54.81
CA ASP C 1061 -68.21 -23.38 -54.47
C ASP C 1061 -67.90 -24.47 -55.48
N ASP C 1062 -68.93 -25.16 -55.97
CA ASP C 1062 -68.73 -26.22 -56.94
C ASP C 1062 -68.37 -25.65 -58.30
N MET C 1063 -69.26 -24.86 -58.88
CA MET C 1063 -69.13 -24.19 -60.17
C MET C 1063 -68.45 -22.84 -59.97
N THR C 1064 -68.53 -21.93 -60.98
CA THR C 1064 -67.87 -20.62 -61.03
C THR C 1064 -67.98 -19.83 -59.73
N PRO C 1065 -66.87 -19.68 -58.98
CA PRO C 1065 -66.91 -19.06 -57.65
C PRO C 1065 -66.84 -17.53 -57.67
N GLU C 1066 -67.65 -16.92 -58.54
CA GLU C 1066 -67.83 -15.48 -58.54
C GLU C 1066 -68.99 -15.05 -57.65
N LYS C 1067 -69.25 -15.81 -56.58
CA LYS C 1067 -70.36 -15.63 -55.65
C LYS C 1067 -71.71 -15.73 -56.36
N SER C 1068 -71.72 -16.38 -57.52
CA SER C 1068 -72.81 -16.30 -58.48
C SER C 1068 -72.54 -17.19 -59.68
N ASP C 1069 -73.49 -17.26 -60.58
CA ASP C 1069 -73.28 -17.75 -61.92
C ASP C 1069 -73.22 -16.59 -62.89
N PRO C 1070 -72.64 -16.79 -64.08
CA PRO C 1070 -72.69 -15.73 -65.10
C PRO C 1070 -74.10 -15.39 -65.55
N ASN C 1071 -75.08 -16.26 -65.34
CA ASN C 1071 -76.47 -15.90 -65.64
C ASN C 1071 -76.94 -14.77 -64.74
N LEU C 1072 -76.61 -14.84 -63.45
CA LEU C 1072 -77.00 -13.77 -62.52
C LEU C 1072 -76.30 -12.46 -62.86
N TYR C 1073 -75.00 -12.52 -63.16
CA TYR C 1073 -74.26 -11.30 -63.47
C TYR C 1073 -74.71 -10.71 -64.81
N ASN C 1074 -75.01 -11.56 -65.78
CA ASN C 1074 -75.51 -11.05 -67.06
C ASN C 1074 -76.93 -10.50 -66.92
N LYS C 1075 -77.75 -11.09 -66.04
CA LYS C 1075 -79.04 -10.50 -65.71
C LYS C 1075 -78.86 -9.12 -65.09
N CYS C 1076 -77.89 -9.00 -64.17
CA CYS C 1076 -77.57 -7.69 -63.59
C CYS C 1076 -77.11 -6.72 -64.64
N ALA C 1077 -76.31 -7.18 -65.61
CA ALA C 1077 -75.87 -6.34 -66.72
C ALA C 1077 -77.04 -5.85 -67.54
N GLU C 1078 -78.00 -6.74 -67.83
CA GLU C 1078 -79.19 -6.38 -68.57
C GLU C 1078 -80.01 -5.34 -67.81
N PHE C 1079 -80.12 -5.50 -66.49
CA PHE C 1079 -80.81 -4.48 -65.69
C PHE C 1079 -80.08 -3.15 -65.75
N PHE C 1080 -78.76 -3.15 -65.50
CA PHE C 1080 -78.00 -1.90 -65.40
C PHE C 1080 -77.96 -1.16 -66.73
N MET C 1081 -77.98 -1.89 -67.85
CA MET C 1081 -78.15 -1.23 -69.14
C MET C 1081 -79.60 -0.79 -69.35
N GLY C 1082 -80.56 -1.50 -68.76
CA GLY C 1082 -81.94 -1.04 -68.79
C GLY C 1082 -82.14 0.24 -67.98
N PHE C 1083 -81.52 0.32 -66.79
CA PHE C 1083 -81.59 1.55 -66.02
C PHE C 1083 -80.82 2.68 -66.68
N GLY C 1084 -79.77 2.37 -67.44
CA GLY C 1084 -78.89 3.39 -67.96
C GLY C 1084 -77.87 3.90 -66.96
N HIS C 1085 -77.85 3.36 -65.75
CA HIS C 1085 -76.87 3.74 -64.74
C HIS C 1085 -75.47 3.36 -65.19
N ASN C 1086 -74.52 4.22 -64.88
CA ASN C 1086 -73.15 4.09 -65.38
C ASN C 1086 -72.25 3.31 -64.43
N ASP C 1087 -72.08 3.81 -63.19
CA ASP C 1087 -70.96 3.38 -62.36
C ASP C 1087 -71.10 1.94 -61.88
N LYS C 1088 -72.30 1.57 -61.39
CA LYS C 1088 -72.50 0.20 -60.96
C LYS C 1088 -72.47 -0.76 -62.15
N ALA C 1089 -72.99 -0.33 -63.30
CA ALA C 1089 -72.87 -1.12 -64.51
C ALA C 1089 -71.40 -1.38 -64.84
N VAL C 1090 -70.60 -0.31 -64.86
CA VAL C 1090 -69.18 -0.44 -65.19
C VAL C 1090 -68.46 -1.35 -64.20
N LYS C 1091 -68.72 -1.16 -62.90
CA LYS C 1091 -68.05 -1.98 -61.89
C LYS C 1091 -68.44 -3.44 -62.01
N MET C 1092 -69.74 -3.73 -62.21
CA MET C 1092 -70.18 -5.12 -62.23
C MET C 1092 -69.70 -5.80 -63.49
N LEU C 1093 -69.78 -5.13 -64.65
CA LEU C 1093 -69.26 -5.71 -65.89
C LEU C 1093 -67.76 -5.92 -65.82
N ILE C 1094 -67.04 -5.05 -65.10
CA ILE C 1094 -65.64 -5.29 -64.82
C ILE C 1094 -65.48 -6.54 -63.96
N ALA C 1095 -66.34 -6.68 -62.95
CA ALA C 1095 -66.31 -7.88 -62.11
C ALA C 1095 -66.79 -9.11 -62.86
N ALA C 1096 -67.74 -8.94 -63.79
CA ALA C 1096 -68.22 -10.04 -64.61
C ALA C 1096 -67.46 -10.15 -65.93
N GLN C 1097 -66.33 -9.46 -66.04
CA GLN C 1097 -65.42 -9.53 -67.20
C GLN C 1097 -66.12 -9.12 -68.49
N GLN C 1098 -66.74 -7.95 -68.47
CA GLN C 1098 -67.47 -7.40 -69.61
C GLN C 1098 -67.09 -5.93 -69.80
N TYR C 1099 -65.79 -5.66 -69.86
CA TYR C 1099 -65.26 -4.30 -69.99
C TYR C 1099 -65.77 -3.59 -71.23
N GLY C 1100 -66.06 -4.35 -72.30
CA GLY C 1100 -66.56 -3.73 -73.52
C GLY C 1100 -67.93 -3.12 -73.34
N ARG C 1101 -68.79 -3.77 -72.56
CA ARG C 1101 -70.10 -3.19 -72.27
C ARG C 1101 -69.98 -1.97 -71.37
N ALA C 1102 -69.00 -1.95 -70.48
CA ALA C 1102 -68.74 -0.77 -69.66
C ALA C 1102 -68.08 0.34 -70.45
N LEU C 1103 -67.50 0.03 -71.61
CA LEU C 1103 -66.82 1.02 -72.42
C LEU C 1103 -67.81 1.99 -73.06
N GLU C 1104 -68.94 1.48 -73.55
CA GLU C 1104 -69.91 2.31 -74.25
C GLU C 1104 -70.71 3.21 -73.32
N LEU C 1105 -70.45 3.15 -72.02
CA LEU C 1105 -71.19 3.91 -71.03
C LEU C 1105 -70.28 4.83 -70.23
N CYS C 1106 -68.98 4.79 -70.49
CA CYS C 1106 -67.98 5.40 -69.61
C CYS C 1106 -67.59 6.82 -70.03
N VAL C 1107 -67.03 6.98 -71.23
CA VAL C 1107 -66.43 8.25 -71.61
C VAL C 1107 -67.42 9.19 -72.30
N GLU C 1108 -68.48 8.65 -72.90
CA GLU C 1108 -69.52 9.46 -73.53
C GLU C 1108 -70.65 9.78 -72.57
N HIS C 1109 -70.51 9.40 -71.32
CA HIS C 1109 -71.52 9.68 -70.29
C HIS C 1109 -71.46 11.13 -69.82
N ASP C 1110 -70.46 11.89 -70.28
CA ASP C 1110 -70.25 13.29 -69.90
C ASP C 1110 -70.15 13.47 -68.40
N VAL C 1111 -69.39 12.57 -67.77
CA VAL C 1111 -69.13 12.59 -66.35
C VAL C 1111 -67.62 12.65 -66.13
N SER C 1112 -67.22 12.72 -64.88
CA SER C 1112 -65.81 12.62 -64.54
C SER C 1112 -65.31 11.22 -64.84
N ILE C 1113 -64.16 11.14 -65.50
CA ILE C 1113 -63.59 9.89 -65.97
C ILE C 1113 -62.20 9.71 -65.36
N THR C 1114 -61.96 8.53 -64.79
CA THR C 1114 -60.72 8.26 -64.08
C THR C 1114 -59.79 7.45 -64.97
N GLU C 1115 -58.70 6.94 -64.40
CA GLU C 1115 -57.67 6.27 -65.18
C GLU C 1115 -58.17 4.96 -65.75
N GLU C 1116 -58.79 4.11 -64.92
CA GLU C 1116 -59.43 2.91 -65.47
C GLU C 1116 -60.65 3.27 -66.29
N MET C 1117 -61.47 4.18 -65.76
CA MET C 1117 -62.80 4.49 -66.28
C MET C 1117 -62.76 5.03 -67.70
N ALA C 1118 -61.61 5.58 -68.11
CA ALA C 1118 -61.43 6.07 -69.47
C ALA C 1118 -60.12 5.62 -70.11
N ASP C 1119 -59.34 4.76 -69.45
CA ASP C 1119 -58.03 4.39 -70.04
C ASP C 1119 -57.87 2.86 -70.07
N SER C 1120 -58.47 2.15 -69.11
CA SER C 1120 -58.27 0.71 -69.09
C SER C 1120 -58.99 0.04 -70.24
N MET C 1121 -60.31 0.20 -70.32
CA MET C 1121 -61.08 -0.28 -71.45
C MET C 1121 -61.16 0.76 -72.56
N THR C 1122 -61.50 2.00 -72.22
CA THR C 1122 -61.61 3.10 -73.17
C THR C 1122 -60.21 3.52 -73.64
N PRO C 1123 -60.01 3.72 -74.94
CA PRO C 1123 -58.68 4.13 -75.41
C PRO C 1123 -58.29 5.54 -75.04
N ASP C 1124 -59.25 6.45 -74.87
CA ASP C 1124 -58.97 7.87 -74.72
C ASP C 1124 -59.46 8.39 -73.38
N LYS C 1125 -58.57 9.13 -72.70
CA LYS C 1125 -58.93 9.92 -71.53
C LYS C 1125 -59.62 11.23 -71.90
N ASN C 1126 -59.79 11.48 -73.19
CA ASN C 1126 -60.38 12.72 -73.70
C ASN C 1126 -61.88 12.52 -73.89
N ALA C 1127 -62.67 12.93 -72.89
CA ALA C 1127 -64.11 12.97 -73.05
C ALA C 1127 -64.58 14.11 -73.92
N ALA C 1128 -63.69 15.02 -74.28
CA ALA C 1128 -64.03 16.16 -75.12
C ALA C 1128 -63.82 15.77 -76.58
N VAL C 1129 -64.92 15.68 -77.33
CA VAL C 1129 -64.89 15.38 -78.75
C VAL C 1129 -65.37 16.53 -79.60
N SER C 1130 -65.87 17.60 -78.99
CA SER C 1130 -66.34 18.78 -79.72
C SER C 1130 -65.84 20.04 -79.02
N ALA C 1131 -65.47 21.04 -79.83
CA ALA C 1131 -64.99 22.30 -79.29
C ALA C 1131 -66.06 23.05 -78.51
N ASP C 1132 -67.31 23.02 -78.99
CA ASP C 1132 -68.41 23.53 -78.18
C ASP C 1132 -68.60 22.70 -76.93
N GLU C 1133 -68.47 21.38 -77.04
CA GLU C 1133 -68.49 20.53 -75.85
C GLU C 1133 -67.29 20.83 -74.96
N ARG C 1134 -66.13 21.08 -75.56
CA ARG C 1134 -64.94 21.51 -74.81
C ARG C 1134 -65.22 22.74 -73.98
N ASN C 1135 -65.87 23.74 -74.58
CA ASN C 1135 -66.05 25.03 -73.92
C ASN C 1135 -67.30 25.09 -73.05
N ASN C 1136 -68.23 24.14 -73.18
CA ASN C 1136 -69.38 24.14 -72.28
C ASN C 1136 -69.45 22.89 -71.41
N VAL C 1137 -69.56 21.69 -71.99
CA VAL C 1137 -69.84 20.51 -71.18
C VAL C 1137 -68.58 19.97 -70.54
N ILE C 1138 -67.51 19.84 -71.34
CA ILE C 1138 -66.23 19.44 -70.78
C ILE C 1138 -65.60 20.58 -70.00
N CYS C 1139 -65.97 21.83 -70.28
CA CYS C 1139 -65.60 22.92 -69.38
C CYS C 1139 -66.26 22.76 -68.02
N ARG C 1140 -67.54 22.35 -68.00
CA ARG C 1140 -68.20 22.07 -66.73
C ARG C 1140 -67.58 20.86 -66.05
N ILE C 1141 -67.15 19.87 -66.83
CA ILE C 1141 -66.44 18.71 -66.28
C ILE C 1141 -65.13 19.15 -65.63
N ALA C 1142 -64.41 20.06 -66.30
CA ALA C 1142 -63.18 20.62 -65.75
C ALA C 1142 -63.44 21.41 -64.48
N LYS C 1143 -64.50 22.21 -64.47
CA LYS C 1143 -64.84 23.00 -63.29
C LYS C 1143 -65.26 22.10 -62.13
N VAL C 1144 -65.97 21.02 -62.42
CA VAL C 1144 -66.34 20.04 -61.39
C VAL C 1144 -65.10 19.35 -60.84
N ALA C 1145 -64.18 18.94 -61.72
CA ALA C 1145 -62.98 18.25 -61.27
C ALA C 1145 -62.04 19.18 -60.52
N LYS C 1146 -62.04 20.48 -60.86
CA LYS C 1146 -61.39 21.47 -60.01
C LYS C 1146 -62.07 21.55 -58.65
N ARG C 1147 -63.41 21.58 -58.65
CA ARG C 1147 -64.17 21.54 -57.41
C ARG C 1147 -64.06 20.19 -56.71
N GLN C 1148 -63.70 19.14 -57.45
CA GLN C 1148 -63.40 17.86 -56.82
C GLN C 1148 -62.11 17.90 -56.00
N GLY C 1149 -61.27 18.90 -56.23
CA GLY C 1149 -59.95 18.95 -55.64
C GLY C 1149 -58.88 18.26 -56.47
N ASN C 1150 -59.28 17.55 -57.52
CA ASN C 1150 -58.31 16.92 -58.41
C ASN C 1150 -57.67 17.95 -59.33
N PHE C 1151 -56.43 17.68 -59.70
CA PHE C 1151 -55.67 18.56 -60.57
C PHE C 1151 -55.42 17.96 -61.94
N GLN C 1152 -55.46 16.63 -62.08
CA GLN C 1152 -55.13 15.98 -63.34
C GLN C 1152 -56.29 16.03 -64.33
N LEU C 1153 -57.43 15.46 -63.95
CA LEU C 1153 -58.62 15.49 -64.81
C LEU C 1153 -59.10 16.92 -65.02
N ALA C 1154 -59.01 17.74 -63.96
CA ALA C 1154 -59.42 19.13 -64.04
C ALA C 1154 -58.64 19.88 -65.11
N ALA C 1155 -57.31 19.96 -64.96
CA ALA C 1155 -56.50 20.65 -65.95
C ALA C 1155 -56.48 19.96 -67.30
N LYS C 1156 -56.72 18.64 -67.34
CA LYS C 1156 -56.84 17.94 -68.61
C LYS C 1156 -58.04 18.44 -69.40
N LYS C 1157 -59.19 18.58 -68.75
CA LYS C 1157 -60.35 19.13 -69.43
C LYS C 1157 -60.30 20.66 -69.53
N TYR C 1158 -59.46 21.30 -68.71
CA TYR C 1158 -59.24 22.74 -68.79
C TYR C 1158 -58.42 23.13 -70.01
N THR C 1159 -57.40 22.34 -70.34
CA THR C 1159 -56.73 22.49 -71.63
C THR C 1159 -57.66 22.21 -72.79
N GLN C 1160 -58.72 21.44 -72.55
CA GLN C 1160 -59.79 21.25 -73.53
C GLN C 1160 -60.89 22.31 -73.33
N ALA C 1161 -60.44 23.57 -73.43
CA ALA C 1161 -61.30 24.77 -73.40
C ALA C 1161 -62.14 24.84 -72.14
N GLY C 1162 -61.54 24.54 -70.99
CA GLY C 1162 -62.26 24.66 -69.74
C GLY C 1162 -62.27 26.04 -69.13
N ASP C 1163 -61.80 27.05 -69.88
CA ASP C 1163 -61.64 28.45 -69.48
C ASP C 1163 -60.51 28.62 -68.48
N LYS C 1164 -60.31 29.85 -68.00
CA LYS C 1164 -59.06 30.28 -67.38
C LYS C 1164 -59.40 31.10 -66.14
N VAL C 1165 -58.41 31.90 -65.71
CA VAL C 1165 -58.38 32.74 -64.49
C VAL C 1165 -58.92 32.00 -63.27
N LYS C 1166 -60.22 31.72 -63.23
CA LYS C 1166 -60.81 31.03 -62.09
C LYS C 1166 -60.61 29.52 -62.16
N ALA C 1167 -59.96 29.03 -63.22
CA ALA C 1167 -59.72 27.60 -63.38
C ALA C 1167 -58.74 27.06 -62.34
N MET C 1168 -57.77 27.87 -61.92
CA MET C 1168 -56.76 27.44 -60.96
C MET C 1168 -56.81 28.21 -59.64
N LYS C 1169 -57.77 29.10 -59.44
CA LYS C 1169 -57.86 29.76 -58.15
C LYS C 1169 -58.36 28.83 -57.05
N ALA C 1170 -59.05 27.75 -57.41
CA ALA C 1170 -59.47 26.74 -56.45
C ALA C 1170 -58.57 25.51 -56.44
N LEU C 1171 -57.49 25.50 -57.23
CA LEU C 1171 -56.61 24.34 -57.32
C LEU C 1171 -55.30 24.54 -56.56
N LEU C 1172 -55.23 25.52 -55.66
CA LEU C 1172 -54.00 25.75 -54.91
C LEU C 1172 -53.87 24.73 -53.77
N ARG C 1173 -54.75 24.85 -52.77
CA ARG C 1173 -54.89 23.98 -51.60
C ARG C 1173 -53.59 23.39 -51.06
N GLY C 1174 -53.55 22.07 -50.93
CA GLY C 1174 -52.35 21.34 -50.58
C GLY C 1174 -52.31 20.02 -51.32
N GLY C 1175 -51.26 19.26 -51.07
CA GLY C 1175 -51.14 17.94 -51.66
C GLY C 1175 -49.73 17.72 -52.18
N ASP C 1176 -49.64 16.97 -53.28
CA ASP C 1176 -48.37 16.64 -53.91
C ASP C 1176 -48.47 16.76 -55.42
N ALA C 1177 -49.20 17.77 -55.90
CA ALA C 1177 -49.43 17.94 -57.33
C ALA C 1177 -48.26 18.67 -57.98
N GLU C 1178 -48.03 18.36 -59.26
CA GLU C 1178 -46.94 18.96 -60.01
C GLU C 1178 -47.37 19.62 -61.31
N LYS C 1179 -48.60 19.41 -61.80
CA LYS C 1179 -49.03 20.01 -63.05
C LYS C 1179 -49.67 21.38 -62.87
N ILE C 1180 -49.82 21.86 -61.63
CA ILE C 1180 -50.16 23.26 -61.39
C ILE C 1180 -49.06 24.15 -61.96
N ILE C 1181 -47.83 23.64 -61.98
CA ILE C 1181 -46.75 24.23 -62.76
C ILE C 1181 -47.14 24.39 -64.22
N PHE C 1182 -47.68 23.33 -64.82
CA PHE C 1182 -47.89 23.31 -66.27
C PHE C 1182 -48.93 24.34 -66.71
N PHE C 1183 -50.04 24.43 -65.97
CA PHE C 1183 -51.05 25.39 -66.36
C PHE C 1183 -50.65 26.82 -66.03
N ALA C 1184 -49.83 27.02 -64.99
CA ALA C 1184 -49.25 28.34 -64.77
C ALA C 1184 -48.34 28.73 -65.93
N GLY C 1185 -47.57 27.78 -66.44
CA GLY C 1185 -46.71 28.08 -67.58
C GLY C 1185 -47.49 28.38 -68.85
N VAL C 1186 -48.55 27.61 -69.13
CA VAL C 1186 -49.25 27.81 -70.39
C VAL C 1186 -50.26 28.96 -70.30
N SER C 1187 -50.76 29.30 -69.11
CA SER C 1187 -51.77 30.34 -68.98
C SER C 1187 -51.17 31.74 -68.99
N ARG C 1188 -49.88 31.87 -68.66
CA ARG C 1188 -49.13 33.13 -68.68
C ARG C 1188 -49.74 34.19 -67.77
N GLN C 1189 -50.42 33.78 -66.70
CA GLN C 1189 -50.99 34.70 -65.75
C GLN C 1189 -50.14 34.77 -64.49
N LYS C 1190 -49.94 35.99 -63.99
CA LYS C 1190 -49.04 36.20 -62.86
C LYS C 1190 -49.56 35.54 -61.58
N ASP C 1191 -50.86 35.65 -61.33
CA ASP C 1191 -51.44 35.06 -60.13
C ASP C 1191 -51.33 33.54 -60.13
N ILE C 1192 -51.53 32.90 -61.29
CA ILE C 1192 -51.36 31.46 -61.39
C ILE C 1192 -49.90 31.09 -61.19
N TYR C 1193 -48.97 31.92 -61.70
CA TYR C 1193 -47.54 31.71 -61.45
C TYR C 1193 -47.23 31.70 -59.96
N LEU C 1194 -47.67 32.73 -59.24
CA LEU C 1194 -47.37 32.81 -57.81
C LEU C 1194 -48.02 31.68 -57.03
N MET C 1195 -49.26 31.31 -57.34
CA MET C 1195 -49.89 30.25 -56.57
C MET C 1195 -49.26 28.88 -56.87
N ALA C 1196 -48.89 28.63 -58.13
CA ALA C 1196 -48.23 27.37 -58.46
C ALA C 1196 -46.85 27.28 -57.80
N ALA C 1197 -46.11 28.39 -57.73
CA ALA C 1197 -44.80 28.35 -57.10
C ALA C 1197 -44.91 28.27 -55.57
N ASN C 1198 -45.93 28.91 -54.99
CA ASN C 1198 -46.16 28.82 -53.55
C ASN C 1198 -46.67 27.46 -53.13
N TYR C 1199 -47.36 26.76 -54.04
CA TYR C 1199 -47.97 25.48 -53.70
C TYR C 1199 -46.93 24.42 -53.38
N LEU C 1200 -45.79 24.44 -54.10
CA LEU C 1200 -44.86 23.33 -54.00
C LEU C 1200 -44.10 23.28 -52.68
N GLN C 1201 -44.12 24.37 -51.89
CA GLN C 1201 -43.57 24.29 -50.54
C GLN C 1201 -44.35 23.30 -49.68
N THR C 1202 -45.65 23.21 -49.90
CA THR C 1202 -46.52 22.35 -49.11
C THR C 1202 -46.44 20.88 -49.50
N LEU C 1203 -45.69 20.53 -50.54
CA LEU C 1203 -45.58 19.15 -50.95
C LEU C 1203 -44.75 18.35 -49.96
N ASN C 1204 -44.89 17.03 -50.05
CA ASN C 1204 -44.08 16.09 -49.26
C ASN C 1204 -43.77 14.90 -50.15
N TRP C 1205 -42.52 14.82 -50.61
CA TRP C 1205 -42.09 13.72 -51.48
C TRP C 1205 -40.69 13.32 -51.04
N HIS C 1206 -39.99 12.57 -51.90
CA HIS C 1206 -38.60 12.20 -51.63
C HIS C 1206 -37.73 12.21 -52.88
N SER C 1207 -38.13 12.90 -53.94
CA SER C 1207 -37.54 12.74 -55.26
C SER C 1207 -37.62 14.08 -55.99
N ASP C 1208 -37.54 14.04 -57.33
CA ASP C 1208 -37.76 15.08 -58.35
C ASP C 1208 -37.34 16.49 -57.94
N PRO C 1209 -36.03 16.76 -57.81
CA PRO C 1209 -35.58 18.09 -57.39
C PRO C 1209 -35.49 19.11 -58.52
N GLU C 1210 -36.10 18.83 -59.67
CA GLU C 1210 -36.14 19.82 -60.76
C GLU C 1210 -36.98 21.04 -60.43
N LEU C 1211 -37.87 20.93 -59.44
CA LEU C 1211 -38.66 22.07 -59.01
C LEU C 1211 -37.81 23.18 -58.39
N MET C 1212 -36.62 22.85 -57.86
CA MET C 1212 -35.57 23.81 -57.53
C MET C 1212 -35.39 24.86 -58.62
N LYS C 1213 -34.91 24.39 -59.76
CA LYS C 1213 -34.64 25.28 -60.87
C LYS C 1213 -35.92 25.80 -61.52
N HIS C 1214 -37.04 25.09 -61.42
CA HIS C 1214 -38.18 25.57 -62.17
C HIS C 1214 -38.89 26.69 -61.39
N ILE C 1215 -38.98 26.57 -60.06
CA ILE C 1215 -39.45 27.71 -59.26
C ILE C 1215 -38.43 28.83 -59.31
N ILE C 1216 -37.14 28.52 -59.49
CA ILE C 1216 -36.16 29.57 -59.80
C ILE C 1216 -36.57 30.31 -61.07
N SER C 1217 -37.03 29.58 -62.08
CA SER C 1217 -37.50 30.24 -63.31
C SER C 1217 -38.74 31.11 -63.06
N PHE C 1218 -39.75 30.56 -62.39
CA PHE C 1218 -40.95 31.37 -62.08
C PHE C 1218 -40.64 32.59 -61.23
N TYR C 1219 -39.67 32.51 -60.33
CA TYR C 1219 -39.34 33.64 -59.47
C TYR C 1219 -38.23 34.52 -60.03
N THR C 1220 -37.65 34.15 -61.17
CA THR C 1220 -36.99 35.14 -62.00
C THR C 1220 -38.00 35.89 -62.84
N LYS C 1221 -39.05 35.20 -63.30
CA LYS C 1221 -40.13 35.87 -64.03
C LYS C 1221 -41.06 36.67 -63.13
N ALA C 1222 -41.01 36.44 -61.81
CA ALA C 1222 -41.87 37.15 -60.87
C ALA C 1222 -41.12 38.01 -59.86
N ALA C 1223 -39.80 37.86 -59.73
CA ALA C 1223 -38.94 38.69 -58.88
C ALA C 1223 -39.37 38.63 -57.40
N ALA C 1224 -39.56 37.42 -56.90
CA ALA C 1224 -39.89 37.20 -55.49
C ALA C 1224 -39.11 35.98 -55.01
N TRP C 1225 -37.91 36.22 -54.49
CA TRP C 1225 -37.03 35.14 -54.04
C TRP C 1225 -37.35 34.64 -52.64
N GLU C 1226 -38.34 35.24 -51.98
CA GLU C 1226 -38.72 34.83 -50.64
C GLU C 1226 -39.30 33.42 -50.65
N SER C 1227 -40.40 33.23 -51.38
CA SER C 1227 -40.96 31.89 -51.52
C SER C 1227 -40.04 30.96 -52.30
N LEU C 1228 -39.12 31.52 -53.10
CA LEU C 1228 -38.06 30.70 -53.68
C LEU C 1228 -37.19 30.09 -52.59
N ALA C 1229 -36.82 30.89 -51.57
CA ALA C 1229 -36.08 30.33 -50.44
C ALA C 1229 -36.94 29.41 -49.60
N SER C 1230 -38.24 29.69 -49.52
CA SER C 1230 -39.17 28.77 -48.84
C SER C 1230 -39.15 27.40 -49.50
N PHE C 1231 -39.26 27.37 -50.82
CA PHE C 1231 -39.21 26.09 -51.49
C PHE C 1231 -37.81 25.50 -51.50
N TYR C 1232 -36.76 26.34 -51.45
CA TYR C 1232 -35.41 25.83 -51.25
C TYR C 1232 -35.35 25.01 -49.97
N GLU C 1233 -35.83 25.58 -48.86
CA GLU C 1233 -35.88 24.89 -47.59
C GLU C 1233 -36.74 23.63 -47.67
N ALA C 1234 -37.94 23.76 -48.23
CA ALA C 1234 -38.89 22.65 -48.25
C ALA C 1234 -38.36 21.48 -49.10
N CYS C 1235 -37.88 21.77 -50.31
CA CYS C 1235 -37.42 20.72 -51.20
C CYS C 1235 -36.09 20.12 -50.78
N ALA C 1236 -35.19 20.93 -50.20
CA ALA C 1236 -33.98 20.37 -49.64
C ALA C 1236 -34.29 19.51 -48.42
N GLN C 1237 -35.29 19.88 -47.64
CA GLN C 1237 -35.71 19.10 -46.50
C GLN C 1237 -36.30 17.75 -46.91
N ILE C 1238 -37.26 17.77 -47.83
CA ILE C 1238 -37.92 16.54 -48.24
C ILE C 1238 -37.23 15.89 -49.43
N GLU C 1239 -36.05 16.38 -49.80
CA GLU C 1239 -35.29 15.75 -50.88
C GLU C 1239 -34.40 14.63 -50.35
N VAL C 1240 -33.78 14.87 -49.19
CA VAL C 1240 -32.78 13.98 -48.59
C VAL C 1240 -33.44 12.73 -48.01
N ASP C 1241 -34.76 12.62 -48.19
CA ASP C 1241 -35.52 11.51 -47.60
C ASP C 1241 -35.06 10.19 -48.18
N GLU C 1242 -34.86 10.14 -49.49
CA GLU C 1242 -34.28 8.99 -50.17
C GLU C 1242 -33.14 9.40 -51.09
N TYR C 1243 -32.74 10.67 -51.07
CA TYR C 1243 -31.54 11.11 -51.76
C TYR C 1243 -30.28 10.62 -51.06
N ARG C 1244 -30.35 10.46 -49.74
CA ARG C 1244 -29.25 9.92 -48.93
C ARG C 1244 -27.99 10.77 -49.02
N ASP C 1245 -28.17 12.09 -49.16
CA ASP C 1245 -27.05 13.02 -49.21
C ASP C 1245 -27.56 14.41 -48.84
N TYR C 1246 -27.10 14.93 -47.70
CA TYR C 1246 -27.58 16.21 -47.23
C TYR C 1246 -26.60 17.35 -47.53
N GLU C 1247 -25.49 17.07 -48.22
CA GLU C 1247 -24.61 18.15 -48.65
C GLU C 1247 -25.29 19.06 -49.66
N LYS C 1248 -26.00 18.48 -50.63
CA LYS C 1248 -26.76 19.27 -51.59
C LYS C 1248 -27.89 20.04 -50.90
N ALA C 1249 -28.53 19.42 -49.91
CA ALA C 1249 -29.59 20.11 -49.18
C ALA C 1249 -29.04 21.25 -48.34
N LEU C 1250 -27.85 21.08 -47.76
CA LEU C 1250 -27.21 22.16 -47.02
C LEU C 1250 -26.79 23.30 -47.94
N GLN C 1251 -26.30 22.95 -49.14
CA GLN C 1251 -26.05 23.98 -50.16
C GLN C 1251 -27.33 24.67 -50.58
N ALA C 1252 -28.46 23.97 -50.55
CA ALA C 1252 -29.74 24.59 -50.86
C ALA C 1252 -30.24 25.50 -49.74
N MET C 1253 -29.96 25.17 -48.48
CA MET C 1253 -30.20 26.14 -47.41
C MET C 1253 -29.28 27.36 -47.53
N ARG C 1254 -28.03 27.14 -47.95
CA ARG C 1254 -27.15 28.27 -48.23
C ARG C 1254 -27.70 29.14 -49.35
N GLU C 1255 -28.26 28.51 -50.39
CA GLU C 1255 -28.94 29.25 -51.45
C GLU C 1255 -30.21 29.93 -50.94
N ALA C 1256 -30.87 29.33 -49.95
CA ALA C 1256 -32.04 29.97 -49.34
C ALA C 1256 -31.65 31.26 -48.63
N ALA C 1257 -30.57 31.22 -47.86
CA ALA C 1257 -30.05 32.44 -47.24
C ALA C 1257 -29.60 33.45 -48.30
N LYS C 1258 -28.95 32.96 -49.35
CA LYS C 1258 -28.47 33.82 -50.43
C LYS C 1258 -29.62 34.51 -51.14
N TYR C 1259 -30.72 33.81 -51.35
CA TYR C 1259 -31.87 34.38 -52.05
C TYR C 1259 -32.75 35.21 -51.14
N VAL C 1260 -32.75 34.94 -49.83
CA VAL C 1260 -33.33 35.89 -48.88
C VAL C 1260 -32.56 37.20 -48.93
N ALA C 1261 -31.22 37.11 -48.98
CA ALA C 1261 -30.42 38.30 -49.22
C ALA C 1261 -30.75 38.94 -50.57
N LYS C 1262 -31.05 38.12 -51.58
CA LYS C 1262 -31.55 38.63 -52.86
C LYS C 1262 -32.98 39.10 -52.77
N SER C 1263 -33.75 38.59 -51.81
CA SER C 1263 -35.16 38.95 -51.69
C SER C 1263 -35.32 40.40 -51.26
N LYS C 1264 -36.46 40.97 -51.63
CA LYS C 1264 -36.78 42.36 -51.32
C LYS C 1264 -38.09 42.54 -50.58
N ASN C 1265 -39.04 41.60 -50.68
CA ASN C 1265 -40.30 41.72 -49.99
C ASN C 1265 -40.14 41.37 -48.52
N ASP C 1266 -41.20 41.59 -47.74
CA ASP C 1266 -41.20 41.25 -46.33
C ASP C 1266 -41.56 39.80 -46.07
N ASP C 1267 -41.88 39.04 -47.11
CA ASP C 1267 -42.07 37.60 -46.95
C ASP C 1267 -40.78 36.90 -46.57
N ARG C 1268 -39.63 37.50 -46.92
CA ARG C 1268 -38.34 36.95 -46.53
C ARG C 1268 -38.16 36.96 -45.02
N ASP C 1269 -38.90 37.80 -44.29
CA ASP C 1269 -38.88 37.73 -42.83
C ASP C 1269 -39.48 36.42 -42.33
N ALA C 1270 -40.61 36.01 -42.91
CA ALA C 1270 -41.15 34.68 -42.57
C ALA C 1270 -40.24 33.58 -43.08
N ARG C 1271 -39.54 33.82 -44.18
CA ARG C 1271 -38.56 32.85 -44.66
C ARG C 1271 -37.43 32.66 -43.66
N VAL C 1272 -36.94 33.75 -43.07
CA VAL C 1272 -35.97 33.66 -41.99
C VAL C 1272 -36.60 33.03 -40.75
N GLY C 1273 -37.91 33.24 -40.54
CA GLY C 1273 -38.59 32.56 -39.44
C GLY C 1273 -38.66 31.06 -39.64
N VAL C 1274 -38.56 30.60 -40.88
CA VAL C 1274 -38.37 29.18 -41.15
C VAL C 1274 -36.89 28.81 -41.04
N ILE C 1275 -36.01 29.70 -41.52
CA ILE C 1275 -34.58 29.41 -41.62
C ILE C 1275 -33.94 29.23 -40.25
N ASN C 1276 -34.30 30.09 -39.29
CA ASN C 1276 -33.69 30.03 -37.96
C ASN C 1276 -33.99 28.72 -37.23
N ASP C 1277 -35.07 28.05 -37.61
CA ASP C 1277 -35.37 26.73 -37.06
C ASP C 1277 -34.83 25.60 -37.93
N ARG C 1278 -34.70 25.82 -39.24
CA ARG C 1278 -34.25 24.75 -40.12
C ARG C 1278 -32.72 24.63 -40.19
N ILE C 1279 -32.01 25.75 -40.37
CA ILE C 1279 -30.55 25.73 -40.42
C ILE C 1279 -29.94 25.39 -39.07
N ALA C 1280 -30.67 25.60 -37.97
CA ALA C 1280 -30.18 25.19 -36.66
C ALA C 1280 -30.12 23.68 -36.54
N VAL C 1281 -31.06 22.98 -37.18
CA VAL C 1281 -31.01 21.54 -37.20
C VAL C 1281 -30.13 21.04 -38.35
N ALA C 1282 -29.96 21.85 -39.40
CA ALA C 1282 -29.22 21.43 -40.57
C ALA C 1282 -27.76 21.09 -40.28
N GLU C 1283 -27.11 21.83 -39.37
CA GLU C 1283 -25.74 21.50 -39.00
C GLU C 1283 -25.64 20.29 -38.08
N GLN C 1284 -26.73 19.93 -37.40
CA GLN C 1284 -26.77 18.67 -36.67
C GLN C 1284 -27.51 17.57 -37.43
N PHE C 1285 -28.27 17.92 -38.48
CA PHE C 1285 -28.83 16.90 -39.35
C PHE C 1285 -27.84 16.48 -40.43
N VAL C 1286 -26.91 17.36 -40.79
CA VAL C 1286 -25.80 16.92 -41.63
C VAL C 1286 -24.87 16.00 -40.84
N ALA C 1287 -24.75 16.20 -39.53
CA ALA C 1287 -24.09 15.20 -38.68
C ALA C 1287 -24.97 13.98 -38.50
N ALA C 1288 -26.28 14.11 -38.71
CA ALA C 1288 -27.17 12.96 -38.75
C ALA C 1288 -27.10 12.21 -40.08
N ARG C 1289 -26.62 12.85 -41.14
CA ARG C 1289 -26.58 12.28 -42.48
C ARG C 1289 -25.19 11.90 -42.94
N GLN C 1290 -24.18 12.73 -42.67
CA GLN C 1290 -22.81 12.33 -42.94
C GLN C 1290 -22.41 11.14 -42.06
N LEU C 1291 -22.90 11.11 -40.82
CA LEU C 1291 -22.63 10.02 -39.89
C LEU C 1291 -23.82 9.09 -39.75
N ILE C 1292 -24.65 8.97 -40.79
CA ILE C 1292 -25.76 8.03 -40.75
C ILE C 1292 -25.27 6.59 -40.86
N GLY C 1293 -24.05 6.36 -41.32
CA GLY C 1293 -23.49 5.04 -41.31
C GLY C 1293 -22.68 4.71 -40.08
N SER C 1294 -22.43 5.69 -39.21
CA SER C 1294 -21.58 5.47 -38.05
C SER C 1294 -22.15 5.99 -36.74
N ASN C 1295 -23.04 6.97 -36.74
CA ASN C 1295 -23.51 7.60 -35.51
C ASN C 1295 -25.03 7.53 -35.48
N PRO C 1296 -25.61 6.44 -34.97
CA PRO C 1296 -27.07 6.33 -34.94
C PRO C 1296 -27.72 7.24 -33.92
N GLN C 1297 -27.08 7.43 -32.75
CA GLN C 1297 -27.69 8.21 -31.69
C GLN C 1297 -27.82 9.68 -32.04
N GLU C 1298 -26.85 10.25 -32.76
CA GLU C 1298 -26.96 11.64 -33.18
C GLU C 1298 -28.17 11.85 -34.07
N ALA C 1299 -28.35 10.99 -35.07
CA ALA C 1299 -29.50 11.10 -35.95
C ALA C 1299 -30.81 10.82 -35.21
N LEU C 1300 -30.79 9.85 -34.29
CA LEU C 1300 -31.98 9.53 -33.51
C LEU C 1300 -32.40 10.69 -32.64
N ARG C 1301 -31.45 11.34 -31.96
CA ARG C 1301 -31.81 12.44 -31.08
C ARG C 1301 -32.13 13.71 -31.86
N VAL C 1302 -31.51 13.89 -33.03
CA VAL C 1302 -31.92 15.01 -33.90
C VAL C 1302 -33.37 14.83 -34.34
N CYS C 1303 -33.72 13.62 -34.79
CA CYS C 1303 -35.10 13.35 -35.17
C CYS C 1303 -36.05 13.45 -33.98
N ASP C 1304 -35.59 13.08 -32.78
CA ASP C 1304 -36.45 13.15 -31.61
C ASP C 1304 -36.70 14.60 -31.18
N GLU C 1305 -35.65 15.43 -31.15
CA GLU C 1305 -35.84 16.83 -30.82
C GLU C 1305 -36.61 17.57 -31.91
N LEU C 1306 -36.56 17.09 -33.15
CA LEU C 1306 -37.46 17.62 -34.17
C LEU C 1306 -38.90 17.21 -33.89
N LEU C 1307 -39.12 15.94 -33.56
CA LEU C 1307 -40.46 15.45 -33.26
C LEU C 1307 -41.03 16.07 -31.99
N ARG C 1308 -40.20 16.66 -31.14
CA ARG C 1308 -40.64 17.30 -29.91
C ARG C 1308 -40.56 18.82 -29.98
N ALA C 1309 -40.58 19.40 -31.19
CA ALA C 1309 -40.56 20.84 -31.38
C ALA C 1309 -41.82 21.39 -32.04
N ILE C 1310 -42.46 20.63 -32.92
CA ILE C 1310 -43.74 20.95 -33.55
C ILE C 1310 -44.94 20.78 -32.59
N PRO C 1311 -44.98 19.83 -31.66
CA PRO C 1311 -46.08 19.82 -30.66
C PRO C 1311 -46.16 21.08 -29.81
N PRO C 1312 -45.03 21.83 -29.57
CA PRO C 1312 -45.20 23.22 -29.10
C PRO C 1312 -45.95 24.13 -30.05
N ASN C 1313 -46.17 25.38 -29.63
CA ASN C 1313 -47.04 26.30 -30.36
C ASN C 1313 -46.53 26.64 -31.76
N SER C 1314 -45.23 26.51 -31.99
CA SER C 1314 -44.66 26.83 -33.29
C SER C 1314 -45.04 25.77 -34.33
N GLN C 1315 -45.25 26.21 -35.56
CA GLN C 1315 -45.59 25.32 -36.65
C GLN C 1315 -44.36 24.55 -37.12
N ASP C 1316 -44.56 23.65 -38.09
CA ASP C 1316 -43.44 22.86 -38.62
C ASP C 1316 -42.40 23.74 -39.29
N LEU C 1317 -42.84 24.84 -39.90
CA LEU C 1317 -41.88 25.82 -40.42
C LEU C 1317 -41.16 26.53 -39.29
N GLU C 1318 -41.82 26.75 -38.16
CA GLU C 1318 -41.30 27.55 -37.06
C GLU C 1318 -40.72 26.71 -35.92
N ALA C 1319 -40.59 25.39 -36.10
CA ALA C 1319 -40.04 24.54 -35.06
C ALA C 1319 -38.76 23.83 -35.47
N GLY C 1320 -38.51 23.69 -36.75
CA GLY C 1320 -37.33 22.99 -37.22
C GLY C 1320 -37.50 22.65 -38.69
N ILE C 1321 -36.70 21.70 -39.16
CA ILE C 1321 -36.93 21.16 -40.48
C ILE C 1321 -38.19 20.31 -40.46
N ARG C 1322 -38.83 20.21 -41.63
CA ARG C 1322 -40.10 19.49 -41.72
C ARG C 1322 -39.88 18.00 -41.52
N ILE C 1323 -40.97 17.22 -41.51
CA ILE C 1323 -40.93 15.86 -41.02
C ILE C 1323 -40.81 14.92 -42.22
N GLY C 1324 -40.27 15.45 -43.33
CA GLY C 1324 -39.90 14.57 -44.43
C GLY C 1324 -38.81 13.60 -44.05
N ASP C 1325 -37.71 14.11 -43.49
CA ASP C 1325 -36.54 13.29 -43.14
C ASP C 1325 -36.45 12.98 -41.67
N VAL C 1326 -37.23 13.67 -40.83
CA VAL C 1326 -37.35 13.28 -39.43
C VAL C 1326 -37.90 11.87 -39.33
N TYR C 1327 -38.79 11.49 -40.24
CA TYR C 1327 -39.22 10.11 -40.40
C TYR C 1327 -38.23 9.31 -41.25
N ALA C 1328 -37.83 9.85 -42.39
CA ALA C 1328 -37.08 9.06 -43.38
C ALA C 1328 -35.70 8.68 -42.87
N LEU C 1329 -35.03 9.58 -42.16
CA LEU C 1329 -33.79 9.19 -41.51
C LEU C 1329 -34.02 8.31 -40.29
N MET C 1330 -35.17 8.48 -39.62
CA MET C 1330 -35.48 7.65 -38.46
C MET C 1330 -35.56 6.18 -38.84
N VAL C 1331 -36.21 5.89 -39.97
CA VAL C 1331 -36.19 4.54 -40.52
C VAL C 1331 -34.76 4.13 -40.88
N GLU C 1332 -33.98 5.08 -41.40
CA GLU C 1332 -32.70 4.74 -42.02
C GLU C 1332 -31.69 4.18 -41.03
N TYR C 1333 -31.47 4.86 -39.90
CA TYR C 1333 -30.48 4.34 -38.96
C TYR C 1333 -30.95 3.08 -38.24
N TRP C 1334 -32.24 2.79 -38.25
CA TRP C 1334 -32.71 1.56 -37.61
C TRP C 1334 -32.24 0.34 -38.39
N TYR C 1335 -32.20 0.41 -39.71
CA TYR C 1335 -31.72 -0.72 -40.51
C TYR C 1335 -30.30 -0.57 -40.99
N GLU C 1336 -29.78 0.65 -41.10
CA GLU C 1336 -28.43 0.85 -41.64
C GLU C 1336 -27.39 0.99 -40.53
N ALA C 1337 -27.57 1.96 -39.63
CA ALA C 1337 -26.58 2.27 -38.61
C ALA C 1337 -26.70 1.30 -37.45
N ARG C 1338 -25.53 0.81 -36.99
CA ARG C 1338 -25.19 -0.13 -35.91
C ARG C 1338 -25.71 -1.55 -36.16
N ASN C 1339 -26.53 -1.74 -37.19
CA ASN C 1339 -27.05 -3.07 -37.48
C ASN C 1339 -27.49 -3.16 -38.94
N PRO C 1340 -26.56 -3.11 -39.90
CA PRO C 1340 -26.95 -3.31 -41.30
C PRO C 1340 -27.53 -4.70 -41.56
N ASN C 1341 -27.10 -5.70 -40.79
CA ASN C 1341 -27.62 -7.05 -40.92
C ASN C 1341 -28.73 -7.29 -39.89
N GLU C 1342 -29.76 -6.46 -39.97
CA GLU C 1342 -30.97 -6.65 -39.16
C GLU C 1342 -32.13 -6.72 -40.14
N ALA C 1343 -32.42 -7.94 -40.61
CA ALA C 1343 -33.48 -8.14 -41.59
C ALA C 1343 -34.85 -7.89 -41.00
N TYR C 1344 -35.06 -8.18 -39.71
CA TYR C 1344 -36.38 -7.94 -39.14
C TYR C 1344 -36.59 -6.47 -38.81
N LYS C 1345 -35.55 -5.63 -38.90
CA LYS C 1345 -35.78 -4.19 -38.83
C LYS C 1345 -36.34 -3.65 -40.13
N ALA C 1346 -36.07 -4.32 -41.26
CA ALA C 1346 -36.69 -3.92 -42.51
C ALA C 1346 -38.21 -4.09 -42.46
N ILE C 1347 -38.69 -5.18 -41.87
CA ILE C 1347 -40.13 -5.30 -41.65
C ILE C 1347 -40.61 -4.48 -40.47
N GLU C 1348 -39.69 -3.98 -39.63
CA GLU C 1348 -40.04 -2.81 -38.81
C GLU C 1348 -40.03 -1.55 -39.66
N ALA C 1349 -39.03 -1.41 -40.53
CA ALA C 1349 -38.96 -0.24 -41.41
C ALA C 1349 -40.15 -0.17 -42.35
N MET C 1350 -40.60 -1.30 -42.88
CA MET C 1350 -41.79 -1.32 -43.72
C MET C 1350 -43.06 -1.13 -42.91
N ARG C 1351 -43.12 -1.69 -41.70
CA ARG C 1351 -44.29 -1.46 -40.86
C ARG C 1351 -44.30 -0.04 -40.28
N ARG C 1352 -43.13 0.58 -40.10
CA ARG C 1352 -43.12 2.01 -39.83
C ARG C 1352 -43.34 2.84 -41.09
N ARG C 1353 -42.97 2.31 -42.27
CA ARG C 1353 -43.41 2.91 -43.52
C ARG C 1353 -44.91 2.78 -43.68
N GLY C 1354 -45.47 1.62 -43.34
CA GLY C 1354 -46.89 1.39 -43.46
C GLY C 1354 -47.55 0.99 -42.15
N MET D 1 -95.09 -98.96 15.25
CA MET D 1 -96.04 -98.71 14.18
C MET D 1 -96.98 -97.57 14.47
N LYS D 2 -97.68 -97.10 13.42
CA LYS D 2 -98.70 -96.10 13.53
C LYS D 2 -100.07 -96.77 13.50
N LYS D 3 -100.98 -96.30 14.35
CA LYS D 3 -102.32 -96.87 14.44
C LYS D 3 -103.11 -96.52 13.18
N LEU D 4 -103.60 -97.55 12.49
CA LEU D 4 -104.43 -97.34 11.30
C LEU D 4 -105.92 -97.36 11.64
N PHE D 5 -106.41 -98.47 12.20
CA PHE D 5 -107.80 -98.55 12.60
C PHE D 5 -107.95 -99.50 13.77
N GLY D 6 -109.07 -99.34 14.49
CA GLY D 6 -109.35 -100.16 15.65
C GLY D 6 -110.78 -100.06 16.11
N VAL D 7 -111.39 -101.18 16.46
CA VAL D 7 -112.79 -101.24 16.85
C VAL D 7 -112.87 -101.72 18.29
N GLY D 8 -113.71 -101.07 19.08
CA GLY D 8 -113.97 -101.50 20.44
C GLY D 8 -114.91 -102.68 20.47
N PRO D 9 -115.44 -103.01 21.65
CA PRO D 9 -116.41 -104.11 21.77
C PRO D 9 -117.82 -103.68 21.39
N ASP D 10 -117.97 -103.16 20.17
CA ASP D 10 -119.25 -102.71 19.64
C ASP D 10 -119.68 -103.51 18.43
N LEU D 11 -118.84 -103.59 17.40
CA LEU D 11 -119.11 -104.41 16.22
C LEU D 11 -118.61 -105.84 16.40
N LEU D 12 -118.02 -106.15 17.55
CA LEU D 12 -117.57 -107.50 17.88
C LEU D 12 -118.14 -108.02 19.18
N GLY D 13 -118.39 -107.14 20.15
CA GLY D 13 -118.77 -107.55 21.47
C GLY D 13 -117.58 -107.82 22.37
N ASP D 14 -117.87 -108.00 23.65
CA ASP D 14 -116.83 -108.22 24.65
C ASP D 14 -116.38 -109.69 24.63
N GLY D 15 -115.59 -110.01 23.61
CA GLY D 15 -115.13 -111.37 23.44
C GLY D 15 -113.85 -111.42 22.62
N LYS D 16 -113.36 -112.64 22.43
CA LYS D 16 -112.14 -112.85 21.66
C LYS D 16 -112.36 -112.50 20.19
N VAL D 17 -111.34 -111.92 19.57
CA VAL D 17 -111.41 -111.49 18.19
C VAL D 17 -110.56 -112.44 17.37
N LEU D 18 -111.21 -113.23 16.52
CA LEU D 18 -110.53 -114.11 15.58
C LEU D 18 -110.72 -113.57 14.17
N PHE D 19 -109.64 -113.49 13.42
CA PHE D 19 -109.66 -112.85 12.11
C PHE D 19 -108.83 -113.66 11.13
N GLU D 20 -109.07 -113.40 9.85
CA GLU D 20 -108.21 -113.86 8.78
C GLU D 20 -108.26 -112.80 7.69
N TRP D 21 -107.14 -112.56 7.03
CA TRP D 21 -107.06 -111.55 5.98
C TRP D 21 -107.29 -112.18 4.62
N SER D 22 -107.91 -111.40 3.74
CA SER D 22 -107.97 -111.76 2.34
C SER D 22 -106.57 -111.66 1.72
N PRO D 23 -106.26 -112.52 0.74
CA PRO D 23 -105.00 -112.35 0.00
C PRO D 23 -104.95 -111.06 -0.81
N LYS D 24 -106.09 -110.45 -1.13
CA LYS D 24 -106.11 -109.18 -1.83
C LYS D 24 -105.55 -108.05 -0.96
N GLY D 25 -105.74 -108.15 0.36
CA GLY D 25 -105.30 -107.12 1.27
C GLY D 25 -106.29 -106.01 1.52
N ASN D 26 -107.40 -105.98 0.78
CA ASN D 26 -108.42 -104.95 0.96
C ASN D 26 -109.59 -105.43 1.80
N PHE D 27 -109.55 -106.66 2.30
CA PHE D 27 -110.65 -107.23 3.08
C PHE D 27 -110.10 -107.92 4.31
N LEU D 28 -110.58 -107.51 5.48
CA LEU D 28 -110.28 -108.18 6.74
C LEU D 28 -111.59 -108.45 7.47
N ALA D 29 -111.83 -109.71 7.81
CA ALA D 29 -113.04 -110.11 8.50
C ALA D 29 -112.68 -110.44 9.94
N ALA D 30 -113.22 -109.67 10.88
CA ALA D 30 -113.01 -109.88 12.30
C ALA D 30 -114.32 -110.28 12.94
N ALA D 31 -114.30 -111.40 13.67
CA ALA D 31 -115.47 -111.90 14.37
C ALA D 31 -115.24 -111.83 15.87
N GLY D 32 -116.24 -111.34 16.59
CA GLY D 32 -116.15 -111.22 18.03
C GLY D 32 -117.11 -112.14 18.75
N SER D 33 -117.53 -111.73 19.96
CA SER D 33 -118.46 -112.57 20.73
C SER D 33 -119.84 -112.60 20.09
N LYS D 34 -120.34 -111.44 19.68
CA LYS D 34 -121.65 -111.38 19.05
C LYS D 34 -121.60 -111.96 17.64
N ARG D 35 -122.77 -112.40 17.16
CA ARG D 35 -122.84 -113.20 15.94
C ARG D 35 -122.82 -112.36 14.68
N LYS D 36 -121.86 -111.44 14.58
CA LYS D 36 -121.67 -110.61 13.40
C LYS D 36 -120.20 -110.55 13.03
N VAL D 37 -119.91 -110.58 11.73
CA VAL D 37 -118.56 -110.49 11.21
C VAL D 37 -118.41 -109.15 10.49
N ASN D 38 -117.37 -108.41 10.88
CA ASN D 38 -117.09 -107.11 10.30
C ASN D 38 -116.02 -107.26 9.23
N ILE D 39 -116.44 -107.22 7.97
CA ILE D 39 -115.49 -107.20 6.86
C ILE D 39 -114.94 -105.79 6.74
N PHE D 40 -113.61 -105.66 6.77
CA PHE D 40 -112.95 -104.37 6.80
C PHE D 40 -112.35 -104.03 5.45
N ASP D 41 -111.75 -102.85 5.36
CA ASP D 41 -111.17 -102.30 4.14
C ASP D 41 -109.68 -102.07 4.39
N ARG D 42 -108.95 -101.65 3.34
CA ARG D 42 -107.54 -101.34 3.49
C ARG D 42 -107.31 -100.17 4.44
N ASN D 43 -108.25 -99.21 4.48
CA ASN D 43 -108.21 -98.17 5.49
C ASN D 43 -108.86 -98.63 6.79
N GLY D 44 -109.58 -99.75 6.77
CA GLY D 44 -110.24 -100.27 7.95
C GLY D 44 -111.71 -99.95 8.06
N ARG D 45 -112.32 -99.37 7.03
CA ARG D 45 -113.74 -99.08 7.07
C ARG D 45 -114.55 -100.38 6.98
N LEU D 46 -115.75 -100.35 7.56
CA LEU D 46 -116.63 -101.52 7.57
C LEU D 46 -117.15 -101.77 6.16
N TYR D 47 -116.54 -102.73 5.48
CA TYR D 47 -116.94 -103.04 4.10
C TYR D 47 -118.31 -103.70 4.06
N ASP D 48 -118.55 -104.66 4.95
CA ASP D 48 -119.80 -105.39 4.96
C ASP D 48 -120.09 -105.94 6.35
N GLU D 49 -121.36 -105.91 6.73
CA GLU D 49 -121.83 -106.48 7.97
C GLU D 49 -122.77 -107.64 7.65
N VAL D 50 -122.44 -108.82 8.16
CA VAL D 50 -123.29 -110.01 8.00
C VAL D 50 -123.85 -110.38 9.36
N HIS D 51 -125.14 -110.70 9.40
CA HIS D 51 -125.84 -111.04 10.62
C HIS D 51 -126.15 -112.53 10.62
N PHE D 52 -125.67 -113.23 11.63
CA PHE D 52 -125.91 -114.66 11.71
C PHE D 52 -127.30 -114.93 12.24
N PRO D 53 -127.89 -116.07 11.87
CA PRO D 53 -129.10 -116.53 12.54
C PRO D 53 -128.78 -116.96 13.97
N PRO D 54 -129.79 -117.04 14.84
CA PRO D 54 -129.55 -117.55 16.20
C PRO D 54 -129.04 -118.99 16.16
N ALA D 55 -127.92 -119.21 16.85
CA ALA D 55 -127.23 -120.50 16.78
C ALA D 55 -128.01 -121.57 17.53
N GLU D 56 -127.98 -122.79 16.99
CA GLU D 56 -128.60 -123.92 17.67
C GLU D 56 -127.81 -124.34 18.90
N TYR D 57 -126.52 -124.03 18.92
CA TYR D 57 -125.65 -124.30 20.08
C TYR D 57 -124.94 -123.00 20.43
N PRO D 58 -125.61 -122.11 21.17
CA PRO D 58 -125.00 -120.81 21.50
C PRO D 58 -123.81 -120.96 22.43
N ASN D 59 -122.87 -120.03 22.30
CA ASN D 59 -121.67 -120.04 23.13
C ASN D 59 -121.98 -119.47 24.51
N PRO D 60 -121.75 -120.23 25.59
CA PRO D 60 -122.03 -119.69 26.93
C PRO D 60 -120.94 -118.79 27.50
N ASP D 61 -119.79 -118.68 26.82
CA ASP D 61 -118.69 -117.86 27.30
C ASP D 61 -118.71 -116.51 26.58
N GLY D 62 -118.75 -115.43 27.36
CA GLY D 62 -118.73 -114.10 26.77
C GLY D 62 -117.41 -113.78 26.10
N ARG D 63 -116.29 -114.13 26.75
CA ARG D 63 -114.97 -113.82 26.22
C ARG D 63 -114.53 -114.92 25.25
N ALA D 64 -115.16 -114.89 24.08
CA ALA D 64 -114.90 -115.88 23.04
C ALA D 64 -115.21 -115.26 21.69
N CYS D 65 -115.26 -116.09 20.65
CA CYS D 65 -115.53 -115.65 19.30
C CYS D 65 -116.74 -116.39 18.73
N ALA D 66 -117.58 -115.65 18.01
CA ALA D 66 -118.75 -116.26 17.38
C ALA D 66 -118.38 -117.21 16.26
N ALA D 67 -117.26 -116.98 15.58
CA ALA D 67 -116.79 -117.84 14.51
C ALA D 67 -115.81 -118.86 15.06
N ALA D 68 -116.05 -120.14 14.76
CA ALA D 68 -115.17 -121.20 15.23
C ALA D 68 -113.81 -121.13 14.55
N GLN D 69 -113.81 -121.23 13.22
CA GLN D 69 -112.57 -121.11 12.45
C GLN D 69 -112.95 -120.63 11.06
N MET D 70 -112.68 -119.35 10.78
CA MET D 70 -112.91 -118.78 9.47
C MET D 70 -111.58 -118.54 8.77
N GLN D 71 -111.61 -118.55 7.44
CA GLN D 71 -110.42 -118.37 6.64
C GLN D 71 -110.80 -117.82 5.27
N TRP D 72 -109.81 -117.25 4.59
CA TRP D 72 -109.95 -116.77 3.22
C TRP D 72 -109.20 -117.68 2.28
N ASP D 73 -109.83 -118.02 1.16
CA ASP D 73 -109.12 -118.74 0.11
C ASP D 73 -108.07 -117.81 -0.51
N PRO D 74 -106.96 -118.37 -1.01
CA PRO D 74 -105.92 -117.55 -1.66
C PRO D 74 -106.28 -117.07 -3.07
N ALA D 75 -107.51 -116.56 -3.21
CA ALA D 75 -107.96 -115.91 -4.43
C ALA D 75 -108.73 -114.62 -4.19
N GLY D 76 -109.18 -114.36 -2.97
CA GLY D 76 -109.85 -113.12 -2.64
C GLY D 76 -111.29 -113.02 -3.12
N GLU D 77 -111.89 -114.13 -3.55
CA GLU D 77 -113.25 -114.10 -4.09
C GLU D 77 -114.32 -114.50 -3.09
N GLN D 78 -114.00 -115.38 -2.14
CA GLN D 78 -114.99 -115.90 -1.20
C GLN D 78 -114.42 -115.90 0.21
N LEU D 79 -115.28 -115.60 1.18
CA LEU D 79 -114.93 -115.68 2.59
C LEU D 79 -115.81 -116.73 3.24
N ALA D 80 -115.19 -117.78 3.77
CA ALA D 80 -115.91 -118.87 4.41
C ALA D 80 -115.91 -118.63 5.91
N ILE D 81 -116.96 -118.00 6.42
CA ILE D 81 -117.14 -117.85 7.86
C ILE D 81 -117.77 -119.12 8.40
N LEU D 82 -117.15 -119.68 9.44
CA LEU D 82 -117.74 -120.83 10.12
C LEU D 82 -118.10 -120.41 11.54
N PRO D 83 -119.34 -120.02 11.80
CA PRO D 83 -119.74 -119.67 13.17
C PRO D 83 -119.68 -120.87 14.10
N ALA D 84 -119.55 -120.57 15.39
CA ALA D 84 -119.43 -121.60 16.42
C ALA D 84 -120.82 -122.09 16.82
N GLY D 85 -120.96 -123.41 16.92
CA GLY D 85 -122.22 -124.02 17.33
C GLY D 85 -123.37 -123.81 16.36
N ASN D 86 -123.11 -123.93 15.06
CA ASN D 86 -124.13 -123.72 14.05
C ASN D 86 -124.32 -125.02 13.25
N THR D 87 -125.12 -124.93 12.19
CA THR D 87 -125.27 -126.01 11.23
C THR D 87 -125.28 -125.41 9.81
N HIS D 88 -124.37 -124.48 9.57
CA HIS D 88 -124.29 -123.80 8.28
C HIS D 88 -122.89 -123.26 8.07
N VAL D 89 -122.55 -123.03 6.81
CA VAL D 89 -121.28 -122.43 6.41
C VAL D 89 -121.61 -121.22 5.54
N PHE D 90 -121.19 -120.04 5.98
CA PHE D 90 -121.44 -118.81 5.25
C PHE D 90 -120.28 -118.52 4.31
N ILE D 91 -120.49 -118.75 3.02
CA ILE D 91 -119.57 -118.29 1.99
C ILE D 91 -119.95 -116.85 1.68
N TRP D 92 -119.09 -115.92 2.09
CA TRP D 92 -119.33 -114.50 1.86
C TRP D 92 -118.58 -114.09 0.60
N LEU D 93 -119.32 -113.61 -0.40
CA LEU D 93 -118.72 -113.16 -1.65
C LEU D 93 -118.27 -111.71 -1.52
N ALA D 94 -117.06 -111.43 -1.98
CA ALA D 94 -116.51 -110.09 -1.97
C ALA D 94 -116.93 -109.27 -3.18
N GLY D 95 -117.72 -109.84 -4.08
CA GLY D 95 -118.13 -109.15 -5.28
C GLY D 95 -119.54 -108.60 -5.25
N ASN D 96 -120.48 -109.37 -4.71
CA ASN D 96 -121.88 -108.96 -4.72
C ASN D 96 -122.55 -109.08 -3.35
N LYS D 97 -121.75 -109.24 -2.28
CA LYS D 97 -122.17 -109.05 -0.89
C LYS D 97 -123.12 -110.14 -0.39
N GLU D 98 -123.60 -111.00 -1.27
CA GLU D 98 -124.61 -111.99 -0.90
C GLU D 98 -123.97 -113.11 -0.08
N VAL D 99 -124.72 -113.58 0.92
CA VAL D 99 -124.25 -114.60 1.85
C VAL D 99 -124.81 -115.94 1.37
N GLN D 100 -123.93 -116.83 0.95
CA GLN D 100 -124.32 -118.17 0.52
C GLN D 100 -124.38 -119.07 1.74
N LYS D 101 -125.59 -119.36 2.22
CA LYS D 101 -125.79 -120.23 3.36
C LYS D 101 -125.81 -121.67 2.87
N ILE D 102 -124.74 -122.41 3.14
CA ILE D 102 -124.64 -123.81 2.76
C ILE D 102 -125.05 -124.64 3.97
N GLU D 103 -126.22 -125.26 3.88
CA GLU D 103 -126.69 -126.11 4.97
C GLU D 103 -125.90 -127.41 5.02
N SER D 104 -125.89 -128.01 6.21
CA SER D 104 -125.20 -129.29 6.38
C SER D 104 -126.04 -130.41 5.78
N GLU D 105 -125.42 -131.22 4.92
CA GLU D 105 -126.10 -132.33 4.27
C GLU D 105 -126.11 -133.59 5.13
N PHE D 106 -125.52 -133.54 6.32
CA PHE D 106 -125.49 -134.68 7.23
C PHE D 106 -126.66 -134.70 8.21
N LYS D 107 -127.80 -134.10 7.82
CA LYS D 107 -129.03 -134.08 8.59
C LYS D 107 -128.83 -133.43 9.96
N THR D 108 -128.54 -132.13 9.91
CA THR D 108 -128.36 -131.25 11.06
C THR D 108 -127.22 -131.74 11.96
N GLN D 109 -126.02 -131.68 11.38
CA GLN D 109 -124.79 -132.05 12.08
C GLN D 109 -123.93 -130.80 12.26
N GLU D 110 -123.47 -130.58 13.49
CA GLU D 110 -122.73 -129.37 13.82
C GLU D 110 -121.33 -129.42 13.22
N PHE D 111 -120.94 -128.34 12.55
CA PHE D 111 -119.62 -128.24 11.94
C PHE D 111 -118.55 -127.98 12.99
N SER D 112 -117.32 -128.39 12.67
CA SER D 112 -116.18 -128.21 13.56
C SER D 112 -115.13 -127.28 12.97
N CYS D 113 -114.62 -127.57 11.78
CA CYS D 113 -113.56 -126.78 11.18
C CYS D 113 -113.73 -126.79 9.67
N MET D 114 -112.98 -125.92 8.99
CA MET D 114 -112.98 -125.84 7.55
C MET D 114 -111.56 -125.70 7.04
N ALA D 115 -111.43 -125.77 5.71
CA ALA D 115 -110.13 -125.66 5.07
C ALA D 115 -110.32 -125.14 3.64
N TRP D 116 -109.47 -124.21 3.24
CA TRP D 116 -109.54 -123.64 1.89
C TRP D 116 -108.44 -124.24 1.01
N SER D 117 -108.81 -124.52 -0.24
CA SER D 117 -107.84 -125.03 -1.20
C SER D 117 -106.88 -123.94 -1.63
N ARG D 118 -105.63 -124.35 -1.87
CA ARG D 118 -104.64 -123.41 -2.40
C ARG D 118 -104.98 -122.98 -3.82
N ASN D 119 -105.66 -123.85 -4.58
CA ASN D 119 -106.13 -123.48 -5.91
C ASN D 119 -107.37 -122.58 -5.84
N GLY D 120 -108.24 -122.80 -4.86
CA GLY D 120 -109.41 -121.98 -4.67
C GLY D 120 -110.71 -122.59 -5.18
N MET D 121 -110.64 -123.66 -5.96
CA MET D 121 -111.82 -124.29 -6.52
C MET D 121 -112.37 -125.41 -5.64
N TYR D 122 -111.79 -125.64 -4.47
CA TYR D 122 -112.20 -126.71 -3.59
C TYR D 122 -112.38 -126.17 -2.18
N LEU D 123 -113.28 -126.81 -1.43
CA LEU D 123 -113.56 -126.40 -0.05
C LEU D 123 -113.97 -127.61 0.77
N GLY D 124 -113.33 -127.78 1.92
CA GLY D 124 -113.68 -128.86 2.81
C GLY D 124 -113.97 -128.39 4.23
N VAL D 125 -115.20 -128.55 4.67
CA VAL D 125 -115.63 -128.14 6.00
C VAL D 125 -115.98 -129.40 6.80
N ALA D 126 -115.43 -129.51 8.00
CA ALA D 126 -115.57 -130.70 8.83
C ALA D 126 -116.62 -130.49 9.91
N THR D 127 -117.23 -131.60 10.33
CA THR D 127 -118.20 -131.60 11.41
C THR D 127 -117.57 -132.15 12.69
N VAL D 128 -118.34 -132.06 13.78
CA VAL D 128 -117.88 -132.57 15.07
C VAL D 128 -118.03 -134.07 15.20
N LYS D 129 -118.69 -134.72 14.24
CA LYS D 129 -118.77 -136.18 14.19
C LYS D 129 -117.80 -136.79 13.20
N GLY D 130 -116.89 -135.98 12.63
CA GLY D 130 -115.93 -136.45 11.67
C GLY D 130 -116.36 -136.39 10.22
N ASN D 131 -117.63 -136.09 9.96
CA ASN D 131 -118.08 -135.95 8.59
C ASN D 131 -117.55 -134.66 7.99
N VAL D 132 -117.21 -134.71 6.71
CA VAL D 132 -116.64 -133.56 6.00
C VAL D 132 -117.45 -133.35 4.73
N MET D 133 -118.02 -132.15 4.57
CA MET D 133 -118.73 -131.83 3.34
C MET D 133 -117.76 -131.29 2.30
N MET D 134 -118.10 -131.51 1.03
CA MET D 134 -117.27 -131.08 -0.09
C MET D 134 -118.03 -130.03 -0.89
N TYR D 135 -117.38 -128.91 -1.15
CA TYR D 135 -117.98 -127.80 -1.88
C TYR D 135 -116.97 -127.27 -2.90
N ASN D 136 -117.44 -127.02 -4.11
CA ASN D 136 -116.60 -126.50 -5.18
C ASN D 136 -117.03 -125.07 -5.52
N ALA D 137 -116.06 -124.17 -5.61
CA ALA D 137 -116.36 -122.76 -5.86
C ALA D 137 -116.75 -122.50 -7.31
N ARG D 138 -116.25 -123.30 -8.25
CA ARG D 138 -116.46 -123.05 -9.67
C ARG D 138 -117.77 -123.61 -10.20
N GLU D 139 -118.47 -124.44 -9.42
CA GLU D 139 -119.72 -125.05 -9.89
C GLU D 139 -120.90 -124.85 -8.95
N ARG D 140 -120.67 -124.52 -7.68
CA ARG D 140 -121.71 -124.25 -6.68
C ARG D 140 -122.65 -125.44 -6.49
N LYS D 141 -122.05 -126.58 -6.17
CA LYS D 141 -122.79 -127.78 -5.78
C LYS D 141 -122.22 -128.31 -4.48
N LYS D 142 -123.11 -128.86 -3.65
CA LYS D 142 -122.74 -129.40 -2.34
C LYS D 142 -122.66 -130.91 -2.44
N THR D 143 -121.51 -131.47 -2.08
CA THR D 143 -121.27 -132.92 -2.13
C THR D 143 -120.99 -133.44 -0.74
N PRO D 144 -121.88 -134.21 -0.13
CA PRO D 144 -121.60 -134.74 1.21
C PRO D 144 -120.72 -135.98 1.16
N LEU D 145 -119.77 -136.05 2.09
CA LEU D 145 -118.93 -137.22 2.28
C LEU D 145 -119.12 -137.71 3.71
N VAL D 146 -119.77 -138.87 3.86
CA VAL D 146 -120.12 -139.39 5.17
C VAL D 146 -118.97 -140.27 5.67
N GLY D 147 -118.24 -139.76 6.64
CA GLY D 147 -117.20 -140.53 7.29
C GLY D 147 -115.79 -140.19 6.86
N LYS D 148 -115.11 -139.38 7.66
CA LYS D 148 -113.69 -139.12 7.55
C LYS D 148 -112.97 -139.30 8.88
N HIS D 149 -113.63 -138.92 9.99
CA HIS D 149 -113.12 -139.11 11.33
C HIS D 149 -114.26 -139.61 12.20
N THR D 150 -113.94 -139.98 13.43
CA THR D 150 -114.95 -140.44 14.38
C THR D 150 -115.25 -139.41 15.47
N LYS D 151 -114.54 -138.29 15.49
CA LYS D 151 -114.74 -137.26 16.50
C LYS D 151 -114.64 -135.90 15.83
N LYS D 152 -114.54 -134.84 16.64
CA LYS D 152 -114.48 -133.49 16.11
C LYS D 152 -113.12 -133.24 15.47
N ILE D 153 -113.13 -132.70 14.26
CA ILE D 153 -111.89 -132.34 13.57
C ILE D 153 -111.58 -130.89 13.93
N VAL D 154 -110.51 -130.68 14.70
CA VAL D 154 -110.23 -129.37 15.27
C VAL D 154 -109.81 -128.38 14.20
N ALA D 155 -108.95 -128.81 13.27
CA ALA D 155 -108.49 -127.94 12.20
C ALA D 155 -108.22 -128.78 10.97
N ALA D 156 -108.09 -128.10 9.84
CA ALA D 156 -107.81 -128.77 8.57
C ALA D 156 -107.14 -127.78 7.64
N ALA D 157 -106.38 -128.33 6.68
CA ALA D 157 -105.77 -127.52 5.63
C ALA D 157 -105.70 -128.35 4.37
N TRP D 158 -105.77 -127.68 3.24
CA TRP D 158 -105.63 -128.31 1.94
C TRP D 158 -104.16 -128.33 1.53
N ASN D 159 -103.91 -128.66 0.28
CA ASN D 159 -102.56 -128.61 -0.28
C ASN D 159 -102.67 -128.29 -1.76
N LYS D 160 -101.54 -128.32 -2.46
CA LYS D 160 -101.51 -128.10 -3.90
C LYS D 160 -101.74 -129.36 -4.69
N ASP D 161 -101.89 -130.51 -4.03
CA ASP D 161 -102.18 -131.77 -4.69
C ASP D 161 -103.68 -132.08 -4.71
N ASN D 162 -104.51 -131.13 -4.28
CA ASN D 162 -105.97 -131.31 -4.17
C ASN D 162 -106.32 -132.51 -3.29
N ILE D 163 -105.63 -132.62 -2.16
CA ILE D 163 -105.84 -133.70 -1.20
C ILE D 163 -106.36 -133.09 0.09
N MET D 164 -107.54 -133.52 0.52
CA MET D 164 -108.12 -133.03 1.76
C MET D 164 -107.40 -133.66 2.94
N ALA D 165 -106.80 -132.82 3.78
CA ALA D 165 -106.10 -133.26 4.99
C ALA D 165 -106.85 -132.73 6.20
N LEU D 166 -106.96 -133.56 7.23
CA LEU D 166 -107.74 -133.21 8.41
C LEU D 166 -106.94 -133.52 9.68
N ALA D 167 -107.22 -132.75 10.73
CA ALA D 167 -106.62 -132.95 12.05
C ALA D 167 -107.76 -133.22 13.02
N GLY D 168 -108.15 -134.49 13.13
CA GLY D 168 -109.27 -134.86 13.96
C GLY D 168 -108.87 -135.20 15.40
N GLN D 169 -109.89 -135.26 16.26
CA GLN D 169 -109.67 -135.62 17.66
C GLN D 169 -109.42 -137.11 17.85
N ASP D 170 -109.62 -137.93 16.81
CA ASP D 170 -109.36 -139.35 16.88
C ASP D 170 -107.91 -139.72 16.57
N LYS D 171 -107.00 -138.75 16.68
CA LYS D 171 -105.55 -138.96 16.53
C LYS D 171 -105.19 -139.55 15.16
N THR D 172 -105.85 -139.06 14.12
CA THR D 172 -105.63 -139.55 12.76
C THR D 172 -105.49 -138.38 11.82
N VAL D 173 -104.76 -138.61 10.73
CA VAL D 173 -104.63 -137.66 9.62
C VAL D 173 -105.06 -138.38 8.36
N THR D 174 -106.19 -137.96 7.79
CA THR D 174 -106.73 -138.57 6.59
C THR D 174 -106.37 -137.71 5.39
N LEU D 175 -105.63 -138.29 4.44
CA LEU D 175 -105.26 -137.60 3.21
C LEU D 175 -106.15 -138.13 2.09
N THR D 176 -107.33 -137.54 1.98
CA THR D 176 -108.32 -137.95 0.99
C THR D 176 -108.26 -137.02 -0.22
N ASP D 177 -108.32 -137.62 -1.41
CA ASP D 177 -108.25 -136.85 -2.64
C ASP D 177 -109.50 -136.00 -2.81
N GLY D 178 -109.31 -134.75 -3.23
CA GLY D 178 -110.41 -133.85 -3.46
C GLY D 178 -111.11 -134.00 -4.79
N VAL D 179 -110.61 -134.87 -5.66
CA VAL D 179 -111.21 -135.12 -6.98
C VAL D 179 -111.91 -136.48 -7.00
N THR D 180 -111.17 -137.55 -6.75
CA THR D 180 -111.74 -138.89 -6.76
C THR D 180 -112.49 -139.23 -5.47
N GLY D 181 -112.27 -138.45 -4.40
CA GLY D 181 -112.96 -138.72 -3.15
C GLY D 181 -112.47 -139.94 -2.40
N ASP D 182 -111.25 -140.41 -2.68
CA ASP D 182 -110.71 -141.60 -2.06
C ASP D 182 -109.56 -141.23 -1.14
N THR D 183 -109.45 -141.98 -0.03
CA THR D 183 -108.37 -141.76 0.93
C THR D 183 -107.07 -142.31 0.35
N ILE D 184 -106.17 -141.40 -0.05
CA ILE D 184 -104.91 -141.83 -0.63
C ILE D 184 -103.97 -142.38 0.44
N LYS D 185 -103.77 -141.63 1.51
CA LYS D 185 -102.91 -142.04 2.61
C LYS D 185 -103.58 -141.69 3.94
N THR D 186 -103.20 -142.42 4.99
CA THR D 186 -103.70 -142.17 6.32
C THR D 186 -102.53 -142.18 7.30
N PHE D 187 -102.38 -141.10 8.06
CA PHE D 187 -101.33 -140.99 9.06
C PHE D 187 -101.95 -141.00 10.45
N HIS D 188 -101.45 -141.89 11.30
CA HIS D 188 -101.99 -142.07 12.64
C HIS D 188 -101.14 -141.30 13.64
N LEU D 189 -101.77 -140.34 14.31
CA LEU D 189 -101.09 -139.57 15.35
C LEU D 189 -101.17 -140.32 16.68
N LYS D 190 -100.47 -139.78 17.68
CA LYS D 190 -100.50 -140.36 19.01
C LYS D 190 -101.44 -139.65 19.97
N ASP D 191 -101.79 -138.39 19.69
CA ASP D 191 -102.71 -137.66 20.53
C ASP D 191 -103.48 -136.66 19.67
N VAL D 192 -104.26 -135.80 20.32
CA VAL D 192 -105.15 -134.88 19.64
C VAL D 192 -104.38 -133.65 19.18
N PRO D 193 -104.40 -133.33 17.88
CA PRO D 193 -103.81 -132.07 17.41
C PRO D 193 -104.83 -130.95 17.50
N MET D 194 -104.37 -129.73 17.21
CA MET D 194 -105.26 -128.59 17.14
C MET D 194 -105.09 -127.75 15.88
N ASP D 195 -104.01 -127.95 15.12
CA ASP D 195 -103.79 -127.24 13.88
C ASP D 195 -103.38 -128.22 12.79
N LEU D 196 -103.25 -127.69 11.58
CA LEU D 196 -102.75 -128.45 10.45
C LEU D 196 -102.17 -127.45 9.46
N CYS D 197 -100.86 -127.46 9.31
CA CYS D 197 -100.18 -126.55 8.40
C CYS D 197 -99.45 -127.37 7.36
N VAL D 198 -99.83 -127.19 6.10
CA VAL D 198 -99.29 -127.96 4.98
C VAL D 198 -98.37 -127.04 4.21
N SER D 199 -97.09 -127.41 4.14
CA SER D 199 -96.11 -126.63 3.38
C SER D 199 -94.98 -127.56 2.99
N ASP D 200 -94.09 -127.05 2.14
CA ASP D 200 -93.03 -127.85 1.56
C ASP D 200 -91.91 -128.11 2.56
N LYS D 201 -91.32 -129.29 2.49
CA LYS D 201 -90.13 -129.63 3.26
C LYS D 201 -88.96 -129.72 2.27
N LYS D 202 -88.19 -128.64 2.19
CA LYS D 202 -87.08 -128.59 1.26
C LYS D 202 -85.86 -129.31 1.84
N GLU D 203 -85.28 -130.20 1.05
CA GLU D 203 -84.09 -130.94 1.41
C GLU D 203 -83.02 -130.74 0.34
N ASP D 204 -81.79 -131.09 0.70
CA ASP D 204 -80.68 -130.99 -0.25
C ASP D 204 -80.74 -132.03 -1.36
N GLY D 205 -81.59 -133.05 -1.21
CA GLY D 205 -81.78 -134.02 -2.27
C GLY D 205 -82.82 -133.56 -3.27
N TYR D 206 -83.85 -134.39 -3.49
CA TYR D 206 -84.93 -134.06 -4.42
C TYR D 206 -86.26 -134.23 -3.69
N SER D 207 -86.99 -133.13 -3.52
CA SER D 207 -88.31 -133.16 -2.90
C SER D 207 -89.29 -132.42 -3.82
N ARG D 208 -90.55 -132.84 -3.76
CA ARG D 208 -91.57 -132.27 -4.62
C ARG D 208 -91.90 -130.84 -4.19
N ARG D 209 -92.10 -129.96 -5.18
CA ARG D 209 -92.39 -128.57 -4.92
C ARG D 209 -93.81 -128.33 -4.44
N GLU D 210 -94.73 -129.26 -4.71
CA GLU D 210 -96.10 -129.12 -4.23
C GLU D 210 -96.17 -129.45 -2.75
N GLU D 211 -97.23 -128.95 -2.11
CA GLU D 211 -97.42 -129.18 -0.68
C GLU D 211 -97.79 -130.64 -0.44
N ASN D 212 -96.84 -131.41 0.07
CA ASN D 212 -97.09 -132.80 0.42
C ASN D 212 -96.55 -133.20 1.78
N THR D 213 -95.74 -132.36 2.42
CA THR D 213 -95.27 -132.63 3.77
C THR D 213 -96.20 -131.94 4.76
N TYR D 214 -96.74 -132.71 5.69
CA TYR D 214 -97.70 -132.22 6.66
C TYR D 214 -97.01 -132.04 8.01
N SER D 215 -97.71 -131.33 8.90
CA SER D 215 -97.16 -131.05 10.22
C SER D 215 -98.30 -130.76 11.17
N LEU D 216 -98.26 -131.38 12.34
CA LEU D 216 -99.33 -131.26 13.33
C LEU D 216 -98.74 -131.06 14.71
N ASN D 217 -99.21 -130.04 15.40
CA ASN D 217 -98.78 -129.74 16.76
C ASN D 217 -99.58 -130.62 17.72
N ILE D 218 -98.95 -131.67 18.22
CA ILE D 218 -99.62 -132.71 19.01
C ILE D 218 -99.43 -132.38 20.48
N ASN D 219 -100.55 -132.41 21.24
CA ASN D 219 -100.60 -132.05 22.66
C ASN D 219 -100.11 -130.64 22.94
N ARG D 220 -100.10 -129.78 21.92
CA ARG D 220 -99.51 -128.44 21.95
C ARG D 220 -98.05 -128.45 22.38
N LYS D 221 -97.36 -129.58 22.26
CA LYS D 221 -95.95 -129.66 22.62
C LYS D 221 -95.10 -130.30 21.54
N THR D 222 -95.60 -131.35 20.88
CA THR D 222 -94.80 -132.16 19.97
C THR D 222 -95.31 -131.99 18.55
N LEU D 223 -94.39 -131.81 17.61
CA LEU D 223 -94.72 -131.61 16.21
C LEU D 223 -94.14 -132.75 15.40
N TYR D 224 -94.98 -133.44 14.63
CA TYR D 224 -94.52 -134.47 13.71
C TYR D 224 -94.39 -133.92 12.30
N ILE D 225 -93.31 -134.30 11.64
CA ILE D 225 -93.07 -133.97 10.25
C ILE D 225 -93.02 -135.27 9.48
N MET D 226 -94.12 -135.65 8.85
CA MET D 226 -94.14 -136.78 7.93
C MET D 226 -93.99 -136.28 6.51
N GLN D 227 -93.12 -136.94 5.74
CA GLN D 227 -92.87 -136.59 4.36
C GLN D 227 -93.68 -137.50 3.45
N CYS D 228 -94.22 -136.92 2.38
CA CYS D 228 -94.89 -137.70 1.35
C CYS D 228 -94.35 -137.40 -0.04
N THR D 229 -93.46 -136.40 -0.18
CA THR D 229 -92.96 -135.99 -1.48
C THR D 229 -92.13 -137.06 -2.18
N ALA D 230 -90.95 -137.36 -1.64
CA ALA D 230 -90.06 -138.32 -2.30
C ALA D 230 -89.30 -139.25 -1.36
N GLU D 231 -89.41 -139.09 -0.04
CA GLU D 231 -88.57 -139.86 0.86
C GLU D 231 -89.31 -140.13 2.17
N GLY D 232 -89.33 -141.39 2.57
CA GLY D 232 -89.87 -141.76 3.86
C GLY D 232 -91.38 -141.74 3.91
N ASP D 233 -91.92 -142.47 4.90
CA ASP D 233 -93.35 -142.52 5.12
C ASP D 233 -93.72 -142.41 6.60
N ARG D 234 -92.77 -142.11 7.47
CA ARG D 234 -93.05 -142.02 8.89
C ARG D 234 -93.02 -140.58 9.36
N PRO D 235 -93.79 -140.24 10.40
CA PRO D 235 -93.65 -138.91 11.02
C PRO D 235 -92.30 -138.80 11.71
N LEU D 236 -91.42 -137.98 11.15
CA LEU D 236 -90.06 -137.88 11.66
C LEU D 236 -90.08 -137.09 12.96
N GLU D 237 -89.65 -137.75 14.03
CA GLU D 237 -89.93 -137.29 15.39
C GLU D 237 -89.15 -136.02 15.73
N LEU D 238 -89.83 -135.07 16.37
CA LEU D 238 -89.22 -133.85 16.87
C LEU D 238 -89.36 -133.78 18.38
N ALA D 239 -88.25 -133.62 19.07
CA ALA D 239 -88.23 -133.44 20.51
C ALA D 239 -87.85 -132.00 20.83
N PHE D 240 -88.69 -131.32 21.60
CA PHE D 240 -88.45 -129.95 22.00
C PHE D 240 -88.30 -129.86 23.51
N LEU D 241 -87.58 -128.83 23.95
CA LEU D 241 -87.34 -128.63 25.37
C LEU D 241 -88.62 -128.20 26.08
N ASP D 242 -88.84 -128.76 27.27
CA ASP D 242 -90.01 -128.40 28.06
C ASP D 242 -89.89 -127.04 28.72
N THR D 243 -88.67 -126.52 28.86
CA THR D 243 -88.49 -125.20 29.46
C THR D 243 -88.98 -124.08 28.56
N TYR D 244 -89.07 -124.31 27.26
CA TYR D 244 -89.56 -123.30 26.34
C TYR D 244 -91.07 -123.11 26.42
N GLY D 245 -91.78 -124.06 27.01
CA GLY D 245 -93.22 -123.99 27.11
C GLY D 245 -93.90 -124.89 26.12
N PRO D 246 -95.23 -124.79 26.03
CA PRO D 246 -95.96 -125.55 25.00
C PRO D 246 -96.17 -124.73 23.73
N ILE D 247 -95.94 -125.39 22.60
CA ILE D 247 -96.20 -124.78 21.30
C ILE D 247 -97.70 -124.73 21.12
N MET D 248 -98.32 -123.56 21.34
CA MET D 248 -99.76 -123.50 21.23
C MET D 248 -100.23 -123.74 19.80
N LYS D 249 -99.53 -123.19 18.81
CA LYS D 249 -99.84 -123.43 17.41
C LYS D 249 -98.57 -123.25 16.60
N HIS D 250 -98.23 -124.25 15.80
CA HIS D 250 -97.16 -124.12 14.82
C HIS D 250 -97.73 -123.64 13.51
N SER D 251 -96.86 -123.06 12.68
CA SER D 251 -97.26 -122.61 11.35
C SER D 251 -96.03 -122.67 10.44
N TRP D 252 -96.06 -123.57 9.47
CA TRP D 252 -94.94 -123.71 8.56
C TRP D 252 -94.79 -122.49 7.66
N PHE D 253 -93.55 -122.03 7.51
CA PHE D 253 -93.28 -120.78 6.83
C PHE D 253 -91.86 -120.81 6.30
N GLY D 254 -91.57 -119.89 5.37
CA GLY D 254 -90.21 -119.73 4.88
C GLY D 254 -89.75 -120.93 4.08
N ASP D 255 -88.44 -121.22 4.18
CA ASP D 255 -87.83 -122.32 3.43
C ASP D 255 -87.79 -123.57 4.30
N GLY D 256 -88.97 -124.15 4.48
CA GLY D 256 -89.11 -125.33 5.32
C GLY D 256 -89.08 -125.04 6.80
N TYR D 257 -89.01 -123.78 7.20
CA TYR D 257 -88.96 -123.41 8.61
C TYR D 257 -90.32 -123.62 9.26
N ILE D 258 -90.28 -123.68 10.60
CA ILE D 258 -91.48 -123.89 11.41
C ILE D 258 -91.57 -122.72 12.38
N LEU D 259 -92.75 -122.11 12.46
CA LEU D 259 -92.94 -120.99 13.39
C LEU D 259 -93.47 -121.57 14.69
N LEU D 260 -92.55 -122.03 15.53
CA LEU D 260 -92.89 -122.68 16.79
C LEU D 260 -93.30 -121.59 17.77
N GLY D 261 -94.60 -121.33 17.86
CA GLY D 261 -95.07 -120.36 18.83
C GLY D 261 -95.32 -121.00 20.18
N TYR D 262 -94.32 -120.93 21.05
CA TYR D 262 -94.44 -121.47 22.39
C TYR D 262 -95.27 -120.52 23.25
N LYS D 263 -96.27 -121.07 23.94
CA LYS D 263 -97.27 -120.29 24.67
C LYS D 263 -96.66 -119.40 25.75
N ASN D 264 -95.47 -119.70 26.23
CA ASN D 264 -94.79 -118.88 27.23
C ASN D 264 -94.03 -117.70 26.61
N GLY D 265 -94.40 -117.30 25.39
CA GLY D 265 -93.74 -116.19 24.73
C GLY D 265 -92.45 -116.54 24.03
N TYR D 266 -92.01 -117.79 24.11
CA TYR D 266 -90.79 -118.23 23.45
C TYR D 266 -91.05 -118.47 21.97
N VAL D 267 -90.06 -118.14 21.15
CA VAL D 267 -90.14 -118.34 19.70
C VAL D 267 -88.96 -119.20 19.28
N ALA D 268 -89.24 -120.26 18.53
CA ALA D 268 -88.21 -121.11 17.96
C ALA D 268 -88.52 -121.35 16.49
N VAL D 269 -87.48 -121.65 15.73
CA VAL D 269 -87.60 -122.01 14.32
C VAL D 269 -86.81 -123.28 14.08
N VAL D 270 -87.47 -124.31 13.57
CA VAL D 270 -86.86 -125.60 13.32
C VAL D 270 -86.83 -125.81 11.81
N SER D 271 -85.63 -126.00 11.26
CA SER D 271 -85.50 -126.33 9.85
C SER D 271 -85.90 -127.77 9.61
N SER D 272 -86.44 -128.04 8.42
CA SER D 272 -86.99 -129.35 8.08
C SER D 272 -86.26 -129.89 6.86
N HIS D 273 -85.38 -130.86 7.08
CA HIS D 273 -84.69 -131.56 6.00
C HIS D 273 -84.22 -132.91 6.53
N SER D 274 -83.49 -133.65 5.68
CA SER D 274 -83.14 -135.03 5.99
C SER D 274 -82.00 -135.14 6.99
N ARG D 275 -81.02 -134.25 6.92
CA ARG D 275 -79.78 -134.44 7.68
C ARG D 275 -80.00 -134.20 9.17
N GLU D 276 -80.35 -132.98 9.55
CA GLU D 276 -80.73 -132.65 10.92
C GLU D 276 -82.16 -132.13 10.90
N ILE D 277 -83.02 -132.71 11.74
CA ILE D 277 -84.42 -132.38 11.71
C ILE D 277 -84.85 -131.79 13.04
N SER D 278 -84.22 -132.22 14.13
CA SER D 278 -84.65 -131.87 15.48
C SER D 278 -83.94 -130.66 16.06
N GLU D 279 -83.03 -130.04 15.31
CA GLU D 279 -82.33 -128.87 15.82
C GLU D 279 -83.24 -127.65 15.80
N GLU D 280 -82.92 -126.68 16.65
CA GLU D 280 -83.63 -125.42 16.74
C GLU D 280 -82.68 -124.30 16.31
N VAL D 281 -82.90 -123.77 15.10
CA VAL D 281 -82.02 -122.74 14.57
C VAL D 281 -82.18 -121.43 15.33
N HIS D 282 -83.43 -121.03 15.58
CA HIS D 282 -83.73 -119.78 16.25
C HIS D 282 -84.07 -120.05 17.71
N SER D 283 -83.43 -119.30 18.61
CA SER D 283 -83.61 -119.51 20.05
C SER D 283 -83.55 -118.16 20.75
N GLY D 284 -84.61 -117.82 21.48
CA GLY D 284 -84.64 -116.57 22.22
C GLY D 284 -85.91 -116.35 22.99
N LYS D 285 -85.81 -115.70 24.16
CA LYS D 285 -86.96 -115.33 24.95
C LYS D 285 -87.48 -113.98 24.47
N TYR D 286 -88.76 -113.91 24.17
CA TYR D 286 -89.32 -112.67 23.65
C TYR D 286 -90.47 -112.14 24.48
N LEU D 287 -91.33 -113.02 24.99
CA LEU D 287 -92.48 -112.60 25.78
C LEU D 287 -92.69 -113.60 26.90
N ASP D 288 -93.70 -113.33 27.73
CA ASP D 288 -94.15 -114.25 28.75
C ASP D 288 -95.41 -115.00 28.35
N THR D 289 -96.22 -114.41 27.47
CA THR D 289 -97.44 -115.03 26.97
C THR D 289 -97.42 -114.99 25.45
N LEU D 290 -97.84 -116.10 24.82
CA LEU D 290 -97.91 -116.16 23.34
C LEU D 290 -99.19 -116.88 22.97
N THR D 291 -100.33 -116.17 23.03
CA THR D 291 -101.64 -116.82 22.75
C THR D 291 -101.86 -116.96 21.25
N ASP D 292 -100.95 -116.39 20.44
CA ASP D 292 -101.08 -116.56 18.96
C ASP D 292 -99.79 -116.18 18.25
N VAL D 293 -99.35 -116.99 17.29
CA VAL D 293 -98.19 -116.68 16.47
C VAL D 293 -98.63 -116.73 15.01
N THR D 294 -97.98 -115.92 14.18
CA THR D 294 -98.41 -115.78 12.80
C THR D 294 -97.23 -115.28 11.97
N TYR D 295 -97.35 -115.47 10.66
CA TYR D 295 -96.31 -115.08 9.72
C TYR D 295 -96.93 -114.54 8.44
N CYS D 296 -96.29 -113.52 7.88
CA CYS D 296 -96.59 -113.03 6.54
C CYS D 296 -95.40 -113.38 5.65
N ALA D 297 -95.65 -114.12 4.59
CA ALA D 297 -94.55 -114.56 3.73
C ALA D 297 -94.30 -113.57 2.60
N SER D 298 -94.25 -112.28 2.95
CA SER D 298 -93.80 -111.24 2.04
C SER D 298 -92.87 -110.22 2.69
N LEU D 299 -92.97 -109.98 3.99
CA LEU D 299 -92.13 -109.02 4.69
C LEU D 299 -91.22 -109.65 5.73
N GLY D 300 -91.40 -110.94 6.01
CA GLY D 300 -90.64 -111.59 7.05
C GLY D 300 -90.97 -111.05 8.42
N ARG D 301 -92.25 -110.88 8.72
CA ARG D 301 -92.69 -110.31 9.98
C ARG D 301 -93.45 -111.35 10.78
N VAL D 302 -92.99 -111.61 11.99
CA VAL D 302 -93.63 -112.54 12.92
C VAL D 302 -94.23 -111.73 14.06
N ALA D 303 -95.53 -111.89 14.28
CA ALA D 303 -96.22 -111.14 15.31
C ALA D 303 -96.47 -112.01 16.54
N MET D 304 -96.34 -111.40 17.71
CA MET D 304 -96.62 -112.04 18.98
C MET D 304 -98.01 -111.65 19.47
N ALA D 305 -98.56 -112.49 20.34
CA ALA D 305 -99.84 -112.20 21.00
C ALA D 305 -99.60 -112.36 22.50
N GLY D 306 -99.10 -111.31 23.13
CA GLY D 306 -98.84 -111.34 24.54
C GLY D 306 -100.08 -111.04 25.35
N ALA D 307 -99.92 -111.06 26.67
CA ALA D 307 -101.00 -110.72 27.57
C ALA D 307 -101.34 -109.23 27.53
N ASN D 308 -100.38 -108.38 27.18
CA ASN D 308 -100.63 -106.95 27.14
C ASN D 308 -100.08 -106.26 25.89
N CYS D 309 -99.09 -106.88 25.25
CA CYS D 309 -98.40 -106.25 24.13
C CYS D 309 -98.28 -107.23 22.97
N VAL D 310 -97.95 -106.69 21.80
CA VAL D 310 -97.75 -107.46 20.59
C VAL D 310 -96.35 -107.14 20.08
N ARG D 311 -95.51 -108.18 19.97
CA ARG D 311 -94.14 -108.00 19.52
C ARG D 311 -94.00 -108.48 18.08
N VAL D 312 -93.30 -107.71 17.27
CA VAL D 312 -93.11 -108.01 15.86
C VAL D 312 -91.69 -108.50 15.66
N LEU D 313 -91.54 -109.71 15.15
CA LEU D 313 -90.24 -110.29 14.89
C LEU D 313 -89.96 -110.20 13.40
N ASP D 314 -88.86 -109.52 13.05
CA ASP D 314 -88.48 -109.37 11.65
C ASP D 314 -87.64 -110.59 11.26
N ALA D 315 -88.26 -111.52 10.52
CA ALA D 315 -87.53 -112.69 10.03
C ALA D 315 -86.45 -112.32 9.04
N ASN D 316 -86.56 -111.17 8.37
CA ASN D 316 -85.48 -110.67 7.52
C ASN D 316 -84.27 -110.26 8.34
N ALA D 317 -84.44 -109.94 9.63
CA ALA D 317 -83.36 -109.59 10.52
C ALA D 317 -83.25 -110.58 11.67
N ASP D 318 -83.52 -111.86 11.38
CA ASP D 318 -83.35 -112.99 12.31
C ASP D 318 -84.24 -112.83 13.55
N TYR D 319 -85.53 -112.59 13.29
CA TYR D 319 -86.59 -112.64 14.30
C TYR D 319 -86.31 -111.71 15.48
N ASN D 320 -85.89 -110.48 15.18
CA ASN D 320 -85.65 -109.50 16.24
C ASN D 320 -86.90 -108.69 16.52
N GLU D 321 -87.13 -108.39 17.79
CA GLU D 321 -88.26 -107.57 18.20
C GLU D 321 -88.01 -106.13 17.79
N ILE D 322 -88.52 -105.73 16.62
CA ILE D 322 -88.44 -104.35 16.19
C ILE D 322 -89.52 -103.58 16.97
N LYS D 323 -89.09 -102.78 17.95
CA LYS D 323 -90.04 -102.02 18.76
C LYS D 323 -90.70 -100.89 17.98
N GLY D 324 -90.08 -100.46 16.87
CA GLY D 324 -90.78 -99.57 15.96
C GLY D 324 -91.91 -100.25 15.22
N ASP D 325 -91.90 -101.59 15.16
CA ASP D 325 -93.01 -102.35 14.64
C ASP D 325 -93.84 -103.02 15.73
N ALA D 326 -93.23 -103.33 16.87
CA ALA D 326 -93.94 -103.97 17.97
C ALA D 326 -94.96 -103.01 18.58
N VAL D 327 -95.98 -103.60 19.21
CA VAL D 327 -97.13 -102.86 19.71
C VAL D 327 -97.32 -103.14 21.18
N ASP D 328 -97.43 -102.09 21.98
CA ASP D 328 -97.87 -102.17 23.37
C ASP D 328 -99.29 -101.64 23.45
N LEU D 329 -100.17 -102.40 24.10
CA LEU D 329 -101.57 -102.04 24.24
C LEU D 329 -101.87 -101.72 25.70
N ASP D 330 -103.14 -101.47 25.98
CA ASP D 330 -103.57 -101.18 27.33
C ASP D 330 -103.50 -102.43 28.21
N ALA D 331 -103.34 -102.20 29.51
CA ALA D 331 -103.26 -103.30 30.48
C ALA D 331 -104.64 -103.68 31.01
N ASN D 332 -105.57 -103.92 30.09
CA ASN D 332 -106.90 -104.41 30.44
C ASN D 332 -107.40 -105.45 29.45
N GLN D 333 -106.60 -105.83 28.46
CA GLN D 333 -106.98 -106.80 27.44
C GLN D 333 -105.99 -107.97 27.48
N ALA D 334 -106.14 -108.86 26.51
CA ALA D 334 -105.20 -109.97 26.35
C ALA D 334 -105.28 -110.40 24.89
N ILE D 335 -104.22 -110.12 24.12
CA ILE D 335 -104.23 -110.38 22.70
C ILE D 335 -104.31 -111.88 22.48
N GLU D 336 -105.45 -112.34 21.96
CA GLU D 336 -105.69 -113.76 21.73
C GLU D 336 -105.31 -114.21 20.33
N LYS D 337 -105.70 -113.45 19.32
CA LYS D 337 -105.25 -113.68 17.96
C LYS D 337 -104.47 -112.47 17.48
N VAL D 338 -103.32 -112.71 16.87
CA VAL D 338 -102.56 -111.66 16.23
C VAL D 338 -102.30 -112.10 14.80
N GLY D 339 -102.29 -111.16 13.87
CA GLY D 339 -102.18 -111.57 12.49
C GLY D 339 -101.55 -110.51 11.62
N TRP D 340 -101.19 -110.94 10.42
CA TRP D 340 -100.75 -110.06 9.36
C TRP D 340 -101.69 -110.18 8.17
N THR D 341 -101.68 -109.15 7.34
CA THR D 341 -102.28 -109.26 6.02
C THR D 341 -101.50 -110.27 5.21
N LYS D 342 -102.20 -111.02 4.35
CA LYS D 342 -101.59 -112.15 3.65
C LYS D 342 -100.45 -111.70 2.72
N ASP D 343 -100.53 -110.48 2.18
CA ASP D 343 -99.37 -109.88 1.53
C ASP D 343 -98.67 -108.87 2.43
N GLY D 344 -99.36 -108.32 3.42
CA GLY D 344 -98.71 -107.56 4.47
C GLY D 344 -98.81 -106.06 4.30
N GLN D 345 -99.75 -105.45 4.98
CA GLN D 345 -99.84 -104.01 5.13
C GLN D 345 -100.11 -103.59 6.56
N VAL D 346 -100.94 -104.36 7.27
CA VAL D 346 -101.44 -103.97 8.59
C VAL D 346 -101.14 -105.11 9.56
N LEU D 347 -100.52 -104.77 10.69
CA LEU D 347 -100.45 -105.71 11.80
C LEU D 347 -101.82 -105.80 12.45
N THR D 348 -102.37 -107.01 12.48
CA THR D 348 -103.74 -107.22 12.95
C THR D 348 -103.69 -107.90 14.31
N VAL D 349 -104.34 -107.28 15.28
CA VAL D 349 -104.22 -107.65 16.69
C VAL D 349 -105.62 -107.82 17.27
N GLY D 350 -105.92 -109.00 17.77
CA GLY D 350 -107.22 -109.23 18.37
C GLY D 350 -107.09 -109.65 19.82
N THR D 351 -107.80 -108.94 20.70
CA THR D 351 -107.71 -109.19 22.12
C THR D 351 -108.81 -110.14 22.57
N HIS D 352 -108.85 -110.44 23.88
CA HIS D 352 -109.77 -111.40 24.45
C HIS D 352 -111.12 -110.81 24.83
N ASN D 353 -111.25 -109.48 24.86
CA ASN D 353 -112.50 -108.85 25.26
C ASN D 353 -113.01 -107.81 24.25
N GLY D 354 -112.60 -107.90 22.99
CA GLY D 354 -113.23 -107.15 21.93
C GLY D 354 -112.50 -105.92 21.42
N TYR D 355 -111.30 -105.63 21.92
CA TYR D 355 -110.45 -104.57 21.37
C TYR D 355 -109.88 -105.04 20.03
N MET D 356 -110.56 -104.69 18.94
CA MET D 356 -109.96 -104.84 17.62
C MET D 356 -108.82 -103.85 17.49
N HIS D 357 -107.63 -104.35 17.21
CA HIS D 357 -106.44 -103.51 17.10
C HIS D 357 -105.76 -103.79 15.77
N SER D 358 -105.49 -102.73 15.02
CA SER D 358 -104.83 -102.87 13.73
C SER D 358 -103.89 -101.72 13.53
N PHE D 359 -102.68 -102.01 13.06
CA PHE D 359 -101.59 -101.04 13.06
C PHE D 359 -100.89 -101.08 11.71
N LEU D 360 -100.67 -99.90 11.13
CA LEU D 360 -99.98 -99.80 9.85
C LEU D 360 -98.52 -100.20 10.02
N ALA D 361 -98.06 -101.10 9.16
CA ALA D 361 -96.69 -101.61 9.21
C ALA D 361 -95.73 -100.60 8.61
N SER D 362 -94.51 -101.03 8.28
CA SER D 362 -93.56 -100.19 7.57
C SER D 362 -94.20 -99.62 6.31
N LEU D 363 -94.02 -98.32 6.11
CA LEU D 363 -94.86 -97.56 5.20
C LEU D 363 -94.66 -98.01 3.76
N PRO D 364 -95.72 -98.00 2.95
CA PRO D 364 -95.60 -98.49 1.57
C PRO D 364 -94.74 -97.56 0.71
N MET D 365 -94.17 -98.15 -0.34
CA MET D 365 -93.18 -97.48 -1.19
C MET D 365 -93.88 -96.75 -2.35
N VAL D 366 -94.79 -95.86 -2.00
CA VAL D 366 -95.47 -95.01 -2.99
C VAL D 366 -94.60 -93.78 -3.15
N TYR D 367 -93.57 -93.91 -4.00
CA TYR D 367 -92.60 -92.84 -4.20
C TYR D 367 -92.36 -92.62 -5.69
N ASP D 368 -92.06 -91.37 -6.02
CA ASP D 368 -91.62 -91.00 -7.35
C ASP D 368 -90.48 -90.01 -7.20
N PHE D 369 -89.54 -90.02 -8.15
CA PHE D 369 -88.38 -89.15 -8.08
C PHE D 369 -88.34 -88.24 -9.30
N HIS D 370 -88.09 -86.96 -9.06
CA HIS D 370 -87.88 -85.96 -10.10
C HIS D 370 -86.82 -85.02 -9.53
N GLY D 371 -85.56 -85.31 -9.84
CA GLY D 371 -84.46 -84.66 -9.15
C GLY D 371 -84.30 -85.21 -7.74
N THR D 372 -83.79 -84.35 -6.85
CA THR D 372 -83.65 -84.75 -5.45
C THR D 372 -84.98 -84.81 -4.72
N ARG D 373 -86.00 -84.12 -5.22
CA ARG D 373 -87.34 -84.22 -4.64
C ARG D 373 -87.87 -85.63 -4.82
N VAL D 374 -88.40 -86.20 -3.74
CA VAL D 374 -88.95 -87.55 -3.77
C VAL D 374 -90.41 -87.46 -3.33
N LEU D 375 -91.31 -87.96 -4.15
CA LEU D 375 -92.74 -87.94 -3.87
C LEU D 375 -93.15 -89.20 -3.11
N TYR D 376 -92.45 -89.43 -2.00
CA TYR D 376 -92.67 -90.64 -1.22
C TYR D 376 -93.90 -90.46 -0.34
N LEU D 377 -94.28 -91.53 0.35
CA LEU D 377 -95.52 -91.56 1.11
C LEU D 377 -95.23 -91.83 2.58
N THR D 378 -95.94 -91.11 3.45
CA THR D 378 -95.85 -91.33 4.88
C THR D 378 -97.08 -92.00 5.48
N SER D 379 -98.24 -91.87 4.84
CA SER D 379 -99.44 -92.53 5.33
C SER D 379 -100.40 -92.74 4.16
N LEU D 380 -101.32 -93.67 4.34
CA LEU D 380 -102.27 -94.05 3.29
C LEU D 380 -103.21 -92.91 2.90
N LEU D 381 -103.34 -91.88 3.74
CA LEU D 381 -104.13 -90.71 3.37
C LEU D 381 -103.30 -89.58 2.77
N GLU D 382 -102.08 -89.35 3.27
CA GLU D 382 -101.24 -88.32 2.71
C GLU D 382 -99.84 -88.85 2.40
N MET D 383 -99.41 -88.68 1.17
CA MET D 383 -98.03 -88.83 0.77
C MET D 383 -97.28 -87.51 0.91
N THR D 384 -95.96 -87.62 1.08
CA THR D 384 -95.14 -86.48 1.47
C THR D 384 -94.04 -86.25 0.45
N LEU D 385 -94.15 -85.14 -0.29
CA LEU D 385 -93.01 -84.66 -1.08
C LEU D 385 -91.98 -84.13 -0.11
N LEU D 386 -90.95 -84.93 0.16
CA LEU D 386 -89.91 -84.56 1.11
C LEU D 386 -88.55 -84.85 0.49
N ASP D 387 -87.72 -83.81 0.44
CA ASP D 387 -86.36 -83.97 -0.09
C ASP D 387 -85.53 -84.83 0.85
N VAL D 388 -84.78 -85.76 0.28
CA VAL D 388 -83.88 -86.59 1.07
C VAL D 388 -82.77 -85.76 1.67
N SER D 389 -82.27 -84.77 0.93
CA SER D 389 -81.11 -84.01 1.36
C SER D 389 -81.43 -83.11 2.55
N ARG D 390 -82.58 -82.44 2.52
CA ARG D 390 -82.89 -81.44 3.53
C ARG D 390 -83.68 -81.98 4.72
N ARG D 391 -84.47 -83.04 4.52
CA ARG D 391 -85.30 -83.66 5.57
C ARG D 391 -86.26 -82.66 6.23
N GLN D 392 -86.66 -81.64 5.48
CA GLN D 392 -87.63 -80.65 5.95
C GLN D 392 -88.81 -80.66 4.99
N THR D 393 -90.02 -80.74 5.57
CA THR D 393 -91.21 -81.09 4.80
C THR D 393 -91.53 -80.04 3.75
N VAL D 394 -91.65 -80.47 2.49
CA VAL D 394 -92.00 -79.58 1.40
C VAL D 394 -93.49 -79.60 1.13
N ALA D 395 -94.08 -80.80 1.08
CA ALA D 395 -95.49 -80.93 0.68
C ALA D 395 -96.06 -82.21 1.26
N ARG D 396 -97.11 -82.09 2.06
CA ARG D 396 -97.85 -83.23 2.62
C ARG D 396 -99.10 -83.40 1.77
N ILE D 397 -98.98 -84.18 0.69
CA ILE D 397 -100.00 -84.23 -0.34
C ILE D 397 -101.13 -85.15 0.13
N GLU D 398 -102.29 -84.57 0.41
CA GLU D 398 -103.46 -85.36 0.77
C GLU D 398 -103.97 -86.14 -0.43
N LEU D 399 -104.39 -87.37 -0.19
CA LEU D 399 -104.80 -88.30 -1.26
C LEU D 399 -106.24 -88.72 -0.97
N GLU D 400 -107.19 -87.98 -1.54
CA GLU D 400 -108.58 -88.37 -1.42
C GLU D 400 -108.84 -89.67 -2.16
N ASN D 401 -108.24 -89.85 -3.34
CA ASN D 401 -108.29 -91.14 -3.99
C ASN D 401 -107.25 -92.07 -3.39
N GLU D 402 -107.38 -93.35 -3.72
CA GLU D 402 -106.52 -94.36 -3.15
C GLU D 402 -105.08 -94.20 -3.65
N PRO D 403 -104.09 -94.23 -2.78
CA PRO D 403 -102.70 -94.16 -3.26
C PRO D 403 -102.27 -95.46 -3.92
N ALA D 404 -102.23 -95.44 -5.25
CA ALA D 404 -101.69 -96.55 -6.02
C ALA D 404 -100.62 -96.12 -7.01
N PHE D 405 -100.53 -94.83 -7.33
CA PHE D 405 -99.47 -94.30 -8.17
C PHE D 405 -99.31 -92.82 -7.83
N CYS D 406 -98.09 -92.32 -7.98
CA CYS D 406 -97.82 -90.89 -7.82
C CYS D 406 -96.91 -90.43 -8.94
N GLY D 407 -97.38 -89.45 -9.70
CA GLY D 407 -96.59 -88.90 -10.78
C GLY D 407 -95.92 -87.60 -10.37
N LEU D 408 -94.62 -87.65 -10.08
CA LEU D 408 -93.92 -86.47 -9.59
C LEU D 408 -93.56 -85.57 -10.76
N GLY D 409 -94.45 -84.63 -11.06
CA GLY D 409 -94.10 -83.52 -11.91
C GLY D 409 -93.76 -82.32 -11.07
N PRO D 410 -93.04 -81.36 -11.66
CA PRO D 410 -92.76 -80.11 -10.93
C PRO D 410 -94.00 -79.29 -10.63
N SER D 411 -95.11 -79.55 -11.31
CA SER D 411 -96.35 -78.80 -11.12
C SER D 411 -97.41 -79.56 -10.35
N HIS D 412 -97.57 -80.86 -10.60
CA HIS D 412 -98.69 -81.61 -10.04
C HIS D 412 -98.23 -82.99 -9.58
N ALA D 413 -99.17 -83.73 -8.98
CA ALA D 413 -98.94 -85.10 -8.56
C ALA D 413 -100.21 -85.89 -8.81
N ALA D 414 -100.12 -86.93 -9.65
CA ALA D 414 -101.30 -87.70 -10.06
C ALA D 414 -101.41 -88.94 -9.18
N VAL D 415 -102.53 -89.04 -8.47
CA VAL D 415 -102.80 -90.14 -7.56
C VAL D 415 -104.13 -90.76 -7.97
N GLY D 416 -104.39 -91.97 -7.50
CA GLY D 416 -105.66 -92.61 -7.75
C GLY D 416 -105.50 -94.10 -7.79
N MET D 417 -106.64 -94.78 -7.83
CA MET D 417 -106.65 -96.24 -7.87
C MET D 417 -106.41 -96.78 -9.28
N ASN D 418 -105.33 -96.29 -9.90
CA ASN D 418 -104.75 -96.70 -11.17
C ASN D 418 -105.61 -96.34 -12.37
N ASN D 419 -106.79 -95.78 -12.17
CA ASN D 419 -107.59 -95.23 -13.26
C ASN D 419 -107.92 -93.76 -13.05
N GLN D 420 -108.15 -93.37 -11.79
CA GLN D 420 -108.29 -91.96 -11.47
C GLN D 420 -106.92 -91.29 -11.41
N ALA D 421 -106.84 -90.11 -12.00
CA ALA D 421 -105.63 -89.29 -11.89
C ALA D 421 -106.00 -88.11 -11.00
N ALA D 422 -105.91 -88.32 -9.70
CA ALA D 422 -106.16 -87.27 -8.72
C ALA D 422 -104.95 -86.35 -8.75
N PHE D 423 -104.98 -85.43 -9.71
CA PHE D 423 -103.88 -84.51 -9.92
C PHE D 423 -103.77 -83.57 -8.73
N TYR D 424 -102.60 -83.58 -8.11
CA TYR D 424 -102.37 -82.82 -6.88
C TYR D 424 -101.24 -81.85 -7.12
N SER D 425 -101.57 -80.57 -7.23
CA SER D 425 -100.58 -79.54 -7.48
C SER D 425 -99.59 -79.46 -6.32
N LEU D 426 -98.35 -79.14 -6.66
CA LEU D 426 -97.27 -79.03 -5.68
C LEU D 426 -96.81 -77.60 -5.50
N GLY D 427 -97.59 -76.63 -5.96
CA GLY D 427 -97.19 -75.23 -5.91
C GLY D 427 -97.90 -74.43 -4.84
N GLU D 428 -98.92 -73.66 -5.24
CA GLU D 428 -99.57 -72.73 -4.33
C GLU D 428 -100.39 -73.48 -3.27
N LYS D 429 -100.94 -74.64 -3.62
CA LYS D 429 -101.65 -75.48 -2.68
C LYS D 429 -101.11 -76.90 -2.78
N VAL D 430 -100.80 -77.49 -1.64
CA VAL D 430 -100.24 -78.84 -1.59
C VAL D 430 -101.39 -79.84 -1.66
N GLY D 431 -101.35 -80.73 -2.65
CA GLY D 431 -102.37 -81.75 -2.75
C GLY D 431 -103.73 -81.27 -3.18
N LYS D 432 -103.80 -80.11 -3.84
CA LYS D 432 -105.09 -79.59 -4.27
C LYS D 432 -105.67 -80.45 -5.39
N VAL D 433 -106.99 -80.50 -5.46
CA VAL D 433 -107.67 -81.30 -6.47
C VAL D 433 -107.61 -80.51 -7.78
N VAL D 434 -106.60 -80.78 -8.59
CA VAL D 434 -106.50 -80.13 -9.90
C VAL D 434 -107.47 -80.77 -10.87
N GLN D 435 -107.33 -82.06 -11.10
CA GLN D 435 -108.26 -82.83 -11.91
C GLN D 435 -108.50 -84.17 -11.23
N ARG D 436 -109.70 -84.70 -11.44
CA ARG D 436 -110.04 -86.07 -11.05
C ARG D 436 -110.34 -86.82 -12.33
N ARG D 437 -109.29 -87.32 -12.96
CA ARG D 437 -109.40 -87.93 -14.29
C ARG D 437 -109.42 -89.44 -14.12
N GLU D 438 -110.63 -89.98 -13.95
CA GLU D 438 -110.81 -91.42 -14.01
C GLU D 438 -110.66 -91.85 -15.46
N TYR D 439 -109.47 -92.32 -15.80
CA TYR D 439 -109.13 -92.51 -17.20
C TYR D 439 -109.85 -93.73 -17.77
N LEU D 440 -109.92 -93.77 -19.11
CA LEU D 440 -110.63 -94.83 -19.80
C LEU D 440 -109.99 -96.19 -19.55
N GLY D 441 -108.68 -96.23 -19.33
CA GLY D 441 -108.02 -97.46 -18.98
C GLY D 441 -107.20 -97.32 -17.71
N THR D 442 -106.38 -98.31 -17.42
CA THR D 442 -105.48 -98.22 -16.28
C THR D 442 -104.37 -97.22 -16.58
N ILE D 443 -104.08 -96.36 -15.60
CA ILE D 443 -102.99 -95.39 -15.72
C ILE D 443 -101.69 -96.16 -15.50
N THR D 444 -101.06 -96.59 -16.58
CA THR D 444 -99.93 -97.52 -16.47
C THR D 444 -98.63 -96.80 -16.13
N ALA D 445 -98.16 -95.94 -17.03
CA ALA D 445 -96.90 -95.22 -16.84
C ALA D 445 -97.18 -93.74 -17.10
N ILE D 446 -97.66 -93.07 -16.08
CA ILE D 446 -97.94 -91.65 -16.21
C ILE D 446 -96.64 -90.89 -15.96
N LYS D 447 -96.47 -89.77 -16.66
CA LYS D 447 -95.30 -88.94 -16.44
C LYS D 447 -95.74 -87.49 -16.48
N LEU D 448 -95.58 -86.80 -15.36
CA LEU D 448 -96.01 -85.42 -15.21
C LEU D 448 -94.81 -84.50 -15.39
N ASN D 449 -95.00 -83.46 -16.18
CA ASN D 449 -93.99 -82.41 -16.35
C ASN D 449 -94.60 -81.08 -15.92
N GLU D 450 -93.90 -79.99 -16.23
CA GLU D 450 -94.27 -78.66 -15.78
C GLU D 450 -95.68 -78.25 -16.20
N THR D 451 -96.21 -78.81 -17.28
CA THR D 451 -97.58 -78.53 -17.71
C THR D 451 -98.43 -79.78 -17.77
N GLN D 452 -97.93 -80.84 -18.41
CA GLN D 452 -98.75 -81.95 -18.84
C GLN D 452 -98.49 -83.19 -18.00
N ALA D 453 -99.35 -84.19 -18.20
CA ALA D 453 -99.13 -85.53 -17.70
C ALA D 453 -99.24 -86.47 -18.88
N ALA D 454 -98.16 -87.19 -19.16
CA ALA D 454 -98.16 -88.17 -20.24
C ALA D 454 -98.82 -89.43 -19.69
N VAL D 455 -100.15 -89.43 -19.68
CA VAL D 455 -100.89 -90.51 -19.06
C VAL D 455 -100.91 -91.68 -20.02
N LEU D 456 -99.90 -92.52 -19.94
CA LEU D 456 -99.85 -93.70 -20.80
C LEU D 456 -100.90 -94.68 -20.28
N THR D 457 -102.12 -94.50 -20.76
CA THR D 457 -103.25 -95.34 -20.38
C THR D 457 -103.81 -96.03 -21.62
N GLY D 458 -104.04 -97.33 -21.49
CA GLY D 458 -104.50 -98.13 -22.61
C GLY D 458 -103.50 -98.26 -23.74
N GLY D 459 -102.21 -98.12 -23.44
CA GLY D 459 -101.18 -98.15 -24.47
C GLY D 459 -101.04 -96.86 -25.23
N HIS D 460 -101.83 -95.84 -24.91
CA HIS D 460 -101.80 -94.56 -25.59
C HIS D 460 -101.25 -93.51 -24.63
N VAL D 461 -100.23 -92.77 -25.08
CA VAL D 461 -99.67 -91.70 -24.28
C VAL D 461 -100.67 -90.54 -24.35
N VAL D 462 -101.56 -90.47 -23.36
CA VAL D 462 -102.45 -89.34 -23.21
C VAL D 462 -101.62 -88.18 -22.69
N VAL D 463 -101.49 -87.13 -23.49
CA VAL D 463 -100.75 -85.93 -23.13
C VAL D 463 -101.74 -84.78 -23.02
N HIS D 464 -101.78 -84.15 -21.85
CA HIS D 464 -102.73 -83.09 -21.62
C HIS D 464 -102.14 -82.20 -20.53
N PRO D 465 -102.09 -80.88 -20.73
CA PRO D 465 -101.69 -80.00 -19.62
C PRO D 465 -102.64 -80.14 -18.45
N ILE D 466 -102.07 -80.44 -17.29
CA ILE D 466 -102.87 -80.70 -16.09
C ILE D 466 -103.59 -79.45 -15.64
N SER D 467 -102.90 -78.31 -15.66
CA SER D 467 -103.48 -77.04 -15.22
C SER D 467 -104.46 -76.56 -16.30
N VAL D 468 -105.59 -77.25 -16.39
CA VAL D 468 -106.67 -76.87 -17.29
C VAL D 468 -107.50 -75.79 -16.61
N GLU D 469 -107.65 -74.66 -17.29
CA GLU D 469 -108.39 -73.53 -16.75
C GLU D 469 -109.90 -73.83 -16.77
N ALA D 470 -110.66 -72.94 -16.13
CA ALA D 470 -112.10 -73.06 -16.12
C ALA D 470 -112.68 -72.85 -17.51
N GLY D 471 -113.70 -73.63 -17.84
CA GLY D 471 -114.28 -73.61 -19.17
C GLY D 471 -113.58 -74.49 -20.18
N HIS D 472 -112.56 -75.25 -19.77
CA HIS D 472 -111.85 -76.15 -20.65
C HIS D 472 -111.86 -77.55 -20.06
N ALA D 473 -111.61 -78.54 -20.91
CA ALA D 473 -111.61 -79.93 -20.49
C ALA D 473 -110.29 -80.60 -20.87
N PRO D 474 -109.63 -81.29 -19.93
CA PRO D 474 -108.43 -82.04 -20.30
C PRO D 474 -108.71 -83.22 -21.24
N ASP D 475 -109.95 -83.71 -21.28
CA ASP D 475 -110.27 -84.89 -22.09
C ASP D 475 -110.10 -84.61 -23.57
N GLU D 476 -110.62 -83.48 -24.06
CA GLU D 476 -110.35 -83.09 -25.44
C GLU D 476 -108.91 -82.62 -25.60
N LEU D 477 -108.30 -82.18 -24.50
CA LEU D 477 -106.91 -81.73 -24.48
C LEU D 477 -105.95 -82.90 -24.35
N ASP D 478 -106.46 -84.12 -24.25
CA ASP D 478 -105.62 -85.32 -24.32
C ASP D 478 -105.02 -85.44 -25.71
N VAL D 479 -103.74 -85.11 -25.83
CA VAL D 479 -103.03 -85.23 -27.10
C VAL D 479 -102.42 -86.62 -27.14
N VAL D 480 -103.12 -87.55 -27.79
CA VAL D 480 -102.67 -88.94 -27.85
C VAL D 480 -101.43 -88.99 -28.75
N ILE D 481 -100.29 -89.36 -28.17
CA ILE D 481 -99.04 -89.46 -28.91
C ILE D 481 -99.13 -90.56 -29.96
N PRO D 482 -99.55 -91.81 -29.63
CA PRO D 482 -99.91 -92.69 -30.76
C PRO D 482 -101.39 -92.48 -31.06
N GLY D 483 -101.67 -91.37 -31.76
CA GLY D 483 -102.99 -90.83 -31.89
C GLY D 483 -103.97 -91.74 -32.60
N PRO D 484 -105.27 -91.41 -32.50
CA PRO D 484 -106.30 -92.21 -33.19
C PRO D 484 -106.09 -92.21 -34.69
N GLY D 485 -105.82 -93.40 -35.23
CA GLY D 485 -105.35 -93.56 -36.59
C GLY D 485 -103.91 -94.03 -36.68
N GLN D 486 -103.14 -93.92 -35.59
CA GLN D 486 -101.80 -94.44 -35.47
C GLN D 486 -101.79 -95.59 -34.47
N PRO D 487 -101.12 -96.70 -34.79
CA PRO D 487 -101.06 -97.82 -33.84
C PRO D 487 -100.37 -97.43 -32.54
N ALA D 488 -100.88 -97.96 -31.44
CA ALA D 488 -100.34 -97.68 -30.12
C ALA D 488 -99.33 -98.75 -29.76
N ASN D 489 -98.11 -98.32 -29.45
CA ASN D 489 -97.02 -99.25 -29.16
C ASN D 489 -96.14 -98.84 -27.99
N ILE D 490 -96.46 -97.76 -27.29
CA ILE D 490 -95.57 -97.20 -26.27
C ILE D 490 -95.91 -97.82 -24.92
N THR D 491 -94.87 -98.36 -24.27
CA THR D 491 -95.01 -99.00 -22.95
C THR D 491 -94.39 -98.21 -21.82
N CYS D 492 -93.56 -97.21 -22.11
CA CYS D 492 -93.10 -96.26 -21.10
C CYS D 492 -92.92 -94.91 -21.79
N VAL D 493 -93.32 -93.84 -21.10
CA VAL D 493 -93.19 -92.52 -21.65
C VAL D 493 -92.44 -91.63 -20.67
N ALA D 494 -91.47 -90.89 -21.19
CA ALA D 494 -90.67 -89.94 -20.41
C ALA D 494 -91.07 -88.55 -20.87
N LEU D 495 -92.12 -88.00 -20.27
CA LEU D 495 -92.55 -86.63 -20.58
C LEU D 495 -91.57 -85.67 -19.92
N THR D 496 -90.84 -84.94 -20.75
CA THR D 496 -89.95 -83.88 -20.32
C THR D 496 -90.36 -82.60 -21.02
N PRO D 497 -90.04 -81.42 -20.45
CA PRO D 497 -90.35 -80.16 -21.15
C PRO D 497 -89.73 -80.04 -22.52
N THR D 498 -88.50 -80.53 -22.70
CA THR D 498 -87.87 -80.44 -24.02
C THR D 498 -88.46 -81.44 -25.00
N PHE D 499 -88.72 -82.68 -24.55
CA PHE D 499 -89.19 -83.73 -25.45
C PHE D 499 -90.14 -84.65 -24.72
N VAL D 500 -91.16 -85.11 -25.44
CA VAL D 500 -92.09 -86.12 -24.95
C VAL D 500 -91.51 -87.46 -25.38
N ILE D 501 -90.61 -88.00 -24.58
CA ILE D 501 -89.92 -89.23 -24.94
C ILE D 501 -90.84 -90.41 -24.68
N THR D 502 -91.16 -91.15 -25.74
CA THR D 502 -92.13 -92.25 -25.68
C THR D 502 -91.43 -93.53 -26.06
N GLY D 503 -91.37 -94.48 -25.12
CA GLY D 503 -90.69 -95.74 -25.37
C GLY D 503 -91.62 -96.77 -25.97
N SER D 504 -91.52 -96.96 -27.27
CA SER D 504 -92.44 -97.82 -27.98
C SER D 504 -91.96 -99.26 -27.96
N ARG D 505 -92.89 -100.18 -28.23
CA ARG D 505 -92.53 -101.58 -28.43
C ARG D 505 -91.72 -101.76 -29.71
N THR D 506 -92.03 -100.99 -30.74
CA THR D 506 -91.28 -101.02 -31.99
C THR D 506 -89.96 -100.29 -31.89
N GLY D 507 -89.69 -99.60 -30.79
CA GLY D 507 -88.47 -98.86 -30.61
C GLY D 507 -88.52 -97.41 -31.05
N THR D 508 -89.70 -96.90 -31.40
CA THR D 508 -89.86 -95.52 -31.84
C THR D 508 -89.78 -94.63 -30.60
N LEU D 509 -88.55 -94.38 -30.16
CA LEU D 509 -88.34 -93.43 -29.08
C LEU D 509 -88.54 -92.02 -29.63
N SER D 510 -89.80 -91.60 -29.69
CA SER D 510 -90.13 -90.32 -30.32
C SER D 510 -89.78 -89.16 -29.40
N TYR D 511 -89.35 -88.06 -30.01
CA TYR D 511 -88.89 -86.88 -29.28
C TYR D 511 -89.67 -85.66 -29.78
N TYR D 512 -90.73 -85.30 -29.07
CA TYR D 512 -91.62 -84.21 -29.46
C TYR D 512 -91.12 -82.92 -28.84
N LEU D 513 -90.49 -82.07 -29.67
CA LEU D 513 -89.96 -80.80 -29.17
C LEU D 513 -91.09 -79.91 -28.64
N SER D 514 -92.16 -79.77 -29.40
CA SER D 514 -93.38 -79.23 -28.83
C SER D 514 -94.05 -80.31 -27.98
N PRO D 515 -94.58 -79.95 -26.81
CA PRO D 515 -95.03 -80.97 -25.85
C PRO D 515 -96.28 -81.73 -26.28
N ASP D 516 -97.01 -81.27 -27.30
CA ASP D 516 -98.28 -81.93 -27.62
C ASP D 516 -98.11 -83.12 -28.58
N VAL D 517 -97.79 -82.87 -29.85
CA VAL D 517 -97.84 -83.95 -30.83
C VAL D 517 -96.70 -83.92 -31.85
N THR D 518 -95.99 -82.79 -31.97
CA THR D 518 -95.09 -82.61 -33.11
C THR D 518 -93.66 -82.90 -32.71
N PRO D 519 -92.99 -83.85 -33.36
CA PRO D 519 -91.56 -84.08 -33.13
C PRO D 519 -90.66 -83.35 -34.11
N VAL D 520 -89.44 -83.07 -33.64
CA VAL D 520 -88.33 -82.77 -34.54
C VAL D 520 -87.29 -83.88 -34.52
N ASN D 521 -87.41 -84.84 -33.61
CA ASN D 521 -86.48 -85.95 -33.50
C ASN D 521 -87.29 -87.20 -33.16
N GLU D 522 -86.80 -88.35 -33.61
CA GLU D 522 -87.44 -89.63 -33.32
C GLU D 522 -86.37 -90.71 -33.33
N PHE D 523 -86.02 -91.23 -32.16
CA PHE D 523 -85.01 -92.27 -32.06
C PHE D 523 -85.61 -93.63 -32.36
N ARG D 524 -84.92 -94.42 -33.17
CA ARG D 524 -85.32 -95.77 -33.53
C ARG D 524 -84.50 -96.74 -32.68
N HIS D 525 -85.11 -97.30 -31.64
CA HIS D 525 -84.44 -98.28 -30.79
C HIS D 525 -84.68 -99.66 -31.39
N ASP D 526 -83.76 -100.09 -32.24
CA ASP D 526 -83.91 -101.35 -32.95
C ASP D 526 -83.41 -102.55 -32.15
N ASP D 527 -82.91 -102.34 -30.93
CA ASP D 527 -82.57 -103.45 -30.06
C ASP D 527 -83.82 -104.09 -29.45
N GLY D 528 -84.98 -103.48 -29.62
CA GLY D 528 -86.24 -103.98 -29.12
C GLY D 528 -87.05 -102.83 -28.57
N GLY D 529 -88.07 -103.17 -27.79
CA GLY D 529 -88.89 -102.15 -27.17
C GLY D 529 -88.22 -101.55 -25.95
N ILE D 530 -88.44 -100.25 -25.77
CA ILE D 530 -87.94 -99.55 -24.60
C ILE D 530 -88.84 -99.91 -23.43
N VAL D 531 -88.33 -100.73 -22.51
CA VAL D 531 -89.15 -101.19 -21.39
C VAL D 531 -89.32 -100.09 -20.36
N ARG D 532 -88.21 -99.48 -19.93
CA ARG D 532 -88.26 -98.38 -18.98
C ARG D 532 -87.51 -97.18 -19.55
N LEU D 533 -88.10 -96.01 -19.36
CA LEU D 533 -87.47 -94.75 -19.71
C LEU D 533 -87.02 -94.06 -18.43
N PHE D 534 -85.76 -93.66 -18.38
CA PHE D 534 -85.19 -92.99 -17.22
C PHE D 534 -84.62 -91.64 -17.67
N PRO D 535 -85.48 -90.65 -17.83
CA PRO D 535 -85.02 -89.35 -18.32
C PRO D 535 -84.34 -88.57 -17.21
N GLN D 536 -83.73 -87.46 -17.61
CA GLN D 536 -83.30 -86.43 -16.67
C GLN D 536 -84.45 -85.45 -16.50
N ALA D 537 -84.17 -84.29 -15.90
CA ALA D 537 -85.21 -83.28 -15.75
C ALA D 537 -85.61 -82.67 -17.09
N THR D 538 -84.76 -82.79 -18.12
CA THR D 538 -85.06 -82.21 -19.43
C THR D 538 -85.13 -83.25 -20.56
N GLY D 539 -84.66 -84.47 -20.33
CA GLY D 539 -84.69 -85.47 -21.37
C GLY D 539 -83.62 -85.31 -22.44
N ALA D 540 -82.66 -84.41 -22.24
CA ALA D 540 -81.56 -84.26 -23.18
C ALA D 540 -80.63 -85.47 -23.15
N ARG D 541 -80.63 -86.23 -22.06
CA ARG D 541 -79.98 -87.53 -21.98
C ARG D 541 -80.83 -88.45 -21.13
N LEU D 542 -80.75 -89.75 -21.41
CA LEU D 542 -81.53 -90.71 -20.64
C LEU D 542 -80.94 -92.10 -20.79
N VAL D 543 -80.94 -92.84 -19.67
CA VAL D 543 -80.54 -94.23 -19.68
C VAL D 543 -81.78 -95.09 -19.71
N PHE D 544 -82.24 -95.40 -20.91
CA PHE D 544 -83.46 -96.18 -21.05
C PHE D 544 -83.14 -97.66 -21.05
N GLU D 545 -84.14 -98.46 -20.70
CA GLU D 545 -84.01 -99.90 -20.64
C GLU D 545 -84.50 -100.49 -21.94
N ASP D 546 -83.80 -101.49 -22.46
CA ASP D 546 -84.24 -102.17 -23.67
C ASP D 546 -85.22 -103.27 -23.29
N ASP D 547 -85.64 -104.05 -24.29
CA ASP D 547 -86.55 -105.17 -24.04
C ASP D 547 -85.88 -106.26 -23.21
N LYS D 548 -84.59 -106.52 -23.45
CA LYS D 548 -83.87 -107.52 -22.69
C LYS D 548 -83.74 -107.17 -21.22
N GLY D 549 -83.72 -105.88 -20.90
CA GLY D 549 -83.49 -105.43 -19.54
C GLY D 549 -82.22 -104.65 -19.37
N ALA D 550 -81.30 -104.72 -20.32
CA ALA D 550 -80.08 -103.94 -20.23
C ALA D 550 -80.37 -102.45 -20.40
N LEU D 551 -79.83 -101.65 -19.51
CA LEU D 551 -80.00 -100.22 -19.60
C LEU D 551 -79.00 -99.65 -20.61
N HIS D 552 -79.40 -98.58 -21.28
CA HIS D 552 -78.60 -98.00 -22.35
C HIS D 552 -78.68 -96.48 -22.23
N LEU D 553 -77.54 -95.85 -21.99
CA LEU D 553 -77.49 -94.40 -21.93
C LEU D 553 -77.66 -93.84 -23.34
N PHE D 554 -78.56 -92.87 -23.46
CA PHE D 554 -78.88 -92.25 -24.74
C PHE D 554 -78.58 -90.76 -24.63
N ASN D 555 -77.93 -90.20 -25.65
CA ASN D 555 -77.61 -88.79 -25.72
C ASN D 555 -78.20 -88.22 -27.00
N PRO D 556 -79.49 -87.91 -27.02
CA PRO D 556 -80.14 -87.40 -28.24
C PRO D 556 -79.78 -85.97 -28.62
N VAL D 557 -78.96 -85.26 -27.84
CA VAL D 557 -78.51 -83.94 -28.26
C VAL D 557 -77.66 -84.04 -29.51
N ASN D 558 -76.73 -84.99 -29.54
CA ASN D 558 -75.99 -85.33 -30.74
C ASN D 558 -76.30 -86.75 -31.22
N ASP D 559 -77.38 -87.36 -30.70
CA ASP D 559 -77.90 -88.65 -31.14
C ASP D 559 -76.86 -89.77 -31.02
N HIS D 560 -76.46 -90.04 -29.77
CA HIS D 560 -75.50 -91.09 -29.47
C HIS D 560 -76.08 -92.06 -28.45
N VAL D 561 -75.92 -93.35 -28.70
CA VAL D 561 -76.40 -94.41 -27.82
C VAL D 561 -75.19 -95.16 -27.31
N VAL D 562 -75.05 -95.25 -26.00
CA VAL D 562 -74.02 -96.08 -25.39
C VAL D 562 -74.71 -97.09 -24.48
N ALA D 563 -74.52 -98.38 -24.79
CA ALA D 563 -75.06 -99.42 -23.96
C ALA D 563 -74.32 -99.43 -22.63
N VAL D 564 -75.08 -99.39 -21.53
CA VAL D 564 -74.46 -99.37 -20.21
C VAL D 564 -73.88 -100.75 -19.91
N PRO D 565 -72.66 -100.83 -19.37
CA PRO D 565 -72.10 -102.14 -18.99
C PRO D 565 -72.95 -102.91 -18.00
N TYR D 566 -73.73 -102.24 -17.15
CA TYR D 566 -74.73 -102.95 -16.38
C TYR D 566 -75.82 -103.44 -17.32
N THR D 567 -76.14 -104.72 -17.23
CA THR D 567 -77.22 -105.32 -17.99
C THR D 567 -78.21 -105.94 -17.02
N GLY D 568 -79.32 -106.42 -17.57
CA GLY D 568 -80.34 -107.05 -16.78
C GLY D 568 -81.18 -106.04 -16.03
N ARG D 569 -82.22 -106.56 -15.38
CA ARG D 569 -83.22 -105.72 -14.73
C ARG D 569 -82.63 -104.96 -13.56
N ALA D 570 -82.96 -103.67 -13.49
CA ALA D 570 -82.62 -102.83 -12.35
C ALA D 570 -83.90 -102.36 -11.68
N GLU D 571 -83.76 -101.93 -10.42
CA GLU D 571 -84.88 -101.26 -9.76
C GLU D 571 -85.22 -99.96 -10.48
N THR D 572 -84.22 -99.11 -10.70
CA THR D 572 -84.38 -97.83 -11.36
C THR D 572 -83.00 -97.31 -11.70
N VAL D 573 -82.97 -96.42 -12.69
CA VAL D 573 -81.81 -95.56 -12.94
C VAL D 573 -82.15 -94.22 -12.32
N MET D 574 -81.67 -93.99 -11.10
CA MET D 574 -81.71 -92.67 -10.51
C MET D 574 -80.47 -91.92 -10.94
N TRP D 575 -80.65 -90.65 -11.25
CA TRP D 575 -79.58 -89.84 -11.81
C TRP D 575 -78.80 -89.17 -10.70
N ASP D 576 -77.48 -89.12 -10.88
CA ASP D 576 -76.63 -88.36 -9.98
C ASP D 576 -77.00 -86.90 -10.05
N THR D 577 -77.43 -86.33 -8.92
CA THR D 577 -77.70 -84.90 -8.87
C THR D 577 -76.41 -84.08 -8.92
N SER D 578 -75.25 -84.73 -8.78
CA SER D 578 -73.97 -84.07 -8.94
C SER D 578 -73.37 -84.23 -10.34
N ASP D 579 -73.97 -85.06 -11.19
CA ASP D 579 -73.39 -85.32 -12.51
C ASP D 579 -74.44 -85.89 -13.44
N THR D 580 -74.67 -85.22 -14.57
CA THR D 580 -75.57 -85.76 -15.60
C THR D 580 -74.93 -86.85 -16.44
N ASN D 581 -73.62 -87.01 -16.35
CA ASN D 581 -72.90 -88.07 -17.07
C ASN D 581 -72.61 -89.29 -16.19
N VAL D 582 -72.10 -89.07 -14.97
CA VAL D 582 -71.98 -90.16 -14.01
C VAL D 582 -73.38 -90.62 -13.62
N MET D 583 -73.61 -91.93 -13.70
CA MET D 583 -74.97 -92.45 -13.68
C MET D 583 -75.01 -93.68 -12.80
N VAL D 584 -75.72 -93.59 -11.67
CA VAL D 584 -75.85 -94.70 -10.74
C VAL D 584 -77.01 -95.56 -11.18
N ILE D 585 -76.76 -96.86 -11.30
CA ILE D 585 -77.82 -97.85 -11.41
C ILE D 585 -77.92 -98.53 -10.05
N GLY D 586 -79.00 -98.24 -9.34
CA GLY D 586 -79.29 -98.92 -8.10
C GLY D 586 -80.41 -99.92 -8.29
N ASP D 587 -80.07 -101.20 -8.36
CA ASP D 587 -81.04 -102.26 -8.58
C ASP D 587 -81.52 -102.88 -7.29
N GLY D 588 -81.19 -102.29 -6.14
CA GLY D 588 -81.38 -102.94 -4.86
C GLY D 588 -80.28 -103.91 -4.50
N THR D 589 -79.39 -104.21 -5.43
CA THR D 589 -78.22 -105.05 -5.20
C THR D 589 -76.94 -104.25 -5.15
N ALA D 590 -76.76 -103.31 -6.08
CA ALA D 590 -75.56 -102.51 -6.12
C ALA D 590 -75.88 -101.14 -6.72
N LEU D 591 -75.01 -100.18 -6.41
CA LEU D 591 -75.12 -98.82 -6.95
C LEU D 591 -74.13 -98.70 -8.10
N HIS D 592 -74.56 -99.14 -9.26
CA HIS D 592 -73.70 -99.21 -10.44
C HIS D 592 -73.56 -97.80 -10.99
N SER D 593 -72.53 -97.09 -10.53
CA SER D 593 -72.22 -95.78 -11.10
C SER D 593 -71.64 -95.95 -12.50
N PHE D 594 -71.91 -94.96 -13.35
CA PHE D 594 -71.49 -95.05 -14.75
C PHE D 594 -71.17 -93.66 -15.27
N LEU D 595 -69.88 -93.32 -15.29
CA LEU D 595 -69.44 -92.08 -15.91
C LEU D 595 -69.61 -92.16 -17.42
N TYR D 596 -70.17 -91.12 -18.00
CA TYR D 596 -70.38 -91.02 -19.44
C TYR D 596 -69.41 -90.00 -20.02
N VAL D 597 -68.54 -90.45 -20.91
CA VAL D 597 -67.55 -89.56 -21.52
C VAL D 597 -67.88 -89.39 -22.99
N PRO D 598 -68.50 -88.27 -23.39
CA PRO D 598 -68.99 -88.14 -24.77
C PRO D 598 -67.90 -87.78 -25.78
N VAL D 599 -66.86 -87.08 -25.36
CA VAL D 599 -65.84 -86.56 -26.27
C VAL D 599 -64.51 -87.18 -25.92
N SER D 600 -63.86 -87.78 -26.92
CA SER D 600 -62.54 -88.37 -26.78
C SER D 600 -61.92 -88.45 -28.17
N LEU D 601 -60.84 -89.23 -28.29
CA LEU D 601 -60.28 -89.52 -29.61
C LEU D 601 -61.20 -90.40 -30.44
N THR D 602 -62.15 -91.09 -29.79
CA THR D 602 -63.05 -92.01 -30.47
C THR D 602 -64.49 -91.53 -30.44
N GLY D 603 -65.06 -91.31 -29.25
CA GLY D 603 -66.43 -90.91 -29.13
C GLY D 603 -67.04 -91.19 -27.76
N PRO D 604 -68.37 -91.21 -27.70
CA PRO D 604 -69.06 -91.40 -26.42
C PRO D 604 -68.84 -92.79 -25.82
N GLN D 605 -68.67 -92.81 -24.50
CA GLN D 605 -68.42 -94.03 -23.74
C GLN D 605 -69.05 -93.91 -22.36
N VAL D 606 -69.58 -95.02 -21.86
CA VAL D 606 -70.12 -95.10 -20.51
C VAL D 606 -69.18 -95.98 -19.69
N GLN D 607 -68.61 -95.41 -18.63
CA GLN D 607 -67.57 -96.07 -17.84
C GLN D 607 -68.04 -96.26 -16.41
N ASP D 608 -67.93 -97.48 -15.91
CA ASP D 608 -68.37 -97.81 -14.56
C ASP D 608 -67.40 -97.21 -13.54
N LEU D 609 -67.90 -96.30 -12.71
CA LEU D 609 -67.08 -95.80 -11.61
C LEU D 609 -67.19 -96.65 -10.36
N GLY D 610 -67.97 -97.73 -10.41
CA GLY D 610 -68.05 -98.63 -9.29
C GLY D 610 -69.39 -99.32 -9.17
N LYS D 611 -69.34 -100.63 -8.99
CA LYS D 611 -70.51 -101.44 -8.67
C LYS D 611 -70.45 -101.68 -7.17
N GLN D 612 -71.08 -100.79 -6.40
CA GLN D 612 -70.99 -100.80 -4.96
C GLN D 612 -72.36 -101.14 -4.39
N ALA D 613 -72.39 -102.06 -3.43
CA ALA D 613 -73.63 -102.65 -2.96
C ALA D 613 -74.50 -101.65 -2.23
N VAL D 614 -75.81 -101.92 -2.23
CA VAL D 614 -76.79 -101.10 -1.54
C VAL D 614 -77.65 -102.02 -0.67
N PRO D 615 -78.00 -101.62 0.56
CA PRO D 615 -78.92 -102.42 1.36
C PRO D 615 -80.31 -102.49 0.73
N ALA D 616 -80.97 -103.62 0.94
CA ALA D 616 -82.32 -103.80 0.44
C ALA D 616 -83.30 -102.84 1.11
N THR D 617 -83.16 -102.62 2.42
CA THR D 617 -83.99 -101.66 3.12
C THR D 617 -83.67 -100.23 2.70
N HIS D 618 -82.46 -99.98 2.20
CA HIS D 618 -82.07 -98.65 1.71
C HIS D 618 -82.44 -98.55 0.24
N THR D 619 -83.73 -98.36 -0.01
CA THR D 619 -84.22 -98.19 -1.37
C THR D 619 -83.75 -96.85 -1.90
N PRO D 620 -83.09 -96.80 -3.06
CA PRO D 620 -82.51 -95.53 -3.54
C PRO D 620 -83.57 -94.51 -3.95
N LEU D 621 -83.77 -93.51 -3.11
CA LEU D 621 -84.66 -92.40 -3.45
C LEU D 621 -83.97 -91.44 -4.41
N THR D 622 -82.77 -90.99 -4.04
CA THR D 622 -81.96 -90.12 -4.89
C THR D 622 -80.50 -90.31 -4.49
N VAL D 623 -79.61 -89.85 -5.35
CA VAL D 623 -78.18 -89.94 -5.11
C VAL D 623 -77.55 -88.55 -5.30
N CYS D 624 -76.68 -88.17 -4.36
CA CYS D 624 -76.00 -86.89 -4.42
C CYS D 624 -74.52 -87.09 -4.10
N ASN D 625 -73.66 -86.55 -4.98
CA ASN D 625 -72.20 -86.56 -4.82
C ASN D 625 -71.65 -87.98 -4.68
N GLY D 626 -72.24 -88.92 -5.42
CA GLY D 626 -71.85 -90.30 -5.26
C GLY D 626 -72.34 -90.95 -3.99
N VAL D 627 -73.24 -90.29 -3.26
CA VAL D 627 -73.83 -90.82 -2.05
C VAL D 627 -75.33 -90.92 -2.28
N VAL D 628 -75.88 -92.12 -2.15
CA VAL D 628 -77.29 -92.36 -2.45
C VAL D 628 -78.12 -92.07 -1.21
N GLY D 629 -79.01 -91.10 -1.32
CA GLY D 629 -79.90 -90.77 -0.22
C GLY D 629 -81.13 -91.65 -0.25
N CYS D 630 -81.12 -92.70 0.56
CA CYS D 630 -82.16 -93.71 0.55
C CYS D 630 -83.23 -93.38 1.59
N ARG D 631 -84.12 -94.35 1.84
CA ARG D 631 -85.22 -94.19 2.80
C ARG D 631 -85.29 -95.40 3.70
N LEU D 632 -85.51 -95.16 4.99
CA LEU D 632 -85.63 -96.24 5.95
C LEU D 632 -87.03 -96.88 5.85
N LYS D 633 -87.18 -98.01 6.54
CA LYS D 633 -88.45 -98.73 6.52
C LYS D 633 -89.57 -97.94 7.20
N SER D 634 -89.26 -97.31 8.34
CA SER D 634 -90.25 -96.54 9.07
C SER D 634 -90.52 -95.17 8.45
N GLY D 635 -89.70 -94.74 7.51
CA GLY D 635 -89.87 -93.45 6.86
C GLY D 635 -88.90 -92.42 7.41
N ALA D 636 -87.79 -92.23 6.70
CA ALA D 636 -86.72 -91.32 7.07
C ALA D 636 -85.80 -91.21 5.88
N MET D 637 -84.68 -90.50 6.04
CA MET D 637 -83.68 -90.34 5.01
C MET D 637 -82.35 -90.89 5.47
N ASP D 638 -81.76 -91.79 4.68
CA ASP D 638 -80.48 -92.41 4.96
C ASP D 638 -79.59 -92.26 3.75
N ASN D 639 -78.29 -92.11 3.97
CA ASN D 639 -77.33 -91.84 2.91
C ASN D 639 -76.39 -93.03 2.74
N VAL D 640 -76.24 -93.49 1.50
CA VAL D 640 -75.39 -94.63 1.17
C VAL D 640 -74.32 -94.16 0.19
N THR D 641 -73.06 -94.20 0.62
CA THR D 641 -71.94 -93.82 -0.22
C THR D 641 -71.54 -94.98 -1.14
N LEU D 642 -70.54 -94.73 -1.97
CA LEU D 642 -69.93 -95.77 -2.80
C LEU D 642 -68.46 -95.93 -2.43
N GLU D 643 -67.81 -96.88 -3.12
CA GLU D 643 -66.47 -97.31 -2.75
C GLU D 643 -65.38 -96.32 -3.11
N SER D 644 -65.60 -95.47 -4.13
CA SER D 644 -64.56 -94.57 -4.59
C SER D 644 -65.04 -93.16 -4.84
N HIS D 645 -66.35 -92.92 -4.91
CA HIS D 645 -66.83 -91.55 -5.08
C HIS D 645 -66.56 -90.73 -3.82
N LYS D 646 -66.93 -91.27 -2.65
CA LYS D 646 -66.60 -90.64 -1.39
C LYS D 646 -65.11 -90.65 -1.09
N MET D 647 -64.33 -91.49 -1.78
CA MET D 647 -62.89 -91.49 -1.60
C MET D 647 -62.29 -90.16 -2.06
N LEU D 648 -62.88 -89.56 -3.08
CA LEU D 648 -62.42 -88.28 -3.60
C LEU D 648 -63.20 -87.10 -3.06
N GLN D 649 -64.30 -87.34 -2.34
CA GLN D 649 -65.02 -86.23 -1.74
C GLN D 649 -64.26 -85.72 -0.51
N PRO D 650 -64.33 -84.42 -0.26
CA PRO D 650 -63.72 -83.87 0.96
C PRO D 650 -64.39 -84.40 2.21
N GLY D 651 -63.61 -84.46 3.28
CA GLY D 651 -64.03 -85.11 4.50
C GLY D 651 -63.46 -86.49 4.68
N ASP D 652 -62.99 -87.11 3.59
CA ASP D 652 -62.27 -88.38 3.66
C ASP D 652 -60.81 -88.05 3.89
N ALA D 653 -60.45 -87.89 5.17
CA ALA D 653 -59.09 -87.47 5.56
C ALA D 653 -58.02 -88.48 5.17
N VAL D 654 -58.40 -89.72 4.85
CA VAL D 654 -57.46 -90.67 4.29
C VAL D 654 -56.92 -90.17 2.96
N ALA D 655 -57.77 -89.51 2.17
CA ALA D 655 -57.38 -88.90 0.91
C ALA D 655 -57.19 -87.40 1.03
N ARG D 656 -57.12 -86.87 2.25
CA ARG D 656 -56.87 -85.45 2.48
C ARG D 656 -55.64 -85.21 3.33
N ALA D 657 -55.42 -86.00 4.39
CA ALA D 657 -54.15 -85.96 5.10
C ALA D 657 -53.06 -86.67 4.32
N ALA D 658 -53.42 -87.71 3.56
CA ALA D 658 -52.52 -88.39 2.66
C ALA D 658 -53.19 -88.41 1.28
N PRO D 659 -53.16 -87.28 0.57
CA PRO D 659 -53.96 -87.14 -0.65
C PRO D 659 -53.42 -87.89 -1.86
N ALA D 660 -52.35 -88.68 -1.70
CA ALA D 660 -51.89 -89.53 -2.80
C ALA D 660 -52.94 -90.56 -3.17
N LYS D 661 -53.73 -91.02 -2.21
CA LYS D 661 -54.86 -91.89 -2.51
C LYS D 661 -55.93 -91.16 -3.28
N ARG D 662 -56.13 -89.87 -3.01
CA ARG D 662 -57.04 -89.08 -3.84
C ARG D 662 -56.50 -88.94 -5.25
N PHE D 663 -55.17 -88.77 -5.39
CA PHE D 663 -54.56 -88.76 -6.72
C PHE D 663 -54.85 -90.05 -7.46
N ALA D 664 -54.63 -91.19 -6.78
CA ALA D 664 -54.85 -92.48 -7.41
C ALA D 664 -56.31 -92.68 -7.79
N ALA D 665 -57.23 -92.48 -6.84
CA ALA D 665 -58.63 -92.78 -7.07
C ALA D 665 -59.31 -91.73 -7.97
N ALA D 666 -58.76 -90.53 -8.07
CA ALA D 666 -59.24 -89.56 -9.04
C ALA D 666 -58.67 -89.81 -10.41
N LEU D 667 -57.50 -90.46 -10.49
CA LEU D 667 -57.07 -91.03 -11.75
C LEU D 667 -57.89 -92.25 -12.12
N LYS D 668 -58.53 -92.90 -11.13
CA LYS D 668 -59.43 -94.01 -11.42
C LYS D 668 -60.78 -93.52 -11.92
N LEU D 669 -61.43 -92.65 -11.15
CA LEU D 669 -62.78 -92.20 -11.46
C LEU D 669 -62.81 -91.04 -12.44
N TYR D 670 -61.65 -90.66 -13.01
CA TYR D 670 -61.51 -89.51 -13.89
C TYR D 670 -62.03 -88.24 -13.22
N LYS D 671 -61.74 -88.11 -11.93
CA LYS D 671 -61.87 -86.87 -11.18
C LYS D 671 -60.52 -86.18 -11.11
N LEU D 672 -59.79 -86.26 -12.21
CA LEU D 672 -58.35 -86.06 -12.28
C LEU D 672 -57.90 -84.68 -11.84
N ARG D 673 -58.80 -83.69 -11.79
CA ARG D 673 -58.42 -82.42 -11.18
C ARG D 673 -58.13 -82.59 -9.70
N ASP D 674 -58.86 -83.48 -9.01
CA ASP D 674 -58.41 -83.93 -7.70
C ASP D 674 -57.05 -84.61 -7.80
N ALA D 675 -56.88 -85.46 -8.81
CA ALA D 675 -55.56 -86.06 -9.03
C ALA D 675 -54.53 -85.03 -9.45
N VAL D 676 -54.94 -83.97 -10.16
CA VAL D 676 -54.00 -82.90 -10.52
C VAL D 676 -53.50 -82.20 -9.27
N GLU D 677 -54.42 -81.75 -8.41
CA GLU D 677 -54.05 -81.09 -7.17
C GLU D 677 -53.26 -82.02 -6.25
N CYS D 678 -53.64 -83.29 -6.25
CA CYS D 678 -52.96 -84.22 -5.36
C CYS D 678 -51.58 -84.58 -5.87
N ALA D 679 -51.36 -84.60 -7.18
CA ALA D 679 -50.01 -84.73 -7.70
C ALA D 679 -49.21 -83.45 -7.54
N LYS D 680 -49.89 -82.30 -7.42
CA LYS D 680 -49.19 -81.09 -6.98
C LYS D 680 -48.65 -81.27 -5.57
N GLN D 681 -49.49 -81.78 -4.66
CA GLN D 681 -49.03 -81.87 -3.27
C GLN D 681 -48.08 -83.05 -3.04
N LEU D 682 -48.29 -84.19 -3.72
CA LEU D 682 -47.35 -85.29 -3.58
C LEU D 682 -46.10 -85.06 -4.41
N ARG D 683 -46.16 -84.12 -5.35
CA ARG D 683 -45.01 -83.34 -5.81
C ARG D 683 -43.93 -84.24 -6.46
N GLN D 684 -44.28 -84.75 -7.63
CA GLN D 684 -43.26 -85.15 -8.59
C GLN D 684 -43.78 -85.01 -10.00
N VAL D 685 -42.83 -84.96 -10.94
CA VAL D 685 -43.14 -84.72 -12.35
C VAL D 685 -43.86 -85.90 -12.96
N GLU D 686 -43.50 -87.12 -12.56
CA GLU D 686 -44.08 -88.31 -13.20
C GLU D 686 -45.55 -88.50 -12.86
N SER D 687 -45.99 -88.08 -11.67
CA SER D 687 -47.42 -88.11 -11.39
C SER D 687 -48.16 -87.13 -12.27
N TRP D 688 -47.58 -85.94 -12.48
CA TRP D 688 -48.12 -84.98 -13.43
C TRP D 688 -48.19 -85.55 -14.83
N ARG D 689 -47.15 -86.24 -15.26
CA ARG D 689 -47.14 -86.80 -16.61
C ARG D 689 -48.09 -87.99 -16.73
N THR D 690 -48.28 -88.73 -15.64
CA THR D 690 -49.24 -89.83 -15.63
C THR D 690 -50.65 -89.30 -15.82
N LEU D 691 -51.05 -88.32 -15.01
CA LEU D 691 -52.35 -87.68 -15.23
C LEU D 691 -52.39 -86.91 -16.53
N ALA D 692 -51.23 -86.43 -17.02
CA ALA D 692 -51.18 -85.71 -18.28
C ALA D 692 -51.56 -86.60 -19.45
N LEU D 693 -50.96 -87.79 -19.52
CA LEU D 693 -51.33 -88.74 -20.56
C LEU D 693 -52.73 -89.30 -20.32
N ALA D 694 -53.10 -89.53 -19.05
CA ALA D 694 -54.44 -90.04 -18.75
C ALA D 694 -55.53 -89.07 -19.16
N ALA D 695 -55.22 -87.77 -19.19
CA ALA D 695 -56.16 -86.78 -19.67
C ALA D 695 -56.01 -86.49 -21.17
N LEU D 696 -54.81 -86.67 -21.72
CA LEU D 696 -54.61 -86.53 -23.16
C LEU D 696 -55.35 -87.63 -23.91
N ASP D 697 -55.49 -88.81 -23.30
CA ASP D 697 -56.29 -89.86 -23.91
C ASP D 697 -57.76 -89.47 -23.99
N VAL D 698 -58.28 -88.80 -22.97
CA VAL D 698 -59.64 -88.30 -22.97
C VAL D 698 -59.70 -86.83 -23.39
N LEU D 699 -58.64 -86.34 -24.06
CA LEU D 699 -58.59 -85.01 -24.69
C LEU D 699 -58.70 -83.88 -23.67
N ASP D 700 -57.86 -83.93 -22.64
CA ASP D 700 -57.67 -82.82 -21.72
C ASP D 700 -56.18 -82.52 -21.66
N ILE D 701 -55.82 -81.25 -21.81
CA ILE D 701 -54.43 -80.88 -22.02
C ILE D 701 -53.84 -80.02 -20.91
N ASP D 702 -54.66 -79.40 -20.06
CA ASP D 702 -54.14 -78.59 -18.96
C ASP D 702 -53.35 -79.43 -17.95
N THR D 703 -53.65 -80.72 -17.86
CA THR D 703 -52.77 -81.64 -17.16
C THR D 703 -51.39 -81.70 -17.80
N ALA D 704 -51.36 -81.81 -19.13
CA ALA D 704 -50.09 -81.82 -19.85
C ALA D 704 -49.39 -80.47 -19.75
N ILE D 705 -50.14 -79.37 -19.73
CA ILE D 705 -49.53 -78.07 -19.53
C ILE D 705 -48.90 -77.98 -18.14
N ASN D 706 -49.66 -78.38 -17.12
CA ASN D 706 -49.18 -78.37 -15.74
C ASN D 706 -47.93 -79.22 -15.58
N ALA D 707 -47.87 -80.35 -16.29
CA ALA D 707 -46.66 -81.15 -16.28
C ALA D 707 -45.51 -80.44 -17.00
N TYR D 708 -45.69 -80.19 -18.30
CA TYR D 708 -44.56 -79.93 -19.17
C TYR D 708 -44.12 -78.47 -19.12
N ARG D 709 -45.07 -77.53 -19.04
CA ARG D 709 -44.72 -76.12 -19.11
C ARG D 709 -44.23 -75.61 -17.78
N GLU D 710 -44.49 -76.37 -16.71
CA GLU D 710 -43.71 -76.23 -15.50
C GLU D 710 -42.34 -76.88 -15.68
N ILE D 711 -42.31 -78.18 -15.99
CA ILE D 711 -41.07 -78.83 -16.40
C ILE D 711 -41.33 -79.97 -17.38
N GLY D 712 -40.87 -79.80 -18.63
CA GLY D 712 -41.00 -80.80 -19.65
C GLY D 712 -39.67 -81.44 -20.00
N ASP D 713 -39.72 -82.33 -20.99
CA ASP D 713 -38.51 -83.05 -21.38
C ASP D 713 -37.59 -82.18 -22.23
N ALA D 714 -37.97 -81.92 -23.48
CA ALA D 714 -37.22 -80.91 -24.22
C ALA D 714 -38.05 -79.98 -25.11
N SER D 715 -39.00 -80.54 -25.87
CA SER D 715 -39.51 -79.78 -27.01
C SER D 715 -41.00 -79.95 -27.28
N MET D 716 -41.80 -80.31 -26.29
CA MET D 716 -43.23 -80.46 -26.54
C MET D 716 -43.96 -79.13 -26.63
N VAL D 717 -43.37 -78.03 -26.14
CA VAL D 717 -44.05 -76.76 -26.24
C VAL D 717 -43.98 -76.20 -27.66
N LEU D 718 -42.99 -76.64 -28.45
CA LEU D 718 -42.99 -76.35 -29.88
C LEU D 718 -43.77 -77.37 -30.68
N SER D 719 -44.18 -78.47 -30.05
CA SER D 719 -45.18 -79.35 -30.64
C SER D 719 -46.59 -78.78 -30.46
N LEU D 720 -46.83 -78.07 -29.36
CA LEU D 720 -48.11 -77.40 -29.16
C LEU D 720 -48.19 -76.11 -29.98
N GLU D 721 -47.05 -75.48 -30.24
CA GLU D 721 -47.07 -74.20 -30.94
C GLU D 721 -47.40 -74.37 -32.42
N ARG D 722 -47.29 -75.59 -32.94
CA ARG D 722 -47.57 -75.86 -34.36
C ARG D 722 -48.97 -76.46 -34.50
N VAL D 723 -49.97 -75.61 -34.25
CA VAL D 723 -51.39 -75.97 -34.32
C VAL D 723 -52.13 -74.90 -35.11
N ARG D 724 -52.97 -75.32 -36.06
CA ARG D 724 -53.72 -74.40 -36.91
C ARG D 724 -55.13 -74.17 -36.38
N GLN D 725 -55.87 -73.29 -37.07
CA GLN D 725 -57.25 -73.00 -36.72
C GLN D 725 -58.21 -73.88 -37.50
N HIS D 726 -58.02 -75.20 -37.41
CA HIS D 726 -58.87 -76.18 -38.10
C HIS D 726 -59.46 -77.12 -37.06
N GLU D 727 -60.75 -77.43 -37.22
CA GLU D 727 -61.51 -78.13 -36.18
C GLU D 727 -62.07 -79.43 -36.74
N ASP D 728 -61.25 -80.48 -36.74
CA ASP D 728 -61.73 -81.83 -36.98
C ASP D 728 -61.11 -82.89 -36.08
N ARG D 729 -60.05 -82.55 -35.33
CA ARG D 729 -59.40 -83.36 -34.28
C ARG D 729 -58.58 -84.51 -34.87
N ASN D 730 -58.72 -84.78 -36.16
CA ASN D 730 -57.92 -85.82 -36.79
C ASN D 730 -56.79 -85.25 -37.63
N LEU D 731 -57.05 -84.19 -38.40
CA LEU D 731 -55.98 -83.35 -38.91
C LEU D 731 -55.10 -82.85 -37.76
N LEU D 732 -55.74 -82.41 -36.68
CA LEU D 732 -55.03 -81.86 -35.54
C LEU D 732 -54.10 -82.88 -34.90
N SER D 733 -54.67 -83.98 -34.38
CA SER D 733 -53.86 -84.99 -33.73
C SER D 733 -52.87 -85.63 -34.69
N ALA D 734 -53.25 -85.74 -35.98
CA ALA D 734 -52.35 -86.31 -36.96
C ALA D 734 -51.11 -85.43 -37.17
N HIS D 735 -51.29 -84.11 -37.29
CA HIS D 735 -50.12 -83.22 -37.30
C HIS D 735 -49.36 -83.24 -35.98
N ILE D 736 -50.08 -83.36 -34.86
CA ILE D 736 -49.44 -83.36 -33.54
C ILE D 736 -48.45 -84.51 -33.44
N MET D 737 -48.85 -85.68 -33.91
CA MET D 737 -47.97 -86.84 -33.90
C MET D 737 -47.12 -86.97 -35.16
N VAL D 738 -47.31 -86.11 -36.16
CA VAL D 738 -46.24 -85.85 -37.12
C VAL D 738 -45.09 -85.12 -36.43
N LEU D 739 -45.42 -84.13 -35.59
CA LEU D 739 -44.40 -83.42 -34.82
C LEU D 739 -43.72 -84.35 -33.81
N LEU D 740 -44.48 -85.23 -33.18
CA LEU D 740 -43.91 -86.25 -32.31
C LEU D 740 -43.18 -87.33 -33.08
N GLU D 741 -43.27 -87.32 -34.42
CA GLU D 741 -42.58 -88.24 -35.31
C GLU D 741 -42.97 -89.69 -35.02
N LYS D 742 -44.26 -89.93 -34.82
CA LYS D 742 -44.73 -91.25 -34.40
C LYS D 742 -46.15 -91.48 -34.89
N ASP D 743 -46.51 -92.77 -34.96
CA ASP D 743 -47.86 -93.21 -35.32
C ASP D 743 -48.28 -92.66 -36.68
N TYR D 744 -47.39 -92.85 -37.66
CA TYR D 744 -47.56 -92.21 -38.96
C TYR D 744 -48.62 -92.90 -39.80
N GLY D 745 -48.89 -94.18 -39.54
CA GLY D 745 -50.04 -94.82 -40.16
C GLY D 745 -51.36 -94.25 -39.68
N GLN D 746 -51.50 -94.08 -38.37
CA GLN D 746 -52.72 -93.46 -37.87
C GLN D 746 -52.78 -91.98 -38.23
N ALA D 747 -51.63 -91.30 -38.26
CA ALA D 747 -51.63 -89.90 -38.67
C ALA D 747 -52.00 -89.76 -40.13
N GLN D 748 -51.53 -90.66 -40.99
CA GLN D 748 -51.89 -90.58 -42.40
C GLN D 748 -53.35 -90.95 -42.60
N GLU D 749 -53.85 -91.90 -41.80
CA GLU D 749 -55.27 -92.26 -41.88
C GLU D 749 -56.15 -91.11 -41.43
N LEU D 750 -55.79 -90.45 -40.33
CA LEU D 750 -56.52 -89.29 -39.86
C LEU D 750 -56.42 -88.13 -40.84
N PHE D 751 -55.34 -88.06 -41.61
CA PHE D 751 -55.26 -87.07 -42.66
C PHE D 751 -56.15 -87.43 -43.85
N LEU D 752 -56.33 -88.73 -44.11
CA LEU D 752 -57.26 -89.15 -45.16
C LEU D 752 -58.70 -88.78 -44.82
N ARG D 753 -59.00 -88.49 -43.56
CA ARG D 753 -60.30 -87.98 -43.15
C ARG D 753 -60.27 -86.49 -42.82
N SER D 754 -59.24 -85.78 -43.25
CA SER D 754 -59.00 -84.42 -42.82
C SER D 754 -59.33 -83.44 -43.94
N SER D 755 -59.05 -82.15 -43.68
CA SER D 755 -59.21 -81.14 -44.72
C SER D 755 -58.23 -81.36 -45.87
N VAL D 756 -57.05 -81.88 -45.57
CA VAL D 756 -56.10 -82.26 -46.60
C VAL D 756 -55.70 -83.73 -46.43
N PRO D 757 -55.84 -84.55 -47.47
CA PRO D 757 -55.35 -85.94 -47.37
C PRO D 757 -53.86 -86.01 -47.62
N ARG D 758 -53.35 -85.05 -48.39
CA ARG D 758 -51.96 -85.10 -48.84
C ARG D 758 -50.97 -84.76 -47.73
N ALA D 759 -51.43 -84.32 -46.55
CA ALA D 759 -50.53 -84.22 -45.42
C ALA D 759 -49.99 -85.58 -45.01
N ALA D 760 -50.77 -86.63 -45.31
CA ALA D 760 -50.29 -88.00 -45.04
C ALA D 760 -49.03 -88.24 -45.88
N LEU D 761 -49.13 -87.99 -47.19
CA LEU D 761 -47.97 -88.17 -48.10
C LEU D 761 -46.85 -87.21 -47.68
N GLU D 762 -47.22 -86.05 -47.12
CA GLU D 762 -46.21 -85.06 -46.67
C GLU D 762 -45.33 -85.69 -45.60
N MET D 763 -45.94 -86.26 -44.55
CA MET D 763 -45.15 -86.94 -43.50
C MET D 763 -44.37 -88.08 -44.16
N ARG D 764 -44.90 -88.62 -45.26
CA ARG D 764 -44.25 -89.75 -45.90
C ARG D 764 -42.97 -89.35 -46.64
N MET D 765 -42.94 -88.17 -47.25
CA MET D 765 -41.63 -87.65 -47.66
C MET D 765 -40.89 -86.93 -46.55
N ASP D 766 -41.55 -86.56 -45.45
CA ASP D 766 -40.86 -85.87 -44.37
C ASP D 766 -39.91 -86.79 -43.62
N LEU D 767 -40.34 -88.02 -43.32
CA LEU D 767 -39.47 -88.97 -42.63
C LEU D 767 -39.28 -90.28 -43.39
N LYS D 768 -39.49 -90.27 -44.71
CA LYS D 768 -39.10 -91.35 -45.63
C LYS D 768 -39.76 -92.69 -45.24
N HIS D 769 -41.06 -92.73 -45.47
CA HIS D 769 -41.78 -93.99 -45.42
C HIS D 769 -42.38 -94.28 -46.78
N TRP D 770 -42.65 -95.56 -47.03
CA TRP D 770 -43.39 -95.99 -48.20
C TRP D 770 -44.62 -96.81 -47.82
N THR D 771 -44.81 -97.08 -46.52
CA THR D 771 -45.97 -97.82 -46.06
C THR D 771 -47.28 -97.11 -46.38
N ASP D 772 -47.26 -95.79 -46.53
CA ASP D 772 -48.41 -95.07 -47.03
C ASP D 772 -48.05 -93.96 -48.00
N ALA D 773 -46.77 -93.73 -48.29
CA ALA D 773 -46.42 -92.92 -49.45
C ALA D 773 -46.88 -93.60 -50.72
N LEU D 774 -46.73 -94.93 -50.80
CA LEU D 774 -47.29 -95.65 -51.92
C LEU D 774 -48.82 -95.62 -51.88
N LYS D 775 -49.40 -95.60 -50.68
CA LYS D 775 -50.86 -95.58 -50.57
C LYS D 775 -51.45 -94.31 -51.18
N LEU D 776 -50.83 -93.17 -50.91
CA LEU D 776 -51.25 -91.93 -51.55
C LEU D 776 -50.60 -91.70 -52.90
N ALA D 777 -49.59 -92.50 -53.24
CA ALA D 777 -48.87 -92.30 -54.50
C ALA D 777 -49.57 -93.02 -55.65
N GLU D 778 -50.13 -94.18 -55.38
CA GLU D 778 -50.91 -94.87 -56.41
C GLU D 778 -52.21 -94.13 -56.72
N GLN D 779 -52.78 -93.45 -55.72
CA GLN D 779 -54.07 -92.80 -55.88
C GLN D 779 -53.98 -91.31 -56.17
N LEU D 780 -52.84 -90.68 -55.89
CA LEU D 780 -52.78 -89.23 -56.06
C LEU D 780 -51.64 -88.78 -56.96
N ASP D 781 -50.46 -89.38 -56.86
CA ASP D 781 -49.26 -88.80 -57.44
C ASP D 781 -48.32 -89.88 -57.94
N PRO D 782 -48.31 -90.13 -59.25
CA PRO D 782 -47.19 -90.88 -59.84
C PRO D 782 -45.85 -90.18 -59.68
N ASP D 783 -45.83 -88.86 -59.48
CA ASP D 783 -44.57 -88.24 -59.08
C ASP D 783 -44.15 -88.69 -57.69
N ALA D 784 -45.10 -89.01 -56.82
CA ALA D 784 -44.73 -89.61 -55.54
C ALA D 784 -44.29 -91.05 -55.70
N ILE D 785 -44.85 -91.78 -56.68
CA ILE D 785 -44.31 -93.09 -57.02
C ILE D 785 -42.87 -92.96 -57.49
N ALA D 786 -42.62 -91.97 -58.35
CA ALA D 786 -41.27 -91.67 -58.82
C ALA D 786 -40.36 -91.29 -57.69
N THR D 787 -40.88 -90.55 -56.71
CA THR D 787 -40.13 -90.27 -55.50
C THR D 787 -39.76 -91.59 -54.81
N ILE D 788 -40.78 -92.36 -54.40
CA ILE D 788 -40.60 -93.61 -53.64
C ILE D 788 -39.58 -94.50 -54.31
N CYS D 789 -39.65 -94.60 -55.63
CA CYS D 789 -38.67 -95.36 -56.38
C CYS D 789 -37.31 -94.66 -56.50
N LYS D 790 -37.27 -93.32 -56.45
CA LYS D 790 -35.99 -92.62 -56.41
C LYS D 790 -35.24 -92.87 -55.12
N GLU D 791 -35.88 -92.62 -53.97
CA GLU D 791 -35.16 -92.98 -52.74
C GLU D 791 -35.09 -94.49 -52.52
N HIS D 792 -35.90 -95.30 -53.19
CA HIS D 792 -35.68 -96.76 -53.12
C HIS D 792 -34.44 -97.17 -53.90
N GLY D 793 -34.22 -96.58 -55.06
CA GLY D 793 -32.95 -96.74 -55.73
C GLY D 793 -31.80 -96.23 -54.88
N ALA D 794 -32.00 -95.07 -54.23
CA ALA D 794 -30.97 -94.48 -53.38
C ALA D 794 -30.61 -95.38 -52.19
N MET D 795 -31.64 -95.90 -51.51
CA MET D 795 -31.40 -96.83 -50.38
C MET D 795 -30.93 -98.16 -50.97
N LEU D 796 -30.56 -98.16 -52.25
CA LEU D 796 -30.01 -99.38 -52.90
C LEU D 796 -28.83 -98.94 -53.78
N GLU D 797 -28.56 -97.64 -53.84
CA GLU D 797 -27.39 -97.14 -54.62
C GLU D 797 -26.21 -97.02 -53.65
N MET D 798 -26.23 -96.05 -52.74
CA MET D 798 -25.15 -96.01 -51.75
C MET D 798 -25.16 -97.32 -50.99
N THR D 799 -26.36 -97.81 -50.69
CA THR D 799 -26.55 -99.12 -50.09
C THR D 799 -25.94 -100.25 -50.92
N GLY D 800 -25.94 -100.11 -52.24
CA GLY D 800 -25.56 -101.22 -53.08
C GLY D 800 -26.76 -102.11 -53.30
N GLU D 801 -26.52 -103.18 -54.06
CA GLU D 801 -27.56 -103.86 -54.83
C GLU D 801 -28.18 -102.86 -55.79
N TYR D 802 -27.30 -102.34 -56.66
CA TYR D 802 -27.64 -101.45 -57.76
C TYR D 802 -28.56 -102.11 -58.78
N SER D 803 -28.95 -103.38 -58.59
CA SER D 803 -29.90 -104.03 -59.48
C SER D 803 -31.32 -103.53 -59.24
N ASN D 804 -31.85 -103.77 -58.03
CA ASN D 804 -33.15 -103.20 -57.71
C ASN D 804 -33.08 -101.70 -57.56
N ALA D 805 -31.91 -101.15 -57.24
CA ALA D 805 -31.73 -99.70 -57.35
C ALA D 805 -31.88 -99.23 -58.78
N LYS D 806 -31.33 -99.98 -59.74
CA LYS D 806 -31.48 -99.66 -61.14
C LYS D 806 -32.94 -99.75 -61.56
N SER D 807 -33.63 -100.78 -61.09
CA SER D 807 -35.05 -100.94 -61.38
C SER D 807 -35.86 -99.78 -60.82
N HIS D 808 -35.56 -99.39 -59.57
CA HIS D 808 -36.31 -98.33 -58.92
C HIS D 808 -35.96 -96.97 -59.51
N TYR D 809 -34.70 -96.76 -59.89
CA TYR D 809 -34.32 -95.54 -60.59
C TYR D 809 -35.02 -95.44 -61.95
N GLN D 810 -35.10 -96.56 -62.67
CA GLN D 810 -35.73 -96.55 -63.98
C GLN D 810 -37.22 -96.27 -63.87
N GLN D 811 -37.91 -96.93 -62.95
CA GLN D 811 -39.32 -96.60 -62.77
C GLN D 811 -39.52 -95.25 -62.09
N ALA D 812 -38.49 -94.71 -61.43
CA ALA D 812 -38.56 -93.33 -60.98
C ALA D 812 -38.53 -92.36 -62.16
N LEU D 813 -37.71 -92.72 -63.17
CA LEU D 813 -37.69 -91.93 -64.43
C LEU D 813 -39.06 -92.05 -65.09
N ASP D 814 -39.66 -93.24 -65.08
CA ASP D 814 -40.92 -93.48 -65.76
C ASP D 814 -42.07 -92.76 -65.07
N ALA D 815 -42.19 -92.92 -63.75
CA ALA D 815 -43.23 -92.26 -63.00
C ALA D 815 -43.01 -90.76 -62.85
N LEU D 816 -41.80 -90.27 -63.14
CA LEU D 816 -41.62 -88.84 -63.36
C LEU D 816 -42.19 -88.43 -64.71
N ALA D 817 -42.02 -89.27 -65.73
CA ALA D 817 -42.58 -88.97 -67.03
C ALA D 817 -44.10 -89.07 -67.03
N VAL D 818 -44.66 -90.04 -66.33
CA VAL D 818 -46.11 -90.25 -66.30
C VAL D 818 -46.70 -89.68 -65.01
N SER D 819 -46.03 -88.72 -64.39
CA SER D 819 -46.59 -88.03 -63.24
C SER D 819 -47.83 -87.25 -63.63
N VAL D 820 -48.79 -87.17 -62.69
CA VAL D 820 -49.91 -86.27 -62.87
C VAL D 820 -49.45 -84.81 -62.87
N GLY D 821 -48.32 -84.52 -62.25
CA GLY D 821 -47.71 -83.21 -62.37
C GLY D 821 -46.94 -83.10 -63.66
N PRO D 822 -45.76 -82.48 -63.61
CA PRO D 822 -44.96 -82.32 -64.81
C PRO D 822 -44.20 -83.60 -65.17
N ALA D 823 -43.74 -83.65 -66.41
CA ALA D 823 -42.71 -84.60 -66.80
C ALA D 823 -41.38 -84.00 -66.36
N GLN D 824 -41.17 -84.04 -65.03
CA GLN D 824 -40.17 -83.27 -64.32
C GLN D 824 -38.77 -83.63 -64.77
N PRO D 825 -38.09 -82.74 -65.50
CA PRO D 825 -36.84 -83.11 -66.17
C PRO D 825 -35.64 -83.18 -65.24
N ASP D 826 -35.57 -82.30 -64.24
CA ASP D 826 -34.41 -82.29 -63.36
C ASP D 826 -34.40 -83.46 -62.39
N LEU D 827 -35.57 -83.79 -61.82
CA LEU D 827 -35.65 -84.99 -60.99
C LEU D 827 -35.42 -86.25 -61.82
N GLU D 828 -35.88 -86.26 -63.06
CA GLU D 828 -35.60 -87.40 -63.93
C GLU D 828 -34.13 -87.49 -64.29
N ALA D 829 -33.46 -86.33 -64.40
CA ALA D 829 -32.01 -86.34 -64.64
C ALA D 829 -31.25 -86.82 -63.41
N ALA D 830 -31.76 -86.51 -62.21
CA ALA D 830 -31.15 -87.07 -61.00
C ALA D 830 -31.36 -88.58 -60.92
N CYS D 831 -32.57 -89.04 -61.25
CA CYS D 831 -32.83 -90.47 -61.38
C CYS D 831 -31.97 -91.10 -62.47
N LYS D 832 -31.59 -90.33 -63.50
CA LYS D 832 -30.71 -90.84 -64.54
C LYS D 832 -29.25 -90.86 -64.12
N ALA D 833 -28.82 -89.96 -63.25
CA ALA D 833 -27.53 -90.13 -62.61
C ALA D 833 -27.54 -91.40 -61.76
N GLY D 834 -28.67 -91.63 -61.08
CA GLY D 834 -28.87 -92.90 -60.41
C GLY D 834 -28.79 -94.08 -61.35
N ILE D 835 -29.41 -93.97 -62.52
CA ILE D 835 -29.40 -95.06 -63.47
C ILE D 835 -27.99 -95.22 -64.06
N ALA D 836 -27.23 -94.13 -64.14
CA ALA D 836 -25.84 -94.20 -64.58
C ALA D 836 -25.03 -95.07 -63.63
N ARG D 837 -25.10 -94.76 -62.34
CA ARG D 837 -24.32 -95.52 -61.37
C ARG D 837 -24.85 -96.94 -61.21
N THR D 838 -26.16 -97.14 -61.35
CA THR D 838 -26.70 -98.47 -61.09
C THR D 838 -26.53 -99.40 -62.28
N THR D 839 -26.66 -98.88 -63.50
CA THR D 839 -26.22 -99.64 -64.67
C THR D 839 -24.72 -99.87 -64.61
N LEU D 840 -23.96 -98.88 -64.12
CA LEU D 840 -22.52 -99.01 -63.99
C LEU D 840 -22.14 -100.17 -63.09
N GLN D 841 -22.84 -100.32 -61.98
CA GLN D 841 -22.59 -101.43 -61.08
C GLN D 841 -23.42 -102.66 -61.41
N LEU D 842 -24.27 -102.58 -62.43
CA LEU D 842 -24.94 -103.75 -62.97
C LEU D 842 -24.18 -104.37 -64.14
N GLY D 843 -22.87 -104.16 -64.19
CA GLY D 843 -22.06 -104.70 -65.27
C GLY D 843 -22.06 -103.88 -66.53
N ASP D 844 -22.96 -102.90 -66.66
CA ASP D 844 -22.94 -101.99 -67.80
C ASP D 844 -21.94 -100.88 -67.52
N LEU D 845 -20.67 -101.27 -67.53
CA LEU D 845 -19.59 -100.31 -67.39
C LEU D 845 -19.59 -99.36 -68.57
N ARG D 846 -19.82 -99.90 -69.78
CA ARG D 846 -20.00 -99.07 -70.96
C ARG D 846 -21.20 -98.15 -70.78
N GLN D 847 -22.40 -98.73 -70.66
CA GLN D 847 -23.63 -97.93 -70.66
C GLN D 847 -23.68 -96.96 -69.49
N GLY D 848 -23.31 -97.43 -68.30
CA GLY D 848 -23.19 -96.52 -67.16
C GLY D 848 -22.15 -95.45 -67.38
N ARG D 849 -21.10 -95.75 -68.16
CA ARG D 849 -20.08 -94.74 -68.42
C ARG D 849 -20.60 -93.69 -69.41
N GLN D 850 -21.32 -94.08 -70.47
CA GLN D 850 -21.88 -93.05 -71.35
C GLN D 850 -22.98 -92.28 -70.66
N LEU D 851 -23.72 -92.91 -69.76
CA LEU D 851 -24.60 -92.16 -68.86
C LEU D 851 -23.79 -91.30 -67.90
N ALA D 852 -22.51 -91.63 -67.70
CA ALA D 852 -21.63 -90.84 -66.84
C ALA D 852 -20.92 -89.71 -67.57
N MET D 853 -21.04 -89.59 -68.90
CA MET D 853 -20.74 -88.28 -69.48
C MET D 853 -21.97 -87.43 -69.71
N GLN D 854 -23.13 -88.03 -69.94
CA GLN D 854 -24.26 -87.24 -70.42
C GLN D 854 -25.12 -86.68 -69.30
N LEU D 855 -24.85 -87.02 -68.04
CA LEU D 855 -25.69 -86.61 -66.92
C LEU D 855 -24.89 -85.89 -65.86
N ASN D 856 -23.92 -85.08 -66.29
CA ASN D 856 -22.97 -84.47 -65.37
C ASN D 856 -22.17 -83.36 -66.06
N SER D 857 -21.50 -82.57 -65.23
CA SER D 857 -20.40 -81.72 -65.63
C SER D 857 -19.12 -82.10 -64.90
N GLN D 858 -19.20 -82.28 -63.58
CA GLN D 858 -18.08 -82.76 -62.76
C GLN D 858 -18.48 -83.89 -61.81
N THR D 859 -19.66 -83.83 -61.21
CA THR D 859 -19.95 -84.64 -60.03
C THR D 859 -20.17 -86.11 -60.35
N LEU D 860 -20.94 -86.43 -61.40
CA LEU D 860 -21.12 -87.83 -61.72
C LEU D 860 -19.93 -88.39 -62.47
N PHE D 861 -19.04 -87.53 -62.98
CA PHE D 861 -17.78 -88.02 -63.54
C PHE D 861 -16.94 -88.69 -62.47
N LYS D 862 -16.67 -87.97 -61.39
CA LYS D 862 -15.95 -88.55 -60.27
C LYS D 862 -16.78 -89.61 -59.57
N GLU D 863 -18.09 -89.40 -59.50
CA GLU D 863 -18.98 -90.34 -58.83
C GLU D 863 -18.92 -91.70 -59.52
N CYS D 864 -19.30 -91.76 -60.79
CA CYS D 864 -19.15 -92.95 -61.59
C CYS D 864 -17.70 -93.37 -61.78
N ALA D 865 -16.73 -92.50 -61.59
CA ALA D 865 -15.34 -92.93 -61.65
C ALA D 865 -14.98 -93.81 -60.47
N LEU D 866 -15.32 -93.36 -59.26
CA LEU D 866 -15.07 -94.19 -58.09
C LEU D 866 -16.05 -95.34 -58.01
N ILE D 867 -17.21 -95.20 -58.64
CA ILE D 867 -18.17 -96.29 -58.78
C ILE D 867 -17.67 -97.33 -59.79
N LEU D 868 -16.91 -96.90 -60.80
CA LEU D 868 -16.21 -97.82 -61.68
C LEU D 868 -14.97 -98.40 -61.03
N GLU D 869 -14.41 -97.73 -60.02
CA GLU D 869 -13.50 -98.40 -59.11
C GLU D 869 -14.20 -99.49 -58.31
N GLY D 870 -15.53 -99.42 -58.19
CA GLY D 870 -16.28 -100.50 -57.61
C GLY D 870 -16.49 -101.68 -58.52
N LEU D 871 -16.15 -101.55 -59.80
CA LEU D 871 -16.15 -102.69 -60.72
C LEU D 871 -14.87 -102.75 -61.55
N GLN D 872 -13.80 -102.08 -61.10
CA GLN D 872 -12.43 -102.28 -61.58
C GLN D 872 -12.28 -101.98 -63.07
N GLN D 873 -12.77 -100.83 -63.51
CA GLN D 873 -12.60 -100.41 -64.89
C GLN D 873 -11.72 -99.17 -64.92
N LEU D 874 -10.41 -99.40 -64.99
CA LEU D 874 -9.46 -98.30 -65.01
C LEU D 874 -9.52 -97.52 -66.31
N THR D 875 -9.82 -98.19 -67.43
CA THR D 875 -9.82 -97.54 -68.73
C THR D 875 -10.96 -96.54 -68.89
N GLU D 876 -11.92 -96.51 -67.97
CA GLU D 876 -12.98 -95.51 -67.95
C GLU D 876 -12.93 -94.61 -66.73
N ALA D 877 -12.73 -95.20 -65.55
CA ALA D 877 -12.61 -94.42 -64.32
C ALA D 877 -11.40 -93.50 -64.35
N ALA D 878 -10.26 -94.01 -64.85
CA ALA D 878 -9.06 -93.20 -64.92
C ALA D 878 -9.18 -92.07 -65.92
N GLU D 879 -9.81 -92.33 -67.07
CA GLU D 879 -9.95 -91.27 -68.07
C GLU D 879 -11.00 -90.25 -67.66
N MET D 880 -12.00 -90.65 -66.86
CA MET D 880 -12.90 -89.66 -66.28
C MET D 880 -12.49 -89.25 -64.88
N TYR D 881 -11.25 -89.56 -64.48
CA TYR D 881 -10.61 -88.80 -63.41
C TYR D 881 -10.19 -87.42 -63.89
N GLU D 882 -9.56 -87.36 -65.06
CA GLU D 882 -9.03 -86.09 -65.55
C GLU D 882 -10.13 -85.13 -65.94
N ARG D 883 -11.23 -85.62 -66.48
CA ARG D 883 -12.39 -84.77 -66.72
C ARG D 883 -13.29 -84.64 -65.50
N ALA D 884 -12.94 -85.30 -64.40
CA ALA D 884 -13.47 -84.97 -63.09
C ALA D 884 -12.45 -84.26 -62.22
N GLY D 885 -11.29 -83.90 -62.76
CA GLY D 885 -10.28 -83.25 -61.97
C GLY D 885 -9.59 -84.14 -60.96
N GLN D 886 -9.81 -85.46 -61.05
CA GLN D 886 -9.18 -86.40 -60.12
C GLN D 886 -7.81 -86.83 -60.63
N PHE D 887 -6.99 -85.83 -60.96
CA PHE D 887 -5.64 -86.08 -61.44
C PHE D 887 -4.76 -86.66 -60.36
N GLU D 888 -5.09 -86.42 -59.09
CA GLU D 888 -4.39 -87.08 -57.98
C GLU D 888 -4.60 -88.58 -58.03
N ARG D 889 -5.83 -89.02 -58.26
CA ARG D 889 -6.11 -90.45 -58.31
C ARG D 889 -5.42 -91.10 -59.50
N ALA D 890 -5.51 -90.46 -60.67
CA ALA D 890 -4.81 -90.98 -61.84
C ALA D 890 -3.30 -90.98 -61.63
N ALA D 891 -2.78 -89.95 -60.96
CA ALA D 891 -1.35 -89.87 -60.68
C ALA D 891 -0.90 -91.02 -59.78
N SER D 892 -1.67 -91.29 -58.72
CA SER D 892 -1.34 -92.39 -57.83
C SER D 892 -1.41 -93.73 -58.54
N ILE D 893 -2.49 -93.96 -59.31
CA ILE D 893 -2.66 -95.24 -60.00
C ILE D 893 -1.55 -95.46 -61.02
N TYR D 894 -1.21 -94.42 -61.77
CA TYR D 894 -0.15 -94.57 -62.77
C TYR D 894 1.23 -94.72 -62.13
N ILE D 895 1.49 -93.99 -61.05
CA ILE D 895 2.80 -94.09 -60.40
C ILE D 895 2.97 -95.40 -59.64
N GLN D 896 1.89 -96.09 -59.30
CA GLN D 896 2.01 -97.26 -58.45
C GLN D 896 2.11 -98.57 -59.21
N THR D 897 1.45 -98.71 -60.35
CA THR D 897 1.49 -99.98 -61.09
C THR D 897 2.60 -100.01 -62.13
N LYS D 898 3.81 -99.62 -61.70
CA LYS D 898 5.03 -99.62 -62.53
C LYS D 898 4.83 -98.92 -63.86
N ASN D 899 4.08 -97.82 -63.84
CA ASN D 899 3.69 -97.09 -65.03
C ASN D 899 4.04 -95.62 -64.87
N PHE D 900 5.28 -95.36 -64.45
CA PHE D 900 5.75 -93.99 -64.20
C PHE D 900 5.71 -93.12 -65.45
N ALA D 901 5.75 -93.73 -66.64
CA ALA D 901 5.53 -92.98 -67.86
C ALA D 901 4.09 -92.48 -67.96
N ALA D 902 3.13 -93.25 -67.44
CA ALA D 902 1.75 -92.79 -67.43
C ALA D 902 1.53 -91.71 -66.38
N ALA D 903 2.31 -91.72 -65.31
CA ALA D 903 2.30 -90.65 -64.32
C ALA D 903 3.27 -89.53 -64.65
N ALA D 904 4.03 -89.67 -65.75
CA ALA D 904 4.87 -88.56 -66.21
C ALA D 904 4.08 -87.31 -66.60
N PRO D 905 2.93 -87.38 -67.30
CA PRO D 905 2.10 -86.16 -67.41
C PRO D 905 1.61 -85.66 -66.06
N LEU D 906 1.49 -86.54 -65.07
CA LEU D 906 1.08 -86.15 -63.74
C LEU D 906 2.25 -85.90 -62.81
N MET D 907 3.49 -86.05 -63.29
CA MET D 907 4.62 -85.34 -62.70
C MET D 907 4.45 -83.83 -62.81
N ALA D 908 3.83 -83.36 -63.90
CA ALA D 908 3.74 -81.93 -64.17
C ALA D 908 2.95 -81.18 -63.11
N ARG D 909 2.07 -81.86 -62.38
CA ARG D 909 1.35 -81.25 -61.28
C ARG D 909 1.65 -81.87 -59.92
N ILE D 910 2.20 -83.08 -59.89
CA ILE D 910 2.79 -83.64 -58.68
C ILE D 910 4.19 -84.12 -59.06
N SER D 911 5.18 -83.23 -59.00
CA SER D 911 6.58 -83.64 -59.11
C SER D 911 7.21 -83.81 -57.73
N SER D 912 6.57 -84.61 -56.88
CA SER D 912 6.99 -84.71 -55.48
C SER D 912 7.87 -85.93 -55.28
N SER D 913 8.31 -86.12 -54.04
CA SER D 913 9.13 -87.28 -53.69
C SER D 913 8.34 -88.58 -53.79
N LYS D 914 7.04 -88.55 -53.46
CA LYS D 914 6.24 -89.77 -53.48
C LYS D 914 6.00 -90.30 -54.89
N LEU D 915 6.25 -89.51 -55.93
CA LEU D 915 6.22 -90.02 -57.30
C LEU D 915 7.62 -90.10 -57.89
N GLN D 916 8.38 -89.00 -57.83
CA GLN D 916 9.71 -88.98 -58.46
C GLN D 916 10.69 -89.87 -57.71
N LEU D 917 10.74 -89.77 -56.38
CA LEU D 917 11.62 -90.65 -55.62
C LEU D 917 11.15 -92.09 -55.64
N GLN D 918 9.83 -92.33 -55.71
CA GLN D 918 9.36 -93.71 -55.88
C GLN D 918 9.82 -94.29 -57.21
N PHE D 919 9.71 -93.50 -58.27
CA PHE D 919 10.23 -93.88 -59.58
C PHE D 919 11.73 -94.10 -59.53
N ALA D 920 12.45 -93.26 -58.77
CA ALA D 920 13.89 -93.41 -58.61
C ALA D 920 14.24 -94.65 -57.80
N LYS D 921 13.41 -95.00 -56.83
CA LYS D 921 13.65 -96.21 -56.04
C LYS D 921 13.41 -97.45 -56.88
N ALA D 922 12.38 -97.41 -57.74
CA ALA D 922 12.20 -98.49 -58.70
C ALA D 922 13.39 -98.57 -59.65
N LYS D 923 13.91 -97.42 -60.08
CA LYS D 923 15.10 -97.39 -60.92
C LYS D 923 16.31 -97.97 -60.19
N GLU D 924 16.43 -97.67 -58.90
CA GLU D 924 17.48 -98.26 -58.06
C GLU D 924 17.33 -99.77 -58.00
N ALA D 925 16.09 -100.25 -57.90
CA ALA D 925 15.84 -101.69 -57.91
C ALA D 925 16.23 -102.32 -59.25
N GLU D 926 15.97 -101.62 -60.35
CA GLU D 926 16.23 -102.17 -61.68
C GLU D 926 17.49 -101.58 -62.31
N GLY D 927 18.39 -101.00 -61.50
CA GLY D 927 19.74 -100.71 -61.92
C GLY D 927 20.07 -99.24 -62.13
N ARG D 928 19.07 -98.37 -62.30
CA ARG D 928 19.34 -96.96 -62.56
C ARG D 928 19.44 -96.23 -61.24
N TRP D 929 20.59 -96.39 -60.58
CA TRP D 929 20.84 -95.76 -59.30
C TRP D 929 21.29 -94.31 -59.47
N GLN D 930 21.61 -93.89 -60.70
CA GLN D 930 21.83 -92.48 -61.00
C GLN D 930 20.57 -91.69 -60.66
N GLU D 931 19.43 -92.16 -61.17
CA GLU D 931 18.15 -91.55 -60.85
C GLU D 931 17.84 -91.66 -59.36
N ALA D 932 18.26 -92.76 -58.74
CA ALA D 932 18.04 -92.95 -57.31
C ALA D 932 18.73 -91.86 -56.50
N ALA D 933 20.02 -91.65 -56.74
CA ALA D 933 20.73 -90.60 -56.01
C ALA D 933 20.28 -89.21 -56.47
N ALA D 934 19.81 -89.08 -57.71
CA ALA D 934 19.33 -87.80 -58.20
C ALA D 934 18.08 -87.36 -57.43
N ALA D 935 17.12 -88.26 -57.26
CA ALA D 935 15.96 -87.91 -56.46
C ALA D 935 16.20 -88.05 -54.96
N TYR D 936 17.29 -88.73 -54.56
CA TYR D 936 17.76 -88.62 -53.19
C TYR D 936 18.19 -87.20 -52.88
N GLU D 937 18.92 -86.60 -53.82
CA GLU D 937 19.32 -85.21 -53.70
C GLU D 937 18.13 -84.27 -53.83
N ALA D 938 17.16 -84.65 -54.67
CA ALA D 938 15.93 -83.88 -54.77
C ALA D 938 15.12 -83.98 -53.49
N ALA D 939 15.07 -85.17 -52.88
CA ALA D 939 14.29 -85.38 -51.66
C ALA D 939 15.14 -85.35 -50.40
N GLY D 940 16.38 -84.91 -50.50
CA GLY D 940 17.18 -84.70 -49.30
C GLY D 940 17.79 -85.93 -48.69
N ASP D 941 17.83 -87.04 -49.41
CA ASP D 941 18.51 -88.25 -48.95
C ASP D 941 20.00 -88.12 -49.28
N MET D 942 20.61 -87.12 -48.64
CA MET D 942 21.98 -86.68 -48.88
C MET D 942 23.03 -87.72 -48.52
N ASP D 943 22.80 -88.42 -47.40
CA ASP D 943 23.71 -89.47 -46.99
C ASP D 943 23.68 -90.61 -48.00
N ALA D 944 22.50 -90.94 -48.51
CA ALA D 944 22.43 -91.90 -49.61
C ALA D 944 22.92 -91.31 -50.93
N VAL D 945 22.86 -89.99 -51.12
CA VAL D 945 23.48 -89.38 -52.30
C VAL D 945 24.97 -89.69 -52.32
N VAL D 946 25.65 -89.45 -51.21
CA VAL D 946 27.08 -89.72 -51.20
C VAL D 946 27.39 -91.20 -51.02
N ARG D 947 26.48 -91.98 -50.43
CA ARG D 947 26.63 -93.42 -50.43
C ARG D 947 26.59 -93.99 -51.83
N LEU D 948 25.71 -93.47 -52.67
CA LEU D 948 25.71 -93.88 -54.06
C LEU D 948 26.92 -93.32 -54.79
N CYS D 949 27.34 -92.09 -54.46
CA CYS D 949 28.59 -91.53 -54.99
C CYS D 949 29.74 -92.50 -54.82
N LEU D 950 29.89 -93.05 -53.63
CA LEU D 950 31.14 -93.70 -53.27
C LEU D 950 31.01 -95.22 -53.28
N GLU D 951 29.81 -95.74 -53.50
CA GLU D 951 29.53 -97.16 -53.49
C GLU D 951 28.82 -97.64 -54.75
N ARG D 952 28.07 -96.78 -55.41
CA ARG D 952 27.37 -97.21 -56.62
C ARG D 952 27.63 -96.32 -57.83
N LEU D 953 27.63 -95.00 -57.66
CA LEU D 953 27.77 -94.11 -58.80
C LEU D 953 29.22 -93.91 -59.19
N SER D 954 30.15 -94.30 -58.32
CA SER D 954 31.59 -94.07 -58.48
C SER D 954 31.88 -92.58 -58.67
N GLN D 955 31.45 -91.79 -57.67
CA GLN D 955 31.59 -90.33 -57.70
C GLN D 955 32.38 -89.84 -56.49
N PRO D 956 33.72 -89.88 -56.55
CA PRO D 956 34.53 -89.21 -55.54
C PRO D 956 34.26 -87.73 -55.44
N GLN D 957 34.43 -87.02 -56.55
CA GLN D 957 34.50 -85.56 -56.49
C GLN D 957 33.12 -84.92 -56.44
N ARG D 958 32.06 -85.58 -56.93
CA ARG D 958 30.74 -85.02 -56.67
C ARG D 958 30.50 -85.02 -55.17
N ALA D 959 30.83 -86.14 -54.52
CA ALA D 959 30.66 -86.22 -53.05
C ALA D 959 31.63 -85.26 -52.36
N TYR D 960 32.89 -85.24 -52.78
CA TYR D 960 33.92 -84.40 -52.10
C TYR D 960 33.53 -82.92 -52.13
N ALA D 961 32.79 -82.49 -53.16
CA ALA D 961 32.40 -81.06 -53.27
C ALA D 961 31.03 -80.85 -52.64
N ILE D 962 30.08 -81.75 -52.89
CA ILE D 962 28.72 -81.62 -52.37
C ILE D 962 28.70 -81.70 -50.85
N VAL D 963 29.70 -82.30 -50.20
CA VAL D 963 29.75 -82.28 -48.75
C VAL D 963 30.76 -81.27 -48.23
N ARG D 964 31.67 -80.79 -49.09
CA ARG D 964 32.35 -79.55 -48.77
C ARG D 964 31.34 -78.42 -48.67
N LYS D 965 30.33 -78.45 -49.53
CA LYS D 965 29.19 -77.55 -49.40
C LYS D 965 28.30 -77.94 -48.22
N THR D 966 27.76 -79.16 -48.25
CA THR D 966 26.73 -79.60 -47.32
C THR D 966 27.25 -79.78 -45.90
N GLN D 967 28.40 -80.44 -45.75
CA GLN D 967 28.96 -80.80 -44.45
C GLN D 967 27.98 -81.59 -43.59
N SER D 968 27.23 -82.49 -44.22
CA SER D 968 26.31 -83.35 -43.49
C SER D 968 27.08 -84.47 -42.80
N VAL D 969 26.34 -85.36 -42.15
CA VAL D 969 26.95 -86.32 -41.24
C VAL D 969 27.30 -87.63 -41.93
N GLU D 970 26.29 -88.36 -42.41
CA GLU D 970 26.56 -89.68 -42.97
C GLU D 970 26.95 -89.63 -44.44
N ALA D 971 26.61 -88.55 -45.15
CA ALA D 971 27.28 -88.29 -46.42
C ALA D 971 28.77 -88.09 -46.20
N ALA D 972 29.15 -87.32 -45.19
CA ALA D 972 30.55 -87.25 -44.83
C ALA D 972 31.07 -88.55 -44.24
N ASN D 973 30.19 -89.45 -43.78
CA ASN D 973 30.66 -90.76 -43.34
C ASN D 973 31.04 -91.64 -44.52
N GLN D 974 30.20 -91.65 -45.54
CA GLN D 974 30.56 -92.31 -46.80
C GLN D 974 31.82 -91.70 -47.37
N LEU D 975 31.94 -90.37 -47.27
CA LEU D 975 33.17 -89.72 -47.67
C LEU D 975 34.33 -90.01 -46.73
N SER D 976 34.07 -90.34 -45.47
CA SER D 976 35.16 -90.75 -44.60
C SER D 976 35.66 -92.14 -44.95
N ARG D 977 34.74 -93.01 -45.38
CA ARG D 977 35.17 -94.26 -46.00
C ARG D 977 36.01 -94.00 -47.24
N PHE D 978 35.58 -93.06 -48.08
CA PHE D 978 36.33 -92.79 -49.29
C PHE D 978 37.61 -92.00 -49.03
N CYS D 979 37.65 -91.30 -47.90
CA CYS D 979 38.89 -90.59 -47.48
C CYS D 979 39.80 -91.64 -46.87
N LEU D 980 39.23 -92.80 -46.50
CA LEU D 980 40.08 -93.93 -46.03
C LEU D 980 40.50 -94.67 -47.29
N GLN D 981 39.91 -94.29 -48.43
CA GLN D 981 40.26 -94.92 -49.73
C GLN D 981 41.05 -93.91 -50.57
N SER D 982 40.81 -92.61 -50.35
CA SER D 982 41.57 -91.60 -51.09
C SER D 982 41.92 -90.49 -50.11
N GLN D 983 42.43 -89.37 -50.64
CA GLN D 983 42.72 -88.19 -49.82
C GLN D 983 42.55 -86.96 -50.72
N ASP D 984 41.39 -86.32 -50.60
CA ASP D 984 41.15 -85.10 -51.37
C ASP D 984 42.08 -83.98 -50.90
N PHE D 985 41.78 -83.39 -49.74
CA PHE D 985 42.56 -82.32 -49.11
C PHE D 985 41.94 -82.01 -47.73
N GLY D 986 42.11 -80.77 -47.28
CA GLY D 986 41.25 -80.24 -46.22
C GLY D 986 39.78 -80.61 -46.36
N GLY D 987 39.28 -80.76 -47.59
CA GLY D 987 38.00 -81.43 -47.77
C GLY D 987 37.99 -82.84 -47.22
N ALA D 988 39.06 -83.60 -47.44
CA ALA D 988 39.12 -84.97 -46.92
C ALA D 988 39.15 -84.98 -45.40
N VAL D 989 39.90 -84.05 -44.79
CA VAL D 989 39.92 -84.00 -43.33
C VAL D 989 38.57 -83.52 -42.79
N GLU D 990 37.85 -82.68 -43.56
CA GLU D 990 36.49 -82.32 -43.23
C GLU D 990 35.64 -83.56 -43.11
N PHE D 991 35.69 -84.39 -44.17
CA PHE D 991 34.80 -85.54 -44.24
C PHE D 991 35.22 -86.61 -43.27
N LEU D 992 36.47 -86.59 -42.82
CA LEU D 992 36.87 -87.48 -41.75
C LEU D 992 36.37 -86.98 -40.40
N LEU D 993 36.26 -85.66 -40.24
CA LEU D 993 36.04 -85.14 -38.89
C LEU D 993 34.57 -84.95 -38.54
N MET D 994 33.75 -84.43 -39.47
CA MET D 994 32.33 -84.40 -39.14
C MET D 994 31.62 -85.72 -39.41
N ALA D 995 32.35 -86.81 -39.59
CA ALA D 995 31.76 -88.13 -39.74
C ALA D 995 31.94 -89.00 -38.51
N GLY D 996 32.66 -88.50 -37.51
CA GLY D 996 33.06 -89.33 -36.39
C GLY D 996 34.30 -90.16 -36.65
N GLN D 997 34.86 -90.09 -37.86
CA GLN D 997 36.09 -90.79 -38.17
C GLN D 997 37.27 -90.05 -37.55
N MET D 998 37.37 -90.12 -36.21
CA MET D 998 38.29 -89.29 -35.46
C MET D 998 39.74 -89.68 -35.73
N ASP D 999 40.02 -90.98 -35.65
CA ASP D 999 41.39 -91.48 -35.65
C ASP D 999 42.08 -91.25 -36.97
N GLN D 1000 41.32 -91.24 -38.06
CA GLN D 1000 41.89 -91.17 -39.39
C GLN D 1000 42.48 -89.79 -39.66
N ALA D 1001 41.65 -88.76 -39.55
CA ALA D 1001 42.14 -87.39 -39.61
C ALA D 1001 43.15 -87.09 -38.51
N PHE D 1002 42.96 -87.70 -37.34
CA PHE D 1002 43.92 -87.57 -36.24
C PHE D 1002 45.31 -88.03 -36.67
N ASP D 1003 45.41 -89.25 -37.21
CA ASP D 1003 46.69 -89.82 -37.57
C ASP D 1003 47.30 -89.14 -38.78
N ILE D 1004 46.46 -88.66 -39.71
CA ILE D 1004 47.01 -87.87 -40.80
C ILE D 1004 47.60 -86.57 -40.26
N ALA D 1005 46.93 -85.94 -39.29
CA ALA D 1005 47.47 -84.75 -38.66
C ALA D 1005 48.77 -85.03 -37.92
N MET D 1006 48.87 -86.21 -37.29
CA MET D 1006 50.06 -86.57 -36.52
C MET D 1006 51.31 -86.51 -37.40
N GLY D 1007 51.17 -86.86 -38.67
CA GLY D 1007 52.19 -86.73 -39.69
C GLY D 1007 51.87 -85.56 -40.59
N HIS D 1008 51.18 -85.84 -41.70
CA HIS D 1008 50.87 -84.83 -42.75
C HIS D 1008 50.56 -83.42 -42.24
N ASN D 1009 50.76 -82.42 -43.11
CA ASN D 1009 50.51 -80.99 -42.75
C ASN D 1009 49.03 -80.77 -42.43
N GLU D 1010 48.12 -81.60 -42.97
CA GLU D 1010 46.69 -81.47 -42.60
C GLU D 1010 46.59 -81.68 -41.09
N MET D 1011 47.08 -80.72 -40.30
CA MET D 1011 47.12 -80.92 -38.83
C MET D 1011 46.39 -79.73 -38.21
N ASP D 1012 46.48 -78.56 -38.84
CA ASP D 1012 45.72 -77.42 -38.33
C ASP D 1012 44.27 -77.55 -38.71
N THR D 1013 43.98 -78.05 -39.90
CA THR D 1013 42.60 -78.24 -40.27
C THR D 1013 41.99 -79.46 -39.57
N PHE D 1014 42.79 -80.46 -39.19
CA PHE D 1014 42.25 -81.49 -38.30
C PHE D 1014 41.86 -80.92 -36.96
N ALA D 1015 42.79 -80.19 -36.31
CA ALA D 1015 42.48 -79.59 -35.03
C ALA D 1015 41.35 -78.56 -35.14
N ARG D 1016 41.21 -77.95 -36.31
CA ARG D 1016 40.14 -77.01 -36.60
C ARG D 1016 38.79 -77.69 -36.63
N ILE D 1017 38.68 -78.79 -37.39
CA ILE D 1017 37.36 -79.37 -37.61
C ILE D 1017 37.01 -80.39 -36.53
N VAL D 1018 37.96 -80.80 -35.69
CA VAL D 1018 37.55 -81.56 -34.50
C VAL D 1018 36.82 -80.66 -33.51
N ALA D 1019 37.49 -79.63 -32.99
CA ALA D 1019 36.78 -78.55 -32.31
C ALA D 1019 37.09 -77.19 -32.93
N ALA D 1020 38.38 -76.83 -32.89
CA ALA D 1020 38.88 -75.52 -33.30
C ALA D 1020 40.40 -75.55 -33.23
N SER D 1021 41.06 -74.88 -34.18
CA SER D 1021 42.50 -74.67 -34.12
C SER D 1021 42.75 -73.19 -34.33
N ALA D 1022 42.56 -72.42 -33.27
CA ALA D 1022 42.92 -71.00 -33.26
C ALA D 1022 43.53 -70.54 -31.94
N LYS D 1023 43.39 -71.28 -30.87
CA LYS D 1023 43.77 -70.83 -29.54
C LYS D 1023 45.13 -71.40 -29.15
N PRO D 1024 45.84 -70.71 -28.26
CA PRO D 1024 47.08 -71.28 -27.70
C PRO D 1024 46.85 -72.57 -26.94
N VAL D 1025 45.67 -72.76 -26.35
CA VAL D 1025 45.42 -73.98 -25.58
C VAL D 1025 45.33 -75.19 -26.53
N ASP D 1026 44.54 -75.09 -27.59
CA ASP D 1026 44.44 -76.21 -28.52
C ASP D 1026 45.73 -76.39 -29.30
N TYR D 1027 46.40 -75.30 -29.65
CA TYR D 1027 47.69 -75.43 -30.31
C TYR D 1027 48.69 -76.14 -29.41
N GLN D 1028 48.69 -75.80 -28.12
CA GLN D 1028 49.54 -76.49 -27.17
C GLN D 1028 49.19 -77.97 -27.05
N ARG D 1029 47.90 -78.30 -26.99
CA ARG D 1029 47.52 -79.69 -26.73
C ARG D 1029 47.70 -80.57 -27.97
N ILE D 1030 47.23 -80.12 -29.13
CA ILE D 1030 47.47 -80.90 -30.33
C ILE D 1030 48.96 -80.89 -30.68
N ALA D 1031 49.67 -79.81 -30.37
CA ALA D 1031 51.11 -79.77 -30.56
C ALA D 1031 51.82 -80.75 -29.65
N GLN D 1032 51.35 -80.91 -28.41
CA GLN D 1032 51.90 -81.94 -27.53
C GLN D 1032 51.58 -83.32 -28.06
N TYR D 1033 50.42 -83.48 -28.69
CA TYR D 1033 50.13 -84.73 -29.39
C TYR D 1033 51.16 -85.00 -30.47
N TYR D 1034 51.55 -83.96 -31.21
CA TYR D 1034 52.59 -84.11 -32.22
C TYR D 1034 53.96 -84.33 -31.61
N GLU D 1035 54.26 -83.66 -30.49
CA GLU D 1035 55.49 -83.90 -29.75
C GLU D 1035 55.57 -85.32 -29.25
N SER D 1036 54.43 -85.99 -29.07
CA SER D 1036 54.39 -87.41 -28.79
C SER D 1036 54.27 -88.26 -30.05
N ARG D 1037 53.75 -87.73 -31.15
CA ARG D 1037 53.42 -88.54 -32.32
C ARG D 1037 53.85 -87.89 -33.62
N GLY D 1038 55.10 -87.41 -33.67
CA GLY D 1038 55.67 -86.90 -34.91
C GLY D 1038 55.10 -85.55 -35.32
N GLU D 1039 55.77 -84.93 -36.28
CA GLU D 1039 55.54 -83.53 -36.67
C GLU D 1039 55.78 -82.60 -35.47
N TYR D 1040 56.94 -82.79 -34.84
CA TYR D 1040 57.35 -81.90 -33.75
C TYR D 1040 57.71 -80.51 -34.27
N ASP D 1041 58.12 -80.41 -35.54
CA ASP D 1041 58.49 -79.13 -36.12
C ASP D 1041 57.34 -78.14 -36.05
N LYS D 1042 56.24 -78.47 -36.71
CA LYS D 1042 55.08 -77.60 -36.71
C LYS D 1042 54.38 -77.58 -35.35
N ALA D 1043 54.60 -78.61 -34.53
CA ALA D 1043 54.14 -78.58 -33.15
C ALA D 1043 54.79 -77.44 -32.38
N ALA D 1044 56.12 -77.35 -32.44
CA ALA D 1044 56.83 -76.24 -31.80
C ALA D 1044 56.53 -74.93 -32.50
N ASP D 1045 56.24 -74.97 -33.81
CA ASP D 1045 55.86 -73.75 -34.51
C ASP D 1045 54.58 -73.16 -33.94
N MET D 1046 53.55 -73.98 -33.74
CA MET D 1046 52.34 -73.43 -33.16
C MET D 1046 52.43 -73.28 -31.65
N TRP D 1047 53.34 -74.01 -31.00
CA TRP D 1047 53.73 -73.69 -29.63
C TRP D 1047 54.22 -72.26 -29.54
N SER D 1048 54.95 -71.82 -30.56
CA SER D 1048 55.41 -70.44 -30.62
C SER D 1048 54.30 -69.50 -31.05
N LYS D 1049 53.38 -69.96 -31.89
CA LYS D 1049 52.17 -69.21 -32.19
C LYS D 1049 51.27 -69.04 -30.97
N CYS D 1050 51.45 -69.86 -29.93
CA CYS D 1050 50.83 -69.60 -28.64
C CYS D 1050 51.36 -68.32 -28.00
N ASP D 1051 52.57 -67.88 -28.41
CA ASP D 1051 53.19 -66.65 -27.95
C ASP D 1051 53.40 -66.64 -26.43
N GLN D 1052 54.09 -67.64 -25.86
CA GLN D 1052 54.47 -67.48 -24.43
C GLN D 1052 55.68 -66.55 -24.52
N ALA D 1053 56.51 -66.74 -25.54
CA ALA D 1053 57.67 -65.96 -25.95
C ALA D 1053 58.99 -66.68 -25.58
N PRO D 1054 59.52 -66.61 -24.35
CA PRO D 1054 60.93 -66.99 -24.17
C PRO D 1054 61.20 -68.47 -24.39
N ARG D 1055 60.23 -69.34 -24.12
CA ARG D 1055 60.33 -70.74 -24.50
C ARG D 1055 59.64 -71.04 -25.81
N ALA D 1056 58.55 -70.33 -26.11
CA ALA D 1056 57.77 -70.60 -27.31
C ALA D 1056 58.56 -70.32 -28.58
N VAL D 1057 58.98 -69.07 -28.78
CA VAL D 1057 59.74 -68.84 -29.99
C VAL D 1057 61.20 -69.26 -29.85
N GLN D 1058 61.65 -69.64 -28.66
CA GLN D 1058 62.90 -70.38 -28.62
C GLN D 1058 62.72 -71.78 -29.19
N LEU D 1059 61.55 -72.40 -29.00
CA LEU D 1059 61.25 -73.62 -29.74
C LEU D 1059 61.18 -73.33 -31.24
N TYR D 1060 60.63 -72.17 -31.59
CA TYR D 1060 60.53 -71.77 -33.00
C TYR D 1060 61.91 -71.57 -33.62
N LEU D 1061 62.89 -71.23 -32.79
CA LEU D 1061 64.28 -71.14 -33.26
C LEU D 1061 65.02 -72.46 -33.09
N LYS D 1062 64.55 -73.33 -32.20
CA LYS D 1062 65.07 -74.68 -32.09
C LYS D 1062 64.82 -75.45 -33.38
N VAL D 1063 63.62 -75.29 -33.96
CA VAL D 1063 63.41 -75.83 -35.29
C VAL D 1063 64.23 -75.05 -36.31
N GLY D 1064 63.97 -73.74 -36.44
CA GLY D 1064 65.01 -72.82 -36.86
C GLY D 1064 65.13 -72.55 -38.35
N THR D 1065 64.65 -71.40 -38.80
CA THR D 1065 64.85 -70.91 -40.16
C THR D 1065 65.00 -69.41 -40.13
N ASN D 1066 65.39 -68.84 -41.28
CA ASN D 1066 65.35 -67.40 -41.47
C ASN D 1066 63.93 -66.84 -41.28
N PRO D 1067 62.87 -67.42 -41.86
CA PRO D 1067 61.51 -66.99 -41.45
C PRO D 1067 61.24 -67.22 -39.97
N ALA D 1068 61.76 -68.30 -39.38
CA ALA D 1068 61.55 -68.52 -37.96
C ALA D 1068 62.26 -67.47 -37.12
N LEU D 1069 63.48 -67.10 -37.52
CA LEU D 1069 64.20 -66.04 -36.81
C LEU D 1069 63.51 -64.69 -36.93
N GLU D 1070 63.08 -64.32 -38.14
CA GLU D 1070 62.42 -63.02 -38.28
C GLU D 1070 61.05 -63.01 -37.62
N LYS D 1071 60.35 -64.15 -37.57
CA LYS D 1071 59.08 -64.18 -36.86
C LYS D 1071 59.28 -64.22 -35.35
N ALA D 1072 60.38 -64.83 -34.87
CA ALA D 1072 60.72 -64.69 -33.46
C ALA D 1072 61.05 -63.25 -33.11
N VAL D 1073 61.72 -62.55 -34.02
CA VAL D 1073 61.89 -61.09 -33.92
C VAL D 1073 60.54 -60.39 -33.85
N GLN D 1074 59.60 -60.78 -34.71
CA GLN D 1074 58.26 -60.17 -34.65
C GLN D 1074 57.54 -60.53 -33.36
N VAL D 1075 57.89 -61.66 -32.74
CA VAL D 1075 57.32 -61.98 -31.45
C VAL D 1075 57.98 -61.14 -30.36
N VAL D 1076 59.24 -60.73 -30.56
CA VAL D 1076 59.81 -59.70 -29.69
C VAL D 1076 59.07 -58.38 -29.89
N GLU D 1077 58.67 -58.09 -31.14
CA GLU D 1077 57.88 -56.90 -31.42
C GLU D 1077 56.54 -56.97 -30.68
N GLN D 1078 55.92 -58.14 -30.67
CA GLN D 1078 54.68 -58.33 -29.92
C GLN D 1078 54.91 -58.20 -28.42
N THR D 1079 56.00 -58.76 -27.92
CA THR D 1079 56.26 -58.85 -26.48
C THR D 1079 56.93 -57.60 -25.94
N ARG D 1080 57.73 -56.93 -26.78
CA ARG D 1080 58.49 -55.72 -26.40
C ARG D 1080 59.39 -55.99 -25.19
N SER D 1081 60.02 -57.16 -25.19
CA SER D 1081 60.84 -57.62 -24.07
C SER D 1081 62.20 -58.06 -24.56
N HIS D 1082 63.24 -57.66 -23.83
CA HIS D 1082 64.61 -58.04 -24.15
C HIS D 1082 65.05 -59.31 -23.44
N GLN D 1083 64.17 -59.92 -22.64
CA GLN D 1083 64.39 -61.29 -22.18
C GLN D 1083 63.99 -62.28 -23.25
N LEU D 1084 63.03 -61.89 -24.10
CA LEU D 1084 62.93 -62.54 -25.39
C LEU D 1084 64.16 -62.24 -26.24
N GLY D 1085 64.74 -61.06 -26.08
CA GLY D 1085 66.04 -60.77 -26.63
C GLY D 1085 67.18 -61.55 -25.99
N VAL D 1086 66.92 -62.20 -24.86
CA VAL D 1086 67.84 -63.21 -24.37
C VAL D 1086 67.62 -64.53 -25.11
N LEU D 1087 66.43 -64.72 -25.68
CA LEU D 1087 66.09 -65.98 -26.33
C LEU D 1087 65.80 -65.83 -27.83
N VAL D 1088 65.86 -64.61 -28.36
CA VAL D 1088 65.71 -64.42 -29.81
C VAL D 1088 66.90 -63.61 -30.32
N LEU D 1089 67.14 -62.45 -29.71
CA LEU D 1089 68.26 -61.60 -30.12
C LEU D 1089 69.59 -62.30 -29.91
N ASP D 1090 69.74 -62.99 -28.78
CA ASP D 1090 70.95 -63.80 -28.57
C ASP D 1090 71.09 -64.87 -29.64
N TYR D 1091 69.98 -65.53 -29.98
CA TYR D 1091 69.98 -66.48 -31.08
C TYR D 1091 70.37 -65.81 -32.39
N VAL D 1092 69.85 -64.60 -32.63
CA VAL D 1092 70.14 -63.85 -33.85
C VAL D 1092 71.63 -63.55 -33.98
N ASN D 1093 72.23 -62.95 -32.95
CA ASN D 1093 73.58 -62.44 -33.09
C ASN D 1093 74.64 -63.42 -32.64
N GLU D 1094 74.27 -64.59 -32.13
CA GLU D 1094 75.26 -65.64 -31.88
C GLU D 1094 74.96 -66.90 -32.67
N GLU D 1095 74.05 -66.84 -33.65
CA GLU D 1095 73.84 -67.97 -34.54
C GLU D 1095 73.83 -67.63 -36.03
N LYS D 1096 73.76 -66.36 -36.41
CA LYS D 1096 73.61 -66.00 -37.82
C LYS D 1096 74.76 -65.12 -38.29
N ASP D 1097 75.11 -65.28 -39.56
CA ASP D 1097 76.16 -64.50 -40.20
C ASP D 1097 75.68 -63.08 -40.48
N GLY D 1098 76.65 -62.17 -40.59
CA GLY D 1098 76.43 -60.73 -40.53
C GLY D 1098 75.49 -60.07 -41.53
N THR D 1099 74.94 -60.83 -42.48
CA THR D 1099 74.01 -60.28 -43.45
C THR D 1099 72.56 -60.41 -43.00
N THR D 1100 72.09 -61.63 -42.74
CA THR D 1100 70.71 -61.83 -42.34
C THR D 1100 70.46 -61.43 -40.90
N ARG D 1101 71.44 -61.61 -40.01
CA ARG D 1101 71.27 -61.14 -38.63
C ARG D 1101 71.19 -59.63 -38.59
N ASP D 1102 71.81 -58.95 -39.57
CA ASP D 1102 71.78 -57.49 -39.62
C ASP D 1102 70.36 -56.97 -39.73
N GLU D 1103 69.60 -57.47 -40.70
CA GLU D 1103 68.19 -57.10 -40.77
C GLU D 1103 67.39 -57.70 -39.64
N PHE D 1104 67.83 -58.85 -39.11
CA PHE D 1104 67.13 -59.48 -37.98
C PHE D 1104 67.10 -58.57 -36.77
N ARG D 1105 68.26 -58.11 -36.30
CA ARG D 1105 68.17 -57.18 -35.18
C ARG D 1105 68.01 -55.73 -35.63
N PHE D 1106 67.91 -55.46 -36.93
CA PHE D 1106 67.29 -54.22 -37.36
C PHE D 1106 65.82 -54.18 -36.96
N LYS D 1107 65.05 -55.16 -37.44
CA LYS D 1107 63.64 -55.22 -37.04
C LYS D 1107 63.46 -55.67 -35.59
N LEU D 1108 64.48 -56.12 -34.94
CA LEU D 1108 64.43 -56.48 -33.51
C LEU D 1108 64.69 -55.20 -32.73
N ASN D 1109 65.61 -54.31 -33.24
CA ASN D 1109 65.73 -53.01 -32.63
C ASN D 1109 64.43 -52.23 -32.81
N ILE D 1110 63.71 -52.52 -33.88
CA ILE D 1110 62.31 -52.10 -33.97
C ILE D 1110 61.50 -52.78 -32.86
N ALA D 1111 61.78 -54.06 -32.60
CA ALA D 1111 61.17 -54.73 -31.46
C ALA D 1111 61.61 -54.12 -30.14
N MET D 1112 62.92 -53.99 -29.94
CA MET D 1112 63.43 -53.52 -28.66
C MET D 1112 63.32 -52.01 -28.51
N GLY D 1113 62.95 -51.28 -29.57
CA GLY D 1113 62.71 -49.87 -29.45
C GLY D 1113 63.96 -49.01 -29.41
N GLN D 1114 65.09 -49.54 -29.84
CA GLN D 1114 66.32 -48.77 -29.96
C GLN D 1114 66.52 -48.44 -31.42
N PHE D 1115 66.74 -47.16 -31.73
CA PHE D 1115 66.82 -46.75 -33.11
C PHE D 1115 68.05 -45.95 -33.47
N ALA D 1116 68.86 -45.52 -32.49
CA ALA D 1116 70.25 -45.27 -32.81
C ALA D 1116 70.92 -46.56 -33.25
N GLU D 1117 70.58 -47.67 -32.57
CA GLU D 1117 71.14 -48.96 -32.93
C GLU D 1117 70.61 -49.44 -34.27
N ALA D 1118 69.30 -49.26 -34.54
CA ALA D 1118 68.76 -49.68 -35.84
C ALA D 1118 69.28 -48.83 -36.98
N ALA D 1119 69.47 -47.53 -36.73
CA ALA D 1119 70.17 -46.68 -37.68
C ALA D 1119 71.57 -47.21 -37.95
N ARG D 1120 72.27 -47.63 -36.89
CA ARG D 1120 73.58 -48.25 -37.06
C ARG D 1120 73.48 -49.58 -37.81
N ASP D 1121 72.38 -50.31 -37.65
CA ASP D 1121 72.20 -51.58 -38.34
C ASP D 1121 72.15 -51.37 -39.85
N ALA D 1122 71.25 -50.50 -40.30
CA ALA D 1122 71.20 -50.26 -41.74
C ALA D 1122 72.39 -49.45 -42.22
N LEU D 1123 72.99 -48.64 -41.36
CA LEU D 1123 74.26 -47.98 -41.69
C LEU D 1123 75.36 -49.00 -41.95
N GLU D 1124 75.41 -50.07 -41.14
CA GLU D 1124 76.49 -51.02 -41.33
C GLU D 1124 76.25 -51.93 -42.53
N MET D 1125 75.01 -52.35 -42.81
CA MET D 1125 74.84 -53.09 -44.07
C MET D 1125 75.06 -52.18 -45.28
N ALA D 1126 74.65 -50.91 -45.17
CA ALA D 1126 74.87 -49.97 -46.26
C ALA D 1126 76.36 -49.71 -46.48
N ARG D 1127 77.14 -49.56 -45.41
CA ARG D 1127 78.56 -49.38 -45.61
C ARG D 1127 79.26 -50.69 -45.97
N PHE D 1128 78.64 -51.83 -45.72
CA PHE D 1128 79.11 -53.08 -46.31
C PHE D 1128 78.98 -53.04 -47.82
N GLU D 1129 77.84 -52.58 -48.33
CA GLU D 1129 77.67 -52.49 -49.78
C GLU D 1129 78.17 -51.18 -50.38
N GLN D 1130 78.71 -50.27 -49.55
CA GLN D 1130 79.30 -49.03 -50.06
C GLN D 1130 80.64 -49.28 -50.71
N GLU D 1131 81.45 -50.15 -50.09
CA GLU D 1131 82.82 -50.39 -50.48
C GLU D 1131 82.93 -51.48 -51.54
N GLU D 1132 81.88 -51.69 -52.33
CA GLU D 1132 81.86 -52.74 -53.33
C GLU D 1132 81.31 -52.28 -54.68
N GLY D 1133 80.97 -51.00 -54.84
CA GLY D 1133 80.38 -50.50 -56.06
C GLY D 1133 78.87 -50.55 -56.10
N ASN D 1134 78.23 -51.14 -55.07
CA ASN D 1134 76.78 -51.22 -54.98
C ASN D 1134 76.23 -50.13 -54.06
N TYR D 1135 76.83 -48.95 -54.09
CA TYR D 1135 76.46 -47.91 -53.14
C TYR D 1135 75.10 -47.28 -53.43
N ARG D 1136 74.51 -47.53 -54.59
CA ARG D 1136 73.13 -47.07 -54.81
C ARG D 1136 72.17 -47.79 -53.86
N VAL D 1137 72.32 -49.11 -53.74
CA VAL D 1137 71.55 -49.87 -52.76
C VAL D 1137 71.93 -49.46 -51.34
N ALA D 1138 73.17 -49.01 -51.14
CA ALA D 1138 73.56 -48.52 -49.83
C ALA D 1138 72.84 -47.24 -49.46
N HIS D 1139 72.74 -46.30 -50.40
CA HIS D 1139 71.95 -45.08 -50.20
C HIS D 1139 70.49 -45.42 -49.98
N ASP D 1140 70.00 -46.43 -50.71
CA ASP D 1140 68.65 -46.93 -50.50
C ASP D 1140 68.45 -47.46 -49.09
N LYS D 1141 69.42 -48.20 -48.56
CA LYS D 1141 69.28 -48.75 -47.21
C LYS D 1141 69.40 -47.67 -46.14
N LEU D 1142 70.33 -46.72 -46.32
CA LEU D 1142 70.47 -45.62 -45.37
C LEU D 1142 69.19 -44.79 -45.31
N PHE D 1143 68.65 -44.41 -46.46
CA PHE D 1143 67.44 -43.60 -46.37
C PHE D 1143 66.20 -44.46 -46.14
N GLY D 1144 66.29 -45.77 -46.36
CA GLY D 1144 65.23 -46.66 -45.96
C GLY D 1144 65.10 -46.73 -44.46
N THR D 1145 66.22 -46.80 -43.74
CA THR D 1145 66.09 -46.69 -42.28
C THR D 1145 65.79 -45.27 -41.85
N VAL D 1146 66.11 -44.27 -42.68
CA VAL D 1146 65.68 -42.91 -42.35
C VAL D 1146 64.16 -42.82 -42.30
N LYS D 1147 63.49 -43.31 -43.35
CA LYS D 1147 62.02 -43.29 -43.35
C LYS D 1147 61.41 -44.33 -42.41
N GLN D 1148 62.05 -45.48 -42.24
CA GLN D 1148 61.57 -46.48 -41.28
C GLN D 1148 61.59 -45.93 -39.87
N LEU D 1149 62.68 -45.26 -39.49
CA LEU D 1149 62.81 -44.73 -38.15
C LEU D 1149 62.00 -43.45 -37.98
N GLU D 1150 61.80 -42.68 -39.05
CA GLU D 1150 60.86 -41.57 -39.03
C GLU D 1150 59.42 -42.06 -38.90
N ALA D 1151 59.14 -43.29 -39.34
CA ALA D 1151 57.88 -43.94 -39.03
C ALA D 1151 57.89 -44.61 -37.65
N LEU D 1152 59.03 -44.60 -36.96
CA LEU D 1152 59.16 -45.22 -35.65
C LEU D 1152 59.63 -44.19 -34.62
N ASN D 1153 59.15 -42.96 -34.75
CA ASN D 1153 59.32 -41.86 -33.79
C ASN D 1153 60.79 -41.46 -33.59
N THR D 1154 61.66 -41.78 -34.54
CA THR D 1154 63.08 -41.47 -34.46
C THR D 1154 63.54 -41.00 -35.83
N LYS D 1155 64.86 -40.98 -36.04
CA LYS D 1155 65.51 -41.02 -37.34
C LYS D 1155 67.00 -41.27 -37.10
N PRO D 1156 67.74 -41.69 -38.12
CA PRO D 1156 69.18 -41.79 -37.97
C PRO D 1156 69.80 -40.43 -37.70
N PRO D 1157 70.86 -40.39 -36.90
CA PRO D 1157 71.48 -39.10 -36.58
C PRO D 1157 72.27 -38.53 -37.76
N GLY D 1158 72.96 -37.42 -37.52
CA GLY D 1158 73.74 -36.77 -38.57
C GLY D 1158 74.92 -37.58 -39.07
N GLU D 1159 75.32 -38.64 -38.37
CA GLU D 1159 76.41 -39.48 -38.84
C GLU D 1159 75.99 -40.35 -40.02
N LEU D 1160 74.78 -40.91 -39.97
CA LEU D 1160 74.26 -41.63 -41.13
C LEU D 1160 73.94 -40.68 -42.27
N LEU D 1161 73.53 -39.45 -41.94
CA LEU D 1161 73.35 -38.43 -42.97
C LEU D 1161 74.67 -38.03 -43.62
N ARG D 1162 75.76 -38.00 -42.86
CA ARG D 1162 77.05 -37.71 -43.44
C ARG D 1162 77.62 -38.90 -44.22
N ALA D 1163 77.29 -40.13 -43.82
CA ALA D 1163 77.58 -41.28 -44.67
C ALA D 1163 76.79 -41.19 -45.97
N LEU D 1164 75.54 -40.73 -45.87
CA LEU D 1164 74.71 -40.50 -47.04
C LEU D 1164 75.33 -39.43 -47.96
N MET D 1165 75.91 -38.38 -47.37
CA MET D 1165 76.66 -37.39 -48.15
C MET D 1165 77.96 -37.92 -48.72
N LEU D 1166 78.68 -38.77 -47.98
CA LEU D 1166 79.89 -39.37 -48.53
C LEU D 1166 79.55 -40.22 -49.75
N LEU D 1167 78.43 -40.92 -49.69
CA LEU D 1167 78.00 -41.74 -50.82
C LEU D 1167 77.50 -40.86 -51.96
N HIS D 1168 76.71 -39.85 -51.62
CA HIS D 1168 76.07 -38.97 -52.59
C HIS D 1168 77.09 -38.09 -53.29
N SER D 1169 78.20 -37.78 -52.62
CA SER D 1169 79.22 -36.91 -53.19
C SER D 1169 80.01 -37.59 -54.30
N TYR D 1170 79.91 -38.91 -54.42
CA TYR D 1170 80.40 -39.65 -55.57
C TYR D 1170 79.29 -40.15 -56.48
N THR D 1171 78.08 -40.31 -55.95
CA THR D 1171 76.95 -40.74 -56.77
C THR D 1171 76.47 -39.63 -57.70
N LEU D 1172 76.33 -38.42 -57.17
CA LEU D 1172 75.81 -37.30 -57.94
C LEU D 1172 76.74 -36.89 -59.07
N VAL D 1173 78.03 -37.16 -58.94
CA VAL D 1173 79.00 -36.77 -59.96
C VAL D 1173 78.69 -37.44 -61.29
N LYS D 1174 78.43 -38.75 -61.25
CA LYS D 1174 78.08 -39.50 -62.45
C LYS D 1174 76.80 -39.00 -63.10
N SER D 1175 75.93 -38.35 -62.34
CA SER D 1175 74.77 -37.65 -62.88
C SER D 1175 75.07 -36.23 -63.30
N LEU D 1176 76.26 -35.70 -62.98
CA LEU D 1176 76.66 -34.36 -63.41
C LEU D 1176 77.89 -34.37 -64.31
N ILE D 1177 78.45 -35.54 -64.62
CA ILE D 1177 79.68 -35.61 -65.41
C ILE D 1177 79.42 -35.48 -66.90
N ALA D 1178 78.18 -35.68 -67.36
CA ALA D 1178 77.88 -35.66 -68.79
C ALA D 1178 76.74 -34.73 -69.18
N ILE D 1179 76.13 -34.03 -68.22
CA ILE D 1179 75.05 -33.09 -68.52
C ILE D 1179 75.58 -31.66 -68.62
N ASN D 1180 76.88 -31.50 -68.87
CA ASN D 1180 77.59 -30.21 -68.86
C ASN D 1180 77.46 -29.49 -67.51
N ASP D 1181 77.28 -30.27 -66.44
CA ASP D 1181 77.48 -29.80 -65.08
C ASP D 1181 78.84 -30.24 -64.58
N HIS D 1182 79.81 -30.24 -65.50
CA HIS D 1182 81.18 -30.65 -65.21
C HIS D 1182 81.80 -29.87 -64.06
N THR D 1183 81.42 -28.60 -63.91
CA THR D 1183 81.90 -27.80 -62.80
C THR D 1183 81.48 -28.38 -61.45
N THR D 1184 80.18 -28.66 -61.27
CA THR D 1184 79.72 -29.19 -60.01
C THR D 1184 80.09 -30.66 -59.86
N ALA D 1185 80.21 -31.39 -60.97
CA ALA D 1185 80.69 -32.77 -60.90
C ALA D 1185 82.13 -32.83 -60.37
N ALA D 1186 83.01 -32.00 -60.91
CA ALA D 1186 84.39 -31.97 -60.45
C ALA D 1186 84.50 -31.42 -59.02
N ARG D 1187 83.73 -30.38 -58.71
CA ARG D 1187 83.71 -29.87 -57.33
C ARG D 1187 83.18 -30.89 -56.34
N MET D 1188 82.18 -31.67 -56.75
CA MET D 1188 81.56 -32.59 -55.81
C MET D 1188 82.45 -33.81 -55.66
N LEU D 1189 83.23 -34.12 -56.71
CA LEU D 1189 84.34 -35.07 -56.61
C LEU D 1189 85.39 -34.59 -55.62
N VAL D 1190 85.71 -33.30 -55.65
CA VAL D 1190 86.62 -32.74 -54.65
C VAL D 1190 86.03 -32.92 -53.26
N ARG D 1191 84.71 -32.76 -53.14
CA ARG D 1191 84.03 -32.98 -51.86
C ARG D 1191 84.13 -34.43 -51.40
N VAL D 1192 83.91 -35.39 -52.30
CA VAL D 1192 83.98 -36.80 -51.88
C VAL D 1192 85.42 -37.22 -51.60
N ALA D 1193 86.40 -36.63 -52.29
CA ALA D 1193 87.79 -36.89 -51.96
C ALA D 1193 88.25 -36.16 -50.71
N ARG D 1194 87.48 -35.17 -50.26
CA ARG D 1194 87.79 -34.46 -49.02
C ARG D 1194 87.45 -35.31 -47.81
N ASN D 1195 86.18 -35.73 -47.71
CA ASN D 1195 85.68 -36.45 -46.54
C ASN D 1195 85.65 -37.96 -46.77
N ILE D 1196 86.62 -38.49 -47.50
CA ILE D 1196 86.58 -39.90 -47.89
C ILE D 1196 86.89 -40.79 -46.68
N SER D 1197 85.89 -41.55 -46.26
CA SER D 1197 86.10 -42.61 -45.27
C SER D 1197 85.36 -43.90 -45.58
N LYS D 1198 84.30 -43.88 -46.39
CA LYS D 1198 83.46 -45.04 -46.60
C LYS D 1198 83.51 -45.56 -48.04
N PHE D 1199 84.40 -45.01 -48.88
CA PHE D 1199 84.70 -45.57 -50.20
C PHE D 1199 86.19 -45.80 -50.32
N PRO D 1200 86.74 -46.82 -49.66
CA PRO D 1200 88.12 -47.23 -49.97
C PRO D 1200 88.23 -47.99 -51.27
N LYS D 1201 87.12 -48.56 -51.76
CA LYS D 1201 87.12 -49.14 -53.09
C LYS D 1201 87.13 -48.07 -54.17
N HIS D 1202 86.35 -47.01 -53.98
CA HIS D 1202 86.18 -45.98 -54.99
C HIS D 1202 87.22 -44.89 -54.94
N ILE D 1203 88.11 -44.89 -53.93
CA ILE D 1203 88.99 -43.74 -53.71
C ILE D 1203 89.98 -43.58 -54.87
N VAL D 1204 90.42 -44.69 -55.47
CA VAL D 1204 91.27 -44.59 -56.65
C VAL D 1204 90.40 -44.13 -57.83
N PRO D 1205 89.21 -44.69 -58.09
CA PRO D 1205 88.31 -44.03 -59.06
C PRO D 1205 87.90 -42.62 -58.68
N ILE D 1206 87.73 -42.33 -57.38
CA ILE D 1206 87.34 -40.98 -56.97
C ILE D 1206 88.42 -39.98 -57.36
N LEU D 1207 89.67 -40.29 -57.04
CA LEU D 1207 90.76 -39.36 -57.34
C LEU D 1207 91.07 -39.32 -58.83
N THR D 1208 90.97 -40.46 -59.53
CA THR D 1208 91.18 -40.46 -60.98
C THR D 1208 90.14 -39.61 -61.69
N SER D 1209 88.86 -39.85 -61.40
CA SER D 1209 87.80 -39.05 -61.98
C SER D 1209 87.88 -37.60 -61.55
N THR D 1210 88.33 -37.32 -60.31
CA THR D 1210 88.47 -35.95 -59.86
C THR D 1210 89.53 -35.20 -60.66
N VAL D 1211 90.71 -35.81 -60.84
CA VAL D 1211 91.77 -35.11 -61.53
C VAL D 1211 91.45 -34.96 -63.02
N ILE D 1212 90.85 -35.98 -63.64
CA ILE D 1212 90.53 -35.84 -65.05
C ILE D 1212 89.35 -34.87 -65.24
N GLU D 1213 88.38 -34.83 -64.32
CA GLU D 1213 87.29 -33.88 -64.43
C GLU D 1213 87.79 -32.46 -64.25
N CYS D 1214 88.54 -32.20 -63.18
CA CYS D 1214 89.08 -30.87 -62.94
C CYS D 1214 90.08 -30.46 -64.01
N HIS D 1215 90.66 -31.42 -64.74
CA HIS D 1215 91.42 -31.07 -65.93
C HIS D 1215 90.48 -30.70 -67.09
N ARG D 1216 89.31 -31.34 -67.17
CA ARG D 1216 88.40 -31.15 -68.30
C ARG D 1216 87.12 -30.41 -67.94
N ALA D 1217 87.06 -29.75 -66.79
CA ALA D 1217 85.89 -28.97 -66.41
C ALA D 1217 86.21 -27.50 -66.18
N ASN D 1218 87.40 -27.05 -66.59
CA ASN D 1218 87.92 -25.71 -66.28
C ASN D 1218 87.97 -25.47 -64.77
N LEU D 1219 88.37 -26.50 -64.04
CA LEU D 1219 88.71 -26.40 -62.62
C LEU D 1219 90.21 -26.68 -62.46
N LYS D 1220 91.03 -26.04 -63.28
CA LYS D 1220 92.45 -26.37 -63.33
C LYS D 1220 93.21 -25.93 -62.09
N LYS D 1221 92.64 -25.09 -61.22
CA LYS D 1221 93.35 -24.79 -59.97
C LYS D 1221 93.24 -25.95 -58.99
N THR D 1222 92.06 -26.56 -58.86
CA THR D 1222 91.97 -27.74 -58.03
C THR D 1222 92.50 -28.97 -58.76
N ALA D 1223 92.53 -28.97 -60.09
CA ALA D 1223 93.32 -29.96 -60.81
C ALA D 1223 94.81 -29.81 -60.49
N PHE D 1224 95.29 -28.57 -60.37
CA PHE D 1224 96.70 -28.35 -60.03
C PHE D 1224 97.01 -28.80 -58.62
N GLU D 1225 96.15 -28.46 -57.66
CA GLU D 1225 96.44 -28.87 -56.28
C GLU D 1225 96.04 -30.32 -56.00
N TYR D 1226 95.36 -30.98 -56.93
CA TYR D 1226 95.24 -32.43 -56.86
C TYR D 1226 96.44 -33.11 -57.51
N ALA D 1227 96.94 -32.56 -58.61
CA ALA D 1227 98.21 -33.00 -59.17
C ALA D 1227 99.37 -32.79 -58.22
N SER D 1228 99.24 -31.82 -57.30
CA SER D 1228 100.23 -31.64 -56.25
C SER D 1228 100.20 -32.80 -55.25
N MET D 1229 99.02 -33.33 -54.96
CA MET D 1229 98.93 -34.52 -54.13
C MET D 1229 98.81 -35.79 -54.97
N LEU D 1230 99.10 -35.70 -56.27
CA LEU D 1230 99.40 -36.86 -57.10
C LEU D 1230 100.90 -37.12 -57.24
N MET D 1231 101.74 -36.49 -56.40
CA MET D 1231 103.16 -36.82 -56.40
C MET D 1231 103.45 -38.23 -55.88
N ARG D 1232 102.48 -38.89 -55.29
CA ARG D 1232 102.64 -40.31 -55.01
C ARG D 1232 102.65 -41.07 -56.33
N PRO D 1233 103.69 -41.87 -56.61
CA PRO D 1233 103.74 -42.60 -57.89
C PRO D 1233 102.65 -43.64 -58.05
N GLU D 1234 102.03 -44.07 -56.96
CA GLU D 1234 100.83 -44.91 -57.06
C GLU D 1234 99.70 -44.15 -57.76
N TYR D 1235 99.48 -42.90 -57.37
CA TYR D 1235 98.42 -42.09 -57.96
C TYR D 1235 98.91 -41.21 -59.11
N ARG D 1236 100.21 -41.14 -59.35
CA ARG D 1236 100.71 -40.48 -60.55
C ARG D 1236 100.67 -41.40 -61.77
N ASP D 1237 100.49 -42.70 -61.55
CA ASP D 1237 100.53 -43.68 -62.63
C ASP D 1237 99.16 -44.28 -62.94
N GLN D 1238 98.14 -44.01 -62.13
CA GLN D 1238 96.78 -44.38 -62.52
C GLN D 1238 96.31 -43.55 -63.71
N VAL D 1239 96.75 -42.30 -63.79
CA VAL D 1239 96.62 -41.50 -65.01
C VAL D 1239 97.74 -41.89 -65.96
N ALA D 1240 97.67 -41.44 -67.20
CA ALA D 1240 98.66 -41.79 -68.20
C ALA D 1240 100.02 -41.21 -67.86
N VAL D 1241 101.07 -41.86 -68.38
CA VAL D 1241 102.43 -41.42 -68.13
C VAL D 1241 102.70 -40.06 -68.78
N LYS D 1242 102.07 -39.79 -69.92
CA LYS D 1242 102.12 -38.44 -70.49
C LYS D 1242 101.46 -37.43 -69.56
N TYR D 1243 100.32 -37.81 -68.97
CA TYR D 1243 99.70 -36.94 -67.98
C TYR D 1243 100.51 -36.88 -66.70
N LYS D 1244 101.27 -37.94 -66.39
CA LYS D 1244 102.18 -37.89 -65.24
C LYS D 1244 103.29 -36.88 -65.45
N LYS D 1245 103.89 -36.86 -66.64
CA LYS D 1245 104.91 -35.85 -66.94
C LYS D 1245 104.30 -34.46 -67.03
N LYS D 1246 103.05 -34.36 -67.51
CA LYS D 1246 102.34 -33.09 -67.48
C LYS D 1246 102.14 -32.59 -66.06
N ILE D 1247 101.79 -33.49 -65.15
CA ILE D 1247 101.59 -33.15 -63.74
C ILE D 1247 102.90 -32.67 -63.13
N GLU D 1248 103.99 -33.40 -63.41
CA GLU D 1248 105.30 -33.01 -62.90
C GLU D 1248 105.72 -31.65 -63.45
N LEU D 1249 105.42 -31.39 -64.71
CA LEU D 1249 105.76 -30.11 -65.31
C LEU D 1249 104.92 -28.97 -64.74
N MET D 1250 103.62 -29.21 -64.54
CA MET D 1250 102.76 -28.14 -64.07
C MET D 1250 102.86 -27.90 -62.57
N VAL D 1251 103.46 -28.80 -61.81
CA VAL D 1251 103.67 -28.57 -60.39
C VAL D 1251 105.08 -28.08 -60.10
N ARG D 1252 106.08 -28.71 -60.72
CA ARG D 1252 107.47 -28.26 -60.57
C ARG D 1252 107.64 -26.85 -61.09
N LYS D 1253 107.14 -26.57 -62.28
CA LYS D 1253 106.96 -25.20 -62.73
C LYS D 1253 105.61 -24.67 -62.24
N PRO D 1254 105.39 -23.36 -62.31
CA PRO D 1254 104.04 -22.83 -62.03
C PRO D 1254 103.00 -23.43 -62.97
N GLU D 1255 101.78 -23.56 -62.45
CA GLU D 1255 100.71 -24.25 -63.17
C GLU D 1255 100.35 -23.53 -64.46
N LYS D 1256 100.25 -24.29 -65.54
CA LYS D 1256 99.84 -23.76 -66.83
C LYS D 1256 98.32 -23.58 -66.81
N ASP D 1257 97.88 -22.32 -66.86
CA ASP D 1257 96.48 -21.90 -66.87
C ASP D 1257 95.69 -22.43 -65.67
N PRO D 1258 95.92 -21.93 -64.46
CA PRO D 1258 95.05 -22.32 -63.33
C PRO D 1258 93.72 -21.57 -63.39
N GLU D 1259 92.63 -22.30 -63.20
CA GLU D 1259 91.30 -21.72 -63.29
C GLU D 1259 90.34 -22.56 -62.46
N GLU D 1260 89.17 -21.99 -62.19
CA GLU D 1260 88.11 -22.68 -61.47
C GLU D 1260 86.77 -22.29 -62.05
N LEU D 1261 85.98 -23.27 -62.46
CA LEU D 1261 84.56 -23.07 -62.76
C LEU D 1261 83.81 -23.33 -61.46
N GLU D 1262 83.43 -22.27 -60.77
CA GLU D 1262 82.83 -22.41 -59.44
C GLU D 1262 81.39 -22.91 -59.55
N GLU D 1263 80.93 -23.49 -58.46
CA GLU D 1263 79.56 -23.98 -58.38
C GLU D 1263 78.60 -22.81 -58.19
N PRO D 1264 77.34 -22.94 -58.65
CA PRO D 1264 76.37 -21.85 -58.45
C PRO D 1264 75.91 -21.74 -57.01
N LEU D 1265 76.66 -20.97 -56.21
CA LEU D 1265 76.49 -20.92 -54.76
C LEU D 1265 75.06 -20.57 -54.37
N ALA D 1266 74.49 -21.39 -53.50
CA ALA D 1266 73.16 -21.15 -52.95
C ALA D 1266 73.28 -20.64 -51.52
N ASP D 1267 72.15 -20.38 -50.90
CA ASP D 1267 72.10 -19.69 -49.62
C ASP D 1267 71.52 -20.58 -48.52
N CYS D 1268 71.81 -20.19 -47.28
CA CYS D 1268 71.36 -20.94 -46.11
C CYS D 1268 69.84 -20.81 -45.96
N PRO D 1269 69.15 -21.87 -45.53
CA PRO D 1269 67.70 -21.74 -45.28
C PRO D 1269 67.37 -20.90 -44.06
N PHE D 1270 68.18 -20.97 -43.00
CA PHE D 1270 67.76 -20.43 -41.72
C PHE D 1270 67.97 -18.93 -41.65
N CYS D 1271 69.23 -18.48 -41.80
CA CYS D 1271 69.52 -17.05 -41.70
C CYS D 1271 70.18 -16.51 -42.96
N ASN D 1272 70.11 -17.26 -44.07
CA ASN D 1272 70.34 -16.76 -45.43
C ASN D 1272 71.76 -16.20 -45.62
N MET D 1273 72.74 -17.11 -45.52
CA MET D 1273 74.03 -16.68 -46.06
C MET D 1273 74.37 -17.51 -47.29
N PRO D 1274 74.93 -16.91 -48.33
CA PRO D 1274 75.25 -17.66 -49.56
C PRO D 1274 76.57 -18.41 -49.48
N GLY D 1275 76.54 -19.56 -48.81
CA GLY D 1275 77.72 -20.39 -48.69
C GLY D 1275 77.96 -21.23 -49.92
N PRO D 1276 79.07 -21.97 -49.88
CA PRO D 1276 79.34 -22.92 -50.98
C PRO D 1276 78.29 -24.01 -51.07
N GLU D 1277 78.10 -24.51 -52.28
CA GLU D 1277 77.08 -25.53 -52.53
C GLU D 1277 77.38 -26.81 -51.76
N THR D 1278 78.59 -27.33 -51.91
CA THR D 1278 78.87 -28.71 -51.51
C THR D 1278 78.96 -28.87 -50.00
N GLU D 1279 79.32 -27.82 -49.27
CA GLU D 1279 79.30 -27.89 -47.81
C GLU D 1279 77.86 -27.64 -47.35
N LEU D 1280 77.27 -28.65 -46.72
CA LEU D 1280 75.87 -28.58 -46.30
C LEU D 1280 75.81 -28.33 -44.80
N GLN D 1281 76.10 -27.07 -44.43
CA GLN D 1281 76.08 -26.65 -43.03
C GLN D 1281 75.44 -25.28 -42.93
N CYS D 1282 74.42 -25.15 -42.07
CA CYS D 1282 73.80 -23.86 -41.80
C CYS D 1282 74.69 -23.00 -40.92
N ILE D 1283 75.83 -22.56 -41.45
CA ILE D 1283 76.76 -21.74 -40.67
C ILE D 1283 76.23 -20.34 -40.41
N SER D 1284 75.10 -19.97 -41.02
CA SER D 1284 74.38 -18.78 -40.58
C SER D 1284 73.68 -19.01 -39.26
N CYS D 1285 73.23 -20.25 -38.99
CA CYS D 1285 72.53 -20.56 -37.76
C CYS D 1285 73.23 -21.66 -36.95
N GLN D 1286 74.43 -22.09 -37.38
CA GLN D 1286 75.21 -23.14 -36.70
C GLN D 1286 74.43 -24.44 -36.60
N ASN D 1287 73.70 -24.76 -37.66
CA ASN D 1287 72.94 -26.01 -37.76
C ASN D 1287 73.44 -26.81 -38.95
N ILE D 1288 72.82 -27.98 -39.13
CA ILE D 1288 73.10 -28.83 -40.27
C ILE D 1288 72.17 -28.41 -41.41
N LEU D 1289 72.75 -28.04 -42.54
CA LEU D 1289 71.94 -27.57 -43.65
C LEU D 1289 71.39 -28.77 -44.42
N PRO D 1290 70.15 -28.65 -44.92
CA PRO D 1290 69.52 -29.80 -45.59
C PRO D 1290 70.26 -30.21 -46.85
N PHE D 1291 70.06 -31.46 -47.22
CA PHE D 1291 70.94 -32.13 -48.17
C PHE D 1291 70.29 -32.18 -49.54
N ASP D 1292 70.80 -31.37 -50.47
CA ASP D 1292 70.22 -31.31 -51.80
C ASP D 1292 70.72 -32.47 -52.66
N LEU D 1293 69.76 -33.28 -53.13
CA LEU D 1293 69.97 -34.19 -54.24
C LEU D 1293 69.94 -33.46 -55.57
N ALA D 1294 69.57 -32.19 -55.56
CA ALA D 1294 69.42 -31.36 -56.75
C ALA D 1294 70.72 -31.23 -57.52
N THR D 1295 71.69 -30.52 -56.92
CA THR D 1295 73.05 -30.54 -57.43
C THR D 1295 74.05 -30.48 -56.28
N GLY D 1296 73.64 -30.91 -55.10
CA GLY D 1296 74.46 -30.77 -53.92
C GLY D 1296 74.66 -29.31 -53.52
N LYS D 1297 73.58 -28.53 -53.53
CA LYS D 1297 73.62 -27.10 -53.25
C LYS D 1297 72.95 -26.80 -51.92
N ARG D 1298 72.92 -25.53 -51.56
CA ARG D 1298 72.25 -25.09 -50.36
C ARG D 1298 70.77 -24.84 -50.65
N MET D 1299 70.01 -24.48 -49.62
CA MET D 1299 68.56 -24.31 -49.74
C MET D 1299 68.27 -22.96 -50.38
N VAL D 1300 68.00 -22.95 -51.68
CA VAL D 1300 67.53 -21.74 -52.33
C VAL D 1300 66.18 -21.35 -51.74
N LEU D 1301 66.05 -20.08 -51.37
CA LEU D 1301 64.87 -19.58 -50.66
C LEU D 1301 63.74 -19.21 -51.60
N SER D 1302 63.81 -19.65 -52.86
CA SER D 1302 62.70 -19.46 -53.80
C SER D 1302 62.36 -20.71 -54.59
N ASP D 1303 63.21 -21.73 -54.59
CA ASP D 1303 62.98 -22.96 -55.34
C ASP D 1303 63.16 -24.17 -54.45
N TRP D 1304 62.71 -24.08 -53.20
CA TRP D 1304 62.70 -25.24 -52.31
C TRP D 1304 61.67 -26.25 -52.80
N ALA D 1305 62.07 -27.52 -52.81
CA ALA D 1305 61.17 -28.60 -53.17
C ALA D 1305 61.62 -29.85 -52.45
N GLU D 1306 60.70 -30.79 -52.28
CA GLU D 1306 61.03 -32.02 -51.58
C GLU D 1306 61.58 -33.05 -52.54
N CYS D 1307 62.01 -34.18 -51.98
CA CYS D 1307 62.23 -35.37 -52.79
C CYS D 1307 60.94 -36.17 -52.74
N PRO D 1308 60.05 -35.97 -53.72
CA PRO D 1308 58.64 -36.30 -53.52
C PRO D 1308 58.36 -37.78 -53.41
N GLY D 1309 59.18 -38.65 -54.00
CA GLY D 1309 59.01 -40.07 -53.78
C GLY D 1309 59.43 -40.49 -52.39
N CYS D 1310 60.24 -39.68 -51.71
CA CYS D 1310 60.77 -40.09 -50.42
C CYS D 1310 60.87 -38.99 -49.37
N LYS D 1311 60.38 -37.77 -49.64
CA LYS D 1311 60.22 -36.69 -48.66
C LYS D 1311 61.55 -36.30 -48.02
N PHE D 1312 62.42 -35.75 -48.85
CA PHE D 1312 63.75 -35.33 -48.44
C PHE D 1312 64.07 -33.98 -49.06
N PRO D 1313 64.99 -33.22 -48.44
CA PRO D 1313 65.57 -32.03 -49.09
C PRO D 1313 65.95 -32.16 -50.55
N ALA D 1314 65.48 -31.18 -51.33
CA ALA D 1314 65.77 -31.08 -52.75
C ALA D 1314 65.63 -29.60 -53.13
N SER D 1315 65.86 -29.30 -54.40
CA SER D 1315 65.73 -27.91 -54.87
C SER D 1315 65.39 -27.97 -56.36
N ALA D 1316 64.11 -27.78 -56.69
CA ALA D 1316 63.61 -28.14 -58.02
C ALA D 1316 64.28 -27.39 -59.16
N SER D 1317 64.88 -26.22 -58.88
CA SER D 1317 65.65 -25.52 -59.90
C SER D 1317 66.79 -26.36 -60.43
N GLN D 1318 67.35 -27.25 -59.60
CA GLN D 1318 68.27 -28.27 -60.06
C GLN D 1318 67.79 -29.68 -59.78
N PHE D 1319 66.82 -29.87 -58.87
CA PHE D 1319 66.27 -31.20 -58.64
C PHE D 1319 65.45 -31.68 -59.82
N ILE D 1320 64.73 -30.77 -60.48
CA ILE D 1320 64.04 -31.13 -61.71
C ILE D 1320 65.04 -31.59 -62.77
N ARG D 1321 66.18 -30.89 -62.86
CA ARG D 1321 67.25 -31.32 -63.77
C ARG D 1321 67.78 -32.70 -63.41
N ILE D 1322 68.00 -32.96 -62.11
CA ILE D 1322 68.62 -34.22 -61.74
C ILE D 1322 67.65 -35.39 -61.91
N ILE D 1323 66.34 -35.15 -61.67
CA ILE D 1323 65.35 -36.19 -61.90
C ILE D 1323 65.16 -36.43 -63.40
N SER D 1324 65.20 -35.37 -64.20
CA SER D 1324 65.16 -35.54 -65.65
C SER D 1324 66.38 -36.29 -66.17
N ALA D 1325 67.55 -36.04 -65.60
CA ALA D 1325 68.76 -36.73 -66.02
C ALA D 1325 68.81 -38.17 -65.54
N GLU D 1326 68.13 -38.49 -64.43
CA GLU D 1326 68.14 -39.86 -63.91
C GLU D 1326 66.87 -40.64 -64.20
N GLY D 1327 65.73 -39.98 -64.38
CA GLY D 1327 64.47 -40.66 -64.59
C GLY D 1327 63.79 -41.12 -63.33
N ARG D 1328 64.48 -41.09 -62.19
CA ARG D 1328 63.96 -41.51 -60.90
C ARG D 1328 64.90 -40.99 -59.83
N CYS D 1329 64.43 -41.06 -58.59
CA CYS D 1329 65.25 -40.68 -57.45
C CYS D 1329 66.37 -41.70 -57.27
N PRO D 1330 67.66 -41.28 -57.34
CA PRO D 1330 68.74 -42.26 -57.18
C PRO D 1330 69.09 -42.49 -55.72
N MET D 1331 68.06 -42.56 -54.89
CA MET D 1331 68.26 -42.65 -53.45
C MET D 1331 67.29 -43.58 -52.75
N CYS D 1332 66.11 -43.83 -53.31
CA CYS D 1332 65.26 -44.95 -52.93
C CYS D 1332 65.03 -45.88 -54.10
N ASN D 1333 65.55 -45.55 -55.28
CA ASN D 1333 65.35 -46.31 -56.52
C ASN D 1333 63.86 -46.46 -56.84
N ASP D 1334 63.09 -45.42 -56.52
CA ASP D 1334 61.66 -45.29 -56.77
C ASP D 1334 61.40 -44.36 -57.95
N PRO D 1335 60.46 -44.71 -58.81
CA PRO D 1335 60.20 -43.88 -60.01
C PRO D 1335 59.63 -42.51 -59.66
N VAL D 1336 60.45 -41.49 -59.86
CA VAL D 1336 60.06 -40.09 -59.70
C VAL D 1336 60.35 -39.39 -61.01
N ASP D 1337 59.38 -38.64 -61.51
CA ASP D 1337 59.56 -37.83 -62.71
C ASP D 1337 59.30 -36.35 -62.38
N LEU D 1338 59.30 -35.52 -63.43
CA LEU D 1338 59.16 -34.07 -63.24
C LEU D 1338 57.80 -33.71 -62.65
N ALA D 1339 56.73 -34.34 -63.13
CA ALA D 1339 55.41 -34.10 -62.57
C ALA D 1339 55.31 -34.61 -61.13
N HIS D 1340 56.07 -35.65 -60.80
CA HIS D 1340 56.13 -36.09 -59.41
C HIS D 1340 56.85 -35.07 -58.54
N VAL D 1341 57.88 -34.42 -59.08
CA VAL D 1341 58.62 -33.39 -58.35
C VAL D 1341 57.69 -32.21 -58.12
N ARG D 1342 57.28 -32.02 -56.87
CA ARG D 1342 56.35 -30.97 -56.49
C ARG D 1342 57.08 -29.95 -55.63
N LYS D 1343 57.03 -28.69 -56.03
CA LYS D 1343 57.67 -27.63 -55.26
C LYS D 1343 56.86 -27.31 -54.02
N VAL D 1344 57.53 -27.24 -52.88
CA VAL D 1344 56.96 -26.66 -51.68
C VAL D 1344 57.38 -25.20 -51.65
N GLN D 1345 56.42 -24.30 -51.83
CA GLN D 1345 56.76 -22.91 -52.13
C GLN D 1345 57.22 -22.11 -50.93
N ASP D 1346 57.15 -22.67 -49.73
CA ASP D 1346 57.57 -21.94 -48.53
C ASP D 1346 58.84 -22.56 -47.97
N PRO D 1347 59.97 -21.85 -47.99
CA PRO D 1347 61.19 -22.37 -47.37
C PRO D 1347 61.16 -22.41 -45.85
N LEU D 1348 60.21 -21.71 -45.20
CA LEU D 1348 60.04 -21.85 -43.76
C LEU D 1348 59.53 -23.24 -43.39
N THR D 1349 58.79 -23.90 -44.29
CA THR D 1349 58.47 -25.30 -44.10
C THR D 1349 59.75 -26.13 -44.00
N LYS D 1350 60.73 -25.84 -44.84
CA LYS D 1350 62.01 -26.54 -44.69
C LYS D 1350 62.82 -26.03 -43.50
N ILE D 1351 62.61 -24.81 -43.04
CA ILE D 1351 63.27 -24.37 -41.82
C ILE D 1351 62.80 -25.20 -40.64
N LYS D 1352 61.48 -25.33 -40.48
CA LYS D 1352 60.95 -26.17 -39.41
C LYS D 1352 61.19 -27.65 -39.66
N GLN D 1353 61.27 -28.07 -40.93
CA GLN D 1353 61.52 -29.47 -41.25
C GLN D 1353 62.97 -29.86 -40.97
N GLN D 1354 63.92 -28.96 -41.24
CA GLN D 1354 65.30 -29.24 -40.87
C GLN D 1354 65.52 -29.15 -39.38
N GLN D 1355 64.80 -28.25 -38.69
CA GLN D 1355 64.84 -28.23 -37.24
C GLN D 1355 64.29 -29.53 -36.66
N ALA D 1356 63.21 -30.05 -37.23
CA ALA D 1356 62.67 -31.34 -36.81
C ALA D 1356 63.63 -32.48 -37.14
N GLN D 1357 64.24 -32.45 -38.32
CA GLN D 1357 65.18 -33.49 -38.75
C GLN D 1357 66.42 -33.52 -37.86
N GLN D 1358 66.84 -32.36 -37.36
CA GLN D 1358 67.90 -32.32 -36.36
C GLN D 1358 67.39 -32.70 -34.98
N THR D 1359 66.09 -32.53 -34.71
CA THR D 1359 65.53 -32.74 -33.38
C THR D 1359 64.50 -33.86 -33.37
N ASN D 1360 64.75 -34.94 -34.11
CA ASN D 1360 63.97 -36.15 -33.99
C ASN D 1360 64.81 -37.43 -33.94
N ALA D 1361 66.12 -37.33 -34.10
CA ALA D 1361 67.02 -38.47 -34.06
C ALA D 1361 67.39 -38.88 -32.65
N SER D 1362 66.90 -38.15 -31.65
CA SER D 1362 67.28 -38.36 -30.26
C SER D 1362 66.35 -39.27 -29.49
N GLY D 1363 65.15 -39.52 -29.99
CA GLY D 1363 64.18 -40.31 -29.25
C GLY D 1363 64.55 -41.78 -29.19
N GLY D 1364 63.87 -42.48 -28.28
CA GLY D 1364 64.02 -43.91 -28.18
C GLY D 1364 63.31 -44.60 -29.32
N GLY D 1365 62.00 -44.41 -29.40
CA GLY D 1365 61.20 -44.96 -30.49
C GLY D 1365 60.13 -45.92 -30.03
N ALA D 1366 59.59 -46.70 -30.97
CA ALA D 1366 58.51 -47.63 -30.67
C ALA D 1366 59.09 -48.83 -29.93
N SER D 1367 59.00 -48.80 -28.61
CA SER D 1367 59.49 -49.88 -27.77
C SER D 1367 58.34 -50.65 -27.16
N MET E 1 26.95 49.30 39.08
CA MET E 1 25.76 49.08 39.90
C MET E 1 24.71 50.17 39.83
N ARG E 2 23.64 49.93 40.58
CA ARG E 2 22.76 50.97 41.06
C ARG E 2 22.10 50.48 42.34
N THR E 3 22.02 51.35 43.33
CA THR E 3 21.36 51.05 44.60
C THR E 3 20.17 52.01 44.71
N VAL E 4 19.05 51.59 44.11
CA VAL E 4 17.87 52.44 44.06
C VAL E 4 17.22 52.49 45.44
N VAL E 5 16.73 53.67 45.82
CA VAL E 5 15.98 53.80 47.06
C VAL E 5 14.62 53.15 46.84
N ALA E 6 14.37 52.02 47.49
CA ALA E 6 13.05 51.40 47.41
C ALA E 6 12.00 52.29 48.04
N TRP E 7 12.24 52.74 49.26
CA TRP E 7 11.48 53.80 49.90
C TRP E 7 12.31 54.36 51.03
N GLN E 8 11.87 55.50 51.56
CA GLN E 8 12.56 56.16 52.67
C GLN E 8 11.56 57.07 53.36
N GLU E 9 11.43 56.93 54.68
CA GLU E 9 10.39 57.64 55.41
C GLU E 9 10.85 58.05 56.79
N THR E 10 10.58 59.31 57.12
CA THR E 10 10.72 59.78 58.50
C THR E 10 9.60 59.22 59.34
N PRO E 11 9.89 58.56 60.47
CA PRO E 11 8.84 57.90 61.25
C PRO E 11 7.95 58.91 61.94
N PRO E 12 6.70 58.54 62.21
CA PRO E 12 5.84 59.41 63.02
C PRO E 12 6.29 59.44 64.47
N GLU E 13 5.95 60.54 65.14
CA GLU E 13 6.33 60.77 66.53
C GLU E 13 5.09 60.76 67.40
N LYS E 14 5.16 60.03 68.52
CA LYS E 14 4.10 60.03 69.52
C LYS E 14 4.68 59.54 70.83
N ASP E 15 3.95 59.82 71.92
CA ASP E 15 4.31 59.56 73.30
C ASP E 15 5.55 60.35 73.76
N GLY E 16 5.94 61.37 73.00
CA GLY E 16 7.04 62.25 73.38
C GLY E 16 8.38 61.57 73.54
N VAL E 17 8.74 60.72 72.58
CA VAL E 17 9.94 59.91 72.68
C VAL E 17 10.92 60.37 71.61
N ARG E 18 12.21 60.12 71.86
CA ARG E 18 13.25 60.38 70.88
C ARG E 18 13.02 59.53 69.63
N ASN E 19 12.85 60.18 68.48
CA ASN E 19 12.64 59.47 67.23
C ASN E 19 13.93 58.83 66.75
N VAL E 20 14.26 57.66 67.27
CA VAL E 20 15.43 56.90 66.82
C VAL E 20 14.97 55.50 66.46
N CYS E 21 15.34 55.04 65.27
CA CYS E 21 15.11 53.66 64.87
C CYS E 21 16.12 52.81 65.63
N TYR E 22 15.74 52.38 66.83
CA TYR E 22 16.67 51.70 67.73
C TYR E 22 17.09 50.35 67.17
N ASP E 23 16.13 49.53 66.76
CA ASP E 23 16.41 48.20 66.27
C ASP E 23 15.58 47.93 65.02
N LEU E 24 16.07 46.99 64.22
CA LEU E 24 15.39 46.61 62.99
C LEU E 24 15.35 45.09 62.89
N CYS E 25 14.15 44.54 62.80
CA CYS E 25 13.97 43.12 62.59
C CYS E 25 12.96 42.92 61.47
N PHE E 26 13.11 41.81 60.77
CA PHE E 26 12.30 41.50 59.60
C PHE E 26 11.41 40.29 59.87
N LYS E 27 10.22 40.32 59.30
CA LYS E 27 9.51 39.08 59.05
C LYS E 27 10.38 38.21 58.15
N PRO E 28 10.44 36.89 58.38
CA PRO E 28 11.41 36.05 57.66
C PRO E 28 11.26 36.07 56.13
N ASP E 29 10.08 36.38 55.60
CA ASP E 29 9.97 36.62 54.16
C ASP E 29 10.50 37.99 53.76
N GLY E 30 10.47 38.96 54.68
CA GLY E 30 10.92 40.31 54.38
C GLY E 30 9.82 41.30 54.04
N SER E 31 8.55 40.94 54.24
CA SER E 31 7.46 41.85 53.89
C SER E 31 7.36 42.99 54.90
N GLN E 32 7.04 42.66 56.15
CA GLN E 32 6.95 43.65 57.21
C GLN E 32 8.33 43.92 57.77
N VAL E 33 8.86 45.11 57.52
CA VAL E 33 10.03 45.56 58.27
C VAL E 33 9.55 46.12 59.59
N VAL E 34 10.01 45.52 60.68
CA VAL E 34 9.54 45.87 62.01
C VAL E 34 10.63 46.69 62.67
N ALA E 35 10.37 47.99 62.79
CA ALA E 35 11.32 48.94 63.34
C ALA E 35 10.82 49.39 64.70
N GLY E 36 11.63 49.12 65.73
CA GLY E 36 11.31 49.64 67.05
C GLY E 36 11.88 51.04 67.18
N ILE E 37 11.03 52.04 66.95
CA ILE E 37 11.45 53.43 66.86
C ILE E 37 10.92 54.17 68.08
N GLY E 38 11.83 54.70 68.88
CA GLY E 38 11.42 55.34 70.12
C GLY E 38 10.85 54.32 71.08
N ASN E 39 9.69 54.61 71.65
CA ASN E 39 8.96 53.67 72.48
C ASN E 39 7.88 52.94 71.69
N ARG E 40 7.92 53.04 70.36
CA ARG E 40 6.93 52.43 69.48
C ARG E 40 7.53 51.22 68.79
N VAL E 41 6.67 50.28 68.42
CA VAL E 41 7.01 49.29 67.40
C VAL E 41 6.34 49.79 66.13
N LEU E 42 7.05 50.62 65.38
CA LEU E 42 6.51 51.19 64.16
C LEU E 42 6.64 50.15 63.06
N VAL E 43 5.58 49.39 62.85
CA VAL E 43 5.59 48.28 61.91
C VAL E 43 5.30 48.82 60.52
N TYR E 44 6.29 48.73 59.65
CA TYR E 44 6.16 49.15 58.26
C TYR E 44 6.13 47.92 57.35
N ASP E 45 6.10 48.18 56.05
CA ASP E 45 6.27 47.17 55.03
C ASP E 45 7.55 47.48 54.26
N ALA E 46 8.39 46.46 54.07
CA ALA E 46 9.70 46.67 53.47
C ALA E 46 9.66 46.71 51.95
N ALA E 47 8.51 47.00 51.36
CA ALA E 47 8.42 47.23 49.92
C ALA E 47 7.82 48.60 49.66
N ASP E 48 7.00 49.07 50.60
CA ASP E 48 6.33 50.36 50.50
C ASP E 48 6.73 51.31 51.61
N GLY E 49 6.73 50.85 52.86
CA GLY E 49 7.06 51.70 53.98
C GLY E 49 5.88 52.19 54.80
N ASP E 50 4.66 51.92 54.36
CA ASP E 50 3.47 52.41 55.06
C ASP E 50 3.41 51.85 56.48
N LEU E 51 3.11 52.73 57.44
CA LEU E 51 3.04 52.34 58.85
C LEU E 51 1.82 51.46 59.05
N LEU E 52 2.04 50.14 59.08
CA LEU E 52 0.93 49.22 59.26
C LEU E 52 0.41 49.25 60.68
N HIS E 53 1.30 49.40 61.66
CA HIS E 53 0.89 49.41 63.06
C HIS E 53 1.87 50.23 63.88
N ALA E 54 1.33 51.18 64.64
CA ALA E 54 2.09 51.91 65.65
C ALA E 54 1.76 51.29 67.00
N LEU E 55 2.71 50.55 67.57
CA LEU E 55 2.47 49.72 68.74
C LEU E 55 3.13 50.37 69.95
N LYS E 56 2.31 51.02 70.77
CA LYS E 56 2.78 51.82 71.90
C LYS E 56 2.59 51.05 73.21
N GLY E 57 3.33 49.96 73.36
CA GLY E 57 3.16 49.12 74.53
C GLY E 57 4.18 49.37 75.64
N HIS E 58 5.29 50.01 75.31
CA HIS E 58 6.36 50.19 76.27
C HIS E 58 6.20 51.52 77.01
N LYS E 59 6.84 51.58 78.19
CA LYS E 59 6.86 52.79 79.00
C LYS E 59 8.01 53.71 78.61
N ASP E 60 9.24 53.20 78.69
CA ASP E 60 10.41 53.91 78.22
C ASP E 60 10.63 53.59 76.74
N SER E 61 11.68 54.18 76.16
CA SER E 61 11.99 53.96 74.75
C SER E 61 12.38 52.51 74.51
N ILE E 62 11.85 51.94 73.44
CA ILE E 62 12.12 50.55 73.09
C ILE E 62 13.56 50.47 72.60
N TYR E 63 14.42 49.84 73.39
CA TYR E 63 15.82 49.73 73.04
C TYR E 63 16.04 48.73 71.91
N CYS E 64 15.16 47.73 71.78
CA CYS E 64 15.41 46.63 70.88
C CYS E 64 14.11 45.89 70.56
N VAL E 65 14.01 45.40 69.33
CA VAL E 65 12.92 44.55 68.88
C VAL E 65 13.53 43.36 68.13
N ALA E 66 12.77 42.26 68.10
CA ALA E 66 13.17 41.10 67.33
C ALA E 66 11.93 40.33 66.90
N TYR E 67 11.84 40.04 65.60
CA TYR E 67 10.78 39.20 65.07
C TYR E 67 11.08 37.74 65.41
N ALA E 68 10.01 36.94 65.44
CA ALA E 68 10.18 35.50 65.55
C ALA E 68 10.85 34.96 64.30
N GLN E 69 11.90 34.14 64.50
CA GLN E 69 12.61 33.57 63.36
C GLN E 69 11.76 32.56 62.61
N ASN E 70 10.81 31.92 63.28
CA ASN E 70 9.80 31.11 62.60
C ASN E 70 8.63 31.94 62.10
N GLY E 71 8.56 33.22 62.43
CA GLY E 71 7.60 34.12 61.85
C GLY E 71 6.22 34.10 62.47
N LYS E 72 6.14 34.31 63.78
CA LYS E 72 4.85 34.37 64.45
C LYS E 72 4.68 35.63 65.29
N ARG E 73 5.73 36.10 65.96
CA ARG E 73 5.65 37.23 66.86
C ARG E 73 6.80 38.19 66.59
N PHE E 74 6.67 39.41 67.09
CA PHE E 74 7.81 40.29 67.25
C PHE E 74 7.67 41.01 68.58
N ALA E 75 8.70 40.93 69.39
CA ALA E 75 8.67 41.51 70.72
C ALA E 75 9.28 42.90 70.69
N SER E 76 9.46 43.48 71.88
CA SER E 76 10.02 44.82 71.99
C SER E 76 10.67 44.94 73.36
N GLY E 77 11.96 45.19 73.39
CA GLY E 77 12.70 45.36 74.64
C GLY E 77 13.10 46.82 74.82
N GLY E 78 12.76 47.35 75.98
CA GLY E 78 13.07 48.74 76.28
C GLY E 78 13.86 48.90 77.57
N ALA E 79 13.96 50.13 78.05
CA ALA E 79 14.62 50.41 79.31
C ALA E 79 13.68 50.32 80.51
N ASP E 80 12.42 49.95 80.28
CA ASP E 80 11.41 49.88 81.32
C ASP E 80 11.32 48.51 81.98
N LYS E 81 12.38 47.70 81.87
CA LYS E 81 12.53 46.40 82.52
C LYS E 81 11.52 45.36 82.06
N THR E 82 10.73 45.66 81.02
CA THR E 82 9.74 44.74 80.50
C THR E 82 10.01 44.45 79.03
N VAL E 83 9.32 43.45 78.51
CA VAL E 83 9.25 43.21 77.07
C VAL E 83 7.80 42.95 76.72
N ILE E 84 7.26 43.73 75.79
CA ILE E 84 5.91 43.55 75.29
C ILE E 84 6.00 42.83 73.96
N ILE E 85 5.34 41.68 73.87
CA ILE E 85 5.40 40.82 72.69
C ILE E 85 4.18 41.10 71.83
N TRP E 86 4.42 41.34 70.54
CA TRP E 86 3.36 41.54 69.56
C TRP E 86 3.38 40.38 68.57
N THR E 87 2.20 39.83 68.30
CA THR E 87 2.08 38.75 67.32
C THR E 87 2.31 39.30 65.91
N SER E 88 2.27 38.39 64.93
CA SER E 88 2.39 38.81 63.54
C SER E 88 1.22 39.68 63.09
N LYS E 89 0.10 39.65 63.81
CA LYS E 89 -1.00 40.58 63.61
C LYS E 89 -0.77 41.91 64.33
N ALA E 90 0.39 42.08 64.97
CA ALA E 90 0.79 43.30 65.67
C ALA E 90 -0.19 43.63 66.80
N GLU E 91 -0.36 42.66 67.68
CA GLU E 91 -1.23 42.79 68.84
C GLU E 91 -0.47 42.33 70.08
N GLY E 92 -0.49 43.16 71.12
CA GLY E 92 0.22 42.85 72.34
C GLY E 92 -0.37 41.69 73.12
N ILE E 93 0.37 40.59 73.23
CA ILE E 93 -0.12 39.41 73.91
C ILE E 93 0.50 39.26 75.29
N LEU E 94 1.80 39.47 75.43
CA LEU E 94 2.51 39.22 76.68
C LEU E 94 3.36 40.43 77.04
N LYS E 95 3.41 40.72 78.34
CA LYS E 95 4.26 41.80 78.86
C LYS E 95 4.83 41.31 80.18
N TYR E 96 6.08 40.89 80.16
CA TYR E 96 6.71 40.27 81.32
C TYR E 96 7.88 41.11 81.78
N THR E 97 7.94 41.38 83.08
CA THR E 97 8.86 42.35 83.65
C THR E 97 10.11 41.64 84.14
N HIS E 98 11.26 42.07 83.64
CA HIS E 98 12.54 41.46 83.94
C HIS E 98 13.11 42.05 85.23
N ASN E 99 14.38 41.78 85.51
CA ASN E 99 15.07 42.39 86.63
C ASN E 99 16.03 43.49 86.21
N ASP E 100 16.17 43.75 84.92
CA ASP E 100 17.02 44.82 84.44
C ASP E 100 16.50 45.29 83.09
N ALA E 101 16.95 46.49 82.70
CA ALA E 101 16.56 47.07 81.43
C ALA E 101 17.09 46.24 80.27
N ILE E 102 16.27 46.09 79.23
CA ILE E 102 16.58 45.16 78.15
C ILE E 102 17.69 45.73 77.28
N GLN E 103 18.65 44.88 76.93
CA GLN E 103 19.76 45.26 76.07
C GLN E 103 19.55 44.84 74.62
N CYS E 104 19.05 43.62 74.40
CA CYS E 104 18.80 43.15 73.04
C CYS E 104 17.83 41.98 73.09
N LEU E 105 17.25 41.67 71.93
CA LEU E 105 16.24 40.63 71.80
C LEU E 105 16.63 39.65 70.70
N SER E 106 16.16 38.42 70.84
CA SER E 106 16.33 37.40 69.81
C SER E 106 15.31 36.30 70.04
N TYR E 107 14.75 35.79 68.96
CA TYR E 107 13.74 34.74 69.01
C TYR E 107 14.31 33.41 68.52
N ASN E 108 13.72 32.34 69.02
CA ASN E 108 14.07 31.01 68.55
C ASN E 108 13.53 30.78 67.14
N PRO E 109 14.22 29.99 66.33
CA PRO E 109 13.61 29.50 65.08
C PRO E 109 12.70 28.30 65.29
N VAL E 110 12.97 27.50 66.32
CA VAL E 110 12.15 26.32 66.57
C VAL E 110 10.78 26.71 67.10
N THR E 111 10.75 27.53 68.15
CA THR E 111 9.50 28.03 68.72
C THR E 111 9.57 29.55 68.79
N GLN E 112 8.61 30.17 69.46
CA GLN E 112 8.71 31.61 69.72
C GLN E 112 9.39 31.86 71.06
N GLN E 113 10.56 31.24 71.26
CA GLN E 113 11.32 31.41 72.49
C GLN E 113 12.17 32.66 72.33
N LEU E 114 11.54 33.81 72.59
CA LEU E 114 12.26 35.07 72.65
C LEU E 114 13.31 35.02 73.76
N ALA E 115 14.52 35.44 73.44
CA ALA E 115 15.52 35.76 74.46
C ALA E 115 15.55 37.27 74.61
N SER E 116 15.65 37.73 75.85
CA SER E 116 15.58 39.16 76.16
C SER E 116 16.73 39.52 77.10
N ALA E 117 17.89 39.84 76.52
CA ALA E 117 19.04 40.21 77.33
C ALA E 117 18.78 41.50 78.07
N THR E 118 18.83 41.43 79.38
CA THR E 118 18.73 42.60 80.22
C THR E 118 20.14 43.06 80.58
N GLY E 119 20.25 44.03 81.48
CA GLY E 119 21.55 44.45 81.95
C GLY E 119 22.23 43.46 82.87
N SER E 120 21.49 42.49 83.41
CA SER E 120 22.04 41.46 84.27
C SER E 120 21.62 40.05 83.91
N ASP E 121 20.55 39.88 83.13
CA ASP E 121 20.02 38.56 82.80
C ASP E 121 19.56 38.55 81.36
N VAL E 122 19.01 37.42 80.94
CA VAL E 122 18.40 37.29 79.62
C VAL E 122 17.00 36.73 79.82
N GLY E 123 16.01 37.51 79.43
CA GLY E 123 14.62 37.13 79.64
C GLY E 123 14.08 36.16 78.62
N LEU E 124 14.41 34.87 78.74
CA LEU E 124 13.87 33.91 77.80
C LEU E 124 12.36 33.85 77.88
N TRP E 125 11.70 34.37 76.86
CA TRP E 125 10.25 34.38 76.77
C TRP E 125 9.82 33.21 75.91
N SER E 126 9.29 32.17 76.55
CA SER E 126 8.68 31.06 75.84
C SER E 126 7.43 31.59 75.12
N PRO E 127 6.98 30.90 74.02
CA PRO E 127 5.90 31.44 73.17
C PRO E 127 4.62 31.90 73.86
N GLU E 128 4.38 31.47 75.10
CA GLU E 128 3.19 31.94 75.81
C GLU E 128 3.41 32.23 77.29
N GLN E 129 4.65 32.37 77.75
CA GLN E 129 4.83 32.49 79.20
C GLN E 129 4.85 33.94 79.64
N LYS E 130 4.60 34.13 80.94
CA LYS E 130 4.75 35.41 81.62
C LYS E 130 6.01 35.49 82.45
N SER E 131 6.81 34.43 82.47
CA SER E 131 7.98 34.36 83.33
C SER E 131 9.22 34.89 82.63
N VAL E 132 10.25 35.15 83.43
CA VAL E 132 11.53 35.65 82.94
C VAL E 132 12.54 34.55 83.22
N ALA E 133 12.80 33.69 82.23
CA ALA E 133 13.77 32.61 82.40
C ALA E 133 15.16 33.21 82.27
N LYS E 134 15.64 33.75 83.38
CA LYS E 134 16.80 34.63 83.39
C LYS E 134 18.11 33.86 83.16
N HIS E 135 19.10 34.60 82.67
CA HIS E 135 20.46 34.10 82.46
C HIS E 135 21.41 34.97 83.28
N LYS E 136 21.58 34.60 84.54
CA LYS E 136 22.41 35.37 85.46
C LYS E 136 23.88 35.16 85.09
N VAL E 137 24.41 36.10 84.31
CA VAL E 137 25.80 36.09 83.89
C VAL E 137 26.52 37.19 84.64
N ALA E 138 27.72 36.89 85.14
CA ALA E 138 28.50 37.88 85.88
C ALA E 138 28.84 39.09 85.02
N SER E 139 29.13 38.87 83.74
CA SER E 139 29.28 39.96 82.80
C SER E 139 27.94 40.30 82.17
N ARG E 140 27.76 41.56 81.81
CA ARG E 140 26.52 42.01 81.21
C ARG E 140 26.34 41.39 79.83
N ILE E 141 25.18 40.78 79.60
CA ILE E 141 24.90 40.17 78.31
C ILE E 141 24.59 41.29 77.33
N CYS E 142 25.59 41.66 76.52
CA CYS E 142 25.48 42.79 75.62
C CYS E 142 24.88 42.44 74.26
N SER E 143 25.01 41.20 73.82
CA SER E 143 24.45 40.79 72.53
C SER E 143 23.90 39.38 72.63
N ILE E 144 22.74 39.15 72.02
CA ILE E 144 22.19 37.82 71.89
C ILE E 144 21.78 37.58 70.44
N SER E 145 21.76 36.31 70.07
CA SER E 145 21.25 35.87 68.78
C SER E 145 21.02 34.37 68.88
N TRP E 146 20.00 33.90 68.17
CA TRP E 146 19.69 32.48 68.11
C TRP E 146 20.20 31.91 66.81
N THR E 147 20.88 30.77 66.90
CA THR E 147 21.31 30.05 65.71
C THR E 147 20.08 29.57 64.93
N ALA E 148 20.24 29.50 63.61
CA ALA E 148 19.09 29.26 62.73
C ALA E 148 18.47 27.88 62.90
N ASP E 149 19.21 26.92 63.47
CA ASP E 149 18.60 25.62 63.74
C ASP E 149 17.63 25.69 64.90
N GLY E 150 17.91 26.53 65.89
CA GLY E 150 17.01 26.72 67.01
C GLY E 150 17.43 26.00 68.28
N ALA E 151 18.74 25.94 68.53
CA ALA E 151 19.24 25.24 69.70
C ALA E 151 20.17 26.11 70.53
N TYR E 152 20.98 26.94 69.88
CA TYR E 152 22.02 27.70 70.55
C TYR E 152 21.66 29.19 70.58
N LEU E 153 21.98 29.83 71.70
CA LEU E 153 21.74 31.25 71.89
C LEU E 153 23.03 31.88 72.40
N ALA E 154 23.71 32.62 71.53
CA ALA E 154 25.02 33.19 71.85
C ALA E 154 24.83 34.42 72.72
N LEU E 155 25.15 34.30 74.01
CA LEU E 155 25.02 35.44 74.91
C LEU E 155 26.34 36.18 74.89
N GLY E 156 26.47 37.14 73.98
CA GLY E 156 27.64 38.00 73.97
C GLY E 156 27.68 38.82 75.25
N CYS E 157 28.81 38.74 75.96
CA CYS E 157 28.95 39.33 77.27
C CYS E 157 29.84 40.56 77.21
N PHE E 158 29.67 41.44 78.21
CA PHE E 158 30.40 42.71 78.27
C PHE E 158 31.80 42.50 78.86
N ASP E 159 32.54 41.59 78.23
CA ASP E 159 33.90 41.29 78.66
C ASP E 159 34.84 41.07 77.48
N GLY E 160 34.41 41.37 76.26
CA GLY E 160 35.16 40.99 75.09
C GLY E 160 34.98 39.55 74.66
N VAL E 161 34.01 38.85 75.24
CA VAL E 161 33.80 37.43 74.98
C VAL E 161 32.34 37.22 74.64
N ILE E 162 32.08 36.55 73.52
CA ILE E 162 30.75 36.08 73.18
C ILE E 162 30.58 34.71 73.81
N SER E 163 29.80 34.64 74.89
CA SER E 163 29.57 33.38 75.61
C SER E 163 28.35 32.70 74.99
N ILE E 164 28.60 31.79 74.05
CA ILE E 164 27.50 31.08 73.40
C ILE E 164 26.89 30.10 74.39
N ARG E 165 25.58 30.18 74.56
CA ARG E 165 24.87 29.36 75.53
C ARG E 165 23.70 28.67 74.84
N ASP E 166 22.96 27.89 75.61
CA ASP E 166 21.84 27.09 75.11
C ASP E 166 20.54 27.81 75.48
N LYS E 167 19.40 27.14 75.29
CA LYS E 167 18.10 27.65 75.70
C LYS E 167 17.82 27.51 77.19
N GLY E 168 18.87 27.32 78.00
CA GLY E 168 18.75 27.33 79.44
C GLY E 168 19.77 28.27 80.05
N GLY E 169 20.72 28.74 79.24
CA GLY E 169 21.72 29.67 79.70
C GLY E 169 22.90 29.03 80.40
N SER E 170 23.60 28.13 79.70
CA SER E 170 24.80 27.48 80.20
C SER E 170 25.98 27.86 79.32
N GLU E 171 27.03 28.40 79.92
CA GLU E 171 28.17 28.90 79.17
C GLU E 171 28.95 27.75 78.53
N LYS E 172 29.21 27.88 77.24
CA LYS E 172 29.85 26.83 76.46
C LYS E 172 31.09 27.30 75.71
N HIS E 173 31.09 28.51 75.18
CA HIS E 173 32.20 29.04 74.41
C HIS E 173 32.69 30.36 74.99
N ARG E 174 33.95 30.66 74.72
CA ARG E 174 34.68 31.82 75.22
C ARG E 174 35.29 32.59 74.07
N ILE E 175 34.44 32.96 73.10
CA ILE E 175 34.86 33.56 71.83
C ILE E 175 35.79 34.75 72.06
N GLU E 176 37.00 34.66 71.52
CA GLU E 176 38.07 35.61 71.80
C GLU E 176 38.00 36.79 70.81
N THR E 177 37.04 37.68 71.06
CA THR E 177 36.92 38.87 70.23
C THR E 177 38.00 39.89 70.54
N GLY E 178 38.59 39.83 71.73
CA GLY E 178 39.60 40.78 72.14
C GLY E 178 39.14 41.59 73.33
N PRO E 179 39.72 42.78 73.50
CA PRO E 179 39.32 43.63 74.64
C PRO E 179 37.95 44.26 74.46
N SER E 180 37.49 44.45 73.23
CA SER E 180 36.23 45.13 73.00
C SER E 180 35.07 44.15 73.19
N PRO E 181 34.12 44.44 74.08
CA PRO E 181 32.87 43.66 74.10
C PRO E 181 32.08 43.89 72.83
N VAL E 182 31.26 42.92 72.48
CA VAL E 182 30.57 42.92 71.19
C VAL E 182 29.07 43.04 71.47
N TRP E 183 28.55 44.26 71.43
CA TRP E 183 27.13 44.49 71.59
C TRP E 183 26.33 44.06 70.37
N SER E 184 26.98 43.91 69.21
CA SER E 184 26.29 43.60 67.96
C SER E 184 26.80 42.27 67.41
N ILE E 185 26.20 41.18 67.84
CA ILE E 185 26.33 39.90 67.16
C ILE E 185 24.98 39.56 66.54
N CYS E 186 25.03 38.70 65.53
CA CYS E 186 23.81 38.24 64.87
C CYS E 186 24.12 36.94 64.15
N TRP E 187 23.44 35.86 64.56
CA TRP E 187 23.44 34.67 63.74
C TRP E 187 22.60 34.93 62.49
N ASN E 188 23.20 34.72 61.33
CA ASN E 188 22.47 34.83 60.08
C ASN E 188 21.38 33.75 60.06
N PRO E 189 20.13 34.11 59.74
CA PRO E 189 19.05 33.10 59.73
C PRO E 189 19.22 31.98 58.71
N VAL E 190 20.31 31.99 57.95
CA VAL E 190 20.72 30.84 57.15
C VAL E 190 22.05 30.24 57.60
N GLU E 191 22.81 30.94 58.45
CA GLU E 191 24.12 30.48 58.90
C GLU E 191 24.10 30.30 60.42
N THR E 192 24.17 29.05 60.87
CA THR E 192 24.17 28.77 62.31
C THR E 192 25.55 28.94 62.94
N ASN E 193 26.61 29.02 62.13
CA ASN E 193 27.96 29.02 62.66
C ASN E 193 28.74 30.30 62.34
N VAL E 194 28.14 31.24 61.62
CA VAL E 194 28.80 32.49 61.27
C VAL E 194 28.24 33.58 62.19
N LEU E 195 29.08 34.04 63.11
CA LEU E 195 28.72 35.08 64.07
C LEU E 195 29.37 36.39 63.63
N CYS E 196 28.55 37.39 63.33
CA CYS E 196 29.04 38.69 62.89
C CYS E 196 29.32 39.52 64.12
N ALA E 197 30.55 39.43 64.62
CA ALA E 197 30.94 40.11 65.86
C ALA E 197 31.40 41.53 65.53
N GLY E 198 30.42 42.38 65.24
CA GLY E 198 30.72 43.79 64.95
C GLY E 198 30.83 44.58 66.23
N CYS E 199 31.91 45.35 66.34
CA CYS E 199 32.22 46.10 67.55
C CYS E 199 32.26 47.60 67.23
N PHE E 200 32.69 48.39 68.22
CA PHE E 200 32.85 49.82 68.03
C PHE E 200 34.22 50.21 67.48
N ASP E 201 35.21 49.33 67.60
CA ASP E 201 36.57 49.66 67.16
C ASP E 201 36.74 49.61 65.64
N GLY E 202 35.77 49.08 64.90
CA GLY E 202 35.85 48.99 63.46
C GLY E 202 36.19 47.62 62.92
N VAL E 203 36.54 46.67 63.78
CA VAL E 203 36.96 45.35 63.33
C VAL E 203 35.73 44.54 62.92
N LEU E 204 35.75 44.01 61.70
CA LEU E 204 34.65 43.22 61.15
C LEU E 204 34.93 41.75 61.43
N LYS E 205 34.53 41.30 62.62
CA LYS E 205 34.80 39.93 63.05
C LYS E 205 33.65 39.02 62.63
N PHE E 206 33.92 38.10 61.73
CA PHE E 206 32.97 37.09 61.28
C PHE E 206 33.36 35.79 61.97
N TYR E 207 32.93 35.64 63.21
CA TYR E 207 33.46 34.60 64.08
C TYR E 207 32.66 33.32 64.00
N MET E 208 33.34 32.21 64.26
CA MET E 208 32.78 30.88 64.26
C MET E 208 32.29 30.49 65.66
N MET E 209 31.98 29.20 65.81
CA MET E 209 31.36 28.68 67.01
C MET E 209 32.27 28.86 68.23
N SER E 210 33.56 28.54 68.10
CA SER E 210 34.47 28.63 69.22
C SER E 210 35.20 29.97 69.32
N GLY E 211 35.17 30.79 68.28
CA GLY E 211 35.81 32.09 68.35
C GLY E 211 36.92 32.33 67.35
N GLN E 212 36.83 31.71 66.19
CA GLN E 212 37.76 31.94 65.09
C GLN E 212 37.03 32.61 63.94
N GLN E 213 37.78 33.42 63.18
CA GLN E 213 37.18 34.24 62.14
C GLN E 213 36.95 33.42 60.87
N LYS E 214 36.01 33.89 60.05
CA LYS E 214 35.72 33.28 58.75
C LYS E 214 36.56 33.92 57.65
N SER E 215 36.41 35.22 57.46
CA SER E 215 37.19 36.00 56.52
C SER E 215 38.16 36.87 57.31
N LYS E 216 38.87 37.74 56.59
CA LYS E 216 39.77 38.68 57.23
C LYS E 216 38.98 39.66 58.09
N ASP E 217 39.41 39.84 59.34
CA ASP E 217 38.74 40.77 60.24
C ASP E 217 39.06 42.20 59.80
N ARG E 218 38.20 42.76 58.97
CA ARG E 218 38.47 44.05 58.33
C ARG E 218 38.25 45.18 59.32
N GLU E 219 39.19 46.13 59.35
CA GLU E 219 39.05 47.33 60.15
C GLU E 219 38.36 48.39 59.30
N LEU E 220 37.13 48.73 59.66
CA LEU E 220 36.36 49.68 58.90
C LEU E 220 36.90 51.09 59.05
N ALA E 221 36.60 51.93 58.05
CA ALA E 221 36.93 53.34 58.13
C ALA E 221 36.05 54.11 59.11
N PHE E 222 34.95 53.52 59.56
CA PHE E 222 34.04 54.15 60.50
C PHE E 222 33.69 53.17 61.60
N ASP E 223 33.32 53.70 62.76
CA ASP E 223 32.88 52.86 63.87
C ASP E 223 31.50 52.29 63.55
N PRO E 224 31.36 50.99 63.39
CA PRO E 224 30.09 50.43 62.93
C PRO E 224 29.09 50.17 64.04
N LEU E 225 27.90 50.75 63.91
CA LEU E 225 26.83 50.49 64.86
C LEU E 225 26.13 49.16 64.57
N CYS E 226 26.20 48.70 63.33
CA CYS E 226 25.64 47.40 62.97
C CYS E 226 26.29 46.93 61.68
N VAL E 227 26.63 45.64 61.64
CA VAL E 227 27.19 44.99 60.46
C VAL E 227 26.37 43.75 60.19
N SER E 228 25.93 43.57 58.94
CA SER E 228 25.08 42.46 58.59
C SER E 228 25.49 41.92 57.22
N TYR E 229 25.15 40.65 56.99
CA TYR E 229 25.55 39.94 55.78
C TYR E 229 24.47 40.10 54.73
N PHE E 230 24.78 40.80 53.64
CA PHE E 230 23.86 40.89 52.52
C PHE E 230 23.94 39.64 51.65
N SER E 231 22.80 39.27 51.07
CA SER E 231 22.67 38.12 50.16
C SER E 231 23.16 36.84 50.82
N SER E 232 22.79 36.65 52.09
CA SER E 232 23.07 35.43 52.85
C SER E 232 24.57 35.15 52.97
N GLY E 233 25.36 36.20 53.20
CA GLY E 233 26.76 36.03 53.51
C GLY E 233 27.73 36.26 52.37
N GLU E 234 27.25 36.58 51.16
CA GLU E 234 28.15 36.91 50.08
C GLU E 234 28.58 38.37 50.14
N TYR E 235 27.67 39.27 50.48
CA TYR E 235 27.96 40.68 50.59
C TYR E 235 27.70 41.15 52.02
N ILE E 236 28.20 42.33 52.35
CA ILE E 236 28.13 42.85 53.71
C ILE E 236 27.56 44.26 53.68
N THR E 237 26.53 44.50 54.49
CA THR E 237 26.02 45.84 54.72
C THR E 237 26.60 46.34 56.04
N VAL E 238 27.57 47.24 55.96
CA VAL E 238 28.16 47.88 57.13
C VAL E 238 27.51 49.24 57.32
N SER E 239 27.15 49.55 58.56
CA SER E 239 26.50 50.81 58.88
C SER E 239 26.98 51.28 60.24
N GLY E 240 27.42 52.53 60.31
CA GLY E 240 27.94 53.06 61.56
C GLY E 240 27.88 54.56 61.66
N THR E 241 28.98 55.16 62.12
CA THR E 241 29.12 56.61 62.18
C THR E 241 29.42 57.25 60.84
N ASP E 242 29.28 56.50 59.74
CA ASP E 242 29.43 57.02 58.39
C ASP E 242 28.12 57.56 57.83
N LYS E 243 27.06 57.59 58.63
CA LYS E 243 25.73 58.13 58.34
C LYS E 243 24.96 57.31 57.31
N THR E 244 25.56 56.31 56.70
CA THR E 244 24.97 55.58 55.59
C THR E 244 25.27 54.09 55.75
N VAL E 245 25.02 53.33 54.70
CA VAL E 245 25.35 51.91 54.63
C VAL E 245 26.23 51.69 53.41
N HIS E 246 27.32 50.95 53.58
CA HIS E 246 28.18 50.54 52.48
C HIS E 246 27.94 49.07 52.16
N LEU E 247 28.24 48.71 50.91
CA LEU E 247 28.25 47.32 50.50
C LEU E 247 29.68 46.84 50.39
N TYR E 248 29.97 45.70 51.00
CA TYR E 248 31.28 45.08 50.95
C TYR E 248 31.12 43.62 50.58
N THR E 249 32.04 43.11 49.76
CA THR E 249 32.15 41.68 49.56
C THR E 249 32.56 41.03 50.88
N ARG E 250 32.17 39.77 51.09
CA ARG E 250 32.44 39.10 52.35
C ARG E 250 33.93 38.91 52.63
N ASP E 251 34.79 39.11 51.64
CA ASP E 251 36.21 39.35 51.92
C ASP E 251 36.39 40.59 52.78
N GLY E 252 35.65 41.65 52.47
CA GLY E 252 35.81 42.93 53.14
C GLY E 252 36.24 44.01 52.19
N THR E 253 35.92 43.83 50.91
CA THR E 253 36.32 44.75 49.85
C THR E 253 35.11 45.53 49.36
N TYR E 254 35.31 46.83 49.17
CA TYR E 254 34.20 47.76 48.97
C TYR E 254 33.49 47.52 47.64
N LEU E 255 32.16 47.66 47.66
CA LEU E 255 31.35 47.49 46.45
C LEU E 255 30.66 48.77 46.03
N THR E 256 29.82 49.35 46.88
CA THR E 256 29.05 50.52 46.53
C THR E 256 28.53 51.16 47.81
N LYS E 257 28.02 52.38 47.66
CA LYS E 257 27.33 53.06 48.74
C LYS E 257 25.86 52.63 48.69
N ILE E 258 25.44 51.85 49.68
CA ILE E 258 24.07 51.36 49.71
C ILE E 258 23.10 52.50 50.02
N ALA E 259 23.26 53.10 51.19
CA ALA E 259 22.28 54.04 51.72
C ALA E 259 22.77 55.47 51.52
N ASP E 260 21.81 56.39 51.54
CA ASP E 260 22.09 57.83 51.48
C ASP E 260 21.10 58.48 52.43
N ARG E 261 21.52 58.67 53.67
CA ARG E 261 20.60 58.98 54.76
C ARG E 261 21.02 60.25 55.48
N ASP E 262 20.36 60.51 56.61
CA ASP E 262 20.53 61.72 57.40
C ASP E 262 21.39 61.54 58.64
N SER E 263 21.32 60.38 59.30
CA SER E 263 22.00 60.22 60.58
C SER E 263 22.48 58.79 60.74
N TRP E 264 22.91 58.47 61.96
CA TRP E 264 23.44 57.17 62.35
C TRP E 264 22.51 56.00 62.06
N VAL E 265 22.91 55.10 61.16
CA VAL E 265 22.16 53.87 60.99
C VAL E 265 22.49 52.97 62.18
N TRP E 266 21.63 53.01 63.20
CA TRP E 266 21.88 52.23 64.41
C TRP E 266 21.82 50.74 64.13
N ALA E 267 20.84 50.31 63.33
CA ALA E 267 20.69 48.93 62.94
C ALA E 267 20.63 48.85 61.43
N VAL E 268 21.40 47.94 60.84
CA VAL E 268 21.28 47.61 59.43
C VAL E 268 20.94 46.13 59.32
N ARG E 269 20.03 45.82 58.42
CA ARG E 269 19.61 44.45 58.23
C ARG E 269 19.12 44.30 56.79
N PRO E 270 19.73 43.41 56.02
CA PRO E 270 19.20 43.14 54.68
C PRO E 270 17.80 42.54 54.77
N ARG E 271 16.97 42.91 53.83
CA ARG E 271 15.67 42.26 53.71
C ARG E 271 15.93 40.81 53.34
N PRO E 272 15.44 39.85 54.11
CA PRO E 272 15.88 38.45 53.94
C PRO E 272 15.40 37.89 52.61
N LYS E 273 16.34 37.31 51.86
CA LYS E 273 16.12 36.78 50.51
C LYS E 273 15.56 37.85 49.58
N HIS E 274 16.07 39.07 49.71
CA HIS E 274 15.68 40.19 48.88
C HIS E 274 16.93 40.99 48.50
N ASN E 275 16.72 42.08 47.78
CA ASN E 275 17.78 43.03 47.49
C ASN E 275 17.75 44.23 48.41
N PHE E 276 16.84 44.26 49.37
CA PHE E 276 16.64 45.46 50.19
C PHE E 276 17.37 45.31 51.52
N VAL E 277 17.55 46.45 52.19
CA VAL E 277 18.23 46.54 53.48
C VAL E 277 17.44 47.46 54.40
N ALA E 278 17.39 47.11 55.68
CA ALA E 278 16.72 47.94 56.68
C ALA E 278 17.70 49.02 57.11
N VAL E 279 17.56 50.21 56.55
CA VAL E 279 18.40 51.34 56.96
C VAL E 279 17.56 52.29 57.80
N GLY E 280 17.58 52.07 59.11
CA GLY E 280 16.89 52.94 60.05
C GLY E 280 17.92 53.78 60.79
N THR E 281 17.67 55.07 60.83
CA THR E 281 18.69 56.04 61.22
C THR E 281 18.47 56.52 62.65
N GLU E 282 19.41 57.36 63.11
CA GLU E 282 19.28 58.00 64.41
C GLU E 282 18.12 58.99 64.44
N GLY E 283 17.75 59.55 63.30
CA GLY E 283 16.51 60.27 63.16
C GLY E 283 15.30 59.38 62.96
N GLY E 284 15.51 58.06 62.98
CA GLY E 284 14.44 57.10 62.81
C GLY E 284 14.10 56.80 61.38
N GLY E 285 14.70 57.49 60.42
CA GLY E 285 14.38 57.31 59.01
C GLY E 285 14.72 55.93 58.52
N ILE E 286 13.69 55.15 58.25
CA ILE E 286 13.83 53.76 57.81
C ILE E 286 13.74 53.73 56.29
N ALA E 287 14.60 52.95 55.65
CA ALA E 287 14.68 53.00 54.20
C ALA E 287 15.23 51.68 53.64
N MET E 288 14.45 51.05 52.77
CA MET E 288 14.95 49.96 51.94
C MET E 288 15.68 50.51 50.72
N PHE E 289 16.58 49.68 50.18
CA PHE E 289 17.43 50.08 49.07
C PHE E 289 17.55 48.92 48.08
N GLN E 290 17.31 49.19 46.80
CA GLN E 290 17.34 48.14 45.79
C GLN E 290 18.78 47.86 45.39
N LEU E 291 19.39 46.88 46.04
CA LEU E 291 20.75 46.45 45.70
C LEU E 291 20.73 45.47 44.53
N ILE E 292 20.29 45.99 43.37
CA ILE E 292 20.17 45.17 42.18
C ILE E 292 21.54 45.00 41.55
N PHE E 293 21.92 43.75 41.27
CA PHE E 293 23.24 43.41 40.75
C PHE E 293 23.09 43.06 39.27
N SER E 294 23.52 43.98 38.41
CA SER E 294 23.52 43.75 36.98
C SER E 294 24.82 43.05 36.57
N THR E 295 24.69 42.06 35.69
CA THR E 295 25.86 41.36 35.16
C THR E 295 26.51 42.26 34.11
N VAL E 296 27.29 43.23 34.60
CA VAL E 296 28.07 44.08 33.71
C VAL E 296 29.11 43.23 33.01
N HIS E 297 29.18 43.34 31.68
CA HIS E 297 29.99 42.41 30.92
C HIS E 297 30.44 43.02 29.60
N GLY E 298 31.66 42.68 29.22
CA GLY E 298 32.12 42.80 27.85
C GLY E 298 32.12 41.42 27.22
N LEU E 299 32.27 41.40 25.90
CA LEU E 299 32.19 40.13 25.18
C LEU E 299 32.85 40.29 23.81
N TYR E 300 33.90 39.52 23.57
CA TYR E 300 34.40 39.32 22.21
C TYR E 300 33.81 38.04 21.61
N GLN E 301 32.48 37.93 21.72
CA GLN E 301 31.65 36.85 21.17
C GLN E 301 31.93 35.47 21.76
N ASP E 302 32.92 35.33 22.64
CA ASP E 302 33.18 34.02 23.24
C ASP E 302 33.39 34.02 24.74
N ARG E 303 33.88 35.10 25.34
CA ARG E 303 34.24 35.13 26.76
C ARG E 303 33.25 36.03 27.48
N TYR E 304 32.14 35.44 27.93
CA TYR E 304 31.09 36.21 28.57
C TYR E 304 31.57 36.69 29.94
N ALA E 305 31.88 37.99 30.02
CA ALA E 305 32.59 38.55 31.16
C ALA E 305 31.62 39.13 32.18
N TYR E 306 30.65 38.33 32.61
CA TYR E 306 29.70 38.82 33.60
C TYR E 306 30.37 38.95 34.96
N ARG E 307 30.12 40.08 35.61
CA ARG E 307 30.73 40.35 36.90
C ARG E 307 29.99 39.60 38.00
N ASP E 308 30.72 38.80 38.77
CA ASP E 308 30.13 38.05 39.87
C ASP E 308 31.09 38.09 41.05
N GLN E 309 30.50 38.18 42.26
CA GLN E 309 31.12 38.50 43.55
C GLN E 309 31.48 39.98 43.62
N MET E 310 31.33 40.69 42.50
CA MET E 310 31.18 42.13 42.39
C MET E 310 32.49 42.87 42.68
N THR E 311 33.49 42.16 43.19
CA THR E 311 34.89 42.56 43.06
C THR E 311 35.64 41.72 42.05
N ASP E 312 35.17 40.52 41.81
CA ASP E 312 35.72 39.66 40.78
C ASP E 312 34.80 39.66 39.57
N VAL E 313 35.33 39.15 38.47
CA VAL E 313 34.53 38.92 37.27
C VAL E 313 34.64 37.44 36.95
N ILE E 314 33.51 36.74 36.94
CA ILE E 314 33.46 35.37 36.47
C ILE E 314 33.22 35.46 34.98
N ILE E 315 34.29 35.52 34.21
CA ILE E 315 34.20 35.50 32.75
C ILE E 315 34.05 34.04 32.35
N GLN E 316 32.99 33.70 31.67
CA GLN E 316 32.84 32.34 31.15
C GLN E 316 33.15 32.37 29.65
N HIS E 317 34.24 31.74 29.27
CA HIS E 317 34.57 31.55 27.86
C HIS E 317 33.56 30.56 27.32
N LEU E 318 32.52 31.09 26.64
CA LEU E 318 31.32 30.33 26.31
C LEU E 318 31.59 29.10 25.45
N ILE E 319 32.72 29.08 24.74
CA ILE E 319 33.14 27.87 24.05
C ILE E 319 33.44 26.76 25.06
N THR E 320 34.12 27.12 26.15
CA THR E 320 34.48 26.15 27.18
C THR E 320 33.70 26.30 28.48
N GLU E 321 33.16 27.49 28.75
CA GLU E 321 32.46 27.81 30.01
C GLU E 321 33.34 27.50 31.21
N GLN E 322 34.56 28.03 31.19
CA GLN E 322 35.49 27.90 32.30
C GLN E 322 35.28 29.08 33.24
N LYS E 323 34.59 28.84 34.34
CA LYS E 323 34.15 29.91 35.25
C LYS E 323 35.13 30.05 36.41
N VAL E 324 36.35 30.49 36.06
CA VAL E 324 37.39 30.77 37.04
C VAL E 324 37.57 32.28 37.10
N ARG E 325 37.11 32.90 38.19
CA ARG E 325 37.03 34.34 38.25
C ARG E 325 38.40 34.99 38.34
N ILE E 326 38.44 36.29 38.05
CA ILE E 326 39.66 37.08 38.16
C ILE E 326 39.64 37.77 39.52
N LYS E 327 40.65 37.49 40.33
CA LYS E 327 40.67 37.96 41.71
C LYS E 327 41.18 39.40 41.74
N CYS E 328 40.30 40.31 41.33
CA CYS E 328 40.62 41.73 41.39
C CYS E 328 40.58 42.26 42.81
N LYS E 329 39.69 41.71 43.64
CA LYS E 329 39.48 42.13 45.02
C LYS E 329 39.11 43.62 45.12
N ASP E 330 38.49 44.16 44.07
CA ASP E 330 38.07 45.55 44.14
C ASP E 330 36.92 45.70 43.16
N TYR E 331 36.06 46.69 43.45
CA TYR E 331 34.77 46.80 42.77
C TYR E 331 34.96 47.05 41.28
N VAL E 332 34.29 46.23 40.47
CA VAL E 332 34.41 46.26 39.02
C VAL E 332 33.34 47.18 38.46
N LYS E 333 33.74 48.11 37.60
CA LYS E 333 32.81 49.08 37.03
C LYS E 333 32.38 48.70 35.62
N LYS E 334 33.32 48.57 34.69
CA LYS E 334 33.00 48.22 33.32
C LYS E 334 34.03 47.24 32.79
N ILE E 335 33.59 46.36 31.89
CA ILE E 335 34.36 45.21 31.45
C ILE E 335 34.27 45.14 29.93
N ALA E 336 35.37 44.77 29.27
CA ALA E 336 35.35 44.50 27.84
C ALA E 336 36.34 43.40 27.50
N VAL E 337 36.00 42.62 26.48
CA VAL E 337 36.78 41.46 26.07
C VAL E 337 37.30 41.68 24.67
N TYR E 338 38.58 41.38 24.45
CA TYR E 338 39.20 41.31 23.14
C TYR E 338 39.45 39.84 22.79
N LYS E 339 40.22 39.64 21.70
CA LYS E 339 40.64 38.29 21.29
C LYS E 339 41.28 37.54 22.45
N ASP E 340 42.16 38.20 23.20
CA ASP E 340 42.74 37.58 24.36
C ASP E 340 42.91 38.58 25.51
N LYS E 341 42.55 39.84 25.30
CA LYS E 341 42.67 40.88 26.32
C LYS E 341 41.33 41.12 27.00
N LEU E 342 41.40 41.54 28.27
CA LEU E 342 40.23 41.83 29.09
C LEU E 342 40.51 43.11 29.87
N ALA E 343 40.15 44.26 29.30
CA ALA E 343 40.18 45.49 30.09
C ALA E 343 39.11 45.42 31.15
N VAL E 344 39.47 45.81 32.38
CA VAL E 344 38.57 45.80 33.52
C VAL E 344 38.70 47.13 34.24
N GLN E 345 37.57 47.83 34.39
CA GLN E 345 37.52 49.09 35.13
C GLN E 345 37.32 48.76 36.59
N LEU E 346 38.37 48.94 37.39
CA LEU E 346 38.26 48.74 38.82
C LEU E 346 38.19 50.09 39.54
N GLN E 347 38.08 50.04 40.86
CA GLN E 347 38.36 51.23 41.66
C GLN E 347 39.85 51.49 41.78
N ASN E 348 40.70 50.56 41.33
CA ASN E 348 42.12 50.81 41.27
C ASN E 348 42.46 51.60 40.00
N LYS E 349 42.24 51.00 38.84
CA LYS E 349 42.55 51.57 37.53
C LYS E 349 41.99 50.64 36.48
N VAL E 350 42.29 50.93 35.21
CA VAL E 350 42.04 49.98 34.14
C VAL E 350 42.99 48.81 34.30
N VAL E 351 42.44 47.61 34.36
CA VAL E 351 43.24 46.39 34.52
C VAL E 351 42.94 45.52 33.31
N ILE E 352 43.86 45.53 32.34
CA ILE E 352 43.68 44.76 31.11
C ILE E 352 44.19 43.35 31.37
N TYR E 353 43.28 42.41 31.57
CA TYR E 353 43.63 41.02 31.82
C TYR E 353 43.88 40.32 30.49
N GLU E 354 45.03 39.66 30.40
CA GLU E 354 45.40 38.90 29.21
C GLU E 354 45.65 37.46 29.62
N LEU E 355 45.09 36.53 28.85
CA LEU E 355 45.28 35.12 29.18
C LEU E 355 46.72 34.69 28.91
N ALA E 356 47.25 33.87 29.81
CA ALA E 356 48.59 33.33 29.64
C ALA E 356 48.67 32.44 28.40
N ASN E 357 47.66 31.62 28.17
CA ASN E 357 47.61 30.80 26.97
C ASN E 357 47.22 31.66 25.77
N ALA E 358 47.88 31.39 24.63
CA ALA E 358 47.58 32.12 23.40
C ALA E 358 46.19 31.79 22.86
N ASP E 359 45.62 30.66 23.27
CA ASP E 359 44.26 30.31 22.90
C ASP E 359 43.29 31.03 23.83
N ASP E 360 42.01 30.64 23.78
CA ASP E 360 41.01 31.17 24.68
C ASP E 360 40.38 30.10 25.56
N PHE E 361 40.75 28.83 25.37
CA PHE E 361 40.11 27.73 26.07
C PHE E 361 40.42 27.76 27.57
N ASP E 362 41.67 28.01 27.93
CA ASP E 362 41.99 28.22 29.32
C ASP E 362 41.41 29.53 29.81
N MET E 363 41.43 29.73 31.13
CA MET E 363 40.82 30.92 31.70
C MET E 363 41.73 31.78 32.56
N HIS E 364 42.70 31.20 33.27
CA HIS E 364 43.34 31.91 34.38
C HIS E 364 44.10 33.14 33.92
N TYR E 365 43.40 34.27 33.93
CA TYR E 365 43.87 35.53 33.38
C TYR E 365 45.00 36.11 34.23
N GLN E 366 45.81 36.96 33.60
CA GLN E 366 46.79 37.76 34.29
C GLN E 366 46.74 39.17 33.71
N SER E 367 47.07 40.15 34.54
CA SER E 367 47.04 41.55 34.13
C SER E 367 48.33 41.87 33.42
N ALA E 368 48.33 41.73 32.09
CA ALA E 368 49.53 42.04 31.32
C ALA E 368 49.79 43.54 31.27
N THR E 369 48.73 44.33 31.11
CA THR E 369 48.85 45.78 31.03
C THR E 369 47.80 46.42 31.92
N LYS E 370 48.13 47.63 32.40
CA LYS E 370 47.22 48.42 33.21
C LYS E 370 47.45 49.89 32.90
N ILE E 371 46.35 50.63 32.65
CA ILE E 371 46.45 52.07 32.67
C ILE E 371 46.84 52.52 34.06
N GLN E 372 47.95 53.26 34.15
CA GLN E 372 48.57 53.53 35.45
C GLN E 372 47.67 54.40 36.33
N GLN E 373 47.06 55.43 35.74
CA GLN E 373 46.14 56.24 36.48
C GLN E 373 44.81 55.51 36.67
N LYS E 374 44.11 55.84 37.74
CA LYS E 374 42.74 55.40 37.92
C LYS E 374 41.89 55.99 36.81
N LEU E 375 41.29 55.14 35.99
CA LEU E 375 40.57 55.62 34.82
C LEU E 375 39.35 54.74 34.60
N ASP E 376 38.23 55.36 34.28
CA ASP E 376 36.97 54.66 34.09
C ASP E 376 36.23 55.24 32.90
N CYS E 377 35.26 54.49 32.40
CA CYS E 377 34.50 54.89 31.22
C CYS E 377 33.14 54.20 31.24
N ASN E 378 32.23 54.72 30.42
CA ASN E 378 30.89 54.15 30.29
C ASN E 378 30.91 52.88 29.46
N LEU E 379 31.30 52.97 28.20
CA LEU E 379 31.40 51.83 27.30
C LEU E 379 32.87 51.51 27.10
N LEU E 380 33.34 50.48 27.79
CA LEU E 380 34.74 50.10 27.74
C LEU E 380 35.07 49.45 26.40
N VAL E 381 36.16 49.90 25.78
CA VAL E 381 36.63 49.35 24.51
C VAL E 381 38.08 48.92 24.71
N VAL E 382 38.32 47.62 24.71
CA VAL E 382 39.68 47.09 24.68
C VAL E 382 39.99 46.69 23.24
N THR E 383 41.12 47.17 22.74
CA THR E 383 41.60 46.81 21.43
C THR E 383 42.75 45.83 21.62
N SER E 384 43.51 45.61 20.54
CA SER E 384 44.79 44.92 20.71
C SER E 384 45.73 45.69 21.64
N HIS E 385 45.66 47.03 21.63
CA HIS E 385 46.59 47.81 22.42
C HIS E 385 46.02 49.07 23.08
N HIS E 386 44.72 49.32 22.98
CA HIS E 386 44.15 50.55 23.51
C HIS E 386 42.95 50.25 24.40
N VAL E 387 42.81 51.07 25.44
CA VAL E 387 41.61 51.11 26.26
C VAL E 387 40.91 52.41 25.91
N ILE E 388 39.93 52.35 25.02
CA ILE E 388 39.28 53.55 24.51
C ILE E 388 38.07 53.84 25.38
N LEU E 389 38.02 55.06 25.92
CA LEU E 389 36.91 55.49 26.76
C LEU E 389 35.81 56.03 25.86
N CYS E 390 34.63 55.42 25.93
CA CYS E 390 33.46 55.93 25.25
C CYS E 390 32.58 56.66 26.25
N GLN E 391 32.41 57.96 26.05
CA GLN E 391 31.45 58.74 26.82
C GLN E 391 30.22 58.97 25.96
N GLU E 392 29.25 59.74 26.48
CA GLU E 392 28.02 59.97 25.74
C GLU E 392 28.27 60.86 24.53
N LYS E 393 29.18 61.82 24.66
CA LYS E 393 29.64 62.63 23.53
C LYS E 393 31.13 62.49 23.30
N LYS E 394 31.93 62.59 24.35
CA LYS E 394 33.37 62.49 24.22
C LYS E 394 33.78 61.06 23.95
N LEU E 395 34.97 60.92 23.34
CA LEU E 395 35.59 59.60 23.14
C LEU E 395 37.06 59.75 23.49
N GLN E 396 37.38 59.54 24.77
CA GLN E 396 38.72 59.74 25.27
C GLN E 396 39.57 58.54 24.87
N LEU E 397 40.44 58.74 23.88
CA LEU E 397 41.35 57.68 23.48
C LEU E 397 42.39 57.46 24.55
N TYR E 398 42.55 56.21 24.99
CA TYR E 398 43.67 55.83 25.84
C TYR E 398 44.23 54.52 25.36
N ASN E 399 45.52 54.32 25.61
CA ASN E 399 46.18 53.05 25.31
C ASN E 399 45.89 52.07 26.45
N PHE E 400 46.61 50.96 26.47
CA PHE E 400 46.61 50.12 27.66
C PHE E 400 47.34 50.76 28.82
N ASP E 401 48.07 51.85 28.60
CA ASP E 401 48.89 52.45 29.65
C ASP E 401 48.32 53.75 30.21
N GLY E 402 47.46 54.45 29.48
CA GLY E 402 46.85 55.64 30.02
C GLY E 402 47.31 56.93 29.39
N VAL E 403 47.67 56.88 28.12
CA VAL E 403 48.07 58.07 27.39
C VAL E 403 46.87 58.56 26.58
N LYS E 404 46.42 59.77 26.87
CA LYS E 404 45.29 60.35 26.16
C LYS E 404 45.78 60.87 24.81
N GLU E 405 45.90 59.93 23.86
CA GLU E 405 46.44 60.28 22.55
C GLU E 405 45.46 61.13 21.75
N ARG E 406 44.17 60.89 21.90
CA ARG E 406 43.14 61.61 21.16
C ARG E 406 41.90 61.76 22.02
N GLU E 407 41.01 62.64 21.58
CA GLU E 407 39.69 62.77 22.18
C GLU E 407 38.71 63.17 21.09
N TRP E 408 37.54 62.54 21.08
CA TRP E 408 36.54 62.74 20.05
C TRP E 408 35.20 63.11 20.71
N VAL E 409 34.97 64.42 20.88
CA VAL E 409 33.70 64.91 21.39
C VAL E 409 32.70 64.80 20.24
N LEU E 410 31.86 63.76 20.27
CA LEU E 410 30.95 63.53 19.17
C LEU E 410 29.75 64.46 19.25
N ASP E 411 28.95 64.45 18.17
CA ASP E 411 27.83 65.37 18.06
C ASP E 411 26.68 64.98 18.98
N SER E 412 26.32 63.71 19.03
CA SER E 412 25.11 63.27 19.69
C SER E 412 25.42 62.30 20.84
N VAL E 413 24.37 61.80 21.46
CA VAL E 413 24.49 60.87 22.58
C VAL E 413 24.73 59.48 22.03
N ILE E 414 25.79 58.83 22.51
CA ILE E 414 26.12 57.48 22.08
C ILE E 414 25.30 56.49 22.90
N ARG E 415 24.54 55.63 22.21
CA ARG E 415 23.80 54.57 22.87
C ARG E 415 24.34 53.17 22.61
N TYR E 416 25.08 52.98 21.51
CA TYR E 416 25.71 51.70 21.23
C TYR E 416 27.06 51.93 20.58
N ILE E 417 27.96 50.96 20.76
CA ILE E 417 29.29 51.01 20.18
C ILE E 417 29.85 49.60 20.18
N LYS E 418 30.82 49.35 19.29
CA LYS E 418 31.49 48.05 19.21
C LYS E 418 32.81 48.26 18.47
N VAL E 419 33.57 47.17 18.32
CA VAL E 419 34.84 47.17 17.62
C VAL E 419 34.65 46.51 16.27
N VAL E 420 35.01 47.21 15.20
CA VAL E 420 34.84 46.68 13.84
C VAL E 420 35.84 45.60 13.50
N GLY E 421 36.93 45.47 14.26
CA GLY E 421 37.94 44.49 13.96
C GLY E 421 39.02 45.05 13.06
N GLY E 422 40.24 45.17 13.59
CA GLY E 422 41.33 45.74 12.84
C GLY E 422 42.66 45.49 13.51
N PRO E 423 43.75 45.90 12.86
CA PRO E 423 45.10 45.68 13.40
C PRO E 423 45.31 46.46 14.69
N PRO E 424 46.37 46.14 15.45
CA PRO E 424 46.66 46.89 16.68
C PRO E 424 46.82 48.38 16.42
N ARG E 425 46.34 49.18 17.37
CA ARG E 425 46.27 50.65 17.29
C ARG E 425 45.44 51.12 16.10
N ARG E 426 44.55 50.27 15.58
CA ARG E 426 43.71 50.61 14.44
C ARG E 426 42.28 50.14 14.59
N GLU E 427 41.88 49.64 15.76
CA GLU E 427 40.54 49.14 15.95
C GLU E 427 39.54 50.28 15.98
N GLY E 428 38.30 49.96 15.62
CA GLY E 428 37.29 50.99 15.43
C GLY E 428 36.31 51.18 16.57
N LEU E 429 35.59 52.29 16.51
CA LEU E 429 34.51 52.62 17.44
C LEU E 429 33.29 52.92 16.58
N LEU E 430 32.53 51.88 16.24
CA LEU E 430 31.40 52.07 15.34
C LEU E 430 30.23 52.55 16.18
N VAL E 431 30.09 53.87 16.25
CA VAL E 431 29.21 54.51 17.22
C VAL E 431 27.76 54.38 16.78
N GLY E 432 26.92 53.81 17.64
CA GLY E 432 25.49 53.85 17.43
C GLY E 432 24.85 54.94 18.28
N LEU E 433 24.56 56.07 17.67
CA LEU E 433 24.12 57.25 18.41
C LEU E 433 22.66 57.12 18.84
N LYS E 434 22.30 57.88 19.87
CA LYS E 434 20.90 58.05 20.21
C LYS E 434 20.16 58.85 19.13
N SER E 435 20.88 59.71 18.41
CA SER E 435 20.31 60.34 17.22
C SER E 435 20.08 59.33 16.11
N GLY E 436 20.82 58.22 16.13
CA GLY E 436 20.69 57.18 15.13
C GLY E 436 21.78 57.20 14.08
N ALA E 437 22.50 58.31 13.94
CA ALA E 437 23.60 58.37 13.00
C ALA E 437 24.73 57.44 13.45
N ILE E 438 25.26 56.65 12.53
CA ILE E 438 26.39 55.79 12.84
C ILE E 438 27.67 56.45 12.37
N LEU E 439 28.59 56.66 13.30
CA LEU E 439 29.88 57.29 13.03
C LEU E 439 31.00 56.28 13.20
N LYS E 440 32.01 56.36 12.33
CA LYS E 440 33.13 55.42 12.32
C LYS E 440 34.38 56.14 12.77
N ILE E 441 34.85 55.82 13.98
CA ILE E 441 36.08 56.38 14.53
C ILE E 441 37.01 55.23 14.90
N PHE E 442 38.24 55.30 14.43
CA PHE E 442 39.24 54.29 14.75
C PHE E 442 40.14 54.82 15.85
N VAL E 443 41.21 54.08 16.16
CA VAL E 443 42.12 54.51 17.22
C VAL E 443 42.85 55.78 16.80
N ASP E 444 43.37 55.83 15.59
CA ASP E 444 44.20 56.94 15.16
C ASP E 444 43.53 57.87 14.15
N ASN E 445 42.23 57.70 13.89
CA ASN E 445 41.53 58.60 13.00
C ASN E 445 40.91 59.73 13.81
N PRO E 446 41.27 60.99 13.55
CA PRO E 446 40.76 62.10 14.36
C PRO E 446 39.34 62.52 14.04
N PHE E 447 38.75 62.02 12.96
CA PHE E 447 37.42 62.46 12.56
C PHE E 447 36.53 61.26 12.28
N PRO E 448 35.25 61.36 12.63
CA PRO E 448 34.30 60.32 12.25
C PRO E 448 33.91 60.39 10.79
N ILE E 449 33.62 59.22 10.23
CA ILE E 449 33.02 59.10 8.91
C ILE E 449 31.56 58.67 9.11
N PRO E 450 30.58 59.54 8.85
CA PRO E 450 29.18 59.17 9.09
C PRO E 450 28.70 58.13 8.08
N LEU E 451 28.55 56.89 8.54
CA LEU E 451 28.20 55.80 7.65
C LEU E 451 26.72 55.79 7.33
N ILE E 452 25.87 55.68 8.34
CA ILE E 452 24.45 55.52 8.15
C ILE E 452 23.70 56.42 9.12
N LYS E 453 22.75 57.19 8.60
CA LYS E 453 21.75 57.84 9.43
C LYS E 453 20.60 56.86 9.58
N HIS E 454 20.70 55.99 10.57
CA HIS E 454 19.63 55.04 10.86
C HIS E 454 18.40 55.79 11.35
N THR E 455 17.22 55.26 10.98
CA THR E 455 15.97 56.00 11.14
C THR E 455 15.67 56.32 12.61
N ALA E 456 15.85 55.36 13.49
CA ALA E 456 15.59 55.55 14.91
C ALA E 456 16.92 55.53 15.67
N SER E 457 16.83 55.59 16.99
CA SER E 457 18.01 55.46 17.83
C SER E 457 18.60 54.06 17.70
N VAL E 458 19.91 53.97 17.90
CA VAL E 458 20.64 52.72 17.71
C VAL E 458 20.94 52.14 19.08
N ARG E 459 20.46 50.92 19.32
CA ARG E 459 20.88 50.15 20.49
C ARG E 459 21.58 48.86 20.14
N CYS E 460 21.37 48.32 18.94
CA CYS E 460 22.03 47.08 18.53
C CYS E 460 22.35 47.17 17.05
N LEU E 461 23.63 47.32 16.73
CA LEU E 461 24.12 47.29 15.36
C LEU E 461 25.15 46.18 15.21
N ASP E 462 25.54 45.92 13.98
CA ASP E 462 26.63 45.00 13.68
C ASP E 462 27.14 45.29 12.27
N LEU E 463 28.32 44.76 11.97
CA LEU E 463 28.90 44.89 10.64
C LEU E 463 29.28 43.51 10.11
N SER E 464 29.29 43.40 8.78
CA SER E 464 29.51 42.13 8.11
C SER E 464 31.00 41.79 8.06
N ALA E 465 31.35 40.79 7.23
CA ALA E 465 32.73 40.35 7.12
C ALA E 465 33.64 41.44 6.58
N SER E 466 33.19 42.15 5.54
CA SER E 466 33.95 43.23 4.94
C SER E 466 33.69 44.57 5.61
N ARG E 467 33.04 44.56 6.79
CA ARG E 467 32.70 45.76 7.54
C ARG E 467 31.84 46.72 6.71
N ASN E 468 30.90 46.16 5.93
CA ASN E 468 30.15 46.98 4.99
C ASN E 468 28.67 46.63 4.90
N LYS E 469 28.09 45.97 5.91
CA LYS E 469 26.64 45.77 5.99
C LYS E 469 26.21 46.05 7.42
N LEU E 470 25.47 47.13 7.61
CA LEU E 470 25.17 47.65 8.95
C LEU E 470 23.71 47.37 9.26
N ALA E 471 23.43 46.19 9.79
CA ALA E 471 22.10 45.88 10.28
C ALA E 471 21.93 46.55 11.63
N VAL E 472 20.94 47.43 11.74
CA VAL E 472 20.73 48.23 12.93
C VAL E 472 19.41 47.82 13.55
N VAL E 473 19.46 47.36 14.79
CA VAL E 473 18.25 47.21 15.60
C VAL E 473 18.02 48.50 16.37
N ASP E 474 16.87 49.09 16.15
CA ASP E 474 16.45 50.31 16.81
C ASP E 474 15.94 50.00 18.22
N GLU E 475 15.55 51.07 18.92
CA GLU E 475 14.82 50.91 20.17
C GLU E 475 13.44 50.30 19.95
N ASN E 476 12.96 50.29 18.72
CA ASN E 476 11.68 49.68 18.35
C ASN E 476 11.77 48.18 18.18
N ALA E 477 12.95 47.59 18.37
CA ALA E 477 13.20 46.15 18.28
C ALA E 477 12.84 45.61 16.90
N LYS E 478 13.57 46.09 15.89
CA LYS E 478 13.49 45.56 14.55
C LYS E 478 14.82 45.81 13.86
N VAL E 479 15.22 44.87 13.01
CA VAL E 479 16.51 44.98 12.34
C VAL E 479 16.36 45.88 11.12
N LEU E 480 17.23 46.87 11.01
CA LEU E 480 17.27 47.76 9.86
C LEU E 480 18.62 47.53 9.20
N VAL E 481 18.63 46.71 8.16
CA VAL E 481 19.89 46.37 7.48
C VAL E 481 20.28 47.51 6.57
N TYR E 482 21.45 48.08 6.83
CA TYR E 482 22.02 49.12 5.98
C TYR E 482 23.29 48.56 5.36
N ASN E 483 23.17 48.03 4.16
CA ASN E 483 24.35 47.69 3.37
C ASN E 483 25.16 48.96 3.12
N LEU E 484 26.36 49.03 3.69
CA LEU E 484 27.21 50.20 3.50
C LEU E 484 27.69 50.33 2.06
N ILE E 485 27.63 49.26 1.28
CA ILE E 485 27.83 49.38 -0.16
C ILE E 485 26.68 50.17 -0.77
N THR E 486 25.46 49.98 -0.26
CA THR E 486 24.30 50.73 -0.70
C THR E 486 24.05 52.00 0.11
N LYS E 487 24.53 52.02 1.37
CA LYS E 487 24.37 53.16 2.29
C LYS E 487 22.89 53.51 2.49
N GLU E 488 22.04 52.49 2.52
CA GLU E 488 20.61 52.72 2.66
C GLU E 488 19.97 51.47 3.25
N LEU E 489 18.69 51.58 3.55
CA LEU E 489 17.94 50.48 4.11
C LEU E 489 17.67 49.41 3.06
N VAL E 490 18.58 48.47 2.91
CA VAL E 490 18.41 47.41 1.92
C VAL E 490 17.50 46.29 2.43
N PHE E 491 17.37 46.15 3.74
CA PHE E 491 16.52 45.12 4.32
C PHE E 491 16.04 45.61 5.68
N GLU E 492 14.81 45.29 6.01
CA GLU E 492 14.27 45.65 7.32
C GLU E 492 13.27 44.59 7.75
N GLU E 493 13.39 44.11 8.99
CA GLU E 493 12.49 43.09 9.49
C GLU E 493 12.28 43.28 10.98
N SER E 494 11.17 42.75 11.47
CA SER E 494 10.82 42.78 12.88
C SER E 494 11.41 41.54 13.56
N ASN E 495 10.93 41.26 14.78
CA ASN E 495 11.37 40.11 15.58
C ASN E 495 12.87 40.15 15.84
N ALA E 496 13.39 41.36 16.04
CA ALA E 496 14.83 41.59 16.15
C ALA E 496 15.08 42.47 17.36
N ASN E 497 15.30 41.85 18.51
CA ASN E 497 15.79 42.63 19.64
C ASN E 497 17.24 43.03 19.49
N SER E 498 17.97 42.37 18.60
CA SER E 498 19.37 42.62 18.31
C SER E 498 19.75 41.79 17.09
N VAL E 499 20.71 42.28 16.33
CA VAL E 499 21.15 41.60 15.11
C VAL E 499 22.67 41.52 15.12
N ALA E 500 23.20 40.38 14.66
CA ALA E 500 24.64 40.20 14.49
C ALA E 500 24.90 39.58 13.13
N TRP E 501 25.94 40.08 12.45
CA TRP E 501 26.31 39.60 11.13
C TRP E 501 27.25 38.41 11.25
N ASN E 502 27.86 38.03 10.14
CA ASN E 502 28.80 36.93 10.07
C ASN E 502 30.18 37.46 9.66
N SER E 503 31.21 36.68 10.01
CA SER E 503 32.59 37.01 9.68
C SER E 503 33.05 36.38 8.36
N GLU E 504 32.19 35.61 7.69
CA GLU E 504 32.55 34.99 6.43
C GLU E 504 31.47 35.07 5.36
N PHE E 505 30.23 35.41 5.71
CA PHE E 505 29.11 35.43 4.79
C PHE E 505 28.46 36.80 4.83
N GLU E 506 28.05 37.30 3.66
CA GLU E 506 27.67 38.71 3.54
C GLU E 506 26.31 39.00 4.18
N ASP E 507 25.24 38.39 3.66
CA ASP E 507 23.90 38.66 4.18
C ASP E 507 23.48 37.63 5.23
N MET E 508 24.43 37.12 5.99
CA MET E 508 24.19 36.14 7.05
C MET E 508 23.94 36.90 8.34
N PHE E 509 22.69 37.32 8.56
CA PHE E 509 22.34 37.98 9.81
C PHE E 509 21.14 37.29 10.42
N CYS E 510 21.28 36.93 11.69
CA CYS E 510 20.20 36.40 12.49
C CYS E 510 19.76 37.48 13.47
N TYR E 511 18.58 37.27 14.05
CA TYR E 511 18.08 38.20 15.05
C TYR E 511 17.01 37.49 15.87
N SER E 512 17.28 37.32 17.16
CA SER E 512 16.35 36.73 18.09
C SER E 512 15.62 37.85 18.84
N GLY E 513 14.93 37.49 19.90
CA GLY E 513 14.15 38.46 20.62
C GLY E 513 12.68 38.37 20.28
N ASN E 514 11.84 38.77 21.23
CA ASN E 514 10.38 38.72 21.12
C ASN E 514 9.87 37.30 20.89
N GLY E 515 10.62 36.31 21.36
CA GLY E 515 10.24 34.92 21.17
C GLY E 515 10.40 34.39 19.76
N MET E 516 10.95 35.17 18.84
CA MET E 516 11.06 34.79 17.44
C MET E 516 12.50 34.96 17.00
N LEU E 517 13.04 33.93 16.36
CA LEU E 517 14.39 33.95 15.81
C LEU E 517 14.24 33.80 14.30
N SER E 518 14.09 34.92 13.61
CA SER E 518 13.98 34.94 12.17
C SER E 518 15.37 35.23 11.59
N ILE E 519 15.82 34.39 10.68
CA ILE E 519 17.17 34.46 10.15
C ILE E 519 17.07 34.58 8.64
N LYS E 520 17.30 35.78 8.12
CA LYS E 520 17.41 35.98 6.68
C LYS E 520 18.77 35.46 6.27
N THR E 521 18.82 34.21 5.82
CA THR E 521 20.07 33.55 5.47
C THR E 521 20.43 33.94 4.05
N GLY E 522 21.36 34.88 3.91
CA GLY E 522 21.84 35.28 2.61
C GLY E 522 20.77 35.97 1.79
N ASP E 523 20.97 35.95 0.47
CA ASP E 523 19.97 36.46 -0.46
C ASP E 523 18.68 35.65 -0.39
N PHE E 524 18.79 34.35 -0.19
CA PHE E 524 17.65 33.46 -0.17
C PHE E 524 16.80 33.72 1.08
N PRO E 525 15.48 33.37 1.04
CA PRO E 525 14.57 33.88 2.07
C PRO E 525 14.80 33.41 3.49
N LEU E 526 13.91 33.86 4.36
CA LEU E 526 14.07 33.78 5.80
C LEU E 526 14.09 32.34 6.29
N HIS E 527 14.83 32.13 7.38
CA HIS E 527 14.80 30.87 8.11
C HIS E 527 14.04 31.08 9.42
N GLN E 528 13.29 30.06 9.82
CA GLN E 528 12.36 30.18 10.94
C GLN E 528 12.93 29.48 12.18
N GLN E 529 12.89 30.19 13.31
CA GLN E 529 13.31 29.66 14.59
C GLN E 529 12.67 30.52 15.67
N LYS E 530 12.71 30.03 16.91
CA LYS E 530 12.09 30.71 18.04
C LYS E 530 13.16 30.98 19.10
N LEU E 531 13.34 32.26 19.46
CA LEU E 531 14.27 32.63 20.51
C LEU E 531 13.96 34.04 21.01
N GLN E 532 14.11 34.23 22.32
CA GLN E 532 14.01 35.54 22.96
C GLN E 532 15.41 36.17 23.01
N GLY E 533 15.56 37.20 23.82
CA GLY E 533 16.88 37.68 24.19
C GLY E 533 17.58 38.53 23.14
N PHE E 534 18.83 38.86 23.44
CA PHE E 534 19.65 39.72 22.59
C PHE E 534 20.78 38.92 21.98
N VAL E 535 20.84 38.88 20.65
CA VAL E 535 21.98 38.31 19.94
C VAL E 535 23.10 39.33 19.93
N VAL E 536 24.21 39.01 20.58
CA VAL E 536 25.42 39.83 20.51
C VAL E 536 26.53 39.15 19.75
N GLY E 537 26.26 38.01 19.11
CA GLY E 537 27.23 37.31 18.30
C GLY E 537 26.59 36.30 17.38
N PHE E 538 27.08 36.23 16.13
CA PHE E 538 26.55 35.31 15.13
C PHE E 538 27.74 34.76 14.33
N LYS E 539 28.22 33.59 14.72
CA LYS E 539 29.35 32.97 14.01
C LYS E 539 28.84 32.03 12.91
N GLY E 540 28.01 32.59 12.04
CA GLY E 540 27.43 31.83 10.93
C GLY E 540 26.20 31.03 11.26
N SER E 541 26.25 30.26 12.35
CA SER E 541 25.12 29.41 12.72
C SER E 541 24.88 29.37 14.22
N LYS E 542 25.58 30.16 15.01
CA LYS E 542 25.51 30.10 16.47
C LYS E 542 25.17 31.47 17.04
N ILE E 543 24.46 31.47 18.17
CA ILE E 543 24.06 32.68 18.86
C ILE E 543 24.49 32.59 20.31
N PHE E 544 25.14 33.64 20.80
CA PHE E 544 25.42 33.82 22.23
C PHE E 544 24.42 34.84 22.73
N CYS E 545 23.23 34.37 23.10
CA CYS E 545 22.06 35.23 23.26
C CYS E 545 22.00 35.80 24.67
N LEU E 546 21.94 37.12 24.78
CA LEU E 546 21.79 37.78 26.07
C LEU E 546 20.36 37.60 26.54
N HIS E 547 20.16 36.65 27.46
CA HIS E 547 18.87 36.51 28.11
C HIS E 547 18.82 37.31 29.42
N TYR E 548 19.25 38.57 29.29
CA TYR E 548 19.05 39.66 30.25
C TYR E 548 19.87 39.51 31.53
N VAL E 549 20.48 38.36 31.78
CA VAL E 549 21.39 38.22 32.89
C VAL E 549 22.62 37.43 32.46
N SER E 550 22.52 36.72 31.34
CA SER E 550 23.54 35.76 30.96
C SER E 550 23.44 35.46 29.48
N MET E 551 24.48 34.83 28.95
CA MET E 551 24.46 34.34 27.57
C MET E 551 23.77 32.99 27.53
N GLN E 552 22.95 32.79 26.51
CA GLN E 552 22.34 31.50 26.22
C GLN E 552 22.72 31.10 24.81
N THR E 553 23.26 29.88 24.67
CA THR E 553 23.79 29.41 23.39
C THR E 553 22.70 28.63 22.66
N ILE E 554 22.18 29.19 21.57
CA ILE E 554 21.17 28.57 20.74
C ILE E 554 21.62 28.62 19.29
N ASP E 555 21.63 27.48 18.62
CA ASP E 555 22.12 27.40 17.26
C ASP E 555 21.08 27.91 16.27
N VAL E 556 21.57 28.32 15.10
CA VAL E 556 20.74 28.71 13.98
C VAL E 556 21.04 27.76 12.82
N PRO E 557 20.10 26.92 12.40
CA PRO E 557 20.31 26.17 11.15
C PRO E 557 19.92 26.99 9.95
N GLN E 558 20.53 26.64 8.81
CA GLN E 558 20.17 27.24 7.53
C GLN E 558 19.33 26.28 6.70
N SER E 559 18.65 25.34 7.35
CA SER E 559 18.02 24.22 6.67
C SER E 559 16.88 24.65 5.76
N ALA E 560 16.06 25.61 6.21
CA ALA E 560 15.02 26.14 5.33
C ALA E 560 15.63 26.86 4.15
N SER E 561 16.64 27.69 4.40
CA SER E 561 17.38 28.31 3.30
C SER E 561 18.17 27.28 2.52
N MET E 562 18.57 26.18 3.16
CA MET E 562 19.20 25.08 2.43
C MET E 562 18.26 24.47 1.40
N TYR E 563 17.00 24.27 1.79
CA TYR E 563 16.00 23.77 0.86
C TYR E 563 15.74 24.79 -0.24
N ARG E 564 15.73 26.07 0.13
CA ARG E 564 15.59 27.13 -0.86
C ARG E 564 16.75 27.10 -1.86
N TYR E 565 17.97 26.91 -1.37
CA TYR E 565 19.15 26.81 -2.22
C TYR E 565 19.03 25.63 -3.16
N LEU E 566 18.73 24.45 -2.62
CA LEU E 566 18.77 23.22 -3.41
C LEU E 566 17.64 23.17 -4.43
N GLU E 567 16.41 23.47 -3.99
CA GLU E 567 15.25 23.27 -4.85
C GLU E 567 15.12 24.33 -5.94
N ARG E 568 15.93 25.39 -5.90
CA ARG E 568 15.98 26.36 -6.98
C ARG E 568 17.14 26.09 -7.94
N LYS E 569 17.68 24.88 -7.91
CA LYS E 569 18.87 24.49 -8.70
C LYS E 569 20.06 25.40 -8.43
N ASP E 570 20.15 25.93 -7.21
CA ASP E 570 21.29 26.72 -6.77
C ASP E 570 22.22 25.91 -5.90
N PHE E 571 22.45 24.65 -6.29
CA PHE E 571 23.32 23.77 -5.52
C PHE E 571 24.79 24.16 -5.63
N GLU E 572 25.14 25.22 -6.35
CA GLU E 572 26.44 25.85 -6.18
C GLU E 572 26.48 26.67 -4.90
N SER E 573 25.47 27.53 -4.70
CA SER E 573 25.35 28.24 -3.42
C SER E 573 25.05 27.28 -2.29
N ALA E 574 24.26 26.24 -2.55
CA ALA E 574 24.04 25.21 -1.55
C ALA E 574 25.32 24.41 -1.29
N TYR E 575 26.17 24.24 -2.30
CA TYR E 575 27.48 23.66 -2.10
C TYR E 575 28.35 24.56 -1.22
N ARG E 576 28.25 25.86 -1.43
CA ARG E 576 29.00 26.83 -0.61
C ARG E 576 28.54 26.78 0.84
N VAL E 577 27.23 26.73 1.08
CA VAL E 577 26.75 26.64 2.45
C VAL E 577 26.95 25.23 3.00
N ALA E 578 27.13 24.23 2.14
CA ALA E 578 27.58 22.93 2.60
C ALA E 578 29.04 22.97 3.04
N CYS E 579 29.86 23.78 2.37
CA CYS E 579 31.21 24.05 2.85
C CYS E 579 31.19 24.86 4.14
N LEU E 580 30.20 25.75 4.29
CA LEU E 580 29.92 26.35 5.59
C LEU E 580 29.56 25.29 6.62
N GLY E 581 28.93 24.20 6.18
CA GLY E 581 28.62 23.07 7.03
C GLY E 581 27.14 22.86 7.25
N VAL E 582 26.56 21.93 6.48
CA VAL E 582 25.18 21.48 6.65
C VAL E 582 25.16 19.95 6.56
N THR E 583 23.96 19.38 6.60
CA THR E 583 23.81 17.94 6.56
C THR E 583 24.19 17.38 5.19
N GLU E 584 24.58 16.10 5.19
CA GLU E 584 24.96 15.42 3.95
C GLU E 584 23.76 15.12 3.06
N ALA E 585 22.54 15.24 3.57
CA ALA E 585 21.36 15.17 2.71
C ALA E 585 21.35 16.31 1.72
N ASP E 586 21.78 17.50 2.14
CA ASP E 586 21.93 18.60 1.20
C ASP E 586 23.03 18.33 0.18
N TRP E 587 24.10 17.63 0.60
CA TRP E 587 25.15 17.22 -0.33
C TRP E 587 24.61 16.26 -1.39
N LYS E 588 23.84 15.27 -0.96
CA LYS E 588 23.18 14.36 -1.89
C LYS E 588 22.21 15.11 -2.79
N GLN E 589 21.55 16.13 -2.26
CA GLN E 589 20.68 16.96 -3.08
C GLN E 589 21.46 17.71 -4.15
N LEU E 590 22.66 18.20 -3.81
CA LEU E 590 23.52 18.86 -4.82
C LEU E 590 23.87 17.84 -5.90
N ALA E 591 24.28 16.63 -5.49
CA ALA E 591 24.74 15.62 -6.43
C ALA E 591 23.61 15.10 -7.30
N LEU E 592 22.39 15.04 -6.78
CA LEU E 592 21.26 14.51 -7.52
C LEU E 592 20.60 15.55 -8.41
N GLU E 593 20.48 16.80 -7.93
CA GLU E 593 20.03 17.89 -8.79
C GLU E 593 21.01 18.16 -9.91
N ALA E 594 22.30 17.84 -9.70
CA ALA E 594 23.25 17.86 -10.80
C ALA E 594 23.23 16.57 -11.61
N LEU E 595 22.78 15.46 -11.03
CA LEU E 595 22.74 14.20 -11.76
C LEU E 595 21.56 14.16 -12.73
N GLN E 596 20.35 14.30 -12.22
CA GLN E 596 19.16 14.12 -13.04
C GLN E 596 19.00 15.22 -14.07
N ALA E 597 19.41 16.44 -13.75
CA ALA E 597 19.40 17.53 -14.72
C ALA E 597 20.58 17.47 -15.68
N LEU E 598 21.42 16.44 -15.56
CA LEU E 598 22.61 16.23 -16.38
C LEU E 598 23.58 17.40 -16.25
N ASN E 599 23.61 18.02 -15.07
CA ASN E 599 24.67 18.97 -14.72
C ASN E 599 25.81 18.21 -14.06
N LEU E 600 26.31 17.22 -14.79
CA LEU E 600 27.11 16.13 -14.25
C LEU E 600 28.54 16.53 -13.95
N GLU E 601 28.82 17.83 -13.83
CA GLU E 601 30.09 18.33 -13.36
C GLU E 601 30.07 18.63 -11.86
N VAL E 602 29.00 19.25 -11.37
CA VAL E 602 28.84 19.47 -9.94
C VAL E 602 28.49 18.16 -9.23
N ALA E 603 27.85 17.24 -9.96
CA ALA E 603 27.49 15.95 -9.39
C ALA E 603 28.72 15.15 -8.98
N ARG E 604 29.80 15.23 -9.76
CA ARG E 604 31.03 14.51 -9.41
C ARG E 604 31.61 15.01 -8.10
N LYS E 605 31.68 16.33 -7.92
CA LYS E 605 32.25 16.88 -6.69
C LYS E 605 31.33 16.64 -5.49
N ALA E 606 30.02 16.76 -5.69
CA ALA E 606 29.11 16.56 -4.58
C ALA E 606 28.97 15.09 -4.20
N PHE E 607 29.17 14.18 -5.16
CA PHE E 607 29.19 12.76 -4.84
C PHE E 607 30.51 12.32 -4.24
N ILE E 608 31.63 12.89 -4.70
CA ILE E 608 32.94 12.42 -4.26
C ILE E 608 33.24 12.86 -2.83
N ARG E 609 32.62 13.94 -2.35
CA ARG E 609 32.78 14.30 -0.94
C ARG E 609 32.03 13.35 -0.03
N ILE E 610 31.04 12.63 -0.57
CA ILE E 610 30.42 11.52 0.16
C ILE E 610 31.12 10.21 -0.18
N ARG E 611 32.07 10.22 -1.13
CA ARG E 611 32.80 9.04 -1.60
C ARG E 611 31.85 7.96 -2.11
N ASP E 612 30.91 8.38 -2.96
CA ASP E 612 29.97 7.47 -3.61
C ASP E 612 30.49 7.22 -5.02
N VAL E 613 31.40 6.27 -5.14
CA VAL E 613 32.18 6.10 -6.38
C VAL E 613 31.30 5.56 -7.51
N ARG E 614 30.31 4.71 -7.18
CA ARG E 614 29.40 4.19 -8.21
C ARG E 614 28.55 5.31 -8.82
N PHE E 615 28.06 6.23 -7.98
CA PHE E 615 27.35 7.39 -8.51
C PHE E 615 28.27 8.28 -9.33
N VAL E 616 29.53 8.39 -8.91
CA VAL E 616 30.52 9.09 -9.71
C VAL E 616 30.69 8.42 -11.08
N GLU E 617 30.61 7.09 -11.11
CA GLU E 617 30.72 6.36 -12.37
C GLU E 617 29.52 6.61 -13.28
N LEU E 618 28.30 6.59 -12.71
CA LEU E 618 27.11 6.94 -13.49
C LEU E 618 27.19 8.36 -14.03
N VAL E 619 27.58 9.30 -13.16
CA VAL E 619 27.70 10.70 -13.55
C VAL E 619 28.75 10.88 -14.63
N ASN E 620 29.87 10.15 -14.51
CA ASN E 620 30.93 10.21 -15.51
C ASN E 620 30.48 9.62 -16.85
N ARG E 621 29.75 8.50 -16.82
CA ARG E 621 29.29 7.88 -18.06
C ARG E 621 28.35 8.82 -18.81
N THR E 622 27.33 9.32 -18.12
CA THR E 622 26.39 10.20 -18.80
C THR E 622 26.95 11.59 -19.06
N GLU E 623 28.01 11.98 -18.33
CA GLU E 623 28.71 13.21 -18.61
C GLU E 623 29.58 13.10 -19.85
N ALA E 624 30.25 11.96 -20.02
CA ALA E 624 30.96 11.70 -21.27
C ALA E 624 29.99 11.59 -22.43
N GLY E 625 28.78 11.10 -22.18
CA GLY E 625 27.74 11.18 -23.19
C GLY E 625 27.34 12.61 -23.52
N ARG E 626 27.14 13.45 -22.50
CA ARG E 626 26.68 14.81 -22.71
C ARG E 626 27.77 15.72 -23.24
N LYS E 627 29.03 15.33 -23.14
CA LYS E 627 30.13 16.06 -23.73
C LYS E 627 30.37 15.66 -25.18
N ALA E 628 29.59 14.73 -25.72
CA ALA E 628 29.76 14.25 -27.08
C ALA E 628 28.42 14.16 -27.80
N GLY E 629 27.55 15.15 -27.55
CA GLY E 629 26.25 15.15 -28.19
C GLY E 629 25.38 14.02 -27.67
N THR E 630 24.85 13.23 -28.61
CA THR E 630 24.11 11.99 -28.33
C THR E 630 22.92 12.27 -27.40
N SER E 631 21.95 13.00 -27.96
CA SER E 631 20.95 13.84 -27.28
C SER E 631 20.48 13.34 -25.91
N GLU E 632 20.46 14.25 -24.94
CA GLU E 632 20.48 13.93 -23.51
C GLU E 632 19.29 13.10 -23.04
N GLN E 633 18.24 12.95 -23.85
CA GLN E 633 17.22 11.95 -23.53
C GLN E 633 17.82 10.55 -23.59
N LEU E 634 18.74 10.30 -24.52
CA LEU E 634 19.51 9.06 -24.48
C LEU E 634 20.35 9.00 -23.22
N LEU E 635 20.92 10.13 -22.80
CA LEU E 635 21.81 10.12 -21.65
C LEU E 635 21.05 10.11 -20.34
N LEU E 636 19.91 10.80 -20.27
CA LEU E 636 19.03 10.62 -19.12
C LEU E 636 18.50 9.19 -19.06
N ALA E 637 18.18 8.63 -20.22
CA ALA E 637 17.82 7.22 -20.32
C ALA E 637 18.94 6.33 -19.82
N GLU E 638 20.19 6.70 -20.09
CA GLU E 638 21.31 5.98 -19.50
C GLU E 638 21.40 6.19 -18.00
N ILE E 639 21.00 7.38 -17.52
CA ILE E 639 21.04 7.65 -16.08
C ILE E 639 20.13 6.69 -15.34
N MET E 640 18.90 6.52 -15.84
CA MET E 640 17.95 5.57 -15.21
C MET E 640 18.22 4.14 -15.71
N ALA E 641 19.00 3.99 -16.79
CA ALA E 641 19.24 2.69 -17.36
C ALA E 641 20.38 1.97 -16.66
N PHE E 642 21.26 2.73 -16.00
CA PHE E 642 22.20 2.11 -15.08
C PHE E 642 21.71 2.19 -13.63
N GLN E 643 20.57 2.85 -13.39
CA GLN E 643 20.00 2.92 -12.05
C GLN E 643 19.01 1.80 -11.78
N GLY E 644 18.07 1.54 -12.71
CA GLY E 644 17.20 0.39 -12.53
C GLY E 644 15.76 0.48 -13.01
N ARG E 645 15.29 1.65 -13.44
CA ARG E 645 13.93 1.79 -13.94
C ARG E 645 14.00 1.98 -15.46
N TYR E 646 13.33 1.09 -16.19
CA TYR E 646 13.57 1.01 -17.63
C TYR E 646 12.37 1.41 -18.46
N GLN E 647 11.25 1.73 -17.83
CA GLN E 647 10.15 2.32 -18.60
C GLN E 647 10.56 3.68 -19.14
N GLU E 648 11.15 4.54 -18.31
CA GLU E 648 11.57 5.83 -18.84
C GLU E 648 12.89 5.74 -19.59
N ALA E 649 13.76 4.80 -19.23
CA ALA E 649 14.98 4.58 -19.99
C ALA E 649 14.66 4.09 -21.40
N ALA E 650 13.65 3.24 -21.52
CA ALA E 650 13.20 2.76 -22.83
C ALA E 650 12.36 3.80 -23.56
N ARG E 651 11.54 4.58 -22.83
CA ARG E 651 10.73 5.60 -23.45
C ARG E 651 11.54 6.79 -23.92
N LEU E 652 12.72 7.01 -23.34
CA LEU E 652 13.68 7.95 -23.88
C LEU E 652 14.61 7.29 -24.89
N PHE E 653 14.65 5.96 -24.93
CA PHE E 653 15.24 5.21 -26.03
C PHE E 653 14.27 5.01 -27.18
N THR E 654 13.07 5.60 -27.10
CA THR E 654 12.14 5.54 -28.22
C THR E 654 12.70 6.27 -29.43
N GLN E 655 13.14 7.51 -29.25
CA GLN E 655 13.64 8.32 -30.35
C GLN E 655 15.15 8.41 -30.38
N ALA E 656 15.81 8.31 -29.22
CA ALA E 656 17.27 8.31 -29.14
C ALA E 656 17.66 7.10 -28.31
N GLY E 657 17.86 5.97 -28.96
CA GLY E 657 18.28 4.75 -28.31
C GLY E 657 17.52 3.57 -28.84
N ALA E 658 17.67 2.44 -28.14
CA ALA E 658 17.07 1.18 -28.56
C ALA E 658 16.28 0.57 -27.42
N VAL E 659 15.06 0.12 -27.73
CA VAL E 659 14.19 -0.51 -26.77
C VAL E 659 14.19 -2.03 -26.90
N ASP E 660 14.82 -2.57 -27.95
CA ASP E 660 15.11 -4.00 -27.99
C ASP E 660 16.07 -4.40 -26.87
N ARG E 661 16.86 -3.45 -26.38
CA ARG E 661 17.57 -3.58 -25.11
C ARG E 661 16.62 -4.07 -24.03
N ALA E 662 15.42 -3.49 -23.95
CA ALA E 662 14.46 -3.91 -22.95
C ALA E 662 13.97 -5.33 -23.21
N MET E 663 13.83 -5.72 -24.47
CA MET E 663 13.38 -7.09 -24.77
C MET E 663 14.40 -8.11 -24.31
N GLU E 664 15.67 -7.85 -24.56
CA GLU E 664 16.72 -8.80 -24.23
C GLU E 664 17.29 -8.60 -22.84
N MET E 665 16.81 -7.60 -22.09
CA MET E 665 17.27 -7.38 -20.74
C MET E 665 16.21 -7.61 -19.68
N PHE E 666 14.93 -7.40 -20.01
CA PHE E 666 13.86 -7.77 -19.09
C PHE E 666 13.80 -9.28 -18.90
N SER E 667 14.29 -10.05 -19.87
CA SER E 667 14.30 -11.50 -19.74
C SER E 667 15.30 -11.94 -18.68
N ASP E 668 16.53 -11.42 -18.71
CA ASP E 668 17.53 -11.80 -17.73
C ASP E 668 17.55 -10.88 -16.50
N LEU E 669 16.34 -10.43 -16.13
CA LEU E 669 16.14 -9.65 -14.88
C LEU E 669 14.77 -10.13 -14.35
N ARG E 670 14.18 -11.14 -15.00
CA ARG E 670 12.85 -11.69 -14.63
C ARG E 670 11.85 -10.59 -14.30
N GLN E 671 12.03 -9.43 -14.93
CA GLN E 671 11.08 -8.33 -14.88
C GLN E 671 10.16 -8.47 -16.08
N PHE E 672 9.40 -9.57 -16.08
CA PHE E 672 8.59 -9.87 -17.26
C PHE E 672 7.29 -9.09 -17.30
N ASP E 673 6.96 -8.33 -16.26
CA ASP E 673 5.81 -7.45 -16.35
C ASP E 673 6.01 -6.38 -17.42
N GLU E 674 7.12 -5.63 -17.36
CA GLU E 674 7.38 -4.65 -18.40
C GLU E 674 7.91 -5.31 -19.66
N ALA E 675 8.40 -6.54 -19.57
CA ALA E 675 8.66 -7.31 -20.78
C ALA E 675 7.37 -7.56 -21.54
N LYS E 676 6.32 -7.98 -20.84
CA LYS E 676 5.01 -8.14 -21.47
C LYS E 676 4.51 -6.83 -22.02
N LYS E 677 4.63 -5.74 -21.24
CA LYS E 677 4.13 -4.43 -21.67
C LYS E 677 4.84 -3.94 -22.93
N TRP E 678 6.16 -3.71 -22.83
CA TRP E 678 6.95 -3.22 -23.96
C TRP E 678 7.02 -4.23 -25.11
N ALA E 679 6.93 -5.52 -24.81
CA ALA E 679 6.87 -6.55 -25.84
C ALA E 679 5.61 -6.42 -26.66
N GLU E 680 4.46 -6.24 -26.01
CA GLU E 680 3.24 -6.01 -26.75
C GLU E 680 3.22 -4.62 -27.37
N GLU E 681 3.98 -3.66 -26.81
CA GLU E 681 4.12 -2.35 -27.44
C GLU E 681 4.78 -2.46 -28.80
N PHE E 682 5.85 -3.25 -28.89
CA PHE E 682 6.36 -3.61 -30.20
C PHE E 682 5.39 -4.46 -31.00
N ALA E 683 4.82 -5.50 -30.41
CA ALA E 683 3.99 -6.44 -31.15
C ALA E 683 2.71 -5.82 -31.69
N ALA E 684 2.34 -4.63 -31.24
CA ALA E 684 1.24 -3.87 -31.83
C ALA E 684 1.74 -2.83 -32.82
N SER E 685 2.56 -1.88 -32.36
CA SER E 685 2.98 -0.78 -33.21
C SER E 685 4.49 -0.52 -33.18
N GLY E 686 5.13 -0.87 -32.07
CA GLY E 686 6.50 -0.46 -31.84
C GLY E 686 6.55 0.93 -31.22
N ARG E 687 7.74 1.31 -30.80
CA ARG E 687 7.96 2.59 -30.17
C ARG E 687 8.39 3.67 -31.17
N GLY E 688 8.37 3.34 -32.45
CA GLY E 688 8.91 4.20 -33.49
C GLY E 688 9.47 3.34 -34.60
N ASP E 689 9.59 2.04 -34.33
CA ASP E 689 9.90 1.06 -35.35
C ASP E 689 9.37 -0.29 -34.87
N GLN E 690 8.99 -1.14 -35.81
CA GLN E 690 8.42 -2.44 -35.48
C GLN E 690 9.53 -3.44 -35.16
N ARG E 691 9.34 -4.22 -34.09
CA ARG E 691 10.33 -5.20 -33.67
C ARG E 691 9.62 -6.45 -33.14
N SER E 692 9.60 -7.51 -33.95
CA SER E 692 9.34 -8.88 -33.51
C SER E 692 7.96 -9.02 -32.84
N VAL E 693 6.93 -8.90 -33.69
CA VAL E 693 5.55 -9.12 -33.26
C VAL E 693 5.41 -10.49 -32.61
N GLN E 694 5.66 -11.55 -33.39
CA GLN E 694 5.37 -12.91 -32.95
C GLN E 694 6.38 -13.38 -31.90
N GLU E 695 7.64 -12.95 -32.00
CA GLU E 695 8.62 -13.33 -30.98
C GLU E 695 8.21 -12.82 -29.60
N LEU E 696 7.80 -11.56 -29.51
CA LEU E 696 7.43 -11.00 -28.22
C LEU E 696 6.08 -11.52 -27.76
N ILE E 697 5.15 -11.72 -28.70
CA ILE E 697 3.86 -12.32 -28.36
C ILE E 697 4.04 -13.71 -27.79
N ASN E 698 4.89 -14.53 -28.43
CA ASN E 698 5.11 -15.87 -27.94
C ASN E 698 5.99 -15.88 -26.70
N ARG E 699 6.83 -14.86 -26.51
CA ARG E 699 7.54 -14.73 -25.24
C ARG E 699 6.55 -14.55 -24.11
N GLN E 700 5.55 -13.68 -24.31
CA GLN E 700 4.48 -13.52 -23.32
C GLN E 700 3.67 -14.81 -23.16
N ALA E 701 3.38 -15.50 -24.27
CA ALA E 701 2.52 -16.69 -24.22
C ALA E 701 3.21 -17.84 -23.51
N GLU E 702 4.45 -18.14 -23.89
CA GLU E 702 5.21 -19.20 -23.25
C GLU E 702 5.71 -18.79 -21.86
N TRP E 703 5.68 -17.50 -21.52
CA TRP E 703 5.96 -17.13 -20.14
C TRP E 703 4.73 -17.27 -19.26
N SER E 704 3.54 -17.01 -19.80
CA SER E 704 2.31 -17.39 -19.09
C SER E 704 2.22 -18.91 -18.96
N GLU E 705 2.71 -19.64 -19.96
CA GLU E 705 2.89 -21.07 -19.81
C GLU E 705 3.91 -21.38 -18.72
N GLU E 706 4.98 -20.59 -18.65
CA GLU E 706 6.05 -20.83 -17.69
C GLU E 706 5.57 -20.68 -16.24
N VAL E 707 4.76 -19.66 -15.98
CA VAL E 707 4.28 -19.40 -14.63
C VAL E 707 2.95 -20.10 -14.35
N LYS E 708 2.56 -21.03 -15.23
CA LYS E 708 1.30 -21.75 -15.16
C LYS E 708 0.12 -20.76 -15.13
N ASN E 709 -0.01 -20.03 -16.22
CA ASN E 709 -1.14 -19.14 -16.45
C ASN E 709 -1.68 -19.54 -17.82
N TYR E 710 -2.49 -20.59 -17.84
CA TYR E 710 -2.79 -21.26 -19.09
C TYR E 710 -4.01 -20.72 -19.80
N ASP E 711 -4.98 -20.16 -19.07
CA ASP E 711 -6.02 -19.38 -19.74
C ASP E 711 -5.42 -18.17 -20.44
N ALA E 712 -4.51 -17.47 -19.76
CA ALA E 712 -3.81 -16.38 -20.42
C ALA E 712 -2.82 -16.87 -21.45
N ALA E 713 -2.24 -18.06 -21.24
CA ALA E 713 -1.40 -18.65 -22.27
C ALA E 713 -2.19 -18.91 -23.54
N ALA E 714 -3.38 -19.48 -23.41
CA ALA E 714 -4.25 -19.72 -24.56
C ALA E 714 -4.74 -18.41 -25.16
N GLU E 715 -5.02 -17.42 -24.32
CA GLU E 715 -5.38 -16.08 -24.80
C GLU E 715 -4.23 -15.43 -25.56
N MET E 716 -2.99 -15.79 -25.24
CA MET E 716 -1.88 -15.14 -25.87
C MET E 716 -1.36 -16.00 -27.02
N TYR E 717 -1.84 -17.24 -27.08
CA TYR E 717 -1.59 -18.19 -28.17
C TYR E 717 -2.55 -17.97 -29.33
N ILE E 718 -3.82 -17.68 -29.03
CA ILE E 718 -4.70 -17.17 -30.06
C ILE E 718 -4.22 -15.81 -30.54
N LYS E 719 -3.48 -15.09 -29.71
CA LYS E 719 -2.72 -13.94 -30.15
C LYS E 719 -1.47 -14.35 -30.93
N ALA E 720 -0.93 -15.53 -30.63
CA ALA E 720 0.26 -16.05 -31.29
C ALA E 720 -0.06 -16.90 -32.51
N LYS E 721 -1.34 -16.96 -32.90
CA LYS E 721 -1.83 -17.90 -33.92
C LYS E 721 -1.47 -19.33 -33.55
N LYS E 722 -1.52 -19.63 -32.26
CA LYS E 722 -1.26 -20.96 -31.75
C LYS E 722 -2.55 -21.48 -31.15
N TYR E 723 -3.63 -21.31 -31.90
CA TYR E 723 -4.95 -21.79 -31.52
C TYR E 723 -4.99 -23.29 -31.36
N ASP E 724 -4.04 -24.01 -31.95
CA ASP E 724 -3.87 -25.43 -31.63
C ASP E 724 -3.29 -25.60 -30.24
N ARG E 725 -2.28 -24.80 -29.89
CA ARG E 725 -1.76 -24.85 -28.53
C ARG E 725 -2.77 -24.30 -27.54
N ALA E 726 -3.48 -23.23 -27.91
CA ALA E 726 -4.58 -22.73 -27.09
C ALA E 726 -5.67 -23.77 -26.94
N ILE E 727 -6.04 -24.43 -28.03
CA ILE E 727 -7.13 -25.40 -28.01
C ILE E 727 -6.72 -26.61 -27.18
N ALA E 728 -5.43 -26.97 -27.20
CA ALA E 728 -4.96 -28.05 -26.36
C ALA E 728 -4.93 -27.65 -24.89
N ILE E 729 -4.61 -26.38 -24.61
CA ILE E 729 -4.74 -25.86 -23.24
C ILE E 729 -6.16 -26.04 -22.76
N LEU E 730 -7.12 -25.58 -23.55
CA LEU E 730 -8.49 -25.45 -23.09
C LEU E 730 -9.23 -26.76 -23.13
N ALA E 731 -8.68 -27.75 -23.84
CA ALA E 731 -9.21 -29.10 -23.73
C ALA E 731 -8.58 -29.84 -22.56
N LYS E 732 -7.26 -29.86 -22.50
CA LYS E 732 -6.53 -30.60 -21.47
C LYS E 732 -6.71 -30.00 -20.08
N HIS E 733 -7.13 -28.75 -19.97
CA HIS E 733 -7.37 -28.12 -18.68
C HIS E 733 -8.84 -27.81 -18.51
N GLN E 734 -9.68 -28.68 -19.11
CA GLN E 734 -11.14 -28.75 -18.96
C GLN E 734 -11.86 -27.44 -19.26
N TRP E 735 -11.17 -26.44 -19.82
CA TRP E 735 -11.76 -25.12 -20.05
C TRP E 735 -12.55 -25.19 -21.35
N TRP E 736 -13.68 -25.89 -21.26
CA TRP E 736 -14.53 -26.12 -22.42
C TRP E 736 -15.12 -24.83 -22.95
N ASP E 737 -15.37 -23.87 -22.06
CA ASP E 737 -15.85 -22.56 -22.48
C ASP E 737 -14.86 -21.87 -23.40
N LYS E 738 -13.59 -21.76 -22.99
CA LYS E 738 -12.61 -21.18 -23.88
C LYS E 738 -12.15 -22.18 -24.93
N LEU E 739 -12.40 -23.47 -24.73
CA LEU E 739 -12.19 -24.43 -25.81
C LEU E 739 -13.05 -24.10 -27.01
N ILE E 740 -14.37 -24.03 -26.81
CA ILE E 740 -15.25 -23.58 -27.88
C ILE E 740 -14.99 -22.11 -28.22
N GLY E 741 -14.42 -21.34 -27.29
CA GLY E 741 -14.02 -19.98 -27.62
C GLY E 741 -12.92 -19.95 -28.68
N VAL E 742 -11.98 -20.87 -28.62
CA VAL E 742 -10.94 -20.95 -29.64
C VAL E 742 -11.46 -21.67 -30.88
N VAL E 743 -12.45 -22.55 -30.71
CA VAL E 743 -13.14 -23.13 -31.86
C VAL E 743 -13.85 -22.04 -32.66
N ARG E 744 -14.44 -21.08 -31.97
CA ARG E 744 -15.06 -19.92 -32.59
C ARG E 744 -14.10 -18.75 -32.72
N GLN E 745 -12.83 -18.95 -32.38
CA GLN E 745 -11.75 -18.03 -32.67
C GLN E 745 -10.87 -18.54 -33.80
N LEU E 746 -10.48 -19.81 -33.74
CA LEU E 746 -9.95 -20.50 -34.91
C LEU E 746 -11.14 -21.07 -35.66
N ASP E 747 -11.67 -20.27 -36.58
CA ASP E 747 -12.96 -20.53 -37.20
C ASP E 747 -12.90 -21.64 -38.24
N LYS E 748 -13.95 -21.72 -39.06
CA LYS E 748 -14.04 -22.71 -40.12
C LYS E 748 -12.96 -22.54 -41.19
N THR E 749 -12.29 -21.40 -41.23
CA THR E 749 -11.12 -21.24 -42.10
C THR E 749 -10.02 -22.22 -41.72
N ASP E 750 -9.46 -22.09 -40.51
CA ASP E 750 -8.56 -23.10 -39.96
C ASP E 750 -9.42 -24.01 -39.09
N ALA E 751 -10.08 -24.95 -39.76
CA ALA E 751 -11.15 -25.75 -39.16
C ALA E 751 -10.65 -26.91 -38.33
N ARG E 752 -9.40 -26.88 -37.86
CA ARG E 752 -8.92 -27.97 -37.01
C ARG E 752 -9.68 -28.00 -35.69
N CYS E 753 -9.90 -26.82 -35.09
CA CYS E 753 -10.57 -26.76 -33.79
C CYS E 753 -11.98 -27.30 -33.86
N LEU E 754 -12.65 -27.12 -35.01
CA LEU E 754 -14.00 -27.64 -35.19
C LEU E 754 -14.03 -29.15 -35.05
N GLY E 755 -13.17 -29.85 -35.80
CA GLY E 755 -13.21 -31.31 -35.79
C GLY E 755 -12.64 -31.89 -34.50
N MET E 756 -11.43 -31.49 -34.12
CA MET E 756 -10.88 -32.10 -32.92
C MET E 756 -11.48 -31.51 -31.65
N CYS E 757 -12.41 -30.57 -31.75
CA CYS E 757 -13.26 -30.25 -30.63
C CYS E 757 -14.68 -30.78 -30.74
N ALA E 758 -15.11 -31.25 -31.91
CA ALA E 758 -16.14 -32.28 -31.88
C ALA E 758 -15.64 -33.45 -31.05
N GLY E 759 -14.37 -33.82 -31.26
CA GLY E 759 -13.73 -34.79 -30.37
C GLY E 759 -13.59 -34.31 -28.93
N HIS E 760 -13.12 -33.08 -28.74
CA HIS E 760 -12.88 -32.57 -27.39
C HIS E 760 -14.14 -32.17 -26.65
N PHE E 761 -15.28 -32.16 -27.34
CA PHE E 761 -16.57 -31.98 -26.72
C PHE E 761 -17.38 -33.26 -26.78
N ARG E 762 -16.78 -34.34 -27.30
CA ARG E 762 -17.18 -35.68 -26.89
C ARG E 762 -16.74 -35.97 -25.45
N ARG E 763 -15.47 -35.69 -25.14
CA ARG E 763 -14.99 -35.90 -23.78
C ARG E 763 -15.63 -34.90 -22.81
N ALA E 764 -15.80 -33.67 -23.26
CA ALA E 764 -16.64 -32.74 -22.54
C ALA E 764 -18.09 -33.17 -22.70
N PRO E 765 -18.97 -32.83 -21.74
CA PRO E 765 -20.39 -33.16 -21.89
C PRO E 765 -21.09 -32.37 -22.98
N HIS E 766 -20.41 -31.43 -23.62
CA HIS E 766 -21.03 -30.55 -24.60
C HIS E 766 -21.31 -31.29 -25.90
N PHE E 767 -22.42 -32.00 -25.93
CA PHE E 767 -22.88 -32.61 -27.18
C PHE E 767 -23.23 -31.54 -28.21
N ALA E 768 -23.70 -30.37 -27.74
CA ALA E 768 -24.07 -29.29 -28.64
C ALA E 768 -22.88 -28.83 -29.48
N TYR E 769 -21.70 -28.78 -28.89
CA TYR E 769 -20.55 -28.33 -29.66
C TYR E 769 -20.10 -29.37 -30.68
N ALA E 770 -20.17 -30.66 -30.35
CA ALA E 770 -19.83 -31.68 -31.32
C ALA E 770 -20.82 -31.70 -32.49
N LYS E 771 -22.12 -31.70 -32.17
CA LYS E 771 -23.14 -31.67 -33.21
C LYS E 771 -23.10 -30.38 -34.03
N GLU E 772 -22.61 -29.28 -33.45
CA GLU E 772 -22.61 -28.03 -34.20
C GLU E 772 -21.36 -27.87 -35.04
N THR E 773 -20.19 -28.26 -34.51
CA THR E 773 -19.00 -28.32 -35.34
C THR E 773 -19.16 -29.32 -36.48
N LEU E 774 -20.01 -30.34 -36.31
CA LEU E 774 -20.43 -31.10 -37.47
C LEU E 774 -21.43 -30.33 -38.31
N LEU E 775 -22.38 -29.66 -37.66
CA LEU E 775 -23.45 -28.93 -38.33
C LEU E 775 -23.00 -27.59 -38.89
N LYS E 776 -21.79 -27.15 -38.58
CA LYS E 776 -21.32 -25.86 -39.06
C LYS E 776 -21.13 -25.87 -40.57
N MET E 777 -20.88 -27.04 -41.15
CA MET E 777 -20.90 -27.19 -42.61
C MET E 777 -22.32 -27.57 -43.01
N ASP E 778 -22.76 -28.74 -42.56
CA ASP E 778 -24.08 -29.32 -42.74
C ASP E 778 -24.04 -30.69 -42.08
N ASP E 779 -23.76 -31.71 -42.91
CA ASP E 779 -23.49 -33.07 -42.46
C ASP E 779 -24.64 -33.62 -41.63
N THR E 780 -25.86 -33.25 -41.99
CA THR E 780 -27.02 -33.85 -41.36
C THR E 780 -27.13 -35.33 -41.70
N LYS E 781 -26.65 -35.71 -42.88
CA LYS E 781 -26.37 -37.12 -43.15
C LYS E 781 -25.27 -37.64 -42.24
N GLY E 782 -24.19 -36.86 -42.07
CA GLY E 782 -23.17 -37.27 -41.13
C GLY E 782 -23.59 -37.14 -39.68
N LEU E 783 -24.65 -36.42 -39.42
CA LEU E 783 -25.18 -36.25 -38.04
C LEU E 783 -25.72 -37.60 -37.59
N ILE E 784 -26.29 -38.39 -38.54
CA ILE E 784 -26.61 -39.76 -38.13
C ILE E 784 -25.66 -40.19 -37.02
N THR E 785 -24.37 -40.07 -37.29
CA THR E 785 -23.36 -40.44 -36.32
C THR E 785 -23.17 -39.40 -35.24
N LEU E 786 -23.62 -38.16 -35.45
CA LEU E 786 -23.41 -37.13 -34.44
C LEU E 786 -24.71 -36.59 -33.86
N TYR E 787 -25.80 -37.36 -33.95
CA TYR E 787 -26.89 -37.26 -33.00
C TYR E 787 -27.12 -38.55 -32.22
N VAL E 788 -26.62 -39.68 -32.70
CA VAL E 788 -26.41 -40.82 -31.81
C VAL E 788 -25.27 -40.56 -30.85
N GLU E 789 -24.43 -39.56 -31.14
CA GLU E 789 -23.44 -39.08 -30.20
C GLU E 789 -24.07 -38.33 -29.03
N ALA E 790 -25.37 -38.02 -29.10
CA ALA E 790 -26.08 -37.53 -27.92
C ALA E 790 -26.35 -38.61 -26.90
N GLU E 791 -26.06 -39.88 -27.24
CA GLU E 791 -26.39 -41.05 -26.42
C GLU E 791 -27.88 -41.13 -26.11
N LYS E 792 -28.73 -40.64 -27.01
CA LYS E 792 -30.17 -40.65 -26.79
C LYS E 792 -30.87 -40.99 -28.10
N TRP E 793 -31.82 -41.93 -28.02
CA TRP E 793 -32.66 -42.20 -29.18
C TRP E 793 -33.59 -41.05 -29.48
N ASP E 794 -34.03 -40.35 -28.44
CA ASP E 794 -34.90 -39.20 -28.64
C ASP E 794 -34.14 -38.05 -29.29
N ASP E 795 -32.89 -37.84 -28.86
CA ASP E 795 -32.03 -36.87 -29.51
C ASP E 795 -31.38 -37.42 -30.76
N ALA E 796 -31.50 -38.72 -31.01
CA ALA E 796 -31.16 -39.23 -32.32
C ALA E 796 -32.08 -38.65 -33.39
N PHE E 797 -33.41 -38.75 -33.18
CA PHE E 797 -34.45 -38.38 -34.14
C PHE E 797 -34.24 -37.10 -34.92
N LEU E 798 -33.58 -36.13 -34.28
CA LEU E 798 -33.40 -34.78 -34.91
C LEU E 798 -32.82 -34.95 -36.31
N LEU E 799 -31.75 -35.74 -36.45
CA LEU E 799 -31.21 -36.02 -37.81
C LEU E 799 -31.12 -37.53 -38.02
N LEU E 800 -31.64 -38.33 -37.08
CA LEU E 800 -31.70 -39.79 -37.33
C LEU E 800 -32.95 -40.01 -38.17
N HIS E 801 -33.46 -38.94 -38.78
CA HIS E 801 -34.60 -39.03 -39.72
C HIS E 801 -34.15 -38.21 -40.94
N ALA E 802 -32.83 -38.00 -41.05
CA ALA E 802 -32.28 -37.14 -42.09
C ALA E 802 -32.40 -37.84 -43.45
N HIS E 803 -31.66 -37.30 -44.44
CA HIS E 803 -31.82 -37.43 -45.87
C HIS E 803 -32.27 -38.80 -46.35
N PRO E 804 -33.35 -38.86 -47.14
CA PRO E 804 -33.78 -40.14 -47.70
C PRO E 804 -32.77 -40.68 -48.68
N GLU E 805 -32.83 -42.01 -48.87
CA GLU E 805 -31.85 -42.90 -49.51
C GLU E 805 -30.67 -43.10 -48.57
N CYS E 806 -30.63 -42.32 -47.50
CA CYS E 806 -29.88 -42.61 -46.29
C CYS E 806 -30.82 -42.82 -45.12
N ARG E 807 -32.13 -42.90 -45.38
CA ARG E 807 -33.11 -43.10 -44.33
C ARG E 807 -32.95 -44.44 -43.64
N GLN E 808 -32.47 -45.46 -44.36
CA GLN E 808 -32.00 -46.67 -43.71
C GLN E 808 -30.87 -46.35 -42.74
N ASP E 809 -29.92 -45.53 -43.18
CA ASP E 809 -28.82 -45.13 -42.33
C ASP E 809 -29.23 -44.10 -41.28
N VAL E 810 -30.31 -43.35 -41.48
CA VAL E 810 -30.73 -42.48 -40.39
C VAL E 810 -31.57 -43.24 -39.37
N TYR E 811 -32.17 -44.36 -39.75
CA TYR E 811 -33.10 -44.97 -38.83
C TYR E 811 -32.61 -46.25 -38.19
N LEU E 812 -31.68 -46.97 -38.79
CA LEU E 812 -31.21 -48.16 -38.12
C LEU E 812 -30.17 -47.81 -37.04
N PRO E 813 -29.23 -46.87 -37.25
CA PRO E 813 -28.48 -46.34 -36.09
C PRO E 813 -29.37 -45.72 -35.03
N TYR E 814 -30.50 -45.11 -35.42
CA TYR E 814 -31.50 -44.79 -34.42
C TYR E 814 -32.08 -46.08 -33.81
N ALA E 815 -32.46 -47.04 -34.66
CA ALA E 815 -33.22 -48.20 -34.20
C ALA E 815 -32.47 -49.05 -33.20
N LYS E 816 -31.15 -49.12 -33.26
CA LYS E 816 -30.41 -49.81 -32.20
C LYS E 816 -30.09 -48.87 -31.04
N TRP E 817 -31.12 -48.16 -30.59
CA TRP E 817 -31.08 -47.46 -29.32
C TRP E 817 -32.31 -47.90 -28.54
N LEU E 818 -33.40 -48.07 -29.27
CA LEU E 818 -34.73 -48.28 -28.71
C LEU E 818 -35.33 -49.61 -29.10
N SER E 819 -34.73 -50.32 -30.06
CA SER E 819 -35.43 -51.40 -30.75
C SER E 819 -35.60 -52.63 -29.87
N ASN E 820 -34.54 -53.04 -29.19
CA ASN E 820 -34.49 -54.36 -28.57
C ASN E 820 -35.05 -54.40 -27.16
N GLN E 821 -35.76 -53.36 -26.71
CA GLN E 821 -36.12 -53.26 -25.30
C GLN E 821 -37.62 -53.14 -25.15
N ASP E 822 -38.36 -54.06 -25.78
CA ASP E 822 -39.81 -54.18 -25.82
C ASP E 822 -40.44 -53.03 -26.59
N ARG E 823 -39.62 -52.14 -27.15
CA ARG E 823 -40.10 -51.03 -27.95
C ARG E 823 -39.92 -51.31 -29.43
N PHE E 824 -40.18 -52.56 -29.83
CA PHE E 824 -40.28 -52.89 -31.25
C PHE E 824 -41.67 -52.51 -31.75
N ASP E 825 -42.12 -51.33 -31.41
CA ASP E 825 -43.36 -50.69 -31.81
C ASP E 825 -43.11 -49.28 -32.35
N GLU E 826 -42.25 -48.52 -31.69
CA GLU E 826 -41.62 -47.37 -32.33
C GLU E 826 -40.46 -47.82 -33.21
N ALA E 827 -39.81 -48.93 -32.85
CA ALA E 827 -38.85 -49.53 -33.76
C ALA E 827 -39.51 -50.10 -35.00
N ARG E 828 -40.82 -50.33 -34.98
CA ARG E 828 -41.54 -50.61 -36.22
C ARG E 828 -41.34 -49.50 -37.23
N LEU E 829 -41.60 -48.26 -36.82
CA LEU E 829 -41.48 -47.12 -37.73
C LEU E 829 -40.03 -46.70 -37.91
N ALA E 830 -39.16 -47.01 -36.95
CA ALA E 830 -37.72 -46.95 -37.20
C ALA E 830 -37.35 -47.88 -38.34
N TYR E 831 -37.90 -49.09 -38.32
CA TYR E 831 -37.64 -50.06 -39.36
C TYR E 831 -38.35 -49.71 -40.65
N GLN E 832 -39.38 -48.85 -40.58
CA GLN E 832 -40.19 -48.58 -41.76
C GLN E 832 -39.35 -47.93 -42.86
N GLU E 833 -38.40 -47.08 -42.46
CA GLU E 833 -37.42 -46.53 -43.37
C GLU E 833 -36.05 -47.17 -43.14
N GLY E 834 -35.74 -47.53 -41.91
CA GLY E 834 -34.48 -48.21 -41.66
C GLY E 834 -34.61 -49.71 -41.78
N GLY E 835 -34.30 -50.25 -42.95
CA GLY E 835 -34.63 -51.63 -43.21
C GLY E 835 -36.10 -51.76 -43.52
N PHE E 836 -36.76 -52.77 -42.95
CA PHE E 836 -38.19 -52.97 -43.17
C PHE E 836 -38.86 -53.32 -41.85
N PRO E 837 -40.14 -52.93 -41.67
CA PRO E 837 -40.83 -53.22 -40.41
C PRO E 837 -41.14 -54.70 -40.27
N SER E 838 -40.37 -55.37 -39.44
CA SER E 838 -40.50 -56.82 -39.32
C SER E 838 -40.69 -57.27 -37.88
N LEU E 839 -40.03 -56.63 -36.93
CA LEU E 839 -40.26 -56.91 -35.51
C LEU E 839 -41.52 -56.17 -35.07
N ALA E 840 -42.63 -56.62 -35.62
CA ALA E 840 -43.92 -55.97 -35.47
C ALA E 840 -45.04 -56.95 -35.19
N THR E 841 -44.82 -58.23 -35.42
CA THR E 841 -45.90 -59.20 -35.49
C THR E 841 -46.16 -59.94 -34.19
N ARG E 842 -45.35 -59.72 -33.14
CA ARG E 842 -45.66 -60.36 -31.87
C ARG E 842 -46.98 -59.82 -31.32
N ILE E 843 -47.05 -58.51 -31.10
CA ILE E 843 -48.27 -57.88 -30.62
C ILE E 843 -49.40 -58.06 -31.63
N LEU E 844 -49.05 -57.95 -32.92
CA LEU E 844 -50.05 -57.97 -33.98
C LEU E 844 -50.74 -59.32 -34.05
N GLU E 845 -49.98 -60.40 -34.13
CA GLU E 845 -50.58 -61.73 -34.17
C GLU E 845 -51.07 -62.20 -32.81
N GLN E 846 -50.53 -61.70 -31.71
CA GLN E 846 -51.09 -61.99 -30.39
C GLN E 846 -52.53 -61.52 -30.31
N LEU E 847 -52.78 -60.27 -30.68
CA LEU E 847 -54.14 -59.78 -30.65
C LEU E 847 -54.97 -60.27 -31.85
N CYS E 848 -54.33 -60.68 -32.95
CA CYS E 848 -55.05 -61.38 -34.01
C CYS E 848 -55.66 -62.68 -33.50
N ALA E 849 -54.84 -63.49 -32.81
CA ALA E 849 -55.32 -64.74 -32.23
C ALA E 849 -56.31 -64.48 -31.11
N ASN E 850 -56.10 -63.41 -30.33
CA ASN E 850 -57.06 -63.05 -29.29
C ASN E 850 -58.42 -62.72 -29.89
N ALA E 851 -58.44 -61.94 -30.99
CA ALA E 851 -59.69 -61.59 -31.65
C ALA E 851 -60.33 -62.80 -32.33
N VAL E 852 -59.51 -63.73 -32.81
CA VAL E 852 -60.06 -64.97 -33.36
C VAL E 852 -60.73 -65.79 -32.26
N VAL E 853 -60.12 -65.83 -31.07
CA VAL E 853 -60.67 -66.59 -29.95
C VAL E 853 -62.02 -66.02 -29.51
N GLU E 854 -62.10 -64.70 -29.38
CA GLU E 854 -63.33 -64.09 -28.87
C GLU E 854 -64.39 -63.89 -29.93
N THR E 855 -64.16 -64.39 -31.15
CA THR E 855 -65.06 -64.23 -32.29
C THR E 855 -65.40 -62.76 -32.51
N ARG E 856 -64.38 -61.92 -32.36
CA ARG E 856 -64.47 -60.48 -32.53
C ARG E 856 -63.52 -60.08 -33.65
N TYR E 857 -63.66 -60.74 -34.81
CA TYR E 857 -62.64 -60.76 -35.85
C TYR E 857 -62.48 -59.40 -36.51
N ALA E 858 -62.08 -58.40 -35.73
CA ALA E 858 -61.84 -57.05 -36.24
C ALA E 858 -60.55 -56.41 -35.73
N ASP E 859 -60.00 -56.84 -34.59
CA ASP E 859 -58.63 -56.48 -34.26
C ASP E 859 -57.66 -57.08 -35.25
N ALA E 860 -57.88 -58.33 -35.64
CA ALA E 860 -57.08 -58.95 -36.68
C ALA E 860 -57.32 -58.29 -38.03
N ALA E 861 -58.49 -57.69 -38.23
CA ALA E 861 -58.76 -56.92 -39.44
C ALA E 861 -57.80 -55.74 -39.55
N PHE E 862 -57.82 -54.84 -38.56
CA PHE E 862 -56.94 -53.69 -38.63
C PHE E 862 -55.49 -54.06 -38.42
N TYR E 863 -55.20 -55.24 -37.88
CA TYR E 863 -53.80 -55.66 -37.81
C TYR E 863 -53.28 -56.24 -39.11
N TYR E 864 -54.11 -56.93 -39.89
CA TYR E 864 -53.69 -57.28 -41.24
C TYR E 864 -53.72 -56.06 -42.14
N TYR E 865 -54.54 -55.07 -41.81
CA TYR E 865 -54.46 -53.76 -42.45
C TYR E 865 -53.15 -53.07 -42.11
N GLN E 866 -52.67 -53.24 -40.87
CA GLN E 866 -51.38 -52.71 -40.48
C GLN E 866 -50.24 -53.44 -41.19
N LEU E 867 -50.37 -54.76 -41.34
CA LEU E 867 -49.44 -55.51 -42.17
C LEU E 867 -49.48 -55.04 -43.62
N ALA E 868 -50.65 -54.66 -44.10
CA ALA E 868 -50.76 -54.07 -45.43
C ALA E 868 -50.09 -52.70 -45.49
N MET E 869 -50.21 -51.91 -44.43
CA MET E 869 -49.49 -50.64 -44.42
C MET E 869 -47.98 -50.86 -44.44
N GLU E 870 -47.52 -51.87 -43.69
CA GLU E 870 -46.13 -52.29 -43.76
C GLU E 870 -45.76 -52.67 -45.19
N ALA E 871 -46.35 -53.74 -45.71
CA ALA E 871 -46.02 -54.28 -47.04
C ALA E 871 -46.40 -53.35 -48.18
N LEU E 872 -47.06 -52.24 -47.90
CA LEU E 872 -47.25 -51.16 -48.85
C LEU E 872 -46.15 -50.12 -48.74
N LYS E 873 -45.54 -49.99 -47.56
CA LYS E 873 -44.39 -49.12 -47.39
C LYS E 873 -43.09 -49.87 -47.13
N SER E 874 -43.15 -51.18 -46.89
CA SER E 874 -41.97 -52.05 -46.84
C SER E 874 -41.59 -52.59 -48.21
N ILE E 875 -42.22 -52.08 -49.27
CA ILE E 875 -41.84 -52.37 -50.64
C ILE E 875 -41.02 -51.20 -51.18
N LYS E 876 -39.78 -51.50 -51.59
CA LYS E 876 -38.97 -50.48 -52.26
C LYS E 876 -39.49 -50.25 -53.67
N ASN E 877 -39.76 -51.32 -54.39
CA ASN E 877 -40.52 -51.23 -55.62
C ASN E 877 -41.94 -50.74 -55.36
N PRO E 878 -42.47 -49.87 -56.21
CA PRO E 878 -43.76 -49.23 -55.94
C PRO E 878 -44.91 -50.21 -56.16
N PRO E 879 -46.08 -49.94 -55.59
CA PRO E 879 -47.25 -50.78 -55.87
C PRO E 879 -48.13 -50.31 -57.01
N SER E 880 -47.94 -49.08 -57.48
CA SER E 880 -48.93 -48.44 -58.35
C SER E 880 -48.98 -49.11 -59.72
N ASN E 881 -47.82 -49.31 -60.34
CA ASN E 881 -47.75 -49.84 -61.69
C ASN E 881 -47.69 -51.37 -61.66
N MET E 882 -47.88 -51.96 -62.84
CA MET E 882 -48.09 -53.40 -62.96
C MET E 882 -46.86 -54.13 -63.50
N ALA E 883 -45.66 -53.58 -63.28
CA ALA E 883 -44.46 -54.36 -63.51
C ALA E 883 -44.45 -55.51 -62.52
N PRO E 884 -43.91 -56.68 -62.91
CA PRO E 884 -44.03 -57.88 -62.05
C PRO E 884 -43.45 -57.69 -60.65
N SER E 885 -42.30 -57.01 -60.52
CA SER E 885 -41.84 -56.61 -59.21
C SER E 885 -42.79 -55.61 -58.58
N ASP E 886 -43.27 -54.65 -59.35
CA ASP E 886 -44.14 -53.62 -58.81
C ASP E 886 -45.55 -54.15 -58.56
N ARG E 887 -46.03 -55.06 -59.43
CA ARG E 887 -47.31 -55.69 -59.19
C ARG E 887 -47.24 -56.64 -58.00
N SER E 888 -46.12 -57.32 -57.80
CA SER E 888 -45.94 -58.13 -56.59
C SER E 888 -45.84 -57.25 -55.35
N ALA E 889 -45.23 -56.07 -55.50
CA ALA E 889 -45.20 -55.09 -54.43
C ALA E 889 -46.62 -54.65 -54.06
N LEU E 890 -47.46 -54.44 -55.06
CA LEU E 890 -48.87 -54.24 -54.81
C LEU E 890 -49.49 -55.46 -54.15
N GLU E 891 -49.12 -56.65 -54.61
CA GLU E 891 -49.78 -57.88 -54.24
C GLU E 891 -49.55 -58.25 -52.79
N ARG E 892 -48.36 -57.96 -52.26
CA ARG E 892 -48.06 -58.33 -50.88
C ARG E 892 -49.00 -57.64 -49.90
N PHE E 893 -49.08 -56.31 -49.99
CA PHE E 893 -50.00 -55.63 -49.10
C PHE E 893 -51.44 -55.78 -49.55
N THR E 894 -51.66 -56.13 -50.83
CA THR E 894 -53.01 -56.45 -51.28
C THR E 894 -53.53 -57.69 -50.59
N GLU E 895 -52.69 -58.72 -50.44
CA GLU E 895 -53.10 -59.92 -49.73
C GLU E 895 -53.20 -59.69 -48.23
N LEU E 896 -52.32 -58.86 -47.66
CA LEU E 896 -52.48 -58.54 -46.24
C LEU E 896 -53.76 -57.75 -45.99
N TYR E 897 -54.07 -56.78 -46.85
CA TYR E 897 -55.32 -56.04 -46.74
C TYR E 897 -56.51 -56.91 -47.16
N ASP E 898 -56.27 -58.01 -47.88
CA ASP E 898 -57.32 -58.97 -48.19
C ASP E 898 -57.68 -59.81 -46.97
N ARG E 899 -56.67 -60.21 -46.19
CA ARG E 899 -56.92 -60.75 -44.86
C ARG E 899 -57.73 -59.76 -44.03
N ALA E 900 -57.29 -58.50 -44.06
CA ALA E 900 -58.00 -57.42 -43.36
C ALA E 900 -59.46 -57.34 -43.80
N GLU E 901 -59.72 -57.45 -45.11
CA GLU E 901 -61.07 -57.35 -45.63
C GLU E 901 -61.92 -58.57 -45.34
N VAL E 902 -61.32 -59.77 -45.28
CA VAL E 902 -62.08 -60.94 -44.87
C VAL E 902 -62.54 -60.80 -43.43
N TYR E 903 -61.62 -60.41 -42.54
CA TYR E 903 -61.98 -60.17 -41.15
C TYR E 903 -63.03 -59.07 -41.05
N TYR E 904 -62.85 -57.99 -41.82
CA TYR E 904 -63.81 -56.91 -41.95
C TYR E 904 -65.21 -57.43 -42.27
N ALA E 905 -65.36 -58.06 -43.44
CA ALA E 905 -66.68 -58.46 -43.91
C ALA E 905 -67.34 -59.43 -42.95
N TYR E 906 -66.60 -60.47 -42.53
CA TYR E 906 -67.14 -61.48 -41.63
C TYR E 906 -67.64 -60.85 -40.33
N GLU E 907 -66.73 -60.20 -39.59
CA GLU E 907 -67.12 -59.65 -38.29
C GLU E 907 -68.21 -58.60 -38.43
N VAL E 908 -68.03 -57.65 -39.35
CA VAL E 908 -68.93 -56.51 -39.49
C VAL E 908 -70.35 -56.97 -39.80
N VAL E 909 -70.51 -57.87 -40.77
CA VAL E 909 -71.87 -58.08 -41.20
C VAL E 909 -72.46 -59.31 -40.49
N HIS E 910 -71.69 -60.42 -40.39
CA HIS E 910 -72.18 -61.59 -39.68
C HIS E 910 -72.45 -61.29 -38.22
N LYS E 911 -71.64 -60.41 -37.62
CA LYS E 911 -71.83 -60.09 -36.22
C LYS E 911 -72.93 -59.07 -35.98
N SER E 912 -73.62 -58.62 -37.04
CA SER E 912 -74.72 -57.67 -36.88
C SER E 912 -75.84 -58.22 -36.00
N VAL E 913 -76.06 -59.53 -36.01
CA VAL E 913 -76.97 -60.15 -35.06
C VAL E 913 -76.24 -60.92 -33.97
N HIS E 914 -75.04 -61.44 -34.25
CA HIS E 914 -74.39 -62.37 -33.33
C HIS E 914 -73.75 -61.64 -32.16
N SER E 915 -72.90 -60.65 -32.42
CA SER E 915 -72.47 -59.66 -31.42
C SER E 915 -71.93 -58.43 -32.13
N PRO E 916 -72.60 -57.28 -32.03
CA PRO E 916 -72.38 -56.16 -32.98
C PRO E 916 -70.97 -55.58 -32.89
N PHE E 917 -70.28 -55.56 -34.03
CA PHE E 917 -68.95 -54.98 -34.14
C PHE E 917 -68.71 -54.61 -35.59
N ARG E 918 -68.79 -53.32 -35.93
CA ARG E 918 -68.75 -52.88 -37.31
C ARG E 918 -67.71 -51.77 -37.50
N THR E 919 -66.88 -51.91 -38.53
CA THR E 919 -66.00 -50.86 -39.03
C THR E 919 -66.04 -50.88 -40.55
N THR E 920 -66.09 -49.70 -41.15
CA THR E 920 -66.29 -49.59 -42.59
C THR E 920 -65.38 -48.52 -43.18
N HIS E 921 -65.14 -48.64 -44.48
CA HIS E 921 -64.40 -47.66 -45.26
C HIS E 921 -65.30 -47.26 -46.44
N PRO E 922 -65.87 -46.04 -46.41
CA PRO E 922 -66.92 -45.70 -47.39
C PRO E 922 -66.46 -45.70 -48.84
N ASP E 923 -65.21 -45.33 -49.12
CA ASP E 923 -64.71 -45.47 -50.49
C ASP E 923 -64.55 -46.94 -50.85
N THR E 924 -63.98 -47.72 -49.94
CA THR E 924 -63.86 -49.16 -50.14
C THR E 924 -65.24 -49.81 -50.21
N LEU E 925 -66.18 -49.34 -49.39
CA LEU E 925 -67.52 -49.92 -49.42
C LEU E 925 -68.30 -49.49 -50.67
N PHE E 926 -67.99 -48.33 -51.24
CA PHE E 926 -68.64 -47.94 -52.49
C PHE E 926 -68.09 -48.74 -53.66
N ASN E 927 -66.77 -48.93 -53.72
CA ASN E 927 -66.20 -49.81 -54.72
C ASN E 927 -66.66 -51.25 -54.51
N ALA E 928 -66.93 -51.62 -53.26
CA ALA E 928 -67.58 -52.90 -52.96
C ALA E 928 -68.98 -52.96 -53.54
N SER E 929 -69.74 -51.88 -53.41
CA SER E 929 -71.07 -51.81 -53.98
C SER E 929 -71.04 -51.93 -55.50
N ARG E 930 -69.90 -51.63 -56.11
CA ARG E 930 -69.66 -51.99 -57.50
C ARG E 930 -68.96 -53.34 -57.65
N PHE E 931 -68.01 -53.68 -56.77
CA PHE E 931 -67.26 -54.94 -56.89
C PHE E 931 -66.94 -55.47 -55.48
N LEU E 932 -67.77 -56.42 -55.01
CA LEU E 932 -67.48 -57.11 -53.75
C LEU E 932 -67.73 -58.61 -53.76
N LEU E 933 -68.49 -59.17 -54.71
CA LEU E 933 -69.16 -60.44 -54.49
C LEU E 933 -68.18 -61.62 -54.39
N MET E 934 -67.14 -61.64 -55.22
CA MET E 934 -66.31 -62.84 -55.31
C MET E 934 -65.27 -63.00 -54.20
N ARG E 935 -65.11 -62.00 -53.33
CA ARG E 935 -64.11 -62.12 -52.26
C ARG E 935 -64.50 -63.14 -51.20
N LEU E 936 -65.78 -63.50 -51.10
CA LEU E 936 -66.33 -64.16 -49.93
C LEU E 936 -66.31 -65.70 -50.06
N LEU E 937 -65.36 -66.25 -50.79
CA LEU E 937 -65.23 -67.70 -50.69
C LEU E 937 -64.48 -68.05 -49.40
N PRO E 938 -64.74 -69.22 -48.83
CA PRO E 938 -64.08 -69.60 -47.56
C PRO E 938 -62.58 -69.82 -47.70
N PRO E 939 -62.07 -70.70 -48.62
CA PRO E 939 -60.64 -71.05 -48.52
C PRO E 939 -59.72 -70.18 -49.38
N ARG E 940 -59.80 -68.85 -49.18
CA ARG E 940 -58.89 -67.92 -49.89
C ARG E 940 -58.30 -66.91 -48.91
N GLU E 941 -57.21 -67.30 -48.24
CA GLU E 941 -56.50 -66.48 -47.27
C GLU E 941 -57.46 -65.89 -46.24
N VAL E 942 -58.02 -66.79 -45.44
CA VAL E 942 -59.11 -66.49 -44.53
C VAL E 942 -58.73 -67.08 -43.19
N PRO E 943 -59.15 -66.49 -42.06
CA PRO E 943 -58.93 -67.14 -40.76
C PRO E 943 -59.61 -68.49 -40.61
N LEU E 944 -60.61 -68.79 -41.45
CA LEU E 944 -61.44 -70.01 -41.42
C LEU E 944 -62.28 -70.11 -40.14
N GLY E 945 -63.22 -71.04 -40.14
CA GLY E 945 -64.17 -71.10 -39.04
C GLY E 945 -65.14 -69.94 -39.00
N VAL E 946 -65.39 -69.30 -40.14
CA VAL E 946 -66.21 -68.10 -40.21
C VAL E 946 -67.53 -68.42 -40.90
N SER E 947 -68.62 -67.95 -40.30
CA SER E 947 -69.95 -68.06 -40.91
C SER E 947 -70.31 -66.70 -41.51
N VAL E 948 -70.82 -66.70 -42.73
CA VAL E 948 -71.01 -65.47 -43.48
C VAL E 948 -72.44 -65.30 -43.94
N VAL E 949 -73.41 -65.76 -43.14
CA VAL E 949 -74.82 -65.78 -43.51
C VAL E 949 -75.30 -64.37 -43.85
N ASN E 950 -75.28 -63.49 -42.84
CA ASN E 950 -75.51 -62.08 -43.05
C ASN E 950 -74.58 -61.51 -44.10
N VAL E 951 -73.32 -61.96 -44.09
CA VAL E 951 -72.33 -61.37 -44.99
C VAL E 951 -72.66 -61.72 -46.43
N VAL E 952 -73.03 -62.98 -46.70
CA VAL E 952 -73.43 -63.38 -48.04
C VAL E 952 -74.64 -62.58 -48.50
N TYR E 953 -75.65 -62.47 -47.63
CA TYR E 953 -76.88 -61.77 -48.04
C TYR E 953 -76.63 -60.29 -48.31
N VAL E 954 -76.01 -59.58 -47.37
CA VAL E 954 -75.81 -58.14 -47.49
C VAL E 954 -74.79 -57.83 -48.58
N LEU E 955 -73.74 -58.66 -48.70
CA LEU E 955 -72.74 -58.49 -49.74
C LEU E 955 -73.34 -58.69 -51.13
N ALA E 956 -74.23 -59.68 -51.29
CA ALA E 956 -74.91 -59.87 -52.55
C ALA E 956 -75.79 -58.68 -52.88
N LYS E 957 -76.53 -58.18 -51.89
CA LYS E 957 -77.38 -57.01 -52.14
C LYS E 957 -76.54 -55.80 -52.54
N GLN E 958 -75.43 -55.57 -51.84
CA GLN E 958 -74.54 -54.46 -52.15
C GLN E 958 -73.93 -54.59 -53.53
N ALA E 959 -73.54 -55.80 -53.92
CA ALA E 959 -73.05 -56.06 -55.27
C ALA E 959 -74.13 -55.81 -56.31
N VAL E 960 -75.39 -56.09 -55.96
CA VAL E 960 -76.49 -55.87 -56.89
C VAL E 960 -76.72 -54.37 -57.11
N GLU E 961 -76.62 -53.59 -56.03
CA GLU E 961 -77.23 -52.25 -56.01
C GLU E 961 -76.54 -51.27 -56.95
N ALA E 962 -75.27 -50.94 -56.67
CA ALA E 962 -74.70 -49.73 -57.24
C ALA E 962 -74.25 -49.85 -58.69
N GLY E 963 -74.54 -50.96 -59.36
CA GLY E 963 -74.19 -51.11 -60.75
C GLY E 963 -73.20 -52.25 -60.95
N ALA E 964 -72.33 -52.08 -61.94
CA ALA E 964 -71.53 -53.16 -62.50
C ALA E 964 -72.43 -54.35 -62.79
N PHE E 965 -73.35 -54.11 -63.73
CA PHE E 965 -74.52 -54.95 -63.97
C PHE E 965 -74.19 -56.42 -64.18
N LYS E 966 -72.94 -56.75 -64.53
CA LYS E 966 -72.48 -58.13 -64.43
C LYS E 966 -72.59 -58.62 -62.99
N LEU E 967 -72.10 -57.83 -62.04
CA LEU E 967 -72.04 -58.27 -60.65
C LEU E 967 -73.42 -58.30 -60.00
N ALA E 968 -74.35 -57.48 -60.47
CA ALA E 968 -75.72 -57.58 -59.99
C ALA E 968 -76.30 -58.95 -60.30
N ARG E 969 -76.13 -59.40 -61.55
CA ARG E 969 -76.60 -60.73 -61.94
C ARG E 969 -75.84 -61.83 -61.20
N PHE E 970 -74.52 -61.65 -61.02
CA PHE E 970 -73.74 -62.64 -60.29
C PHE E 970 -74.18 -62.77 -58.85
N ALA E 971 -74.48 -61.65 -58.20
CA ALA E 971 -74.97 -61.66 -56.83
C ALA E 971 -76.40 -62.14 -56.72
N TYR E 972 -77.18 -62.05 -57.81
CA TYR E 972 -78.47 -62.74 -57.83
C TYR E 972 -78.28 -64.24 -57.73
N ASN E 973 -77.26 -64.77 -58.39
CA ASN E 973 -76.95 -66.20 -58.29
C ASN E 973 -76.37 -66.57 -56.93
N LYS E 974 -75.88 -65.59 -56.18
CA LYS E 974 -75.18 -65.80 -54.92
C LYS E 974 -75.83 -64.95 -53.83
N LEU E 975 -77.17 -65.01 -53.74
CA LEU E 975 -77.89 -64.07 -52.89
C LEU E 975 -77.71 -64.41 -51.41
N GLN E 976 -78.29 -65.54 -50.97
CA GLN E 976 -78.09 -66.10 -49.64
C GLN E 976 -78.68 -67.49 -49.55
N THR E 977 -77.93 -68.44 -48.97
CA THR E 977 -78.43 -69.79 -48.72
C THR E 977 -77.99 -70.34 -47.37
N LEU E 978 -77.54 -69.50 -46.45
CA LEU E 978 -76.78 -69.97 -45.29
C LEU E 978 -77.64 -70.04 -44.03
N VAL E 979 -77.10 -70.74 -43.03
CA VAL E 979 -77.84 -71.17 -41.85
C VAL E 979 -77.22 -70.55 -40.60
N LEU E 980 -78.06 -70.15 -39.66
CA LEU E 980 -77.62 -69.72 -38.34
C LEU E 980 -77.01 -70.90 -37.58
N PRO E 981 -76.17 -70.63 -36.57
CA PRO E 981 -75.47 -71.72 -35.88
C PRO E 981 -76.40 -72.71 -35.17
N ALA E 982 -75.77 -73.74 -34.60
CA ALA E 982 -76.47 -74.92 -34.11
C ALA E 982 -77.42 -74.64 -32.96
N ALA E 983 -77.25 -73.52 -32.24
CA ALA E 983 -78.24 -73.11 -31.27
C ALA E 983 -79.56 -72.72 -31.94
N TRP E 984 -79.51 -72.35 -33.21
CA TRP E 984 -80.69 -72.02 -33.99
C TRP E 984 -81.11 -73.14 -34.94
N GLN E 985 -80.60 -74.35 -34.72
CA GLN E 985 -80.79 -75.42 -35.69
C GLN E 985 -82.23 -75.90 -35.77
N ALA E 986 -82.99 -75.80 -34.69
CA ALA E 986 -84.37 -76.30 -34.70
C ALA E 986 -85.28 -75.41 -35.54
N GLU E 987 -84.87 -74.17 -35.82
CA GLU E 987 -85.71 -73.22 -36.54
C GLU E 987 -85.12 -72.77 -37.87
N VAL E 988 -83.79 -72.64 -37.97
CA VAL E 988 -83.18 -72.21 -39.22
C VAL E 988 -82.94 -73.42 -40.15
N ASP E 989 -83.32 -74.62 -39.72
CA ASP E 989 -83.54 -75.70 -40.68
C ASP E 989 -84.60 -75.31 -41.69
N LEU E 990 -85.66 -74.66 -41.24
CA LEU E 990 -86.67 -74.10 -42.13
C LEU E 990 -86.37 -72.66 -42.51
N ALA E 991 -85.67 -71.92 -41.65
CA ALA E 991 -85.39 -70.51 -41.87
C ALA E 991 -84.00 -70.26 -42.45
N SER E 992 -83.40 -71.25 -43.11
CA SER E 992 -82.09 -71.04 -43.73
C SER E 992 -82.16 -70.07 -44.89
N VAL E 993 -83.17 -70.22 -45.75
CA VAL E 993 -83.35 -69.33 -46.90
C VAL E 993 -84.32 -68.24 -46.47
N VAL E 994 -85.17 -68.56 -45.49
CA VAL E 994 -86.26 -67.66 -45.12
C VAL E 994 -85.72 -66.42 -44.40
N ILE E 995 -84.79 -66.62 -43.46
CA ILE E 995 -84.42 -65.51 -42.57
C ILE E 995 -83.60 -64.44 -43.26
N ARG E 996 -82.89 -64.76 -44.36
CA ARG E 996 -82.03 -63.77 -44.99
C ARG E 996 -82.04 -63.86 -46.51
N SER E 997 -83.18 -64.26 -47.09
CA SER E 997 -83.38 -64.31 -48.55
C SER E 997 -82.38 -65.17 -49.29
#